data_7VTQ
#
_entry.id   7VTQ
#
_cell.length_a   1.00
_cell.length_b   1.00
_cell.length_c   1.00
_cell.angle_alpha   90.00
_cell.angle_beta   90.00
_cell.angle_gamma   90.00
#
_symmetry.space_group_name_H-M   'P 1'
#
loop_
_entity.id
_entity.type
_entity.pdbx_description
1 polymer 'NACHT, LRR and PYD domains-containing protein 3'
2 non-polymer "ADENOSINE-5'-DIPHOSPHATE"
3 non-polymer 1-[4-(2-oxidanylpropan-2-yl)furan-2-yl]sulfonyl-3-(1,2,3,5-tetrahydro-s-indacen-4-yl)urea
#
_entity_poly.entity_id   1
_entity_poly.type   'polypeptide(L)'
_entity_poly.pdbx_seq_one_letter_code
;HHHHHHDYKDDDDKLEVLFQGPEFMTSVRCKLAQYLEDLEDVDLKKFKMHLEDYPPEKGCIPVPRGQMEKADHLDLATLM
IDFNGEEKAWAMAVWIFAAINRRDLWEKAKKDQPEWNDTCTSHSSMVCQEDSLEEEWMGLLGYLSRISICKKKKDYCKMY
RRHVRSRFYSIKDRNARLGESVDLNSRYTQLQLVKEHPSKQEREHELLTIGRTKMRDSPMSSLKLELLFEPEDGHSEPVH
TVVFQGAAGIGKTILARKIMLDWALGKLFKDKFDYLFFIHCREVSLRTPRSLADLIVSCWPDPNPPVCKILRKPSRILFL
MDGFDELQGAFDEHIGEVCTDWQKAVRGDILLSSLIRKKLLPKASLLITTRPVALEKLQHLLDHPRHVEILGFSEAKRKE
YFFKYFSNELQAREAFRLIQENEVLFTMCFIPLVCWIVCTGLKQQMETGKSLAQTSKTTTAVYVFFLSSLLQSRGGIEEH
LFSDYLQGLCSLAADGIWNQKILFEECDLRKHGLQKTDVSAFLRMNVFQKEVDCERFYSFSHMTFQEFFAAMYYLLEEEA
EGETVRKGPGGCSDLLNRDVKVLLENYGKFEKGYLIFVVRFLFGLVNQERTSYLEKKLSCKISQQVRLELLKWIEVKAKA
KKLQWQPSQLELFYCLYEMQEEDFVQSAMDHFPKIEINLSTRMDHVVSSFCIKNCHRVKTLSLGFFHNSPKEEEEERRGG
RPLDQVQCVFPDTHVACSSRLVNCCLTSSFCRGLFSSLSTNRSLTELDLSDNTLGDPGMRVLCEALQHPGCNIQRLWLGR
CGLSHQCCFDISSVLSSSQKLVELDLSDNALGDFGIRLLCVGLKHLLCNLQKLWLVSCCLTSACCQDLALVLSSNHSLTR
LYIGENALGDSGVQVLCEKMKDPQCNLQKLGLVNSGLTSICCSALTSVLKTNQNFTHLYLRSNALGDTGLRLLCEGLLHP
DCKLQMLELDNCSLTSHSCWNLSTILTHNHSLRKLNLGNNDLGDLCVVTLCEVLKQQGCLLQSLQLGEMYLNRETKRALE
ALQEEKPELTIVFEISW
;
_entity_poly.pdbx_strand_id   A,B,C,D,E,F,G,H,I,J,K,L
#
loop_
_chem_comp.id
_chem_comp.type
_chem_comp.name
_chem_comp.formula
7YN non-polymer 1-[4-(2-oxidanylpropan-2-yl)furan-2-yl]sulfonyl-3-(1,2,3,5-tetrahydro-s-indacen-4-yl)urea 'C20 H22 N2 O5 S'
ADP non-polymer ADENOSINE-5'-DIPHOSPHATE 'C10 H15 N5 O10 P2'
#
# COMPACT_ATOMS: atom_id res chain seq x y z
N ASP A 155 27.11 -37.16 -25.18
CA ASP A 155 27.29 -37.18 -23.73
C ASP A 155 28.22 -38.31 -23.31
N TYR A 156 28.99 -38.08 -22.25
CA TYR A 156 29.97 -39.06 -21.79
C TYR A 156 29.28 -40.35 -21.35
N CYS A 157 28.18 -40.22 -20.62
CA CYS A 157 27.46 -41.41 -20.15
C CYS A 157 26.92 -42.21 -21.33
N LYS A 158 26.44 -41.54 -22.37
CA LYS A 158 25.86 -42.25 -23.50
C LYS A 158 26.89 -43.11 -24.22
N MET A 159 28.06 -42.54 -24.53
CA MET A 159 29.06 -43.33 -25.24
C MET A 159 29.66 -44.40 -24.33
N TYR A 160 29.80 -44.11 -23.04
CA TYR A 160 30.26 -45.15 -22.12
C TYR A 160 29.27 -46.31 -22.06
N ARG A 161 27.97 -46.00 -22.06
CA ARG A 161 26.95 -47.04 -22.06
C ARG A 161 26.97 -47.83 -23.37
N ARG A 162 27.19 -47.15 -24.49
CA ARG A 162 27.31 -47.86 -25.77
C ARG A 162 28.51 -48.80 -25.75
N HIS A 163 29.64 -48.34 -25.20
CA HIS A 163 30.83 -49.19 -25.14
C HIS A 163 30.60 -50.41 -24.26
N VAL A 164 29.96 -50.22 -23.10
CA VAL A 164 29.73 -51.37 -22.23
C VAL A 164 28.66 -52.29 -22.81
N ARG A 165 27.74 -51.74 -23.60
CA ARG A 165 26.81 -52.59 -24.34
C ARG A 165 27.53 -53.43 -25.37
N SER A 166 28.50 -52.83 -26.07
CA SER A 166 29.31 -53.59 -27.03
C SER A 166 30.09 -54.68 -26.32
N ARG A 167 30.67 -54.37 -25.17
CA ARG A 167 31.43 -55.36 -24.41
C ARG A 167 30.54 -56.50 -23.93
N PHE A 168 29.36 -56.17 -23.40
CA PHE A 168 28.50 -57.13 -22.71
C PHE A 168 27.35 -57.62 -23.57
N TYR A 169 27.42 -57.40 -24.89
CA TYR A 169 26.38 -57.92 -25.78
C TYR A 169 26.34 -59.43 -25.77
N SER A 170 27.51 -60.07 -25.78
CA SER A 170 27.62 -61.53 -25.81
C SER A 170 28.48 -62.01 -24.66
N ILE A 171 28.36 -63.30 -24.36
CA ILE A 171 29.13 -63.90 -23.28
C ILE A 171 30.08 -64.95 -23.83
N SER A 181 30.56 -65.60 -30.47
CA SER A 181 30.11 -66.45 -29.37
C SER A 181 28.59 -66.57 -29.37
N VAL A 182 28.00 -66.51 -28.17
CA VAL A 182 26.56 -66.69 -27.99
C VAL A 182 25.98 -65.40 -27.41
N ASP A 183 24.81 -65.01 -27.91
CA ASP A 183 24.17 -63.79 -27.44
C ASP A 183 23.70 -63.96 -26.01
N LEU A 184 23.76 -62.87 -25.24
CA LEU A 184 23.45 -62.94 -23.81
C LEU A 184 21.94 -62.91 -23.55
N ASN A 185 21.28 -61.83 -23.98
CA ASN A 185 19.87 -61.64 -23.62
C ASN A 185 18.98 -62.71 -24.23
N SER A 186 19.25 -63.11 -25.47
CA SER A 186 18.44 -64.14 -26.10
C SER A 186 18.52 -65.45 -25.34
N ARG A 187 19.72 -65.83 -24.91
CA ARG A 187 19.90 -67.02 -24.08
C ARG A 187 19.60 -66.76 -22.61
N TYR A 188 19.43 -65.50 -22.21
CA TYR A 188 19.17 -65.18 -20.82
C TYR A 188 17.80 -65.68 -20.39
N THR A 189 17.72 -66.11 -19.13
CA THR A 189 16.47 -66.50 -18.52
C THR A 189 16.43 -65.98 -17.09
N GLN A 190 15.24 -65.57 -16.64
CA GLN A 190 15.09 -64.97 -15.33
C GLN A 190 15.37 -65.99 -14.23
N LEU A 191 15.83 -65.47 -13.09
CA LEU A 191 16.18 -66.28 -11.93
C LEU A 191 15.32 -65.86 -10.73
N GLN A 192 15.35 -66.70 -9.70
CA GLN A 192 14.63 -66.45 -8.45
C GLN A 192 15.63 -66.10 -7.36
N LEU A 193 15.43 -64.95 -6.73
CA LEU A 193 16.29 -64.48 -5.65
C LEU A 193 15.43 -63.98 -4.49
N VAL A 194 15.86 -64.29 -3.27
CA VAL A 194 15.17 -63.88 -2.05
C VAL A 194 16.17 -63.28 -1.08
N LYS A 195 15.78 -62.18 -0.45
CA LYS A 195 16.62 -61.54 0.56
C LYS A 195 16.64 -62.39 1.83
N GLU A 196 17.84 -62.59 2.37
CA GLU A 196 17.99 -63.34 3.61
C GLU A 196 18.03 -62.42 4.83
N SER A 222 9.68 -62.68 -3.04
CA SER A 222 10.95 -62.57 -3.75
C SER A 222 11.29 -61.11 -4.02
N LEU A 223 12.58 -60.79 -3.95
CA LEU A 223 13.05 -59.43 -4.21
C LEU A 223 13.21 -59.22 -5.71
N LYS A 224 12.44 -58.29 -6.27
CA LYS A 224 12.49 -58.04 -7.70
C LYS A 224 13.77 -57.31 -8.09
N LEU A 225 14.20 -57.54 -9.32
CA LEU A 225 15.44 -56.95 -9.80
C LEU A 225 15.31 -55.45 -10.01
N GLU A 226 14.11 -54.96 -10.28
CA GLU A 226 13.89 -53.52 -10.39
C GLU A 226 13.77 -52.86 -9.03
N LEU A 227 13.67 -53.64 -7.96
CA LEU A 227 13.43 -53.14 -6.61
C LEU A 227 14.64 -53.33 -5.72
N LEU A 228 15.84 -53.12 -6.26
CA LEU A 228 17.07 -53.42 -5.53
C LEU A 228 17.36 -52.40 -4.44
N PHE A 229 17.62 -51.15 -4.83
CA PHE A 229 18.28 -50.19 -3.95
C PHE A 229 17.32 -49.27 -3.20
N GLU A 230 16.02 -49.32 -3.46
CA GLU A 230 15.24 -48.44 -2.60
C GLU A 230 15.09 -49.07 -1.22
N PRO A 231 15.12 -48.28 -0.16
CA PRO A 231 14.99 -48.85 1.19
C PRO A 231 13.54 -49.23 1.48
N GLU A 232 13.33 -50.48 1.87
CA GLU A 232 12.00 -50.92 2.29
C GLU A 232 11.54 -50.15 3.52
N ASP A 233 12.46 -49.88 4.44
CA ASP A 233 12.19 -49.06 5.61
C ASP A 233 12.90 -47.72 5.46
N GLY A 234 12.24 -46.66 5.90
CA GLY A 234 12.74 -45.31 5.69
C GLY A 234 14.00 -44.96 6.47
N HIS A 235 14.40 -45.84 7.38
CA HIS A 235 15.57 -45.63 8.22
C HIS A 235 16.62 -46.71 7.97
N SER A 236 16.90 -46.98 6.70
CA SER A 236 17.93 -47.94 6.31
C SER A 236 19.27 -47.23 6.26
N GLU A 237 20.27 -47.81 6.91
CA GLU A 237 21.63 -47.32 6.79
C GLU A 237 22.09 -47.47 5.33
N PRO A 238 23.14 -46.72 4.90
CA PRO A 238 23.42 -46.57 3.46
C PRO A 238 23.15 -47.80 2.61
N VAL A 239 22.27 -47.65 1.62
CA VAL A 239 21.73 -48.75 0.84
C VAL A 239 22.78 -49.27 -0.13
N HIS A 240 23.97 -48.69 -0.07
CA HIS A 240 25.01 -48.95 -1.05
C HIS A 240 25.81 -50.22 -0.77
N THR A 241 25.42 -50.99 0.25
CA THR A 241 26.15 -52.20 0.66
C THR A 241 25.21 -53.39 0.58
N VAL A 242 25.21 -54.04 -0.58
CA VAL A 242 24.41 -55.25 -0.82
C VAL A 242 25.36 -56.35 -1.27
N VAL A 243 25.25 -57.52 -0.66
CA VAL A 243 26.09 -58.67 -0.96
C VAL A 243 25.19 -59.76 -1.53
N PHE A 244 25.74 -60.55 -2.46
CA PHE A 244 25.00 -61.59 -3.14
C PHE A 244 25.67 -62.95 -2.91
N GLN A 245 24.85 -63.96 -2.70
CA GLN A 245 25.31 -65.32 -2.47
C GLN A 245 24.67 -66.26 -3.47
N GLY A 246 25.34 -67.37 -3.76
CA GLY A 246 24.80 -68.34 -4.69
C GLY A 246 25.80 -69.47 -4.89
N ALA A 247 25.30 -70.55 -5.48
CA ALA A 247 26.10 -71.74 -5.71
C ALA A 247 27.07 -71.52 -6.87
N ALA A 248 27.80 -72.56 -7.23
CA ALA A 248 28.68 -72.51 -8.38
C ALA A 248 27.86 -72.65 -9.66
N GLY A 249 27.94 -71.64 -10.52
CA GLY A 249 27.14 -71.63 -11.73
C GLY A 249 25.72 -71.12 -11.54
N ILE A 250 25.41 -70.52 -10.38
CA ILE A 250 24.08 -70.02 -10.14
C ILE A 250 23.75 -68.83 -11.03
N GLY A 251 24.76 -68.05 -11.41
CA GLY A 251 24.53 -66.94 -12.32
C GLY A 251 24.88 -65.58 -11.74
N LYS A 252 25.82 -65.53 -10.79
CA LYS A 252 26.26 -64.24 -10.27
C LYS A 252 26.94 -63.41 -11.35
N THR A 253 27.82 -64.04 -12.14
CA THR A 253 28.45 -63.33 -13.25
C THR A 253 27.43 -62.93 -14.30
N ILE A 254 26.51 -63.84 -14.61
CA ILE A 254 25.47 -63.54 -15.60
C ILE A 254 24.55 -62.45 -15.09
N LEU A 255 24.21 -62.48 -13.79
CA LEU A 255 23.41 -61.40 -13.22
C LEU A 255 24.13 -60.07 -13.31
N ALA A 256 25.43 -60.05 -13.01
CA ALA A 256 26.21 -58.82 -13.09
C ALA A 256 26.24 -58.27 -14.52
N ARG A 257 26.51 -59.14 -15.48
CA ARG A 257 26.55 -58.70 -16.87
C ARG A 257 25.17 -58.27 -17.36
N LYS A 258 24.12 -58.94 -16.90
CA LYS A 258 22.76 -58.57 -17.29
C LYS A 258 22.38 -57.21 -16.73
N ILE A 259 22.71 -56.93 -15.47
CA ILE A 259 22.39 -55.61 -14.92
C ILE A 259 23.23 -54.53 -15.59
N MET A 260 24.48 -54.84 -15.93
CA MET A 260 25.31 -53.88 -16.65
C MET A 260 24.73 -53.59 -18.03
N LEU A 261 24.22 -54.62 -18.71
CA LEU A 261 23.64 -54.41 -20.04
C LEU A 261 22.31 -53.67 -19.94
N ASP A 262 21.53 -53.91 -18.88
CA ASP A 262 20.32 -53.14 -18.66
C ASP A 262 20.65 -51.67 -18.45
N TRP A 263 21.67 -51.40 -17.64
CA TRP A 263 22.16 -50.02 -17.49
C TRP A 263 22.72 -49.47 -18.79
N ALA A 264 23.16 -50.34 -19.69
CA ALA A 264 23.66 -49.91 -20.99
C ALA A 264 22.56 -49.77 -22.04
N LEU A 265 21.34 -50.23 -21.75
CA LEU A 265 20.25 -50.23 -22.71
C LEU A 265 19.14 -49.25 -22.37
N GLY A 266 19.28 -48.46 -21.30
CA GLY A 266 18.25 -47.52 -20.92
C GLY A 266 17.15 -48.09 -20.06
N LYS A 267 17.39 -49.20 -19.36
CA LYS A 267 16.35 -49.88 -18.60
C LYS A 267 16.35 -49.50 -17.12
N LEU A 268 17.49 -49.68 -16.44
CA LEU A 268 17.58 -49.44 -15.01
C LEU A 268 18.73 -48.50 -14.70
N PHE A 269 18.58 -47.74 -13.62
CA PHE A 269 19.57 -46.76 -13.16
C PHE A 269 19.76 -45.65 -14.19
N LYS A 270 18.66 -45.09 -14.69
CA LYS A 270 18.67 -43.93 -15.55
C LYS A 270 18.32 -42.66 -14.79
N ASP A 271 17.15 -42.63 -14.16
CA ASP A 271 16.75 -41.53 -13.30
C ASP A 271 17.28 -41.66 -11.88
N LYS A 272 17.82 -42.83 -11.52
CA LYS A 272 18.34 -43.08 -10.18
C LYS A 272 19.85 -42.93 -10.12
N PHE A 273 20.58 -43.63 -10.99
CA PHE A 273 22.03 -43.57 -11.08
C PHE A 273 22.42 -43.03 -12.45
N ASP A 274 23.72 -42.81 -12.64
CA ASP A 274 24.22 -42.33 -13.92
C ASP A 274 25.40 -43.17 -14.41
N TYR A 275 26.20 -43.69 -13.49
CA TYR A 275 27.40 -44.45 -13.82
C TYR A 275 27.37 -45.80 -13.13
N LEU A 276 27.75 -46.85 -13.87
CA LEU A 276 27.95 -48.17 -13.33
C LEU A 276 29.30 -48.70 -13.81
N PHE A 277 30.11 -49.18 -12.88
CA PHE A 277 31.45 -49.66 -13.19
C PHE A 277 31.58 -51.15 -12.87
N PHE A 278 32.49 -51.81 -13.57
CA PHE A 278 32.72 -53.24 -13.43
C PHE A 278 34.17 -53.48 -13.01
N ILE A 279 34.35 -54.18 -11.90
CA ILE A 279 35.67 -54.53 -11.38
C ILE A 279 35.69 -56.04 -11.16
N HIS A 280 36.74 -56.70 -11.63
CA HIS A 280 36.85 -58.15 -11.54
C HIS A 280 38.11 -58.53 -10.78
N CYS A 281 37.98 -59.49 -9.86
CA CYS A 281 39.10 -59.89 -9.01
C CYS A 281 40.21 -60.55 -9.81
N ARG A 282 39.85 -61.35 -10.82
CA ARG A 282 40.86 -62.03 -11.62
C ARG A 282 41.73 -61.03 -12.37
N GLU A 283 41.12 -59.99 -12.94
CA GLU A 283 41.88 -58.99 -13.68
C GLU A 283 42.67 -58.10 -12.74
N VAL A 284 42.13 -57.80 -11.56
CA VAL A 284 42.79 -56.93 -10.59
C VAL A 284 43.67 -57.83 -9.71
N SER A 285 44.94 -57.94 -10.08
CA SER A 285 45.87 -58.76 -9.30
C SER A 285 46.21 -58.08 -7.99
N LEU A 286 46.29 -58.87 -6.92
CA LEU A 286 46.58 -58.33 -5.60
C LEU A 286 48.04 -57.95 -5.40
N ARG A 287 48.95 -58.54 -6.18
CA ARG A 287 50.37 -58.26 -6.02
C ARG A 287 50.76 -56.88 -6.52
N THR A 288 50.08 -56.37 -7.55
CA THR A 288 50.40 -55.06 -8.09
C THR A 288 49.52 -54.01 -7.44
N PRO A 289 50.08 -53.08 -6.66
CA PRO A 289 49.26 -51.99 -6.11
C PRO A 289 48.68 -51.13 -7.22
N ARG A 290 47.45 -50.66 -6.99
CA ARG A 290 46.74 -49.87 -7.98
C ARG A 290 45.90 -48.81 -7.28
N SER A 291 45.18 -48.04 -8.08
CA SER A 291 44.27 -47.01 -7.60
C SER A 291 42.92 -47.16 -8.30
N LEU A 292 41.94 -46.41 -7.81
CA LEU A 292 40.64 -46.40 -8.48
C LEU A 292 40.73 -45.83 -9.90
N ALA A 293 41.72 -44.96 -10.14
CA ALA A 293 41.92 -44.42 -11.47
C ALA A 293 42.26 -45.52 -12.46
N ASP A 294 43.10 -46.48 -12.04
CA ASP A 294 43.43 -47.61 -12.91
C ASP A 294 42.19 -48.41 -13.27
N LEU A 295 41.33 -48.69 -12.28
CA LEU A 295 40.11 -49.44 -12.54
C LEU A 295 39.18 -48.68 -13.47
N ILE A 296 39.04 -47.37 -13.28
CA ILE A 296 38.18 -46.58 -14.16
C ILE A 296 38.73 -46.57 -15.58
N VAL A 297 40.05 -46.40 -15.73
CA VAL A 297 40.65 -46.40 -17.06
C VAL A 297 40.45 -47.75 -17.74
N SER A 298 40.63 -48.84 -16.99
CA SER A 298 40.39 -50.17 -17.57
C SER A 298 38.94 -50.34 -17.98
N CYS A 299 38.01 -49.86 -17.15
CA CYS A 299 36.60 -49.98 -17.48
C CYS A 299 36.19 -49.01 -18.59
N TRP A 300 36.76 -47.81 -18.59
CA TRP A 300 36.47 -46.86 -19.66
C TRP A 300 37.10 -47.32 -20.96
N PRO A 301 36.43 -47.13 -22.11
CA PRO A 301 37.04 -47.49 -23.39
C PRO A 301 38.21 -46.58 -23.72
N ASP A 302 38.04 -45.29 -23.48
CA ASP A 302 39.11 -44.33 -23.70
C ASP A 302 40.14 -44.44 -22.57
N PRO A 303 41.42 -44.63 -22.89
CA PRO A 303 42.44 -44.63 -21.83
C PRO A 303 42.64 -43.29 -21.15
N ASN A 304 41.93 -42.25 -21.59
CA ASN A 304 42.02 -40.91 -21.00
C ASN A 304 40.62 -40.45 -20.64
N PRO A 305 40.05 -40.95 -19.55
CA PRO A 305 38.70 -40.54 -19.15
C PRO A 305 38.75 -39.22 -18.40
N PRO A 306 37.64 -38.47 -18.40
CA PRO A 306 37.61 -37.23 -17.61
C PRO A 306 37.57 -37.51 -16.12
N VAL A 307 38.71 -37.89 -15.54
CA VAL A 307 38.74 -38.29 -14.14
C VAL A 307 38.31 -37.15 -13.23
N CYS A 308 38.68 -35.92 -13.59
CA CYS A 308 38.26 -34.76 -12.80
C CYS A 308 36.75 -34.58 -12.83
N LYS A 309 36.10 -34.89 -13.95
CA LYS A 309 34.67 -34.69 -14.10
C LYS A 309 33.84 -35.81 -13.49
N ILE A 310 34.39 -37.03 -13.40
CA ILE A 310 33.60 -38.19 -13.00
C ILE A 310 33.77 -38.58 -11.54
N LEU A 311 34.51 -37.78 -10.76
CA LEU A 311 34.75 -38.09 -9.35
C LEU A 311 34.16 -37.03 -8.42
N ARG A 312 32.96 -36.51 -8.74
CA ARG A 312 32.33 -35.49 -7.94
C ARG A 312 31.02 -35.92 -7.29
N LYS A 313 30.27 -36.83 -7.92
CA LYS A 313 28.99 -37.31 -7.41
C LYS A 313 29.03 -38.83 -7.35
N PRO A 314 29.58 -39.39 -6.26
CA PRO A 314 29.63 -40.85 -6.14
C PRO A 314 28.26 -41.51 -5.99
N SER A 315 27.21 -40.74 -5.69
CA SER A 315 25.88 -41.32 -5.53
C SER A 315 25.44 -42.04 -6.80
N ARG A 316 25.71 -41.46 -7.97
CA ARG A 316 25.34 -42.06 -9.24
C ARG A 316 26.43 -42.96 -9.79
N ILE A 317 27.31 -43.48 -8.94
CA ILE A 317 28.37 -44.39 -9.34
C ILE A 317 28.26 -45.66 -8.50
N LEU A 318 28.24 -46.81 -9.17
CA LEU A 318 28.15 -48.11 -8.51
C LEU A 318 29.29 -48.99 -8.98
N PHE A 319 30.06 -49.52 -8.02
CA PHE A 319 31.19 -50.39 -8.28
C PHE A 319 30.76 -51.83 -8.05
N LEU A 320 31.00 -52.69 -9.03
CA LEU A 320 30.62 -54.09 -8.96
C LEU A 320 31.85 -54.95 -8.73
N MET A 321 31.80 -55.79 -7.70
CA MET A 321 32.87 -56.73 -7.38
C MET A 321 32.31 -58.15 -7.49
N ASP A 322 32.67 -58.82 -8.58
CA ASP A 322 32.22 -60.17 -8.87
C ASP A 322 33.33 -61.16 -8.58
N GLY A 323 32.96 -62.36 -8.14
CA GLY A 323 33.93 -63.37 -7.80
C GLY A 323 34.78 -62.98 -6.62
N PHE A 324 34.15 -62.52 -5.54
CA PHE A 324 34.86 -62.07 -4.35
C PHE A 324 35.72 -63.15 -3.72
N ASP A 325 35.62 -64.40 -4.17
CA ASP A 325 36.37 -65.49 -3.55
C ASP A 325 37.87 -65.41 -3.80
N GLU A 326 38.38 -64.29 -4.31
CA GLU A 326 39.80 -64.13 -4.63
C GLU A 326 40.35 -62.81 -4.10
N LEU A 327 39.90 -62.38 -2.92
CA LEU A 327 40.28 -61.07 -2.41
C LEU A 327 40.85 -61.10 -0.99
N GLN A 328 40.34 -61.99 -0.14
CA GLN A 328 40.71 -62.00 1.27
C GLN A 328 42.01 -62.75 1.54
N GLY A 329 42.88 -62.88 0.55
CA GLY A 329 44.14 -63.59 0.76
C GLY A 329 44.99 -63.01 1.86
N ALA A 330 44.80 -61.73 2.19
CA ALA A 330 45.57 -61.08 3.25
C ALA A 330 44.72 -60.16 4.12
N PHE A 331 43.39 -60.28 4.08
CA PHE A 331 42.55 -59.46 4.93
C PHE A 331 42.75 -59.79 6.41
N ASP A 332 43.17 -61.02 6.70
CA ASP A 332 43.37 -61.45 8.09
C ASP A 332 44.55 -60.74 8.76
N GLU A 333 45.38 -60.04 7.98
CA GLU A 333 46.50 -59.29 8.54
C GLU A 333 46.47 -57.81 8.18
N HIS A 334 45.69 -57.40 7.18
CA HIS A 334 45.60 -56.01 6.74
C HIS A 334 44.36 -55.32 7.26
N ILE A 335 43.97 -55.64 8.50
CA ILE A 335 42.77 -55.03 9.09
C ILE A 335 42.96 -53.54 9.29
N GLY A 336 44.12 -53.13 9.80
CA GLY A 336 44.35 -51.74 10.15
C GLY A 336 44.90 -50.86 9.05
N GLU A 337 45.12 -51.37 7.84
CA GLU A 337 45.64 -50.57 6.74
C GLU A 337 44.48 -49.98 5.95
N VAL A 338 44.35 -48.67 5.98
CA VAL A 338 43.20 -47.95 5.41
C VAL A 338 43.72 -46.91 4.42
N CYS A 339 43.14 -46.91 3.22
CA CYS A 339 43.47 -45.93 2.20
C CYS A 339 42.20 -45.20 1.76
N THR A 340 42.29 -43.87 1.67
CA THR A 340 41.15 -43.05 1.30
C THR A 340 41.41 -42.14 0.10
N ASP A 341 42.60 -42.17 -0.47
CA ASP A 341 42.92 -41.36 -1.64
C ASP A 341 42.65 -42.18 -2.90
N TRP A 342 41.77 -41.66 -3.76
CA TRP A 342 41.42 -42.38 -4.99
C TRP A 342 42.60 -42.49 -5.93
N GLN A 343 43.54 -41.55 -5.86
CA GLN A 343 44.71 -41.54 -6.73
C GLN A 343 45.90 -42.27 -6.13
N LYS A 344 45.77 -42.82 -4.92
CA LYS A 344 46.88 -43.49 -4.26
C LYS A 344 47.00 -44.93 -4.75
N ALA A 345 48.23 -45.36 -5.00
CA ALA A 345 48.51 -46.70 -5.50
C ALA A 345 48.83 -47.60 -4.31
N VAL A 346 47.84 -48.40 -3.89
CA VAL A 346 47.98 -49.34 -2.78
C VAL A 346 47.48 -50.69 -3.28
N ARG A 347 47.91 -51.75 -2.59
CA ARG A 347 47.52 -53.11 -2.94
C ARG A 347 46.01 -53.22 -3.15
N GLY A 348 45.62 -54.08 -4.10
CA GLY A 348 44.22 -54.19 -4.46
C GLY A 348 43.35 -54.63 -3.30
N ASP A 349 43.81 -55.61 -2.53
CA ASP A 349 43.01 -56.10 -1.41
C ASP A 349 42.81 -55.01 -0.36
N ILE A 350 43.86 -54.27 -0.02
CA ILE A 350 43.75 -53.21 0.98
C ILE A 350 42.80 -52.12 0.49
N LEU A 351 42.93 -51.72 -0.77
CA LEU A 351 42.08 -50.68 -1.31
C LEU A 351 40.62 -51.11 -1.33
N LEU A 352 40.36 -52.36 -1.72
CA LEU A 352 38.98 -52.84 -1.74
C LEU A 352 38.40 -52.94 -0.33
N SER A 353 39.22 -53.38 0.63
CA SER A 353 38.75 -53.41 2.02
C SER A 353 38.44 -52.01 2.52
N SER A 354 39.22 -51.01 2.10
CA SER A 354 38.89 -49.63 2.42
C SER A 354 37.57 -49.21 1.79
N LEU A 355 37.34 -49.63 0.54
CA LEU A 355 36.08 -49.30 -0.13
C LEU A 355 34.88 -49.91 0.59
N ILE A 356 35.01 -51.14 1.08
CA ILE A 356 33.86 -51.87 1.61
C ILE A 356 33.25 -51.14 2.81
N ARG A 357 34.09 -50.69 3.74
CA ARG A 357 33.60 -50.08 4.96
C ARG A 357 33.13 -48.64 4.77
N LYS A 358 32.99 -48.18 3.53
CA LYS A 358 32.43 -46.86 3.21
C LYS A 358 33.26 -45.73 3.84
N LYS A 359 34.53 -45.67 3.43
CA LYS A 359 35.39 -44.55 3.79
C LYS A 359 36.13 -43.94 2.61
N LEU A 360 36.40 -44.70 1.55
CA LEU A 360 36.88 -44.14 0.28
C LEU A 360 35.66 -44.03 -0.64
N LEU A 361 35.33 -42.79 -1.02
CA LEU A 361 34.05 -42.49 -1.65
C LEU A 361 32.93 -43.10 -0.82
N PRO A 362 32.74 -42.66 0.43
CA PRO A 362 31.81 -43.36 1.34
C PRO A 362 30.38 -43.38 0.85
N LYS A 363 29.97 -42.40 0.04
CA LYS A 363 28.60 -42.29 -0.41
C LYS A 363 28.40 -42.93 -1.79
N ALA A 364 29.45 -43.50 -2.37
CA ALA A 364 29.34 -44.26 -3.61
C ALA A 364 28.62 -45.58 -3.34
N SER A 365 28.35 -46.32 -4.42
CA SER A 365 27.59 -47.56 -4.35
C SER A 365 28.49 -48.77 -4.58
N LEU A 366 28.15 -49.88 -3.93
CA LEU A 366 28.89 -51.12 -4.07
C LEU A 366 27.92 -52.28 -4.23
N LEU A 367 28.27 -53.23 -5.10
CA LEU A 367 27.51 -54.45 -5.31
C LEU A 367 28.48 -55.61 -5.40
N ILE A 368 28.43 -56.51 -4.41
CA ILE A 368 29.39 -57.61 -4.28
C ILE A 368 28.66 -58.92 -4.49
N THR A 369 29.19 -59.77 -5.35
CA THR A 369 28.67 -61.12 -5.55
C THR A 369 29.71 -62.12 -5.05
N THR A 370 29.29 -62.97 -4.10
CA THR A 370 30.20 -63.87 -3.42
C THR A 370 29.61 -65.26 -3.35
N ARG A 371 30.48 -66.26 -3.22
CA ARG A 371 30.07 -67.56 -2.73
C ARG A 371 29.70 -67.44 -1.25
N PRO A 372 28.68 -68.18 -0.79
CA PRO A 372 28.23 -68.03 0.60
C PRO A 372 29.14 -68.71 1.62
N VAL A 373 30.27 -69.29 1.19
CA VAL A 373 31.02 -70.19 2.06
C VAL A 373 31.65 -69.44 3.23
N ALA A 374 32.32 -68.32 2.95
CA ALA A 374 33.21 -67.69 3.92
C ALA A 374 32.85 -66.21 4.11
N LEU A 375 31.58 -65.93 4.34
CA LEU A 375 31.14 -64.56 4.65
C LEU A 375 31.37 -64.18 6.10
N GLU A 376 31.74 -65.14 6.96
CA GLU A 376 31.73 -64.91 8.41
C GLU A 376 32.57 -63.70 8.79
N LYS A 377 33.78 -63.59 8.24
CA LYS A 377 34.62 -62.43 8.54
C LYS A 377 34.16 -61.20 7.76
N LEU A 378 33.67 -61.37 6.53
CA LEU A 378 33.35 -60.21 5.70
C LEU A 378 32.23 -59.38 6.29
N GLN A 379 31.30 -60.00 7.02
CA GLN A 379 30.23 -59.24 7.65
C GLN A 379 30.77 -58.24 8.66
N HIS A 380 31.95 -58.51 9.23
CA HIS A 380 32.59 -57.52 10.08
C HIS A 380 32.96 -56.26 9.29
N LEU A 381 33.47 -56.44 8.08
CA LEU A 381 33.81 -55.32 7.22
C LEU A 381 32.60 -54.62 6.63
N LEU A 382 31.40 -55.18 6.79
CA LEU A 382 30.20 -54.66 6.18
C LEU A 382 29.48 -53.72 7.13
N ASP A 383 28.98 -52.61 6.59
CA ASP A 383 28.26 -51.60 7.36
C ASP A 383 26.79 -51.64 6.93
N HIS A 384 26.01 -52.46 7.64
CA HIS A 384 24.59 -52.67 7.37
C HIS A 384 24.35 -53.04 5.92
N PRO A 385 24.80 -54.22 5.48
CA PRO A 385 24.54 -54.64 4.10
C PRO A 385 23.17 -55.31 3.97
N ARG A 386 22.87 -55.86 2.80
CA ARG A 386 21.77 -56.80 2.65
C ARG A 386 22.28 -58.03 1.92
N HIS A 387 22.13 -59.19 2.55
CA HIS A 387 22.55 -60.46 1.95
C HIS A 387 21.39 -61.02 1.15
N VAL A 388 21.59 -61.16 -0.17
CA VAL A 388 20.56 -61.68 -1.06
C VAL A 388 21.10 -62.94 -1.73
N GLU A 389 20.34 -64.02 -1.64
CA GLU A 389 20.73 -65.29 -2.21
C GLU A 389 20.06 -65.47 -3.57
N ILE A 390 20.74 -66.20 -4.46
CA ILE A 390 20.24 -66.46 -5.80
C ILE A 390 19.88 -67.94 -5.88
N LEU A 391 18.66 -68.23 -6.30
CA LEU A 391 18.19 -69.62 -6.33
C LEU A 391 18.08 -70.19 -7.74
N GLY A 392 18.08 -69.36 -8.78
CA GLY A 392 18.08 -69.86 -10.13
C GLY A 392 16.71 -70.13 -10.72
N PHE A 393 16.65 -71.09 -11.65
CA PHE A 393 15.45 -71.32 -12.44
C PHE A 393 14.35 -71.95 -11.60
N SER A 394 13.11 -71.79 -12.07
CA SER A 394 11.99 -72.59 -11.67
C SER A 394 11.58 -73.46 -12.86
N GLU A 395 10.47 -74.19 -12.73
CA GLU A 395 10.02 -75.06 -13.81
C GLU A 395 9.74 -74.27 -15.09
N ALA A 396 8.95 -73.20 -14.97
CA ALA A 396 8.66 -72.37 -16.13
C ALA A 396 9.92 -71.72 -16.68
N LYS A 397 10.79 -71.25 -15.78
CA LYS A 397 12.05 -70.66 -16.23
C LYS A 397 12.94 -71.70 -16.89
N ARG A 398 12.93 -72.94 -16.40
CA ARG A 398 13.68 -73.99 -17.05
C ARG A 398 13.17 -74.24 -18.46
N LYS A 399 11.85 -74.33 -18.62
CA LYS A 399 11.27 -74.50 -19.95
C LYS A 399 11.65 -73.34 -20.87
N GLU A 400 11.60 -72.11 -20.35
CA GLU A 400 12.00 -70.95 -21.13
C GLU A 400 13.46 -71.06 -21.55
N TYR A 401 14.32 -71.55 -20.66
CA TYR A 401 15.74 -71.67 -21.01
C TYR A 401 15.94 -72.71 -22.10
N PHE A 402 15.27 -73.86 -22.02
CA PHE A 402 15.42 -74.83 -23.12
C PHE A 402 14.85 -74.28 -24.42
N PHE A 403 13.79 -73.49 -24.36
CA PHE A 403 13.28 -72.85 -25.57
C PHE A 403 14.31 -71.89 -26.16
N LYS A 404 14.96 -71.09 -25.30
CA LYS A 404 15.91 -70.10 -25.78
C LYS A 404 17.26 -70.70 -26.19
N TYR A 405 17.55 -71.93 -25.77
CA TYR A 405 18.82 -72.55 -26.15
C TYR A 405 18.75 -73.16 -27.54
N PHE A 406 17.88 -74.15 -27.74
CA PHE A 406 17.82 -74.85 -29.01
C PHE A 406 17.12 -74.02 -30.07
N SER A 407 17.61 -74.10 -31.30
CA SER A 407 16.97 -73.41 -32.42
C SER A 407 15.75 -74.14 -32.94
N ASN A 408 15.54 -75.39 -32.53
CA ASN A 408 14.38 -76.17 -32.93
C ASN A 408 13.42 -76.28 -31.75
N GLU A 409 12.16 -75.87 -31.97
CA GLU A 409 11.16 -75.98 -30.92
C GLU A 409 10.89 -77.44 -30.57
N LEU A 410 10.83 -78.31 -31.57
CA LEU A 410 10.57 -79.72 -31.31
C LEU A 410 11.70 -80.35 -30.51
N GLN A 411 12.95 -80.03 -30.85
CA GLN A 411 14.08 -80.55 -30.10
C GLN A 411 14.06 -80.04 -28.65
N ALA A 412 13.69 -78.77 -28.46
CA ALA A 412 13.58 -78.23 -27.11
C ALA A 412 12.49 -78.94 -26.32
N ARG A 413 11.35 -79.23 -26.96
CA ARG A 413 10.28 -79.96 -26.27
C ARG A 413 10.71 -81.37 -25.92
N GLU A 414 11.42 -82.05 -26.83
CA GLU A 414 11.91 -83.38 -26.53
C GLU A 414 12.92 -83.36 -25.38
N ALA A 415 13.79 -82.34 -25.37
CA ALA A 415 14.73 -82.20 -24.26
C ALA A 415 13.99 -81.97 -22.94
N PHE A 416 12.95 -81.13 -22.96
CA PHE A 416 12.16 -80.89 -21.77
C PHE A 416 11.49 -82.16 -21.28
N ARG A 417 10.92 -82.94 -22.21
CA ARG A 417 10.27 -84.19 -21.84
C ARG A 417 11.27 -85.18 -21.24
N LEU A 418 12.45 -85.32 -21.84
CA LEU A 418 13.43 -86.25 -21.30
C LEU A 418 14.02 -85.75 -19.98
N ILE A 419 14.03 -84.43 -19.76
CA ILE A 419 14.41 -83.90 -18.46
C ILE A 419 13.40 -84.33 -17.40
N GLN A 420 12.11 -84.21 -17.70
CA GLN A 420 11.12 -84.73 -16.75
C GLN A 420 11.08 -86.25 -16.70
N GLU A 421 11.72 -86.93 -17.65
CA GLU A 421 11.82 -88.39 -17.55
C GLU A 421 12.64 -88.80 -16.33
N ASN A 422 13.72 -88.06 -16.04
CA ASN A 422 14.57 -88.31 -14.89
C ASN A 422 14.32 -87.20 -13.86
N GLU A 423 13.68 -87.57 -12.74
CA GLU A 423 13.36 -86.58 -11.72
C GLU A 423 14.63 -85.96 -11.13
N VAL A 424 15.67 -86.77 -10.96
CA VAL A 424 16.92 -86.27 -10.38
C VAL A 424 17.52 -85.18 -11.26
N LEU A 425 17.57 -85.44 -12.58
CA LEU A 425 18.14 -84.46 -13.50
C LEU A 425 17.29 -83.20 -13.55
N PHE A 426 15.96 -83.35 -13.53
CA PHE A 426 15.08 -82.20 -13.54
C PHE A 426 15.30 -81.34 -12.31
N THR A 427 15.46 -81.97 -11.15
CA THR A 427 15.76 -81.23 -9.93
C THR A 427 17.13 -80.56 -10.02
N MET A 428 18.11 -81.26 -10.59
CA MET A 428 19.45 -80.67 -10.76
C MET A 428 19.43 -79.48 -11.71
N CYS A 429 18.49 -79.43 -12.62
CA CYS A 429 18.43 -78.33 -13.60
C CYS A 429 18.02 -77.00 -12.97
N PHE A 430 17.87 -76.83 -11.66
CA PHE A 430 17.63 -75.51 -11.12
C PHE A 430 18.87 -74.63 -11.20
N ILE A 431 20.03 -75.21 -11.48
CA ILE A 431 21.26 -74.47 -11.72
C ILE A 431 21.35 -74.21 -13.22
N PRO A 432 21.46 -72.95 -13.65
CA PRO A 432 21.53 -72.68 -15.10
C PRO A 432 22.73 -73.32 -15.78
N LEU A 433 23.85 -73.47 -15.07
CA LEU A 433 25.02 -74.10 -15.66
C LEU A 433 24.75 -75.54 -16.06
N VAL A 434 24.04 -76.27 -15.20
CA VAL A 434 23.68 -77.65 -15.53
C VAL A 434 22.76 -77.68 -16.75
N CYS A 435 21.86 -76.70 -16.85
CA CYS A 435 21.00 -76.61 -18.04
C CYS A 435 21.82 -76.39 -19.29
N TRP A 436 22.82 -75.50 -19.23
CA TRP A 436 23.69 -75.27 -20.38
C TRP A 436 24.44 -76.54 -20.77
N ILE A 437 24.97 -77.25 -19.78
CA ILE A 437 25.74 -78.46 -20.06
C ILE A 437 24.85 -79.52 -20.68
N VAL A 438 23.66 -79.73 -20.11
CA VAL A 438 22.78 -80.77 -20.64
C VAL A 438 22.29 -80.41 -22.03
N CYS A 439 22.03 -79.12 -22.29
CA CYS A 439 21.58 -78.72 -23.62
C CYS A 439 22.68 -78.94 -24.65
N THR A 440 23.93 -78.58 -24.32
CA THR A 440 25.03 -78.83 -25.24
C THR A 440 25.22 -80.32 -25.47
N GLY A 441 25.10 -81.12 -24.40
CA GLY A 441 25.23 -82.56 -24.56
C GLY A 441 24.16 -83.15 -25.46
N LEU A 442 22.91 -82.70 -25.28
CA LEU A 442 21.83 -83.19 -26.13
C LEU A 442 22.02 -82.75 -27.57
N LYS A 443 22.53 -81.54 -27.79
CA LYS A 443 22.86 -81.10 -29.14
C LYS A 443 23.90 -82.03 -29.78
N GLN A 444 24.96 -82.33 -29.04
CA GLN A 444 25.99 -83.23 -29.56
C GLN A 444 25.43 -84.62 -29.83
N GLN A 445 24.51 -85.08 -28.97
CA GLN A 445 23.94 -86.41 -29.16
C GLN A 445 23.09 -86.47 -30.42
N MET A 446 22.17 -85.51 -30.59
CA MET A 446 21.25 -85.62 -31.72
C MET A 446 21.90 -85.24 -33.05
N GLU A 447 22.89 -84.34 -33.04
CA GLU A 447 23.58 -84.04 -34.29
C GLU A 447 24.38 -85.25 -34.79
N THR A 448 25.05 -85.95 -33.88
CA THR A 448 25.85 -87.11 -34.24
C THR A 448 25.01 -88.38 -34.41
N GLY A 449 23.70 -88.30 -34.18
CA GLY A 449 22.83 -89.44 -34.30
C GLY A 449 22.62 -90.24 -33.03
N LYS A 450 23.34 -89.90 -31.96
CA LYS A 450 23.16 -90.61 -30.70
C LYS A 450 21.81 -90.26 -30.08
N SER A 451 21.26 -91.22 -29.34
CA SER A 451 19.97 -91.01 -28.70
C SER A 451 20.11 -90.03 -27.54
N LEU A 452 18.98 -89.43 -27.15
CA LEU A 452 18.97 -88.44 -26.09
C LEU A 452 18.59 -89.01 -24.72
N ALA A 453 17.94 -90.18 -24.68
CA ALA A 453 17.56 -90.76 -23.41
C ALA A 453 18.75 -91.22 -22.58
N GLN A 454 19.89 -91.47 -23.22
CA GLN A 454 21.09 -91.86 -22.48
C GLN A 454 21.55 -90.74 -21.56
N THR A 455 21.43 -89.49 -22.02
CA THR A 455 21.77 -88.35 -21.16
C THR A 455 20.87 -88.31 -19.93
N SER A 456 19.57 -88.55 -20.12
CA SER A 456 18.65 -88.58 -18.99
C SER A 456 19.00 -89.72 -18.04
N LYS A 457 19.38 -90.87 -18.58
CA LYS A 457 19.72 -92.01 -17.73
C LYS A 457 20.97 -91.74 -16.89
N THR A 458 21.85 -90.84 -17.34
CA THR A 458 23.07 -90.53 -16.61
C THR A 458 22.75 -89.56 -15.49
N THR A 459 23.05 -89.94 -14.25
CA THR A 459 22.74 -89.15 -13.08
C THR A 459 24.02 -88.80 -12.32
N THR A 460 24.07 -87.56 -11.83
CA THR A 460 25.07 -87.09 -10.87
C THR A 460 26.45 -86.95 -11.52
N ALA A 461 26.59 -87.45 -12.75
CA ALA A 461 27.86 -87.44 -13.48
C ALA A 461 27.71 -86.70 -14.79
N VAL A 462 27.10 -85.52 -14.72
CA VAL A 462 26.85 -84.73 -15.93
C VAL A 462 28.16 -84.30 -16.57
N TYR A 463 29.11 -83.84 -15.75
CA TYR A 463 30.37 -83.35 -16.29
C TYR A 463 31.17 -84.46 -16.97
N VAL A 464 31.26 -85.63 -16.31
CA VAL A 464 32.08 -86.72 -16.86
C VAL A 464 31.47 -87.25 -18.15
N PHE A 465 30.15 -87.46 -18.16
CA PHE A 465 29.48 -87.93 -19.37
C PHE A 465 29.57 -86.90 -20.49
N PHE A 466 29.45 -85.62 -20.14
CA PHE A 466 29.59 -84.55 -21.12
C PHE A 466 30.97 -84.55 -21.74
N LEU A 467 32.01 -84.70 -20.92
CA LEU A 467 33.37 -84.77 -21.44
C LEU A 467 33.57 -85.99 -22.32
N SER A 468 33.02 -87.14 -21.91
CA SER A 468 33.16 -88.35 -22.72
C SER A 468 32.46 -88.21 -24.06
N SER A 469 31.27 -87.60 -24.07
CA SER A 469 30.54 -87.40 -25.32
C SER A 469 31.25 -86.39 -26.22
N LEU A 470 31.90 -85.38 -25.62
CA LEU A 470 32.61 -84.40 -26.43
C LEU A 470 33.75 -85.03 -27.20
N LEU A 471 34.48 -85.95 -26.57
CA LEU A 471 35.63 -86.58 -27.20
C LEU A 471 35.28 -87.98 -27.70
N PHE A 482 46.73 -88.74 -26.35
CA PHE A 482 45.84 -87.81 -25.67
C PHE A 482 46.17 -87.73 -24.18
N SER A 483 46.94 -88.72 -23.70
CA SER A 483 47.30 -88.75 -22.28
C SER A 483 48.18 -87.58 -21.91
N ASP A 484 49.12 -87.19 -22.79
CA ASP A 484 49.97 -86.03 -22.50
C ASP A 484 49.15 -84.75 -22.41
N TYR A 485 48.17 -84.59 -23.31
CA TYR A 485 47.27 -83.44 -23.23
C TYR A 485 46.52 -83.41 -21.91
N LEU A 486 45.97 -84.56 -21.51
CA LEU A 486 45.20 -84.61 -20.27
C LEU A 486 46.09 -84.29 -19.08
N GLN A 487 47.30 -84.86 -19.05
CA GLN A 487 48.22 -84.60 -17.93
C GLN A 487 48.60 -83.13 -17.89
N GLY A 488 48.89 -82.52 -19.03
CA GLY A 488 49.27 -81.12 -19.06
C GLY A 488 48.14 -80.21 -18.60
N LEU A 489 46.93 -80.44 -19.11
CA LEU A 489 45.79 -79.63 -18.70
C LEU A 489 45.49 -79.81 -17.22
N CYS A 490 45.57 -81.04 -16.72
CA CYS A 490 45.31 -81.30 -15.31
C CYS A 490 46.35 -80.63 -14.42
N SER A 491 47.62 -80.68 -14.81
CA SER A 491 48.66 -80.03 -14.03
C SER A 491 48.53 -78.50 -14.09
N LEU A 492 48.11 -77.96 -15.24
CA LEU A 492 47.83 -76.54 -15.34
C LEU A 492 46.72 -76.14 -14.37
N ALA A 493 45.64 -76.93 -14.34
CA ALA A 493 44.55 -76.64 -13.40
C ALA A 493 45.02 -76.73 -11.96
N ALA A 494 45.85 -77.73 -11.65
CA ALA A 494 46.34 -77.90 -10.28
C ALA A 494 47.22 -76.73 -9.86
N ASP A 495 48.12 -76.30 -10.74
CA ASP A 495 48.97 -75.15 -10.40
C ASP A 495 48.17 -73.86 -10.31
N GLY A 496 47.11 -73.72 -11.11
CA GLY A 496 46.19 -72.62 -10.90
C GLY A 496 45.51 -72.71 -9.55
N ILE A 497 45.22 -73.93 -9.10
CA ILE A 497 44.64 -74.12 -7.77
C ILE A 497 45.59 -73.62 -6.70
N TRP A 498 46.86 -74.04 -6.76
CA TRP A 498 47.81 -73.59 -5.74
C TRP A 498 48.05 -72.08 -5.82
N ASN A 499 48.25 -71.56 -7.02
CA ASN A 499 48.70 -70.18 -7.20
C ASN A 499 47.56 -69.17 -7.26
N GLN A 500 46.30 -69.63 -7.20
CA GLN A 500 45.14 -68.74 -7.32
C GLN A 500 45.19 -67.93 -8.62
N LYS A 501 45.75 -68.53 -9.67
CA LYS A 501 45.93 -67.88 -10.96
C LYS A 501 44.94 -68.45 -11.96
N ILE A 502 44.29 -67.58 -12.72
CA ILE A 502 43.32 -68.02 -13.72
C ILE A 502 43.79 -67.51 -15.09
N LEU A 503 44.52 -66.39 -15.09
CA LEU A 503 45.04 -65.80 -16.32
C LEU A 503 46.42 -66.38 -16.61
N PHE A 504 46.41 -67.66 -17.00
CA PHE A 504 47.65 -68.38 -17.22
C PHE A 504 48.43 -67.80 -18.40
N GLU A 505 49.74 -67.90 -18.32
CA GLU A 505 50.63 -67.45 -19.39
C GLU A 505 51.29 -68.66 -20.05
N GLU A 506 52.20 -68.40 -20.98
CA GLU A 506 52.86 -69.47 -21.72
C GLU A 506 53.78 -70.30 -20.83
N CYS A 507 54.33 -69.69 -19.77
CA CYS A 507 55.30 -70.39 -18.93
C CYS A 507 54.68 -71.60 -18.24
N ASP A 508 53.42 -71.49 -17.82
CA ASP A 508 52.75 -72.64 -17.20
C ASP A 508 52.65 -73.79 -18.19
N LEU A 509 52.23 -73.50 -19.43
CA LEU A 509 52.13 -74.55 -20.44
C LEU A 509 53.49 -75.15 -20.76
N ARG A 510 54.54 -74.33 -20.75
CA ARG A 510 55.88 -74.86 -20.94
C ARG A 510 56.27 -75.81 -19.81
N LYS A 511 55.97 -75.42 -18.57
CA LYS A 511 56.31 -76.27 -17.43
C LYS A 511 55.55 -77.59 -17.47
N HIS A 512 54.27 -77.55 -17.83
CA HIS A 512 53.43 -78.74 -17.87
C HIS A 512 53.55 -79.51 -19.17
N GLY A 513 54.34 -79.03 -20.12
CA GLY A 513 54.44 -79.68 -21.41
C GLY A 513 53.30 -79.38 -22.35
N LEU A 514 52.42 -78.45 -22.01
CA LEU A 514 51.34 -78.05 -22.91
C LEU A 514 51.86 -77.13 -24.00
N GLN A 515 51.43 -77.37 -25.23
CA GLN A 515 51.92 -76.65 -26.40
C GLN A 515 50.81 -75.77 -26.96
N LYS A 516 51.12 -75.14 -28.11
CA LYS A 516 50.18 -74.22 -28.73
C LYS A 516 48.95 -74.95 -29.27
N THR A 517 49.11 -76.18 -29.74
CA THR A 517 48.00 -76.96 -30.27
C THR A 517 47.14 -77.58 -29.18
N ASP A 518 47.27 -77.13 -27.93
CA ASP A 518 46.54 -77.69 -26.80
C ASP A 518 45.43 -76.77 -26.29
N VAL A 519 44.89 -75.91 -27.14
CA VAL A 519 43.75 -75.06 -26.79
C VAL A 519 42.48 -75.73 -27.29
N SER A 520 41.53 -75.93 -26.38
CA SER A 520 40.27 -76.60 -26.70
C SER A 520 39.09 -75.72 -26.28
N ALA A 521 37.89 -76.31 -26.34
CA ALA A 521 36.67 -75.56 -26.01
C ALA A 521 36.64 -75.15 -24.55
N PHE A 522 37.09 -76.01 -23.64
CA PHE A 522 37.08 -75.68 -22.22
C PHE A 522 37.99 -74.49 -21.93
N LEU A 523 39.17 -74.45 -22.55
CA LEU A 523 40.07 -73.32 -22.43
C LEU A 523 39.61 -72.20 -23.35
N ARG A 524 40.29 -71.06 -23.26
CA ARG A 524 39.94 -69.91 -24.09
C ARG A 524 41.17 -69.02 -24.26
N MET A 525 41.38 -68.57 -25.49
CA MET A 525 42.49 -67.69 -25.84
C MET A 525 41.98 -66.25 -25.94
N ASN A 526 42.71 -65.34 -25.30
CA ASN A 526 42.34 -63.92 -25.29
C ASN A 526 43.53 -63.05 -25.67
N ARG A 536 49.58 -63.38 -25.19
CA ARG A 536 48.44 -64.28 -25.21
C ARG A 536 47.93 -64.54 -23.81
N PHE A 537 46.61 -64.70 -23.68
CA PHE A 537 45.96 -64.98 -22.41
C PHE A 537 45.26 -66.32 -22.48
N TYR A 538 45.48 -67.16 -21.48
CA TYR A 538 44.81 -68.45 -21.35
C TYR A 538 43.84 -68.36 -20.18
N SER A 539 42.59 -68.77 -20.41
CA SER A 539 41.61 -68.72 -19.32
C SER A 539 40.56 -69.80 -19.50
N PHE A 540 40.20 -70.45 -18.40
CA PHE A 540 39.09 -71.41 -18.44
C PHE A 540 37.77 -70.69 -18.66
N SER A 541 36.89 -71.32 -19.42
CA SER A 541 35.59 -70.71 -19.71
C SER A 541 34.78 -70.53 -18.43
N HIS A 542 34.77 -71.54 -17.56
CA HIS A 542 34.08 -71.46 -16.28
C HIS A 542 34.94 -72.20 -15.26
N MET A 543 35.01 -71.64 -14.05
CA MET A 543 35.96 -72.14 -13.06
C MET A 543 35.67 -73.59 -12.69
N THR A 544 34.39 -73.96 -12.58
CA THR A 544 34.04 -75.32 -12.17
C THR A 544 34.71 -76.36 -13.05
N PHE A 545 34.89 -76.04 -14.33
CA PHE A 545 35.64 -76.93 -15.20
C PHE A 545 37.08 -77.06 -14.74
N GLN A 546 37.69 -75.95 -14.31
CA GLN A 546 39.06 -75.97 -13.82
C GLN A 546 39.17 -76.83 -12.56
N GLU A 547 38.23 -76.68 -11.63
CA GLU A 547 38.27 -77.55 -10.46
C GLU A 547 38.02 -79.01 -10.82
N PHE A 548 37.18 -79.28 -11.83
CA PHE A 548 36.95 -80.65 -12.27
C PHE A 548 38.23 -81.26 -12.83
N PHE A 549 38.96 -80.50 -13.65
CA PHE A 549 40.21 -80.99 -14.20
C PHE A 549 41.25 -81.20 -13.09
N ALA A 550 41.30 -80.28 -12.13
CA ALA A 550 42.22 -80.45 -11.00
C ALA A 550 41.89 -81.71 -10.20
N ALA A 551 40.60 -81.99 -10.00
CA ALA A 551 40.20 -83.21 -9.31
C ALA A 551 40.59 -84.45 -10.10
N MET A 552 40.38 -84.41 -11.42
CA MET A 552 40.77 -85.55 -12.25
C MET A 552 42.27 -85.75 -12.29
N TYR A 553 43.05 -84.69 -12.03
CA TYR A 553 44.52 -84.81 -12.06
C TYR A 553 45.01 -85.86 -11.08
N TYR A 554 44.50 -85.84 -9.85
CA TYR A 554 45.08 -86.66 -8.78
C TYR A 554 44.74 -88.13 -8.91
N LEU A 555 44.10 -88.55 -10.00
CA LEU A 555 43.80 -89.97 -10.22
C LEU A 555 44.47 -90.54 -11.46
N LEU A 556 44.89 -89.70 -12.40
CA LEU A 556 45.57 -90.17 -13.60
C LEU A 556 46.86 -90.91 -13.26
N ASN A 577 52.31 -81.43 -7.85
CA ASN A 577 52.30 -82.38 -6.74
C ASN A 577 51.15 -83.38 -6.87
N ARG A 578 51.45 -84.66 -6.65
CA ARG A 578 50.46 -85.72 -6.76
C ARG A 578 50.04 -86.24 -5.38
N ASP A 579 50.68 -85.79 -4.31
CA ASP A 579 50.32 -86.21 -2.96
C ASP A 579 48.95 -85.66 -2.62
N VAL A 580 47.99 -86.56 -2.37
CA VAL A 580 46.60 -86.15 -2.16
C VAL A 580 46.43 -85.35 -0.88
N LYS A 581 47.36 -85.47 0.07
CA LYS A 581 47.19 -84.82 1.38
C LYS A 581 47.07 -83.31 1.27
N VAL A 582 47.59 -82.71 0.20
CA VAL A 582 47.46 -81.26 0.03
C VAL A 582 45.98 -80.86 -0.03
N LEU A 583 45.16 -81.70 -0.66
CA LEU A 583 43.73 -81.45 -0.66
C LEU A 583 43.13 -81.66 0.72
N LEU A 584 43.69 -82.60 1.50
CA LEU A 584 43.10 -82.97 2.77
C LEU A 584 43.31 -81.89 3.83
N GLU A 585 44.53 -81.36 3.93
CA GLU A 585 44.89 -80.49 5.04
C GLU A 585 45.07 -79.03 4.65
N ASN A 586 45.56 -78.73 3.46
CA ASN A 586 45.77 -77.35 3.03
C ASN A 586 44.48 -76.63 2.67
N TYR A 587 43.33 -77.22 2.98
CA TYR A 587 42.07 -76.52 2.87
C TYR A 587 42.03 -75.36 3.88
N GLY A 588 41.39 -74.27 3.48
CA GLY A 588 41.28 -73.09 4.31
C GLY A 588 42.29 -72.00 4.00
N LYS A 589 43.38 -72.34 3.29
CA LYS A 589 44.34 -71.33 2.86
C LYS A 589 43.70 -70.38 1.85
N PHE A 590 42.69 -70.84 1.13
CA PHE A 590 41.94 -70.03 0.18
C PHE A 590 40.55 -69.76 0.76
N GLU A 591 40.12 -68.49 0.67
CA GLU A 591 38.78 -68.15 1.13
C GLU A 591 37.72 -68.89 0.31
N LYS A 592 36.63 -69.25 1.00
CA LYS A 592 35.44 -69.89 0.44
C LYS A 592 35.74 -71.28 -0.12
N GLY A 593 36.97 -71.76 -0.01
CA GLY A 593 37.26 -73.16 -0.23
C GLY A 593 36.94 -73.74 -1.59
N TYR A 594 37.74 -73.42 -2.59
CA TYR A 594 37.57 -74.07 -3.89
C TYR A 594 37.77 -75.58 -3.78
N LEU A 595 38.57 -76.03 -2.81
CA LEU A 595 39.00 -77.42 -2.74
C LEU A 595 37.86 -78.40 -2.58
N ILE A 596 36.87 -78.12 -1.72
CA ILE A 596 35.78 -79.07 -1.47
C ILE A 596 35.10 -79.44 -2.77
N PHE A 597 34.74 -78.43 -3.57
CA PHE A 597 34.16 -78.70 -4.88
C PHE A 597 35.07 -79.62 -5.69
N VAL A 598 36.36 -79.28 -5.74
CA VAL A 598 37.36 -80.21 -6.29
C VAL A 598 37.16 -81.60 -5.72
N VAL A 599 37.25 -81.70 -4.39
CA VAL A 599 37.18 -83.00 -3.73
C VAL A 599 35.85 -83.68 -4.04
N ARG A 600 34.79 -82.89 -4.28
CA ARG A 600 33.52 -83.50 -4.63
C ARG A 600 33.65 -84.36 -5.86
N PHE A 601 34.21 -83.80 -6.95
CA PHE A 601 34.45 -84.60 -8.14
C PHE A 601 35.39 -85.75 -7.84
N LEU A 602 36.27 -85.60 -6.86
CA LEU A 602 37.10 -86.73 -6.44
C LEU A 602 36.22 -87.89 -5.99
N PHE A 603 35.26 -87.63 -5.09
CA PHE A 603 34.30 -88.69 -4.76
C PHE A 603 33.51 -89.13 -5.97
N GLY A 604 33.32 -88.23 -6.95
CA GLY A 604 32.70 -88.64 -8.18
C GLY A 604 33.53 -89.64 -8.94
N LEU A 605 34.85 -89.42 -8.99
CA LEU A 605 35.68 -90.23 -9.89
C LEU A 605 36.11 -91.54 -9.24
N VAL A 606 36.23 -91.55 -7.92
CA VAL A 606 36.73 -92.73 -7.21
C VAL A 606 35.67 -93.82 -7.17
N ASN A 607 34.46 -93.51 -7.63
CA ASN A 607 33.41 -94.51 -7.72
C ASN A 607 33.86 -95.66 -8.62
N GLN A 608 33.66 -96.89 -8.14
CA GLN A 608 34.23 -98.06 -8.81
C GLN A 608 33.75 -98.16 -10.26
N GLU A 609 32.44 -98.03 -10.48
CA GLU A 609 31.93 -98.03 -11.85
C GLU A 609 32.43 -96.81 -12.61
N ARG A 610 32.42 -95.64 -11.97
CA ARG A 610 32.89 -94.44 -12.64
C ARG A 610 34.40 -94.48 -12.86
N THR A 611 35.15 -95.04 -11.91
CA THR A 611 36.59 -95.24 -12.12
C THR A 611 36.86 -96.15 -13.30
N SER A 612 36.14 -97.28 -13.37
CA SER A 612 36.32 -98.20 -14.48
C SER A 612 35.95 -97.55 -15.81
N TYR A 613 34.87 -96.78 -15.83
CA TYR A 613 34.46 -96.10 -17.05
C TYR A 613 35.52 -95.07 -17.48
N LEU A 614 36.06 -94.33 -16.52
CA LEU A 614 37.12 -93.37 -16.85
C LEU A 614 38.35 -94.08 -17.42
N GLU A 615 38.75 -95.18 -16.79
CA GLU A 615 39.92 -95.91 -17.27
C GLU A 615 39.69 -96.47 -18.67
N LYS A 616 38.50 -97.02 -18.93
CA LYS A 616 38.22 -97.64 -20.21
C LYS A 616 37.81 -96.64 -21.29
N LYS A 617 37.55 -95.38 -20.92
CA LYS A 617 37.25 -94.34 -21.89
C LYS A 617 38.45 -93.45 -22.20
N LEU A 618 39.43 -93.38 -21.31
CA LEU A 618 40.64 -92.59 -21.55
C LEU A 618 41.91 -93.43 -21.58
N SER A 619 41.79 -94.75 -21.48
CA SER A 619 42.92 -95.68 -21.54
C SER A 619 43.96 -95.42 -20.44
N CYS A 620 43.54 -94.78 -19.35
CA CYS A 620 44.43 -94.44 -18.25
C CYS A 620 44.15 -95.36 -17.05
N LYS A 621 44.85 -95.09 -15.96
CA LYS A 621 44.71 -95.84 -14.72
C LYS A 621 44.39 -94.88 -13.57
N ILE A 622 43.59 -95.35 -12.63
CA ILE A 622 43.14 -94.55 -11.49
C ILE A 622 43.70 -95.16 -10.21
N SER A 623 44.33 -94.33 -9.39
CA SER A 623 44.85 -94.79 -8.10
C SER A 623 43.70 -95.17 -7.18
N GLN A 624 43.97 -96.13 -6.29
CA GLN A 624 42.95 -96.65 -5.38
C GLN A 624 43.20 -96.36 -3.91
N GLN A 625 44.44 -96.07 -3.51
CA GLN A 625 44.68 -95.65 -2.13
C GLN A 625 44.02 -94.32 -1.82
N VAL A 626 43.69 -93.54 -2.84
CA VAL A 626 42.99 -92.27 -2.65
C VAL A 626 41.65 -92.49 -1.95
N ARG A 627 40.97 -93.58 -2.27
CA ARG A 627 39.69 -93.87 -1.62
C ARG A 627 39.85 -94.09 -0.13
N LEU A 628 40.88 -94.85 0.26
CA LEU A 628 41.12 -95.08 1.68
C LEU A 628 41.55 -93.79 2.39
N GLU A 629 42.37 -92.98 1.72
CA GLU A 629 42.75 -91.70 2.31
C GLU A 629 41.54 -90.79 2.48
N LEU A 630 40.62 -90.80 1.51
CA LEU A 630 39.38 -90.03 1.64
C LEU A 630 38.52 -90.57 2.79
N LEU A 631 38.48 -91.90 2.95
CA LEU A 631 37.82 -92.47 4.12
C LEU A 631 38.38 -91.89 5.40
N LYS A 632 39.71 -91.95 5.54
CA LYS A 632 40.35 -91.47 6.76
C LYS A 632 40.05 -89.99 6.97
N TRP A 633 40.04 -89.21 5.89
CA TRP A 633 39.63 -87.81 5.99
C TRP A 633 38.18 -87.68 6.45
N ILE A 634 37.32 -88.61 6.05
CA ILE A 634 35.92 -88.56 6.49
C ILE A 634 35.85 -88.73 8.01
N GLU A 635 36.58 -89.72 8.55
CA GLU A 635 36.56 -89.86 10.01
C GLU A 635 37.23 -88.67 10.69
N VAL A 636 38.27 -88.09 10.08
CA VAL A 636 38.90 -86.90 10.65
C VAL A 636 37.89 -85.77 10.75
N LYS A 637 37.12 -85.54 9.68
CA LYS A 637 36.11 -84.50 9.72
C LYS A 637 35.01 -84.81 10.72
N ALA A 638 34.59 -86.07 10.80
CA ALA A 638 33.46 -86.43 11.65
C ALA A 638 33.82 -86.33 13.13
N LYS A 639 35.00 -86.81 13.51
CA LYS A 639 35.35 -86.96 14.92
C LYS A 639 36.18 -85.81 15.46
N ALA A 640 36.41 -84.76 14.68
CA ALA A 640 37.22 -83.65 15.14
C ALA A 640 36.45 -82.80 16.15
N LYS A 641 37.21 -81.98 16.90
CA LYS A 641 36.63 -81.09 17.90
C LYS A 641 36.34 -79.71 17.32
N LYS A 642 37.38 -79.03 16.85
CA LYS A 642 37.27 -77.67 16.32
C LYS A 642 36.57 -77.75 14.96
N LEU A 643 35.25 -77.89 15.00
CA LEU A 643 34.46 -78.10 13.80
C LEU A 643 34.06 -76.80 13.12
N GLN A 644 34.45 -75.65 13.67
CA GLN A 644 34.04 -74.37 13.08
C GLN A 644 34.69 -74.14 11.72
N TRP A 645 35.99 -74.40 11.61
CA TRP A 645 36.70 -74.12 10.36
C TRP A 645 36.26 -75.05 9.24
N GLN A 646 35.89 -76.28 9.58
CA GLN A 646 35.47 -77.23 8.56
C GLN A 646 34.15 -76.78 7.93
N PRO A 647 33.93 -77.12 6.66
CA PRO A 647 32.63 -76.80 6.03
C PRO A 647 31.50 -77.64 6.60
N SER A 648 30.27 -77.28 6.25
CA SER A 648 29.10 -77.91 6.85
C SER A 648 29.01 -79.39 6.49
N GLN A 649 28.18 -80.10 7.25
CA GLN A 649 27.99 -81.53 7.04
C GLN A 649 27.20 -81.80 5.77
N LEU A 650 26.40 -80.83 5.32
CA LEU A 650 25.67 -80.98 4.07
C LEU A 650 26.61 -81.16 2.89
N GLU A 651 27.80 -80.56 2.94
CA GLU A 651 28.80 -80.80 1.91
C GLU A 651 29.26 -82.25 1.93
N LEU A 652 29.44 -82.82 3.12
CA LEU A 652 29.77 -84.23 3.23
C LEU A 652 28.69 -85.10 2.61
N PHE A 653 27.43 -84.73 2.83
CA PHE A 653 26.34 -85.51 2.27
C PHE A 653 26.26 -85.36 0.75
N TYR A 654 26.55 -84.15 0.24
CA TYR A 654 26.71 -83.98 -1.20
C TYR A 654 27.78 -84.91 -1.76
N CYS A 655 28.92 -85.01 -1.09
CA CYS A 655 29.98 -85.89 -1.56
C CYS A 655 29.51 -87.35 -1.57
N LEU A 656 28.89 -87.79 -0.46
CA LEU A 656 28.48 -89.18 -0.35
C LEU A 656 27.36 -89.52 -1.34
N TYR A 657 26.56 -88.54 -1.73
CA TYR A 657 25.58 -88.75 -2.78
C TYR A 657 26.23 -88.74 -4.16
N GLU A 658 27.26 -87.91 -4.35
CA GLU A 658 27.94 -87.84 -5.62
C GLU A 658 28.63 -89.16 -5.94
N MET A 659 29.24 -89.77 -4.95
CA MET A 659 30.03 -90.98 -5.20
C MET A 659 29.13 -92.15 -5.61
N GLN A 660 28.05 -92.39 -4.87
CA GLN A 660 27.08 -93.45 -5.17
C GLN A 660 27.69 -94.85 -5.12
N GLU A 661 28.53 -95.14 -4.12
CA GLU A 661 29.05 -96.48 -3.87
C GLU A 661 28.52 -96.98 -2.53
N GLU A 662 27.60 -97.95 -2.58
CA GLU A 662 26.78 -98.30 -1.42
C GLU A 662 27.62 -98.67 -0.21
N ASP A 663 28.53 -99.63 -0.38
CA ASP A 663 29.20 -100.21 0.79
C ASP A 663 30.09 -99.21 1.51
N PHE A 664 30.87 -98.43 0.76
CA PHE A 664 31.75 -97.47 1.40
C PHE A 664 30.95 -96.30 1.96
N VAL A 665 29.82 -95.95 1.33
CA VAL A 665 28.91 -94.98 1.94
C VAL A 665 28.49 -95.47 3.32
N GLN A 666 28.04 -96.73 3.41
CA GLN A 666 27.59 -97.25 4.69
C GLN A 666 28.72 -97.27 5.72
N SER A 667 29.91 -97.73 5.30
CA SER A 667 31.02 -97.86 6.24
C SER A 667 31.50 -96.50 6.74
N ALA A 668 31.68 -95.53 5.83
CA ALA A 668 32.16 -94.21 6.23
C ALA A 668 31.04 -93.37 6.81
N MET A 669 29.80 -93.85 6.74
CA MET A 669 28.67 -93.12 7.27
C MET A 669 28.21 -93.62 8.62
N ASP A 670 28.57 -94.85 9.00
CA ASP A 670 28.30 -95.31 10.35
C ASP A 670 29.05 -94.50 11.41
N HIS A 671 29.80 -93.48 11.01
CA HIS A 671 30.54 -92.61 11.91
C HIS A 671 29.79 -91.32 12.23
N PHE A 672 28.48 -91.32 12.05
CA PHE A 672 27.63 -90.16 12.32
C PHE A 672 26.48 -90.57 13.22
N PRO A 673 26.74 -90.77 14.52
CA PRO A 673 25.62 -91.05 15.44
C PRO A 673 24.61 -89.92 15.52
N LYS A 674 25.05 -88.67 15.40
CA LYS A 674 24.17 -87.51 15.43
C LYS A 674 24.32 -86.74 14.14
N ILE A 675 23.19 -86.43 13.50
CA ILE A 675 23.17 -85.78 12.20
C ILE A 675 22.37 -84.49 12.30
N GLU A 676 22.98 -83.38 11.88
CA GLU A 676 22.29 -82.09 11.82
C GLU A 676 22.48 -81.52 10.43
N ILE A 677 21.36 -81.16 9.79
CA ILE A 677 21.37 -80.66 8.42
C ILE A 677 20.36 -79.54 8.28
N ASN A 678 20.66 -78.59 7.39
CA ASN A 678 19.77 -77.48 7.08
C ASN A 678 19.48 -77.51 5.59
N LEU A 679 18.21 -77.64 5.23
CA LEU A 679 17.79 -77.90 3.86
C LEU A 679 17.09 -76.67 3.28
N SER A 680 17.46 -76.31 2.05
CA SER A 680 16.88 -75.14 1.40
C SER A 680 16.57 -75.33 -0.08
N THR A 681 16.64 -76.55 -0.63
CA THR A 681 16.36 -76.77 -2.04
C THR A 681 16.04 -78.24 -2.26
N ARG A 682 15.68 -78.56 -3.51
CA ARG A 682 15.38 -79.95 -3.86
C ARG A 682 16.62 -80.82 -3.75
N MET A 683 17.78 -80.30 -4.14
CA MET A 683 19.02 -81.06 -4.00
C MET A 683 19.27 -81.43 -2.55
N ASP A 684 19.05 -80.49 -1.63
CA ASP A 684 19.21 -80.80 -0.21
C ASP A 684 18.32 -81.96 0.20
N HIS A 685 17.04 -81.90 -0.17
CA HIS A 685 16.10 -82.95 0.21
C HIS A 685 16.50 -84.30 -0.38
N VAL A 686 16.91 -84.31 -1.65
CA VAL A 686 17.24 -85.57 -2.31
C VAL A 686 18.49 -86.19 -1.69
N VAL A 687 19.54 -85.39 -1.51
CA VAL A 687 20.76 -85.94 -0.93
C VAL A 687 20.52 -86.38 0.51
N SER A 688 19.70 -85.64 1.25
CA SER A 688 19.39 -86.04 2.62
C SER A 688 18.62 -87.35 2.65
N SER A 689 17.65 -87.52 1.75
CA SER A 689 16.90 -88.77 1.70
C SER A 689 17.83 -89.94 1.40
N PHE A 690 18.66 -89.80 0.36
CA PHE A 690 19.59 -90.87 0.02
C PHE A 690 20.52 -91.19 1.18
N CYS A 691 21.09 -90.15 1.79
CA CYS A 691 22.07 -90.34 2.85
C CYS A 691 21.45 -91.01 4.07
N ILE A 692 20.29 -90.52 4.53
CA ILE A 692 19.65 -91.11 5.69
C ILE A 692 19.19 -92.54 5.39
N LYS A 693 18.71 -92.80 4.18
CA LYS A 693 18.35 -94.16 3.83
C LYS A 693 19.57 -95.07 3.86
N ASN A 694 20.75 -94.54 3.53
CA ASN A 694 21.97 -95.34 3.65
C ASN A 694 22.41 -95.52 5.09
N CYS A 695 22.07 -94.57 5.96
CA CYS A 695 22.49 -94.66 7.36
C CYS A 695 21.86 -95.86 8.05
N HIS A 696 22.62 -96.43 9.00
CA HIS A 696 22.14 -97.58 9.75
C HIS A 696 22.41 -97.50 11.25
N ARG A 697 23.19 -96.52 11.71
CA ARG A 697 23.52 -96.41 13.14
C ARG A 697 23.47 -94.96 13.59
N VAL A 698 22.38 -94.26 13.27
CA VAL A 698 22.17 -92.88 13.71
C VAL A 698 21.15 -92.88 14.84
N LYS A 699 21.42 -92.07 15.87
CA LYS A 699 20.55 -91.98 17.04
C LYS A 699 19.81 -90.66 17.12
N THR A 700 20.53 -89.54 17.07
CA THR A 700 19.93 -88.21 17.14
C THR A 700 19.96 -87.60 15.75
N LEU A 701 18.81 -87.06 15.31
CA LEU A 701 18.71 -86.45 14.00
C LEU A 701 17.95 -85.15 14.12
N SER A 702 18.45 -84.12 13.44
CA SER A 702 17.79 -82.83 13.40
C SER A 702 17.64 -82.40 11.95
N LEU A 703 16.67 -81.52 11.71
CA LEU A 703 16.40 -81.03 10.36
C LEU A 703 16.11 -79.53 10.41
N GLY A 704 16.44 -78.87 9.31
CA GLY A 704 16.11 -77.47 9.17
C GLY A 704 15.51 -77.16 7.81
N PHE A 705 14.26 -76.72 7.78
CA PHE A 705 13.58 -76.38 6.54
C PHE A 705 13.64 -74.86 6.38
N PHE A 706 14.82 -74.38 6.02
CA PHE A 706 15.11 -72.95 5.96
C PHE A 706 14.75 -72.44 4.57
N HIS A 707 13.63 -71.72 4.48
CA HIS A 707 13.19 -71.14 3.23
C HIS A 707 13.30 -69.62 3.25
N THR A 747 5.71 -77.77 2.49
CA THR A 747 6.75 -78.77 2.30
C THR A 747 6.17 -80.19 2.41
N SER A 748 4.95 -80.37 1.90
CA SER A 748 4.30 -81.67 1.97
C SER A 748 5.08 -82.72 1.19
N SER A 749 5.43 -82.42 -0.06
CA SER A 749 6.24 -83.33 -0.85
C SER A 749 7.61 -83.53 -0.21
N PHE A 750 8.21 -82.45 0.29
CA PHE A 750 9.51 -82.52 0.95
C PHE A 750 9.43 -83.46 2.15
N CYS A 751 8.40 -83.26 2.99
CA CYS A 751 8.24 -84.07 4.19
C CYS A 751 8.00 -85.53 3.83
N ARG A 752 7.19 -85.79 2.81
CA ARG A 752 6.96 -87.17 2.40
C ARG A 752 8.26 -87.82 1.94
N GLY A 753 8.98 -87.15 1.04
CA GLY A 753 10.20 -87.71 0.50
C GLY A 753 11.24 -88.01 1.57
N LEU A 754 11.35 -87.13 2.56
CA LEU A 754 12.31 -87.38 3.64
C LEU A 754 11.80 -88.46 4.58
N PHE A 755 10.63 -88.25 5.18
CA PHE A 755 10.16 -89.07 6.29
C PHE A 755 9.67 -90.45 5.86
N SER A 756 9.56 -90.72 4.55
CA SER A 756 9.26 -92.08 4.14
C SER A 756 10.36 -93.04 4.57
N SER A 757 11.62 -92.63 4.45
CA SER A 757 12.73 -93.48 4.85
C SER A 757 12.86 -93.59 6.36
N LEU A 758 12.47 -92.54 7.10
CA LEU A 758 12.64 -92.55 8.54
C LEU A 758 11.82 -93.65 9.22
N SER A 759 10.67 -93.99 8.64
CA SER A 759 9.89 -95.10 9.18
C SER A 759 10.64 -96.42 9.02
N THR A 760 11.39 -96.58 7.93
CA THR A 760 12.19 -97.78 7.71
C THR A 760 13.49 -97.78 8.48
N ASN A 761 13.89 -96.64 9.04
CA ASN A 761 15.13 -96.57 9.80
C ASN A 761 14.92 -97.22 11.17
N ARG A 762 15.71 -98.25 11.46
CA ARG A 762 15.55 -99.01 12.69
C ARG A 762 16.53 -98.57 13.78
N SER A 763 17.25 -97.47 13.58
CA SER A 763 18.22 -96.99 14.54
C SER A 763 17.87 -95.65 15.16
N LEU A 764 17.03 -94.84 14.52
CA LEU A 764 16.75 -93.50 15.02
C LEU A 764 16.00 -93.56 16.34
N THR A 765 16.37 -92.67 17.27
CA THR A 765 15.70 -92.58 18.56
C THR A 765 15.30 -91.18 18.96
N GLU A 766 15.95 -90.14 18.47
CA GLU A 766 15.59 -88.77 18.78
C GLU A 766 15.48 -87.97 17.48
N LEU A 767 14.42 -87.17 17.38
CA LEU A 767 14.13 -86.42 16.17
C LEU A 767 13.82 -84.98 16.56
N ASP A 768 14.73 -84.07 16.24
CA ASP A 768 14.55 -82.67 16.56
C ASP A 768 13.99 -81.94 15.33
N LEU A 769 12.93 -81.17 15.54
CA LEU A 769 12.36 -80.36 14.47
C LEU A 769 11.98 -78.98 14.97
N SER A 770 12.62 -78.50 16.03
CA SER A 770 12.26 -77.21 16.62
C SER A 770 12.52 -76.08 15.63
N ASP A 771 11.68 -75.05 15.72
CA ASP A 771 11.79 -73.78 15.00
C ASP A 771 11.59 -73.92 13.50
N ASN A 772 11.43 -75.14 12.97
CA ASN A 772 11.12 -75.30 11.56
C ASN A 772 9.64 -74.99 11.35
N THR A 773 9.36 -74.12 10.38
CA THR A 773 7.98 -73.80 10.03
C THR A 773 7.46 -74.83 9.02
N LEU A 774 7.49 -76.08 9.44
CA LEU A 774 7.04 -77.17 8.56
C LEU A 774 5.54 -77.13 8.33
N GLY A 775 4.81 -76.32 9.10
CA GLY A 775 3.39 -76.16 8.89
C GLY A 775 2.60 -77.33 9.42
N ASP A 776 1.28 -77.23 9.24
CA ASP A 776 0.39 -78.27 9.75
C ASP A 776 0.30 -79.48 8.84
N PRO A 777 0.11 -79.34 7.51
CA PRO A 777 0.10 -80.53 6.66
C PRO A 777 1.40 -81.30 6.68
N GLY A 778 2.54 -80.62 6.82
CA GLY A 778 3.80 -81.32 6.99
C GLY A 778 3.81 -82.13 8.26
N MET A 779 3.25 -81.58 9.34
CA MET A 779 3.16 -82.33 10.60
C MET A 779 2.26 -83.55 10.42
N ARG A 780 1.19 -83.40 9.66
CA ARG A 780 0.34 -84.55 9.33
C ARG A 780 1.14 -85.63 8.63
N VAL A 781 1.86 -85.26 7.56
CA VAL A 781 2.66 -86.22 6.81
C VAL A 781 3.66 -86.92 7.72
N LEU A 782 4.29 -86.15 8.61
CA LEU A 782 5.16 -86.73 9.62
C LEU A 782 4.42 -87.75 10.46
N CYS A 783 3.15 -87.47 10.80
CA CYS A 783 2.38 -88.41 11.61
C CYS A 783 2.13 -89.71 10.87
N GLU A 784 1.77 -89.65 9.58
CA GLU A 784 1.65 -90.92 8.86
C GLU A 784 2.99 -91.63 8.74
N ALA A 785 4.08 -90.86 8.69
CA ALA A 785 5.40 -91.49 8.64
C ALA A 785 5.70 -92.25 9.94
N LEU A 786 5.38 -91.66 11.08
CA LEU A 786 5.80 -92.22 12.36
C LEU A 786 5.04 -93.50 12.69
N GLN A 787 3.73 -93.52 12.46
CA GLN A 787 2.89 -94.59 12.98
C GLN A 787 3.16 -95.92 12.29
N HIS A 788 4.09 -95.93 11.34
CA HIS A 788 4.54 -97.19 10.79
C HIS A 788 5.28 -97.99 11.85
N PRO A 789 5.05 -99.31 11.93
CA PRO A 789 5.67 -100.10 13.02
C PRO A 789 7.19 -100.11 12.98
N GLY A 790 7.81 -99.82 11.84
CA GLY A 790 9.26 -99.90 11.73
C GLY A 790 9.99 -98.86 12.55
N CYS A 791 9.47 -97.64 12.61
CA CYS A 791 10.19 -96.54 13.22
C CYS A 791 10.37 -96.77 14.72
N ASN A 792 11.57 -96.42 15.22
CA ASN A 792 11.94 -96.64 16.61
C ASN A 792 12.17 -95.32 17.35
N ILE A 793 11.50 -94.25 16.93
CA ILE A 793 11.66 -92.96 17.58
C ILE A 793 11.06 -93.01 18.98
N GLN A 794 11.86 -92.63 19.97
CA GLN A 794 11.42 -92.54 21.36
C GLN A 794 11.30 -91.11 21.83
N ARG A 795 11.48 -90.13 20.95
CA ARG A 795 11.62 -88.76 21.38
C ARG A 795 11.30 -87.84 20.21
N LEU A 796 10.43 -86.85 20.45
CA LEU A 796 10.01 -85.96 19.38
C LEU A 796 9.81 -84.56 19.94
N TRP A 797 10.66 -83.63 19.53
CA TRP A 797 10.58 -82.24 19.97
C TRP A 797 10.08 -81.38 18.83
N LEU A 798 9.06 -80.56 19.10
CA LEU A 798 8.37 -79.80 18.06
C LEU A 798 8.15 -78.36 18.50
N GLY A 799 9.14 -77.76 19.16
CA GLY A 799 8.99 -76.40 19.64
C GLY A 799 8.88 -75.40 18.51
N ARG A 800 7.95 -74.45 18.66
CA ARG A 800 7.76 -73.35 17.72
C ARG A 800 7.57 -73.84 16.29
N CYS A 801 7.03 -75.04 16.13
CA CYS A 801 6.83 -75.60 14.81
C CYS A 801 5.74 -74.91 14.02
N GLY A 802 4.96 -74.03 14.66
CA GLY A 802 3.87 -73.36 13.98
C GLY A 802 2.65 -74.24 13.76
N LEU A 803 2.49 -75.30 14.55
CA LEU A 803 1.37 -76.21 14.41
C LEU A 803 0.09 -75.53 14.88
N SER A 804 -0.99 -76.29 14.94
CA SER A 804 -2.26 -75.80 15.45
C SER A 804 -3.08 -77.01 15.91
N HIS A 805 -4.36 -76.78 16.18
CA HIS A 805 -5.21 -77.84 16.71
C HIS A 805 -5.40 -78.97 15.70
N GLN A 806 -5.20 -78.69 14.41
CA GLN A 806 -5.40 -79.72 13.40
C GLN A 806 -4.42 -80.88 13.58
N CYS A 807 -3.16 -80.57 13.89
CA CYS A 807 -2.16 -81.60 14.07
C CYS A 807 -2.44 -82.48 15.28
N CYS A 808 -3.26 -82.00 16.23
CA CYS A 808 -3.51 -82.77 17.44
C CYS A 808 -4.21 -84.08 17.16
N PHE A 809 -5.14 -84.10 16.19
CA PHE A 809 -5.80 -85.35 15.82
C PHE A 809 -4.79 -86.38 15.35
N ASP A 810 -3.89 -85.96 14.46
CA ASP A 810 -2.86 -86.86 13.94
C ASP A 810 -1.92 -87.32 15.04
N ILE A 811 -1.51 -86.40 15.93
CA ILE A 811 -0.61 -86.77 17.02
C ILE A 811 -1.29 -87.74 17.98
N SER A 812 -2.59 -87.54 18.22
CA SER A 812 -3.34 -88.47 19.06
C SER A 812 -3.37 -89.86 18.44
N SER A 813 -3.57 -89.93 17.12
CA SER A 813 -3.51 -91.22 16.45
C SER A 813 -2.13 -91.86 16.61
N VAL A 814 -1.07 -91.05 16.48
CA VAL A 814 0.29 -91.56 16.64
C VAL A 814 0.50 -92.13 18.03
N LEU A 815 0.06 -91.39 19.05
CA LEU A 815 0.21 -91.86 20.43
C LEU A 815 -0.58 -93.13 20.67
N SER A 816 -1.81 -93.21 20.17
CA SER A 816 -2.61 -94.40 20.38
C SER A 816 -2.10 -95.59 19.58
N SER A 817 -1.29 -95.36 18.55
CA SER A 817 -0.79 -96.45 17.71
C SER A 817 0.66 -96.82 17.99
N SER A 818 1.46 -95.91 18.53
CA SER A 818 2.88 -96.15 18.76
C SER A 818 3.15 -96.32 20.26
N GLN A 819 3.89 -97.37 20.60
CA GLN A 819 4.24 -97.65 21.98
C GLN A 819 5.72 -97.44 22.29
N LYS A 820 6.47 -96.84 21.37
CA LYS A 820 7.88 -96.57 21.58
C LYS A 820 8.16 -95.13 21.99
N LEU A 821 7.24 -94.21 21.73
CA LEU A 821 7.45 -92.82 22.08
C LEU A 821 7.51 -92.67 23.60
N VAL A 822 8.45 -91.85 24.07
CA VAL A 822 8.69 -91.66 25.50
C VAL A 822 8.32 -90.25 25.94
N GLU A 823 8.97 -89.23 25.38
CA GLU A 823 8.60 -87.86 25.68
C GLU A 823 8.09 -87.18 24.42
N LEU A 824 7.62 -85.95 24.58
CA LEU A 824 7.04 -85.22 23.47
C LEU A 824 6.96 -83.75 23.85
N ASP A 825 7.35 -82.88 22.92
CA ASP A 825 7.34 -81.44 23.14
C ASP A 825 6.39 -80.78 22.16
N LEU A 826 5.63 -79.80 22.65
CA LEU A 826 4.75 -79.01 21.79
C LEU A 826 4.78 -77.54 22.18
N SER A 827 5.90 -77.08 22.73
CA SER A 827 5.96 -75.73 23.26
C SER A 827 5.76 -74.68 22.17
N ASP A 828 5.04 -73.62 22.52
CA ASP A 828 4.88 -72.43 21.68
C ASP A 828 4.16 -72.72 20.37
N ASN A 829 3.22 -73.67 20.38
CA ASN A 829 2.28 -73.87 19.30
C ASN A 829 0.88 -73.53 19.80
N ALA A 830 0.12 -72.82 18.99
CA ALA A 830 -1.20 -72.38 19.42
C ALA A 830 -2.19 -73.53 19.39
N LEU A 831 -1.91 -74.57 20.18
CA LEU A 831 -2.79 -75.74 20.19
C LEU A 831 -4.17 -75.39 20.70
N GLY A 832 -4.25 -74.63 21.78
CA GLY A 832 -5.52 -74.23 22.34
C GLY A 832 -6.18 -75.33 23.15
N ASP A 833 -7.24 -74.94 23.86
CA ASP A 833 -7.97 -75.89 24.68
C ASP A 833 -8.60 -76.98 23.83
N PHE A 834 -9.06 -76.65 22.63
CA PHE A 834 -9.57 -77.68 21.74
C PHE A 834 -8.47 -78.65 21.33
N GLY A 835 -7.27 -78.14 21.08
CA GLY A 835 -6.16 -79.03 20.78
C GLY A 835 -5.84 -79.96 21.92
N ILE A 836 -5.91 -79.45 23.16
CA ILE A 836 -5.71 -80.31 24.32
C ILE A 836 -6.81 -81.35 24.41
N ARG A 837 -8.05 -80.94 24.12
CA ARG A 837 -9.17 -81.89 24.13
C ARG A 837 -8.94 -83.01 23.12
N LEU A 838 -8.35 -82.66 21.98
CA LEU A 838 -8.05 -83.68 20.98
C LEU A 838 -6.90 -84.59 21.43
N LEU A 839 -5.86 -84.00 22.04
CA LEU A 839 -4.73 -84.81 22.49
C LEU A 839 -5.14 -85.80 23.59
N CYS A 840 -5.98 -85.36 24.52
CA CYS A 840 -6.30 -86.19 25.68
C CYS A 840 -6.91 -87.52 25.25
N VAL A 841 -7.57 -87.57 24.10
CA VAL A 841 -8.12 -88.84 23.62
C VAL A 841 -7.00 -89.84 23.37
N GLY A 842 -5.92 -89.40 22.72
CA GLY A 842 -4.77 -90.26 22.53
C GLY A 842 -4.04 -90.54 23.83
N LEU A 843 -3.90 -89.52 24.68
CA LEU A 843 -3.18 -89.69 25.94
C LEU A 843 -3.89 -90.70 26.85
N LYS A 844 -5.22 -90.63 26.92
CA LYS A 844 -5.98 -91.54 27.76
C LYS A 844 -5.94 -92.97 27.26
N HIS A 845 -5.47 -93.20 26.04
CA HIS A 845 -5.41 -94.56 25.50
C HIS A 845 -4.48 -95.43 26.33
N LEU A 846 -4.86 -96.69 26.49
CA LEU A 846 -4.12 -97.59 27.37
C LEU A 846 -2.74 -97.92 26.84
N LEU A 847 -2.48 -97.69 25.55
CA LEU A 847 -1.19 -98.00 24.95
C LEU A 847 -0.28 -96.78 24.83
N CYS A 848 -0.63 -95.68 25.47
CA CYS A 848 0.21 -94.49 25.44
C CYS A 848 1.29 -94.61 26.51
N ASN A 849 2.55 -94.52 26.09
CA ASN A 849 3.69 -94.67 27.00
C ASN A 849 4.39 -93.34 27.26
N LEU A 850 3.71 -92.23 27.08
CA LEU A 850 4.34 -90.93 27.27
C LEU A 850 4.76 -90.74 28.71
N GLN A 851 5.92 -90.11 28.90
CA GLN A 851 6.47 -89.83 30.22
C GLN A 851 6.66 -88.35 30.47
N LYS A 852 7.24 -87.63 29.52
CA LYS A 852 7.52 -86.21 29.65
C LYS A 852 6.70 -85.48 28.60
N LEU A 853 5.89 -84.52 29.03
CA LEU A 853 5.01 -83.79 28.11
C LEU A 853 5.13 -82.29 28.35
N TRP A 854 5.82 -81.60 27.46
CA TRP A 854 5.87 -80.15 27.52
C TRP A 854 4.66 -79.55 26.81
N LEU A 855 4.07 -78.53 27.43
CA LEU A 855 2.99 -77.78 26.79
C LEU A 855 3.15 -76.28 27.04
N VAL A 856 4.40 -75.81 27.12
CA VAL A 856 4.67 -74.44 27.52
C VAL A 856 4.15 -73.47 26.47
N SER A 857 3.41 -72.46 26.91
CA SER A 857 2.96 -71.35 26.06
C SER A 857 2.13 -71.86 24.88
N CYS A 858 1.25 -72.84 25.13
CA CYS A 858 0.39 -73.39 24.11
C CYS A 858 -0.92 -72.63 23.96
N CYS A 859 -0.99 -71.41 24.46
CA CYS A 859 -2.20 -70.58 24.35
C CYS A 859 -3.42 -71.28 24.95
N LEU A 860 -3.22 -71.95 26.07
CA LEU A 860 -4.31 -72.67 26.71
C LEU A 860 -5.12 -71.75 27.62
N THR A 861 -6.22 -72.29 28.14
CA THR A 861 -7.01 -71.64 29.17
C THR A 861 -7.39 -72.70 30.20
N SER A 862 -8.18 -72.29 31.20
CA SER A 862 -8.56 -73.21 32.25
C SER A 862 -9.45 -74.34 31.74
N ALA A 863 -10.17 -74.11 30.64
CA ALA A 863 -11.15 -75.08 30.17
C ALA A 863 -10.50 -76.41 29.83
N CYS A 864 -9.30 -76.38 29.25
CA CYS A 864 -8.61 -77.62 28.91
C CYS A 864 -8.21 -78.40 30.16
N CYS A 865 -8.01 -77.71 31.28
CA CYS A 865 -7.45 -78.33 32.48
C CYS A 865 -8.23 -79.56 32.88
N GLN A 866 -9.57 -79.47 32.87
CA GLN A 866 -10.41 -80.60 33.24
C GLN A 866 -10.02 -81.84 32.46
N ASP A 867 -9.90 -81.71 31.14
CA ASP A 867 -9.51 -82.86 30.32
C ASP A 867 -8.17 -83.42 30.79
N LEU A 868 -7.20 -82.54 31.01
CA LEU A 868 -5.89 -82.97 31.47
C LEU A 868 -6.01 -83.80 32.73
N ALA A 869 -6.94 -83.43 33.61
CA ALA A 869 -7.11 -84.17 34.85
C ALA A 869 -7.35 -85.65 34.58
N LEU A 870 -8.24 -85.95 33.63
CA LEU A 870 -8.55 -87.34 33.34
C LEU A 870 -7.29 -88.11 32.95
N VAL A 871 -6.37 -87.45 32.25
CA VAL A 871 -5.15 -88.13 31.81
C VAL A 871 -4.41 -88.71 33.00
N LEU A 872 -4.35 -87.94 34.10
CA LEU A 872 -3.56 -88.38 35.25
C LEU A 872 -4.13 -89.64 35.87
N SER A 873 -5.42 -89.91 35.67
CA SER A 873 -6.01 -91.16 36.15
C SER A 873 -6.34 -92.13 35.02
N SER A 874 -5.95 -91.83 33.79
CA SER A 874 -6.03 -92.80 32.71
C SER A 874 -4.66 -93.26 32.26
N ASN A 875 -3.68 -92.37 32.23
CA ASN A 875 -2.30 -92.71 31.91
C ASN A 875 -1.46 -92.61 33.17
N HIS A 876 -0.77 -93.69 33.51
CA HIS A 876 0.12 -93.71 34.66
C HIS A 876 1.58 -93.56 34.28
N SER A 877 1.92 -93.66 33.00
CA SER A 877 3.31 -93.45 32.58
C SER A 877 3.70 -91.99 32.56
N LEU A 878 2.73 -91.08 32.53
CA LEU A 878 3.02 -89.65 32.52
C LEU A 878 3.62 -89.26 33.86
N THR A 879 4.93 -89.04 33.89
CA THR A 879 5.62 -88.69 35.14
C THR A 879 5.63 -87.18 35.36
N ARG A 880 6.26 -86.43 34.47
CA ARG A 880 6.43 -85.00 34.67
C ARG A 880 5.72 -84.22 33.58
N LEU A 881 5.05 -83.14 33.99
CA LEU A 881 4.27 -82.29 33.11
C LEU A 881 4.81 -80.87 33.20
N TYR A 882 4.66 -80.11 32.12
CA TYR A 882 5.13 -78.72 32.09
C TYR A 882 4.09 -77.89 31.34
N ILE A 883 3.14 -77.32 32.09
CA ILE A 883 2.05 -76.57 31.48
C ILE A 883 2.18 -75.10 31.81
N GLY A 884 3.40 -74.64 32.01
CA GLY A 884 3.63 -73.26 32.39
C GLY A 884 3.38 -72.29 31.26
N GLU A 885 3.33 -71.01 31.63
CA GLU A 885 3.15 -69.90 30.70
C GLU A 885 1.83 -70.07 29.92
N ASN A 886 0.76 -70.29 30.67
CA ASN A 886 -0.58 -70.32 30.12
C ASN A 886 -1.50 -69.57 31.07
N ALA A 887 -2.63 -69.10 30.53
CA ALA A 887 -3.61 -68.43 31.36
C ALA A 887 -4.51 -69.44 32.05
N LEU A 888 -3.90 -70.41 32.74
CA LEU A 888 -4.69 -71.41 33.45
C LEU A 888 -5.55 -70.77 34.53
N GLY A 889 -4.91 -70.18 35.53
CA GLY A 889 -5.63 -69.52 36.60
C GLY A 889 -6.02 -70.45 37.73
N ASP A 890 -6.60 -69.85 38.76
CA ASP A 890 -6.94 -70.57 39.98
C ASP A 890 -7.96 -71.67 39.70
N SER A 891 -8.97 -71.38 38.87
CA SER A 891 -9.98 -72.38 38.57
C SER A 891 -9.37 -73.62 37.93
N GLY A 892 -8.53 -73.42 36.92
CA GLY A 892 -7.90 -74.56 36.26
C GLY A 892 -6.96 -75.32 37.18
N VAL A 893 -6.17 -74.60 37.97
CA VAL A 893 -5.24 -75.28 38.88
C VAL A 893 -6.01 -76.07 39.93
N GLN A 894 -7.11 -75.51 40.44
CA GLN A 894 -7.92 -76.25 41.41
C GLN A 894 -8.55 -77.48 40.77
N VAL A 895 -9.03 -77.36 39.54
CA VAL A 895 -9.64 -78.50 38.86
C VAL A 895 -8.60 -79.61 38.69
N LEU A 896 -7.39 -79.24 38.27
CA LEU A 896 -6.34 -80.23 38.08
C LEU A 896 -5.94 -80.88 39.41
N CYS A 897 -5.74 -80.05 40.44
CA CYS A 897 -5.24 -80.57 41.71
C CYS A 897 -6.27 -81.44 42.42
N GLU A 898 -7.53 -80.99 42.48
CA GLU A 898 -8.57 -81.73 43.18
C GLU A 898 -8.65 -83.17 42.66
N LYS A 899 -8.43 -83.36 41.37
CA LYS A 899 -8.41 -84.70 40.81
C LYS A 899 -7.03 -85.34 40.94
N MET A 900 -6.00 -84.53 41.17
CA MET A 900 -4.64 -85.04 41.31
C MET A 900 -4.32 -85.57 42.71
N LYS A 901 -5.16 -85.28 43.71
CA LYS A 901 -4.82 -85.62 45.09
C LYS A 901 -4.73 -87.12 45.34
N ASP A 902 -5.21 -87.95 44.43
CA ASP A 902 -5.16 -89.39 44.63
C ASP A 902 -3.71 -89.84 44.77
N PRO A 903 -3.36 -90.60 45.82
CA PRO A 903 -1.98 -91.08 45.96
C PRO A 903 -1.55 -91.99 44.82
N GLN A 904 -2.48 -92.60 44.08
CA GLN A 904 -2.11 -93.43 42.95
C GLN A 904 -1.63 -92.60 41.77
N CYS A 905 -1.92 -91.31 41.74
CA CYS A 905 -1.43 -90.44 40.67
C CYS A 905 0.10 -90.45 40.66
N ASN A 906 0.67 -90.61 39.48
CA ASN A 906 2.10 -90.82 39.32
C ASN A 906 2.84 -89.56 38.89
N LEU A 907 2.19 -88.40 38.91
CA LEU A 907 2.82 -87.18 38.46
C LEU A 907 3.91 -86.74 39.44
N GLN A 908 5.03 -86.26 38.90
CA GLN A 908 6.18 -85.89 39.72
C GLN A 908 6.50 -84.40 39.63
N LYS A 909 6.77 -83.87 38.44
CA LYS A 909 7.43 -82.57 38.36
C LYS A 909 6.60 -81.51 37.65
N LEU A 910 5.33 -81.38 38.05
CA LEU A 910 4.47 -80.36 37.47
C LEU A 910 5.12 -78.98 37.54
N GLY A 911 4.72 -78.12 36.62
CA GLY A 911 5.22 -76.75 36.61
C GLY A 911 4.19 -75.76 36.12
N LEU A 912 4.10 -74.61 36.77
CA LEU A 912 3.09 -73.60 36.45
C LEU A 912 3.73 -72.22 36.33
N VAL A 913 4.85 -72.16 35.61
CA VAL A 913 5.55 -70.89 35.42
C VAL A 913 4.63 -69.88 34.75
N ASN A 914 4.52 -68.69 35.36
CA ASN A 914 3.81 -67.57 34.77
C ASN A 914 2.36 -67.92 34.43
N SER A 915 1.69 -68.63 35.32
CA SER A 915 0.31 -69.03 35.10
C SER A 915 -0.71 -68.02 35.63
N GLY A 916 -0.26 -66.89 36.17
CA GLY A 916 -1.18 -65.89 36.68
C GLY A 916 -2.00 -66.33 37.87
N LEU A 917 -1.42 -67.13 38.77
CA LEU A 917 -2.15 -67.66 39.91
C LEU A 917 -2.11 -66.68 41.07
N THR A 918 -2.79 -67.05 42.16
CA THR A 918 -2.68 -66.36 43.43
C THR A 918 -2.92 -67.38 44.55
N SER A 919 -3.20 -66.87 45.74
CA SER A 919 -3.28 -67.74 46.92
C SER A 919 -4.46 -68.69 46.89
N ILE A 920 -5.41 -68.51 45.97
CA ILE A 920 -6.63 -69.31 45.98
C ILE A 920 -6.33 -70.77 45.71
N CYS A 921 -5.48 -71.05 44.70
CA CYS A 921 -5.13 -72.42 44.37
C CYS A 921 -4.13 -73.02 45.34
N CYS A 922 -3.60 -72.21 46.26
CA CYS A 922 -2.59 -72.71 47.18
C CYS A 922 -3.16 -73.75 48.14
N SER A 923 -4.44 -73.64 48.48
CA SER A 923 -5.06 -74.66 49.31
C SER A 923 -5.11 -76.01 48.59
N ALA A 924 -5.47 -75.99 47.30
CA ALA A 924 -5.46 -77.23 46.51
C ALA A 924 -4.05 -77.80 46.42
N LEU A 925 -3.05 -76.94 46.20
CA LEU A 925 -1.68 -77.41 46.17
C LEU A 925 -1.27 -78.00 47.51
N THR A 926 -1.73 -77.41 48.60
CA THR A 926 -1.49 -77.94 49.93
C THR A 926 -2.07 -79.33 50.08
N SER A 927 -3.30 -79.52 49.56
CA SER A 927 -3.90 -80.85 49.58
C SER A 927 -3.06 -81.85 48.79
N VAL A 928 -2.56 -81.43 47.63
CA VAL A 928 -1.72 -82.30 46.81
C VAL A 928 -0.48 -82.72 47.59
N LEU A 929 0.18 -81.75 48.22
CA LEU A 929 1.38 -82.06 48.99
C LEU A 929 1.06 -82.97 50.17
N LYS A 930 -0.07 -82.75 50.83
CA LYS A 930 -0.47 -83.59 51.95
C LYS A 930 -0.75 -85.02 51.53
N THR A 931 -1.30 -85.22 50.34
CA THR A 931 -1.74 -86.55 49.93
C THR A 931 -0.73 -87.28 49.05
N ASN A 932 -0.24 -86.64 47.99
CA ASN A 932 0.61 -87.34 47.03
C ASN A 932 1.97 -87.67 47.64
N GLN A 933 2.49 -88.85 47.29
CA GLN A 933 3.77 -89.32 47.78
C GLN A 933 4.85 -89.36 46.71
N ASN A 934 4.59 -88.82 45.52
CA ASN A 934 5.57 -88.82 44.44
C ASN A 934 5.76 -87.45 43.82
N PHE A 935 5.02 -86.43 44.26
CA PHE A 935 5.08 -85.10 43.68
C PHE A 935 6.33 -84.39 44.22
N THR A 936 7.46 -84.69 43.58
CA THR A 936 8.74 -84.21 44.10
C THR A 936 8.94 -82.72 43.81
N HIS A 937 9.09 -82.36 42.55
CA HIS A 937 9.40 -80.98 42.21
C HIS A 937 8.11 -80.20 41.99
N LEU A 938 8.24 -78.88 41.90
CA LEU A 938 7.10 -78.01 41.67
C LEU A 938 7.59 -76.59 41.43
N TYR A 939 7.06 -75.95 40.40
CA TYR A 939 7.51 -74.62 40.00
C TYR A 939 6.36 -73.64 40.16
N LEU A 940 6.66 -72.42 40.64
CA LEU A 940 5.61 -71.41 40.75
C LEU A 940 6.06 -70.01 40.35
N ARG A 941 7.11 -69.84 39.57
CA ARG A 941 7.62 -68.49 39.40
C ARG A 941 6.63 -67.61 38.66
N SER A 942 6.78 -66.29 38.86
CA SER A 942 5.97 -65.29 38.18
C SER A 942 4.48 -65.43 38.51
N ASN A 943 4.16 -65.90 39.71
CA ASN A 943 2.79 -66.00 40.18
C ASN A 943 2.64 -65.14 41.43
N ALA A 944 1.60 -64.30 41.46
CA ALA A 944 1.36 -63.42 42.59
C ALA A 944 0.75 -64.21 43.76
N LEU A 945 1.54 -65.14 44.29
CA LEU A 945 1.08 -65.96 45.40
C LEU A 945 0.92 -65.12 46.66
N GLY A 946 1.93 -64.34 47.01
CA GLY A 946 1.90 -63.54 48.21
C GLY A 946 2.25 -64.34 49.46
N ASP A 947 2.38 -63.61 50.57
CA ASP A 947 2.70 -64.25 51.84
C ASP A 947 1.59 -65.17 52.32
N THR A 948 0.32 -64.82 52.06
CA THR A 948 -0.76 -65.74 52.38
C THR A 948 -0.63 -67.03 51.58
N GLY A 949 -0.27 -66.93 50.30
CA GLY A 949 -0.05 -68.12 49.50
C GLY A 949 1.10 -68.96 50.03
N LEU A 950 2.18 -68.32 50.44
CA LEU A 950 3.31 -69.07 50.98
C LEU A 950 2.92 -69.75 52.29
N ARG A 951 2.11 -69.09 53.11
CA ARG A 951 1.62 -69.72 54.34
C ARG A 951 0.76 -70.92 54.02
N LEU A 952 -0.10 -70.81 53.01
CA LEU A 952 -0.94 -71.93 52.61
C LEU A 952 -0.09 -73.10 52.12
N LEU A 953 0.98 -72.81 51.36
CA LEU A 953 1.92 -73.85 50.98
C LEU A 953 2.57 -74.48 52.21
N CYS A 954 2.98 -73.65 53.16
CA CYS A 954 3.57 -74.16 54.40
C CYS A 954 2.61 -75.08 55.13
N GLU A 955 1.30 -74.82 55.01
CA GLU A 955 0.32 -75.65 55.69
C GLU A 955 0.48 -77.13 55.34
N GLY A 956 0.78 -77.42 54.08
CA GLY A 956 1.00 -78.80 53.67
C GLY A 956 2.46 -79.19 53.65
N LEU A 957 3.34 -78.19 53.62
CA LEU A 957 4.78 -78.48 53.62
C LEU A 957 5.21 -79.14 54.93
N LEU A 958 4.63 -78.68 56.05
CA LEU A 958 4.97 -79.23 57.36
C LEU A 958 4.45 -80.64 57.57
N HIS A 959 3.61 -81.14 56.67
CA HIS A 959 3.02 -82.46 56.83
C HIS A 959 4.13 -83.52 56.86
N PRO A 960 4.11 -84.46 57.82
CA PRO A 960 5.16 -85.48 57.86
C PRO A 960 5.20 -86.38 56.64
N ASP A 961 4.12 -86.47 55.89
CA ASP A 961 4.07 -87.33 54.70
C ASP A 961 4.56 -86.62 53.45
N CYS A 962 5.06 -85.39 53.57
CA CYS A 962 5.49 -84.62 52.42
C CYS A 962 6.69 -85.27 51.75
N LYS A 963 6.83 -85.03 50.44
CA LYS A 963 7.94 -85.54 49.66
C LYS A 963 8.54 -84.51 48.73
N LEU A 964 8.08 -83.26 48.79
CA LEU A 964 8.53 -82.22 47.88
C LEU A 964 10.04 -82.01 47.99
N GLN A 965 10.75 -82.24 46.88
CA GLN A 965 12.20 -82.11 46.84
C GLN A 965 12.67 -80.81 46.21
N MET A 966 11.76 -79.90 45.87
CA MET A 966 12.12 -78.57 45.43
C MET A 966 10.85 -77.74 45.36
N LEU A 967 11.00 -76.43 45.51
CA LEU A 967 9.84 -75.55 45.46
C LEU A 967 10.31 -74.17 44.99
N GLU A 968 10.23 -73.93 43.69
CA GLU A 968 10.64 -72.66 43.12
C GLU A 968 9.63 -71.57 43.46
N LEU A 969 10.12 -70.39 43.84
CA LEU A 969 9.25 -69.27 44.16
C LEU A 969 9.73 -67.96 43.53
N ASP A 970 10.58 -68.03 42.51
CA ASP A 970 11.17 -66.80 41.96
C ASP A 970 10.10 -65.85 41.47
N ASN A 971 10.31 -64.55 41.71
CA ASN A 971 9.44 -63.49 41.23
C ASN A 971 7.99 -63.68 41.67
N CYS A 972 7.76 -64.39 42.77
CA CYS A 972 6.40 -64.61 43.25
C CYS A 972 5.80 -63.38 43.93
N SER A 973 6.56 -62.30 44.07
CA SER A 973 6.13 -61.10 44.78
C SER A 973 5.78 -61.44 46.23
N LEU A 974 6.78 -61.94 46.95
CA LEU A 974 6.63 -62.28 48.35
C LEU A 974 6.98 -61.08 49.23
N THR A 975 6.86 -61.28 50.54
CA THR A 975 7.20 -60.26 51.52
C THR A 975 7.66 -60.95 52.80
N SER A 976 8.03 -60.14 53.78
CA SER A 976 8.64 -60.61 55.02
C SER A 976 7.64 -61.05 56.08
N HIS A 977 6.33 -60.97 55.80
CA HIS A 977 5.35 -61.25 56.83
C HIS A 977 5.24 -62.76 57.10
N SER A 978 5.30 -63.58 56.07
CA SER A 978 5.25 -65.04 56.22
C SER A 978 6.63 -65.64 56.44
N CYS A 979 7.55 -64.85 56.99
CA CYS A 979 8.95 -65.23 57.08
C CYS A 979 9.16 -66.31 58.15
N TRP A 980 8.42 -66.21 59.25
CA TRP A 980 8.37 -67.28 60.23
C TRP A 980 7.97 -68.59 59.58
N ASN A 981 7.11 -68.53 58.57
CA ASN A 981 6.73 -69.75 57.85
C ASN A 981 7.93 -70.35 57.13
N LEU A 982 8.78 -69.51 56.54
CA LEU A 982 10.01 -70.01 55.93
C LEU A 982 10.88 -70.71 56.96
N SER A 983 11.02 -70.08 58.14
CA SER A 983 11.81 -70.69 59.20
C SER A 983 11.24 -72.04 59.60
N THR A 984 9.91 -72.12 59.73
CA THR A 984 9.24 -73.35 60.10
C THR A 984 9.45 -74.44 59.05
N ILE A 985 9.35 -74.06 57.77
CA ILE A 985 9.55 -75.02 56.68
C ILE A 985 10.94 -75.61 56.75
N LEU A 986 11.96 -74.74 56.93
CA LEU A 986 13.31 -75.28 57.02
C LEU A 986 13.52 -76.12 58.26
N THR A 987 12.92 -75.75 59.39
CA THR A 987 13.15 -76.49 60.62
C THR A 987 12.43 -77.85 60.65
N HIS A 988 11.34 -77.99 59.92
CA HIS A 988 10.54 -79.22 60.02
C HIS A 988 10.59 -80.10 58.78
N ASN A 989 10.68 -79.53 57.58
CA ASN A 989 10.73 -80.34 56.37
C ASN A 989 12.12 -80.96 56.27
N HIS A 990 12.19 -82.28 56.48
CA HIS A 990 13.44 -83.02 56.35
C HIS A 990 13.68 -83.55 54.94
N SER A 991 12.72 -83.39 54.04
CA SER A 991 12.82 -83.92 52.69
C SER A 991 13.17 -82.88 51.64
N LEU A 992 12.68 -81.64 51.80
CA LEU A 992 12.99 -80.59 50.84
C LEU A 992 14.49 -80.34 50.80
N ARG A 993 15.05 -80.27 49.58
CA ARG A 993 16.48 -80.14 49.41
C ARG A 993 16.90 -79.02 48.47
N LYS A 994 15.97 -78.19 48.01
CA LYS A 994 16.30 -77.05 47.16
C LYS A 994 15.27 -75.96 47.40
N LEU A 995 15.50 -74.81 46.77
CA LEU A 995 14.63 -73.66 46.95
C LEU A 995 15.06 -72.57 45.98
N ASN A 996 14.18 -71.59 45.79
CA ASN A 996 14.49 -70.40 45.02
C ASN A 996 13.69 -69.22 45.56
N LEU A 997 14.35 -68.09 45.75
CA LEU A 997 13.67 -66.90 46.25
C LEU A 997 14.02 -65.65 45.45
N GLY A 998 14.36 -65.78 44.17
CA GLY A 998 14.77 -64.62 43.41
C GLY A 998 13.66 -63.60 43.29
N ASN A 999 14.07 -62.33 43.22
CA ASN A 999 13.16 -61.20 43.07
C ASN A 999 12.08 -61.20 44.16
N ASN A 1000 12.49 -61.50 45.39
CA ASN A 1000 11.59 -61.51 46.54
C ASN A 1000 12.19 -60.63 47.63
N ASP A 1001 11.57 -59.48 47.87
CA ASP A 1001 12.02 -58.57 48.91
C ASP A 1001 11.65 -59.16 50.27
N LEU A 1002 12.61 -59.83 50.90
CA LEU A 1002 12.39 -60.43 52.20
C LEU A 1002 12.95 -59.61 53.36
N GLY A 1003 13.90 -58.73 53.10
CA GLY A 1003 14.46 -57.89 54.13
C GLY A 1003 15.63 -58.55 54.86
N ASP A 1004 16.44 -57.70 55.49
CA ASP A 1004 17.65 -58.18 56.15
C ASP A 1004 17.34 -59.10 57.32
N LEU A 1005 16.31 -58.77 58.11
CA LEU A 1005 15.94 -59.62 59.23
C LEU A 1005 15.59 -61.02 58.75
N CYS A 1006 14.86 -61.12 57.63
CA CYS A 1006 14.53 -62.44 57.11
C CYS A 1006 15.78 -63.20 56.69
N VAL A 1007 16.72 -62.54 56.01
CA VAL A 1007 17.90 -63.25 55.56
C VAL A 1007 18.70 -63.76 56.75
N VAL A 1008 18.84 -62.94 57.79
CA VAL A 1008 19.62 -63.38 58.95
C VAL A 1008 18.90 -64.48 59.73
N THR A 1009 17.56 -64.42 59.77
CA THR A 1009 16.82 -65.51 60.41
C THR A 1009 16.96 -66.81 59.62
N LEU A 1010 16.90 -66.72 58.28
CA LEU A 1010 17.23 -67.86 57.44
C LEU A 1010 18.62 -68.41 57.77
N CYS A 1011 19.61 -67.52 57.93
CA CYS A 1011 20.95 -67.95 58.28
C CYS A 1011 20.96 -68.74 59.58
N GLU A 1012 20.38 -68.16 60.64
CA GLU A 1012 20.45 -68.81 61.94
C GLU A 1012 19.64 -70.11 61.96
N VAL A 1013 18.56 -70.17 61.18
CA VAL A 1013 17.84 -71.43 61.05
C VAL A 1013 18.71 -72.48 60.36
N LEU A 1014 19.39 -72.09 59.29
CA LEU A 1014 20.23 -73.03 58.57
C LEU A 1014 21.44 -73.48 59.37
N LYS A 1015 21.83 -72.71 60.39
CA LYS A 1015 23.05 -73.05 61.13
C LYS A 1015 22.99 -74.44 61.74
N GLN A 1016 21.84 -74.83 62.28
CA GLN A 1016 21.75 -76.09 63.00
C GLN A 1016 21.88 -77.28 62.05
N GLN A 1017 22.26 -78.43 62.64
CA GLN A 1017 22.43 -79.66 61.87
C GLN A 1017 21.12 -80.34 61.53
N GLY A 1018 20.00 -79.84 62.05
CA GLY A 1018 18.71 -80.46 61.75
C GLY A 1018 18.15 -80.14 60.39
N CYS A 1019 18.83 -79.30 59.60
CA CYS A 1019 18.38 -78.91 58.27
C CYS A 1019 19.21 -79.63 57.23
N LEU A 1020 18.52 -80.30 56.29
CA LEU A 1020 19.17 -81.06 55.24
C LEU A 1020 19.10 -80.37 53.88
N LEU A 1021 18.77 -79.08 53.85
CA LEU A 1021 18.75 -78.34 52.60
C LEU A 1021 20.12 -78.34 51.95
N GLN A 1022 20.16 -78.55 50.63
CA GLN A 1022 21.41 -78.66 49.90
C GLN A 1022 21.58 -77.59 48.82
N SER A 1023 20.65 -76.66 48.70
CA SER A 1023 20.81 -75.54 47.77
C SER A 1023 19.77 -74.50 48.08
N LEU A 1024 20.06 -73.25 47.71
CA LEU A 1024 19.19 -72.12 47.98
C LEU A 1024 19.70 -70.94 47.17
N GLN A 1025 18.78 -70.13 46.67
CA GLN A 1025 19.13 -68.99 45.83
C GLN A 1025 18.46 -67.74 46.36
N LEU A 1026 19.20 -66.63 46.36
CA LEU A 1026 18.72 -65.31 46.72
C LEU A 1026 19.15 -64.30 45.66
N GLY A 1027 18.97 -64.62 44.39
CA GLY A 1027 19.51 -63.79 43.34
C GLY A 1027 18.76 -62.48 43.21
N GLU A 1028 19.51 -61.42 42.92
CA GLU A 1028 18.96 -60.11 42.53
C GLU A 1028 18.11 -59.48 43.64
N MET A 1029 18.78 -59.12 44.74
CA MET A 1029 18.25 -58.15 45.68
C MET A 1029 19.42 -57.38 46.29
N TYR A 1030 19.08 -56.39 47.12
CA TYR A 1030 20.06 -55.50 47.75
C TYR A 1030 20.06 -55.76 49.25
N LEU A 1031 21.06 -56.51 49.70
CA LEU A 1031 21.20 -56.89 51.10
C LEU A 1031 22.15 -55.93 51.82
N ASN A 1032 22.54 -56.31 53.04
CA ASN A 1032 23.38 -55.51 53.91
C ASN A 1032 24.76 -56.13 54.05
N ARG A 1033 25.69 -55.32 54.58
CA ARG A 1033 27.02 -55.84 54.87
C ARG A 1033 26.97 -56.93 55.94
N GLU A 1034 26.17 -56.72 56.99
CA GLU A 1034 25.99 -57.76 58.00
C GLU A 1034 25.38 -59.01 57.37
N THR A 1035 24.42 -58.83 56.46
CA THR A 1035 23.85 -59.95 55.75
C THR A 1035 24.93 -60.71 54.97
N LYS A 1036 25.80 -59.99 54.29
CA LYS A 1036 26.88 -60.64 53.53
C LYS A 1036 27.82 -61.40 54.45
N ARG A 1037 28.15 -60.84 55.61
CA ARG A 1037 29.02 -61.55 56.53
C ARG A 1037 28.34 -62.82 57.04
N ALA A 1038 27.05 -62.75 57.35
CA ALA A 1038 26.33 -63.93 57.81
C ALA A 1038 26.31 -65.01 56.73
N LEU A 1039 26.04 -64.63 55.49
CA LEU A 1039 26.01 -65.60 54.40
C LEU A 1039 27.39 -66.22 54.18
N GLU A 1040 28.45 -65.40 54.19
CA GLU A 1040 29.79 -65.94 54.03
C GLU A 1040 30.12 -66.90 55.17
N ALA A 1041 29.76 -66.54 56.41
CA ALA A 1041 30.02 -67.43 57.53
C ALA A 1041 29.33 -68.76 57.35
N LEU A 1042 28.02 -68.75 57.10
CA LEU A 1042 27.28 -70.00 56.97
C LEU A 1042 27.84 -70.83 55.82
N GLN A 1043 28.29 -70.19 54.74
CA GLN A 1043 28.98 -70.93 53.69
C GLN A 1043 30.29 -71.51 54.21
N GLU A 1044 30.93 -70.84 55.16
CA GLU A 1044 32.23 -71.30 55.65
C GLU A 1044 32.09 -72.55 56.53
N GLU A 1045 31.24 -72.50 57.57
CA GLU A 1045 31.17 -73.66 58.45
C GLU A 1045 30.55 -74.88 57.77
N LYS A 1046 29.52 -74.68 56.95
CA LYS A 1046 28.95 -75.77 56.16
C LYS A 1046 29.09 -75.45 54.68
N PRO A 1047 30.02 -76.12 53.97
CA PRO A 1047 30.21 -75.81 52.55
C PRO A 1047 29.20 -76.48 51.63
N GLU A 1048 28.41 -77.44 52.12
CA GLU A 1048 27.48 -78.16 51.26
C GLU A 1048 26.31 -77.27 50.83
N LEU A 1049 25.88 -76.35 51.69
CA LEU A 1049 24.68 -75.55 51.44
C LEU A 1049 25.06 -74.39 50.51
N THR A 1050 24.98 -74.68 49.20
CA THR A 1050 25.33 -73.68 48.20
C THR A 1050 24.30 -72.56 48.18
N ILE A 1051 24.78 -71.33 47.99
CA ILE A 1051 23.90 -70.17 47.88
C ILE A 1051 24.36 -69.32 46.71
N VAL A 1052 23.40 -68.70 46.02
CA VAL A 1052 23.66 -67.88 44.85
C VAL A 1052 23.27 -66.45 45.22
N PHE A 1053 23.50 -66.10 46.49
CA PHE A 1053 23.06 -64.80 47.01
C PHE A 1053 23.59 -63.64 46.18
N GLU A 1054 24.81 -63.76 45.65
CA GLU A 1054 25.37 -62.68 44.86
C GLU A 1054 24.54 -62.45 43.61
N ILE A 1055 24.22 -61.19 43.35
CA ILE A 1055 23.37 -60.84 42.21
C ILE A 1055 24.14 -61.04 40.91
N ASP B 155 8.74 -26.85 -44.37
CA ASP B 155 8.33 -27.67 -43.24
C ASP B 155 8.24 -29.14 -43.62
N TYR B 156 8.48 -30.02 -42.65
CA TYR B 156 8.41 -31.45 -42.91
C TYR B 156 7.01 -31.88 -43.33
N CYS B 157 6.00 -31.38 -42.62
CA CYS B 157 4.62 -31.72 -42.96
C CYS B 157 4.26 -31.21 -44.35
N LYS B 158 4.71 -30.00 -44.70
CA LYS B 158 4.40 -29.45 -46.01
C LYS B 158 5.00 -30.29 -47.13
N MET B 159 6.27 -30.68 -46.98
CA MET B 159 6.93 -31.48 -48.02
C MET B 159 6.30 -32.87 -48.11
N TYR B 160 5.97 -33.48 -46.97
CA TYR B 160 5.34 -34.79 -47.00
C TYR B 160 3.95 -34.71 -47.64
N ARG B 161 3.22 -33.63 -47.37
CA ARG B 161 1.92 -33.43 -48.01
C ARG B 161 2.06 -33.24 -49.50
N ARG B 162 3.08 -32.50 -49.95
CA ARG B 162 3.32 -32.37 -51.38
C ARG B 162 3.63 -33.71 -52.01
N HIS B 163 4.44 -34.54 -51.34
CA HIS B 163 4.78 -35.85 -51.88
C HIS B 163 3.55 -36.74 -51.98
N VAL B 164 2.70 -36.73 -50.95
CA VAL B 164 1.52 -37.59 -51.02
C VAL B 164 0.49 -37.03 -52.00
N ARG B 165 0.49 -35.72 -52.23
CA ARG B 165 -0.32 -35.14 -53.31
C ARG B 165 0.17 -35.62 -54.67
N SER B 166 1.49 -35.67 -54.85
CA SER B 166 2.04 -36.20 -56.09
C SER B 166 1.67 -37.66 -56.27
N ARG B 167 1.74 -38.45 -55.19
CA ARG B 167 1.40 -39.87 -55.27
C ARG B 167 -0.09 -40.06 -55.59
N PHE B 168 -0.96 -39.29 -54.93
CA PHE B 168 -2.40 -39.52 -54.98
C PHE B 168 -3.11 -38.56 -55.92
N TYR B 169 -2.37 -37.85 -56.78
CA TYR B 169 -3.00 -36.98 -57.77
C TYR B 169 -3.88 -37.77 -58.74
N SER B 170 -3.40 -38.92 -59.19
CA SER B 170 -4.12 -39.76 -60.14
C SER B 170 -4.30 -41.16 -59.56
N ILE B 171 -5.21 -41.91 -60.17
CA ILE B 171 -5.49 -43.27 -59.74
C ILE B 171 -5.20 -44.25 -60.87
N SER B 181 -2.37 -41.83 -66.37
CA SER B 181 -3.64 -42.48 -66.07
C SER B 181 -4.79 -41.47 -66.10
N VAL B 182 -5.68 -41.59 -65.12
CA VAL B 182 -6.87 -40.74 -65.03
C VAL B 182 -6.79 -39.92 -63.75
N ASP B 183 -7.18 -38.65 -63.86
CA ASP B 183 -7.15 -37.76 -62.71
C ASP B 183 -8.21 -38.17 -61.69
N LEU B 184 -7.88 -38.00 -60.40
CA LEU B 184 -8.75 -38.48 -59.34
C LEU B 184 -9.90 -37.51 -59.06
N ASN B 185 -9.56 -36.28 -58.67
CA ASN B 185 -10.59 -35.34 -58.20
C ASN B 185 -11.57 -34.98 -59.31
N SER B 186 -11.08 -34.78 -60.53
CA SER B 186 -11.97 -34.44 -61.64
C SER B 186 -12.98 -35.56 -61.89
N ARG B 187 -12.53 -36.81 -61.86
CA ARG B 187 -13.41 -37.95 -61.99
C ARG B 187 -14.11 -38.32 -60.68
N TYR B 188 -13.68 -37.73 -59.56
CA TYR B 188 -14.27 -38.05 -58.26
C TYR B 188 -15.71 -37.54 -58.18
N THR B 189 -16.53 -38.30 -57.47
CA THR B 189 -17.90 -37.91 -57.19
C THR B 189 -18.23 -38.29 -55.76
N GLN B 190 -19.05 -37.46 -55.10
CA GLN B 190 -19.38 -37.69 -53.70
C GLN B 190 -20.24 -38.95 -53.54
N LEU B 191 -20.14 -39.54 -52.35
CA LEU B 191 -20.86 -40.74 -52.00
C LEU B 191 -21.76 -40.48 -50.79
N GLN B 192 -22.66 -41.42 -50.54
CA GLN B 192 -23.57 -41.37 -49.40
C GLN B 192 -23.14 -42.40 -48.38
N LEU B 193 -22.85 -41.95 -47.16
CA LEU B 193 -22.44 -42.82 -46.07
C LEU B 193 -23.26 -42.48 -44.83
N VAL B 194 -23.65 -43.52 -44.08
CA VAL B 194 -24.45 -43.37 -42.87
C VAL B 194 -23.82 -44.20 -41.77
N LYS B 195 -23.77 -43.64 -40.56
CA LYS B 195 -23.25 -44.38 -39.42
C LYS B 195 -24.25 -45.45 -38.97
N GLU B 196 -23.75 -46.66 -38.73
CA GLU B 196 -24.59 -47.74 -38.27
C GLU B 196 -24.57 -47.85 -36.74
N SER B 222 -27.25 -38.52 -42.57
CA SER B 222 -25.98 -38.91 -43.16
C SER B 222 -24.81 -38.26 -42.44
N LEU B 223 -23.76 -39.04 -42.21
CA LEU B 223 -22.56 -38.52 -41.55
C LEU B 223 -21.66 -37.85 -42.56
N LYS B 224 -21.45 -36.53 -42.39
CA LYS B 224 -20.62 -35.77 -43.31
C LYS B 224 -19.15 -36.11 -43.12
N LEU B 225 -18.39 -36.03 -44.21
CA LEU B 225 -16.98 -36.37 -44.17
C LEU B 225 -16.19 -35.38 -43.32
N GLU B 226 -16.53 -34.09 -43.39
CA GLU B 226 -15.87 -33.11 -42.54
C GLU B 226 -16.20 -33.28 -41.07
N LEU B 227 -17.26 -34.04 -40.76
CA LEU B 227 -17.71 -34.27 -39.39
C LEU B 227 -17.32 -35.66 -38.90
N LEU B 228 -16.12 -36.10 -39.27
CA LEU B 228 -15.72 -37.49 -39.02
C LEU B 228 -15.36 -37.74 -37.56
N PHE B 229 -14.32 -37.09 -37.06
CA PHE B 229 -13.71 -37.48 -35.80
C PHE B 229 -14.19 -36.66 -34.61
N GLU B 230 -15.04 -35.67 -34.81
CA GLU B 230 -15.53 -35.04 -33.58
C GLU B 230 -16.56 -35.94 -32.92
N PRO B 231 -16.56 -36.03 -31.58
CA PRO B 231 -17.54 -36.88 -30.89
C PRO B 231 -18.89 -36.19 -30.84
N GLU B 232 -19.93 -36.91 -31.28
CA GLU B 232 -21.29 -36.39 -31.16
C GLU B 232 -21.68 -36.22 -29.70
N ASP B 233 -21.26 -37.15 -28.85
CA ASP B 233 -21.48 -37.08 -27.41
C ASP B 233 -20.16 -36.78 -26.72
N GLY B 234 -20.21 -35.97 -25.67
CA GLY B 234 -19.00 -35.52 -24.99
C GLY B 234 -18.27 -36.59 -24.21
N HIS B 235 -18.87 -37.77 -24.10
CA HIS B 235 -18.30 -38.89 -23.37
C HIS B 235 -18.05 -40.08 -24.29
N SER B 236 -17.46 -39.82 -25.45
CA SER B 236 -17.11 -40.86 -26.40
C SER B 236 -15.73 -41.41 -26.05
N GLU B 237 -15.63 -42.73 -25.96
CA GLU B 237 -14.33 -43.38 -25.79
C GLU B 237 -13.48 -43.10 -27.03
N PRO B 238 -12.13 -43.23 -26.93
CA PRO B 238 -11.23 -42.68 -27.96
C PRO B 238 -11.75 -42.77 -29.39
N VAL B 239 -11.85 -41.61 -30.03
CA VAL B 239 -12.52 -41.45 -31.31
C VAL B 239 -11.67 -42.04 -32.43
N HIS B 240 -10.51 -42.59 -32.07
CA HIS B 240 -9.52 -43.05 -33.03
C HIS B 240 -9.84 -44.43 -33.59
N THR B 241 -11.01 -44.99 -33.29
CA THR B 241 -11.38 -46.34 -33.71
C THR B 241 -12.67 -46.26 -34.51
N VAL B 242 -12.53 -46.05 -35.82
CA VAL B 242 -13.65 -46.00 -36.75
C VAL B 242 -13.42 -47.03 -37.85
N VAL B 243 -14.43 -47.83 -38.13
CA VAL B 243 -14.37 -48.88 -39.14
C VAL B 243 -15.36 -48.55 -40.24
N PHE B 244 -15.02 -48.92 -41.48
CA PHE B 244 -15.84 -48.61 -42.64
C PHE B 244 -16.25 -49.90 -43.35
N GLN B 245 -17.47 -49.90 -43.86
CA GLN B 245 -18.04 -51.05 -44.55
C GLN B 245 -18.57 -50.63 -45.91
N GLY B 246 -18.57 -51.56 -46.84
CA GLY B 246 -19.08 -51.28 -48.17
C GLY B 246 -18.94 -52.51 -49.05
N ALA B 247 -19.58 -52.43 -50.22
CA ALA B 247 -19.59 -53.55 -51.15
C ALA B 247 -18.28 -53.62 -51.92
N ALA B 248 -18.23 -54.46 -52.94
CA ALA B 248 -17.08 -54.52 -53.82
C ALA B 248 -17.18 -53.41 -54.85
N GLY B 249 -16.18 -52.53 -54.87
CA GLY B 249 -16.22 -51.39 -55.76
C GLY B 249 -17.00 -50.20 -55.24
N ILE B 250 -17.36 -50.20 -53.96
CA ILE B 250 -18.11 -49.09 -53.39
C ILE B 250 -17.29 -47.82 -53.37
N GLY B 251 -15.99 -47.91 -53.13
CA GLY B 251 -15.13 -46.74 -53.10
C GLY B 251 -14.40 -46.54 -51.78
N LYS B 252 -14.16 -47.63 -51.05
CA LYS B 252 -13.35 -47.51 -49.83
C LYS B 252 -11.94 -47.05 -50.16
N THR B 253 -11.33 -47.65 -51.19
CA THR B 253 -10.00 -47.21 -51.61
C THR B 253 -10.04 -45.78 -52.14
N ILE B 254 -11.08 -45.46 -52.93
CA ILE B 254 -11.21 -44.11 -53.47
C ILE B 254 -11.45 -43.11 -52.35
N LEU B 255 -12.27 -43.49 -51.35
CA LEU B 255 -12.48 -42.62 -50.21
C LEU B 255 -11.19 -42.38 -49.44
N ALA B 256 -10.39 -43.45 -49.25
CA ALA B 256 -9.12 -43.30 -48.55
C ALA B 256 -8.16 -42.38 -49.29
N ARG B 257 -8.03 -42.59 -50.61
CA ARG B 257 -7.15 -41.74 -51.40
C ARG B 257 -7.66 -40.31 -51.44
N LYS B 258 -8.98 -40.12 -51.49
CA LYS B 258 -9.55 -38.78 -51.51
C LYS B 258 -9.30 -38.05 -50.20
N ILE B 259 -9.46 -38.73 -49.06
CA ILE B 259 -9.20 -38.07 -47.79
C ILE B 259 -7.72 -37.77 -47.63
N MET B 260 -6.85 -38.67 -48.11
CA MET B 260 -5.42 -38.39 -48.05
C MET B 260 -5.05 -37.20 -48.92
N LEU B 261 -5.69 -37.07 -50.09
CA LEU B 261 -5.42 -35.94 -50.96
C LEU B 261 -5.98 -34.64 -50.39
N ASP B 262 -7.13 -34.71 -49.72
CA ASP B 262 -7.65 -33.53 -49.03
C ASP B 262 -6.70 -33.08 -47.93
N TRP B 263 -6.18 -34.03 -47.16
CA TRP B 263 -5.15 -33.71 -46.18
C TRP B 263 -3.87 -33.23 -46.83
N ALA B 264 -3.63 -33.58 -48.09
CA ALA B 264 -2.48 -33.10 -48.83
C ALA B 264 -2.72 -31.76 -49.52
N LEU B 265 -3.96 -31.27 -49.54
CA LEU B 265 -4.30 -30.05 -50.26
C LEU B 265 -4.68 -28.90 -49.34
N GLY B 266 -4.60 -29.07 -48.03
CA GLY B 266 -4.97 -28.02 -47.11
C GLY B 266 -6.45 -27.95 -46.76
N LYS B 267 -7.19 -29.05 -46.93
CA LYS B 267 -8.64 -29.04 -46.74
C LYS B 267 -9.04 -29.54 -45.36
N LEU B 268 -8.63 -30.76 -45.00
CA LEU B 268 -9.05 -31.37 -43.75
C LEU B 268 -7.84 -31.85 -42.96
N PHE B 269 -7.99 -31.83 -41.62
CA PHE B 269 -6.95 -32.24 -40.68
C PHE B 269 -5.73 -31.32 -40.77
N LYS B 270 -5.99 -30.01 -40.76
CA LYS B 270 -4.94 -29.01 -40.68
C LYS B 270 -4.79 -28.46 -39.26
N ASP B 271 -5.86 -27.89 -38.72
CA ASP B 271 -5.88 -27.44 -37.33
C ASP B 271 -6.19 -28.56 -36.35
N LYS B 272 -6.64 -29.71 -36.84
CA LYS B 272 -7.01 -30.85 -36.01
C LYS B 272 -5.90 -31.88 -35.91
N PHE B 273 -5.40 -32.36 -37.05
CA PHE B 273 -4.30 -33.30 -37.12
C PHE B 273 -3.13 -32.66 -37.86
N ASP B 274 -2.02 -33.39 -37.92
CA ASP B 274 -0.84 -32.89 -38.62
C ASP B 274 -0.28 -33.92 -39.59
N TYR B 275 -0.43 -35.21 -39.25
CA TYR B 275 0.12 -36.29 -40.07
C TYR B 275 -0.98 -37.30 -40.41
N LEU B 276 -0.97 -37.75 -41.65
CA LEU B 276 -1.81 -38.85 -42.11
C LEU B 276 -0.94 -39.86 -42.85
N PHE B 277 -1.01 -41.12 -42.46
CA PHE B 277 -0.21 -42.18 -43.04
C PHE B 277 -1.09 -43.20 -43.75
N PHE B 278 -0.50 -43.90 -44.71
CA PHE B 278 -1.20 -44.88 -45.53
C PHE B 278 -0.50 -46.23 -45.40
N ILE B 279 -1.25 -47.24 -45.00
CA ILE B 279 -0.75 -48.61 -44.88
C ILE B 279 -1.68 -49.52 -45.67
N HIS B 280 -1.11 -50.37 -46.51
CA HIS B 280 -1.88 -51.25 -47.37
C HIS B 280 -1.54 -52.70 -47.05
N CYS B 281 -2.58 -53.54 -46.97
CA CYS B 281 -2.38 -54.94 -46.61
C CYS B 281 -1.61 -55.69 -47.69
N ARG B 282 -1.89 -55.40 -48.96
CA ARG B 282 -1.21 -56.10 -50.05
C ARG B 282 0.29 -55.83 -50.01
N GLU B 283 0.68 -54.58 -49.77
CA GLU B 283 2.10 -54.24 -49.73
C GLU B 283 2.76 -54.77 -48.47
N VAL B 284 2.03 -54.79 -47.36
CA VAL B 284 2.57 -55.27 -46.08
C VAL B 284 2.32 -56.77 -46.02
N SER B 285 3.32 -57.55 -46.42
CA SER B 285 3.20 -59.00 -46.40
C SER B 285 3.26 -59.51 -44.96
N LEU B 286 2.39 -60.48 -44.65
CA LEU B 286 2.33 -61.02 -43.29
C LEU B 286 3.47 -61.97 -42.97
N ARG B 287 4.14 -62.54 -43.97
CA ARG B 287 5.22 -63.48 -43.73
C ARG B 287 6.50 -62.80 -43.26
N THR B 288 6.73 -61.56 -43.67
CA THR B 288 7.94 -60.84 -43.26
C THR B 288 7.63 -59.97 -42.05
N PRO B 289 8.21 -60.26 -40.89
CA PRO B 289 8.01 -59.38 -39.73
C PRO B 289 8.56 -57.98 -40.00
N ARG B 290 7.86 -56.97 -39.49
CA ARG B 290 8.22 -55.59 -39.72
C ARG B 290 7.93 -54.76 -38.48
N SER B 291 8.21 -53.47 -38.58
CA SER B 291 7.94 -52.51 -37.53
C SER B 291 7.22 -51.30 -38.11
N LEU B 292 6.76 -50.43 -37.21
CA LEU B 292 6.14 -49.18 -37.65
C LEU B 292 7.14 -48.31 -38.40
N ALA B 293 8.43 -48.44 -38.10
CA ALA B 293 9.45 -47.69 -38.80
C ALA B 293 9.47 -48.04 -40.28
N ASP B 294 9.32 -49.33 -40.60
CA ASP B 294 9.28 -49.75 -42.01
C ASP B 294 8.10 -49.11 -42.72
N LEU B 295 6.92 -49.11 -42.09
CA LEU B 295 5.74 -48.51 -42.71
C LEU B 295 5.92 -47.01 -42.91
N ILE B 296 6.50 -46.33 -41.91
CA ILE B 296 6.73 -44.90 -42.03
C ILE B 296 7.70 -44.60 -43.16
N VAL B 297 8.79 -45.37 -43.24
CA VAL B 297 9.77 -45.16 -44.30
C VAL B 297 9.15 -45.41 -45.67
N SER B 298 8.34 -46.46 -45.79
CA SER B 298 7.66 -46.72 -47.06
C SER B 298 6.71 -45.58 -47.42
N CYS B 299 5.99 -45.06 -46.43
CA CYS B 299 5.07 -43.96 -46.70
C CYS B 299 5.80 -42.65 -46.91
N TRP B 300 6.91 -42.43 -46.19
CA TRP B 300 7.70 -41.23 -46.39
C TRP B 300 8.42 -41.29 -47.74
N PRO B 301 8.54 -40.17 -48.45
CA PRO B 301 9.32 -40.18 -49.70
C PRO B 301 10.80 -40.39 -49.43
N ASP B 302 11.32 -39.71 -48.42
CA ASP B 302 12.71 -39.87 -48.03
C ASP B 302 12.89 -41.18 -47.26
N PRO B 303 13.82 -42.05 -47.67
CA PRO B 303 14.09 -43.26 -46.90
C PRO B 303 14.71 -43.00 -45.53
N ASN B 304 14.98 -41.74 -45.19
CA ASN B 304 15.56 -41.36 -43.90
C ASN B 304 14.68 -40.30 -43.27
N PRO B 305 13.54 -40.69 -42.70
CA PRO B 305 12.65 -39.73 -42.07
C PRO B 305 13.10 -39.42 -40.66
N PRO B 306 12.75 -38.25 -40.12
CA PRO B 306 13.08 -37.95 -38.72
C PRO B 306 12.23 -38.76 -37.77
N VAL B 307 12.56 -40.04 -37.61
CA VAL B 307 11.76 -40.95 -36.80
C VAL B 307 11.70 -40.47 -35.35
N CYS B 308 12.81 -39.91 -34.84
CA CYS B 308 12.81 -39.38 -33.48
C CYS B 308 11.85 -38.21 -33.33
N LYS B 309 11.76 -37.35 -34.34
CA LYS B 309 10.90 -36.17 -34.27
C LYS B 309 9.43 -36.48 -34.46
N ILE B 310 9.09 -37.50 -35.25
CA ILE B 310 7.70 -37.74 -35.65
C ILE B 310 6.99 -38.75 -34.76
N LEU B 311 7.63 -39.24 -33.70
CA LEU B 311 7.03 -40.24 -32.82
C LEU B 311 6.79 -39.69 -31.40
N ARG B 312 6.41 -38.42 -31.29
CA ARG B 312 6.18 -37.80 -29.99
C ARG B 312 4.73 -37.40 -29.72
N LYS B 313 3.97 -37.07 -30.76
CA LYS B 313 2.57 -36.65 -30.62
C LYS B 313 1.71 -37.52 -31.53
N PRO B 314 1.32 -38.70 -31.07
CA PRO B 314 0.47 -39.57 -31.89
C PRO B 314 -0.92 -39.01 -32.14
N SER B 315 -1.35 -38.01 -31.38
CA SER B 315 -2.69 -37.45 -31.58
C SER B 315 -2.86 -36.92 -33.00
N ARG B 316 -1.84 -36.25 -33.53
CA ARG B 316 -1.90 -35.70 -34.87
C ARG B 316 -1.41 -36.68 -35.92
N ILE B 317 -1.46 -37.99 -35.64
CA ILE B 317 -1.06 -39.03 -36.57
C ILE B 317 -2.21 -40.01 -36.73
N LEU B 318 -2.58 -40.29 -37.96
CA LEU B 318 -3.66 -41.21 -38.28
C LEU B 318 -3.15 -42.26 -39.25
N PHE B 319 -3.34 -43.53 -38.91
CA PHE B 319 -2.91 -44.65 -39.73
C PHE B 319 -4.12 -45.22 -40.46
N LEU B 320 -3.98 -45.38 -41.78
CA LEU B 320 -5.06 -45.85 -42.62
C LEU B 320 -4.81 -47.31 -43.00
N MET B 321 -5.83 -48.14 -42.79
CA MET B 321 -5.74 -49.58 -43.08
C MET B 321 -6.84 -49.92 -44.08
N ASP B 322 -6.47 -49.97 -45.35
CA ASP B 322 -7.40 -50.24 -46.44
C ASP B 322 -7.30 -51.69 -46.86
N GLY B 323 -8.42 -52.26 -47.29
CA GLY B 323 -8.46 -53.64 -47.71
C GLY B 323 -8.16 -54.61 -46.59
N PHE B 324 -8.80 -54.41 -45.44
CA PHE B 324 -8.57 -55.24 -44.25
C PHE B 324 -8.85 -56.71 -44.48
N ASP B 325 -9.42 -57.09 -45.62
CA ASP B 325 -9.79 -58.48 -45.84
C ASP B 325 -8.58 -59.40 -46.04
N GLU B 326 -7.36 -58.95 -45.74
CA GLU B 326 -6.15 -59.73 -45.96
C GLU B 326 -5.23 -59.70 -44.74
N LEU B 327 -5.80 -59.69 -43.52
CA LEU B 327 -5.00 -59.55 -42.32
C LEU B 327 -5.25 -60.62 -41.27
N GLN B 328 -6.49 -61.10 -41.15
CA GLN B 328 -6.85 -62.04 -40.10
C GLN B 328 -6.47 -63.48 -40.43
N GLY B 329 -5.52 -63.70 -41.32
CA GLY B 329 -5.13 -65.06 -41.66
C GLY B 329 -4.67 -65.89 -40.48
N ALA B 330 -4.21 -65.23 -39.41
CA ALA B 330 -3.76 -65.93 -38.21
C ALA B 330 -4.21 -65.25 -36.93
N PHE B 331 -5.21 -64.36 -36.99
CA PHE B 331 -5.71 -63.73 -35.76
C PHE B 331 -6.39 -64.75 -34.86
N ASP B 332 -6.93 -65.82 -35.44
CA ASP B 332 -7.63 -66.83 -34.66
C ASP B 332 -6.71 -67.61 -33.73
N GLU B 333 -5.39 -67.48 -33.91
CA GLU B 333 -4.41 -68.14 -33.05
C GLU B 333 -3.46 -67.18 -32.37
N HIS B 334 -3.35 -65.95 -32.85
CA HIS B 334 -2.42 -64.95 -32.31
C HIS B 334 -3.12 -63.95 -31.40
N ILE B 335 -4.11 -64.42 -30.64
CA ILE B 335 -4.87 -63.53 -29.76
C ILE B 335 -3.97 -62.98 -28.65
N GLY B 336 -3.15 -63.84 -28.04
CA GLY B 336 -2.35 -63.45 -26.90
C GLY B 336 -0.99 -62.86 -27.18
N GLU B 337 -0.60 -62.72 -28.44
CA GLU B 337 0.70 -62.15 -28.78
C GLU B 337 0.55 -60.64 -28.98
N VAL B 338 1.20 -59.87 -28.09
CA VAL B 338 1.05 -58.43 -28.03
C VAL B 338 2.42 -57.79 -28.14
N CYS B 339 2.56 -56.83 -29.06
CA CYS B 339 3.78 -56.06 -29.22
C CYS B 339 3.49 -54.58 -29.08
N THR B 340 4.31 -53.87 -28.31
CA THR B 340 4.10 -52.45 -28.07
C THR B 340 5.31 -51.58 -28.40
N ASP B 341 6.40 -52.16 -28.91
CA ASP B 341 7.58 -51.40 -29.29
C ASP B 341 7.48 -51.06 -30.77
N TRP B 342 7.52 -49.76 -31.08
CA TRP B 342 7.40 -49.31 -32.46
C TRP B 342 8.58 -49.76 -33.31
N GLN B 343 9.75 -49.94 -32.69
CA GLN B 343 10.95 -50.35 -33.40
C GLN B 343 11.12 -51.86 -33.45
N LYS B 344 10.22 -52.61 -32.83
CA LYS B 344 10.34 -54.07 -32.79
C LYS B 344 9.81 -54.67 -34.08
N ALA B 345 10.53 -55.67 -34.60
CA ALA B 345 10.18 -56.33 -35.85
C ALA B 345 9.38 -57.59 -35.53
N VAL B 346 8.07 -57.52 -35.69
CA VAL B 346 7.17 -58.64 -35.45
C VAL B 346 6.26 -58.75 -36.67
N ARG B 347 5.66 -59.94 -36.84
CA ARG B 347 4.76 -60.21 -37.94
C ARG B 347 3.73 -59.09 -38.11
N GLY B 348 3.41 -58.78 -39.37
CA GLY B 348 2.52 -57.66 -39.64
C GLY B 348 1.15 -57.83 -39.01
N ASP B 349 0.59 -59.03 -39.08
CA ASP B 349 -0.73 -59.26 -38.50
C ASP B 349 -0.73 -59.04 -36.99
N ILE B 350 0.28 -59.58 -36.30
CA ILE B 350 0.35 -59.41 -34.84
C ILE B 350 0.53 -57.95 -34.48
N LEU B 351 1.40 -57.25 -35.21
CA LEU B 351 1.62 -55.83 -34.95
C LEU B 351 0.33 -55.02 -35.14
N LEU B 352 -0.39 -55.30 -36.23
CA LEU B 352 -1.61 -54.56 -36.49
C LEU B 352 -2.69 -54.87 -35.47
N SER B 353 -2.77 -56.13 -35.02
CA SER B 353 -3.71 -56.48 -33.96
C SER B 353 -3.37 -55.76 -32.67
N SER B 354 -2.08 -55.60 -32.38
CA SER B 354 -1.67 -54.79 -31.23
C SER B 354 -2.09 -53.34 -31.42
N LEU B 355 -1.94 -52.81 -32.63
CA LEU B 355 -2.35 -51.43 -32.89
C LEU B 355 -3.84 -51.22 -32.69
N ILE B 356 -4.66 -52.19 -33.09
CA ILE B 356 -6.11 -51.99 -33.09
C ILE B 356 -6.62 -51.74 -31.67
N ARG B 357 -6.18 -52.54 -30.71
CA ARG B 357 -6.71 -52.46 -29.35
C ARG B 357 -6.14 -51.29 -28.56
N LYS B 358 -5.45 -50.36 -29.21
CA LYS B 358 -4.95 -49.13 -28.58
C LYS B 358 -4.00 -49.43 -27.42
N LYS B 359 -2.90 -50.10 -27.76
CA LYS B 359 -1.80 -50.29 -26.82
C LYS B 359 -0.43 -49.93 -27.39
N LEU B 360 -0.25 -50.02 -28.71
CA LEU B 360 0.93 -49.48 -29.37
C LEU B 360 0.54 -48.13 -29.96
N LEU B 361 1.16 -47.07 -29.48
CA LEU B 361 0.71 -45.70 -29.72
C LEU B 361 -0.79 -45.60 -29.41
N PRO B 362 -1.18 -45.83 -28.15
CA PRO B 362 -2.62 -45.96 -27.85
C PRO B 362 -3.43 -44.72 -28.17
N LYS B 363 -2.82 -43.55 -28.16
CA LYS B 363 -3.52 -42.30 -28.39
C LYS B 363 -3.42 -41.85 -29.85
N ALA B 364 -2.74 -42.61 -30.69
CA ALA B 364 -2.74 -42.36 -32.13
C ALA B 364 -4.09 -42.71 -32.73
N SER B 365 -4.26 -42.36 -34.01
CA SER B 365 -5.54 -42.54 -34.69
C SER B 365 -5.47 -43.68 -35.70
N LEU B 366 -6.62 -44.34 -35.90
CA LEU B 366 -6.73 -45.43 -36.86
C LEU B 366 -8.01 -45.27 -37.67
N LEU B 367 -7.92 -45.57 -38.96
CA LEU B 367 -9.08 -45.58 -39.85
C LEU B 367 -9.00 -46.83 -40.73
N ILE B 368 -9.91 -47.77 -40.52
CA ILE B 368 -9.88 -49.08 -41.17
C ILE B 368 -11.09 -49.19 -42.09
N THR B 369 -10.85 -49.59 -43.34
CA THR B 369 -11.91 -49.85 -44.31
C THR B 369 -11.97 -51.34 -44.58
N THR B 370 -13.14 -51.94 -44.35
CA THR B 370 -13.29 -53.38 -44.41
C THR B 370 -14.54 -53.74 -45.22
N ARG B 371 -14.52 -54.94 -45.80
CA ARG B 371 -15.75 -55.57 -46.24
C ARG B 371 -16.58 -55.96 -45.01
N PRO B 372 -17.90 -55.84 -45.08
CA PRO B 372 -18.74 -56.11 -43.90
C PRO B 372 -18.92 -57.58 -43.60
N VAL B 373 -18.29 -58.48 -44.35
CA VAL B 373 -18.64 -59.90 -44.28
C VAL B 373 -18.27 -60.51 -42.93
N ALA B 374 -17.04 -60.26 -42.47
CA ALA B 374 -16.48 -61.01 -41.36
C ALA B 374 -15.98 -60.08 -40.26
N LEU B 375 -16.81 -59.12 -39.86
CA LEU B 375 -16.48 -58.24 -38.74
C LEU B 375 -16.73 -58.88 -37.39
N GLU B 376 -17.37 -60.04 -37.34
CA GLU B 376 -17.86 -60.58 -36.08
C GLU B 376 -16.74 -60.72 -35.04
N LYS B 377 -15.60 -61.25 -35.44
CA LYS B 377 -14.48 -61.35 -34.52
C LYS B 377 -13.78 -60.02 -34.30
N LEU B 378 -13.70 -59.18 -35.35
CA LEU B 378 -12.92 -57.95 -35.26
C LEU B 378 -13.49 -57.00 -34.21
N GLN B 379 -14.81 -57.02 -34.00
CA GLN B 379 -15.42 -56.15 -33.00
C GLN B 379 -14.92 -56.49 -31.60
N HIS B 380 -14.48 -57.73 -31.38
CA HIS B 380 -13.82 -58.06 -30.12
C HIS B 380 -12.53 -57.29 -29.94
N LEU B 381 -11.74 -57.17 -31.00
CA LEU B 381 -10.50 -56.41 -30.95
C LEU B 381 -10.72 -54.90 -30.93
N LEU B 382 -11.95 -54.44 -31.13
CA LEU B 382 -12.25 -53.02 -31.23
C LEU B 382 -12.62 -52.46 -29.87
N ASP B 383 -12.12 -51.27 -29.57
CA ASP B 383 -12.38 -50.58 -28.30
C ASP B 383 -13.27 -49.37 -28.61
N HIS B 384 -14.59 -49.59 -28.54
CA HIS B 384 -15.59 -48.57 -28.82
C HIS B 384 -15.37 -47.92 -30.18
N PRO B 385 -15.54 -48.67 -31.27
CA PRO B 385 -15.38 -48.08 -32.61
C PRO B 385 -16.65 -47.39 -33.07
N ARG B 386 -16.66 -46.91 -34.31
CA ARG B 386 -17.90 -46.55 -34.98
C ARG B 386 -17.92 -47.20 -36.35
N HIS B 387 -18.93 -48.03 -36.60
CA HIS B 387 -19.09 -48.69 -37.89
C HIS B 387 -19.88 -47.79 -38.82
N VAL B 388 -19.27 -47.38 -39.92
CA VAL B 388 -19.90 -46.51 -40.90
C VAL B 388 -19.93 -47.24 -42.24
N GLU B 389 -21.12 -47.36 -42.82
CA GLU B 389 -21.28 -47.98 -44.13
C GLU B 389 -21.33 -46.91 -45.21
N ILE B 390 -20.84 -47.26 -46.40
CA ILE B 390 -20.86 -46.37 -47.55
C ILE B 390 -21.82 -46.95 -48.57
N LEU B 391 -22.80 -46.15 -49.00
CA LEU B 391 -23.82 -46.61 -49.93
C LEU B 391 -23.58 -46.21 -51.36
N GLY B 392 -22.71 -45.23 -51.62
CA GLY B 392 -22.38 -44.86 -52.98
C GLY B 392 -23.22 -43.72 -53.54
N PHE B 393 -23.37 -43.70 -54.86
CA PHE B 393 -24.01 -42.59 -55.53
C PHE B 393 -25.52 -42.57 -55.25
N SER B 394 -26.09 -41.38 -55.35
CA SER B 394 -27.52 -41.18 -55.50
C SER B 394 -27.79 -40.88 -56.97
N GLU B 395 -29.02 -40.49 -57.29
CA GLU B 395 -29.34 -40.10 -58.66
C GLU B 395 -28.50 -38.91 -59.10
N ALA B 396 -28.49 -37.84 -58.29
CA ALA B 396 -27.73 -36.64 -58.65
C ALA B 396 -26.24 -36.92 -58.70
N LYS B 397 -25.74 -37.74 -57.77
CA LYS B 397 -24.32 -38.09 -57.80
C LYS B 397 -23.98 -38.91 -59.03
N ARG B 398 -24.89 -39.80 -59.44
CA ARG B 398 -24.70 -40.51 -60.70
C ARG B 398 -24.64 -39.53 -61.87
N LYS B 399 -25.50 -38.51 -61.85
CA LYS B 399 -25.48 -37.50 -62.91
C LYS B 399 -24.13 -36.80 -62.95
N GLU B 400 -23.63 -36.41 -61.78
CA GLU B 400 -22.36 -35.72 -61.70
C GLU B 400 -21.21 -36.61 -62.17
N TYR B 401 -21.24 -37.89 -61.79
CA TYR B 401 -20.17 -38.79 -62.20
C TYR B 401 -20.15 -38.99 -63.71
N PHE B 402 -21.31 -39.24 -64.32
CA PHE B 402 -21.33 -39.42 -65.77
C PHE B 402 -21.00 -38.11 -66.51
N PHE B 403 -21.29 -36.96 -65.90
CA PHE B 403 -20.75 -35.71 -66.45
C PHE B 403 -19.24 -35.69 -66.39
N LYS B 404 -18.66 -36.12 -65.26
CA LYS B 404 -17.21 -36.03 -65.09
C LYS B 404 -16.44 -37.10 -65.86
N TYR B 405 -17.11 -38.16 -66.33
CA TYR B 405 -16.42 -39.19 -67.08
C TYR B 405 -16.21 -38.80 -68.55
N PHE B 406 -17.30 -38.62 -69.29
CA PHE B 406 -17.21 -38.34 -70.72
C PHE B 406 -16.79 -36.88 -70.94
N SER B 407 -15.96 -36.68 -71.97
CA SER B 407 -15.52 -35.33 -72.32
C SER B 407 -16.55 -34.56 -73.12
N ASN B 408 -17.57 -35.22 -73.65
CA ASN B 408 -18.63 -34.58 -74.42
C ASN B 408 -19.90 -34.57 -73.59
N GLU B 409 -20.52 -33.40 -73.45
CA GLU B 409 -21.76 -33.29 -72.69
C GLU B 409 -22.89 -34.06 -73.37
N LEU B 410 -23.00 -33.97 -74.70
CA LEU B 410 -24.09 -34.62 -75.41
C LEU B 410 -23.98 -36.14 -75.32
N GLN B 411 -22.77 -36.68 -75.44
CA GLN B 411 -22.57 -38.12 -75.27
C GLN B 411 -22.95 -38.56 -73.86
N ALA B 412 -22.58 -37.75 -72.87
CA ALA B 412 -22.96 -38.05 -71.49
C ALA B 412 -24.47 -38.05 -71.33
N ARG B 413 -25.17 -37.09 -71.94
CA ARG B 413 -26.62 -37.02 -71.82
C ARG B 413 -27.30 -38.20 -72.50
N GLU B 414 -26.78 -38.62 -73.65
CA GLU B 414 -27.29 -39.84 -74.28
C GLU B 414 -27.06 -41.04 -73.37
N ALA B 415 -25.91 -41.08 -72.69
CA ALA B 415 -25.66 -42.13 -71.72
C ALA B 415 -26.69 -42.11 -70.60
N PHE B 416 -27.03 -40.91 -70.10
CA PHE B 416 -28.06 -40.82 -69.06
C PHE B 416 -29.38 -41.35 -69.57
N ARG B 417 -29.77 -40.95 -70.78
CA ARG B 417 -31.06 -41.37 -71.32
C ARG B 417 -31.13 -42.88 -71.44
N LEU B 418 -30.06 -43.51 -71.95
CA LEU B 418 -30.06 -44.96 -72.04
C LEU B 418 -29.97 -45.62 -70.66
N ILE B 419 -29.41 -44.94 -69.66
CA ILE B 419 -29.41 -45.48 -68.30
C ILE B 419 -30.83 -45.51 -67.73
N GLN B 420 -31.56 -44.40 -67.85
CA GLN B 420 -32.95 -44.43 -67.44
C GLN B 420 -33.82 -45.29 -68.34
N GLU B 421 -33.33 -45.67 -69.52
CA GLU B 421 -34.09 -46.63 -70.34
C GLU B 421 -34.21 -47.97 -69.62
N ASN B 422 -33.15 -48.42 -68.97
CA ASN B 422 -33.13 -49.69 -68.25
C ASN B 422 -33.14 -49.41 -66.76
N GLU B 423 -34.27 -49.72 -66.10
CA GLU B 423 -34.38 -49.49 -64.66
C GLU B 423 -33.37 -50.34 -63.89
N VAL B 424 -33.15 -51.58 -64.33
CA VAL B 424 -32.23 -52.47 -63.63
C VAL B 424 -30.82 -51.90 -63.65
N LEU B 425 -30.36 -51.43 -64.82
CA LEU B 425 -29.02 -50.87 -64.91
C LEU B 425 -28.90 -49.58 -64.10
N PHE B 426 -29.94 -48.75 -64.12
CA PHE B 426 -29.91 -47.53 -63.33
C PHE B 426 -29.80 -47.83 -61.84
N THR B 427 -30.53 -48.85 -61.38
CA THR B 427 -30.42 -49.27 -59.98
C THR B 427 -29.03 -49.83 -59.69
N MET B 428 -28.48 -50.63 -60.61
CA MET B 428 -27.14 -51.16 -60.42
C MET B 428 -26.09 -50.06 -60.37
N CYS B 429 -26.34 -48.93 -61.01
CA CYS B 429 -25.34 -47.85 -61.03
C CYS B 429 -25.16 -47.17 -59.68
N PHE B 430 -25.72 -47.63 -58.56
CA PHE B 430 -25.37 -47.01 -57.29
C PHE B 430 -23.98 -47.40 -56.84
N ILE B 431 -23.36 -48.38 -57.50
CA ILE B 431 -21.97 -48.75 -57.25
C ILE B 431 -21.11 -48.00 -58.25
N PRO B 432 -20.14 -47.18 -57.80
CA PRO B 432 -19.33 -46.41 -58.76
C PRO B 432 -18.53 -47.29 -59.71
N LEU B 433 -18.14 -48.49 -59.29
CA LEU B 433 -17.39 -49.37 -60.18
C LEU B 433 -18.22 -49.74 -61.41
N VAL B 434 -19.50 -50.05 -61.21
CA VAL B 434 -20.37 -50.36 -62.35
C VAL B 434 -20.53 -49.14 -63.24
N CYS B 435 -20.55 -47.94 -62.64
CA CYS B 435 -20.59 -46.72 -63.44
C CYS B 435 -19.35 -46.59 -64.31
N TRP B 436 -18.17 -46.85 -63.76
CA TRP B 436 -16.95 -46.79 -64.54
C TRP B 436 -16.97 -47.81 -65.67
N ILE B 437 -17.40 -49.04 -65.36
CA ILE B 437 -17.41 -50.09 -66.38
C ILE B 437 -18.38 -49.75 -67.51
N VAL B 438 -19.58 -49.27 -67.15
CA VAL B 438 -20.56 -48.95 -68.18
C VAL B 438 -20.12 -47.74 -69.00
N CYS B 439 -19.46 -46.76 -68.37
CA CYS B 439 -18.97 -45.61 -69.13
C CYS B 439 -17.90 -46.03 -70.12
N THR B 440 -16.95 -46.88 -69.69
CA THR B 440 -15.93 -47.36 -70.62
C THR B 440 -16.55 -48.18 -71.73
N GLY B 441 -17.54 -49.02 -71.41
CA GLY B 441 -18.21 -49.80 -72.44
C GLY B 441 -18.91 -48.94 -73.46
N LEU B 442 -19.63 -47.90 -73.00
CA LEU B 442 -20.31 -46.99 -73.91
C LEU B 442 -19.31 -46.23 -74.77
N LYS B 443 -18.17 -45.84 -74.19
CA LYS B 443 -17.13 -45.19 -74.98
C LYS B 443 -16.63 -46.11 -76.08
N GLN B 444 -16.36 -47.36 -75.75
CA GLN B 444 -15.89 -48.31 -76.75
C GLN B 444 -16.95 -48.55 -77.82
N GLN B 445 -18.23 -48.58 -77.42
CA GLN B 445 -19.30 -48.78 -78.39
C GLN B 445 -19.40 -47.62 -79.36
N MET B 446 -19.45 -46.39 -78.86
CA MET B 446 -19.70 -45.27 -79.75
C MET B 446 -18.47 -44.88 -80.57
N GLU B 447 -17.26 -45.08 -80.04
CA GLU B 447 -16.07 -44.79 -80.85
C GLU B 447 -15.98 -45.73 -82.04
N THR B 448 -16.27 -47.01 -81.84
CA THR B 448 -16.22 -47.99 -82.92
C THR B 448 -17.45 -47.98 -83.80
N GLY B 449 -18.43 -47.12 -83.52
CA GLY B 449 -19.65 -47.04 -84.29
C GLY B 449 -20.78 -47.91 -83.79
N LYS B 450 -20.54 -48.75 -82.80
CA LYS B 450 -21.60 -49.59 -82.25
C LYS B 450 -22.62 -48.74 -81.50
N SER B 451 -23.88 -49.19 -81.52
CA SER B 451 -24.94 -48.48 -80.83
C SER B 451 -24.78 -48.61 -79.31
N LEU B 452 -25.38 -47.68 -78.59
CA LEU B 452 -25.29 -47.66 -77.14
C LEU B 452 -26.46 -48.32 -76.43
N ALA B 453 -27.58 -48.50 -77.12
CA ALA B 453 -28.74 -49.13 -76.50
C ALA B 453 -28.51 -50.61 -76.19
N GLN B 454 -27.57 -51.25 -76.89
CA GLN B 454 -27.27 -52.65 -76.61
C GLN B 454 -26.69 -52.82 -75.21
N THR B 455 -25.89 -51.85 -74.75
CA THR B 455 -25.38 -51.88 -73.39
C THR B 455 -26.52 -51.82 -72.39
N SER B 456 -27.50 -50.95 -72.62
CA SER B 456 -28.66 -50.87 -71.74
C SER B 456 -29.45 -52.16 -71.76
N LYS B 457 -29.60 -52.78 -72.92
CA LYS B 457 -30.37 -54.03 -73.02
C LYS B 457 -29.69 -55.17 -72.27
N THR B 458 -28.38 -55.09 -72.06
CA THR B 458 -27.65 -56.13 -71.35
C THR B 458 -27.79 -55.91 -69.86
N THR B 459 -28.33 -56.89 -69.16
CA THR B 459 -28.59 -56.79 -67.72
C THR B 459 -27.84 -57.88 -66.98
N THR B 460 -27.32 -57.51 -65.80
CA THR B 460 -26.77 -58.45 -64.81
C THR B 460 -25.45 -59.04 -65.28
N ALA B 461 -25.09 -58.83 -66.54
CA ALA B 461 -23.88 -59.37 -67.15
C ALA B 461 -23.01 -58.25 -67.68
N VAL B 462 -22.82 -57.22 -66.86
CA VAL B 462 -22.03 -56.05 -67.28
C VAL B 462 -20.59 -56.45 -67.53
N TYR B 463 -20.02 -57.27 -66.65
CA TYR B 463 -18.62 -57.67 -66.80
C TYR B 463 -18.41 -58.49 -68.07
N VAL B 464 -19.28 -59.47 -68.33
CA VAL B 464 -19.09 -60.34 -69.48
C VAL B 464 -19.26 -59.58 -70.79
N PHE B 465 -20.30 -58.76 -70.87
CA PHE B 465 -20.51 -57.95 -72.08
C PHE B 465 -19.38 -56.95 -72.27
N PHE B 466 -18.89 -56.37 -71.17
CA PHE B 466 -17.76 -55.44 -71.25
C PHE B 466 -16.52 -56.13 -71.78
N LEU B 467 -16.25 -57.35 -71.29
CA LEU B 467 -15.08 -58.09 -71.78
C LEU B 467 -15.25 -58.46 -73.25
N SER B 468 -16.46 -58.86 -73.65
CA SER B 468 -16.70 -59.21 -75.06
C SER B 468 -16.52 -57.99 -75.95
N SER B 469 -17.01 -56.83 -75.53
CA SER B 469 -16.84 -55.62 -76.32
C SER B 469 -15.39 -55.17 -76.37
N LEU B 470 -14.62 -55.42 -75.30
CA LEU B 470 -13.22 -55.06 -75.29
C LEU B 470 -12.45 -55.82 -76.36
N LEU B 471 -12.72 -57.11 -76.52
CA LEU B 471 -12.02 -57.94 -77.47
C LEU B 471 -12.83 -58.15 -78.74
N PHE B 482 -5.89 -67.37 -78.64
CA PHE B 482 -6.21 -66.58 -77.47
C PHE B 482 -6.59 -67.49 -76.29
N SER B 483 -6.80 -68.76 -76.59
CA SER B 483 -7.17 -69.71 -75.54
C SER B 483 -6.05 -69.88 -74.53
N ASP B 484 -4.79 -69.92 -74.99
CA ASP B 484 -3.67 -70.03 -74.07
C ASP B 484 -3.58 -68.81 -73.15
N TYR B 485 -3.77 -67.62 -73.70
CA TYR B 485 -3.73 -66.41 -72.89
C TYR B 485 -4.81 -66.44 -71.81
N LEU B 486 -6.03 -66.82 -72.20
CA LEU B 486 -7.13 -66.88 -71.24
C LEU B 486 -6.86 -67.93 -70.17
N GLN B 487 -6.35 -69.10 -70.57
CA GLN B 487 -6.05 -70.15 -69.59
C GLN B 487 -4.98 -69.70 -68.62
N GLY B 488 -3.93 -69.05 -69.13
CA GLY B 488 -2.86 -68.58 -68.25
C GLY B 488 -3.34 -67.52 -67.27
N LEU B 489 -4.11 -66.54 -67.77
CA LEU B 489 -4.62 -65.50 -66.89
C LEU B 489 -5.57 -66.07 -65.85
N CYS B 490 -6.43 -67.00 -66.26
CA CYS B 490 -7.37 -67.61 -65.33
C CYS B 490 -6.65 -68.42 -64.26
N SER B 491 -5.62 -69.19 -64.65
CA SER B 491 -4.87 -69.95 -63.67
C SER B 491 -4.06 -69.04 -62.74
N LEU B 492 -3.55 -67.93 -63.27
CA LEU B 492 -2.89 -66.94 -62.42
C LEU B 492 -3.85 -66.39 -61.38
N ALA B 493 -5.07 -66.04 -61.80
CA ALA B 493 -6.06 -65.54 -60.86
C ALA B 493 -6.41 -66.61 -59.83
N ALA B 494 -6.54 -67.86 -60.26
CA ALA B 494 -6.89 -68.93 -59.33
C ALA B 494 -5.78 -69.15 -58.30
N ASP B 495 -4.52 -69.17 -58.75
CA ASP B 495 -3.43 -69.34 -57.80
C ASP B 495 -3.28 -68.16 -56.88
N GLY B 496 -3.55 -66.94 -57.35
CA GLY B 496 -3.64 -65.81 -56.46
C GLY B 496 -4.75 -65.98 -55.43
N ILE B 497 -5.85 -66.61 -55.85
CA ILE B 497 -6.96 -66.87 -54.93
C ILE B 497 -6.51 -67.81 -53.82
N TRP B 498 -5.86 -68.92 -54.19
CA TRP B 498 -5.38 -69.85 -53.16
C TRP B 498 -4.33 -69.19 -52.27
N ASN B 499 -3.38 -68.49 -52.87
CA ASN B 499 -2.21 -67.98 -52.15
C ASN B 499 -2.43 -66.62 -51.51
N GLN B 500 -3.60 -66.00 -51.71
CA GLN B 500 -3.88 -64.66 -51.21
C GLN B 500 -2.83 -63.65 -51.69
N LYS B 501 -2.32 -63.87 -52.91
CA LYS B 501 -1.26 -63.06 -53.49
C LYS B 501 -1.84 -62.18 -54.59
N ILE B 502 -1.47 -60.90 -54.58
CA ILE B 502 -1.94 -59.96 -55.59
C ILE B 502 -0.73 -59.40 -56.33
N LEU B 503 0.42 -59.36 -55.65
CA LEU B 503 1.65 -58.84 -56.24
C LEU B 503 2.44 -59.99 -56.87
N PHE B 504 1.91 -60.49 -57.98
CA PHE B 504 2.48 -61.66 -58.64
C PHE B 504 3.87 -61.36 -59.18
N GLU B 505 4.70 -62.40 -59.27
CA GLU B 505 6.03 -62.31 -59.83
C GLU B 505 6.10 -63.14 -61.11
N GLU B 506 7.30 -63.25 -61.68
CA GLU B 506 7.46 -63.96 -62.94
C GLU B 506 7.17 -65.45 -62.81
N CYS B 507 7.41 -66.03 -61.63
CA CYS B 507 7.31 -67.47 -61.47
C CYS B 507 5.88 -67.97 -61.73
N ASP B 508 4.88 -67.20 -61.28
CA ASP B 508 3.49 -67.59 -61.54
C ASP B 508 3.22 -67.64 -63.04
N LEU B 509 3.64 -66.62 -63.78
CA LEU B 509 3.42 -66.60 -65.22
C LEU B 509 4.18 -67.74 -65.91
N ARG B 510 5.37 -68.07 -65.41
CA ARG B 510 6.11 -69.21 -65.95
C ARG B 510 5.34 -70.51 -65.73
N LYS B 511 4.80 -70.70 -64.51
CA LYS B 511 4.06 -71.91 -64.21
C LYS B 511 2.81 -72.02 -65.06
N HIS B 512 2.10 -70.91 -65.26
CA HIS B 512 0.86 -70.91 -66.02
C HIS B 512 1.10 -70.76 -67.52
N GLY B 513 2.33 -70.63 -67.96
CA GLY B 513 2.62 -70.40 -69.36
C GLY B 513 2.39 -68.99 -69.84
N LEU B 514 2.10 -68.06 -68.94
CA LEU B 514 1.94 -66.66 -69.31
C LEU B 514 3.30 -66.04 -69.59
N GLN B 515 3.38 -65.30 -70.69
CA GLN B 515 4.62 -64.69 -71.15
C GLN B 515 4.54 -63.17 -71.04
N LYS B 516 5.61 -62.51 -71.48
CA LYS B 516 5.68 -61.05 -71.39
C LYS B 516 4.68 -60.38 -72.31
N THR B 517 4.32 -61.02 -73.41
CA THR B 517 3.38 -60.46 -74.37
C THR B 517 1.91 -60.65 -73.94
N ASP B 518 1.67 -61.03 -72.69
CA ASP B 518 0.32 -61.29 -72.20
C ASP B 518 -0.19 -60.16 -71.30
N VAL B 519 0.14 -58.91 -71.62
CA VAL B 519 -0.29 -57.76 -70.83
C VAL B 519 -1.58 -57.22 -71.43
N SER B 520 -2.59 -57.01 -70.59
CA SER B 520 -3.88 -56.49 -70.99
C SER B 520 -4.24 -55.28 -70.12
N ALA B 521 -5.43 -54.73 -70.37
CA ALA B 521 -5.88 -53.57 -69.63
C ALA B 521 -6.18 -53.90 -68.17
N PHE B 522 -6.75 -55.10 -67.91
CA PHE B 522 -7.09 -55.47 -66.54
C PHE B 522 -5.85 -55.60 -65.68
N LEU B 523 -4.78 -56.18 -66.23
CA LEU B 523 -3.53 -56.31 -65.50
C LEU B 523 -2.79 -54.97 -65.48
N ARG B 524 -1.74 -54.91 -64.67
CA ARG B 524 -0.95 -53.68 -64.57
C ARG B 524 0.45 -54.03 -64.10
N MET B 525 1.45 -53.55 -64.83
CA MET B 525 2.86 -53.70 -64.49
C MET B 525 3.32 -52.46 -63.75
N ASN B 526 4.10 -52.66 -62.70
CA ASN B 526 4.61 -51.58 -61.87
C ASN B 526 6.11 -51.71 -61.68
N ARG B 536 9.87 -56.16 -61.97
CA ARG B 536 8.52 -55.87 -62.42
C ARG B 536 7.50 -56.42 -61.42
N PHE B 537 6.39 -55.68 -61.25
CA PHE B 537 5.30 -56.08 -60.38
C PHE B 537 4.03 -56.26 -61.19
N TYR B 538 3.37 -57.39 -60.99
CA TYR B 538 2.10 -57.69 -61.67
C TYR B 538 0.97 -57.52 -60.68
N SER B 539 -0.05 -56.76 -61.06
CA SER B 539 -1.20 -56.57 -60.17
C SER B 539 -2.44 -56.28 -60.98
N PHE B 540 -3.56 -56.88 -60.57
CA PHE B 540 -4.84 -56.56 -61.21
C PHE B 540 -5.27 -55.15 -60.86
N SER B 541 -5.90 -54.48 -61.84
CA SER B 541 -6.35 -53.11 -61.62
C SER B 541 -7.39 -53.04 -60.50
N HIS B 542 -8.34 -53.97 -60.51
CA HIS B 542 -9.36 -54.05 -59.47
C HIS B 542 -9.58 -55.52 -59.14
N MET B 543 -9.79 -55.81 -57.86
CA MET B 543 -9.85 -57.20 -57.42
C MET B 543 -11.03 -57.93 -58.06
N THR B 544 -12.19 -57.26 -58.17
CA THR B 544 -13.37 -57.91 -58.74
C THR B 544 -13.05 -58.52 -60.10
N PHE B 545 -12.15 -57.89 -60.85
CA PHE B 545 -11.73 -58.45 -62.12
C PHE B 545 -11.05 -59.80 -61.94
N GLN B 546 -10.18 -59.93 -60.92
CA GLN B 546 -9.48 -61.19 -60.76
C GLN B 546 -10.38 -62.26 -60.18
N GLU B 547 -11.35 -61.89 -59.32
CA GLU B 547 -12.36 -62.89 -58.95
C GLU B 547 -13.19 -63.32 -60.16
N PHE B 548 -13.50 -62.39 -61.07
CA PHE B 548 -14.23 -62.76 -62.28
C PHE B 548 -13.42 -63.75 -63.12
N PHE B 549 -12.13 -63.48 -63.29
CA PHE B 549 -11.29 -64.38 -64.07
C PHE B 549 -11.14 -65.74 -63.39
N ALA B 550 -11.01 -65.76 -62.06
CA ALA B 550 -10.93 -67.02 -61.34
C ALA B 550 -12.22 -67.84 -61.50
N ALA B 551 -13.38 -67.16 -61.44
CA ALA B 551 -14.64 -67.85 -61.68
C ALA B 551 -14.71 -68.38 -63.11
N MET B 552 -14.25 -67.58 -64.07
CA MET B 552 -14.22 -68.00 -65.47
C MET B 552 -13.29 -69.19 -65.70
N TYR B 553 -12.28 -69.35 -64.83
CA TYR B 553 -11.32 -70.44 -65.01
C TYR B 553 -11.98 -71.81 -64.95
N TYR B 554 -12.86 -72.01 -63.96
CA TYR B 554 -13.37 -73.36 -63.69
C TYR B 554 -14.38 -73.83 -64.71
N LEU B 555 -14.61 -73.07 -65.79
CA LEU B 555 -15.52 -73.48 -66.85
C LEU B 555 -14.83 -73.68 -68.20
N LEU B 556 -13.66 -73.09 -68.41
CA LEU B 556 -12.92 -73.27 -69.65
C LEU B 556 -12.57 -74.72 -69.89
N ASN B 577 -5.73 -76.19 -60.02
CA ASN B 577 -6.75 -77.20 -59.75
C ASN B 577 -8.06 -76.84 -60.44
N ARG B 578 -8.67 -77.82 -61.10
CA ARG B 578 -9.93 -77.63 -61.80
C ARG B 578 -11.11 -78.26 -61.04
N ASP B 579 -10.85 -78.96 -59.95
CA ASP B 579 -11.91 -79.56 -59.15
C ASP B 579 -12.72 -78.46 -58.48
N VAL B 580 -14.01 -78.37 -58.83
CA VAL B 580 -14.85 -77.28 -58.34
C VAL B 580 -15.06 -77.35 -56.83
N LYS B 581 -14.86 -78.52 -56.21
CA LYS B 581 -15.15 -78.69 -54.79
C LYS B 581 -14.35 -77.73 -53.92
N VAL B 582 -13.19 -77.26 -54.37
CA VAL B 582 -12.40 -76.33 -53.58
C VAL B 582 -13.20 -75.05 -53.32
N LEU B 583 -13.98 -74.62 -54.31
CA LEU B 583 -14.85 -73.47 -54.10
C LEU B 583 -15.98 -73.81 -53.14
N LEU B 584 -16.46 -75.05 -53.18
CA LEU B 584 -17.64 -75.42 -52.40
C LEU B 584 -17.33 -75.49 -50.90
N GLU B 585 -16.24 -76.15 -50.54
CA GLU B 585 -15.98 -76.47 -49.14
C GLU B 585 -14.86 -75.64 -48.50
N ASN B 586 -13.82 -75.25 -49.26
CA ASN B 586 -12.72 -74.49 -48.69
C ASN B 586 -13.06 -73.02 -48.47
N TYR B 587 -14.34 -72.67 -48.56
CA TYR B 587 -14.79 -71.35 -48.11
C TYR B 587 -14.57 -71.21 -46.62
N GLY B 588 -14.23 -70.00 -46.19
CA GLY B 588 -13.99 -69.70 -44.79
C GLY B 588 -12.52 -69.72 -44.39
N LYS B 589 -11.66 -70.34 -45.21
CA LYS B 589 -10.22 -70.28 -44.94
C LYS B 589 -9.70 -68.86 -45.10
N PHE B 590 -10.37 -68.05 -45.92
CA PHE B 590 -10.03 -66.65 -46.11
C PHE B 590 -11.11 -65.79 -45.45
N GLU B 591 -10.68 -64.77 -44.70
CA GLU B 591 -11.63 -63.87 -44.07
C GLU B 591 -12.44 -63.13 -45.12
N LYS B 592 -13.70 -62.86 -44.78
CA LYS B 592 -14.65 -62.07 -45.58
C LYS B 592 -14.99 -62.72 -46.91
N GLY B 593 -14.46 -63.91 -47.19
CA GLY B 593 -14.97 -64.73 -48.26
C GLY B 593 -14.93 -64.16 -49.67
N TYR B 594 -13.75 -64.09 -50.27
CA TYR B 594 -13.67 -63.72 -51.68
C TYR B 594 -14.44 -64.70 -52.55
N LEU B 595 -14.54 -65.96 -52.13
CA LEU B 595 -15.05 -67.03 -52.97
C LEU B 595 -16.49 -66.82 -53.41
N ILE B 596 -17.39 -66.41 -52.52
CA ILE B 596 -18.80 -66.27 -52.88
C ILE B 596 -18.96 -65.33 -54.06
N PHE B 597 -18.29 -64.17 -54.02
CA PHE B 597 -18.30 -63.27 -55.16
C PHE B 597 -17.84 -63.99 -56.41
N VAL B 598 -16.71 -64.71 -56.31
CA VAL B 598 -16.29 -65.61 -57.39
C VAL B 598 -17.46 -66.47 -57.84
N VAL B 599 -18.06 -67.23 -56.92
CA VAL B 599 -19.12 -68.14 -57.26
C VAL B 599 -20.27 -67.41 -57.93
N ARG B 600 -20.48 -66.14 -57.59
CA ARG B 600 -21.55 -65.37 -58.23
C ARG B 600 -21.35 -65.34 -59.74
N PHE B 601 -20.16 -64.94 -60.19
CA PHE B 601 -19.90 -64.98 -61.62
C PHE B 601 -19.99 -66.39 -62.16
N LEU B 602 -19.64 -67.39 -61.33
CA LEU B 602 -19.84 -68.77 -61.74
C LEU B 602 -21.31 -69.01 -62.07
N PHE B 603 -22.21 -68.64 -61.15
CA PHE B 603 -23.64 -68.74 -61.46
C PHE B 603 -24.01 -67.82 -62.61
N GLY B 604 -23.25 -66.74 -62.81
CA GLY B 604 -23.46 -65.92 -63.98
C GLY B 604 -23.14 -66.67 -65.26
N LEU B 605 -22.04 -67.43 -65.25
CA LEU B 605 -21.55 -68.01 -66.49
C LEU B 605 -22.26 -69.31 -66.83
N VAL B 606 -22.75 -70.04 -65.83
CA VAL B 606 -23.35 -71.34 -66.06
C VAL B 606 -24.73 -71.19 -66.69
N ASN B 607 -25.22 -69.96 -66.78
CA ASN B 607 -26.50 -69.72 -67.43
C ASN B 607 -26.45 -70.21 -68.88
N GLN B 608 -27.49 -70.94 -69.28
CA GLN B 608 -27.46 -71.64 -70.55
C GLN B 608 -27.23 -70.69 -71.72
N GLU B 609 -28.01 -69.60 -71.77
CA GLU B 609 -27.78 -68.61 -72.81
C GLU B 609 -26.41 -67.96 -72.65
N ARG B 610 -26.02 -67.62 -71.43
CA ARG B 610 -24.73 -67.00 -71.20
C ARG B 610 -23.60 -67.99 -71.47
N THR B 611 -23.78 -69.27 -71.12
CA THR B 611 -22.78 -70.28 -71.44
C THR B 611 -22.60 -70.43 -72.95
N SER B 612 -23.72 -70.50 -73.68
CA SER B 612 -23.65 -70.61 -75.14
C SER B 612 -22.98 -69.38 -75.74
N TYR B 613 -23.31 -68.19 -75.23
CA TYR B 613 -22.69 -66.97 -75.73
C TYR B 613 -21.19 -66.96 -75.48
N LEU B 614 -20.76 -67.39 -74.28
CA LEU B 614 -19.34 -67.45 -73.99
C LEU B 614 -18.62 -68.43 -74.90
N GLU B 615 -19.22 -69.61 -75.12
CA GLU B 615 -18.60 -70.61 -75.99
C GLU B 615 -18.50 -70.09 -77.43
N LYS B 616 -19.55 -69.44 -77.93
CA LYS B 616 -19.54 -68.97 -79.31
C LYS B 616 -18.80 -67.65 -79.48
N LYS B 617 -18.44 -66.97 -78.39
CA LYS B 617 -17.65 -65.75 -78.49
C LYS B 617 -16.17 -65.96 -78.23
N LEU B 618 -15.80 -67.05 -77.54
CA LEU B 618 -14.39 -67.36 -77.31
C LEU B 618 -13.96 -68.69 -77.87
N SER B 619 -14.84 -69.40 -78.58
CA SER B 619 -14.54 -70.68 -79.23
C SER B 619 -14.12 -71.76 -78.23
N CYS B 620 -14.48 -71.60 -76.97
CA CYS B 620 -14.14 -72.55 -75.93
C CYS B 620 -15.36 -73.40 -75.56
N LYS B 621 -15.18 -74.27 -74.56
CA LYS B 621 -16.23 -75.15 -74.09
C LYS B 621 -16.40 -74.96 -72.59
N ILE B 622 -17.65 -75.08 -72.13
CA ILE B 622 -18.00 -74.87 -70.73
C ILE B 622 -18.52 -76.19 -70.17
N SER B 623 -17.97 -76.59 -69.02
CA SER B 623 -18.43 -77.80 -68.36
C SER B 623 -19.86 -77.63 -67.85
N GLN B 624 -20.58 -78.76 -67.77
CA GLN B 624 -21.98 -78.73 -67.38
C GLN B 624 -22.28 -79.45 -66.08
N GLN B 625 -21.43 -80.38 -65.63
CA GLN B 625 -21.62 -80.99 -64.32
C GLN B 625 -21.45 -79.97 -63.19
N VAL B 626 -20.80 -78.84 -63.49
CA VAL B 626 -20.63 -77.78 -62.50
C VAL B 626 -22.00 -77.29 -62.04
N ARG B 627 -22.97 -77.19 -62.94
CA ARG B 627 -24.29 -76.71 -62.57
C ARG B 627 -24.96 -77.65 -61.57
N LEU B 628 -24.86 -78.96 -61.81
CA LEU B 628 -25.46 -79.93 -60.89
C LEU B 628 -24.75 -79.93 -59.54
N GLU B 629 -23.41 -79.82 -59.55
CA GLU B 629 -22.68 -79.73 -58.30
C GLU B 629 -23.08 -78.47 -57.53
N LEU B 630 -23.29 -77.37 -58.25
CA LEU B 630 -23.71 -76.14 -57.60
C LEU B 630 -25.13 -76.25 -57.05
N LEU B 631 -26.00 -76.97 -57.76
CA LEU B 631 -27.30 -77.33 -57.19
C LEU B 631 -27.11 -78.04 -55.85
N LYS B 632 -26.30 -79.10 -55.84
CA LYS B 632 -26.12 -79.87 -54.63
C LYS B 632 -25.58 -78.99 -53.51
N TRP B 633 -24.68 -78.07 -53.83
CA TRP B 633 -24.21 -77.11 -52.83
C TRP B 633 -25.33 -76.21 -52.35
N ILE B 634 -26.28 -75.87 -53.22
CA ILE B 634 -27.42 -75.06 -52.79
C ILE B 634 -28.23 -75.80 -51.75
N GLU B 635 -28.53 -77.08 -51.99
CA GLU B 635 -29.26 -77.82 -50.96
C GLU B 635 -28.41 -78.01 -49.70
N VAL B 636 -27.10 -78.16 -49.84
CA VAL B 636 -26.24 -78.26 -48.67
C VAL B 636 -26.34 -77.00 -47.81
N LYS B 637 -26.29 -75.84 -48.47
CA LYS B 637 -26.41 -74.58 -47.72
C LYS B 637 -27.80 -74.44 -47.11
N ALA B 638 -28.85 -74.81 -47.85
CA ALA B 638 -30.21 -74.60 -47.37
C ALA B 638 -30.55 -75.50 -46.20
N LYS B 639 -30.15 -76.77 -46.26
CA LYS B 639 -30.59 -77.76 -45.29
C LYS B 639 -29.59 -78.02 -44.18
N ALA B 640 -28.51 -77.24 -44.10
CA ALA B 640 -27.52 -77.46 -43.06
C ALA B 640 -28.01 -76.96 -41.72
N LYS B 641 -27.33 -77.40 -40.66
CA LYS B 641 -27.68 -77.00 -39.29
C LYS B 641 -26.84 -75.81 -38.82
N LYS B 642 -25.52 -75.98 -38.81
CA LYS B 642 -24.61 -74.93 -38.36
C LYS B 642 -24.54 -73.85 -39.44
N LEU B 643 -25.58 -73.00 -39.44
CA LEU B 643 -25.74 -71.99 -40.46
C LEU B 643 -25.00 -70.68 -40.15
N GLN B 644 -24.31 -70.61 -39.02
CA GLN B 644 -23.65 -69.37 -38.63
C GLN B 644 -22.47 -69.05 -39.56
N TRP B 645 -21.64 -70.05 -39.86
CA TRP B 645 -20.46 -69.81 -40.67
C TRP B 645 -20.82 -69.47 -42.11
N GLN B 646 -21.91 -70.02 -42.62
CA GLN B 646 -22.32 -69.75 -43.99
C GLN B 646 -22.74 -68.28 -44.14
N PRO B 647 -22.55 -67.70 -45.33
CA PRO B 647 -23.01 -66.33 -45.56
C PRO B 647 -24.53 -66.24 -45.62
N SER B 648 -25.06 -65.01 -45.63
CA SER B 648 -26.48 -64.80 -45.50
C SER B 648 -27.23 -65.32 -46.72
N GLN B 649 -28.56 -65.44 -46.56
CA GLN B 649 -29.41 -65.95 -47.63
C GLN B 649 -29.58 -64.90 -48.74
N LEU B 650 -29.37 -63.63 -48.41
CA LEU B 650 -29.42 -62.58 -49.43
C LEU B 650 -28.34 -62.79 -50.48
N GLU B 651 -27.19 -63.34 -50.09
CA GLU B 651 -26.18 -63.72 -51.07
C GLU B 651 -26.70 -64.80 -52.01
N LEU B 652 -27.41 -65.78 -51.47
CA LEU B 652 -28.01 -66.81 -52.30
C LEU B 652 -28.99 -66.22 -53.30
N PHE B 653 -29.75 -65.22 -52.85
CA PHE B 653 -30.74 -64.61 -53.75
C PHE B 653 -30.07 -63.72 -54.80
N TYR B 654 -29.01 -63.00 -54.42
CA TYR B 654 -28.16 -62.35 -55.42
C TYR B 654 -27.70 -63.35 -56.47
N CYS B 655 -27.25 -64.52 -56.03
CA CYS B 655 -26.76 -65.54 -56.97
C CYS B 655 -27.87 -65.98 -57.92
N LEU B 656 -29.03 -66.36 -57.36
CA LEU B 656 -30.13 -66.86 -58.18
C LEU B 656 -30.67 -65.80 -59.12
N TYR B 657 -30.53 -64.52 -58.75
CA TYR B 657 -30.87 -63.45 -59.67
C TYR B 657 -29.80 -63.26 -60.74
N GLU B 658 -28.53 -63.44 -60.37
CA GLU B 658 -27.45 -63.30 -61.33
C GLU B 658 -27.58 -64.33 -62.44
N MET B 659 -27.93 -65.56 -62.08
CA MET B 659 -27.97 -66.62 -63.09
C MET B 659 -29.08 -66.39 -64.11
N GLN B 660 -30.29 -66.09 -63.65
CA GLN B 660 -31.45 -65.85 -64.52
C GLN B 660 -31.84 -67.08 -65.35
N GLU B 661 -31.83 -68.27 -64.74
CA GLU B 661 -32.27 -69.50 -65.39
C GLU B 661 -33.54 -69.99 -64.71
N GLU B 662 -34.69 -69.80 -65.37
CA GLU B 662 -35.98 -69.94 -64.70
C GLU B 662 -36.17 -71.31 -64.06
N ASP B 663 -35.99 -72.39 -64.84
CA ASP B 663 -36.34 -73.72 -64.34
C ASP B 663 -35.43 -74.14 -63.20
N PHE B 664 -34.13 -73.91 -63.32
CA PHE B 664 -33.22 -74.32 -62.26
C PHE B 664 -33.37 -73.43 -61.04
N VAL B 665 -33.70 -72.14 -61.23
CA VAL B 665 -34.07 -71.31 -60.10
C VAL B 665 -35.24 -71.92 -59.35
N GLN B 666 -36.30 -72.30 -60.06
CA GLN B 666 -37.46 -72.87 -59.40
C GLN B 666 -37.10 -74.16 -58.66
N SER B 667 -36.35 -75.05 -59.31
CA SER B 667 -36.04 -76.34 -58.71
C SER B 667 -35.13 -76.18 -57.49
N ALA B 668 -34.08 -75.37 -57.59
CA ALA B 668 -33.15 -75.22 -56.48
C ALA B 668 -33.68 -74.29 -55.41
N MET B 669 -34.76 -73.55 -55.71
CA MET B 669 -35.31 -72.60 -54.77
C MET B 669 -36.57 -73.11 -54.07
N ASP B 670 -37.17 -74.19 -54.59
CA ASP B 670 -38.22 -74.87 -53.84
C ASP B 670 -37.72 -75.48 -52.53
N HIS B 671 -36.43 -75.36 -52.23
CA HIS B 671 -35.84 -75.87 -51.01
C HIS B 671 -35.78 -74.82 -49.90
N PHE B 672 -36.63 -73.79 -49.98
CA PHE B 672 -36.69 -72.73 -48.98
C PHE B 672 -38.12 -72.55 -48.52
N PRO B 673 -38.62 -73.46 -47.66
CA PRO B 673 -39.96 -73.25 -47.10
C PRO B 673 -40.08 -71.99 -46.27
N LYS B 674 -39.01 -71.58 -45.59
CA LYS B 674 -38.99 -70.36 -44.80
C LYS B 674 -37.89 -69.44 -45.32
N ILE B 675 -38.24 -68.18 -45.58
CA ILE B 675 -37.32 -67.21 -46.17
C ILE B 675 -37.20 -66.03 -45.22
N GLU B 676 -35.96 -65.69 -44.87
CA GLU B 676 -35.68 -64.50 -44.07
C GLU B 676 -34.62 -63.67 -44.77
N ILE B 677 -34.92 -62.41 -45.01
CA ILE B 677 -34.02 -61.52 -45.74
C ILE B 677 -34.06 -60.14 -45.09
N ASN B 678 -32.94 -59.42 -45.19
CA ASN B 678 -32.82 -58.07 -44.66
C ASN B 678 -32.38 -57.14 -45.78
N LEU B 679 -33.24 -56.19 -46.13
CA LEU B 679 -33.06 -55.36 -47.32
C LEU B 679 -32.60 -53.96 -46.95
N SER B 680 -31.62 -53.44 -47.69
CA SER B 680 -31.08 -52.13 -47.40
C SER B 680 -30.78 -51.28 -48.64
N THR B 681 -31.25 -51.67 -49.82
CA THR B 681 -30.98 -50.89 -51.03
C THR B 681 -31.98 -51.30 -52.11
N ARG B 682 -31.94 -50.58 -53.24
CA ARG B 682 -32.81 -50.89 -54.36
C ARG B 682 -32.50 -52.27 -54.92
N MET B 683 -31.22 -52.63 -55.02
CA MET B 683 -30.84 -53.93 -55.57
C MET B 683 -31.39 -55.07 -54.72
N ASP B 684 -31.37 -54.90 -53.40
CA ASP B 684 -31.98 -55.91 -52.53
C ASP B 684 -33.45 -56.08 -52.85
N HIS B 685 -34.17 -54.96 -53.02
CA HIS B 685 -35.59 -55.04 -53.34
C HIS B 685 -35.82 -55.74 -54.67
N VAL B 686 -35.01 -55.43 -55.68
CA VAL B 686 -35.20 -56.02 -57.00
C VAL B 686 -34.93 -57.52 -56.98
N VAL B 687 -33.82 -57.92 -56.36
CA VAL B 687 -33.48 -59.34 -56.32
C VAL B 687 -34.51 -60.11 -55.51
N SER B 688 -35.01 -59.52 -54.41
CA SER B 688 -36.04 -60.18 -53.64
C SER B 688 -37.33 -60.31 -54.44
N SER B 689 -37.71 -59.25 -55.16
CA SER B 689 -38.91 -59.34 -56.00
C SER B 689 -38.79 -60.49 -56.97
N PHE B 690 -37.66 -60.55 -57.68
CA PHE B 690 -37.44 -61.64 -58.64
C PHE B 690 -37.50 -63.00 -57.95
N CYS B 691 -36.81 -63.14 -56.82
CA CYS B 691 -36.67 -64.44 -56.18
C CYS B 691 -38.00 -64.96 -55.65
N ILE B 692 -38.69 -64.16 -54.83
CA ILE B 692 -39.99 -64.61 -54.32
C ILE B 692 -41.02 -64.74 -55.43
N LYS B 693 -40.91 -63.94 -56.50
CA LYS B 693 -41.80 -64.16 -57.64
C LYS B 693 -41.55 -65.53 -58.26
N ASN B 694 -40.29 -65.99 -58.25
CA ASN B 694 -40.00 -67.32 -58.75
C ASN B 694 -40.42 -68.41 -57.77
N CYS B 695 -40.49 -68.09 -56.48
CA CYS B 695 -40.81 -69.09 -55.47
C CYS B 695 -42.21 -69.63 -55.67
N HIS B 696 -42.40 -70.92 -55.34
CA HIS B 696 -43.69 -71.56 -55.47
C HIS B 696 -44.09 -72.42 -54.28
N ARG B 697 -43.17 -72.68 -53.33
CA ARG B 697 -43.48 -73.53 -52.18
C ARG B 697 -42.88 -72.95 -50.91
N VAL B 698 -43.11 -71.66 -50.67
CA VAL B 698 -42.67 -70.99 -49.44
C VAL B 698 -43.87 -70.78 -48.54
N LYS B 699 -43.68 -71.05 -47.24
CA LYS B 699 -44.74 -70.92 -46.25
C LYS B 699 -44.55 -69.75 -45.31
N THR B 700 -43.39 -69.65 -44.66
CA THR B 700 -43.10 -68.56 -43.75
C THR B 700 -42.15 -67.58 -44.43
N LEU B 701 -42.49 -66.29 -44.36
CA LEU B 701 -41.68 -65.27 -44.99
C LEU B 701 -41.50 -64.11 -44.02
N SER B 702 -40.27 -63.60 -43.92
CA SER B 702 -39.97 -62.45 -43.10
C SER B 702 -39.19 -61.44 -43.93
N LEU B 703 -39.27 -60.18 -43.52
CA LEU B 703 -38.61 -59.10 -44.24
C LEU B 703 -38.00 -58.12 -43.25
N GLY B 704 -36.92 -57.47 -43.69
CA GLY B 704 -36.32 -56.43 -42.89
C GLY B 704 -35.97 -55.21 -43.72
N PHE B 705 -36.61 -54.09 -43.43
CA PHE B 705 -36.36 -52.84 -44.14
C PHE B 705 -35.39 -52.01 -43.31
N PHE B 706 -34.12 -52.43 -43.33
CA PHE B 706 -33.08 -51.85 -42.50
C PHE B 706 -32.46 -50.68 -43.25
N HIS B 707 -32.80 -49.46 -42.83
CA HIS B 707 -32.24 -48.26 -43.43
C HIS B 707 -31.27 -47.58 -42.47
N THR B 747 -40.98 -46.08 -47.83
CA THR B 747 -40.73 -47.27 -48.64
C THR B 747 -41.97 -47.65 -49.43
N SER B 748 -42.71 -46.64 -49.90
CA SER B 748 -43.93 -46.91 -50.65
C SER B 748 -43.63 -47.64 -51.95
N SER B 749 -42.67 -47.14 -52.72
CA SER B 749 -42.27 -47.83 -53.94
C SER B 749 -41.68 -49.20 -53.63
N PHE B 750 -40.87 -49.28 -52.58
CA PHE B 750 -40.30 -50.56 -52.17
C PHE B 750 -41.39 -51.57 -51.85
N CYS B 751 -42.35 -51.13 -51.02
CA CYS B 751 -43.45 -52.00 -50.62
C CYS B 751 -44.28 -52.44 -51.82
N ARG B 752 -44.57 -51.51 -52.74
CA ARG B 752 -45.32 -51.89 -53.93
C ARG B 752 -44.57 -52.92 -54.75
N GLY B 753 -43.29 -52.66 -55.03
CA GLY B 753 -42.52 -53.57 -55.85
C GLY B 753 -42.41 -54.96 -55.26
N LEU B 754 -42.27 -55.05 -53.94
CA LEU B 754 -42.18 -56.37 -53.31
C LEU B 754 -43.56 -57.04 -53.24
N PHE B 755 -44.53 -56.36 -52.63
CA PHE B 755 -45.81 -56.99 -52.29
C PHE B 755 -46.74 -57.15 -53.48
N SER B 756 -46.40 -56.60 -54.65
CA SER B 756 -47.21 -56.90 -55.83
C SER B 756 -47.17 -58.40 -56.15
N SER B 757 -45.99 -59.02 -56.01
CA SER B 757 -45.87 -60.44 -56.31
C SER B 757 -46.48 -61.30 -55.22
N LEU B 758 -46.47 -60.82 -53.97
CA LEU B 758 -46.96 -61.63 -52.86
C LEU B 758 -48.45 -61.94 -53.00
N SER B 759 -49.21 -61.03 -53.61
CA SER B 759 -50.63 -61.32 -53.87
C SER B 759 -50.78 -62.47 -54.85
N THR B 760 -49.87 -62.59 -55.81
CA THR B 760 -49.90 -63.68 -56.78
C THR B 760 -49.31 -64.97 -56.24
N ASN B 761 -48.62 -64.92 -55.09
CA ASN B 761 -48.04 -66.11 -54.51
C ASN B 761 -49.14 -66.95 -53.85
N ARG B 762 -49.31 -68.17 -54.33
CA ARG B 762 -50.38 -69.05 -53.86
C ARG B 762 -49.92 -70.01 -52.76
N SER B 763 -48.69 -69.85 -52.27
CA SER B 763 -48.17 -70.73 -51.24
C SER B 763 -47.90 -70.05 -49.90
N LEU B 764 -47.78 -68.73 -49.86
CA LEU B 764 -47.43 -68.05 -48.63
C LEU B 764 -48.54 -68.17 -47.59
N THR B 765 -48.15 -68.40 -46.34
CA THR B 765 -49.09 -68.54 -45.24
C THR B 765 -48.77 -67.68 -44.03
N GLU B 766 -47.50 -67.37 -43.77
CA GLU B 766 -47.13 -66.54 -42.63
C GLU B 766 -46.21 -65.43 -43.11
N LEU B 767 -46.48 -64.21 -42.68
CA LEU B 767 -45.74 -63.03 -43.12
C LEU B 767 -45.32 -62.23 -41.90
N ASP B 768 -44.04 -62.31 -41.56
CA ASP B 768 -43.51 -61.58 -40.41
C ASP B 768 -42.97 -60.23 -40.89
N LEU B 769 -43.38 -59.17 -40.20
CA LEU B 769 -42.87 -57.83 -40.49
C LEU B 769 -42.57 -57.06 -39.21
N SER B 770 -42.27 -57.74 -38.12
CA SER B 770 -42.06 -57.08 -36.84
C SER B 770 -40.81 -56.20 -36.89
N ASP B 771 -40.87 -55.11 -36.13
CA ASP B 771 -39.77 -54.17 -35.90
C ASP B 771 -39.37 -53.39 -37.14
N ASN B 772 -39.93 -53.68 -38.30
CA ASN B 772 -39.66 -52.88 -39.49
C ASN B 772 -40.43 -51.58 -39.40
N THR B 773 -39.72 -50.47 -39.58
CA THR B 773 -40.37 -49.15 -39.58
C THR B 773 -40.87 -48.83 -41.00
N LEU B 774 -41.72 -49.73 -41.50
CA LEU B 774 -42.27 -49.56 -42.84
C LEU B 774 -43.22 -48.37 -42.91
N GLY B 775 -43.61 -47.80 -41.78
CA GLY B 775 -44.43 -46.61 -41.77
C GLY B 775 -45.88 -46.90 -42.09
N ASP B 776 -46.66 -45.82 -42.12
CA ASP B 776 -48.09 -45.97 -42.36
C ASP B 776 -48.43 -46.11 -43.83
N PRO B 777 -47.91 -45.28 -44.75
CA PRO B 777 -48.22 -45.50 -46.18
C PRO B 777 -47.76 -46.85 -46.69
N GLY B 778 -46.64 -47.35 -46.19
CA GLY B 778 -46.22 -48.70 -46.55
C GLY B 778 -47.22 -49.75 -46.09
N MET B 779 -47.76 -49.56 -44.88
CA MET B 779 -48.78 -50.49 -44.39
C MET B 779 -50.03 -50.41 -45.26
N ARG B 780 -50.37 -49.21 -45.71
CA ARG B 780 -51.48 -49.07 -46.66
C ARG B 780 -51.22 -49.87 -47.92
N VAL B 781 -50.04 -49.69 -48.52
CA VAL B 781 -49.69 -50.40 -49.76
C VAL B 781 -49.77 -51.89 -49.54
N LEU B 782 -49.29 -52.37 -48.39
CA LEU B 782 -49.43 -53.77 -48.04
C LEU B 782 -50.91 -54.17 -48.02
N CYS B 783 -51.78 -53.29 -47.52
CA CYS B 783 -53.21 -53.63 -47.47
C CYS B 783 -53.79 -53.77 -48.87
N GLU B 784 -53.46 -52.86 -49.79
CA GLU B 784 -53.95 -53.07 -51.16
C GLU B 784 -53.35 -54.32 -51.78
N ALA B 785 -52.13 -54.69 -51.38
CA ALA B 785 -51.54 -55.93 -51.87
C ALA B 785 -52.33 -57.15 -51.39
N LEU B 786 -52.75 -57.13 -50.12
CA LEU B 786 -53.36 -58.31 -49.51
C LEU B 786 -54.78 -58.54 -50.03
N GLN B 787 -55.49 -57.47 -50.38
CA GLN B 787 -56.90 -57.58 -50.71
C GLN B 787 -57.14 -58.38 -51.98
N HIS B 788 -56.08 -58.63 -52.75
CA HIS B 788 -56.22 -59.45 -53.94
C HIS B 788 -56.60 -60.87 -53.54
N PRO B 789 -57.58 -61.47 -54.24
CA PRO B 789 -58.04 -62.81 -53.84
C PRO B 789 -56.98 -63.89 -53.96
N GLY B 790 -55.91 -63.65 -54.71
CA GLY B 790 -54.91 -64.69 -54.91
C GLY B 790 -54.10 -65.01 -53.66
N CYS B 791 -53.89 -64.02 -52.80
CA CYS B 791 -53.03 -64.21 -51.64
C CYS B 791 -53.65 -65.20 -50.66
N ASN B 792 -52.81 -66.09 -50.12
CA ASN B 792 -53.23 -67.14 -49.20
C ASN B 792 -52.67 -66.95 -47.80
N ILE B 793 -52.34 -65.71 -47.44
CA ILE B 793 -51.79 -65.44 -46.11
C ILE B 793 -52.85 -65.68 -45.05
N GLN B 794 -52.54 -66.54 -44.09
CA GLN B 794 -53.42 -66.83 -42.96
C GLN B 794 -52.90 -66.22 -41.67
N ARG B 795 -51.82 -65.44 -41.72
CA ARG B 795 -51.14 -65.04 -40.52
C ARG B 795 -50.33 -63.78 -40.80
N LEU B 796 -50.50 -62.75 -39.97
CA LEU B 796 -49.83 -61.48 -40.20
C LEU B 796 -49.42 -60.88 -38.85
N TRP B 797 -48.12 -60.70 -38.65
CA TRP B 797 -47.59 -60.14 -37.42
C TRP B 797 -46.96 -58.78 -37.73
N LEU B 798 -47.33 -57.77 -36.95
CA LEU B 798 -46.95 -56.39 -37.21
C LEU B 798 -46.47 -55.69 -35.96
N GLY B 799 -45.65 -56.37 -35.15
CA GLY B 799 -45.19 -55.77 -33.91
C GLY B 799 -44.22 -54.63 -34.14
N ARG B 800 -44.44 -53.53 -33.41
CA ARG B 800 -43.54 -52.37 -33.40
C ARG B 800 -43.29 -51.82 -34.80
N CYS B 801 -44.26 -51.97 -35.70
CA CYS B 801 -44.11 -51.41 -37.04
C CYS B 801 -44.18 -49.90 -37.07
N GLY B 802 -44.57 -49.26 -35.96
CA GLY B 802 -44.72 -47.83 -35.96
C GLY B 802 -45.95 -47.33 -36.66
N LEU B 803 -46.98 -48.16 -36.78
CA LEU B 803 -48.21 -47.78 -37.45
C LEU B 803 -48.97 -46.76 -36.60
N SER B 804 -50.17 -46.41 -37.02
CA SER B 804 -51.02 -45.50 -36.27
C SER B 804 -52.47 -45.77 -36.67
N HIS B 805 -53.36 -44.87 -36.27
CA HIS B 805 -54.78 -45.06 -36.52
C HIS B 805 -55.12 -45.06 -38.01
N GLN B 806 -54.26 -44.46 -38.83
CA GLN B 806 -54.54 -44.38 -40.26
C GLN B 806 -54.58 -45.77 -40.89
N CYS B 807 -53.66 -46.65 -40.50
CA CYS B 807 -53.61 -47.99 -41.04
C CYS B 807 -54.81 -48.83 -40.64
N CYS B 808 -55.52 -48.44 -39.58
CA CYS B 808 -56.64 -49.23 -39.10
C CYS B 808 -57.77 -49.29 -40.11
N PHE B 809 -58.01 -48.20 -40.83
CA PHE B 809 -59.03 -48.21 -41.89
C PHE B 809 -58.70 -49.25 -42.95
N ASP B 810 -57.44 -49.26 -43.40
CA ASP B 810 -57.02 -50.21 -44.42
C ASP B 810 -57.10 -51.64 -43.90
N ILE B 811 -56.67 -51.86 -42.66
CA ILE B 811 -56.72 -53.21 -42.08
C ILE B 811 -58.17 -53.67 -41.93
N SER B 812 -59.06 -52.75 -41.58
CA SER B 812 -60.48 -53.10 -41.49
C SER B 812 -61.02 -53.52 -42.86
N SER B 813 -60.62 -52.80 -43.91
CA SER B 813 -61.02 -53.22 -45.25
C SER B 813 -60.48 -54.60 -45.58
N VAL B 814 -59.22 -54.87 -45.21
CA VAL B 814 -58.63 -56.18 -45.47
C VAL B 814 -59.41 -57.27 -44.77
N LEU B 815 -59.74 -57.05 -43.49
CA LEU B 815 -60.49 -58.05 -42.73
C LEU B 815 -61.87 -58.28 -43.32
N SER B 816 -62.55 -57.20 -43.71
CA SER B 816 -63.89 -57.34 -44.28
C SER B 816 -63.86 -57.97 -45.67
N SER B 817 -62.71 -57.95 -46.35
CA SER B 817 -62.62 -58.49 -47.70
C SER B 817 -61.93 -59.85 -47.78
N SER B 818 -61.08 -60.19 -46.82
CA SER B 818 -60.31 -61.43 -46.85
C SER B 818 -60.85 -62.41 -45.82
N GLN B 819 -61.08 -63.65 -46.26
CA GLN B 819 -61.61 -64.70 -45.40
C GLN B 819 -60.57 -65.77 -45.08
N LYS B 820 -59.31 -65.56 -45.45
CA LYS B 820 -58.26 -66.53 -45.16
C LYS B 820 -57.41 -66.15 -43.95
N LEU B 821 -57.36 -64.87 -43.60
CA LEU B 821 -56.56 -64.44 -42.45
C LEU B 821 -57.12 -65.06 -41.18
N VAL B 822 -56.22 -65.58 -40.34
CA VAL B 822 -56.61 -66.30 -39.13
C VAL B 822 -56.29 -65.50 -37.87
N GLU B 823 -55.01 -65.21 -37.64
CA GLU B 823 -54.64 -64.37 -36.51
C GLU B 823 -54.02 -63.08 -37.03
N LEU B 824 -53.72 -62.18 -36.09
CA LEU B 824 -53.24 -60.85 -36.46
C LEU B 824 -52.63 -60.21 -35.22
N ASP B 825 -51.47 -59.57 -35.41
CA ASP B 825 -50.76 -58.91 -34.33
C ASP B 825 -50.63 -57.43 -34.63
N LEU B 826 -50.84 -56.60 -33.61
CA LEU B 826 -50.63 -55.17 -33.73
C LEU B 826 -49.96 -54.59 -32.50
N SER B 827 -49.14 -55.38 -31.81
CA SER B 827 -48.59 -54.97 -30.54
C SER B 827 -47.66 -53.77 -30.69
N ASP B 828 -47.71 -52.87 -29.72
CA ASP B 828 -46.78 -51.76 -29.59
C ASP B 828 -46.87 -50.77 -30.75
N ASN B 829 -48.06 -50.61 -31.33
CA ASN B 829 -48.35 -49.53 -32.26
C ASN B 829 -49.38 -48.61 -31.64
N ALA B 830 -49.15 -47.30 -31.75
CA ALA B 830 -50.03 -46.34 -31.09
C ALA B 830 -51.35 -46.22 -31.83
N LEU B 831 -52.10 -47.32 -31.92
CA LEU B 831 -53.38 -47.28 -32.61
C LEU B 831 -54.36 -46.35 -31.91
N GLY B 832 -54.45 -46.45 -30.59
CA GLY B 832 -55.35 -45.62 -29.84
C GLY B 832 -56.79 -46.12 -29.89
N ASP B 833 -57.61 -45.51 -29.03
CA ASP B 833 -59.02 -45.88 -28.98
C ASP B 833 -59.73 -45.60 -30.29
N PHE B 834 -59.35 -44.53 -30.99
CA PHE B 834 -59.92 -44.28 -32.32
C PHE B 834 -59.53 -45.38 -33.30
N GLY B 835 -58.28 -45.83 -33.23
CA GLY B 835 -57.86 -46.93 -34.08
C GLY B 835 -58.66 -48.19 -33.80
N ILE B 836 -58.94 -48.46 -32.52
CA ILE B 836 -59.76 -49.61 -32.17
C ILE B 836 -61.18 -49.43 -32.72
N ARG B 837 -61.71 -48.21 -32.62
CA ARG B 837 -63.03 -47.92 -33.18
C ARG B 837 -63.06 -48.19 -34.67
N LEU B 838 -61.97 -47.87 -35.37
CA LEU B 838 -61.89 -48.16 -36.79
C LEU B 838 -61.81 -49.66 -37.06
N LEU B 839 -61.00 -50.38 -36.26
CA LEU B 839 -60.86 -51.82 -36.46
C LEU B 839 -62.17 -52.56 -36.24
N CYS B 840 -62.92 -52.16 -35.20
CA CYS B 840 -64.12 -52.92 -34.84
C CYS B 840 -65.12 -52.98 -35.98
N VAL B 841 -65.10 -51.99 -36.88
CA VAL B 841 -66.00 -52.02 -38.03
C VAL B 841 -65.69 -53.23 -38.91
N GLY B 842 -64.41 -53.45 -39.18
CA GLY B 842 -64.01 -54.64 -39.93
C GLY B 842 -64.22 -55.91 -39.13
N LEU B 843 -63.91 -55.88 -37.83
CA LEU B 843 -64.04 -57.08 -37.01
C LEU B 843 -65.49 -57.55 -36.93
N LYS B 844 -66.43 -56.62 -36.77
CA LYS B 844 -67.84 -56.97 -36.68
C LYS B 844 -68.40 -57.51 -37.98
N HIS B 845 -67.67 -57.38 -39.09
CA HIS B 845 -68.16 -57.88 -40.37
C HIS B 845 -68.33 -59.39 -40.32
N LEU B 846 -69.39 -59.87 -40.97
CA LEU B 846 -69.75 -61.28 -40.91
C LEU B 846 -68.73 -62.18 -41.58
N LEU B 847 -67.84 -61.64 -42.42
CA LEU B 847 -66.86 -62.43 -43.13
C LEU B 847 -65.48 -62.38 -42.48
N CYS B 848 -65.38 -61.84 -41.27
CA CYS B 848 -64.11 -61.79 -40.55
C CYS B 848 -63.89 -63.12 -39.84
N ASN B 849 -62.77 -63.79 -40.18
CA ASN B 849 -62.44 -65.09 -39.61
C ASN B 849 -61.30 -65.00 -38.61
N LEU B 850 -61.07 -63.83 -38.02
CA LEU B 850 -59.99 -63.67 -37.07
C LEU B 850 -60.20 -64.56 -35.85
N GLN B 851 -59.11 -65.13 -35.34
CA GLN B 851 -59.15 -65.99 -34.17
C GLN B 851 -58.32 -65.45 -33.01
N LYS B 852 -57.08 -65.04 -33.28
CA LYS B 852 -56.20 -64.51 -32.25
C LYS B 852 -55.88 -63.06 -32.61
N LEU B 853 -56.04 -62.17 -31.65
CA LEU B 853 -55.82 -60.74 -31.88
C LEU B 853 -54.99 -60.17 -30.73
N TRP B 854 -53.75 -59.80 -31.03
CA TRP B 854 -52.91 -59.12 -30.05
C TRP B 854 -53.10 -57.61 -30.17
N LEU B 855 -53.23 -56.95 -29.02
CA LEU B 855 -53.29 -55.50 -28.99
C LEU B 855 -52.43 -54.95 -27.85
N VAL B 856 -51.33 -55.63 -27.54
CA VAL B 856 -50.53 -55.30 -26.37
C VAL B 856 -49.88 -53.94 -26.55
N SER B 857 -50.01 -53.07 -25.54
CA SER B 857 -49.35 -51.78 -25.50
C SER B 857 -49.72 -50.90 -26.69
N CYS B 858 -51.00 -50.92 -27.06
CA CYS B 858 -51.49 -50.11 -28.17
C CYS B 858 -51.94 -48.72 -27.74
N CYS B 859 -51.51 -48.27 -26.56
CA CYS B 859 -51.85 -46.93 -26.06
C CYS B 859 -53.36 -46.73 -25.99
N LEU B 860 -54.09 -47.77 -25.60
CA LEU B 860 -55.54 -47.68 -25.53
C LEU B 860 -55.98 -47.06 -24.21
N THR B 861 -57.29 -46.87 -24.09
CA THR B 861 -57.94 -46.43 -22.87
C THR B 861 -59.24 -47.21 -22.71
N SER B 862 -60.00 -46.87 -21.69
CA SER B 862 -61.26 -47.57 -21.43
C SER B 862 -62.29 -47.30 -22.51
N ALA B 863 -62.20 -46.15 -23.18
CA ALA B 863 -63.24 -45.75 -24.12
C ALA B 863 -63.38 -46.75 -25.26
N CYS B 864 -62.27 -47.32 -25.72
CA CYS B 864 -62.33 -48.29 -26.80
C CYS B 864 -63.04 -49.57 -26.37
N CYS B 865 -63.00 -49.89 -25.08
CA CYS B 865 -63.47 -51.19 -24.60
C CYS B 865 -64.90 -51.46 -25.03
N GLN B 866 -65.77 -50.44 -24.92
CA GLN B 866 -67.16 -50.61 -25.33
C GLN B 866 -67.25 -51.18 -26.74
N ASP B 867 -66.53 -50.58 -27.68
CA ASP B 867 -66.55 -51.06 -29.06
C ASP B 867 -66.10 -52.52 -29.11
N LEU B 868 -65.02 -52.84 -28.38
CA LEU B 868 -64.53 -54.21 -28.35
C LEU B 868 -65.62 -55.17 -27.92
N ALA B 869 -66.46 -54.73 -26.97
CA ALA B 869 -67.54 -55.60 -26.50
C ALA B 869 -68.42 -56.04 -27.66
N LEU B 870 -68.78 -55.11 -28.55
CA LEU B 870 -69.64 -55.46 -29.67
C LEU B 870 -69.01 -56.56 -30.52
N VAL B 871 -67.68 -56.56 -30.63
CA VAL B 871 -67.01 -57.59 -31.41
C VAL B 871 -67.34 -58.96 -30.86
N LEU B 872 -67.29 -59.12 -29.54
CA LEU B 872 -67.58 -60.42 -28.93
C LEU B 872 -69.04 -60.80 -29.14
N SER B 873 -69.92 -59.83 -29.37
CA SER B 873 -71.31 -60.11 -29.67
C SER B 873 -71.61 -60.09 -31.17
N SER B 874 -70.61 -59.87 -32.01
CA SER B 874 -70.78 -59.93 -33.45
C SER B 874 -69.92 -60.97 -34.12
N ASN B 875 -68.66 -61.09 -33.70
CA ASN B 875 -67.74 -62.08 -34.25
C ASN B 875 -67.60 -63.22 -33.26
N HIS B 876 -67.87 -64.44 -33.72
CA HIS B 876 -67.73 -65.63 -32.89
C HIS B 876 -66.46 -66.40 -33.18
N SER B 877 -65.73 -66.06 -34.24
CA SER B 877 -64.47 -66.74 -34.51
C SER B 877 -63.34 -66.24 -33.63
N LEU B 878 -63.49 -65.07 -33.02
CA LEU B 878 -62.46 -64.53 -32.14
C LEU B 878 -62.40 -65.37 -30.87
N THR B 879 -61.39 -66.23 -30.77
CA THR B 879 -61.23 -67.08 -29.58
C THR B 879 -60.45 -66.36 -28.48
N ARG B 880 -59.21 -66.01 -28.76
CA ARG B 880 -58.32 -65.47 -27.73
C ARG B 880 -57.97 -64.03 -28.05
N LEU B 881 -57.99 -63.20 -27.02
CA LEU B 881 -57.72 -61.77 -27.09
C LEU B 881 -56.59 -61.44 -26.13
N TYR B 882 -55.75 -60.48 -26.51
CA TYR B 882 -54.62 -60.09 -25.66
C TYR B 882 -54.55 -58.56 -25.65
N ILE B 883 -55.25 -57.96 -24.70
CA ILE B 883 -55.36 -56.51 -24.63
C ILE B 883 -54.60 -55.99 -23.42
N GLY B 884 -53.57 -56.72 -23.02
CA GLY B 884 -52.81 -56.33 -21.85
C GLY B 884 -51.93 -55.11 -22.09
N GLU B 885 -51.41 -54.59 -20.98
CA GLU B 885 -50.51 -53.44 -20.98
C GLU B 885 -51.18 -52.24 -21.64
N ASN B 886 -52.36 -51.90 -21.11
CA ASN B 886 -53.07 -50.69 -21.52
C ASN B 886 -53.70 -50.07 -20.28
N ALA B 887 -53.99 -48.78 -20.37
CA ALA B 887 -54.63 -48.09 -19.26
C ALA B 887 -56.14 -48.29 -19.32
N LEU B 888 -56.58 -49.55 -19.44
CA LEU B 888 -58.00 -49.83 -19.51
C LEU B 888 -58.72 -49.40 -18.25
N GLY B 889 -58.40 -50.05 -17.13
CA GLY B 889 -59.03 -49.73 -15.86
C GLY B 889 -60.29 -50.52 -15.59
N ASP B 890 -60.82 -50.31 -14.39
CA ASP B 890 -61.98 -51.05 -13.92
C ASP B 890 -63.20 -50.78 -14.79
N SER B 891 -63.40 -49.52 -15.20
CA SER B 891 -64.54 -49.20 -16.04
C SER B 891 -64.52 -49.99 -17.33
N GLY B 892 -63.37 -49.99 -18.01
CA GLY B 892 -63.27 -50.72 -19.26
C GLY B 892 -63.42 -52.22 -19.08
N VAL B 893 -62.81 -52.77 -18.03
CA VAL B 893 -62.92 -54.21 -17.80
C VAL B 893 -64.37 -54.59 -17.49
N GLN B 894 -65.06 -53.77 -16.70
CA GLN B 894 -66.47 -54.05 -16.41
C GLN B 894 -67.32 -53.96 -17.67
N VAL B 895 -67.04 -52.97 -18.52
CA VAL B 895 -67.80 -52.84 -19.77
C VAL B 895 -67.60 -54.06 -20.64
N LEU B 896 -66.35 -54.53 -20.76
CA LEU B 896 -66.08 -55.73 -21.54
C LEU B 896 -66.77 -56.95 -20.95
N CYS B 897 -66.65 -57.12 -19.63
CA CYS B 897 -67.19 -58.31 -18.98
C CYS B 897 -68.70 -58.36 -19.07
N GLU B 898 -69.37 -57.22 -18.91
CA GLU B 898 -70.84 -57.21 -18.91
C GLU B 898 -71.39 -57.78 -20.21
N LYS B 899 -70.76 -57.44 -21.34
CA LYS B 899 -71.13 -58.06 -22.60
C LYS B 899 -70.51 -59.45 -22.76
N MET B 900 -69.50 -59.77 -21.93
CA MET B 900 -68.84 -61.07 -22.02
C MET B 900 -69.55 -62.17 -21.26
N LYS B 901 -70.48 -61.83 -20.35
CA LYS B 901 -71.13 -62.87 -19.54
C LYS B 901 -72.01 -63.80 -20.34
N ASP B 902 -72.33 -63.48 -21.59
CA ASP B 902 -73.21 -64.33 -22.37
C ASP B 902 -72.54 -65.70 -22.59
N PRO B 903 -73.23 -66.79 -22.30
CA PRO B 903 -72.64 -68.12 -22.56
C PRO B 903 -72.35 -68.36 -24.02
N GLN B 904 -72.99 -67.65 -24.93
CA GLN B 904 -72.71 -67.81 -26.35
C GLN B 904 -71.39 -67.15 -26.75
N CYS B 905 -70.87 -66.24 -25.92
CA CYS B 905 -69.58 -65.62 -26.21
C CYS B 905 -68.49 -66.69 -26.27
N ASN B 906 -67.66 -66.62 -27.31
CA ASN B 906 -66.69 -67.67 -27.62
C ASN B 906 -65.28 -67.31 -27.19
N LEU B 907 -65.10 -66.26 -26.41
CA LEU B 907 -63.76 -65.86 -25.99
C LEU B 907 -63.18 -66.88 -25.01
N GLN B 908 -61.89 -67.17 -25.17
CA GLN B 908 -61.22 -68.17 -24.35
C GLN B 908 -60.11 -67.60 -23.49
N LYS B 909 -59.11 -66.95 -24.08
CA LYS B 909 -57.86 -66.72 -23.36
C LYS B 909 -57.55 -65.24 -23.17
N LEU B 910 -58.52 -64.46 -22.71
CA LEU B 910 -58.33 -63.05 -22.47
C LEU B 910 -57.11 -62.80 -21.58
N GLY B 911 -56.51 -61.62 -21.71
CA GLY B 911 -55.38 -61.24 -20.90
C GLY B 911 -55.35 -59.76 -20.59
N LEU B 912 -55.11 -59.41 -19.33
CA LEU B 912 -55.10 -58.01 -18.88
C LEU B 912 -53.82 -57.70 -18.15
N VAL B 913 -52.69 -58.15 -18.71
CA VAL B 913 -51.40 -57.91 -18.08
C VAL B 913 -51.17 -56.41 -17.91
N ASN B 914 -50.85 -56.00 -16.69
CA ASN B 914 -50.45 -54.63 -16.39
C ASN B 914 -51.48 -53.61 -16.84
N SER B 915 -52.75 -53.89 -16.58
CA SER B 915 -53.84 -52.99 -16.98
C SER B 915 -54.20 -51.98 -15.91
N GLY B 916 -53.49 -51.95 -14.78
CA GLY B 916 -53.78 -51.00 -13.73
C GLY B 916 -55.13 -51.20 -13.07
N LEU B 917 -55.56 -52.44 -12.90
CA LEU B 917 -56.87 -52.73 -12.33
C LEU B 917 -56.79 -52.78 -10.80
N THR B 918 -57.93 -53.05 -10.18
CA THR B 918 -58.00 -53.38 -8.76
C THR B 918 -59.20 -54.29 -8.55
N SER B 919 -59.62 -54.42 -7.29
CA SER B 919 -60.64 -55.40 -6.93
C SER B 919 -62.01 -55.08 -7.49
N ILE B 920 -62.22 -53.87 -8.02
CA ILE B 920 -63.55 -53.47 -8.47
C ILE B 920 -64.02 -54.33 -9.63
N CYS B 921 -63.14 -54.58 -10.60
CA CYS B 921 -63.50 -55.39 -11.75
C CYS B 921 -63.57 -56.88 -11.43
N CYS B 922 -63.14 -57.28 -10.22
CA CYS B 922 -63.12 -58.69 -9.88
C CYS B 922 -64.53 -59.26 -9.77
N SER B 923 -65.50 -58.42 -9.40
CA SER B 923 -66.89 -58.90 -9.38
C SER B 923 -67.37 -59.23 -10.79
N ALA B 924 -67.05 -58.37 -11.76
CA ALA B 924 -67.41 -58.65 -13.15
C ALA B 924 -66.71 -59.91 -13.65
N LEU B 925 -65.43 -60.06 -13.31
CA LEU B 925 -64.72 -61.28 -13.69
C LEU B 925 -65.35 -62.51 -13.04
N THR B 926 -65.81 -62.37 -11.80
CA THR B 926 -66.52 -63.44 -11.12
C THR B 926 -67.80 -63.82 -11.88
N SER B 927 -68.53 -62.81 -12.35
CA SER B 927 -69.73 -63.08 -13.15
C SER B 927 -69.35 -63.82 -14.43
N VAL B 928 -68.26 -63.40 -15.08
CA VAL B 928 -67.82 -64.07 -16.30
C VAL B 928 -67.52 -65.54 -16.03
N LEU B 929 -66.78 -65.81 -14.96
CA LEU B 929 -66.46 -67.19 -14.61
C LEU B 929 -67.70 -67.99 -14.27
N LYS B 930 -68.65 -67.37 -13.56
CA LYS B 930 -69.88 -68.05 -13.22
C LYS B 930 -70.72 -68.40 -14.44
N THR B 931 -70.70 -67.56 -15.46
CA THR B 931 -71.58 -67.74 -16.61
C THR B 931 -70.91 -68.43 -17.78
N ASN B 932 -69.75 -67.95 -18.22
CA ASN B 932 -69.12 -68.46 -19.43
C ASN B 932 -68.62 -69.89 -19.23
N GLN B 933 -68.76 -70.72 -20.26
CA GLN B 933 -68.33 -72.11 -20.23
C GLN B 933 -67.14 -72.40 -21.13
N ASN B 934 -66.52 -71.37 -21.70
CA ASN B 934 -65.36 -71.55 -22.56
C ASN B 934 -64.18 -70.68 -22.18
N PHE B 935 -64.32 -69.84 -21.16
CA PHE B 935 -63.28 -68.90 -20.75
C PHE B 935 -62.23 -69.66 -19.94
N THR B 936 -61.32 -70.33 -20.66
CA THR B 936 -60.36 -71.21 -20.00
C THR B 936 -59.26 -70.41 -19.29
N HIS B 937 -58.46 -69.69 -20.05
CA HIS B 937 -57.31 -69.02 -19.47
C HIS B 937 -57.66 -67.59 -19.08
N LEU B 938 -56.81 -66.98 -18.26
CA LEU B 938 -57.02 -65.62 -17.81
C LEU B 938 -55.78 -65.12 -17.11
N TYR B 939 -55.29 -63.95 -17.50
CA TYR B 939 -54.04 -63.40 -16.98
C TYR B 939 -54.34 -62.13 -16.20
N LEU B 940 -53.66 -61.93 -15.06
CA LEU B 940 -53.87 -60.69 -14.32
C LEU B 940 -52.59 -60.10 -13.73
N ARG B 941 -51.42 -60.38 -14.28
CA ARG B 941 -50.21 -59.96 -13.58
C ARG B 941 -50.09 -58.44 -13.55
N SER B 942 -49.35 -57.94 -12.57
CA SER B 942 -49.06 -56.52 -12.41
C SER B 942 -50.33 -55.69 -12.21
N ASN B 943 -51.35 -56.28 -11.59
CA ASN B 943 -52.57 -55.58 -11.22
C ASN B 943 -52.73 -55.61 -9.71
N ALA B 944 -52.96 -54.45 -9.11
CA ALA B 944 -53.13 -54.35 -7.67
C ALA B 944 -54.51 -54.85 -7.24
N LEU B 945 -54.73 -56.15 -7.46
CA LEU B 945 -56.00 -56.75 -7.09
C LEU B 945 -56.19 -56.78 -5.58
N GLY B 946 -55.19 -57.25 -4.85
CA GLY B 946 -55.28 -57.37 -3.41
C GLY B 946 -56.02 -58.61 -2.97
N ASP B 947 -56.01 -58.84 -1.66
CA ASP B 947 -56.68 -60.00 -1.10
C ASP B 947 -58.19 -59.92 -1.26
N THR B 948 -58.77 -58.73 -1.20
CA THR B 948 -60.19 -58.59 -1.47
C THR B 948 -60.52 -59.00 -2.91
N GLY B 949 -59.68 -58.59 -3.86
CA GLY B 949 -59.88 -59.01 -5.24
C GLY B 949 -59.73 -60.50 -5.42
N LEU B 950 -58.76 -61.09 -4.72
CA LEU B 950 -58.59 -62.55 -4.80
C LEU B 950 -59.80 -63.28 -4.22
N ARG B 951 -60.35 -62.75 -3.12
CA ARG B 951 -61.57 -63.33 -2.56
C ARG B 951 -62.74 -63.21 -3.53
N LEU B 952 -62.87 -62.06 -4.19
CA LEU B 952 -63.94 -61.88 -5.16
C LEU B 952 -63.78 -62.85 -6.33
N LEU B 953 -62.54 -63.07 -6.79
CA LEU B 953 -62.30 -64.05 -7.83
C LEU B 953 -62.64 -65.46 -7.35
N CYS B 954 -62.29 -65.77 -6.10
CA CYS B 954 -62.68 -67.04 -5.51
C CYS B 954 -64.20 -67.22 -5.50
N GLU B 955 -64.93 -66.12 -5.32
CA GLU B 955 -66.39 -66.20 -5.29
C GLU B 955 -66.94 -66.90 -6.52
N GLY B 956 -66.36 -66.65 -7.69
CA GLY B 956 -66.79 -67.31 -8.90
C GLY B 956 -65.99 -68.55 -9.21
N LEU B 957 -64.79 -68.66 -8.63
CA LEU B 957 -63.96 -69.83 -8.85
C LEU B 957 -64.61 -71.09 -8.28
N LEU B 958 -65.25 -70.97 -7.11
CA LEU B 958 -65.87 -72.11 -6.47
C LEU B 958 -67.14 -72.57 -7.18
N HIS B 959 -67.62 -71.83 -8.16
CA HIS B 959 -68.85 -72.18 -8.84
C HIS B 959 -68.70 -73.53 -9.55
N PRO B 960 -69.65 -74.45 -9.40
CA PRO B 960 -69.52 -75.77 -10.05
C PRO B 960 -69.46 -75.70 -11.57
N ASP B 961 -69.95 -74.63 -12.17
CA ASP B 961 -69.95 -74.48 -13.62
C ASP B 961 -68.65 -73.88 -14.15
N CYS B 962 -67.67 -73.65 -13.29
CA CYS B 962 -66.43 -73.01 -13.71
C CYS B 962 -65.67 -73.87 -14.70
N LYS B 963 -64.87 -73.21 -15.54
CA LYS B 963 -64.03 -73.89 -16.52
C LYS B 963 -62.64 -73.31 -16.60
N LEU B 964 -62.27 -72.39 -15.71
CA LEU B 964 -60.99 -71.70 -15.77
C LEU B 964 -59.84 -72.70 -15.64
N GLN B 965 -59.04 -72.83 -16.69
CA GLN B 965 -57.93 -73.77 -16.72
C GLN B 965 -56.58 -73.12 -16.42
N MET B 966 -56.56 -71.86 -16.03
CA MET B 966 -55.35 -71.19 -15.57
C MET B 966 -55.75 -69.85 -14.99
N LEU B 967 -54.94 -69.34 -14.07
CA LEU B 967 -55.25 -68.04 -13.47
C LEU B 967 -53.94 -67.44 -12.98
N GLU B 968 -53.31 -66.64 -13.83
CA GLU B 968 -52.04 -66.01 -13.48
C GLU B 968 -52.26 -64.87 -12.49
N LEU B 969 -51.41 -64.79 -11.47
CA LEU B 969 -51.52 -63.74 -10.46
C LEU B 969 -50.17 -63.11 -10.12
N ASP B 970 -49.15 -63.31 -10.93
CA ASP B 970 -47.81 -62.85 -10.58
C ASP B 970 -47.80 -61.35 -10.37
N ASN B 971 -47.07 -60.91 -9.35
CA ASN B 971 -46.91 -59.48 -9.04
C ASN B 971 -48.23 -58.76 -8.81
N CYS B 972 -49.27 -59.50 -8.41
CA CYS B 972 -50.55 -58.86 -8.13
C CYS B 972 -50.56 -58.11 -6.81
N SER B 973 -49.48 -58.20 -6.02
CA SER B 973 -49.41 -57.62 -4.68
C SER B 973 -50.51 -58.21 -3.78
N LEU B 974 -50.45 -59.53 -3.61
CA LEU B 974 -51.35 -60.23 -2.72
C LEU B 974 -50.78 -60.27 -1.30
N THR B 975 -51.53 -60.90 -0.40
CA THR B 975 -51.11 -61.07 0.98
C THR B 975 -51.73 -62.35 1.54
N SER B 976 -51.42 -62.64 2.79
CA SER B 976 -51.78 -63.89 3.43
C SER B 976 -53.19 -63.89 4.01
N HIS B 977 -53.93 -62.78 3.91
CA HIS B 977 -55.24 -62.72 4.56
C HIS B 977 -56.27 -63.58 3.83
N SER B 978 -56.24 -63.59 2.49
CA SER B 978 -57.16 -64.38 1.68
C SER B 978 -56.64 -65.79 1.43
N CYS B 979 -55.82 -66.30 2.35
CA CYS B 979 -55.08 -67.54 2.11
C CYS B 979 -56.00 -68.75 2.24
N TRP B 980 -56.95 -68.70 3.16
CA TRP B 980 -58.01 -69.69 3.22
C TRP B 980 -58.74 -69.76 1.89
N ASN B 981 -58.86 -68.64 1.19
CA ASN B 981 -59.49 -68.67 -0.13
C ASN B 981 -58.66 -69.50 -1.12
N LEU B 982 -57.34 -69.40 -1.04
CA LEU B 982 -56.48 -70.25 -1.88
C LEU B 982 -56.73 -71.71 -1.56
N SER B 983 -56.80 -72.04 -0.27
CA SER B 983 -57.06 -73.43 0.13
C SER B 983 -58.40 -73.90 -0.41
N THR B 984 -59.42 -73.05 -0.32
CA THR B 984 -60.75 -73.39 -0.81
C THR B 984 -60.75 -73.62 -2.32
N ILE B 985 -60.06 -72.74 -3.06
CA ILE B 985 -59.98 -72.87 -4.51
C ILE B 985 -59.36 -74.21 -4.89
N LEU B 986 -58.25 -74.56 -4.24
CA LEU B 986 -57.64 -75.85 -4.55
C LEU B 986 -58.51 -77.02 -4.14
N THR B 987 -59.21 -76.94 -3.01
CA THR B 987 -60.01 -78.06 -2.54
C THR B 987 -61.29 -78.27 -3.35
N HIS B 988 -61.81 -77.23 -3.99
CA HIS B 988 -63.11 -77.35 -4.65
C HIS B 988 -63.03 -77.28 -6.17
N ASN B 989 -62.16 -76.44 -6.74
CA ASN B 989 -62.05 -76.35 -8.19
C ASN B 989 -61.39 -77.61 -8.71
N HIS B 990 -62.17 -78.44 -9.40
CA HIS B 990 -61.65 -79.66 -10.01
C HIS B 990 -61.16 -79.46 -11.44
N SER B 991 -61.35 -78.27 -12.01
CA SER B 991 -61.00 -78.02 -13.40
C SER B 991 -59.73 -77.18 -13.55
N LEU B 992 -59.45 -76.29 -12.60
CA LEU B 992 -58.24 -75.48 -12.66
C LEU B 992 -57.01 -76.38 -12.62
N ARG B 993 -56.06 -76.13 -13.53
CA ARG B 993 -54.90 -76.99 -13.67
C ARG B 993 -53.57 -76.26 -13.72
N LYS B 994 -53.54 -74.95 -13.45
CA LYS B 994 -52.29 -74.21 -13.38
C LYS B 994 -52.48 -73.05 -12.43
N LEU B 995 -51.40 -72.29 -12.23
CA LEU B 995 -51.43 -71.14 -11.33
C LEU B 995 -50.11 -70.41 -11.44
N ASN B 996 -50.08 -69.20 -10.90
CA ASN B 996 -48.87 -68.40 -10.80
C ASN B 996 -49.00 -67.44 -9.62
N LEU B 997 -48.00 -67.44 -8.73
CA LEU B 997 -48.03 -66.55 -7.58
C LEU B 997 -46.73 -65.80 -7.37
N GLY B 998 -45.95 -65.57 -8.42
CA GLY B 998 -44.67 -64.91 -8.24
C GLY B 998 -44.83 -63.51 -7.68
N ASN B 999 -43.81 -63.08 -6.94
CA ASN B 999 -43.76 -61.75 -6.35
C ASN B 999 -44.97 -61.49 -5.45
N ASN B 1000 -45.37 -62.51 -4.69
CA ASN B 1000 -46.48 -62.41 -3.76
C ASN B 1000 -46.02 -62.88 -2.38
N ASP B 1001 -45.95 -61.95 -1.44
CA ASP B 1001 -45.57 -62.26 -0.06
C ASP B 1001 -46.75 -62.95 0.61
N LEU B 1002 -46.74 -64.29 0.62
CA LEU B 1002 -47.82 -65.06 1.23
C LEU B 1002 -47.47 -65.60 2.60
N GLY B 1003 -46.20 -65.69 2.95
CA GLY B 1003 -45.80 -66.16 4.26
C GLY B 1003 -45.65 -67.67 4.32
N ASP B 1004 -44.87 -68.11 5.31
CA ASP B 1004 -44.57 -69.53 5.45
C ASP B 1004 -45.81 -70.36 5.79
N LEU B 1005 -46.69 -69.82 6.64
CA LEU B 1005 -47.91 -70.53 6.98
C LEU B 1005 -48.74 -70.79 5.74
N CYS B 1006 -48.83 -69.82 4.84
CA CYS B 1006 -49.58 -70.02 3.61
C CYS B 1006 -48.95 -71.10 2.75
N VAL B 1007 -47.62 -71.11 2.63
CA VAL B 1007 -46.98 -72.13 1.80
C VAL B 1007 -47.23 -73.52 2.36
N VAL B 1008 -47.11 -73.67 3.68
CA VAL B 1008 -47.30 -75.00 4.27
C VAL B 1008 -48.77 -75.43 4.18
N THR B 1009 -49.71 -74.49 4.33
CA THR B 1009 -51.12 -74.83 4.15
C THR B 1009 -51.40 -75.23 2.71
N LEU B 1010 -50.80 -74.52 1.74
CA LEU B 1010 -50.85 -74.94 0.35
C LEU B 1010 -50.34 -76.36 0.19
N CYS B 1011 -49.21 -76.68 0.82
CA CYS B 1011 -48.66 -78.02 0.75
C CYS B 1011 -49.67 -79.05 1.25
N GLU B 1012 -50.19 -78.85 2.46
CA GLU B 1012 -51.08 -79.84 3.05
C GLU B 1012 -52.39 -79.96 2.28
N VAL B 1013 -52.87 -78.85 1.69
CA VAL B 1013 -54.03 -78.94 0.82
C VAL B 1013 -53.72 -79.76 -0.42
N LEU B 1014 -52.55 -79.54 -1.03
CA LEU B 1014 -52.18 -80.28 -2.22
C LEU B 1014 -51.95 -81.76 -1.95
N LYS B 1015 -51.67 -82.12 -0.69
CA LYS B 1015 -51.32 -83.52 -0.39
C LYS B 1015 -52.41 -84.48 -0.81
N GLN B 1016 -53.67 -84.14 -0.59
CA GLN B 1016 -54.75 -85.08 -0.82
C GLN B 1016 -54.92 -85.38 -2.30
N GLN B 1017 -55.57 -86.50 -2.59
CA GLN B 1017 -55.83 -86.93 -3.96
C GLN B 1017 -56.98 -86.19 -4.62
N GLY B 1018 -57.70 -85.35 -3.87
CA GLY B 1018 -58.82 -84.60 -4.43
C GLY B 1018 -58.42 -83.39 -5.25
N CYS B 1019 -57.13 -83.08 -5.34
CA CYS B 1019 -56.65 -81.93 -6.09
C CYS B 1019 -56.03 -82.40 -7.40
N LEU B 1020 -56.48 -81.82 -8.51
CA LEU B 1020 -56.00 -82.17 -9.84
C LEU B 1020 -55.08 -81.10 -10.44
N LEU B 1021 -54.58 -80.18 -9.63
CA LEU B 1021 -53.66 -79.16 -10.12
C LEU B 1021 -52.40 -79.82 -10.67
N GLN B 1022 -51.97 -79.37 -11.86
CA GLN B 1022 -50.85 -79.97 -12.56
C GLN B 1022 -49.66 -79.04 -12.72
N SER B 1023 -49.68 -77.86 -12.12
CA SER B 1023 -48.54 -76.95 -12.14
C SER B 1023 -48.81 -75.81 -11.18
N LEU B 1024 -47.74 -75.20 -10.69
CA LEU B 1024 -47.83 -74.10 -9.74
C LEU B 1024 -46.46 -73.46 -9.61
N GLN B 1025 -46.43 -72.15 -9.46
CA GLN B 1025 -45.19 -71.41 -9.38
C GLN B 1025 -45.18 -70.51 -8.15
N LEU B 1026 -44.05 -70.50 -7.46
CA LEU B 1026 -43.80 -69.64 -6.31
C LEU B 1026 -42.44 -68.95 -6.47
N GLY B 1027 -42.19 -68.38 -7.65
CA GLY B 1027 -40.88 -67.83 -7.90
C GLY B 1027 -40.66 -66.51 -7.17
N GLU B 1028 -39.41 -66.28 -6.76
CA GLU B 1028 -38.93 -64.99 -6.29
C GLU B 1028 -39.63 -64.52 -5.00
N MET B 1029 -39.46 -65.30 -3.94
CA MET B 1029 -39.61 -64.80 -2.58
C MET B 1029 -38.73 -65.64 -1.66
N TYR B 1030 -38.73 -65.28 -0.38
CA TYR B 1030 -37.85 -65.88 0.63
C TYR B 1030 -38.67 -66.75 1.57
N LEU B 1031 -38.50 -68.07 1.44
CA LEU B 1031 -39.22 -69.04 2.24
C LEU B 1031 -38.34 -69.52 3.39
N ASN B 1032 -38.78 -70.59 4.05
CA ASN B 1032 -38.09 -71.15 5.22
C ASN B 1032 -37.56 -72.54 4.90
N ARG B 1033 -36.68 -73.03 5.77
CA ARG B 1033 -36.14 -74.37 5.62
C ARG B 1033 -37.24 -75.42 5.72
N GLU B 1034 -38.12 -75.29 6.71
CA GLU B 1034 -39.26 -76.21 6.81
C GLU B 1034 -40.15 -76.11 5.59
N THR B 1035 -40.33 -74.90 5.06
CA THR B 1035 -41.08 -74.71 3.84
C THR B 1035 -40.43 -75.49 2.69
N LYS B 1036 -39.11 -75.41 2.58
CA LYS B 1036 -38.41 -76.14 1.52
C LYS B 1036 -38.57 -77.65 1.71
N ARG B 1037 -38.53 -78.12 2.95
CA ARG B 1037 -38.74 -79.54 3.20
C ARG B 1037 -40.14 -79.97 2.76
N ALA B 1038 -41.15 -79.16 3.09
CA ALA B 1038 -42.52 -79.50 2.68
C ALA B 1038 -42.66 -79.53 1.17
N LEU B 1039 -42.05 -78.55 0.48
CA LEU B 1039 -42.11 -78.52 -0.97
C LEU B 1039 -41.40 -79.72 -1.58
N GLU B 1040 -40.21 -80.07 -1.07
CA GLU B 1040 -39.52 -81.25 -1.56
C GLU B 1040 -40.35 -82.50 -1.34
N ALA B 1041 -41.00 -82.61 -0.17
CA ALA B 1041 -41.85 -83.76 0.09
C ALA B 1041 -42.96 -83.86 -0.95
N LEU B 1042 -43.73 -82.78 -1.11
CA LEU B 1042 -44.85 -82.83 -2.05
C LEU B 1042 -44.38 -83.10 -3.46
N GLN B 1043 -43.15 -82.69 -3.80
CA GLN B 1043 -42.60 -83.12 -5.08
C GLN B 1043 -42.26 -84.60 -5.08
N GLU B 1044 -41.93 -85.16 -3.90
CA GLU B 1044 -41.54 -86.56 -3.83
C GLU B 1044 -42.73 -87.49 -3.96
N GLU B 1045 -43.72 -87.38 -3.07
CA GLU B 1045 -44.83 -88.34 -3.13
C GLU B 1045 -45.66 -88.20 -4.41
N LYS B 1046 -45.89 -86.98 -4.88
CA LYS B 1046 -46.57 -86.76 -6.16
C LYS B 1046 -45.64 -86.00 -7.10
N PRO B 1047 -45.05 -86.66 -8.10
CA PRO B 1047 -44.14 -85.95 -9.00
C PRO B 1047 -44.83 -85.18 -10.12
N GLU B 1048 -46.12 -85.44 -10.37
CA GLU B 1048 -46.82 -84.75 -11.45
C GLU B 1048 -47.02 -83.26 -11.14
N LEU B 1049 -47.24 -82.93 -9.87
CA LEU B 1049 -47.56 -81.55 -9.47
C LEU B 1049 -46.27 -80.75 -9.39
N THR B 1050 -45.92 -80.14 -10.53
CA THR B 1050 -44.67 -79.40 -10.64
C THR B 1050 -44.71 -78.13 -9.79
N ILE B 1051 -43.56 -77.75 -9.24
CA ILE B 1051 -43.40 -76.50 -8.52
C ILE B 1051 -42.17 -75.78 -9.05
N VAL B 1052 -42.22 -74.45 -9.06
CA VAL B 1052 -41.10 -73.64 -9.51
C VAL B 1052 -40.71 -72.76 -8.33
N PHE B 1053 -40.80 -73.32 -7.12
CA PHE B 1053 -40.60 -72.54 -5.91
C PHE B 1053 -39.23 -71.87 -5.88
N GLU B 1054 -38.21 -72.54 -6.42
CA GLU B 1054 -36.86 -71.98 -6.37
C GLU B 1054 -36.80 -70.68 -7.15
N ILE B 1055 -36.18 -69.67 -6.54
CA ILE B 1055 -36.09 -68.35 -7.14
C ILE B 1055 -35.10 -68.37 -8.30
N ASP C 155 10.14 0.54 -51.44
CA ASP C 155 8.88 -0.14 -51.12
C ASP C 155 8.18 -0.63 -52.38
N TYR C 156 7.41 -1.70 -52.23
CA TYR C 156 6.69 -2.27 -53.38
C TYR C 156 5.67 -1.28 -53.93
N CYS C 157 4.92 -0.62 -53.03
CA CYS C 157 3.91 0.33 -53.46
C CYS C 157 4.54 1.51 -54.20
N LYS C 158 5.69 1.99 -53.72
CA LYS C 158 6.35 3.12 -54.36
C LYS C 158 6.78 2.77 -55.79
N MET C 159 7.38 1.59 -55.98
CA MET C 159 7.82 1.19 -57.31
C MET C 159 6.62 0.95 -58.23
N TYR C 160 5.57 0.32 -57.71
CA TYR C 160 4.39 0.09 -58.54
C TYR C 160 3.73 1.41 -58.93
N ARG C 161 3.69 2.36 -58.01
CA ARG C 161 3.15 3.69 -58.32
C ARG C 161 4.00 4.40 -59.36
N ARG C 162 5.32 4.30 -59.25
CA ARG C 162 6.19 4.89 -60.27
C ARG C 162 5.94 4.25 -61.64
N HIS C 163 5.77 2.93 -61.67
CA HIS C 163 5.51 2.25 -62.94
C HIS C 163 4.18 2.69 -63.55
N VAL C 164 3.14 2.79 -62.73
CA VAL C 164 1.85 3.19 -63.28
C VAL C 164 1.85 4.68 -63.64
N ARG C 165 2.68 5.49 -62.98
CA ARG C 165 2.88 6.87 -63.40
C ARG C 165 3.55 6.91 -64.77
N SER C 166 4.55 6.05 -65.00
CA SER C 166 5.17 5.97 -66.30
C SER C 166 4.18 5.54 -67.38
N ARG C 167 3.33 4.55 -67.05
CA ARG C 167 2.33 4.09 -68.00
C ARG C 167 1.31 5.18 -68.32
N PHE C 168 0.83 5.88 -67.29
CA PHE C 168 -0.29 6.80 -67.42
C PHE C 168 0.15 8.26 -67.50
N TYR C 169 1.43 8.52 -67.76
CA TYR C 169 1.90 9.88 -67.92
C TYR C 169 1.25 10.55 -69.13
N SER C 170 1.13 9.82 -70.23
CA SER C 170 0.55 10.34 -71.46
C SER C 170 -0.62 9.46 -71.90
N ILE C 171 -1.42 9.99 -72.82
CA ILE C 171 -2.57 9.26 -73.33
C ILE C 171 -2.43 9.06 -74.84
N SER C 181 3.35 10.98 -77.61
CA SER C 181 1.96 11.40 -77.78
C SER C 181 1.71 12.74 -77.10
N VAL C 182 0.56 12.85 -76.42
CA VAL C 182 0.14 14.08 -75.76
C VAL C 182 0.12 13.86 -74.26
N ASP C 183 0.60 14.86 -73.52
CA ASP C 183 0.63 14.76 -72.06
C ASP C 183 -0.79 14.80 -71.49
N LEU C 184 -1.00 14.05 -70.41
CA LEU C 184 -2.34 13.91 -69.85
C LEU C 184 -2.73 15.11 -68.98
N ASN C 185 -1.96 15.36 -67.92
CA ASN C 185 -2.36 16.36 -66.94
C ASN C 185 -2.39 17.76 -67.54
N SER C 186 -1.39 18.10 -68.37
CA SER C 186 -1.35 19.42 -68.97
C SER C 186 -2.59 19.68 -69.84
N ARG C 187 -2.99 18.68 -70.62
CA ARG C 187 -4.22 18.77 -71.41
C ARG C 187 -5.48 18.47 -70.61
N TYR C 188 -5.32 17.96 -69.39
CA TYR C 188 -6.47 17.61 -68.57
C TYR C 188 -7.22 18.86 -68.11
N THR C 189 -8.54 18.73 -68.02
CA THR C 189 -9.39 19.78 -67.49
C THR C 189 -10.46 19.14 -66.62
N GLN C 190 -10.85 19.84 -65.55
CA GLN C 190 -11.81 19.29 -64.60
C GLN C 190 -13.19 19.12 -65.23
N LEU C 191 -13.95 18.19 -64.67
CA LEU C 191 -15.29 17.87 -65.14
C LEU C 191 -16.29 18.05 -64.01
N GLN C 192 -17.57 18.11 -64.39
CA GLN C 192 -18.67 18.24 -63.45
C GLN C 192 -19.38 16.90 -63.33
N LEU C 193 -19.48 16.39 -62.11
CA LEU C 193 -20.15 15.12 -61.83
C LEU C 193 -21.08 15.29 -60.64
N VAL C 194 -22.26 14.67 -60.73
CA VAL C 194 -23.27 14.74 -59.69
C VAL C 194 -23.76 13.32 -59.39
N LYS C 195 -23.92 13.02 -58.11
CA LYS C 195 -24.45 11.73 -57.71
C LYS C 195 -25.95 11.64 -58.01
N GLU C 196 -26.36 10.52 -58.59
CA GLU C 196 -27.77 10.31 -58.91
C GLU C 196 -28.46 9.51 -57.82
N SER C 222 -22.56 19.22 -56.19
CA SER C 222 -21.71 18.33 -56.97
C SER C 222 -20.81 17.50 -56.06
N LEU C 223 -20.64 16.23 -56.42
CA LEU C 223 -19.78 15.33 -55.64
C LEU C 223 -18.33 15.55 -56.04
N LYS C 224 -17.50 15.95 -55.07
CA LYS C 224 -16.10 16.22 -55.33
C LYS C 224 -15.32 14.92 -55.48
N LEU C 225 -14.27 14.96 -56.30
CA LEU C 225 -13.46 13.77 -56.54
C LEU C 225 -12.70 13.32 -55.30
N GLU C 226 -12.21 14.28 -54.50
CA GLU C 226 -11.55 13.93 -53.25
C GLU C 226 -12.52 13.38 -52.22
N LEU C 227 -13.81 13.57 -52.42
CA LEU C 227 -14.86 13.13 -51.50
C LEU C 227 -15.56 11.88 -52.02
N LEU C 228 -14.80 10.97 -52.61
CA LEU C 228 -15.38 9.83 -53.32
C LEU C 228 -15.93 8.78 -52.37
N PHE C 229 -15.06 8.15 -51.58
CA PHE C 229 -15.40 6.91 -50.89
C PHE C 229 -15.78 7.11 -49.43
N GLU C 230 -15.76 8.33 -48.90
CA GLU C 230 -16.26 8.39 -47.54
C GLU C 230 -17.79 8.34 -47.55
N PRO C 231 -18.40 7.65 -46.59
CA PRO C 231 -19.86 7.57 -46.56
C PRO C 231 -20.47 8.86 -46.01
N GLU C 232 -21.40 9.43 -46.77
CA GLU C 232 -22.11 10.62 -46.30
C GLU C 232 -22.94 10.30 -45.06
N ASP C 233 -23.49 9.09 -45.00
CA ASP C 233 -24.23 8.60 -43.84
C ASP C 233 -23.43 7.50 -43.17
N GLY C 234 -23.48 7.47 -41.84
CA GLY C 234 -22.66 6.54 -41.07
C GLY C 234 -23.10 5.10 -41.17
N HIS C 235 -24.24 4.86 -41.79
CA HIS C 235 -24.81 3.51 -41.94
C HIS C 235 -24.92 3.14 -43.41
N SER C 236 -23.86 3.38 -44.16
CA SER C 236 -23.81 3.04 -45.58
C SER C 236 -23.30 1.62 -45.75
N GLU C 237 -24.01 0.82 -46.54
CA GLU C 237 -23.52 -0.49 -46.91
C GLU C 237 -22.24 -0.33 -47.74
N PRO C 238 -21.39 -1.40 -47.83
CA PRO C 238 -20.02 -1.23 -48.33
C PRO C 238 -19.85 -0.23 -49.46
N VAL C 239 -19.00 0.78 -49.20
CA VAL C 239 -18.81 1.92 -50.10
C VAL C 239 -18.06 1.47 -51.35
N HIS C 240 -17.70 0.19 -51.39
CA HIS C 240 -16.81 -0.33 -52.41
C HIS C 240 -17.49 -0.57 -53.75
N THR C 241 -18.78 -0.24 -53.87
CA THR C 241 -19.56 -0.48 -55.09
C THR C 241 -20.09 0.86 -55.58
N VAL C 242 -19.31 1.51 -56.45
CA VAL C 242 -19.69 2.77 -57.07
C VAL C 242 -19.64 2.59 -58.58
N VAL C 243 -20.71 3.02 -59.26
CA VAL C 243 -20.84 2.88 -60.69
C VAL C 243 -20.89 4.28 -61.30
N PHE C 244 -20.33 4.43 -62.49
CA PHE C 244 -20.25 5.71 -63.19
C PHE C 244 -20.96 5.63 -64.53
N GLN C 245 -21.63 6.74 -64.87
CA GLN C 245 -22.36 6.85 -66.12
C GLN C 245 -21.91 8.10 -66.86
N GLY C 246 -22.05 8.07 -68.18
CA GLY C 246 -21.68 9.22 -68.99
C GLY C 246 -21.86 8.92 -70.45
N ALA C 247 -21.81 9.98 -71.25
CA ALA C 247 -22.00 9.85 -72.69
C ALA C 247 -20.75 9.29 -73.36
N ALA C 248 -20.80 9.18 -74.68
CA ALA C 248 -19.63 8.77 -75.43
C ALA C 248 -18.63 9.92 -75.51
N GLY C 249 -17.42 9.70 -75.00
CA GLY C 249 -16.44 10.76 -74.93
C GLY C 249 -16.58 11.68 -73.76
N ILE C 250 -17.38 11.32 -72.76
CA ILE C 250 -17.58 12.18 -71.60
C ILE C 250 -16.31 12.27 -70.75
N GLY C 251 -15.51 11.21 -70.72
CA GLY C 251 -14.28 11.23 -69.96
C GLY C 251 -14.18 10.17 -68.89
N LYS C 252 -14.88 9.05 -69.06
CA LYS C 252 -14.76 7.96 -68.11
C LYS C 252 -13.36 7.37 -68.12
N THR C 253 -12.81 7.11 -69.30
CA THR C 253 -11.44 6.60 -69.40
C THR C 253 -10.44 7.63 -68.89
N ILE C 254 -10.65 8.90 -69.24
CA ILE C 254 -9.75 9.95 -68.77
C ILE C 254 -9.87 10.11 -67.26
N LEU C 255 -11.08 10.00 -66.72
CA LEU C 255 -11.25 10.03 -65.27
C LEU C 255 -10.50 8.89 -64.59
N ALA C 256 -10.61 7.68 -65.16
CA ALA C 256 -9.92 6.52 -64.59
C ALA C 256 -8.41 6.73 -64.62
N ARG C 257 -7.88 7.16 -65.77
CA ARG C 257 -6.45 7.38 -65.88
C ARG C 257 -5.98 8.51 -64.98
N LYS C 258 -6.80 9.55 -64.82
CA LYS C 258 -6.44 10.66 -63.95
C LYS C 258 -6.41 10.25 -62.49
N ILE C 259 -7.38 9.44 -62.05
CA ILE C 259 -7.35 8.98 -60.66
C ILE C 259 -6.19 8.03 -60.43
N MET C 260 -5.88 7.19 -61.43
CA MET C 260 -4.72 6.32 -61.30
C MET C 260 -3.43 7.13 -61.21
N LEU C 261 -3.32 8.20 -61.99
CA LEU C 261 -2.11 9.02 -61.95
C LEU C 261 -2.02 9.82 -60.65
N ASP C 262 -3.16 10.26 -60.12
CA ASP C 262 -3.17 10.92 -58.82
C ASP C 262 -2.71 9.96 -57.73
N TRP C 263 -3.20 8.72 -57.77
CA TRP C 263 -2.73 7.70 -56.85
C TRP C 263 -1.27 7.35 -57.09
N ALA C 264 -0.75 7.60 -58.29
CA ALA C 264 0.66 7.39 -58.58
C ALA C 264 1.53 8.58 -58.25
N LEU C 265 0.94 9.72 -57.90
CA LEU C 265 1.68 10.95 -57.66
C LEU C 265 1.68 11.38 -56.20
N GLY C 266 1.04 10.62 -55.32
CA GLY C 266 0.97 10.99 -53.92
C GLY C 266 -0.16 11.92 -53.55
N LYS C 267 -1.24 11.96 -54.35
CA LYS C 267 -2.32 12.91 -54.13
C LYS C 267 -3.49 12.30 -53.36
N LEU C 268 -4.06 11.21 -53.88
CA LEU C 268 -5.24 10.60 -53.29
C LEU C 268 -5.00 9.12 -53.01
N PHE C 269 -5.66 8.63 -51.96
CA PHE C 269 -5.58 7.22 -51.54
C PHE C 269 -4.16 6.86 -51.09
N LYS C 270 -3.58 7.71 -50.23
CA LYS C 270 -2.31 7.42 -49.58
C LYS C 270 -2.50 6.95 -48.15
N ASP C 271 -3.17 7.76 -47.33
CA ASP C 271 -3.53 7.37 -45.98
C ASP C 271 -4.79 6.53 -45.92
N LYS C 272 -5.55 6.48 -47.02
CA LYS C 272 -6.81 5.74 -47.08
C LYS C 272 -6.64 4.37 -47.72
N PHE C 273 -6.06 4.32 -48.92
CA PHE C 273 -5.80 3.07 -49.62
C PHE C 273 -4.29 2.92 -49.84
N ASP C 274 -3.89 1.77 -50.36
CA ASP C 274 -2.49 1.50 -50.62
C ASP C 274 -2.25 1.02 -52.03
N TYR C 275 -3.20 0.25 -52.58
CA TYR C 275 -3.07 -0.35 -53.91
C TYR C 275 -4.26 0.02 -54.79
N LEU C 276 -3.96 0.35 -56.04
CA LEU C 276 -4.97 0.58 -57.06
C LEU C 276 -4.61 -0.21 -58.31
N PHE C 277 -5.57 -0.97 -58.84
CA PHE C 277 -5.35 -1.81 -60.00
C PHE C 277 -6.27 -1.39 -61.14
N PHE C 278 -5.82 -1.69 -62.36
CA PHE C 278 -6.54 -1.32 -63.57
C PHE C 278 -6.85 -2.57 -64.37
N ILE C 279 -8.14 -2.75 -64.70
CA ILE C 279 -8.61 -3.87 -65.49
C ILE C 279 -9.43 -3.32 -66.65
N HIS C 280 -9.17 -3.79 -67.86
CA HIS C 280 -9.84 -3.30 -69.05
C HIS C 280 -10.55 -4.45 -69.75
N CYS C 281 -11.79 -4.19 -70.18
CA CYS C 281 -12.59 -5.23 -70.82
C CYS C 281 -12.02 -5.65 -72.16
N ARG C 282 -11.49 -4.70 -72.94
CA ARG C 282 -10.93 -5.03 -74.24
C ARG C 282 -9.75 -5.98 -74.10
N GLU C 283 -8.86 -5.73 -73.14
CA GLU C 283 -7.70 -6.59 -72.94
C GLU C 283 -8.11 -7.93 -72.35
N VAL C 284 -9.09 -7.94 -71.46
CA VAL C 284 -9.54 -9.17 -70.80
C VAL C 284 -10.60 -9.81 -71.70
N SER C 285 -10.18 -10.74 -72.55
CA SER C 285 -11.10 -11.41 -73.44
C SER C 285 -11.96 -12.40 -72.67
N LEU C 286 -13.25 -12.45 -72.99
CA LEU C 286 -14.18 -13.33 -72.30
C LEU C 286 -14.04 -14.79 -72.70
N ARG C 287 -13.48 -15.08 -73.87
CA ARG C 287 -13.35 -16.46 -74.33
C ARG C 287 -12.28 -17.23 -73.58
N THR C 288 -11.22 -16.56 -73.12
CA THR C 288 -10.15 -17.22 -72.40
C THR C 288 -10.39 -17.12 -70.90
N PRO C 289 -10.63 -18.23 -70.20
CA PRO C 289 -10.76 -18.16 -68.75
C PRO C 289 -9.48 -17.68 -68.10
N ARG C 290 -9.63 -16.89 -67.03
CA ARG C 290 -8.49 -16.30 -66.34
C ARG C 290 -8.77 -16.26 -64.85
N SER C 291 -7.79 -15.74 -64.11
CA SER C 291 -7.89 -15.55 -62.67
C SER C 291 -7.47 -14.13 -62.32
N LEU C 292 -7.68 -13.76 -61.06
CA LEU C 292 -7.23 -12.46 -60.59
C LEU C 292 -5.71 -12.36 -60.63
N ALA C 293 -5.02 -13.50 -60.52
CA ALA C 293 -3.56 -13.50 -60.62
C ALA C 293 -3.10 -13.00 -61.97
N ASP C 294 -3.79 -13.42 -63.04
CA ASP C 294 -3.46 -12.94 -64.38
C ASP C 294 -3.62 -11.43 -64.49
N LEU C 295 -4.71 -10.90 -63.95
CA LEU C 295 -4.93 -9.45 -64.00
C LEU C 295 -3.87 -8.70 -63.20
N ILE C 296 -3.50 -9.22 -62.03
CA ILE C 296 -2.47 -8.58 -61.22
C ILE C 296 -1.14 -8.60 -61.94
N VAL C 297 -0.78 -9.74 -62.55
CA VAL C 297 0.49 -9.84 -63.27
C VAL C 297 0.50 -8.88 -64.45
N SER C 298 -0.61 -8.79 -65.18
CA SER C 298 -0.68 -7.84 -66.28
C SER C 298 -0.54 -6.40 -65.79
N CYS C 299 -1.18 -6.08 -64.66
CA CYS C 299 -1.10 -4.73 -64.12
C CYS C 299 0.26 -4.46 -63.48
N TRP C 300 0.84 -5.45 -62.82
CA TRP C 300 2.16 -5.29 -62.24
C TRP C 300 3.21 -5.22 -63.35
N PRO C 301 4.22 -4.36 -63.21
CA PRO C 301 5.30 -4.34 -64.21
C PRO C 301 6.12 -5.61 -64.19
N ASP C 302 6.41 -6.11 -63.00
CA ASP C 302 7.14 -7.35 -62.85
C ASP C 302 6.19 -8.53 -63.13
N PRO C 303 6.55 -9.44 -64.03
CA PRO C 303 5.72 -10.65 -64.22
C PRO C 303 5.71 -11.59 -63.04
N ASN C 304 6.45 -11.29 -61.97
CA ASN C 304 6.50 -12.12 -60.76
C ASN C 304 6.20 -11.23 -59.57
N PRO C 305 4.94 -10.86 -59.38
CA PRO C 305 4.58 -10.01 -58.23
C PRO C 305 4.48 -10.84 -56.96
N PRO C 306 4.66 -10.22 -55.79
CA PRO C 306 4.47 -10.97 -54.54
C PRO C 306 3.00 -11.25 -54.28
N VAL C 307 2.44 -12.24 -54.99
CA VAL C 307 1.01 -12.52 -54.90
C VAL C 307 0.63 -12.90 -53.48
N CYS C 308 1.50 -13.64 -52.79
CA CYS C 308 1.23 -14.00 -51.40
C CYS C 308 1.16 -12.77 -50.50
N LYS C 309 2.03 -11.79 -50.73
CA LYS C 309 2.07 -10.59 -49.88
C LYS C 309 0.94 -9.62 -50.16
N ILE C 310 0.44 -9.56 -51.39
CA ILE C 310 -0.49 -8.50 -51.79
C ILE C 310 -1.95 -8.92 -51.73
N LEU C 311 -2.26 -10.14 -51.31
CA LEU C 311 -3.62 -10.63 -51.25
C LEU C 311 -4.10 -10.85 -49.82
N ARG C 312 -3.68 -9.99 -48.89
CA ARG C 312 -4.04 -10.13 -47.48
C ARG C 312 -4.98 -9.05 -46.97
N LYS C 313 -4.87 -7.82 -47.47
CA LYS C 313 -5.70 -6.70 -47.04
C LYS C 313 -6.40 -6.11 -48.25
N PRO C 314 -7.57 -6.66 -48.63
CA PRO C 314 -8.29 -6.11 -49.78
C PRO C 314 -8.84 -4.71 -49.56
N SER C 315 -8.89 -4.23 -48.31
CA SER C 315 -9.43 -2.90 -48.05
C SER C 315 -8.65 -1.83 -48.81
N ARG C 316 -7.32 -1.95 -48.83
CA ARG C 316 -6.48 -0.99 -49.52
C ARG C 316 -6.24 -1.36 -50.98
N ILE C 317 -7.13 -2.14 -51.58
CA ILE C 317 -7.03 -2.54 -52.98
C ILE C 317 -8.34 -2.17 -53.69
N LEU C 318 -8.21 -1.49 -54.82
CA LEU C 318 -9.36 -1.06 -55.61
C LEU C 318 -9.17 -1.55 -57.05
N PHE C 319 -10.17 -2.26 -57.56
CA PHE C 319 -10.17 -2.78 -58.92
C PHE C 319 -11.05 -1.89 -59.77
N LEU C 320 -10.54 -1.48 -60.93
CA LEU C 320 -11.25 -0.57 -61.82
C LEU C 320 -11.68 -1.31 -63.07
N MET C 321 -12.96 -1.19 -63.41
CA MET C 321 -13.53 -1.80 -64.61
C MET C 321 -14.03 -0.68 -65.51
N ASP C 322 -13.24 -0.35 -66.53
CA ASP C 322 -13.57 0.69 -67.49
C ASP C 322 -14.16 0.09 -68.76
N GLY C 323 -15.10 0.80 -69.35
CA GLY C 323 -15.75 0.32 -70.54
C GLY C 323 -16.55 -0.94 -70.33
N PHE C 324 -17.42 -0.93 -69.31
CA PHE C 324 -18.20 -2.11 -68.93
C PHE C 324 -19.08 -2.63 -70.07
N ASP C 325 -19.21 -1.89 -71.16
CA ASP C 325 -20.12 -2.29 -72.23
C ASP C 325 -19.64 -3.52 -73.01
N GLU C 326 -18.65 -4.26 -72.50
CA GLU C 326 -18.11 -5.44 -73.18
C GLU C 326 -18.06 -6.65 -72.25
N LEU C 327 -19.01 -6.77 -71.32
CA LEU C 327 -18.91 -7.79 -70.28
C LEU C 327 -20.15 -8.67 -70.16
N GLN C 328 -21.34 -8.12 -70.36
CA GLN C 328 -22.58 -8.85 -70.14
C GLN C 328 -22.99 -9.72 -71.32
N GLY C 329 -22.05 -10.11 -72.18
CA GLY C 329 -22.39 -10.95 -73.31
C GLY C 329 -23.05 -12.27 -72.94
N ALA C 330 -22.82 -12.74 -71.71
CA ALA C 330 -23.40 -13.98 -71.24
C ALA C 330 -23.89 -13.90 -69.80
N PHE C 331 -24.06 -12.70 -69.23
CA PHE C 331 -24.58 -12.60 -67.87
C PHE C 331 -26.02 -13.07 -67.78
N ASP C 332 -26.76 -12.98 -68.89
CA ASP C 332 -28.16 -13.38 -68.91
C ASP C 332 -28.35 -14.88 -68.72
N GLU C 333 -27.28 -15.67 -68.84
CA GLU C 333 -27.33 -17.11 -68.63
C GLU C 333 -26.40 -17.61 -67.53
N HIS C 334 -25.41 -16.81 -67.13
CA HIS C 334 -24.43 -17.21 -66.11
C HIS C 334 -24.75 -16.62 -64.75
N ILE C 335 -26.03 -16.52 -64.42
CA ILE C 335 -26.42 -15.93 -63.14
C ILE C 335 -25.95 -16.80 -61.97
N GLY C 336 -26.13 -18.11 -62.08
CA GLY C 336 -25.84 -19.02 -61.00
C GLY C 336 -24.42 -19.54 -60.89
N GLU C 337 -23.53 -19.14 -61.80
CA GLU C 337 -22.15 -19.60 -61.76
C GLU C 337 -21.31 -18.61 -60.95
N VAL C 338 -20.80 -19.08 -59.81
CA VAL C 338 -20.13 -18.23 -58.84
C VAL C 338 -18.74 -18.81 -58.55
N CYS C 339 -17.72 -17.97 -58.66
CA CYS C 339 -16.35 -18.35 -58.34
C CYS C 339 -15.79 -17.43 -57.27
N THR C 340 -15.14 -18.02 -56.26
CA THR C 340 -14.60 -17.26 -55.15
C THR C 340 -13.11 -17.47 -54.91
N ASP C 341 -12.45 -18.31 -55.71
CA ASP C 341 -11.02 -18.55 -55.56
C ASP C 341 -10.25 -17.60 -56.48
N TRP C 342 -9.36 -16.81 -55.89
CA TRP C 342 -8.59 -15.85 -56.67
C TRP C 342 -7.65 -16.53 -57.66
N GLN C 343 -7.20 -17.75 -57.33
CA GLN C 343 -6.29 -18.48 -58.19
C GLN C 343 -7.01 -19.37 -59.21
N LYS C 344 -8.34 -19.42 -59.17
CA LYS C 344 -9.09 -20.27 -60.08
C LYS C 344 -9.26 -19.60 -61.44
N ALA C 345 -9.03 -20.38 -62.49
CA ALA C 345 -9.13 -19.88 -63.86
C ALA C 345 -10.54 -20.15 -64.39
N VAL C 346 -11.36 -19.11 -64.41
CA VAL C 346 -12.74 -19.19 -64.90
C VAL C 346 -12.93 -18.06 -65.89
N ARG C 347 -13.95 -18.20 -66.75
CA ARG C 347 -14.27 -17.19 -67.74
C ARG C 347 -14.30 -15.79 -67.13
N GLY C 348 -13.84 -14.81 -67.91
CA GLY C 348 -13.71 -13.46 -67.38
C GLY C 348 -15.04 -12.87 -66.93
N ASP C 349 -16.10 -13.06 -67.74
CA ASP C 349 -17.40 -12.52 -67.39
C ASP C 349 -17.91 -13.11 -66.07
N ILE C 350 -17.80 -14.43 -65.91
CA ILE C 350 -18.27 -15.06 -64.68
C ILE C 350 -17.47 -14.57 -63.49
N LEU C 351 -16.15 -14.45 -63.65
CA LEU C 351 -15.30 -14.00 -62.55
C LEU C 351 -15.66 -12.58 -62.13
N LEU C 352 -15.85 -11.68 -63.09
CA LEU C 352 -16.21 -10.30 -62.75
C LEU C 352 -17.60 -10.22 -62.14
N SER C 353 -18.53 -11.05 -62.62
CA SER C 353 -19.86 -11.10 -62.00
C SER C 353 -19.76 -11.56 -60.55
N SER C 354 -18.88 -12.51 -60.27
CA SER C 354 -18.63 -12.91 -58.89
C SER C 354 -18.04 -11.76 -58.08
N LEU C 355 -17.12 -11.01 -58.68
CA LEU C 355 -16.51 -9.87 -57.98
C LEU C 355 -17.54 -8.80 -57.63
N ILE C 356 -18.50 -8.55 -58.53
CA ILE C 356 -19.41 -7.42 -58.34
C ILE C 356 -20.23 -7.59 -57.07
N ARG C 357 -20.79 -8.78 -56.85
CA ARG C 357 -21.69 -9.00 -55.73
C ARG C 357 -20.98 -9.15 -54.39
N LYS C 358 -19.68 -8.85 -54.34
CA LYS C 358 -18.90 -8.85 -53.09
C LYS C 358 -18.91 -10.22 -52.42
N LYS C 359 -18.36 -11.20 -53.15
CA LYS C 359 -18.09 -12.52 -52.59
C LYS C 359 -16.68 -13.02 -52.86
N LEU C 360 -16.03 -12.58 -53.93
CA LEU C 360 -14.60 -12.83 -54.14
C LEU C 360 -13.88 -11.54 -53.72
N LEU C 361 -13.04 -11.66 -52.70
CA LEU C 361 -12.49 -10.49 -52.00
C LEU C 361 -13.63 -9.53 -51.65
N PRO C 362 -14.58 -9.95 -50.81
CA PRO C 362 -15.79 -9.15 -50.60
C PRO C 362 -15.53 -7.76 -50.04
N LYS C 363 -14.44 -7.59 -49.31
CA LYS C 363 -14.13 -6.34 -48.65
C LYS C 363 -13.18 -5.46 -49.48
N ALA C 364 -12.78 -5.93 -50.66
CA ALA C 364 -12.01 -5.12 -51.60
C ALA C 364 -12.90 -4.05 -52.23
N SER C 365 -12.28 -3.16 -52.99
CA SER C 365 -12.98 -2.04 -53.60
C SER C 365 -13.16 -2.24 -55.10
N LEU C 366 -14.25 -1.70 -55.63
CA LEU C 366 -14.54 -1.76 -57.05
C LEU C 366 -15.00 -0.40 -57.54
N LEU C 367 -14.56 -0.02 -58.74
CA LEU C 367 -14.97 1.22 -59.40
C LEU C 367 -15.26 0.89 -60.86
N ILE C 368 -16.52 1.00 -61.26
CA ILE C 368 -16.95 0.60 -62.60
C ILE C 368 -17.46 1.82 -63.33
N THR C 369 -16.94 2.04 -64.54
CA THR C 369 -17.40 3.12 -65.41
C THR C 369 -18.16 2.52 -66.58
N THR C 370 -19.43 2.92 -66.74
CA THR C 370 -20.33 2.31 -67.70
C THR C 370 -21.05 3.37 -68.51
N ARG C 371 -21.48 2.99 -69.71
CA ARG C 371 -22.52 3.75 -70.39
C ARG C 371 -23.85 3.56 -69.65
N PRO C 372 -24.67 4.61 -69.58
CA PRO C 372 -25.92 4.51 -68.81
C PRO C 372 -27.02 3.72 -69.47
N VAL C 373 -26.77 3.14 -70.65
CA VAL C 373 -27.86 2.61 -71.48
C VAL C 373 -28.51 1.40 -70.83
N ALA C 374 -27.70 0.44 -70.37
CA ALA C 374 -28.20 -0.88 -70.01
C ALA C 374 -27.80 -1.26 -68.59
N LEU C 375 -28.02 -0.35 -67.65
CA LEU C 375 -27.77 -0.65 -66.23
C LEU C 375 -28.91 -1.44 -65.58
N GLU C 376 -30.03 -1.61 -66.27
CA GLU C 376 -31.23 -2.14 -65.63
C GLU C 376 -30.97 -3.49 -64.96
N LYS C 377 -30.30 -4.40 -65.66
CA LYS C 377 -29.97 -5.69 -65.06
C LYS C 377 -28.81 -5.57 -64.07
N LEU C 378 -27.84 -4.69 -64.35
CA LEU C 378 -26.64 -4.64 -63.52
C LEU C 378 -26.95 -4.27 -62.08
N GLN C 379 -27.97 -3.43 -61.87
CA GLN C 379 -28.34 -3.04 -60.51
C GLN C 379 -28.77 -4.25 -59.69
N HIS C 380 -29.27 -5.30 -60.34
CA HIS C 380 -29.55 -6.54 -59.61
C HIS C 380 -28.27 -7.15 -59.06
N LEU C 381 -27.19 -7.13 -59.83
CA LEU C 381 -25.90 -7.64 -59.37
C LEU C 381 -25.22 -6.71 -58.38
N LEU C 382 -25.75 -5.51 -58.18
CA LEU C 382 -25.12 -4.50 -57.34
C LEU C 382 -25.67 -4.57 -55.93
N ASP C 383 -24.77 -4.48 -54.95
CA ASP C 383 -25.12 -4.52 -53.53
C ASP C 383 -24.93 -3.11 -52.97
N HIS C 384 -26.01 -2.33 -52.98
CA HIS C 384 -26.02 -0.94 -52.53
C HIS C 384 -24.92 -0.14 -53.20
N PRO C 385 -25.01 0.11 -54.50
CA PRO C 385 -23.98 0.89 -55.19
C PRO C 385 -24.22 2.39 -55.06
N ARG C 386 -23.37 3.19 -55.70
CA ARG C 386 -23.61 4.62 -55.83
C ARG C 386 -23.46 4.99 -57.29
N HIS C 387 -24.56 5.40 -57.92
CA HIS C 387 -24.56 5.79 -59.32
C HIS C 387 -24.19 7.26 -59.44
N VAL C 388 -23.07 7.54 -60.11
CA VAL C 388 -22.59 8.91 -60.30
C VAL C 388 -22.47 9.16 -61.79
N GLU C 389 -23.08 10.25 -62.27
CA GLU C 389 -23.04 10.61 -63.67
C GLU C 389 -21.98 11.69 -63.90
N ILE C 390 -21.45 11.72 -65.12
CA ILE C 390 -20.42 12.68 -65.50
C ILE C 390 -21.03 13.62 -66.54
N LEU C 391 -20.91 14.92 -66.30
CA LEU C 391 -21.51 15.91 -67.19
C LEU C 391 -20.49 16.65 -68.06
N GLY C 392 -19.20 16.59 -67.73
CA GLY C 392 -18.20 17.22 -68.56
C GLY C 392 -17.90 18.67 -68.21
N PHE C 393 -17.45 19.43 -69.20
CA PHE C 393 -16.98 20.79 -68.96
C PHE C 393 -18.13 21.74 -68.68
N SER C 394 -17.80 22.83 -67.99
CA SER C 394 -18.64 24.02 -67.94
C SER C 394 -18.01 25.07 -68.86
N GLU C 395 -18.55 26.29 -68.82
CA GLU C 395 -17.99 27.37 -69.64
C GLU C 395 -16.55 27.66 -69.28
N ALA C 396 -16.28 27.88 -67.99
CA ALA C 396 -14.92 28.15 -67.55
C ALA C 396 -14.00 26.96 -67.83
N LYS C 397 -14.50 25.75 -67.60
CA LYS C 397 -13.69 24.56 -67.89
C LYS C 397 -13.44 24.42 -69.38
N ARG C 398 -14.41 24.78 -70.21
CA ARG C 398 -14.18 24.76 -71.66
C ARG C 398 -13.07 25.73 -72.05
N LYS C 399 -13.13 26.95 -71.50
CA LYS C 399 -12.09 27.94 -71.80
C LYS C 399 -10.73 27.46 -71.34
N GLU C 400 -10.68 26.85 -70.16
CA GLU C 400 -9.43 26.27 -69.67
C GLU C 400 -8.92 25.19 -70.61
N TYR C 401 -9.83 24.37 -71.15
CA TYR C 401 -9.41 23.32 -72.06
C TYR C 401 -8.82 23.89 -73.33
N PHE C 402 -9.46 24.91 -73.92
CA PHE C 402 -8.87 25.52 -75.12
C PHE C 402 -7.53 26.18 -74.81
N PHE C 403 -7.38 26.76 -73.61
CA PHE C 403 -6.08 27.29 -73.23
C PHE C 403 -5.03 26.19 -73.14
N LYS C 404 -5.40 25.05 -72.56
CA LYS C 404 -4.46 23.96 -72.39
C LYS C 404 -4.19 23.19 -73.68
N TYR C 405 -5.02 23.35 -74.70
CA TYR C 405 -4.81 22.64 -75.96
C TYR C 405 -3.81 23.38 -76.85
N PHE C 406 -4.14 24.61 -77.25
CA PHE C 406 -3.29 25.35 -78.18
C PHE C 406 -2.08 25.92 -77.47
N SER C 407 -0.93 25.91 -78.15
CA SER C 407 0.28 26.50 -77.62
C SER C 407 0.31 28.01 -77.77
N ASN C 408 -0.61 28.59 -78.53
CA ASN C 408 -0.71 30.03 -78.71
C ASN C 408 -1.92 30.54 -77.94
N GLU C 409 -1.69 31.52 -77.06
CA GLU C 409 -2.80 32.11 -76.31
C GLU C 409 -3.76 32.83 -77.24
N LEU C 410 -3.23 33.55 -78.23
CA LEU C 410 -4.09 34.29 -79.15
C LEU C 410 -4.96 33.34 -79.99
N GLN C 411 -4.37 32.23 -80.46
CA GLN C 411 -5.15 31.26 -81.21
C GLN C 411 -6.22 30.62 -80.34
N ALA C 412 -5.90 30.35 -79.07
CA ALA C 412 -6.90 29.80 -78.16
C ALA C 412 -8.03 30.79 -77.93
N ARG C 413 -7.71 32.09 -77.78
CA ARG C 413 -8.74 33.09 -77.61
C ARG C 413 -9.62 33.22 -78.85
N GLU C 414 -9.01 33.17 -80.04
CA GLU C 414 -9.80 33.21 -81.27
C GLU C 414 -10.71 32.00 -81.38
N ALA C 415 -10.20 30.82 -81.01
CA ALA C 415 -11.03 29.62 -81.02
C ALA C 415 -12.19 29.75 -80.04
N PHE C 416 -11.93 30.29 -78.85
CA PHE C 416 -12.98 30.52 -77.88
C PHE C 416 -14.04 31.48 -78.41
N ARG C 417 -13.60 32.57 -79.04
CA ARG C 417 -14.53 33.55 -79.59
C ARG C 417 -15.38 32.93 -80.69
N LEU C 418 -14.78 32.15 -81.59
CA LEU C 418 -15.57 31.51 -82.64
C LEU C 418 -16.47 30.42 -82.09
N ILE C 419 -16.12 29.83 -80.94
CA ILE C 419 -17.02 28.91 -80.28
C ILE C 419 -18.27 29.63 -79.80
N GLN C 420 -18.09 30.80 -79.16
CA GLN C 420 -19.28 31.59 -78.82
C GLN C 420 -19.95 32.21 -80.04
N GLU C 421 -19.30 32.23 -81.20
CA GLU C 421 -19.98 32.69 -82.41
C GLU C 421 -21.13 31.76 -82.77
N ASN C 422 -20.94 30.45 -82.59
CA ASN C 422 -21.98 29.46 -82.87
C ASN C 422 -22.49 28.90 -81.56
N GLU C 423 -23.74 29.25 -81.21
CA GLU C 423 -24.31 28.78 -79.96
C GLU C 423 -24.42 27.26 -79.93
N VAL C 424 -24.79 26.67 -81.06
CA VAL C 424 -24.95 25.21 -81.12
C VAL C 424 -23.63 24.51 -80.83
N LEU C 425 -22.55 24.99 -81.45
CA LEU C 425 -21.25 24.37 -81.22
C LEU C 425 -20.79 24.58 -79.78
N PHE C 426 -21.05 25.76 -79.22
CA PHE C 426 -20.68 26.01 -77.83
C PHE C 426 -21.42 25.07 -76.89
N THR C 427 -22.71 24.84 -77.15
CA THR C 427 -23.46 23.87 -76.35
C THR C 427 -22.91 22.46 -76.53
N MET C 428 -22.57 22.08 -77.76
CA MET C 428 -22.02 20.76 -78.02
C MET C 428 -20.67 20.56 -77.36
N CYS C 429 -19.93 21.63 -77.12
CA CYS C 429 -18.61 21.50 -76.50
C CYS C 429 -18.67 21.10 -75.03
N PHE C 430 -19.80 20.76 -74.42
CA PHE C 430 -19.76 20.24 -73.06
C PHE C 430 -19.17 18.84 -73.00
N ILE C 431 -19.02 18.18 -74.15
CA ILE C 431 -18.33 16.89 -74.25
C ILE C 431 -16.86 17.17 -74.55
N PRO C 432 -15.93 16.70 -73.72
CA PRO C 432 -14.51 16.98 -73.98
C PRO C 432 -14.02 16.45 -75.32
N LEU C 433 -14.58 15.33 -75.80
CA LEU C 433 -14.16 14.78 -77.08
C LEU C 433 -14.45 15.75 -78.22
N VAL C 434 -15.62 16.40 -78.18
CA VAL C 434 -15.94 17.39 -79.21
C VAL C 434 -14.97 18.57 -79.15
N CYS C 435 -14.57 18.96 -77.93
CA CYS C 435 -13.58 20.01 -77.80
C CYS C 435 -12.25 19.60 -78.42
N TRP C 436 -11.82 18.36 -78.19
CA TRP C 436 -10.59 17.87 -78.79
C TRP C 436 -10.68 17.89 -80.32
N ILE C 437 -11.81 17.41 -80.86
CA ILE C 437 -11.96 17.35 -82.31
C ILE C 437 -11.96 18.76 -82.91
N VAL C 438 -12.69 19.69 -82.29
CA VAL C 438 -12.76 21.04 -82.85
C VAL C 438 -11.41 21.73 -82.72
N CYS C 439 -10.67 21.49 -81.64
CA CYS C 439 -9.35 22.11 -81.50
C CYS C 439 -8.39 21.58 -82.56
N THR C 440 -8.40 20.26 -82.80
CA THR C 440 -7.55 19.70 -83.85
C THR C 440 -7.94 20.24 -85.21
N GLY C 441 -9.25 20.35 -85.47
CA GLY C 441 -9.70 20.90 -86.74
C GLY C 441 -9.25 22.33 -86.95
N LEU C 442 -9.37 23.16 -85.90
CA LEU C 442 -8.94 24.55 -86.00
C LEU C 442 -7.43 24.64 -86.19
N LYS C 443 -6.67 23.76 -85.55
CA LYS C 443 -5.24 23.69 -85.77
C LYS C 443 -4.93 23.41 -87.24
N GLN C 444 -5.60 22.40 -87.81
CA GLN C 444 -5.38 22.07 -89.21
C GLN C 444 -5.79 23.23 -90.12
N GLN C 445 -6.86 23.94 -89.76
CA GLN C 445 -7.31 25.06 -90.58
C GLN C 445 -6.30 26.19 -90.58
N MET C 446 -5.84 26.60 -89.40
CA MET C 446 -4.98 27.78 -89.35
C MET C 446 -3.55 27.49 -89.79
N GLU C 447 -3.06 26.26 -89.58
CA GLU C 447 -1.73 25.93 -90.08
C GLU C 447 -1.69 25.93 -91.60
N THR C 448 -2.72 25.38 -92.24
CA THR C 448 -2.78 25.32 -93.70
C THR C 448 -3.25 26.62 -94.32
N GLY C 449 -3.58 27.63 -93.52
CA GLY C 449 -4.05 28.90 -94.01
C GLY C 449 -5.55 29.02 -94.16
N LYS C 450 -6.29 27.95 -93.95
CA LYS C 450 -7.74 28.00 -94.04
C LYS C 450 -8.33 28.81 -92.89
N SER C 451 -9.46 29.44 -93.15
CA SER C 451 -10.12 30.25 -92.12
C SER C 451 -10.73 29.36 -91.05
N LEU C 452 -10.96 29.95 -89.87
CA LEU C 452 -11.50 29.21 -88.75
C LEU C 452 -13.01 29.35 -88.59
N ALA C 453 -13.62 30.40 -89.16
CA ALA C 453 -15.06 30.58 -89.05
C ALA C 453 -15.84 29.51 -89.78
N GLN C 454 -15.24 28.85 -90.77
CA GLN C 454 -15.93 27.77 -91.46
C GLN C 454 -16.23 26.60 -90.52
N THR C 455 -15.31 26.32 -89.59
CA THR C 455 -15.57 25.29 -88.59
C THR C 455 -16.76 25.66 -87.72
N SER C 456 -16.85 26.93 -87.31
CA SER C 456 -18.00 27.39 -86.53
C SER C 456 -19.29 27.26 -87.32
N LYS C 457 -19.25 27.60 -88.62
CA LYS C 457 -20.45 27.52 -89.44
C LYS C 457 -20.93 26.08 -89.61
N THR C 458 -20.06 25.10 -89.43
CA THR C 458 -20.44 23.69 -89.57
C THR C 458 -21.06 23.22 -88.26
N THR C 459 -22.30 22.74 -88.34
CA THR C 459 -23.06 22.31 -87.17
C THR C 459 -23.46 20.86 -87.30
N THR C 460 -23.40 20.13 -86.18
CA THR C 460 -23.96 18.79 -86.03
C THR C 460 -23.15 17.76 -86.82
N ALA C 461 -22.22 18.22 -87.66
CA ALA C 461 -21.43 17.37 -88.53
C ALA C 461 -19.94 17.60 -88.27
N VAL C 462 -19.57 17.61 -86.99
CA VAL C 462 -18.18 17.85 -86.61
C VAL C 462 -17.28 16.74 -87.13
N TYR C 463 -17.72 15.48 -87.00
CA TYR C 463 -16.89 14.36 -87.41
C TYR C 463 -16.65 14.35 -88.92
N VAL C 464 -17.71 14.57 -89.70
CA VAL C 464 -17.58 14.50 -91.16
C VAL C 464 -16.70 15.63 -91.67
N PHE C 465 -16.94 16.86 -91.17
CA PHE C 465 -16.13 17.99 -91.59
C PHE C 465 -14.67 17.82 -91.16
N PHE C 466 -14.47 17.28 -89.96
CA PHE C 466 -13.11 17.00 -89.48
C PHE C 466 -12.40 15.99 -90.37
N LEU C 467 -13.10 14.92 -90.76
CA LEU C 467 -12.51 13.94 -91.66
C LEU C 467 -12.20 14.56 -93.03
N SER C 468 -13.10 15.39 -93.54
CA SER C 468 -12.86 16.03 -94.83
C SER C 468 -11.67 16.98 -94.78
N SER C 469 -11.54 17.74 -93.69
CA SER C 469 -10.42 18.65 -93.55
C SER C 469 -9.11 17.89 -93.36
N LEU C 470 -9.14 16.73 -92.70
CA LEU C 470 -7.93 15.95 -92.52
C LEU C 470 -7.37 15.49 -93.87
N LEU C 471 -8.24 15.05 -94.76
CA LEU C 471 -7.80 14.55 -96.07
C LEU C 471 -7.98 15.59 -97.15
N PHE C 482 -8.13 5.58 -103.19
CA PHE C 482 -8.49 5.78 -101.80
C PHE C 482 -9.78 5.05 -101.46
N SER C 483 -10.55 4.69 -102.49
CA SER C 483 -11.80 3.98 -102.28
C SER C 483 -11.57 2.61 -101.65
N ASP C 484 -10.52 1.91 -102.08
CA ASP C 484 -10.20 0.61 -101.49
C ASP C 484 -9.85 0.76 -100.01
N TYR C 485 -9.08 1.78 -99.66
CA TYR C 485 -8.77 2.04 -98.26
C TYR C 485 -10.04 2.28 -97.45
N LEU C 486 -10.94 3.11 -97.97
CA LEU C 486 -12.18 3.41 -97.25
C LEU C 486 -13.01 2.16 -97.08
N GLN C 487 -13.14 1.35 -98.14
CA GLN C 487 -13.93 0.12 -98.05
C GLN C 487 -13.32 -0.85 -97.04
N GLY C 488 -11.99 -1.00 -97.06
CA GLY C 488 -11.35 -1.91 -96.12
C GLY C 488 -11.51 -1.47 -94.68
N LEU C 489 -11.28 -0.17 -94.42
CA LEU C 489 -11.43 0.33 -93.06
C LEU C 489 -12.88 0.22 -92.58
N CYS C 490 -13.83 0.53 -93.47
CA CYS C 490 -15.24 0.44 -93.10
C CYS C 490 -15.65 -1.00 -92.81
N SER C 491 -15.18 -1.95 -93.62
CA SER C 491 -15.51 -3.35 -93.38
C SER C 491 -14.81 -3.86 -92.12
N LEU C 492 -13.61 -3.37 -91.83
CA LEU C 492 -12.94 -3.71 -90.57
C LEU C 492 -13.76 -3.23 -89.38
N ALA C 493 -14.26 -1.99 -89.46
CA ALA C 493 -15.11 -1.47 -88.38
C ALA C 493 -16.39 -2.29 -88.25
N ALA C 494 -16.99 -2.67 -89.38
CA ALA C 494 -18.22 -3.45 -89.34
C ALA C 494 -18.00 -4.82 -88.71
N ASP C 495 -16.91 -5.50 -89.09
CA ASP C 495 -16.62 -6.80 -88.50
C ASP C 495 -16.26 -6.68 -87.02
N GLY C 496 -15.59 -5.60 -86.63
CA GLY C 496 -15.41 -5.35 -85.21
C GLY C 496 -16.74 -5.15 -84.51
N ILE C 497 -17.70 -4.53 -85.21
CA ILE C 497 -19.04 -4.35 -84.65
C ILE C 497 -19.70 -5.70 -84.40
N TRP C 498 -19.70 -6.57 -85.41
CA TRP C 498 -20.32 -7.88 -85.21
C TRP C 498 -19.59 -8.70 -84.15
N ASN C 499 -18.27 -8.73 -84.21
CA ASN C 499 -17.47 -9.64 -83.39
C ASN C 499 -17.13 -9.07 -82.01
N GLN C 500 -17.52 -7.82 -81.72
CA GLN C 500 -17.16 -7.16 -80.46
C GLN C 500 -15.65 -7.15 -80.24
N LYS C 501 -14.90 -7.07 -81.34
CA LYS C 501 -13.45 -7.11 -81.30
C LYS C 501 -12.89 -5.72 -81.59
N ILE C 502 -11.90 -5.31 -80.80
CA ILE C 502 -11.28 -4.00 -80.97
C ILE C 502 -9.80 -4.21 -81.25
N LEU C 503 -9.24 -5.30 -80.72
CA LEU C 503 -7.82 -5.61 -80.89
C LEU C 503 -7.63 -6.47 -82.14
N PHE C 504 -7.81 -5.82 -83.28
CA PHE C 504 -7.78 -6.53 -84.56
C PHE C 504 -6.39 -7.08 -84.86
N GLU C 505 -6.36 -8.20 -85.57
CA GLU C 505 -5.12 -8.85 -85.99
C GLU C 505 -4.98 -8.73 -87.51
N GLU C 506 -3.96 -9.40 -88.05
CA GLU C 506 -3.69 -9.31 -89.48
C GLU C 506 -4.82 -9.89 -90.32
N CYS C 507 -5.48 -10.94 -89.82
CA CYS C 507 -6.45 -11.69 -90.64
C CYS C 507 -7.62 -10.80 -91.06
N ASP C 508 -8.06 -9.89 -90.18
CA ASP C 508 -9.13 -8.97 -90.55
C ASP C 508 -8.73 -8.11 -91.73
N LEU C 509 -7.54 -7.51 -91.67
CA LEU C 509 -7.07 -6.66 -92.76
C LEU C 509 -6.88 -7.47 -94.04
N ARG C 510 -6.45 -8.73 -93.91
CA ARG C 510 -6.33 -9.59 -95.08
C ARG C 510 -7.70 -9.84 -95.72
N LYS C 511 -8.71 -10.14 -94.90
CA LYS C 511 -10.05 -10.39 -95.42
C LYS C 511 -10.63 -9.14 -96.08
N HIS C 512 -10.41 -7.97 -95.48
CA HIS C 512 -10.95 -6.72 -96.00
C HIS C 512 -10.08 -6.08 -97.07
N GLY C 513 -8.93 -6.69 -97.39
CA GLY C 513 -8.04 -6.11 -98.36
C GLY C 513 -7.18 -4.98 -97.83
N LEU C 514 -7.20 -4.73 -96.53
CA LEU C 514 -6.34 -3.72 -95.93
C LEU C 514 -4.92 -4.26 -95.78
N GLN C 515 -3.95 -3.42 -96.09
CA GLN C 515 -2.54 -3.81 -96.12
C GLN C 515 -1.76 -3.07 -95.05
N LYS C 516 -0.44 -3.27 -95.04
CA LYS C 516 0.41 -2.68 -94.02
C LYS C 516 0.49 -1.17 -94.16
N THR C 517 0.39 -0.64 -95.39
CA THR C 517 0.41 0.80 -95.62
C THR C 517 -0.93 1.46 -95.35
N ASP C 518 -1.84 0.78 -94.65
CA ASP C 518 -3.18 1.29 -94.38
C ASP C 518 -3.39 1.68 -92.93
N VAL C 519 -2.34 2.16 -92.25
CA VAL C 519 -2.45 2.63 -90.87
C VAL C 519 -2.43 4.15 -90.88
N SER C 520 -3.43 4.76 -90.27
CA SER C 520 -3.59 6.21 -90.25
C SER C 520 -3.74 6.72 -88.82
N ALA C 521 -4.07 8.01 -88.69
CA ALA C 521 -4.20 8.62 -87.37
C ALA C 521 -5.36 8.03 -86.58
N PHE C 522 -6.48 7.75 -87.24
CA PHE C 522 -7.64 7.17 -86.54
C PHE C 522 -7.29 5.80 -85.97
N LEU C 523 -6.57 4.98 -86.72
CA LEU C 523 -6.10 3.70 -86.25
C LEU C 523 -4.86 3.90 -85.39
N ARG C 524 -4.39 2.82 -84.77
CA ARG C 524 -3.19 2.87 -83.95
C ARG C 524 -2.56 1.49 -83.91
N MET C 525 -1.23 1.45 -84.07
CA MET C 525 -0.47 0.21 -84.03
C MET C 525 0.26 0.11 -82.70
N ASN C 526 0.17 -1.06 -82.07
CA ASN C 526 0.77 -1.29 -80.76
C ASN C 526 1.64 -2.54 -80.78
N ARG C 536 1.77 -7.67 -83.90
CA ARG C 536 1.27 -6.31 -84.04
C ARG C 536 -0.18 -6.22 -83.59
N PHE C 537 -0.55 -5.09 -82.98
CA PHE C 537 -1.90 -4.84 -82.51
C PHE C 537 -2.49 -3.66 -83.25
N TYR C 538 -3.71 -3.84 -83.77
CA TYR C 538 -4.46 -2.76 -84.42
C TYR C 538 -5.60 -2.36 -83.52
N SER C 539 -5.73 -1.06 -83.25
CA SER C 539 -6.80 -0.59 -82.38
C SER C 539 -7.19 0.82 -82.75
N PHE C 540 -8.50 1.09 -82.74
CA PHE C 540 -8.97 2.45 -82.93
C PHE C 540 -8.63 3.30 -81.71
N SER C 541 -8.31 4.58 -81.97
CA SER C 541 -7.94 5.47 -80.88
C SER C 541 -9.10 5.67 -79.91
N HIS C 542 -10.30 5.86 -80.43
CA HIS C 542 -11.51 6.01 -79.62
C HIS C 542 -12.67 5.38 -80.38
N MET C 543 -13.57 4.73 -79.64
CA MET C 543 -14.56 3.88 -80.29
C MET C 543 -15.49 4.67 -81.20
N THR C 544 -15.85 5.90 -80.81
CA THR C 544 -16.77 6.70 -81.61
C THR C 544 -16.32 6.77 -83.06
N PHE C 545 -15.01 6.81 -83.28
CA PHE C 545 -14.49 6.80 -84.65
C PHE C 545 -14.85 5.49 -85.36
N GLN C 546 -14.76 4.35 -84.67
CA GLN C 546 -15.07 3.10 -85.37
C GLN C 546 -16.56 2.93 -85.60
N GLU C 547 -17.40 3.41 -84.66
CA GLU C 547 -18.83 3.41 -84.99
C GLU C 547 -19.12 4.34 -86.17
N PHE C 548 -18.40 5.47 -86.28
CA PHE C 548 -18.60 6.36 -87.41
C PHE C 548 -18.23 5.69 -88.72
N PHE C 549 -17.09 4.98 -88.73
CA PHE C 549 -16.68 4.29 -89.95
C PHE C 549 -17.64 3.16 -90.31
N ALA C 550 -18.13 2.44 -89.30
CA ALA C 550 -19.11 1.38 -89.56
C ALA C 550 -20.40 1.97 -90.13
N ALA C 551 -20.83 3.12 -89.61
CA ALA C 551 -22.01 3.78 -90.17
C ALA C 551 -21.79 4.22 -91.60
N MET C 552 -20.60 4.77 -91.90
CA MET C 552 -20.29 5.17 -93.26
C MET C 552 -20.17 3.98 -94.19
N TYR C 553 -19.88 2.79 -93.67
CA TYR C 553 -19.74 1.60 -94.50
C TYR C 553 -21.00 1.32 -95.30
N TYR C 554 -22.16 1.38 -94.63
CA TYR C 554 -23.40 0.91 -95.25
C TYR C 554 -23.94 1.86 -96.31
N LEU C 555 -23.21 2.93 -96.64
CA LEU C 555 -23.64 3.84 -97.69
C LEU C 555 -22.70 3.91 -98.87
N LEU C 556 -21.44 3.49 -98.71
CA LEU C 556 -20.48 3.47 -99.82
C LEU C 556 -20.97 2.59 -100.96
N ASN C 577 -21.24 -7.81 -94.52
CA ASN C 577 -22.65 -7.73 -94.90
C ASN C 577 -23.07 -6.28 -95.13
N ARG C 578 -23.74 -6.04 -96.26
CA ARG C 578 -24.21 -4.71 -96.63
C ARG C 578 -25.71 -4.55 -96.40
N ASP C 579 -26.40 -5.61 -96.01
CA ASP C 579 -27.84 -5.55 -95.75
C ASP C 579 -28.07 -4.70 -94.51
N VAL C 580 -28.78 -3.58 -94.68
CA VAL C 580 -28.97 -2.63 -93.60
C VAL C 580 -29.79 -3.20 -92.45
N LYS C 581 -30.60 -4.23 -92.72
CA LYS C 581 -31.51 -4.75 -91.70
C LYS C 581 -30.79 -5.27 -90.46
N VAL C 582 -29.51 -5.62 -90.58
CA VAL C 582 -28.76 -6.07 -89.42
C VAL C 582 -28.71 -4.97 -88.36
N LEU C 583 -28.60 -3.72 -88.80
CA LEU C 583 -28.65 -2.60 -87.87
C LEU C 583 -30.05 -2.43 -87.31
N LEU C 584 -31.07 -2.74 -88.10
CA LEU C 584 -32.45 -2.46 -87.69
C LEU C 584 -32.93 -3.43 -86.62
N GLU C 585 -32.66 -4.72 -86.78
CA GLU C 585 -33.26 -5.74 -85.91
C GLU C 585 -32.27 -6.39 -84.95
N ASN C 586 -31.01 -6.57 -85.33
CA ASN C 586 -30.03 -7.20 -84.46
C ASN C 586 -29.54 -6.28 -83.34
N TYR C 587 -30.23 -5.17 -83.12
CA TYR C 587 -29.98 -4.34 -81.95
C TYR C 587 -30.33 -5.10 -80.68
N GLY C 588 -29.56 -4.85 -79.62
CA GLY C 588 -29.77 -5.49 -78.34
C GLY C 588 -28.91 -6.71 -78.10
N LYS C 589 -28.32 -7.28 -79.15
CA LYS C 589 -27.39 -8.39 -78.97
C LYS C 589 -26.14 -7.94 -78.22
N PHE C 590 -25.81 -6.66 -78.30
CA PHE C 590 -24.70 -6.07 -77.58
C PHE C 590 -25.26 -5.16 -76.48
N GLU C 591 -24.70 -5.27 -75.28
CA GLU C 591 -25.16 -4.44 -74.17
C GLU C 591 -24.88 -2.97 -74.44
N LYS C 592 -25.78 -2.12 -73.91
CA LYS C 592 -25.68 -0.66 -73.94
C LYS C 592 -25.76 -0.08 -75.34
N GLY C 593 -26.18 -0.86 -76.33
CA GLY C 593 -26.58 -0.31 -77.61
C GLY C 593 -25.51 0.40 -78.41
N TYR C 594 -24.53 -0.35 -78.91
CA TYR C 594 -23.53 0.26 -79.79
C TYR C 594 -24.17 0.77 -81.08
N LEU C 595 -25.19 0.09 -81.57
CA LEU C 595 -25.73 0.35 -82.90
C LEU C 595 -26.36 1.73 -83.05
N ILE C 596 -27.13 2.19 -82.05
CA ILE C 596 -27.86 3.44 -82.18
C ILE C 596 -26.90 4.58 -82.52
N PHE C 597 -25.80 4.69 -81.77
CA PHE C 597 -24.80 5.69 -82.09
C PHE C 597 -24.33 5.55 -83.53
N VAL C 598 -23.99 4.32 -83.93
CA VAL C 598 -23.75 4.02 -85.35
C VAL C 598 -24.87 4.61 -86.19
N VAL C 599 -26.10 4.16 -85.92
CA VAL C 599 -27.25 4.56 -86.73
C VAL C 599 -27.41 6.08 -86.68
N ARG C 600 -27.00 6.71 -85.58
CA ARG C 600 -27.08 8.17 -85.53
C ARG C 600 -26.31 8.80 -86.67
N PHE C 601 -25.03 8.41 -86.83
CA PHE C 601 -24.26 8.92 -87.96
C PHE C 601 -24.88 8.50 -89.28
N LEU C 602 -25.59 7.37 -89.31
CA LEU C 602 -26.34 7.01 -90.51
C LEU C 602 -27.34 8.11 -90.85
N PHE C 603 -28.15 8.54 -89.88
CA PHE C 603 -29.03 9.68 -90.13
C PHE C 603 -28.22 10.92 -90.47
N GLY C 604 -26.99 11.02 -89.95
CA GLY C 604 -26.14 12.12 -90.35
C GLY C 604 -25.79 12.08 -91.81
N LEU C 605 -25.47 10.88 -92.32
CA LEU C 605 -24.92 10.79 -93.67
C LEU C 605 -26.01 10.78 -94.73
N VAL C 606 -27.19 10.28 -94.40
CA VAL C 606 -28.26 10.13 -95.39
C VAL C 606 -28.89 11.47 -95.70
N ASN C 607 -28.49 12.52 -94.98
CA ASN C 607 -28.96 13.87 -95.29
C ASN C 607 -28.58 14.24 -96.72
N GLN C 608 -29.54 14.80 -97.45
CA GLN C 608 -29.36 15.02 -98.89
C GLN C 608 -28.15 15.91 -99.17
N GLU C 609 -28.05 17.04 -98.46
CA GLU C 609 -26.88 17.88 -98.63
C GLU C 609 -25.62 17.17 -98.14
N ARG C 610 -25.71 16.49 -96.99
CA ARG C 610 -24.55 15.78 -96.47
C ARG C 610 -24.19 14.58 -97.35
N THR C 611 -25.20 13.89 -97.90
CA THR C 611 -24.92 12.80 -98.83
C THR C 611 -24.23 13.31 -100.09
N SER C 612 -24.72 14.42 -100.64
CA SER C 612 -24.10 15.00 -101.83
C SER C 612 -22.67 15.45 -101.54
N TYR C 613 -22.45 16.06 -100.37
CA TYR C 613 -21.11 16.49 -100.01
C TYR C 613 -20.17 15.31 -99.85
N LEU C 614 -20.65 14.23 -99.23
CA LEU C 614 -19.83 13.03 -99.09
C LEU C 614 -19.47 12.44 -100.45
N GLU C 615 -20.45 12.37 -101.36
CA GLU C 615 -20.20 11.83 -102.69
C GLU C 615 -19.21 12.69 -103.46
N LYS C 616 -19.35 14.01 -103.37
CA LYS C 616 -18.48 14.90 -104.13
C LYS C 616 -17.14 15.15 -103.46
N LYS C 617 -16.97 14.73 -102.21
CA LYS C 617 -15.69 14.83 -101.53
C LYS C 617 -14.90 13.53 -101.54
N LEU C 618 -15.56 12.39 -101.68
CA LEU C 618 -14.88 11.11 -101.74
C LEU C 618 -15.07 10.39 -103.07
N SER C 619 -15.75 11.00 -104.04
CA SER C 619 -15.97 10.45 -105.38
C SER C 619 -16.72 9.13 -105.34
N CYS C 620 -17.47 8.85 -104.28
CA CYS C 620 -18.22 7.63 -104.12
C CYS C 620 -19.70 7.89 -104.33
N LYS C 621 -20.49 6.84 -104.14
CA LYS C 621 -21.94 6.90 -104.29
C LYS C 621 -22.60 6.42 -103.00
N ILE C 622 -23.74 7.03 -102.67
CA ILE C 622 -24.48 6.71 -101.44
C ILE C 622 -25.82 6.11 -101.83
N SER C 623 -26.14 4.96 -101.24
CA SER C 623 -27.43 4.34 -101.48
C SER C 623 -28.55 5.20 -100.89
N GLN C 624 -29.73 5.11 -101.53
CA GLN C 624 -30.87 5.93 -101.12
C GLN C 624 -32.05 5.13 -100.56
N GLN C 625 -32.14 3.83 -100.83
CA GLN C 625 -33.17 3.02 -100.20
C GLN C 625 -32.97 2.93 -98.69
N VAL C 626 -31.76 3.21 -98.21
CA VAL C 626 -31.47 3.20 -96.78
C VAL C 626 -32.35 4.22 -96.05
N ARG C 627 -32.60 5.37 -96.68
CA ARG C 627 -33.45 6.38 -96.04
C ARG C 627 -34.86 5.86 -95.84
N LEU C 628 -35.42 5.21 -96.86
CA LEU C 628 -36.77 4.66 -96.72
C LEU C 628 -36.81 3.53 -95.70
N GLU C 629 -35.79 2.69 -95.68
CA GLU C 629 -35.74 1.62 -94.68
C GLU C 629 -35.64 2.21 -93.27
N LEU C 630 -34.86 3.27 -93.10
CA LEU C 630 -34.77 3.92 -91.80
C LEU C 630 -36.10 4.56 -91.41
N LEU C 631 -36.80 5.15 -92.38
CA LEU C 631 -38.14 5.67 -92.11
C LEU C 631 -39.05 4.56 -91.60
N LYS C 632 -39.09 3.43 -92.32
CA LYS C 632 -39.92 2.30 -91.89
C LYS C 632 -39.53 1.85 -90.49
N TRP C 633 -38.23 1.84 -90.19
CA TRP C 633 -37.79 1.54 -88.83
C TRP C 633 -38.30 2.58 -87.84
N ILE C 634 -38.43 3.83 -88.26
CA ILE C 634 -38.96 4.87 -87.39
C ILE C 634 -40.41 4.56 -87.01
N GLU C 635 -41.23 4.19 -88.00
CA GLU C 635 -42.60 3.82 -87.64
C GLU C 635 -42.64 2.53 -86.83
N VAL C 636 -41.71 1.61 -87.09
CA VAL C 636 -41.65 0.38 -86.29
C VAL C 636 -41.38 0.70 -84.83
N LYS C 637 -40.42 1.60 -84.58
CA LYS C 637 -40.12 2.00 -83.22
C LYS C 637 -41.27 2.77 -82.58
N ALA C 638 -41.92 3.65 -83.35
CA ALA C 638 -42.96 4.50 -82.79
C ALA C 638 -44.21 3.70 -82.44
N LYS C 639 -44.60 2.76 -83.30
CA LYS C 639 -45.88 2.09 -83.17
C LYS C 639 -45.79 0.70 -82.53
N ALA C 640 -44.62 0.34 -81.99
CA ALA C 640 -44.48 -0.98 -81.38
C ALA C 640 -45.18 -1.03 -80.03
N LYS C 641 -45.38 -2.26 -79.54
CA LYS C 641 -46.03 -2.47 -78.24
C LYS C 641 -45.00 -2.65 -77.13
N LYS C 642 -44.14 -3.65 -77.25
CA LYS C 642 -43.12 -3.97 -76.24
C LYS C 642 -42.03 -2.90 -76.33
N LEU C 643 -42.31 -1.75 -75.73
CA LEU C 643 -41.45 -0.58 -75.84
C LEU C 643 -40.36 -0.53 -74.80
N GLN C 644 -40.22 -1.58 -73.97
CA GLN C 644 -39.20 -1.57 -72.93
C GLN C 644 -37.80 -1.76 -73.51
N TRP C 645 -37.66 -2.70 -74.45
CA TRP C 645 -36.33 -3.05 -74.94
C TRP C 645 -35.72 -1.95 -75.82
N GLN C 646 -36.56 -1.18 -76.49
CA GLN C 646 -36.05 -0.15 -77.38
C GLN C 646 -35.36 0.95 -76.57
N PRO C 647 -34.43 1.68 -77.18
CA PRO C 647 -33.87 2.85 -76.48
C PRO C 647 -34.89 3.99 -76.41
N SER C 648 -34.59 5.00 -75.59
CA SER C 648 -35.56 6.04 -75.29
C SER C 648 -35.88 6.87 -76.52
N GLN C 649 -36.96 7.65 -76.40
CA GLN C 649 -37.40 8.50 -77.51
C GLN C 649 -36.47 9.68 -77.72
N LEU C 650 -35.75 10.08 -76.68
CA LEU C 650 -34.77 11.15 -76.81
C LEU C 650 -33.68 10.79 -77.80
N GLU C 651 -33.34 9.50 -77.90
CA GLU C 651 -32.40 9.06 -78.93
C GLU C 651 -32.98 9.29 -80.33
N LEU C 652 -34.27 9.00 -80.50
CA LEU C 652 -34.93 9.27 -81.77
C LEU C 652 -34.86 10.75 -82.11
N PHE C 653 -35.06 11.60 -81.10
CA PHE C 653 -35.01 13.04 -81.36
C PHE C 653 -33.59 13.50 -81.66
N TYR C 654 -32.59 12.91 -81.01
CA TYR C 654 -31.20 13.16 -81.38
C TYR C 654 -30.97 12.82 -82.85
N CYS C 655 -31.47 11.68 -83.30
CA CYS C 655 -31.30 11.30 -84.70
C CYS C 655 -31.98 12.29 -85.63
N LEU C 656 -33.23 12.64 -85.33
CA LEU C 656 -33.99 13.54 -86.18
C LEU C 656 -33.39 14.94 -86.21
N TYR C 657 -32.70 15.34 -85.14
CA TYR C 657 -31.95 16.59 -85.17
C TYR C 657 -30.66 16.45 -85.95
N GLU C 658 -30.02 15.27 -85.87
CA GLU C 658 -28.78 15.04 -86.60
C GLU C 658 -28.99 15.12 -88.10
N MET C 659 -30.04 14.48 -88.62
CA MET C 659 -30.20 14.40 -90.06
C MET C 659 -30.50 15.77 -90.68
N GLN C 660 -31.37 16.55 -90.03
CA GLN C 660 -31.64 17.93 -90.43
C GLN C 660 -32.26 18.04 -91.83
N GLU C 661 -33.19 17.14 -92.16
CA GLU C 661 -33.90 17.18 -93.44
C GLU C 661 -35.37 17.50 -93.17
N GLU C 662 -35.77 18.73 -93.51
CA GLU C 662 -37.04 19.27 -93.01
C GLU C 662 -38.22 18.38 -93.38
N ASP C 663 -38.39 18.09 -94.67
CA ASP C 663 -39.56 17.34 -95.11
C ASP C 663 -39.57 15.93 -94.54
N PHE C 664 -38.42 15.25 -94.55
CA PHE C 664 -38.40 13.90 -94.01
C PHE C 664 -38.64 13.91 -92.51
N VAL C 665 -38.08 14.90 -91.81
CA VAL C 665 -38.33 15.01 -90.37
C VAL C 665 -39.81 15.17 -90.10
N GLN C 666 -40.48 16.06 -90.85
CA GLN C 666 -41.91 16.28 -90.63
C GLN C 666 -42.70 15.01 -90.92
N SER C 667 -42.40 14.33 -92.04
CA SER C 667 -43.17 13.16 -92.44
C SER C 667 -42.98 12.00 -91.46
N ALA C 668 -41.73 11.72 -91.08
CA ALA C 668 -41.46 10.60 -90.18
C ALA C 668 -41.76 10.98 -88.73
N MET C 669 -42.00 12.25 -88.46
CA MET C 669 -42.29 12.71 -87.11
C MET C 669 -43.78 12.90 -86.86
N ASP C 670 -44.59 13.01 -87.91
CA ASP C 670 -46.04 13.05 -87.71
C ASP C 670 -46.59 11.77 -87.09
N HIS C 671 -45.73 10.78 -86.81
CA HIS C 671 -46.14 9.53 -86.19
C HIS C 671 -45.94 9.53 -84.67
N PHE C 672 -45.94 10.71 -84.05
CA PHE C 672 -45.79 10.85 -82.61
C PHE C 672 -46.91 11.74 -82.07
N PRO C 673 -48.13 11.21 -81.97
CA PRO C 673 -49.21 11.99 -81.35
C PRO C 673 -48.93 12.35 -79.89
N LYS C 674 -48.25 11.46 -79.15
CA LYS C 674 -47.90 11.71 -77.76
C LYS C 674 -46.39 11.67 -77.62
N ILE C 675 -45.82 12.72 -77.03
CA ILE C 675 -44.37 12.87 -76.90
C ILE C 675 -44.02 12.97 -75.43
N GLU C 676 -43.09 12.12 -74.98
CA GLU C 676 -42.57 12.17 -73.62
C GLU C 676 -41.05 12.22 -73.69
N ILE C 677 -40.46 13.21 -73.05
CA ILE C 677 -39.02 13.42 -73.08
C ILE C 677 -38.54 13.85 -71.70
N ASN C 678 -37.31 13.45 -71.36
CA ASN C 678 -36.69 13.82 -70.10
C ASN C 678 -35.36 14.52 -70.41
N LEU C 679 -35.24 15.77 -70.00
CA LEU C 679 -34.14 16.63 -70.41
C LEU C 679 -33.20 16.89 -69.25
N SER C 680 -31.90 16.83 -69.52
CA SER C 680 -30.90 17.06 -68.48
C SER C 680 -29.68 17.86 -68.92
N THR C 681 -29.71 18.52 -70.07
CA THR C 681 -28.57 19.29 -70.52
C THR C 681 -29.03 20.29 -71.59
N ARG C 682 -28.10 21.18 -71.98
CA ARG C 682 -28.39 22.15 -73.02
C ARG C 682 -28.69 21.48 -74.35
N MET C 683 -27.93 20.43 -74.69
CA MET C 683 -28.14 19.73 -75.95
C MET C 683 -29.54 19.13 -76.00
N ASP C 684 -30.01 18.56 -74.89
CA ASP C 684 -31.37 18.05 -74.84
C ASP C 684 -32.38 19.15 -75.13
N HIS C 685 -32.20 20.32 -74.52
CA HIS C 685 -33.11 21.43 -74.74
C HIS C 685 -33.11 21.85 -76.20
N VAL C 686 -31.92 21.93 -76.81
CA VAL C 686 -31.83 22.39 -78.20
C VAL C 686 -32.49 21.38 -79.14
N VAL C 687 -32.18 20.09 -78.96
CA VAL C 687 -32.75 19.09 -79.86
C VAL C 687 -34.26 19.02 -79.68
N SER C 688 -34.74 19.16 -78.44
CA SER C 688 -36.19 19.17 -78.22
C SER C 688 -36.83 20.39 -78.87
N SER C 689 -36.21 21.56 -78.73
CA SER C 689 -36.75 22.75 -79.36
C SER C 689 -36.90 22.53 -80.85
N PHE C 690 -35.84 22.04 -81.51
CA PHE C 690 -35.90 21.77 -82.94
C PHE C 690 -36.99 20.75 -83.27
N CYS C 691 -37.03 19.65 -82.53
CA CYS C 691 -37.92 18.55 -82.86
C CYS C 691 -39.39 18.95 -82.72
N ILE C 692 -39.77 19.49 -81.56
CA ILE C 692 -41.17 19.92 -81.40
C ILE C 692 -41.50 21.10 -82.29
N LYS C 693 -40.52 21.95 -82.63
CA LYS C 693 -40.79 23.00 -83.62
C LYS C 693 -41.13 22.39 -84.96
N ASN C 694 -40.52 21.24 -85.29
CA ASN C 694 -40.86 20.56 -86.54
C ASN C 694 -42.21 19.86 -86.46
N CYS C 695 -42.67 19.54 -85.25
CA CYS C 695 -43.92 18.80 -85.10
C CYS C 695 -45.11 19.59 -85.62
N HIS C 696 -46.10 18.87 -86.14
CA HIS C 696 -47.33 19.50 -86.61
C HIS C 696 -48.59 18.75 -86.23
N ARG C 697 -48.49 17.53 -85.67
CA ARG C 697 -49.68 16.76 -85.31
C ARG C 697 -49.47 16.06 -83.97
N VAL C 698 -49.02 16.79 -82.97
CA VAL C 698 -48.86 16.24 -81.62
C VAL C 698 -49.99 16.76 -80.74
N LYS C 699 -50.54 15.87 -79.91
CA LYS C 699 -51.65 16.21 -79.03
C LYS C 699 -51.24 16.26 -77.57
N THR C 700 -50.64 15.19 -77.05
CA THR C 700 -50.21 15.12 -75.65
C THR C 700 -48.70 15.29 -75.60
N LEU C 701 -48.24 16.17 -74.72
CA LEU C 701 -46.82 16.43 -74.57
C LEU C 701 -46.46 16.46 -73.10
N SER C 702 -45.33 15.84 -72.76
CA SER C 702 -44.82 15.85 -71.39
C SER C 702 -43.35 16.22 -71.43
N LEU C 703 -42.86 16.74 -70.30
CA LEU C 703 -41.48 17.19 -70.19
C LEU C 703 -40.92 16.78 -68.84
N GLY C 704 -39.61 16.57 -68.81
CA GLY C 704 -38.93 16.29 -67.56
C GLY C 704 -37.65 17.10 -67.44
N PHE C 705 -37.59 17.97 -66.44
CA PHE C 705 -36.40 18.80 -66.21
C PHE C 705 -35.63 18.15 -65.07
N PHE C 706 -34.96 17.04 -65.39
CA PHE C 706 -34.26 16.22 -64.41
C PHE C 706 -32.84 16.73 -64.26
N HIS C 707 -32.58 17.42 -63.16
CA HIS C 707 -31.25 17.94 -62.87
C HIS C 707 -30.60 17.19 -61.72
N THR C 747 -34.29 27.31 -64.55
CA THR C 747 -34.42 26.90 -65.94
C THR C 747 -35.17 27.95 -66.75
N SER C 748 -34.91 29.23 -66.43
CA SER C 748 -35.60 30.32 -67.13
C SER C 748 -35.24 30.33 -68.61
N SER C 749 -33.94 30.28 -68.92
CA SER C 749 -33.52 30.21 -70.31
C SER C 749 -34.02 28.93 -70.98
N PHE C 750 -33.95 27.81 -70.25
CA PHE C 750 -34.43 26.54 -70.78
C PHE C 750 -35.91 26.64 -71.12
N CYS C 751 -36.70 27.16 -70.18
CA CYS C 751 -38.13 27.28 -70.38
C CYS C 751 -38.45 28.22 -71.54
N ARG C 752 -37.74 29.34 -71.64
CA ARG C 752 -37.97 30.24 -72.76
C ARG C 752 -37.67 29.55 -74.09
N GLY C 753 -36.50 28.92 -74.20
CA GLY C 753 -36.12 28.28 -75.44
C GLY C 753 -37.08 27.19 -75.87
N LEU C 754 -37.61 26.43 -74.91
CA LEU C 754 -38.56 25.38 -75.27
C LEU C 754 -39.94 25.98 -75.59
N PHE C 755 -40.51 26.73 -74.65
CA PHE C 755 -41.91 27.14 -74.73
C PHE C 755 -42.14 28.27 -75.72
N SER C 756 -41.10 28.88 -76.28
CA SER C 756 -41.33 29.86 -77.34
C SER C 756 -42.01 29.21 -78.53
N SER C 757 -41.59 28.00 -78.89
CA SER C 757 -42.18 27.31 -80.04
C SER C 757 -43.57 26.77 -79.74
N LEU C 758 -43.84 26.45 -78.47
CA LEU C 758 -45.12 25.83 -78.12
C LEU C 758 -46.28 26.77 -78.40
N SER C 759 -46.09 28.08 -78.24
CA SER C 759 -47.15 29.02 -78.59
C SER C 759 -47.46 28.98 -80.07
N THR C 760 -46.45 28.73 -80.91
CA THR C 760 -46.65 28.62 -82.35
C THR C 760 -47.17 27.26 -82.77
N ASN C 761 -47.15 26.27 -81.87
CA ASN C 761 -47.66 24.95 -82.19
C ASN C 761 -49.18 24.96 -82.17
N ARG C 762 -49.80 24.72 -83.33
CA ARG C 762 -51.24 24.78 -83.48
C ARG C 762 -51.92 23.43 -83.27
N SER C 763 -51.18 22.41 -82.84
CA SER C 763 -51.73 21.09 -82.65
C SER C 763 -51.77 20.64 -81.19
N LEU C 764 -50.93 21.20 -80.33
CA LEU C 764 -50.85 20.72 -78.95
C LEU C 764 -52.13 21.01 -78.20
N THR C 765 -52.59 20.02 -77.42
CA THR C 765 -53.80 20.16 -76.62
C THR C 765 -53.62 19.82 -75.15
N GLU C 766 -52.70 18.93 -74.79
CA GLU C 766 -52.45 18.57 -73.41
C GLU C 766 -50.97 18.73 -73.12
N LEU C 767 -50.65 19.29 -71.94
CA LEU C 767 -49.28 19.58 -71.56
C LEU C 767 -49.07 19.11 -70.13
N ASP C 768 -48.29 18.06 -69.96
CA ASP C 768 -48.00 17.53 -68.64
C ASP C 768 -46.66 18.07 -68.15
N LEU C 769 -46.65 18.57 -66.91
CA LEU C 769 -45.41 19.04 -66.31
C LEU C 769 -45.30 18.63 -64.84
N SER C 770 -45.98 17.55 -64.44
CA SER C 770 -45.99 17.13 -63.06
C SER C 770 -44.59 16.74 -62.58
N ASP C 771 -44.33 17.03 -61.31
CA ASP C 771 -43.13 16.63 -60.58
C ASP C 771 -41.87 17.32 -61.07
N ASN C 772 -41.93 18.13 -62.12
CA ASN C 772 -40.78 18.91 -62.54
C ASN C 772 -40.62 20.10 -61.61
N THR C 773 -39.42 20.28 -61.08
CA THR C 773 -39.14 21.43 -60.22
C THR C 773 -38.71 22.62 -61.08
N LEU C 774 -39.59 22.99 -62.00
CA LEU C 774 -39.32 24.11 -62.90
C LEU C 774 -39.28 25.43 -62.17
N GLY C 775 -39.74 25.48 -60.92
CA GLY C 775 -39.63 26.67 -60.12
C GLY C 775 -40.67 27.72 -60.50
N ASP C 776 -40.59 28.84 -59.80
CA ASP C 776 -41.58 29.90 -60.00
C ASP C 776 -41.25 30.77 -61.22
N PRO C 777 -40.02 31.28 -61.41
CA PRO C 777 -39.74 32.05 -62.63
C PRO C 777 -39.94 31.25 -63.90
N GLY C 778 -39.62 29.96 -63.90
CA GLY C 778 -39.94 29.13 -65.04
C GLY C 778 -41.43 29.04 -65.30
N MET C 779 -42.22 29.00 -64.22
CA MET C 779 -43.66 28.98 -64.38
C MET C 779 -44.15 30.29 -64.97
N ARG C 780 -43.53 31.41 -64.59
CA ARG C 780 -43.84 32.70 -65.20
C ARG C 780 -43.52 32.68 -66.70
N VAL C 781 -42.36 32.13 -67.06
CA VAL C 781 -41.97 32.03 -68.46
C VAL C 781 -43.00 31.23 -69.23
N LEU C 782 -43.41 30.10 -68.67
CA LEU C 782 -44.48 29.30 -69.27
C LEU C 782 -45.74 30.14 -69.43
N CYS C 783 -46.05 30.98 -68.44
CA CYS C 783 -47.27 31.79 -68.51
C CYS C 783 -47.23 32.77 -69.68
N GLU C 784 -46.11 33.48 -69.86
CA GLU C 784 -46.10 34.39 -71.01
C GLU C 784 -46.00 33.62 -72.32
N ALA C 785 -45.53 32.37 -72.27
CA ALA C 785 -45.58 31.53 -73.47
C ALA C 785 -47.01 31.18 -73.84
N LEU C 786 -47.85 30.86 -72.85
CA LEU C 786 -49.17 30.33 -73.14
C LEU C 786 -50.11 31.41 -73.70
N GLN C 787 -50.11 32.60 -73.10
CA GLN C 787 -51.15 33.57 -73.42
C GLN C 787 -51.01 34.15 -74.82
N HIS C 788 -50.04 33.65 -75.58
CA HIS C 788 -49.99 34.00 -76.99
C HIS C 788 -51.22 33.41 -77.70
N PRO C 789 -51.85 34.16 -78.60
CA PRO C 789 -53.10 33.68 -79.21
C PRO C 789 -52.96 32.41 -80.02
N GLY C 790 -51.75 32.05 -80.44
CA GLY C 790 -51.58 30.88 -81.29
C GLY C 790 -51.72 29.56 -80.56
N CYS C 791 -51.38 29.54 -79.27
CA CYS C 791 -51.36 28.28 -78.53
C CYS C 791 -52.77 27.71 -78.38
N ASN C 792 -52.87 26.39 -78.53
CA ASN C 792 -54.15 25.69 -78.50
C ASN C 792 -54.25 24.70 -77.34
N ILE C 793 -53.49 24.92 -76.28
CA ILE C 793 -53.53 24.02 -75.14
C ILE C 793 -54.87 24.16 -74.43
N GLN C 794 -55.55 23.03 -74.22
CA GLN C 794 -56.81 22.97 -73.49
C GLN C 794 -56.67 22.32 -72.14
N ARG C 795 -55.47 21.96 -71.73
CA ARG C 795 -55.28 21.10 -70.57
C ARG C 795 -53.87 21.31 -70.02
N LEU C 796 -53.78 21.61 -68.73
CA LEU C 796 -52.47 21.91 -68.13
C LEU C 796 -52.43 21.33 -66.72
N TRP C 797 -51.51 20.39 -66.51
CA TRP C 797 -51.34 19.75 -65.21
C TRP C 797 -50.01 20.18 -64.62
N LEU C 798 -50.02 20.60 -63.36
CA LEU C 798 -48.85 21.18 -62.71
C LEU C 798 -48.67 20.63 -61.30
N GLY C 799 -48.80 19.32 -61.14
CA GLY C 799 -48.69 18.73 -59.82
C GLY C 799 -47.27 18.73 -59.31
N ARG C 800 -47.11 19.08 -58.04
CA ARG C 800 -45.82 19.03 -57.34
C ARG C 800 -44.72 19.80 -58.06
N CYS C 801 -45.11 20.83 -58.81
CA CYS C 801 -44.11 21.65 -59.49
C CYS C 801 -43.30 22.52 -58.54
N GLY C 802 -43.69 22.60 -57.27
CA GLY C 802 -42.98 23.47 -56.34
C GLY C 802 -43.26 24.93 -56.53
N LEU C 803 -44.41 25.28 -57.11
CA LEU C 803 -44.76 26.67 -57.35
C LEU C 803 -45.08 27.34 -56.01
N SER C 804 -45.56 28.58 -56.07
CA SER C 804 -45.97 29.31 -54.88
C SER C 804 -46.97 30.38 -55.30
N HIS C 805 -47.28 31.30 -54.38
CA HIS C 805 -48.29 32.31 -54.63
C HIS C 805 -47.89 33.26 -55.76
N GLN C 806 -46.59 33.36 -56.05
CA GLN C 806 -46.15 34.28 -57.09
C GLN C 806 -46.68 33.87 -58.46
N CYS C 807 -46.67 32.57 -58.75
CA CYS C 807 -47.15 32.08 -60.03
C CYS C 807 -48.65 32.28 -60.21
N CYS C 808 -49.38 32.47 -59.12
CA CYS C 808 -50.83 32.60 -59.22
C CYS C 808 -51.23 33.86 -59.97
N PHE C 809 -50.48 34.94 -59.81
CA PHE C 809 -50.76 36.16 -60.58
C PHE C 809 -50.65 35.89 -62.07
N ASP C 810 -49.57 35.23 -62.48
CA ASP C 810 -49.37 34.94 -63.89
C ASP C 810 -50.43 33.98 -64.42
N ILE C 811 -50.79 32.98 -63.62
CA ILE C 811 -51.83 32.04 -64.04
C ILE C 811 -53.17 32.74 -64.17
N SER C 812 -53.45 33.68 -63.27
CA SER C 812 -54.67 34.45 -63.37
C SER C 812 -54.70 35.26 -64.65
N SER C 813 -53.57 35.87 -65.01
CA SER C 813 -53.51 36.58 -66.28
C SER C 813 -53.76 35.64 -67.45
N VAL C 814 -53.18 34.44 -67.40
CA VAL C 814 -53.38 33.45 -68.47
C VAL C 814 -54.86 33.10 -68.59
N LEU C 815 -55.52 32.84 -67.46
CA LEU C 815 -56.94 32.49 -67.48
C LEU C 815 -57.77 33.63 -68.03
N SER C 816 -57.48 34.86 -67.61
CA SER C 816 -58.25 36.01 -68.09
C SER C 816 -57.97 36.31 -69.57
N SER C 817 -56.87 35.80 -70.11
CA SER C 817 -56.52 36.08 -71.50
C SER C 817 -56.77 34.91 -72.45
N SER C 818 -56.81 33.68 -71.95
CA SER C 818 -56.96 32.50 -72.78
C SER C 818 -58.36 31.92 -72.61
N GLN C 819 -58.99 31.57 -73.74
CA GLN C 819 -60.33 31.00 -73.74
C GLN C 819 -60.36 29.57 -74.26
N LYS C 820 -59.20 28.92 -74.39
CA LYS C 820 -59.14 27.53 -74.83
C LYS C 820 -58.86 26.56 -73.70
N LEU C 821 -58.20 27.01 -72.63
CA LEU C 821 -57.88 26.12 -71.51
C LEU C 821 -59.16 25.62 -70.86
N VAL C 822 -59.21 24.31 -70.59
CA VAL C 822 -60.42 23.66 -70.09
C VAL C 822 -60.28 23.25 -68.62
N GLU C 823 -59.33 22.37 -68.32
CA GLU C 823 -59.08 22.01 -66.93
C GLU C 823 -57.70 22.50 -66.52
N LEU C 824 -57.39 22.31 -65.25
CA LEU C 824 -56.14 22.85 -64.69
C LEU C 824 -55.87 22.16 -63.36
N ASP C 825 -54.61 21.82 -63.13
CA ASP C 825 -54.20 21.13 -61.91
C ASP C 825 -53.13 21.94 -61.21
N LEU C 826 -53.25 22.05 -59.88
CA LEU C 826 -52.24 22.72 -59.07
C LEU C 826 -51.98 21.96 -57.78
N SER C 827 -52.16 20.65 -57.80
CA SER C 827 -52.08 19.87 -56.58
C SER C 827 -50.68 19.91 -55.98
N ASP C 828 -50.62 19.97 -54.64
CA ASP C 828 -49.39 19.84 -53.88
C ASP C 828 -48.40 20.97 -54.15
N ASN C 829 -48.90 22.16 -54.45
CA ASN C 829 -48.10 23.38 -54.47
C ASN C 829 -48.57 24.31 -53.37
N ALA C 830 -47.61 24.88 -52.63
CA ALA C 830 -47.97 25.68 -51.48
C ALA C 830 -48.53 27.04 -51.90
N LEU C 831 -49.64 27.02 -52.63
CA LEU C 831 -50.26 28.27 -53.07
C LEU C 831 -50.69 29.12 -51.88
N GLY C 832 -51.44 28.53 -50.97
CA GLY C 832 -51.95 29.25 -49.81
C GLY C 832 -53.19 30.05 -50.12
N ASP C 833 -53.81 30.55 -49.04
CA ASP C 833 -55.01 31.34 -49.18
C ASP C 833 -54.78 32.61 -50.00
N PHE C 834 -53.60 33.22 -49.89
CA PHE C 834 -53.29 34.36 -50.73
C PHE C 834 -53.21 33.95 -52.20
N GLY C 835 -52.63 32.78 -52.47
CA GLY C 835 -52.60 32.30 -53.84
C GLY C 835 -53.99 32.07 -54.40
N ILE C 836 -54.89 31.54 -53.59
CA ILE C 836 -56.28 31.37 -54.02
C ILE C 836 -56.93 32.73 -54.26
N ARG C 837 -56.64 33.70 -53.39
CA ARG C 837 -57.16 35.05 -53.56
C ARG C 837 -56.71 35.64 -54.89
N LEU C 838 -55.46 35.37 -55.27
CA LEU C 838 -54.95 35.83 -56.56
C LEU C 838 -55.63 35.11 -57.72
N LEU C 839 -55.80 33.79 -57.60
CA LEU C 839 -56.42 33.02 -58.68
C LEU C 839 -57.86 33.44 -58.91
N CYS C 840 -58.62 33.69 -57.84
CA CYS C 840 -60.04 33.98 -58.00
C CYS C 840 -60.28 35.21 -58.87
N VAL C 841 -59.31 36.13 -58.91
CA VAL C 841 -59.46 37.31 -59.77
C VAL C 841 -59.53 36.89 -61.23
N GLY C 842 -58.64 35.98 -61.64
CA GLY C 842 -58.73 35.44 -62.99
C GLY C 842 -59.94 34.56 -63.20
N LEU C 843 -60.26 33.74 -62.20
CA LEU C 843 -61.40 32.83 -62.34
C LEU C 843 -62.71 33.58 -62.51
N LYS C 844 -62.89 34.66 -61.74
CA LYS C 844 -64.13 35.44 -61.83
C LYS C 844 -64.26 36.17 -63.15
N HIS C 845 -63.20 36.24 -63.96
CA HIS C 845 -63.28 36.92 -65.23
C HIS C 845 -64.28 36.24 -66.15
N LEU C 846 -65.01 37.04 -66.93
CA LEU C 846 -66.08 36.51 -67.76
C LEU C 846 -65.58 35.66 -68.91
N LEU C 847 -64.29 35.69 -69.21
CA LEU C 847 -63.73 34.92 -70.31
C LEU C 847 -63.00 33.66 -69.84
N CYS C 848 -63.19 33.26 -68.58
CA CYS C 848 -62.58 32.04 -68.08
C CYS C 848 -63.49 30.85 -68.41
N ASN C 849 -62.92 29.87 -69.12
CA ASN C 849 -63.66 28.68 -69.54
C ASN C 849 -63.27 27.45 -68.74
N LEU C 850 -62.69 27.63 -67.55
CA LEU C 850 -62.23 26.51 -66.75
C LEU C 850 -63.41 25.62 -66.36
N GLN C 851 -63.17 24.32 -66.35
CA GLN C 851 -64.18 23.32 -65.98
C GLN C 851 -63.78 22.49 -64.78
N LYS C 852 -62.58 21.93 -64.78
CA LYS C 852 -62.10 21.10 -63.68
C LYS C 852 -60.90 21.76 -63.06
N LEU C 853 -60.95 21.98 -61.75
CA LEU C 853 -59.88 22.68 -61.04
C LEU C 853 -59.46 21.85 -59.82
N TRP C 854 -58.26 21.30 -59.87
CA TRP C 854 -57.71 20.60 -58.72
C TRP C 854 -56.95 21.57 -57.84
N LEU C 855 -57.15 21.47 -56.52
CA LEU C 855 -56.40 22.26 -55.57
C LEU C 855 -55.98 21.42 -54.37
N VAL C 856 -55.70 20.13 -54.60
CA VAL C 856 -55.47 19.21 -53.51
C VAL C 856 -54.16 19.54 -52.81
N SER C 857 -54.20 19.63 -51.49
CA SER C 857 -53.02 19.81 -50.65
C SER C 857 -52.26 21.08 -50.99
N CYS C 858 -52.99 22.17 -51.23
CA CYS C 858 -52.40 23.45 -51.56
C CYS C 858 -52.13 24.31 -50.33
N CYS C 859 -52.02 23.70 -49.15
CA CYS C 859 -51.73 24.41 -47.91
C CYS C 859 -52.74 25.53 -47.66
N LEU C 860 -54.00 25.28 -47.96
CA LEU C 860 -55.04 26.28 -47.81
C LEU C 860 -55.54 26.33 -46.36
N THR C 861 -56.38 27.33 -46.10
CA THR C 861 -57.12 27.46 -44.85
C THR C 861 -58.53 27.90 -45.19
N SER C 862 -59.34 28.12 -44.16
CA SER C 862 -60.73 28.51 -44.37
C SER C 862 -60.84 29.89 -44.97
N ALA C 863 -59.83 30.74 -44.78
CA ALA C 863 -59.92 32.13 -45.21
C ALA C 863 -60.13 32.24 -46.72
N CYS C 864 -59.45 31.39 -47.49
CA CYS C 864 -59.60 31.42 -48.94
C CYS C 864 -61.00 31.03 -49.37
N CYS C 865 -61.70 30.23 -48.55
CA CYS C 865 -62.98 29.66 -48.95
C CYS C 865 -63.96 30.74 -49.42
N GLN C 866 -64.05 31.84 -48.68
CA GLN C 866 -64.95 32.93 -49.04
C GLN C 866 -64.72 33.35 -50.48
N ASP C 867 -63.45 33.58 -50.85
CA ASP C 867 -63.15 33.98 -52.22
C ASP C 867 -63.66 32.95 -53.21
N LEU C 868 -63.42 31.66 -52.92
CA LEU C 868 -63.88 30.60 -53.81
C LEU C 868 -65.37 30.70 -54.04
N ALA C 869 -66.12 31.09 -53.00
CA ALA C 869 -67.57 31.21 -53.14
C ALA C 869 -67.93 32.14 -54.28
N LEU C 870 -67.26 33.29 -54.36
CA LEU C 870 -67.57 34.24 -55.42
C LEU C 870 -67.38 33.61 -56.80
N VAL C 871 -66.36 32.75 -56.93
CA VAL C 871 -66.13 32.07 -58.19
C VAL C 871 -67.38 31.32 -58.63
N LEU C 872 -68.00 30.59 -57.69
CA LEU C 872 -69.17 29.79 -58.04
C LEU C 872 -70.35 30.66 -58.47
N SER C 873 -70.36 31.93 -58.07
CA SER C 873 -71.39 32.86 -58.51
C SER C 873 -70.89 33.82 -59.59
N SER C 874 -69.66 33.66 -60.07
CA SER C 874 -69.18 34.46 -61.18
C SER C 874 -68.85 33.61 -62.40
N ASN C 875 -68.30 32.42 -62.20
CA ASN C 875 -68.00 31.49 -63.27
C ASN C 875 -69.00 30.35 -63.23
N HIS C 876 -69.66 30.10 -64.36
CA HIS C 876 -70.60 28.99 -64.48
C HIS C 876 -70.01 27.80 -65.23
N SER C 877 -68.87 27.96 -65.89
CA SER C 877 -68.24 26.83 -66.57
C SER C 877 -67.56 25.88 -65.60
N LEU C 878 -67.28 26.32 -64.38
CA LEU C 878 -66.62 25.45 -63.40
C LEU C 878 -67.59 24.35 -62.97
N THR C 879 -67.36 23.13 -63.44
CA THR C 879 -68.21 22.01 -63.07
C THR C 879 -67.74 21.33 -61.78
N ARG C 880 -66.52 20.79 -61.80
CA ARG C 880 -66.03 19.99 -60.69
C ARG C 880 -64.84 20.66 -60.03
N LEU C 881 -64.85 20.68 -58.71
CA LEU C 881 -63.79 21.24 -57.88
C LEU C 881 -63.23 20.14 -57.01
N TYR C 882 -61.95 20.23 -56.67
CA TYR C 882 -61.30 19.24 -55.82
C TYR C 882 -60.41 19.98 -54.83
N ILE C 883 -60.95 20.30 -53.66
CA ILE C 883 -60.23 21.10 -52.68
C ILE C 883 -59.90 20.26 -51.46
N GLY C 884 -59.72 18.97 -51.66
CA GLY C 884 -59.46 18.08 -50.55
C GLY C 884 -58.06 18.22 -49.99
N GLU C 885 -57.87 17.60 -48.82
CA GLU C 885 -56.59 17.57 -48.13
C GLU C 885 -56.12 19.00 -47.82
N ASN C 886 -57.01 19.78 -47.22
CA ASN C 886 -56.69 21.12 -46.73
C ASN C 886 -57.36 21.31 -45.39
N ALA C 887 -56.80 22.24 -44.61
CA ALA C 887 -57.39 22.54 -43.30
C ALA C 887 -58.54 23.51 -43.44
N LEU C 888 -59.50 23.19 -44.32
CA LEU C 888 -60.65 24.07 -44.51
C LEU C 888 -61.47 24.19 -43.22
N GLY C 889 -62.05 23.09 -42.78
CA GLY C 889 -62.85 23.08 -41.56
C GLY C 889 -64.32 23.38 -41.82
N ASP C 890 -65.09 23.24 -40.74
CA ASP C 890 -66.53 23.43 -40.82
C ASP C 890 -66.89 24.86 -41.22
N SER C 891 -66.15 25.84 -40.70
CA SER C 891 -66.44 27.23 -41.05
C SER C 891 -66.27 27.45 -42.55
N GLY C 892 -65.17 26.97 -43.12
CA GLY C 892 -64.95 27.14 -44.55
C GLY C 892 -65.96 26.40 -45.39
N VAL C 893 -66.31 25.17 -44.99
CA VAL C 893 -67.30 24.42 -45.75
C VAL C 893 -68.66 25.10 -45.69
N GLN C 894 -69.02 25.65 -44.53
CA GLN C 894 -70.26 26.40 -44.42
C GLN C 894 -70.23 27.64 -45.29
N VAL C 895 -69.09 28.34 -45.35
CA VAL C 895 -68.98 29.53 -46.18
C VAL C 895 -69.18 29.18 -47.64
N LEU C 896 -68.56 28.08 -48.09
CA LEU C 896 -68.78 27.62 -49.46
C LEU C 896 -70.24 27.26 -49.71
N CYS C 897 -70.82 26.45 -48.81
CA CYS C 897 -72.15 25.92 -49.05
C CYS C 897 -73.20 27.03 -49.06
N GLU C 898 -73.08 28.00 -48.15
CA GLU C 898 -74.08 29.06 -48.05
C GLU C 898 -74.26 29.77 -49.40
N LYS C 899 -73.17 30.01 -50.11
CA LYS C 899 -73.26 30.55 -51.45
C LYS C 899 -73.61 29.47 -52.48
N MET C 900 -73.31 28.21 -52.16
CA MET C 900 -73.52 27.11 -53.10
C MET C 900 -74.98 26.67 -53.22
N LYS C 901 -75.83 27.03 -52.26
CA LYS C 901 -77.22 26.55 -52.28
C LYS C 901 -78.02 27.07 -53.46
N ASP C 902 -77.54 28.08 -54.17
CA ASP C 902 -78.29 28.61 -55.29
C ASP C 902 -78.45 27.54 -56.36
N PRO C 903 -79.68 27.27 -56.82
CA PRO C 903 -79.85 26.28 -57.90
C PRO C 903 -79.14 26.64 -59.19
N GLN C 904 -78.84 27.93 -59.41
CA GLN C 904 -78.12 28.33 -60.60
C GLN C 904 -76.65 27.92 -60.54
N CYS C 905 -76.13 27.63 -59.35
CA CYS C 905 -74.75 27.17 -59.23
C CYS C 905 -74.57 25.88 -60.01
N ASN C 906 -73.50 25.81 -60.80
CA ASN C 906 -73.28 24.72 -61.74
C ASN C 906 -72.27 23.69 -61.25
N LEU C 907 -71.85 23.77 -59.99
CA LEU C 907 -70.86 22.84 -59.48
C LEU C 907 -71.45 21.43 -59.38
N GLN C 908 -70.64 20.44 -59.74
CA GLN C 908 -71.10 19.05 -59.77
C GLN C 908 -70.38 18.16 -58.78
N LYS C 909 -69.05 18.05 -58.85
CA LYS C 909 -68.35 16.95 -58.20
C LYS C 909 -67.39 17.41 -57.12
N LEU C 910 -67.84 18.30 -56.24
CA LEU C 910 -67.00 18.80 -55.16
C LEU C 910 -66.38 17.66 -54.37
N GLY C 911 -65.24 17.94 -53.75
CA GLY C 911 -64.57 16.96 -52.92
C GLY C 911 -63.89 17.59 -51.73
N LEU C 912 -63.96 16.95 -50.57
CA LEU C 912 -63.38 17.48 -49.33
C LEU C 912 -62.62 16.38 -48.60
N VAL C 913 -61.81 15.63 -49.34
CA VAL C 913 -61.06 14.53 -48.75
C VAL C 913 -60.12 15.07 -47.67
N ASN C 914 -60.20 14.45 -46.49
CA ASN C 914 -59.27 14.73 -45.40
C ASN C 914 -59.22 16.23 -45.04
N SER C 915 -60.40 16.86 -45.00
CA SER C 915 -60.48 18.28 -44.68
C SER C 915 -60.63 18.54 -43.20
N GLY C 916 -60.61 17.51 -42.36
CA GLY C 916 -60.76 17.70 -40.93
C GLY C 916 -62.11 18.25 -40.51
N LEU C 917 -63.18 17.87 -41.19
CA LEU C 917 -64.50 18.40 -40.91
C LEU C 917 -65.12 17.70 -39.71
N THR C 918 -66.34 18.10 -39.37
CA THR C 918 -67.11 17.49 -38.30
C THR C 918 -68.58 17.61 -38.72
N SER C 919 -69.50 17.25 -37.83
CA SER C 919 -70.92 17.24 -38.18
C SER C 919 -71.50 18.64 -38.35
N ILE C 920 -70.73 19.68 -38.01
CA ILE C 920 -71.27 21.04 -38.04
C ILE C 920 -71.61 21.45 -39.48
N CYS C 921 -70.72 21.15 -40.41
CA CYS C 921 -70.95 21.52 -41.82
C CYS C 921 -71.97 20.62 -42.50
N CYS C 922 -72.39 19.55 -41.81
CA CYS C 922 -73.31 18.60 -42.43
C CYS C 922 -74.67 19.24 -42.69
N SER C 923 -75.08 20.19 -41.84
CA SER C 923 -76.33 20.89 -42.09
C SER C 923 -76.25 21.72 -43.36
N ALA C 924 -75.12 22.40 -43.59
CA ALA C 924 -74.93 23.16 -44.82
C ALA C 924 -74.92 22.23 -46.03
N LEU C 925 -74.26 21.07 -45.90
CA LEU C 925 -74.28 20.10 -46.99
C LEU C 925 -75.69 19.59 -47.25
N THR C 926 -76.48 19.41 -46.19
CA THR C 926 -77.88 19.03 -46.32
C THR C 926 -78.65 20.08 -47.11
N SER C 927 -78.41 21.36 -46.80
CA SER C 927 -79.05 22.43 -47.57
C SER C 927 -78.65 22.38 -49.03
N VAL C 928 -77.36 22.12 -49.30
CA VAL C 928 -76.88 22.02 -50.68
C VAL C 928 -77.62 20.91 -51.41
N LEU C 929 -77.72 19.74 -50.78
CA LEU C 929 -78.43 18.62 -51.41
C LEU C 929 -79.89 18.94 -51.62
N LYS C 930 -80.53 19.59 -50.65
CA LYS C 930 -81.94 19.95 -50.77
C LYS C 930 -82.19 20.93 -51.91
N THR C 931 -81.25 21.84 -52.16
CA THR C 931 -81.48 22.91 -53.12
C THR C 931 -80.88 22.63 -54.49
N ASN C 932 -79.60 22.30 -54.57
CA ASN C 932 -78.94 22.16 -55.87
C ASN C 932 -79.47 20.95 -56.63
N GLN C 933 -79.62 21.11 -57.94
CA GLN C 933 -80.11 20.04 -58.81
C GLN C 933 -79.05 19.47 -59.73
N ASN C 934 -77.78 19.85 -59.53
CA ASN C 934 -76.70 19.34 -60.37
C ASN C 934 -75.53 18.78 -59.57
N PHE C 935 -75.60 18.84 -58.24
CA PHE C 935 -74.50 18.40 -57.37
C PHE C 935 -74.55 16.87 -57.27
N THR C 936 -73.94 16.22 -58.26
CA THR C 936 -74.05 14.76 -58.37
C THR C 936 -73.15 14.05 -57.37
N HIS C 937 -71.84 14.18 -57.54
CA HIS C 937 -70.92 13.44 -56.70
C HIS C 937 -70.53 14.26 -55.48
N LEU C 938 -69.87 13.61 -54.52
CA LEU C 938 -69.44 14.26 -53.30
C LEU C 938 -68.56 13.31 -52.52
N TYR C 939 -67.43 13.81 -52.01
CA TYR C 939 -66.47 12.99 -51.29
C TYR C 939 -66.35 13.51 -49.87
N LEU C 940 -66.25 12.60 -48.90
CA LEU C 940 -66.03 13.04 -47.52
C LEU C 940 -65.03 12.19 -46.74
N ARG C 941 -64.15 11.45 -47.41
CA ARG C 941 -63.36 10.48 -46.65
C ARG C 941 -62.43 11.19 -45.67
N SER C 942 -62.04 10.45 -44.63
CA SER C 942 -61.11 10.92 -43.61
C SER C 942 -61.63 12.16 -42.88
N ASN C 943 -62.94 12.28 -42.72
CA ASN C 943 -63.57 13.34 -41.95
C ASN C 943 -64.34 12.73 -40.80
N ALA C 944 -64.10 13.23 -39.58
CA ALA C 944 -64.78 12.70 -38.40
C ALA C 944 -66.22 13.22 -38.34
N LEU C 945 -67.02 12.78 -39.32
CA LEU C 945 -68.41 13.20 -39.38
C LEU C 945 -69.23 12.61 -38.23
N GLY C 946 -69.11 11.30 -38.02
CA GLY C 946 -69.87 10.63 -36.99
C GLY C 946 -71.28 10.29 -37.43
N ASP C 947 -71.96 9.52 -36.58
CA ASP C 947 -73.33 9.13 -36.86
C ASP C 947 -74.28 10.32 -36.89
N THR C 948 -74.03 11.33 -36.05
CA THR C 948 -74.82 12.55 -36.12
C THR C 948 -74.66 13.21 -37.47
N GLY C 949 -73.42 13.28 -37.98
CA GLY C 949 -73.20 13.83 -39.29
C GLY C 949 -73.89 13.05 -40.40
N LEU C 950 -73.85 11.71 -40.31
CA LEU C 950 -74.53 10.91 -41.30
C LEU C 950 -76.03 11.12 -41.25
N ARG C 951 -76.60 11.26 -40.04
CA ARG C 951 -78.02 11.57 -39.92
C ARG C 951 -78.33 12.92 -40.54
N LEU C 952 -77.47 13.91 -40.33
CA LEU C 952 -77.70 15.22 -40.91
C LEU C 952 -77.65 15.16 -42.43
N LEU C 953 -76.72 14.39 -42.99
CA LEU C 953 -76.71 14.19 -44.44
C LEU C 953 -77.98 13.48 -44.91
N CYS C 954 -78.43 12.48 -44.15
CA CYS C 954 -79.69 11.81 -44.47
C CYS C 954 -80.85 12.80 -44.49
N GLU C 955 -80.80 13.83 -43.64
CA GLU C 955 -81.87 14.82 -43.60
C GLU C 955 -82.14 15.41 -44.97
N GLY C 956 -81.09 15.63 -45.77
CA GLY C 956 -81.27 16.15 -47.10
C GLY C 956 -81.29 15.08 -48.17
N LEU C 957 -80.74 13.90 -47.85
CA LEU C 957 -80.73 12.81 -48.80
C LEU C 957 -82.15 12.34 -49.11
N LEU C 958 -83.02 12.31 -48.10
CA LEU C 958 -84.39 11.86 -48.27
C LEU C 958 -85.23 12.84 -49.09
N HIS C 959 -84.72 14.03 -49.36
CA HIS C 959 -85.49 15.04 -50.07
C HIS C 959 -85.83 14.54 -51.48
N PRO C 960 -87.08 14.67 -51.92
CA PRO C 960 -87.44 14.19 -53.26
C PRO C 960 -86.70 14.88 -54.39
N ASP C 961 -86.19 16.09 -54.16
CA ASP C 961 -85.48 16.84 -55.19
C ASP C 961 -84.00 16.50 -55.25
N CYS C 962 -83.54 15.52 -54.48
CA CYS C 962 -82.13 15.18 -54.44
C CYS C 962 -81.66 14.65 -55.79
N LYS C 963 -80.35 14.82 -56.04
CA LYS C 963 -79.73 14.35 -57.26
C LYS C 963 -78.38 13.70 -57.03
N LEU C 964 -77.97 13.53 -55.77
CA LEU C 964 -76.64 13.01 -55.45
C LEU C 964 -76.48 11.60 -56.01
N GLN C 965 -75.54 11.44 -56.95
CA GLN C 965 -75.31 10.15 -57.60
C GLN C 965 -74.15 9.37 -57.01
N MET C 966 -73.54 9.86 -55.93
CA MET C 966 -72.57 9.06 -55.19
C MET C 966 -72.26 9.81 -53.91
N LEU C 967 -71.87 9.07 -52.87
CA LEU C 967 -71.61 9.71 -51.58
C LEU C 967 -70.55 8.88 -50.85
N GLU C 968 -69.29 9.22 -51.05
CA GLU C 968 -68.20 8.50 -50.39
C GLU C 968 -68.16 8.83 -48.91
N LEU C 969 -67.97 7.80 -48.08
CA LEU C 969 -67.87 7.98 -46.63
C LEU C 969 -66.70 7.21 -46.03
N ASP C 970 -65.75 6.78 -46.84
CA ASP C 970 -64.69 5.91 -46.34
C ASP C 970 -63.93 6.58 -45.20
N ASN C 971 -63.61 5.79 -44.18
CA ASN C 971 -62.82 6.25 -43.05
C ASN C 971 -63.41 7.46 -42.34
N CYS C 972 -64.74 7.64 -42.44
CA CYS C 972 -65.36 8.77 -41.76
C CYS C 972 -65.52 8.56 -40.27
N SER C 973 -65.06 7.42 -39.74
CA SER C 973 -65.23 7.06 -38.33
C SER C 973 -66.70 7.04 -37.96
N LEU C 974 -67.43 6.16 -38.64
CA LEU C 974 -68.87 5.99 -38.42
C LEU C 974 -69.12 4.93 -37.36
N THR C 975 -70.40 4.71 -37.08
CA THR C 975 -70.83 3.69 -36.11
C THR C 975 -72.22 3.21 -36.50
N SER C 976 -72.73 2.25 -35.73
CA SER C 976 -73.97 1.55 -36.06
C SER C 976 -75.22 2.27 -35.54
N HIS C 977 -75.08 3.41 -34.88
CA HIS C 977 -76.25 4.04 -34.27
C HIS C 977 -77.16 4.67 -35.33
N SER C 978 -76.58 5.29 -36.36
CA SER C 978 -77.35 5.89 -37.44
C SER C 978 -77.67 4.91 -38.56
N CYS C 979 -77.72 3.63 -38.22
CA CYS C 979 -77.81 2.57 -39.23
C CYS C 979 -79.19 2.52 -39.87
N TRP C 980 -80.23 2.77 -39.07
CA TRP C 980 -81.56 2.97 -39.61
C TRP C 980 -81.57 4.07 -40.66
N ASN C 981 -80.73 5.09 -40.48
CA ASN C 981 -80.64 6.15 -41.48
C ASN C 981 -80.10 5.61 -42.79
N LEU C 982 -79.11 4.70 -42.73
CA LEU C 982 -78.63 4.06 -43.95
C LEU C 982 -79.75 3.29 -44.63
N SER C 983 -80.53 2.55 -43.85
CA SER C 983 -81.64 1.81 -44.43
C SER C 983 -82.64 2.75 -45.09
N THR C 984 -82.93 3.87 -44.44
CA THR C 984 -83.87 4.85 -44.99
C THR C 984 -83.35 5.45 -46.28
N ILE C 985 -82.05 5.77 -46.32
CA ILE C 985 -81.45 6.34 -47.53
C ILE C 985 -81.59 5.37 -48.68
N LEU C 986 -81.27 4.09 -48.45
CA LEU C 986 -81.43 3.14 -49.53
C LEU C 986 -82.88 2.94 -49.95
N THR C 987 -83.81 2.95 -48.99
CA THR C 987 -85.21 2.70 -49.33
C THR C 987 -85.87 3.87 -50.04
N HIS C 988 -85.41 5.09 -49.83
CA HIS C 988 -86.10 6.26 -50.38
C HIS C 988 -85.36 6.96 -51.50
N ASN C 989 -84.03 7.03 -51.44
CA ASN C 989 -83.26 7.68 -52.50
C ASN C 989 -83.30 6.81 -53.75
N HIS C 990 -84.01 7.26 -54.77
CA HIS C 990 -84.09 6.55 -56.04
C HIS C 990 -83.04 7.00 -57.04
N SER C 991 -82.21 8.00 -56.70
CA SER C 991 -81.22 8.55 -57.62
C SER C 991 -79.80 8.14 -57.28
N LEU C 992 -79.48 7.97 -55.99
CA LEU C 992 -78.14 7.56 -55.60
C LEU C 992 -77.82 6.20 -56.21
N ARG C 993 -76.62 6.09 -56.79
CA ARG C 993 -76.23 4.87 -57.49
C ARG C 993 -74.86 4.34 -57.09
N LYS C 994 -74.22 4.92 -56.09
CA LYS C 994 -72.95 4.41 -55.58
C LYS C 994 -72.85 4.77 -54.11
N LEU C 995 -71.85 4.21 -53.44
CA LEU C 995 -71.69 4.45 -52.01
C LEU C 995 -70.37 3.83 -51.57
N ASN C 996 -69.84 4.32 -50.45
CA ASN C 996 -68.60 3.82 -49.88
C ASN C 996 -68.74 3.77 -48.36
N LEU C 997 -68.26 2.68 -47.75
CA LEU C 997 -68.26 2.60 -46.29
C LEU C 997 -66.96 2.04 -45.73
N GLY C 998 -65.85 2.15 -46.45
CA GLY C 998 -64.62 1.54 -45.98
C GLY C 998 -64.18 2.07 -44.62
N ASN C 999 -63.58 1.18 -43.84
CA ASN C 999 -63.02 1.52 -42.53
C ASN C 999 -64.08 2.12 -41.59
N ASN C 1000 -65.29 1.59 -41.67
CA ASN C 1000 -66.37 1.99 -40.77
C ASN C 1000 -66.90 0.75 -40.05
N ASP C 1001 -66.76 0.73 -38.74
CA ASP C 1001 -67.25 -0.38 -37.92
C ASP C 1001 -68.76 -0.26 -37.79
N LEU C 1002 -69.50 -0.96 -38.65
CA LEU C 1002 -70.94 -0.91 -38.63
C LEU C 1002 -71.58 -2.11 -37.92
N GLY C 1003 -70.86 -3.22 -37.79
CA GLY C 1003 -71.38 -4.37 -37.08
C GLY C 1003 -72.18 -5.30 -37.98
N ASP C 1004 -72.31 -6.55 -37.52
CA ASP C 1004 -72.97 -7.57 -38.31
C ASP C 1004 -74.45 -7.26 -38.53
N LEU C 1005 -75.13 -6.75 -37.50
CA LEU C 1005 -76.55 -6.42 -37.64
C LEU C 1005 -76.75 -5.37 -38.74
N CYS C 1006 -75.87 -4.38 -38.81
CA CYS C 1006 -75.99 -3.38 -39.85
C CYS C 1006 -75.79 -3.99 -41.22
N VAL C 1007 -74.81 -4.88 -41.38
CA VAL C 1007 -74.57 -5.46 -42.69
C VAL C 1007 -75.77 -6.29 -43.13
N VAL C 1008 -76.34 -7.07 -42.22
CA VAL C 1008 -77.48 -7.91 -42.61
C VAL C 1008 -78.72 -7.06 -42.87
N THR C 1009 -78.91 -5.97 -42.13
CA THR C 1009 -80.01 -5.07 -42.43
C THR C 1009 -79.82 -4.40 -43.79
N LEU C 1010 -78.58 -4.00 -44.10
CA LEU C 1010 -78.25 -3.53 -45.44
C LEU C 1010 -78.63 -4.56 -46.49
N CYS C 1011 -78.29 -5.83 -46.25
CA CYS C 1011 -78.63 -6.88 -47.19
C CYS C 1011 -80.14 -6.94 -47.42
N GLU C 1012 -80.91 -7.04 -46.33
CA GLU C 1012 -82.35 -7.21 -46.47
C GLU C 1012 -83.00 -5.99 -47.09
N VAL C 1013 -82.47 -4.79 -46.83
CA VAL C 1013 -82.95 -3.60 -47.51
C VAL C 1013 -82.67 -3.68 -49.00
N LEU C 1014 -81.47 -4.10 -49.37
CA LEU C 1014 -81.10 -4.20 -50.77
C LEU C 1014 -81.89 -5.27 -51.51
N LYS C 1015 -82.45 -6.25 -50.78
CA LYS C 1015 -83.12 -7.37 -51.45
C LYS C 1015 -84.25 -6.90 -52.35
N GLN C 1016 -85.04 -5.92 -51.89
CA GLN C 1016 -86.23 -5.53 -52.63
C GLN C 1016 -85.86 -4.85 -53.95
N GLN C 1017 -86.84 -4.84 -54.86
CA GLN C 1017 -86.65 -4.25 -56.18
C GLN C 1017 -86.76 -2.74 -56.18
N GLY C 1018 -87.14 -2.13 -55.06
CA GLY C 1018 -87.27 -0.69 -54.98
C GLY C 1018 -85.96 0.07 -54.85
N CYS C 1019 -84.84 -0.63 -54.77
CA CYS C 1019 -83.53 -0.01 -54.62
C CYS C 1019 -82.78 -0.08 -55.95
N LEU C 1020 -82.30 1.07 -56.42
CA LEU C 1020 -81.59 1.18 -57.68
C LEU C 1020 -80.08 1.35 -57.51
N LEU C 1021 -79.56 1.09 -56.31
CA LEU C 1021 -78.12 1.18 -56.08
C LEU C 1021 -77.38 0.18 -56.97
N GLN C 1022 -76.27 0.64 -57.54
CA GLN C 1022 -75.51 -0.17 -58.50
C GLN C 1022 -74.07 -0.43 -58.07
N SER C 1023 -73.70 -0.10 -56.84
CA SER C 1023 -72.37 -0.39 -56.32
C SER C 1023 -72.35 -0.05 -54.84
N LEU C 1024 -71.43 -0.69 -54.12
CA LEU C 1024 -71.28 -0.49 -52.69
C LEU C 1024 -70.00 -1.17 -52.25
N GLN C 1025 -69.30 -0.56 -51.32
CA GLN C 1025 -68.02 -1.08 -50.85
C GLN C 1025 -68.04 -1.21 -49.33
N LEU C 1026 -67.62 -2.36 -48.85
CA LEU C 1026 -67.43 -2.64 -47.43
C LEU C 1026 -66.02 -3.12 -47.17
N GLY C 1027 -65.04 -2.42 -47.73
CA GLY C 1027 -63.67 -2.89 -47.63
C GLY C 1027 -63.11 -2.70 -46.24
N GLU C 1028 -62.22 -3.63 -45.84
CA GLU C 1028 -61.36 -3.48 -44.67
C GLU C 1028 -62.16 -3.39 -43.36
N MET C 1029 -62.89 -4.47 -43.07
CA MET C 1029 -63.38 -4.73 -41.72
C MET C 1029 -63.66 -6.23 -41.60
N TYR C 1030 -63.81 -6.68 -40.36
CA TYR C 1030 -63.98 -8.10 -40.04
C TYR C 1030 -65.46 -8.39 -39.86
N LEU C 1031 -66.04 -9.11 -40.81
CA LEU C 1031 -67.45 -9.48 -40.80
C LEU C 1031 -67.62 -10.88 -40.23
N ASN C 1032 -68.82 -11.44 -40.40
CA ASN C 1032 -69.18 -12.74 -39.87
C ASN C 1032 -69.47 -13.72 -40.99
N ARG C 1033 -69.50 -15.01 -40.64
CA ARG C 1033 -69.84 -16.04 -41.60
C ARG C 1033 -71.26 -15.87 -42.12
N GLU C 1034 -72.21 -15.59 -41.23
CA GLU C 1034 -73.58 -15.31 -41.66
C GLU C 1034 -73.62 -14.07 -42.54
N THR C 1035 -72.84 -13.05 -42.18
CA THR C 1035 -72.74 -11.86 -43.02
C THR C 1035 -72.23 -12.22 -44.41
N LYS C 1036 -71.19 -13.06 -44.47
CA LYS C 1036 -70.66 -13.47 -45.77
C LYS C 1036 -71.68 -14.24 -46.58
N ARG C 1037 -72.46 -15.11 -45.94
CA ARG C 1037 -73.50 -15.82 -46.67
C ARG C 1037 -74.55 -14.86 -47.22
N ALA C 1038 -74.95 -13.88 -46.41
CA ALA C 1038 -75.94 -12.91 -46.87
C ALA C 1038 -75.41 -12.11 -48.06
N LEU C 1039 -74.15 -11.68 -47.99
CA LEU C 1039 -73.56 -10.94 -49.10
C LEU C 1039 -73.44 -11.79 -50.36
N GLU C 1040 -73.02 -13.05 -50.21
CA GLU C 1040 -72.97 -13.94 -51.36
C GLU C 1040 -74.36 -14.13 -51.97
N ALA C 1041 -75.38 -14.27 -51.12
CA ALA C 1041 -76.74 -14.41 -51.61
C ALA C 1041 -77.14 -13.20 -52.44
N LEU C 1042 -77.02 -12.00 -51.85
CA LEU C 1042 -77.43 -10.79 -52.56
C LEU C 1042 -76.64 -10.62 -53.86
N GLN C 1043 -75.39 -11.10 -53.89
CA GLN C 1043 -74.69 -11.14 -55.16
C GLN C 1043 -75.30 -12.17 -56.11
N GLU C 1044 -75.89 -13.23 -55.56
CA GLU C 1044 -76.43 -14.29 -56.41
C GLU C 1044 -77.74 -13.89 -57.06
N GLU C 1045 -78.76 -13.55 -56.26
CA GLU C 1045 -80.06 -13.26 -56.88
C GLU C 1045 -80.03 -12.01 -57.74
N LYS C 1046 -79.31 -10.97 -57.32
CA LYS C 1046 -79.14 -9.77 -58.15
C LYS C 1046 -77.65 -9.56 -58.43
N PRO C 1047 -77.18 -9.89 -59.63
CA PRO C 1047 -75.75 -9.72 -59.92
C PRO C 1047 -75.34 -8.30 -60.29
N GLU C 1048 -76.30 -7.41 -60.58
CA GLU C 1048 -75.95 -6.06 -60.98
C GLU C 1048 -75.36 -5.27 -59.82
N LEU C 1049 -75.82 -5.50 -58.60
CA LEU C 1049 -75.40 -4.73 -57.43
C LEU C 1049 -74.06 -5.29 -56.95
N THR C 1050 -72.99 -4.60 -57.34
CA THR C 1050 -71.65 -5.04 -56.99
C THR C 1050 -71.36 -4.76 -55.51
N ILE C 1051 -70.54 -5.62 -54.91
CA ILE C 1051 -70.07 -5.44 -53.54
C ILE C 1051 -68.58 -5.72 -53.52
N VAL C 1052 -67.86 -4.97 -52.68
CA VAL C 1052 -66.41 -5.13 -52.55
C VAL C 1052 -66.15 -5.51 -51.09
N PHE C 1053 -67.05 -6.31 -50.52
CA PHE C 1053 -66.99 -6.64 -49.10
C PHE C 1053 -65.65 -7.25 -48.72
N GLU C 1054 -65.07 -8.06 -49.60
CA GLU C 1054 -63.83 -8.73 -49.27
C GLU C 1054 -62.71 -7.72 -49.03
N ILE C 1055 -61.98 -7.90 -47.93
CA ILE C 1055 -60.93 -6.97 -47.56
C ILE C 1055 -59.74 -7.12 -48.49
N ASP D 155 29.46 17.18 -39.83
CA ASP D 155 28.07 17.62 -39.90
C ASP D 155 27.84 18.51 -41.11
N TYR D 156 26.62 18.43 -41.67
CA TYR D 156 26.31 19.19 -42.88
C TYR D 156 26.39 20.69 -42.63
N CYS D 157 25.86 21.14 -41.50
CA CYS D 157 25.90 22.56 -41.17
C CYS D 157 27.33 23.05 -41.02
N LYS D 158 28.20 22.24 -40.44
CA LYS D 158 29.58 22.67 -40.22
C LYS D 158 30.31 22.90 -41.53
N MET D 159 30.23 21.95 -42.46
CA MET D 159 30.94 22.13 -43.73
C MET D 159 30.29 23.22 -44.57
N TYR D 160 28.96 23.35 -44.50
CA TYR D 160 28.31 24.46 -45.20
C TYR D 160 28.78 25.80 -44.65
N ARG D 161 28.92 25.90 -43.33
CA ARG D 161 29.41 27.13 -42.72
C ARG D 161 30.86 27.40 -43.10
N ARG D 162 31.68 26.36 -43.18
CA ARG D 162 33.06 26.53 -43.63
C ARG D 162 33.10 27.04 -45.07
N HIS D 163 32.24 26.49 -45.93
CA HIS D 163 32.22 26.92 -47.32
C HIS D 163 31.78 28.37 -47.44
N VAL D 164 30.76 28.78 -46.69
CA VAL D 164 30.31 30.16 -46.78
C VAL D 164 31.32 31.10 -46.13
N ARG D 165 32.07 30.62 -45.14
CA ARG D 165 33.18 31.40 -44.61
C ARG D 165 34.26 31.60 -45.65
N SER D 166 34.58 30.55 -46.41
CA SER D 166 35.54 30.68 -47.51
C SER D 166 35.05 31.67 -48.55
N ARG D 167 33.77 31.60 -48.90
CA ARG D 167 33.20 32.53 -49.88
C ARG D 167 33.24 33.97 -49.38
N PHE D 168 32.87 34.19 -48.12
CA PHE D 168 32.65 35.53 -47.58
C PHE D 168 33.81 36.02 -46.73
N TYR D 169 34.98 35.36 -46.82
CA TYR D 169 36.15 35.82 -46.09
C TYR D 169 36.59 37.22 -46.56
N SER D 170 36.57 37.44 -47.87
CA SER D 170 37.00 38.70 -48.46
C SER D 170 35.89 39.27 -49.34
N ILE D 171 36.01 40.56 -49.63
CA ILE D 171 35.03 41.24 -50.46
C ILE D 171 35.68 41.74 -51.75
N SER D 181 42.02 39.96 -52.94
CA SER D 181 41.31 41.22 -52.72
C SER D 181 41.62 41.77 -51.33
N VAL D 182 40.58 42.29 -50.66
CA VAL D 182 40.73 42.92 -49.35
C VAL D 182 39.91 42.12 -48.33
N ASP D 183 40.48 41.94 -47.14
CA ASP D 183 39.81 41.19 -46.10
C ASP D 183 38.60 41.96 -45.59
N LEU D 184 37.55 41.22 -45.23
CA LEU D 184 36.29 41.84 -44.84
C LEU D 184 36.31 42.33 -43.40
N ASN D 185 36.52 41.42 -42.46
CA ASN D 185 36.38 41.77 -41.04
C ASN D 185 37.43 42.78 -40.61
N SER D 186 38.66 42.66 -41.09
CA SER D 186 39.70 43.60 -40.72
C SER D 186 39.35 45.02 -41.17
N ARG D 187 38.83 45.15 -42.39
CA ARG D 187 38.36 46.44 -42.89
C ARG D 187 36.96 46.78 -42.40
N TYR D 188 36.25 45.84 -41.79
CA TYR D 188 34.90 46.08 -41.33
C TYR D 188 34.89 47.07 -40.17
N THR D 189 33.85 47.90 -40.13
CA THR D 189 33.61 48.82 -39.04
C THR D 189 32.13 48.83 -38.72
N GLN D 190 31.81 48.95 -37.43
CA GLN D 190 30.42 48.90 -36.99
C GLN D 190 29.63 50.09 -37.50
N LEU D 191 28.33 49.88 -37.66
CA LEU D 191 27.40 50.88 -38.17
C LEU D 191 26.32 51.15 -37.13
N GLN D 192 25.58 52.24 -37.35
CA GLN D 192 24.47 52.64 -36.49
C GLN D 192 23.17 52.40 -37.23
N LEU D 193 22.28 51.64 -36.60
CA LEU D 193 20.97 51.33 -37.17
C LEU D 193 19.89 51.51 -36.11
N VAL D 194 18.76 52.07 -36.52
CA VAL D 194 17.62 52.30 -35.63
C VAL D 194 16.35 51.79 -36.29
N LYS D 195 15.51 51.13 -35.51
CA LYS D 195 14.23 50.65 -36.01
C LYS D 195 13.27 51.82 -36.21
N GLU D 196 12.60 51.84 -37.35
CA GLU D 196 11.63 52.88 -37.65
C GLU D 196 10.21 52.45 -37.28
N SER D 222 19.20 52.49 -30.15
CA SER D 222 19.61 51.78 -31.36
C SER D 222 19.38 50.28 -31.22
N LEU D 223 18.98 49.64 -32.33
CA LEU D 223 18.75 48.20 -32.33
C LEU D 223 20.06 47.47 -32.54
N LYS D 224 20.46 46.67 -31.55
CA LYS D 224 21.72 45.96 -31.62
C LYS D 224 21.64 44.80 -32.61
N LEU D 225 22.79 44.48 -33.20
CA LEU D 225 22.84 43.42 -34.21
C LEU D 225 22.63 42.05 -33.60
N GLU D 226 22.97 41.86 -32.33
CA GLU D 226 22.70 40.60 -31.66
C GLU D 226 21.25 40.49 -31.21
N LEU D 227 20.49 41.58 -31.30
CA LEU D 227 19.12 41.65 -30.80
C LEU D 227 18.11 41.76 -31.93
N LEU D 228 18.34 41.04 -33.03
CA LEU D 228 17.51 41.20 -34.22
C LEU D 228 16.14 40.57 -34.07
N PHE D 229 16.10 39.24 -33.93
CA PHE D 229 14.88 38.48 -34.16
C PHE D 229 14.09 38.17 -32.89
N GLU D 230 14.58 38.52 -31.71
CA GLU D 230 13.66 38.23 -30.62
C GLU D 230 12.57 39.31 -30.57
N PRO D 231 11.34 38.94 -30.25
CA PRO D 231 10.26 39.94 -30.21
C PRO D 231 10.36 40.79 -28.95
N GLU D 232 10.39 42.10 -29.14
CA GLU D 232 10.37 43.02 -27.99
C GLU D 232 9.08 42.87 -27.21
N ASP D 233 7.97 42.67 -27.91
CA ASP D 233 6.67 42.40 -27.29
C ASP D 233 6.31 40.94 -27.53
N GLY D 234 5.70 40.32 -26.52
CA GLY D 234 5.42 38.90 -26.56
C GLY D 234 4.37 38.48 -27.55
N HIS D 235 3.69 39.46 -28.16
CA HIS D 235 2.62 39.21 -29.12
C HIS D 235 2.97 39.79 -30.49
N SER D 236 4.19 39.54 -30.94
CA SER D 236 4.65 39.97 -32.26
C SER D 236 4.25 38.92 -33.29
N GLU D 237 3.62 39.38 -34.37
CA GLU D 237 3.35 38.49 -35.49
C GLU D 237 4.67 38.02 -36.10
N PRO D 238 4.68 36.90 -36.86
CA PRO D 238 5.93 36.21 -37.19
C PRO D 238 7.13 37.11 -37.42
N VAL D 239 8.18 36.90 -36.62
CA VAL D 239 9.33 37.78 -36.54
C VAL D 239 10.20 37.62 -37.78
N HIS D 240 9.76 36.78 -38.70
CA HIS D 240 10.57 36.38 -39.84
C HIS D 240 10.53 37.39 -40.99
N THR D 241 9.86 38.53 -40.80
CA THR D 241 9.68 39.53 -41.85
C THR D 241 10.28 40.86 -41.37
N VAL D 242 11.56 41.06 -41.68
CA VAL D 242 12.28 42.29 -41.35
C VAL D 242 12.85 42.85 -42.65
N VAL D 243 12.63 44.14 -42.88
CA VAL D 243 13.10 44.84 -44.07
C VAL D 243 14.11 45.88 -43.64
N PHE D 244 15.11 46.12 -44.49
CA PHE D 244 16.18 47.05 -44.19
C PHE D 244 16.24 48.15 -45.26
N GLN D 245 16.49 49.37 -44.81
CA GLN D 245 16.57 50.53 -45.67
C GLN D 245 17.91 51.22 -45.46
N GLY D 246 18.37 51.93 -46.48
CA GLY D 246 19.62 52.65 -46.38
C GLY D 246 19.96 53.30 -47.70
N ALA D 247 20.92 54.22 -47.64
CA ALA D 247 21.33 54.99 -48.81
C ALA D 247 22.18 54.12 -49.73
N ALA D 248 22.68 54.73 -50.81
CA ALA D 248 23.60 54.05 -51.70
C ALA D 248 24.99 53.98 -51.07
N GLY D 249 25.49 52.77 -50.89
CA GLY D 249 26.77 52.59 -50.23
C GLY D 249 26.70 52.60 -48.71
N ILE D 250 25.50 52.54 -48.13
CA ILE D 250 25.36 52.55 -46.69
C ILE D 250 25.92 51.28 -46.06
N GLY D 251 25.87 50.16 -46.78
CA GLY D 251 26.44 48.93 -46.28
C GLY D 251 25.44 47.80 -46.10
N LYS D 252 24.37 47.81 -46.88
CA LYS D 252 23.42 46.69 -46.84
C LYS D 252 24.08 45.40 -47.28
N THR D 253 24.83 45.44 -48.38
CA THR D 253 25.56 44.25 -48.83
C THR D 253 26.62 43.84 -47.82
N ILE D 254 27.34 44.82 -47.28
CA ILE D 254 28.37 44.54 -46.29
C ILE D 254 27.74 43.98 -45.02
N LEU D 255 26.59 44.53 -44.61
CA LEU D 255 25.89 43.99 -43.45
C LEU D 255 25.46 42.55 -43.69
N ALA D 256 24.94 42.26 -44.88
CA ALA D 256 24.52 40.91 -45.20
C ALA D 256 25.69 39.94 -45.18
N ARG D 257 26.80 40.31 -45.80
CA ARG D 257 27.98 39.44 -45.80
C ARG D 257 28.56 39.30 -44.39
N LYS D 258 28.51 40.35 -43.59
CA LYS D 258 29.02 40.29 -42.23
C LYS D 258 28.17 39.35 -41.37
N ILE D 259 26.85 39.43 -41.49
CA ILE D 259 26.00 38.52 -40.70
C ILE D 259 26.17 37.09 -41.19
N MET D 260 26.35 36.89 -42.50
CA MET D 260 26.60 35.54 -43.01
C MET D 260 27.92 35.00 -42.48
N LEU D 261 28.95 35.84 -42.40
CA LEU D 261 30.24 35.38 -41.89
C LEU D 261 30.17 35.13 -40.39
N ASP D 262 29.39 35.93 -39.65
CA ASP D 262 29.18 35.66 -38.24
C ASP D 262 28.50 34.31 -38.04
N TRP D 263 27.48 34.04 -38.85
CA TRP D 263 26.85 32.72 -38.84
C TRP D 263 27.80 31.62 -39.29
N ALA D 264 28.82 31.98 -40.06
CA ALA D 264 29.84 31.01 -40.49
C ALA D 264 30.98 30.87 -39.49
N LEU D 265 31.06 31.72 -38.47
CA LEU D 265 32.16 31.72 -37.53
C LEU D 265 31.76 31.27 -36.13
N GLY D 266 30.51 30.87 -35.92
CA GLY D 266 30.06 30.45 -34.61
C GLY D 266 29.62 31.57 -33.69
N LYS D 267 29.24 32.73 -34.23
CA LYS D 267 28.91 33.89 -33.42
C LYS D 267 27.41 34.04 -33.18
N LEU D 268 26.62 34.11 -34.25
CA LEU D 268 25.18 34.33 -34.14
C LEU D 268 24.41 33.26 -34.89
N PHE D 269 23.20 32.98 -34.40
CA PHE D 269 22.31 31.97 -34.97
C PHE D 269 22.92 30.57 -34.88
N LYS D 270 23.43 30.23 -33.69
CA LYS D 270 23.90 28.89 -33.38
C LYS D 270 22.88 28.10 -32.57
N ASP D 271 22.50 28.63 -31.41
CA ASP D 271 21.44 28.04 -30.59
C ASP D 271 20.05 28.47 -31.02
N LYS D 272 19.95 29.48 -31.89
CA LYS D 272 18.67 30.01 -32.36
C LYS D 272 18.30 29.46 -33.72
N PHE D 273 19.18 29.59 -34.70
CA PHE D 273 18.98 29.08 -36.06
C PHE D 273 20.05 28.03 -36.36
N ASP D 274 19.92 27.40 -37.52
CA ASP D 274 20.90 26.39 -37.93
C ASP D 274 21.39 26.65 -39.35
N TYR D 275 20.53 27.18 -40.21
CA TYR D 275 20.84 27.41 -41.62
C TYR D 275 20.58 28.86 -41.99
N LEU D 276 21.51 29.45 -42.75
CA LEU D 276 21.35 30.76 -43.34
C LEU D 276 21.70 30.68 -44.81
N PHE D 277 20.82 31.19 -45.66
CA PHE D 277 21.01 31.13 -47.11
C PHE D 277 21.11 32.54 -47.69
N PHE D 278 21.79 32.64 -48.83
CA PHE D 278 22.04 33.90 -49.51
C PHE D 278 21.45 33.83 -50.91
N ILE D 279 20.57 34.78 -51.23
CA ILE D 279 19.95 34.89 -52.54
C ILE D 279 20.17 36.31 -53.04
N HIS D 280 20.62 36.44 -54.29
CA HIS D 280 20.93 37.75 -54.87
C HIS D 280 20.09 37.97 -56.11
N CYS D 281 19.53 39.18 -56.24
CA CYS D 281 18.64 39.49 -57.35
C CYS D 281 19.38 39.50 -58.68
N ARG D 282 20.63 39.99 -58.69
CA ARG D 282 21.39 40.04 -59.93
C ARG D 282 21.64 38.64 -60.48
N GLU D 283 22.00 37.70 -59.60
CA GLU D 283 22.26 36.34 -60.05
C GLU D 283 20.97 35.62 -60.42
N VAL D 284 19.88 35.89 -59.71
CA VAL D 284 18.60 35.25 -59.96
C VAL D 284 17.87 36.09 -61.02
N SER D 285 18.01 35.70 -62.28
CA SER D 285 17.36 36.43 -63.37
C SER D 285 15.87 36.16 -63.35
N LEU D 286 15.07 37.20 -63.61
CA LEU D 286 13.62 37.07 -63.59
C LEU D 286 13.06 36.38 -64.83
N ARG D 287 13.79 36.39 -65.94
CA ARG D 287 13.30 35.77 -67.17
C ARG D 287 13.31 34.25 -67.12
N THR D 288 14.25 33.65 -66.39
CA THR D 288 14.32 32.20 -66.30
C THR D 288 13.56 31.73 -65.07
N PRO D 289 12.46 30.99 -65.23
CA PRO D 289 11.78 30.43 -64.05
C PRO D 289 12.68 29.46 -63.30
N ARG D 290 12.55 29.47 -61.98
CA ARG D 290 13.38 28.63 -61.12
C ARG D 290 12.57 28.16 -59.92
N SER D 291 13.23 27.40 -59.06
CA SER D 291 12.65 26.91 -57.82
C SER D 291 13.60 27.20 -56.67
N LEU D 292 13.11 26.97 -55.45
CA LEU D 292 13.97 27.12 -54.28
C LEU D 292 15.11 26.11 -54.29
N ALA D 293 14.91 24.96 -54.95
CA ALA D 293 15.97 23.97 -55.07
C ALA D 293 17.16 24.54 -55.83
N ASP D 294 16.89 25.30 -56.89
CA ASP D 294 17.97 25.92 -57.66
C ASP D 294 18.76 26.88 -56.79
N LEU D 295 18.07 27.70 -56.00
CA LEU D 295 18.75 28.65 -55.12
C LEU D 295 19.58 27.93 -54.07
N ILE D 296 19.05 26.86 -53.49
CA ILE D 296 19.80 26.10 -52.49
C ILE D 296 21.03 25.47 -53.11
N VAL D 297 20.89 24.88 -54.31
CA VAL D 297 22.03 24.26 -54.98
C VAL D 297 23.10 25.31 -55.29
N SER D 298 22.67 26.48 -55.76
CA SER D 298 23.64 27.55 -56.03
C SER D 298 24.34 27.99 -54.75
N CYS D 299 23.59 28.10 -53.65
CA CYS D 299 24.20 28.51 -52.39
C CYS D 299 25.03 27.38 -51.77
N TRP D 300 24.58 26.14 -51.92
CA TRP D 300 25.36 25.02 -51.41
C TRP D 300 26.61 24.82 -52.26
N PRO D 301 27.75 24.46 -51.66
CA PRO D 301 28.95 24.18 -52.46
C PRO D 301 28.78 22.92 -53.29
N ASP D 302 28.22 21.89 -52.67
CA ASP D 302 27.95 20.65 -53.38
C ASP D 302 26.74 20.82 -54.29
N PRO D 303 26.86 20.52 -55.58
CA PRO D 303 25.67 20.57 -56.46
C PRO D 303 24.61 19.53 -56.15
N ASN D 304 24.85 18.66 -55.17
CA ASN D 304 23.89 17.63 -54.76
C ASN D 304 23.68 17.73 -53.26
N PRO D 305 22.90 18.71 -52.81
CA PRO D 305 22.65 18.86 -51.37
C PRO D 305 21.56 17.92 -50.92
N PRO D 306 21.54 17.57 -49.63
CA PRO D 306 20.45 16.72 -49.12
C PRO D 306 19.14 17.49 -49.05
N VAL D 307 18.50 17.68 -50.20
CA VAL D 307 17.28 18.50 -50.26
C VAL D 307 16.19 17.90 -49.40
N CYS D 308 16.10 16.57 -49.37
CA CYS D 308 15.10 15.92 -48.52
C CYS D 308 15.35 16.18 -47.05
N LYS D 309 16.61 16.27 -46.63
CA LYS D 309 16.96 16.46 -45.23
C LYS D 309 16.85 17.91 -44.78
N ILE D 310 17.02 18.87 -45.69
CA ILE D 310 17.13 20.28 -45.30
C ILE D 310 15.83 21.05 -45.47
N LEU D 311 14.74 20.38 -45.84
CA LEU D 311 13.45 21.06 -46.05
C LEU D 311 12.38 20.59 -45.07
N ARG D 312 12.75 20.36 -43.80
CA ARG D 312 11.82 19.89 -42.80
C ARG D 312 11.57 20.88 -41.67
N LYS D 313 12.57 21.70 -41.32
CA LYS D 313 12.46 22.67 -40.23
C LYS D 313 12.82 24.05 -40.77
N PRO D 314 11.87 24.75 -41.38
CA PRO D 314 12.17 26.09 -41.90
C PRO D 314 12.47 27.12 -40.82
N SER D 315 12.16 26.84 -39.55
CA SER D 315 12.42 27.79 -38.49
C SER D 315 13.90 28.15 -38.41
N ARG D 316 14.78 27.16 -38.57
CA ARG D 316 16.21 27.37 -38.52
C ARG D 316 16.80 27.70 -39.89
N ILE D 317 15.98 28.19 -40.82
CA ILE D 317 16.43 28.57 -42.15
C ILE D 317 16.03 30.02 -42.40
N LEU D 318 17.00 30.83 -42.82
CA LEU D 318 16.77 32.24 -43.11
C LEU D 318 17.26 32.55 -44.52
N PHE D 319 16.36 33.12 -45.33
CA PHE D 319 16.66 33.50 -46.70
C PHE D 319 16.93 34.99 -46.76
N LEU D 320 18.06 35.37 -47.35
CA LEU D 320 18.47 36.75 -47.45
C LEU D 320 18.27 37.25 -48.87
N MET D 321 17.55 38.36 -49.02
CA MET D 321 17.33 39.00 -50.32
C MET D 321 17.95 40.39 -50.27
N ASP D 322 19.10 40.53 -50.92
CA ASP D 322 19.85 41.78 -50.97
C ASP D 322 19.65 42.45 -52.32
N GLY D 323 19.66 43.78 -52.33
CA GLY D 323 19.45 44.52 -53.55
C GLY D 323 18.07 44.32 -54.13
N PHE D 324 17.04 44.44 -53.30
CA PHE D 324 15.66 44.22 -53.71
C PHE D 324 15.23 45.16 -54.84
N ASP D 325 16.03 46.16 -55.19
CA ASP D 325 15.63 47.13 -56.21
C ASP D 325 15.56 46.53 -57.61
N GLU D 326 15.62 45.21 -57.76
CA GLU D 326 15.63 44.56 -59.07
C GLU D 326 14.64 43.39 -59.11
N LEU D 327 13.49 43.52 -58.45
CA LEU D 327 12.56 42.40 -58.33
C LEU D 327 11.13 42.74 -58.76
N GLN D 328 10.68 43.96 -58.51
CA GLN D 328 9.29 44.34 -58.74
C GLN D 328 9.02 44.73 -60.19
N GLY D 329 9.83 44.27 -61.14
CA GLY D 329 9.61 44.61 -62.54
C GLY D 329 8.24 44.21 -63.06
N ALA D 330 7.60 43.22 -62.43
CA ALA D 330 6.28 42.76 -62.84
C ALA D 330 5.36 42.47 -61.68
N PHE D 331 5.67 42.96 -60.46
CA PHE D 331 4.78 42.74 -59.34
C PHE D 331 3.45 43.47 -59.52
N ASP D 332 3.46 44.55 -60.29
CA ASP D 332 2.24 45.34 -60.52
C ASP D 332 1.20 44.58 -61.33
N GLU D 333 1.57 43.46 -61.94
CA GLU D 333 0.63 42.64 -62.70
C GLU D 333 0.54 41.21 -62.21
N HIS D 334 1.50 40.74 -61.42
CA HIS D 334 1.54 39.37 -60.92
C HIS D 334 1.07 39.27 -59.47
N ILE D 335 0.06 40.09 -59.11
CA ILE D 335 -0.44 40.08 -57.74
C ILE D 335 -1.10 38.76 -57.40
N GLY D 336 -1.90 38.22 -58.31
CA GLY D 336 -2.67 37.02 -58.04
C GLY D 336 -2.00 35.70 -58.36
N GLU D 337 -0.75 35.70 -58.83
CA GLU D 337 -0.05 34.47 -59.14
C GLU D 337 0.74 34.01 -57.92
N VAL D 338 0.35 32.87 -57.36
CA VAL D 338 0.89 32.38 -56.09
C VAL D 338 1.42 30.96 -56.31
N CYS D 339 2.66 30.73 -55.87
CA CYS D 339 3.28 29.42 -55.92
C CYS D 339 3.71 28.99 -54.53
N THR D 340 3.39 27.73 -54.18
CA THR D 340 3.71 27.21 -52.86
C THR D 340 4.53 25.93 -52.90
N ASP D 341 4.86 25.41 -54.07
CA ASP D 341 5.66 24.20 -54.20
C ASP D 341 7.13 24.59 -54.32
N TRP D 342 7.95 24.11 -53.39
CA TRP D 342 9.38 24.44 -53.40
C TRP D 342 10.08 23.88 -54.62
N GLN D 343 9.57 22.79 -55.19
CA GLN D 343 10.17 22.15 -56.35
C GLN D 343 9.60 22.67 -57.66
N LYS D 344 8.65 23.60 -57.62
CA LYS D 344 8.02 24.10 -58.84
C LYS D 344 8.87 25.19 -59.47
N ALA D 345 9.01 25.14 -60.79
CA ALA D 345 9.81 26.10 -61.54
C ALA D 345 8.89 27.21 -62.04
N VAL D 346 8.92 28.35 -61.34
CA VAL D 346 8.12 29.52 -61.70
C VAL D 346 9.07 30.71 -61.72
N ARG D 347 8.64 31.77 -62.41
CA ARG D 347 9.44 32.99 -62.53
C ARG D 347 9.95 33.45 -61.17
N GLY D 348 11.16 34.03 -61.16
CA GLY D 348 11.78 34.41 -59.91
C GLY D 348 10.98 35.44 -59.14
N ASP D 349 10.45 36.44 -59.84
CA ASP D 349 9.69 37.48 -59.16
C ASP D 349 8.42 36.92 -58.52
N ILE D 350 7.70 36.06 -59.24
CA ILE D 350 6.47 35.48 -58.70
C ILE D 350 6.79 34.61 -57.49
N LEU D 351 7.84 33.79 -57.58
CA LEU D 351 8.20 32.91 -56.48
C LEU D 351 8.60 33.72 -55.25
N LEU D 352 9.38 34.79 -55.45
CA LEU D 352 9.80 35.61 -54.32
C LEU D 352 8.61 36.34 -53.70
N SER D 353 7.68 36.82 -54.53
CA SER D 353 6.46 37.44 -54.00
C SER D 353 5.65 36.44 -53.19
N SER D 354 5.62 35.17 -53.63
CA SER D 354 4.97 34.14 -52.83
C SER D 354 5.68 33.94 -51.50
N LEU D 355 7.02 33.96 -51.53
CA LEU D 355 7.79 33.81 -50.29
C LEU D 355 7.50 34.94 -49.30
N ILE D 356 7.37 36.17 -49.81
CA ILE D 356 7.30 37.33 -48.91
C ILE D 356 6.07 37.25 -48.01
N ARG D 357 4.91 36.91 -48.57
CA ARG D 357 3.68 36.91 -47.81
C ARG D 357 3.53 35.69 -46.90
N LYS D 358 4.58 34.91 -46.71
CA LYS D 358 4.61 33.78 -45.78
C LYS D 358 3.53 32.74 -46.14
N LYS D 359 3.67 32.18 -47.34
CA LYS D 359 2.86 31.04 -47.75
C LYS D 359 3.66 29.89 -48.33
N LEU D 360 4.82 30.14 -48.92
CA LEU D 360 5.76 29.08 -49.29
C LEU D 360 6.82 29.02 -48.19
N LEU D 361 6.88 27.88 -47.50
CA LEU D 361 7.61 27.77 -46.24
C LEU D 361 7.22 28.93 -45.32
N PRO D 362 5.95 29.00 -44.89
CA PRO D 362 5.47 30.19 -44.19
C PRO D 362 6.20 30.46 -42.88
N LYS D 363 6.74 29.44 -42.24
CA LYS D 363 7.39 29.58 -40.95
C LYS D 363 8.90 29.76 -41.09
N ALA D 364 9.42 29.77 -42.31
CA ALA D 364 10.83 30.07 -42.56
C ALA D 364 11.10 31.56 -42.29
N SER D 365 12.37 31.94 -42.38
CA SER D 365 12.79 33.30 -42.07
C SER D 365 13.20 34.04 -43.33
N LEU D 366 12.97 35.36 -43.33
CA LEU D 366 13.33 36.21 -44.45
C LEU D 366 13.99 37.48 -43.94
N LEU D 367 15.02 37.94 -44.65
CA LEU D 367 15.70 39.19 -44.36
C LEU D 367 15.94 39.92 -45.67
N ILE D 368 15.29 41.07 -45.83
CA ILE D 368 15.31 41.82 -47.09
C ILE D 368 16.01 43.14 -46.85
N THR D 369 16.97 43.47 -47.71
CA THR D 369 17.65 44.76 -47.68
C THR D 369 17.28 45.53 -48.95
N THR D 370 16.71 46.72 -48.77
CA THR D 370 16.15 47.49 -49.86
C THR D 370 16.60 48.95 -49.76
N ARG D 371 16.60 49.62 -50.90
CA ARG D 371 16.60 51.07 -50.90
C ARG D 371 15.24 51.57 -50.40
N PRO D 372 15.21 52.68 -49.65
CA PRO D 372 13.94 53.14 -49.07
C PRO D 372 13.01 53.82 -50.07
N VAL D 373 13.38 53.87 -51.35
CA VAL D 373 12.68 54.75 -52.29
C VAL D 373 11.26 54.28 -52.54
N ALA D 374 11.07 53.00 -52.82
CA ALA D 374 9.81 52.50 -53.37
C ALA D 374 9.27 51.34 -52.53
N LEU D 375 9.21 51.53 -51.22
CA LEU D 375 8.60 50.53 -50.33
C LEU D 375 7.09 50.60 -50.30
N GLU D 376 6.49 51.64 -50.90
CA GLU D 376 5.06 51.91 -50.69
C GLU D 376 4.20 50.71 -51.05
N LYS D 377 4.47 50.08 -52.20
CA LYS D 377 3.71 48.90 -52.57
C LYS D 377 4.15 47.66 -51.80
N LEU D 378 5.45 47.56 -51.50
CA LEU D 378 5.96 46.33 -50.88
C LEU D 378 5.36 46.10 -49.51
N GLN D 379 5.02 47.17 -48.78
CA GLN D 379 4.41 47.00 -47.46
C GLN D 379 3.07 46.29 -47.56
N HIS D 380 2.40 46.38 -48.71
CA HIS D 380 1.20 45.59 -48.92
C HIS D 380 1.51 44.09 -48.91
N LEU D 381 2.61 43.70 -49.54
CA LEU D 381 3.03 42.31 -49.57
C LEU D 381 3.60 41.84 -48.24
N LEU D 382 3.83 42.75 -47.29
CA LEU D 382 4.47 42.42 -46.03
C LEU D 382 3.43 42.09 -44.97
N ASP D 383 3.72 41.06 -44.18
CA ASP D 383 2.84 40.61 -43.10
C ASP D 383 3.52 40.94 -41.77
N HIS D 384 3.24 42.14 -41.25
CA HIS D 384 3.80 42.65 -40.00
C HIS D 384 5.32 42.56 -40.02
N PRO D 385 6.00 43.35 -40.87
CA PRO D 385 7.47 43.34 -40.87
C PRO D 385 8.02 44.29 -39.82
N ARG D 386 9.34 44.48 -39.81
CA ARG D 386 9.95 45.60 -39.10
C ARG D 386 10.89 46.31 -40.05
N HIS D 387 10.67 47.60 -40.25
CA HIS D 387 11.52 48.43 -41.11
C HIS D 387 12.65 49.00 -40.27
N VAL D 388 13.89 48.63 -40.61
CA VAL D 388 15.07 49.09 -39.88
C VAL D 388 15.96 49.85 -40.87
N GLU D 389 16.32 51.07 -40.50
CA GLU D 389 17.16 51.91 -41.34
C GLU D 389 18.62 51.82 -40.87
N ILE D 390 19.53 51.97 -41.83
CA ILE D 390 20.96 51.91 -41.55
C ILE D 390 21.53 53.31 -41.71
N LEU D 391 22.23 53.80 -40.69
CA LEU D 391 22.75 55.16 -40.71
C LEU D 391 24.26 55.25 -40.91
N GLY D 392 24.99 54.15 -40.73
CA GLY D 392 26.40 54.15 -41.01
C GLY D 392 27.29 54.59 -39.85
N PHE D 393 28.45 55.16 -40.19
CA PHE D 393 29.47 55.45 -39.20
C PHE D 393 29.07 56.62 -38.30
N SER D 394 29.69 56.67 -37.12
CA SER D 394 29.76 57.85 -36.30
C SER D 394 31.20 58.35 -36.30
N GLU D 395 31.49 59.37 -35.49
CA GLU D 395 32.84 59.92 -35.44
C GLU D 395 33.86 58.87 -35.02
N ALA D 396 33.59 58.17 -33.91
CA ALA D 396 34.49 57.13 -33.46
C ALA D 396 34.58 56.01 -34.48
N LYS D 397 33.45 55.63 -35.06
CA LYS D 397 33.47 54.58 -36.08
C LYS D 397 34.23 55.04 -37.32
N ARG D 398 34.12 56.32 -37.68
CA ARG D 398 34.91 56.83 -38.79
C ARG D 398 36.40 56.73 -38.51
N LYS D 399 36.82 57.15 -37.30
CA LYS D 399 38.22 57.02 -36.93
C LYS D 399 38.67 55.57 -36.97
N GLU D 400 37.83 54.65 -36.49
CA GLU D 400 38.17 53.23 -36.53
C GLU D 400 38.32 52.77 -37.97
N TYR D 401 37.46 53.25 -38.88
CA TYR D 401 37.58 52.84 -40.27
C TYR D 401 38.87 53.35 -40.89
N PHE D 402 39.25 54.60 -40.64
CA PHE D 402 40.53 55.07 -41.19
C PHE D 402 41.70 54.31 -40.58
N PHE D 403 41.61 53.91 -39.32
CA PHE D 403 42.66 53.09 -38.72
C PHE D 403 42.74 51.73 -39.41
N LYS D 404 41.59 51.12 -39.69
CA LYS D 404 41.58 49.79 -40.29
C LYS D 404 41.90 49.81 -41.79
N TYR D 405 41.80 50.96 -42.45
CA TYR D 405 42.10 51.03 -43.88
C TYR D 405 43.60 51.13 -44.13
N PHE D 406 44.23 52.21 -43.65
CA PHE D 406 45.64 52.44 -43.92
C PHE D 406 46.52 51.54 -43.07
N SER D 407 47.62 51.06 -43.66
CA SER D 407 48.58 50.26 -42.93
C SER D 407 49.50 51.10 -42.06
N ASN D 408 49.52 52.41 -42.24
CA ASN D 408 50.33 53.31 -41.44
C ASN D 408 49.43 54.08 -40.48
N GLU D 409 49.74 54.00 -39.19
CA GLU D 409 48.97 54.74 -38.20
C GLU D 409 49.11 56.24 -38.40
N LEU D 410 50.32 56.71 -38.71
CA LEU D 410 50.53 58.14 -38.92
C LEU D 410 49.76 58.65 -40.13
N GLN D 411 49.75 57.88 -41.22
CA GLN D 411 48.98 58.27 -42.40
C GLN D 411 47.49 58.30 -42.09
N ALA D 412 47.01 57.33 -41.30
CA ALA D 412 45.61 57.33 -40.91
C ALA D 412 45.26 58.55 -40.06
N ARG D 413 46.16 58.92 -39.14
CA ARG D 413 45.92 60.11 -38.31
C ARG D 413 45.92 61.37 -39.16
N GLU D 414 46.85 61.46 -40.12
CA GLU D 414 46.85 62.62 -41.01
C GLU D 414 45.58 62.69 -41.85
N ALA D 415 45.12 61.54 -42.33
CA ALA D 415 43.86 61.50 -43.08
C ALA D 415 42.69 61.95 -42.20
N PHE D 416 42.65 61.49 -40.95
CA PHE D 416 41.61 61.90 -40.03
C PHE D 416 41.63 63.40 -39.79
N ARG D 417 42.84 63.95 -39.59
CA ARG D 417 42.98 65.38 -39.36
C ARG D 417 42.51 66.18 -40.57
N LEU D 418 42.90 65.77 -41.78
CA LEU D 418 42.48 66.50 -42.97
C LEU D 418 40.99 66.31 -43.25
N ILE D 419 40.40 65.20 -42.80
CA ILE D 419 38.95 65.06 -42.89
C ILE D 419 38.26 66.08 -41.99
N GLN D 420 38.75 66.25 -40.76
CA GLN D 420 38.20 67.31 -39.92
C GLN D 420 38.59 68.71 -40.39
N GLU D 421 39.57 68.82 -41.29
CA GLU D 421 39.87 70.13 -41.86
C GLU D 421 38.70 70.67 -42.67
N ASN D 422 38.01 69.79 -43.41
CA ASN D 422 36.84 70.15 -44.20
C ASN D 422 35.61 69.57 -43.52
N GLU D 423 34.78 70.46 -42.95
CA GLU D 423 33.59 70.00 -42.24
C GLU D 423 32.63 69.27 -43.18
N VAL D 424 32.50 69.75 -44.42
CA VAL D 424 31.59 69.14 -45.37
C VAL D 424 32.01 67.69 -45.64
N LEU D 425 33.30 67.47 -45.89
CA LEU D 425 33.78 66.12 -46.17
C LEU D 425 33.63 65.22 -44.96
N PHE D 426 33.89 65.75 -43.76
CA PHE D 426 33.72 64.96 -42.55
C PHE D 426 32.28 64.53 -42.37
N THR D 427 31.34 65.44 -42.63
CA THR D 427 29.92 65.09 -42.58
C THR D 427 29.56 64.06 -43.65
N MET D 428 30.12 64.22 -44.85
CA MET D 428 29.87 63.25 -45.93
C MET D 428 30.42 61.87 -45.59
N CYS D 429 31.44 61.79 -44.75
CA CYS D 429 32.04 60.50 -44.42
C CYS D 429 31.15 59.63 -43.54
N PHE D 430 29.90 59.96 -43.24
CA PHE D 430 29.05 59.02 -42.53
C PHE D 430 28.65 57.85 -43.42
N ILE D 431 28.86 57.95 -44.72
CA ILE D 431 28.65 56.84 -45.65
C ILE D 431 29.97 56.08 -45.76
N PRO D 432 29.99 54.78 -45.48
CA PRO D 432 31.26 54.03 -45.58
C PRO D 432 31.86 54.04 -46.97
N LEU D 433 31.03 54.07 -48.02
CA LEU D 433 31.56 54.11 -49.38
C LEU D 433 32.40 55.35 -49.63
N VAL D 434 31.93 56.50 -49.14
CA VAL D 434 32.71 57.73 -49.28
C VAL D 434 34.03 57.62 -48.53
N CYS D 435 34.01 56.96 -47.37
CA CYS D 435 35.25 56.74 -46.62
C CYS D 435 36.22 55.89 -47.42
N TRP D 436 35.72 54.82 -48.06
CA TRP D 436 36.58 53.98 -48.89
C TRP D 436 37.17 54.78 -50.05
N ILE D 437 36.35 55.59 -50.70
CA ILE D 437 36.83 56.36 -51.86
C ILE D 437 37.88 57.37 -51.42
N VAL D 438 37.62 58.09 -50.32
CA VAL D 438 38.58 59.10 -49.89
C VAL D 438 39.87 58.45 -49.41
N CYS D 439 39.79 57.29 -48.76
CA CYS D 439 41.00 56.61 -48.31
C CYS D 439 41.83 56.15 -49.51
N THR D 440 41.19 55.58 -50.53
CA THR D 440 41.93 55.18 -51.72
C THR D 440 42.53 56.38 -52.42
N GLY D 441 41.79 57.49 -52.49
CA GLY D 441 42.33 58.70 -53.09
C GLY D 441 43.54 59.23 -52.36
N LEU D 442 43.47 59.26 -51.02
CA LEU D 442 44.61 59.73 -50.23
C LEU D 442 45.81 58.79 -50.39
N LYS D 443 45.57 57.48 -50.48
CA LYS D 443 46.64 56.55 -50.75
C LYS D 443 47.32 56.87 -52.08
N GLN D 444 46.52 57.08 -53.13
CA GLN D 444 47.09 57.42 -54.43
C GLN D 444 47.84 58.74 -54.38
N GLN D 445 47.33 59.70 -53.61
CA GLN D 445 48.00 61.00 -53.52
C GLN D 445 49.36 60.88 -52.85
N MET D 446 49.41 60.24 -51.68
CA MET D 446 50.67 60.22 -50.95
C MET D 446 51.69 59.24 -51.54
N GLU D 447 51.24 58.15 -52.17
CA GLU D 447 52.21 57.27 -52.81
C GLU D 447 52.87 57.96 -54.01
N THR D 448 52.10 58.70 -54.80
CA THR D 448 52.63 59.39 -55.96
C THR D 448 53.31 60.71 -55.61
N GLY D 449 53.31 61.10 -54.33
CA GLY D 449 53.91 62.34 -53.91
C GLY D 449 52.99 63.53 -53.87
N LYS D 450 51.75 63.38 -54.35
CA LYS D 450 50.80 64.48 -54.32
C LYS D 450 50.37 64.77 -52.88
N SER D 451 50.05 66.03 -52.62
CA SER D 451 49.61 66.43 -51.30
C SER D 451 48.22 65.89 -51.00
N LEU D 452 47.89 65.81 -49.71
CA LEU D 452 46.61 65.28 -49.28
C LEU D 452 45.56 66.35 -49.01
N ALA D 453 45.97 67.60 -48.78
CA ALA D 453 45.02 68.66 -48.51
C ALA D 453 44.15 69.00 -49.72
N GLN D 454 44.62 68.68 -50.93
CA GLN D 454 43.82 68.93 -52.13
C GLN D 454 42.55 68.10 -52.11
N THR D 455 42.63 66.86 -51.63
CA THR D 455 41.44 66.02 -51.49
C THR D 455 40.44 66.65 -50.53
N SER D 456 40.92 67.18 -49.40
CA SER D 456 40.04 67.85 -48.46
C SER D 456 39.41 69.09 -49.09
N LYS D 457 40.18 69.84 -49.87
CA LYS D 457 39.64 71.04 -50.51
C LYS D 457 38.55 70.72 -51.52
N THR D 458 38.55 69.52 -52.09
CA THR D 458 37.56 69.11 -53.07
C THR D 458 36.29 68.70 -52.35
N THR D 459 35.17 69.37 -52.67
CA THR D 459 33.89 69.14 -52.03
C THR D 459 32.85 68.71 -53.05
N THR D 460 32.02 67.74 -52.64
CA THR D 460 30.80 67.36 -53.35
C THR D 460 31.12 66.62 -54.65
N ALA D 461 32.40 66.61 -55.05
CA ALA D 461 32.85 66.00 -56.30
C ALA D 461 33.89 64.94 -56.01
N VAL D 462 33.60 64.08 -55.04
CA VAL D 462 34.55 63.05 -54.64
C VAL D 462 34.79 62.07 -55.78
N TYR D 463 33.71 61.64 -56.46
CA TYR D 463 33.85 60.66 -57.53
C TYR D 463 34.66 61.21 -58.70
N VAL D 464 34.37 62.45 -59.12
CA VAL D 464 35.05 63.01 -60.29
C VAL D 464 36.53 63.23 -60.00
N PHE D 465 36.83 63.80 -58.83
CA PHE D 465 38.23 64.02 -58.46
C PHE D 465 38.97 62.69 -58.28
N PHE D 466 38.29 61.69 -57.72
CA PHE D 466 38.88 60.37 -57.57
C PHE D 466 39.21 59.76 -58.93
N LEU D 467 38.29 59.87 -59.88
CA LEU D 467 38.55 59.37 -61.23
C LEU D 467 39.70 60.12 -61.89
N SER D 468 39.74 61.44 -61.73
CA SER D 468 40.83 62.22 -62.33
C SER D 468 42.17 61.84 -61.72
N SER D 469 42.22 61.64 -60.41
CA SER D 469 43.47 61.25 -59.76
C SER D 469 43.90 59.85 -60.15
N LEU D 470 42.94 58.95 -60.37
CA LEU D 470 43.28 57.59 -60.79
C LEU D 470 43.98 57.58 -62.14
N LEU D 471 43.51 58.40 -63.08
CA LEU D 471 44.08 58.42 -64.42
C LEU D 471 45.01 59.61 -64.59
N PHE D 482 41.88 57.44 -75.50
CA PHE D 482 41.13 57.09 -74.30
C PHE D 482 39.65 57.41 -74.46
N SER D 483 39.35 58.24 -75.47
CA SER D 483 37.96 58.64 -75.71
C SER D 483 37.10 57.45 -76.12
N ASP D 484 37.65 56.55 -76.94
CA ASP D 484 36.89 55.35 -77.33
C ASP D 484 36.58 54.47 -76.13
N TYR D 485 37.56 54.29 -75.23
CA TYR D 485 37.32 53.56 -74.00
C TYR D 485 36.21 54.19 -73.17
N LEU D 486 36.26 55.51 -73.00
CA LEU D 486 35.25 56.19 -72.20
C LEU D 486 33.88 56.05 -72.83
N GLN D 487 33.79 56.22 -74.16
CA GLN D 487 32.50 56.09 -74.84
C GLN D 487 31.96 54.67 -74.72
N GLY D 488 32.81 53.66 -74.88
CA GLY D 488 32.36 52.29 -74.76
C GLY D 488 31.88 51.95 -73.37
N LEU D 489 32.64 52.34 -72.34
CA LEU D 489 32.23 52.07 -70.97
C LEU D 489 30.95 52.81 -70.63
N CYS D 490 30.82 54.06 -71.08
CA CYS D 490 29.62 54.83 -70.81
C CYS D 490 28.40 54.23 -71.49
N SER D 491 28.54 53.78 -72.73
CA SER D 491 27.43 53.15 -73.43
C SER D 491 27.08 51.80 -72.80
N LEU D 492 28.07 51.06 -72.32
CA LEU D 492 27.80 49.83 -71.59
C LEU D 492 26.98 50.11 -70.34
N ALA D 493 27.38 51.14 -69.59
CA ALA D 493 26.61 51.50 -68.39
C ALA D 493 25.20 51.93 -68.75
N ALA D 494 25.05 52.69 -69.84
CA ALA D 494 23.71 53.15 -70.24
C ALA D 494 22.82 51.99 -70.65
N ASP D 495 23.36 51.04 -71.42
CA ASP D 495 22.56 49.89 -71.81
C ASP D 495 22.24 48.99 -70.62
N GLY D 496 23.15 48.90 -69.64
CA GLY D 496 22.80 48.25 -68.40
C GLY D 496 21.68 48.97 -67.68
N ILE D 497 21.66 50.30 -67.77
CA ILE D 497 20.58 51.08 -67.19
C ILE D 497 19.25 50.72 -67.82
N TRP D 498 19.20 50.71 -69.16
CA TRP D 498 17.94 50.37 -69.83
C TRP D 498 17.53 48.92 -69.56
N ASN D 499 18.47 47.99 -69.66
CA ASN D 499 18.16 46.57 -69.65
C ASN D 499 18.14 45.97 -68.24
N GLN D 500 18.43 46.76 -67.21
CA GLN D 500 18.51 46.26 -65.83
C GLN D 500 19.48 45.09 -65.71
N LYS D 501 20.55 45.11 -66.52
CA LYS D 501 21.53 44.05 -66.58
C LYS D 501 22.82 44.52 -65.92
N ILE D 502 23.40 43.68 -65.08
CA ILE D 502 24.65 44.01 -64.40
C ILE D 502 25.70 42.97 -64.78
N LEU D 503 25.24 41.75 -65.09
CA LEU D 503 26.13 40.66 -65.48
C LEU D 503 26.32 40.69 -67.00
N PHE D 504 27.05 41.71 -67.45
CA PHE D 504 27.25 41.93 -68.87
C PHE D 504 28.05 40.79 -69.50
N GLU D 505 27.77 40.52 -70.76
CA GLU D 505 28.47 39.51 -71.54
C GLU D 505 29.33 40.19 -72.61
N GLU D 506 29.96 39.38 -73.46
CA GLU D 506 30.84 39.90 -74.49
C GLU D 506 30.08 40.67 -75.56
N CYS D 507 28.81 40.32 -75.78
CA CYS D 507 28.04 40.95 -76.86
C CYS D 507 27.86 42.45 -76.63
N ASP D 508 27.66 42.85 -75.37
CA ASP D 508 27.53 44.28 -75.08
C ASP D 508 28.82 45.02 -75.44
N LEU D 509 29.97 44.47 -75.05
CA LEU D 509 31.24 45.11 -75.38
C LEU D 509 31.46 45.15 -76.89
N ARG D 510 31.03 44.11 -77.60
CA ARG D 510 31.11 44.13 -79.06
C ARG D 510 30.25 45.24 -79.65
N LYS D 511 29.03 45.40 -79.14
CA LYS D 511 28.15 46.44 -79.64
C LYS D 511 28.71 47.83 -79.36
N HIS D 512 29.27 48.04 -78.18
CA HIS D 512 29.80 49.33 -77.79
C HIS D 512 31.22 49.57 -78.27
N GLY D 513 31.83 48.59 -78.92
CA GLY D 513 33.21 48.72 -79.34
C GLY D 513 34.22 48.46 -78.24
N LEU D 514 33.79 48.00 -77.07
CA LEU D 514 34.72 47.66 -76.00
C LEU D 514 35.38 46.32 -76.28
N GLN D 515 36.68 46.25 -76.05
CA GLN D 515 37.49 45.07 -76.36
C GLN D 515 37.97 44.41 -75.07
N LYS D 516 38.80 43.38 -75.25
CA LYS D 516 39.30 42.61 -74.11
C LYS D 516 40.24 43.45 -73.24
N THR D 517 41.01 44.35 -73.84
CA THR D 517 41.93 45.20 -73.09
C THR D 517 41.24 46.37 -72.41
N ASP D 518 39.91 46.34 -72.27
CA ASP D 518 39.14 47.42 -71.68
C ASP D 518 38.60 47.09 -70.30
N VAL D 519 39.25 46.19 -69.57
CA VAL D 519 38.88 45.87 -68.19
C VAL D 519 39.78 46.68 -67.26
N SER D 520 39.16 47.43 -66.35
CA SER D 520 39.88 48.29 -65.42
C SER D 520 39.45 47.98 -63.98
N ALA D 521 39.89 48.83 -63.06
CA ALA D 521 39.59 48.63 -61.64
C ALA D 521 38.10 48.75 -61.35
N PHE D 522 37.42 49.70 -61.99
CA PHE D 522 35.98 49.87 -61.76
C PHE D 522 35.20 48.64 -62.19
N LEU D 523 35.56 48.06 -63.35
CA LEU D 523 34.96 46.82 -63.80
C LEU D 523 35.58 45.63 -63.07
N ARG D 524 35.05 44.45 -63.33
CA ARG D 524 35.56 43.25 -62.69
C ARG D 524 35.23 42.04 -63.55
N MET D 525 36.22 41.16 -63.70
CA MET D 525 36.10 39.93 -64.48
C MET D 525 35.85 38.76 -63.53
N ASN D 526 34.87 37.94 -63.86
CA ASN D 526 34.52 36.78 -63.05
C ASN D 526 34.41 35.52 -63.90
N ARG D 536 32.94 34.23 -69.66
CA ARG D 536 33.43 35.36 -68.89
C ARG D 536 32.28 36.21 -68.39
N PHE D 537 32.45 36.78 -67.18
CA PHE D 537 31.45 37.64 -66.56
C PHE D 537 32.04 39.02 -66.36
N TYR D 538 31.30 40.04 -66.77
CA TYR D 538 31.67 41.44 -66.55
C TYR D 538 30.73 42.03 -65.51
N SER D 539 31.28 42.68 -64.49
CA SER D 539 30.42 43.28 -63.48
C SER D 539 31.10 44.49 -62.86
N PHE D 540 30.32 45.55 -62.65
CA PHE D 540 30.83 46.71 -61.93
C PHE D 540 31.07 46.37 -60.47
N SER D 541 32.13 46.94 -59.91
CA SER D 541 32.46 46.67 -58.51
C SER D 541 31.35 47.17 -57.58
N HIS D 542 30.83 48.36 -57.84
CA HIS D 542 29.73 48.92 -57.06
C HIS D 542 28.83 49.67 -58.03
N MET D 543 27.52 49.55 -57.81
CA MET D 543 26.56 50.06 -58.80
C MET D 543 26.68 51.57 -58.98
N THR D 544 26.92 52.31 -57.89
CA THR D 544 26.98 53.76 -57.98
C THR D 544 27.99 54.22 -59.02
N PHE D 545 29.08 53.45 -59.19
CA PHE D 545 30.01 53.74 -60.26
C PHE D 545 29.35 53.59 -61.62
N GLN D 546 28.52 52.56 -61.78
CA GLN D 546 27.81 52.35 -63.04
C GLN D 546 26.86 53.51 -63.33
N GLU D 547 26.11 53.96 -62.32
CA GLU D 547 25.25 55.12 -62.55
C GLU D 547 26.06 56.38 -62.83
N PHE D 548 27.24 56.52 -62.21
CA PHE D 548 28.09 57.67 -62.49
C PHE D 548 28.56 57.67 -63.94
N PHE D 549 28.98 56.50 -64.44
CA PHE D 549 29.41 56.40 -65.82
C PHE D 549 28.24 56.65 -66.78
N ALA D 550 27.06 56.14 -66.44
CA ALA D 550 25.89 56.39 -67.27
C ALA D 550 25.55 57.88 -67.32
N ALA D 551 25.68 58.57 -66.18
CA ALA D 551 25.46 60.02 -66.15
C ALA D 551 26.49 60.76 -66.99
N MET D 552 27.75 60.35 -66.89
CA MET D 552 28.79 60.98 -67.70
C MET D 552 28.61 60.71 -69.19
N TYR D 553 27.92 59.62 -69.55
CA TYR D 553 27.71 59.30 -70.96
C TYR D 553 27.01 60.42 -71.70
N TYR D 554 25.94 60.96 -71.11
CA TYR D 554 25.07 61.89 -71.84
C TYR D 554 25.67 63.26 -72.03
N LEU D 555 26.94 63.46 -71.65
CA LEU D 555 27.61 64.74 -71.86
C LEU D 555 28.82 64.65 -72.78
N LEU D 556 29.38 63.47 -72.97
CA LEU D 556 30.52 63.29 -73.85
C LEU D 556 30.18 63.70 -75.29
N ASN D 577 21.37 55.41 -76.83
CA ASN D 577 20.59 56.63 -77.04
C ASN D 577 21.22 57.81 -76.31
N ARG D 578 21.33 58.94 -76.99
CA ARG D 578 21.91 60.16 -76.42
C ARG D 578 20.85 61.20 -76.09
N ASP D 579 19.59 60.97 -76.46
CA ASP D 579 18.51 61.90 -76.15
C ASP D 579 18.28 61.92 -74.65
N VAL D 580 18.48 63.08 -74.04
CA VAL D 580 18.42 63.19 -72.57
C VAL D 580 17.01 62.94 -72.04
N LYS D 581 15.98 63.09 -72.88
CA LYS D 581 14.60 62.99 -72.40
C LYS D 581 14.29 61.63 -71.80
N VAL D 582 15.03 60.59 -72.17
CA VAL D 582 14.79 59.27 -71.58
C VAL D 582 15.00 59.32 -70.07
N LEU D 583 15.98 60.11 -69.62
CA LEU D 583 16.17 60.29 -68.19
C LEU D 583 15.04 61.11 -67.59
N LEU D 584 14.49 62.05 -68.36
CA LEU D 584 13.50 62.97 -67.83
C LEU D 584 12.16 62.30 -67.58
N GLU D 585 11.69 61.51 -68.55
CA GLU D 585 10.33 60.99 -68.51
C GLU D 585 10.24 59.49 -68.22
N ASN D 586 11.19 58.69 -68.67
CA ASN D 586 11.15 57.25 -68.46
C ASN D 586 11.51 56.85 -67.04
N TYR D 587 11.60 57.82 -66.13
CA TYR D 587 11.73 57.52 -64.72
C TYR D 587 10.46 56.82 -64.21
N GLY D 588 10.63 55.89 -63.28
CA GLY D 588 9.54 55.14 -62.72
C GLY D 588 9.33 53.77 -63.33
N LYS D 589 9.90 53.52 -64.52
CA LYS D 589 9.83 52.19 -65.12
C LYS D 589 10.62 51.19 -64.29
N PHE D 590 11.62 51.66 -63.55
CA PHE D 590 12.41 50.83 -62.65
C PHE D 590 12.04 51.18 -61.21
N GLU D 591 11.84 50.14 -60.39
CA GLU D 591 11.56 50.37 -58.98
C GLU D 591 12.73 51.07 -58.30
N LYS D 592 12.38 51.93 -57.34
CA LYS D 592 13.32 52.67 -56.48
C LYS D 592 14.19 53.65 -57.26
N GLY D 593 14.00 53.75 -58.57
CA GLY D 593 14.55 54.86 -59.34
C GLY D 593 16.06 55.02 -59.32
N TYR D 594 16.77 54.17 -60.05
CA TYR D 594 18.20 54.37 -60.21
C TYR D 594 18.50 55.71 -60.90
N LEU D 595 17.57 56.20 -61.72
CA LEU D 595 17.83 57.35 -62.58
C LEU D 595 18.17 58.61 -61.82
N ILE D 596 17.46 58.93 -60.72
CA ILE D 596 17.70 60.18 -60.00
C ILE D 596 19.15 60.28 -59.58
N PHE D 597 19.68 59.21 -58.98
CA PHE D 597 21.09 59.18 -58.63
C PHE D 597 21.95 59.48 -59.86
N VAL D 598 21.67 58.79 -60.96
CA VAL D 598 22.27 59.14 -62.25
C VAL D 598 22.17 60.64 -62.47
N VAL D 599 20.94 61.15 -62.49
CA VAL D 599 20.70 62.56 -62.80
C VAL D 599 21.43 63.45 -61.80
N ARG D 600 21.62 62.97 -60.56
CA ARG D 600 22.36 63.76 -59.59
C ARG D 600 23.75 64.09 -60.10
N PHE D 601 24.50 63.07 -60.54
CA PHE D 601 25.81 63.32 -61.12
C PHE D 601 25.69 64.18 -62.36
N LEU D 602 24.56 64.11 -63.06
CA LEU D 602 24.34 65.03 -64.18
C LEU D 602 24.42 66.47 -63.71
N PHE D 603 23.68 66.82 -62.63
CA PHE D 603 23.84 68.15 -62.06
C PHE D 603 25.26 68.38 -61.56
N GLY D 604 25.94 67.30 -61.17
CA GLY D 604 27.33 67.44 -60.82
C GLY D 604 28.18 67.84 -62.00
N LEU D 605 27.94 67.25 -63.16
CA LEU D 605 28.85 67.43 -64.28
C LEU D 605 28.54 68.71 -65.07
N VAL D 606 27.28 69.12 -65.08
CA VAL D 606 26.86 70.27 -65.89
C VAL D 606 27.34 71.57 -65.25
N ASN D 607 27.90 71.49 -64.05
CA ASN D 607 28.46 72.66 -63.39
C ASN D 607 29.56 73.26 -64.27
N GLN D 608 29.51 74.58 -64.45
CA GLN D 608 30.37 75.24 -65.43
C GLN D 608 31.85 74.99 -65.13
N GLU D 609 32.26 75.18 -63.88
CA GLU D 609 33.64 74.87 -63.51
C GLU D 609 33.91 73.38 -63.63
N ARG D 610 32.97 72.55 -63.18
CA ARG D 610 33.16 71.10 -63.28
C ARG D 610 33.11 70.63 -64.73
N THR D 611 32.24 71.24 -65.55
CA THR D 611 32.23 70.93 -66.98
C THR D 611 33.55 71.28 -67.63
N SER D 612 34.08 72.47 -67.34
CA SER D 612 35.35 72.89 -67.91
C SER D 612 36.48 71.97 -67.45
N TYR D 613 36.48 71.58 -66.17
CA TYR D 613 37.50 70.68 -65.66
C TYR D 613 37.42 69.31 -66.35
N LEU D 614 36.20 68.80 -66.54
CA LEU D 614 36.04 67.53 -67.24
C LEU D 614 36.56 67.61 -68.66
N GLU D 615 36.21 68.70 -69.37
CA GLU D 615 36.66 68.87 -70.75
C GLU D 615 38.18 68.96 -70.83
N LYS D 616 38.80 69.72 -69.91
CA LYS D 616 40.23 69.93 -69.96
C LYS D 616 41.03 68.79 -69.33
N LYS D 617 40.37 67.86 -68.64
CA LYS D 617 41.04 66.69 -68.09
C LYS D 617 40.85 65.44 -68.94
N LEU D 618 39.80 65.39 -69.77
CA LEU D 618 39.60 64.25 -70.66
C LEU D 618 39.63 64.63 -72.14
N SER D 619 39.94 65.88 -72.46
CA SER D 619 40.06 66.37 -73.84
C SER D 619 38.76 66.20 -74.63
N CYS D 620 37.62 66.11 -73.95
CA CYS D 620 36.32 65.92 -74.58
C CYS D 620 35.52 67.21 -74.52
N LYS D 621 34.29 67.13 -75.00
CA LYS D 621 33.36 68.26 -75.02
C LYS D 621 32.07 67.87 -74.31
N ILE D 622 31.46 68.84 -73.64
CA ILE D 622 30.25 68.62 -72.86
C ILE D 622 29.12 69.44 -73.49
N SER D 623 27.99 68.78 -73.74
CA SER D 623 26.82 69.48 -74.27
C SER D 623 26.27 70.46 -73.24
N GLN D 624 25.66 71.53 -73.75
CA GLN D 624 25.14 72.60 -72.89
C GLN D 624 23.63 72.75 -72.90
N GLN D 625 22.95 72.27 -73.94
CA GLN D 625 21.48 72.28 -73.92
C GLN D 625 20.93 71.37 -72.84
N VAL D 626 21.73 70.43 -72.33
CA VAL D 626 21.31 69.56 -71.25
C VAL D 626 20.96 70.37 -70.01
N ARG D 627 21.70 71.45 -69.75
CA ARG D 627 21.41 72.29 -68.59
C ARG D 627 20.04 72.93 -68.70
N LEU D 628 19.70 73.45 -69.89
CA LEU D 628 18.39 74.06 -70.07
C LEU D 628 17.28 73.01 -70.00
N GLU D 629 17.52 71.83 -70.55
CA GLU D 629 16.52 70.76 -70.44
C GLU D 629 16.32 70.36 -68.98
N LEU D 630 17.40 70.31 -68.20
CA LEU D 630 17.28 70.02 -66.78
C LEU D 630 16.52 71.13 -66.05
N LEU D 631 16.76 72.39 -66.44
CA LEU D 631 15.95 73.48 -65.91
C LEU D 631 14.47 73.22 -66.15
N LYS D 632 14.11 72.94 -67.41
CA LYS D 632 12.71 72.72 -67.74
C LYS D 632 12.14 71.56 -66.96
N TRP D 633 12.93 70.49 -66.77
CA TRP D 633 12.51 69.39 -65.92
C TRP D 633 12.31 69.84 -64.48
N ILE D 634 13.10 70.80 -64.01
CA ILE D 634 12.93 71.30 -62.64
C ILE D 634 11.57 71.99 -62.51
N GLU D 635 11.21 72.84 -63.48
CA GLU D 635 9.88 73.45 -63.39
C GLU D 635 8.78 72.42 -63.58
N VAL D 636 9.00 71.40 -64.40
CA VAL D 636 8.01 70.34 -64.56
C VAL D 636 7.76 69.64 -63.23
N LYS D 637 8.84 69.31 -62.51
CA LYS D 637 8.69 68.68 -61.21
C LYS D 637 8.04 69.61 -60.20
N ALA D 638 8.41 70.89 -60.21
CA ALA D 638 7.91 71.82 -59.20
C ALA D 638 6.43 72.12 -59.39
N LYS D 639 6.00 72.33 -60.63
CA LYS D 639 4.66 72.83 -60.89
C LYS D 639 3.65 71.74 -61.25
N ALA D 640 4.05 70.47 -61.18
CA ALA D 640 3.15 69.39 -61.54
C ALA D 640 2.09 69.19 -60.45
N LYS D 641 1.02 68.48 -60.83
CA LYS D 641 -0.08 68.18 -59.91
C LYS D 641 0.12 66.83 -59.23
N LYS D 642 0.18 65.76 -60.02
CA LYS D 642 0.31 64.39 -59.50
C LYS D 642 1.73 64.21 -58.98
N LEU D 643 1.97 64.74 -57.79
CA LEU D 643 3.31 64.76 -57.21
C LEU D 643 3.65 63.49 -56.45
N GLN D 644 2.73 62.52 -56.39
CA GLN D 644 2.98 61.30 -55.64
C GLN D 644 4.08 60.45 -56.27
N TRP D 645 4.01 60.27 -57.59
CA TRP D 645 4.98 59.40 -58.26
C TRP D 645 6.38 59.99 -58.26
N GLN D 646 6.49 61.31 -58.29
CA GLN D 646 7.80 61.95 -58.28
C GLN D 646 8.50 61.72 -56.95
N PRO D 647 9.84 61.66 -56.95
CA PRO D 647 10.57 61.54 -55.68
C PRO D 647 10.49 62.81 -54.85
N SER D 648 10.94 62.73 -53.60
CA SER D 648 10.76 63.83 -52.67
C SER D 648 11.54 65.06 -53.10
N GLN D 649 11.19 66.19 -52.49
CA GLN D 649 11.83 67.47 -52.81
C GLN D 649 13.25 67.52 -52.26
N LEU D 650 13.54 66.73 -51.22
CA LEU D 650 14.89 66.66 -50.68
C LEU D 650 15.88 66.16 -51.72
N GLU D 651 15.44 65.29 -52.64
CA GLU D 651 16.29 64.87 -53.74
C GLU D 651 16.62 66.05 -54.65
N LEU D 652 15.62 66.91 -54.92
CA LEU D 652 15.87 68.11 -55.69
C LEU D 652 16.90 68.99 -55.01
N PHE D 653 16.81 69.10 -53.69
CA PHE D 653 17.77 69.93 -52.96
C PHE D 653 19.16 69.31 -52.96
N TYR D 654 19.25 67.98 -52.87
CA TYR D 654 20.52 67.30 -53.08
C TYR D 654 21.11 67.64 -54.44
N CYS D 655 20.30 67.62 -55.49
CA CYS D 655 20.82 67.95 -56.81
C CYS D 655 21.33 69.39 -56.86
N LEU D 656 20.52 70.33 -56.33
CA LEU D 656 20.90 71.74 -56.40
C LEU D 656 22.13 72.04 -55.55
N TYR D 657 22.36 71.26 -54.49
CA TYR D 657 23.59 71.39 -53.73
C TYR D 657 24.76 70.73 -54.45
N GLU D 658 24.51 69.63 -55.15
CA GLU D 658 25.56 68.94 -55.88
C GLU D 658 26.13 69.82 -56.97
N MET D 659 25.25 70.52 -57.69
CA MET D 659 25.69 71.30 -58.84
C MET D 659 26.57 72.48 -58.43
N GLN D 660 26.15 73.24 -57.42
CA GLN D 660 26.91 74.38 -56.89
C GLN D 660 27.16 75.48 -57.92
N GLU D 661 26.15 75.82 -58.73
CA GLU D 661 26.21 76.96 -59.64
C GLU D 661 25.19 78.01 -59.20
N GLU D 662 25.69 79.13 -58.67
CA GLU D 662 24.85 80.06 -57.91
C GLU D 662 23.66 80.56 -58.73
N ASP D 663 23.92 81.10 -59.92
CA ASP D 663 22.88 81.82 -60.65
C ASP D 663 21.76 80.90 -61.09
N PHE D 664 22.09 79.73 -61.63
CA PHE D 664 21.05 78.82 -62.09
C PHE D 664 20.33 78.18 -60.90
N VAL D 665 21.03 77.99 -59.77
CA VAL D 665 20.34 77.59 -58.55
C VAL D 665 19.27 78.60 -58.20
N GLN D 666 19.63 79.89 -58.19
CA GLN D 666 18.65 80.92 -57.84
C GLN D 666 17.49 80.95 -58.84
N SER D 667 17.79 80.88 -60.13
CA SER D 667 16.75 80.99 -61.14
C SER D 667 15.80 79.79 -61.10
N ALA D 668 16.34 78.57 -61.02
CA ALA D 668 15.50 77.39 -61.01
C ALA D 668 14.91 77.14 -59.62
N MET D 669 15.34 77.90 -58.62
CA MET D 669 14.84 77.75 -57.27
C MET D 669 13.80 78.79 -56.91
N ASP D 670 13.73 79.90 -57.62
CA ASP D 670 12.65 80.85 -57.41
C ASP D 670 11.28 80.26 -57.76
N HIS D 671 11.23 78.99 -58.16
CA HIS D 671 9.99 78.30 -58.49
C HIS D 671 9.46 77.46 -57.33
N PHE D 672 9.86 77.78 -56.12
CA PHE D 672 9.43 77.07 -54.91
C PHE D 672 8.91 78.07 -53.89
N PRO D 673 7.70 78.61 -54.10
CA PRO D 673 7.12 79.49 -53.07
C PRO D 673 6.90 78.79 -51.74
N LYS D 674 6.57 77.50 -51.75
CA LYS D 674 6.37 76.72 -50.53
C LYS D 674 7.34 75.56 -50.51
N ILE D 675 8.05 75.39 -49.41
CA ILE D 675 9.09 74.38 -49.28
C ILE D 675 8.77 73.50 -48.09
N GLU D 676 8.73 72.18 -48.32
CA GLU D 676 8.54 71.20 -47.26
C GLU D 676 9.66 70.17 -47.34
N ILE D 677 10.35 69.96 -46.24
CA ILE D 677 11.49 69.05 -46.19
C ILE D 677 11.48 68.29 -44.88
N ASN D 678 11.99 67.06 -44.91
CA ASN D 678 12.12 66.22 -43.74
C ASN D 678 13.59 65.83 -43.60
N LEU D 679 14.20 66.20 -42.47
CA LEU D 679 15.64 66.10 -42.28
C LEU D 679 15.95 65.00 -41.26
N SER D 680 16.94 64.16 -41.58
CA SER D 680 17.32 63.07 -40.70
C SER D 680 18.82 62.83 -40.59
N THR D 681 19.67 63.72 -41.10
CA THR D 681 21.11 63.53 -41.03
C THR D 681 21.80 64.87 -41.23
N ARG D 682 23.14 64.85 -41.10
CA ARG D 682 23.92 66.07 -41.30
C ARG D 682 23.84 66.53 -42.75
N MET D 683 23.85 65.60 -43.70
CA MET D 683 23.71 65.97 -45.11
C MET D 683 22.41 66.71 -45.35
N ASP D 684 21.31 66.24 -44.76
CA ASP D 684 20.04 66.94 -44.90
C ASP D 684 20.15 68.37 -44.41
N HIS D 685 20.71 68.57 -43.22
CA HIS D 685 20.83 69.91 -42.66
C HIS D 685 21.70 70.81 -43.53
N VAL D 686 22.83 70.28 -44.02
CA VAL D 686 23.74 71.09 -44.80
C VAL D 686 23.11 71.50 -46.13
N VAL D 687 22.52 70.53 -46.84
CA VAL D 687 21.91 70.86 -48.12
C VAL D 687 20.74 71.81 -47.92
N SER D 688 19.97 71.63 -46.85
CA SER D 688 18.86 72.53 -46.58
C SER D 688 19.35 73.94 -46.29
N SER D 689 20.42 74.07 -45.51
CA SER D 689 20.96 75.39 -45.22
C SER D 689 21.42 76.08 -46.50
N PHE D 690 22.20 75.37 -47.32
CA PHE D 690 22.66 75.95 -48.58
C PHE D 690 21.49 76.35 -49.46
N CYS D 691 20.52 75.46 -49.60
CA CYS D 691 19.39 75.70 -50.50
C CYS D 691 18.56 76.89 -50.05
N ILE D 692 18.19 76.93 -48.76
CA ILE D 692 17.39 78.03 -48.26
C ILE D 692 18.16 79.34 -48.33
N LYS D 693 19.46 79.31 -48.06
CA LYS D 693 20.26 80.53 -48.20
C LYS D 693 20.27 81.00 -49.65
N ASN D 694 20.21 80.07 -50.61
CA ASN D 694 20.11 80.48 -52.00
C ASN D 694 18.72 81.00 -52.36
N CYS D 695 17.69 80.53 -51.66
CA CYS D 695 16.33 80.95 -51.97
C CYS D 695 16.14 82.45 -51.73
N HIS D 696 15.28 83.05 -52.55
CA HIS D 696 14.99 84.46 -52.42
C HIS D 696 13.51 84.82 -52.53
N ARG D 697 12.65 83.87 -52.90
CA ARG D 697 11.22 84.14 -53.05
C ARG D 697 10.38 83.01 -52.49
N VAL D 698 10.68 82.58 -51.26
CA VAL D 698 9.90 81.56 -50.58
C VAL D 698 9.03 82.22 -49.53
N LYS D 699 7.78 81.76 -49.43
CA LYS D 699 6.82 82.32 -48.49
C LYS D 699 6.49 81.37 -47.34
N THR D 700 6.08 80.14 -47.65
CA THR D 700 5.74 79.15 -46.64
C THR D 700 6.87 78.13 -46.57
N LEU D 701 7.33 77.84 -45.36
CA LEU D 701 8.40 76.89 -45.17
C LEU D 701 8.05 75.97 -44.01
N SER D 702 8.32 74.68 -44.18
CA SER D 702 8.10 73.69 -43.14
C SER D 702 9.36 72.86 -42.97
N LEU D 703 9.51 72.26 -41.79
CA LEU D 703 10.68 71.47 -41.47
C LEU D 703 10.26 70.22 -40.71
N GLY D 704 11.03 69.16 -40.88
CA GLY D 704 10.83 67.96 -40.11
C GLY D 704 12.13 67.40 -39.57
N PHE D 705 12.25 67.36 -38.25
CA PHE D 705 13.45 66.84 -37.59
C PHE D 705 13.14 65.40 -37.16
N PHE D 706 13.13 64.52 -38.14
CA PHE D 706 12.71 63.13 -37.95
C PHE D 706 13.94 62.31 -37.54
N HIS D 707 14.02 61.96 -36.26
CA HIS D 707 15.12 61.14 -35.75
C HIS D 707 14.63 59.75 -35.35
N THR D 747 19.08 69.02 -30.99
CA THR D 747 19.37 69.55 -32.31
C THR D 747 19.77 71.03 -32.22
N SER D 748 20.53 71.37 -31.18
CA SER D 748 20.96 72.75 -31.00
C SER D 748 21.86 73.21 -32.14
N SER D 749 22.87 72.42 -32.47
CA SER D 749 23.73 72.75 -33.60
C SER D 749 22.94 72.74 -34.90
N PHE D 750 22.05 71.76 -35.07
CA PHE D 750 21.21 71.68 -36.25
C PHE D 750 20.37 72.94 -36.39
N CYS D 751 19.71 73.33 -35.30
CA CYS D 751 18.85 74.50 -35.32
C CYS D 751 19.65 75.76 -35.61
N ARG D 752 20.84 75.90 -35.01
CA ARG D 752 21.66 77.07 -35.29
C ARG D 752 22.04 77.12 -36.76
N GLY D 753 22.56 76.01 -37.29
CA GLY D 753 23.01 75.98 -38.67
C GLY D 753 21.90 76.30 -39.65
N LEU D 754 20.69 75.81 -39.39
CA LEU D 754 19.58 76.12 -40.28
C LEU D 754 19.09 77.55 -40.10
N PHE D 755 18.69 77.90 -38.87
CA PHE D 755 17.97 79.14 -38.61
C PHE D 755 18.86 80.37 -38.65
N SER D 756 20.18 80.21 -38.74
CA SER D 756 21.02 81.38 -38.94
C SER D 756 20.69 82.07 -40.26
N SER D 757 20.45 81.30 -41.32
CA SER D 757 20.13 81.88 -42.61
C SER D 757 18.71 82.44 -42.65
N LEU D 758 17.79 81.86 -41.88
CA LEU D 758 16.40 82.29 -41.92
C LEU D 758 16.24 83.74 -41.46
N SER D 759 17.08 84.19 -40.54
CA SER D 759 17.04 85.59 -40.14
C SER D 759 17.43 86.51 -41.28
N THR D 760 18.37 86.07 -42.14
CA THR D 760 18.78 86.85 -43.30
C THR D 760 17.82 86.72 -44.46
N ASN D 761 16.89 85.77 -44.41
CA ASN D 761 15.92 85.60 -45.49
C ASN D 761 14.87 86.70 -45.40
N ARG D 762 14.74 87.49 -46.46
CA ARG D 762 13.84 88.63 -46.47
C ARG D 762 12.51 88.32 -47.16
N SER D 763 12.25 87.05 -47.49
CA SER D 763 11.03 86.66 -48.16
C SER D 763 10.12 85.76 -47.34
N LEU D 764 10.64 85.07 -46.33
CA LEU D 764 9.84 84.11 -45.58
C LEU D 764 8.75 84.83 -44.79
N THR D 765 7.56 84.22 -44.77
CA THR D 765 6.43 84.76 -44.01
C THR D 765 5.73 83.75 -43.12
N GLU D 766 5.77 82.46 -43.44
CA GLU D 766 5.15 81.44 -42.62
C GLU D 766 6.16 80.33 -42.35
N LEU D 767 6.22 79.89 -41.10
CA LEU D 767 7.19 78.89 -40.67
C LEU D 767 6.47 77.82 -39.87
N ASP D 768 6.33 76.63 -40.45
CA ASP D 768 5.66 75.53 -39.79
C ASP D 768 6.71 74.63 -39.13
N LEU D 769 6.49 74.33 -37.85
CA LEU D 769 7.36 73.40 -37.13
C LEU D 769 6.57 72.43 -36.27
N SER D 770 5.31 72.17 -36.64
CA SER D 770 4.45 71.31 -35.83
C SER D 770 5.00 69.89 -35.77
N ASP D 771 4.78 69.24 -34.63
CA ASP D 771 5.07 67.84 -34.37
C ASP D 771 6.56 67.52 -34.35
N ASN D 772 7.43 68.48 -34.65
CA ASN D 772 8.86 68.25 -34.52
C ASN D 772 9.24 68.32 -33.04
N THR D 773 9.95 67.30 -32.57
CA THR D 773 10.44 67.30 -31.20
C THR D 773 11.78 68.03 -31.12
N LEU D 774 11.75 69.30 -31.54
CA LEU D 774 12.96 70.11 -31.55
C LEU D 774 13.44 70.43 -30.14
N GLY D 775 12.62 70.17 -29.13
CA GLY D 775 13.03 70.36 -27.76
C GLY D 775 13.01 71.82 -27.36
N ASP D 776 13.39 72.05 -26.10
CA ASP D 776 13.37 73.41 -25.57
C ASP D 776 14.60 74.22 -25.96
N PRO D 777 15.84 73.71 -25.84
CA PRO D 777 16.99 74.50 -26.29
C PRO D 777 16.95 74.82 -27.77
N GLY D 778 16.42 73.92 -28.60
CA GLY D 778 16.24 74.25 -30.00
C GLY D 778 15.27 75.39 -30.19
N MET D 779 14.20 75.42 -29.39
CA MET D 779 13.25 76.53 -29.45
C MET D 779 13.93 77.83 -29.03
N ARG D 780 14.81 77.76 -28.02
CA ARG D 780 15.59 78.92 -27.64
C ARG D 780 16.42 79.43 -28.81
N VAL D 781 17.18 78.54 -29.45
CA VAL D 781 18.03 78.92 -30.57
C VAL D 781 17.18 79.56 -31.68
N LEU D 782 16.02 78.98 -31.93
CA LEU D 782 15.07 79.58 -32.87
C LEU D 782 14.71 81.00 -32.45
N CYS D 783 14.55 81.22 -31.14
CA CYS D 783 14.20 82.56 -30.66
C CYS D 783 15.31 83.55 -30.91
N GLU D 784 16.57 83.18 -30.66
CA GLU D 784 17.64 84.11 -31.02
C GLU D 784 17.71 84.32 -32.53
N ALA D 785 17.34 83.30 -33.31
CA ALA D 785 17.32 83.47 -34.76
C ALA D 785 16.27 84.48 -35.19
N LEU D 786 15.08 84.42 -34.60
CA LEU D 786 13.96 85.24 -35.07
C LEU D 786 14.16 86.72 -34.76
N GLN D 787 14.63 87.04 -33.55
CA GLN D 787 14.60 88.42 -33.07
C GLN D 787 15.58 89.31 -33.83
N HIS D 788 16.30 88.73 -34.78
CA HIS D 788 17.11 89.55 -35.67
C HIS D 788 16.21 90.41 -36.55
N PRO D 789 16.55 91.68 -36.76
CA PRO D 789 15.65 92.57 -37.52
C PRO D 789 15.41 92.13 -38.95
N GLY D 790 16.29 91.31 -39.53
CA GLY D 790 16.13 90.94 -40.92
C GLY D 790 14.93 90.06 -41.21
N CYS D 791 14.63 89.12 -40.30
CA CYS D 791 13.60 88.14 -40.56
C CYS D 791 12.22 88.78 -40.69
N ASN D 792 11.45 88.31 -41.67
CA ASN D 792 10.13 88.85 -41.98
C ASN D 792 9.02 87.86 -41.69
N ILE D 793 9.22 86.95 -40.74
CA ILE D 793 8.21 85.95 -40.42
C ILE D 793 7.02 86.63 -39.75
N GLN D 794 5.83 86.39 -40.30
CA GLN D 794 4.58 86.90 -39.75
C GLN D 794 3.74 85.80 -39.12
N ARG D 795 4.25 84.58 -39.03
CA ARG D 795 3.43 83.44 -38.67
C ARG D 795 4.32 82.33 -38.16
N LEU D 796 3.97 81.77 -37.00
CA LEU D 796 4.80 80.73 -36.39
C LEU D 796 3.90 79.72 -35.70
N TRP D 797 3.86 78.51 -36.21
CA TRP D 797 3.06 77.43 -35.64
C TRP D 797 3.98 76.42 -34.98
N LEU D 798 3.67 76.07 -33.72
CA LEU D 798 4.55 75.24 -32.91
C LEU D 798 3.76 74.15 -32.19
N GLY D 799 2.79 73.55 -32.87
CA GLY D 799 1.97 72.53 -32.24
C GLY D 799 2.76 71.29 -31.89
N ARG D 800 2.52 70.75 -30.69
CA ARG D 800 3.12 69.50 -30.23
C ARG D 800 4.64 69.53 -30.32
N CYS D 801 5.23 70.71 -30.23
CA CYS D 801 6.68 70.84 -30.33
C CYS D 801 7.41 70.27 -29.13
N GLY D 802 6.70 69.91 -28.07
CA GLY D 802 7.35 69.40 -26.87
C GLY D 802 8.02 70.47 -26.04
N LEU D 803 7.62 71.72 -26.17
CA LEU D 803 8.22 72.82 -25.43
C LEU D 803 7.81 72.74 -23.97
N SER D 804 8.19 73.76 -23.19
CA SER D 804 7.78 73.85 -21.80
C SER D 804 7.85 75.32 -21.40
N HIS D 805 7.76 75.58 -20.09
CA HIS D 805 7.73 76.95 -19.60
C HIS D 805 9.04 77.68 -19.89
N GLN D 806 10.14 76.95 -20.08
CA GLN D 806 11.42 77.59 -20.32
C GLN D 806 11.41 78.41 -21.60
N CYS D 807 10.80 77.87 -22.66
CA CYS D 807 10.74 78.57 -23.93
C CYS D 807 9.91 79.84 -23.87
N CYS D 808 9.03 79.97 -22.85
CA CYS D 808 8.16 81.13 -22.78
C CYS D 808 8.93 82.42 -22.58
N PHE D 809 10.01 82.38 -21.79
CA PHE D 809 10.84 83.58 -21.61
C PHE D 809 11.40 84.04 -22.95
N ASP D 810 11.95 83.11 -23.72
CA ASP D 810 12.51 83.45 -25.03
C ASP D 810 11.43 83.96 -25.98
N ILE D 811 10.26 83.32 -25.98
CA ILE D 811 9.18 83.74 -26.86
C ILE D 811 8.69 85.13 -26.47
N SER D 812 8.64 85.41 -25.17
CA SER D 812 8.25 86.74 -24.70
C SER D 812 9.24 87.78 -25.18
N SER D 813 10.54 87.47 -25.13
CA SER D 813 11.53 88.39 -25.67
C SER D 813 11.31 88.62 -27.16
N VAL D 814 11.01 87.54 -27.90
CA VAL D 814 10.76 87.66 -29.33
C VAL D 814 9.58 88.57 -29.61
N LEU D 815 8.49 88.37 -28.86
CA LEU D 815 7.30 89.21 -29.05
C LEU D 815 7.58 90.66 -28.73
N SER D 816 8.30 90.92 -27.62
CA SER D 816 8.59 92.29 -27.25
C SER D 816 9.60 92.94 -28.19
N SER D 817 10.35 92.16 -28.95
CA SER D 817 11.36 92.72 -29.85
C SER D 817 10.94 92.72 -31.32
N SER D 818 10.02 91.86 -31.73
CA SER D 818 9.62 91.74 -33.12
C SER D 818 8.22 92.31 -33.30
N GLN D 819 8.05 93.15 -34.33
CA GLN D 819 6.78 93.77 -34.64
C GLN D 819 6.16 93.25 -35.94
N LYS D 820 6.72 92.18 -36.51
CA LYS D 820 6.17 91.61 -37.74
C LYS D 820 5.32 90.37 -37.49
N LEU D 821 5.47 89.73 -36.34
CA LEU D 821 4.70 88.53 -36.04
C LEU D 821 3.22 88.88 -35.93
N VAL D 822 2.37 88.03 -36.50
CA VAL D 822 0.93 88.26 -36.55
C VAL D 822 0.17 87.25 -35.70
N GLU D 823 0.29 85.96 -36.02
CA GLU D 823 -0.32 84.94 -35.19
C GLU D 823 0.76 84.06 -34.59
N LEU D 824 0.34 83.14 -33.72
CA LEU D 824 1.28 82.29 -33.02
C LEU D 824 0.51 81.11 -32.43
N ASP D 825 1.06 79.92 -32.58
CA ASP D 825 0.43 78.70 -32.08
C ASP D 825 1.35 78.05 -31.05
N LEU D 826 0.74 77.55 -29.96
CA LEU D 826 1.48 76.82 -28.95
C LEU D 826 0.68 75.62 -28.45
N SER D 827 -0.17 75.06 -29.31
CA SER D 827 -1.08 74.00 -28.88
C SER D 827 -0.31 72.76 -28.43
N ASP D 828 -0.82 72.13 -27.37
CA ASP D 828 -0.34 70.83 -26.90
C ASP D 828 1.10 70.87 -26.41
N ASN D 829 1.54 71.99 -25.85
CA ASN D 829 2.79 72.08 -25.12
C ASN D 829 2.47 72.34 -23.65
N ALA D 830 3.17 71.66 -22.76
CA ALA D 830 2.88 71.79 -21.34
C ALA D 830 3.42 73.10 -20.80
N LEU D 831 2.93 74.22 -21.34
CA LEU D 831 3.41 75.52 -20.91
C LEU D 831 3.09 75.78 -19.45
N GLY D 832 1.86 75.47 -19.03
CA GLY D 832 1.46 75.67 -17.66
C GLY D 832 1.13 77.12 -17.35
N ASP D 833 0.54 77.31 -16.16
CA ASP D 833 0.19 78.64 -15.72
C ASP D 833 1.41 79.53 -15.56
N PHE D 834 2.53 78.96 -15.12
CA PHE D 834 3.76 79.74 -15.04
C PHE D 834 4.21 80.16 -16.44
N GLY D 835 4.09 79.26 -17.41
CA GLY D 835 4.43 79.64 -18.78
C GLY D 835 3.57 80.77 -19.30
N ILE D 836 2.26 80.74 -18.96
CA ILE D 836 1.39 81.84 -19.35
C ILE D 836 1.80 83.13 -18.65
N ARG D 837 2.17 83.03 -17.37
CA ARG D 837 2.65 84.19 -16.63
C ARG D 837 3.88 84.80 -17.30
N LEU D 838 4.75 83.94 -17.83
CA LEU D 838 5.93 84.43 -18.53
C LEU D 838 5.55 85.07 -19.87
N LEU D 839 4.62 84.44 -20.61
CA LEU D 839 4.22 84.99 -21.90
C LEU D 839 3.55 86.36 -21.76
N CYS D 840 2.71 86.52 -20.75
CA CYS D 840 1.91 87.74 -20.63
C CYS D 840 2.80 88.97 -20.54
N VAL D 841 4.03 88.83 -20.03
CA VAL D 841 4.95 89.96 -19.97
C VAL D 841 5.26 90.46 -21.37
N GLY D 842 5.55 89.53 -22.29
CA GLY D 842 5.77 89.91 -23.68
C GLY D 842 4.50 90.38 -24.35
N LEU D 843 3.38 89.71 -24.07
CA LEU D 843 2.11 90.08 -24.70
C LEU D 843 1.68 91.48 -24.30
N LYS D 844 1.83 91.82 -23.02
CA LYS D 844 1.45 93.14 -22.54
C LYS D 844 2.33 94.26 -23.09
N HIS D 845 3.45 93.92 -23.71
CA HIS D 845 4.34 94.94 -24.26
C HIS D 845 3.64 95.73 -25.36
N LEU D 846 3.92 97.03 -25.40
CA LEU D 846 3.21 97.91 -26.33
C LEU D 846 3.56 97.64 -27.78
N LEU D 847 4.65 96.92 -28.05
CA LEU D 847 5.08 96.63 -29.41
C LEU D 847 4.67 95.24 -29.87
N CYS D 848 3.82 94.56 -29.12
CA CYS D 848 3.35 93.23 -29.52
C CYS D 848 2.18 93.39 -30.49
N ASN D 849 2.31 92.81 -31.68
CA ASN D 849 1.31 92.91 -32.72
C ASN D 849 0.55 91.61 -32.93
N LEU D 850 0.51 90.73 -31.93
CA LEU D 850 -0.15 89.45 -32.07
C LEU D 850 -1.64 89.64 -32.30
N GLN D 851 -2.21 88.81 -33.16
CA GLN D 851 -3.63 88.83 -33.48
C GLN D 851 -4.33 87.53 -33.14
N LYS D 852 -3.75 86.40 -33.53
CA LYS D 852 -4.34 85.09 -33.31
C LYS D 852 -3.41 84.32 -32.38
N LEU D 853 -3.94 83.83 -31.26
CA LEU D 853 -3.12 83.13 -30.27
C LEU D 853 -3.81 81.83 -29.87
N TRP D 854 -3.29 80.71 -30.35
CA TRP D 854 -3.78 79.41 -29.91
C TRP D 854 -3.07 78.99 -28.63
N LEU D 855 -3.84 78.45 -27.69
CA LEU D 855 -3.27 77.88 -26.48
C LEU D 855 -3.96 76.57 -26.12
N VAL D 856 -4.39 75.82 -27.12
CA VAL D 856 -5.22 74.63 -26.89
C VAL D 856 -4.42 73.56 -26.18
N SER D 857 -4.99 73.01 -25.10
CA SER D 857 -4.41 71.88 -24.39
C SER D 857 -3.00 72.18 -23.87
N CYS D 858 -2.82 73.37 -23.32
CA CYS D 858 -1.53 73.79 -22.79
C CYS D 858 -1.36 73.45 -21.31
N CYS D 859 -2.17 72.52 -20.79
CA CYS D 859 -2.09 72.09 -19.39
C CYS D 859 -2.23 73.28 -18.43
N LEU D 860 -3.12 74.19 -18.76
CA LEU D 860 -3.34 75.37 -17.93
C LEU D 860 -4.31 75.08 -16.80
N THR D 861 -4.43 76.05 -15.89
CA THR D 861 -5.44 76.05 -14.85
C THR D 861 -6.04 77.44 -14.77
N SER D 862 -6.94 77.64 -13.80
CA SER D 862 -7.60 78.93 -13.67
C SER D 862 -6.63 80.03 -13.25
N ALA D 863 -5.53 79.66 -12.59
CA ALA D 863 -4.63 80.66 -12.03
C ALA D 863 -4.05 81.55 -13.10
N CYS D 864 -3.73 80.98 -14.27
CA CYS D 864 -3.18 81.79 -15.36
C CYS D 864 -4.20 82.79 -15.89
N CYS D 865 -5.50 82.47 -15.76
CA CYS D 865 -6.54 83.28 -16.40
C CYS D 865 -6.42 84.74 -16.03
N GLN D 866 -6.19 85.04 -14.74
CA GLN D 866 -6.06 86.42 -14.31
C GLN D 866 -5.04 87.16 -15.14
N ASP D 867 -3.86 86.58 -15.32
CA ASP D 867 -2.83 87.22 -16.14
C ASP D 867 -3.34 87.49 -17.54
N LEU D 868 -3.99 86.49 -18.15
CA LEU D 868 -4.53 86.66 -19.49
C LEU D 868 -5.46 87.85 -19.54
N ALA D 869 -6.23 88.09 -18.47
CA ALA D 869 -7.14 89.21 -18.46
C ALA D 869 -6.42 90.52 -18.75
N LEU D 870 -5.28 90.72 -18.09
CA LEU D 870 -4.53 91.97 -18.28
C LEU D 870 -4.19 92.17 -19.75
N VAL D 871 -3.88 91.08 -20.46
CA VAL D 871 -3.50 91.19 -21.86
C VAL D 871 -4.59 91.89 -22.65
N LEU D 872 -5.86 91.55 -22.37
CA LEU D 872 -6.94 92.09 -23.16
C LEU D 872 -7.07 93.60 -22.99
N SER D 873 -6.56 94.15 -21.89
CA SER D 873 -6.54 95.60 -21.71
C SER D 873 -5.14 96.19 -21.82
N SER D 874 -4.15 95.40 -22.18
CA SER D 874 -2.84 95.93 -22.51
C SER D 874 -2.53 95.80 -23.99
N ASN D 875 -2.95 94.71 -24.62
CA ASN D 875 -2.79 94.51 -26.06
C ASN D 875 -4.15 94.59 -26.71
N HIS D 876 -4.29 95.49 -27.69
CA HIS D 876 -5.52 95.63 -28.44
C HIS D 876 -5.48 94.94 -29.79
N SER D 877 -4.31 94.50 -30.25
CA SER D 877 -4.23 93.78 -31.52
C SER D 877 -4.71 92.35 -31.40
N LEU D 878 -4.76 91.80 -30.19
CA LEU D 878 -5.22 90.43 -29.99
C LEU D 878 -6.70 90.35 -30.32
N THR D 879 -7.04 89.79 -31.48
CA THR D 879 -8.43 89.68 -31.90
C THR D 879 -9.08 88.40 -31.39
N ARG D 880 -8.57 87.25 -31.81
CA ARG D 880 -9.21 85.98 -31.48
C ARG D 880 -8.27 85.13 -30.64
N LEU D 881 -8.85 84.49 -29.62
CA LEU D 881 -8.13 83.66 -28.67
C LEU D 881 -8.72 82.26 -28.70
N TYR D 882 -7.89 81.26 -28.40
CA TYR D 882 -8.36 79.86 -28.37
C TYR D 882 -7.70 79.17 -27.18
N ILE D 883 -8.39 79.18 -26.04
CA ILE D 883 -7.84 78.62 -24.82
C ILE D 883 -8.60 77.37 -24.43
N GLY D 884 -9.14 76.67 -25.41
CA GLY D 884 -9.94 75.49 -25.13
C GLY D 884 -9.11 74.32 -24.67
N GLU D 885 -9.82 73.30 -24.16
CA GLU D 885 -9.23 72.06 -23.70
C GLU D 885 -8.21 72.33 -22.58
N ASN D 886 -8.66 73.09 -21.59
CA ASN D 886 -7.89 73.32 -20.38
C ASN D 886 -8.82 73.23 -19.18
N ALA D 887 -8.25 72.95 -18.02
CA ALA D 887 -9.04 72.90 -16.80
C ALA D 887 -9.24 74.30 -16.24
N LEU D 888 -9.71 75.22 -17.08
CA LEU D 888 -9.95 76.59 -16.62
C LEU D 888 -10.99 76.62 -15.50
N GLY D 889 -12.22 76.24 -15.83
CA GLY D 889 -13.28 76.21 -14.84
C GLY D 889 -14.01 77.53 -14.70
N ASP D 890 -15.05 77.50 -13.87
CA ASP D 890 -15.92 78.65 -13.69
C ASP D 890 -15.15 79.84 -13.12
N SER D 891 -14.28 79.60 -12.15
CA SER D 891 -13.52 80.69 -11.55
C SER D 891 -12.68 81.41 -12.59
N GLY D 892 -11.93 80.65 -13.40
CA GLY D 892 -11.10 81.27 -14.42
C GLY D 892 -11.91 81.99 -15.48
N VAL D 893 -13.01 81.38 -15.92
CA VAL D 893 -13.83 82.02 -16.94
C VAL D 893 -14.44 83.31 -16.40
N GLN D 894 -14.90 83.29 -15.14
CA GLN D 894 -15.45 84.51 -14.54
C GLN D 894 -14.38 85.59 -14.42
N VAL D 895 -13.16 85.20 -14.02
CA VAL D 895 -12.10 86.18 -13.89
C VAL D 895 -11.80 86.82 -15.24
N LEU D 896 -11.73 86.00 -16.29
CA LEU D 896 -11.47 86.52 -17.63
C LEU D 896 -12.60 87.43 -18.10
N CYS D 897 -13.84 86.97 -17.94
CA CYS D 897 -14.98 87.71 -18.47
C CYS D 897 -15.20 89.02 -17.74
N GLU D 898 -15.16 89.00 -16.40
CA GLU D 898 -15.41 90.21 -15.61
C GLU D 898 -14.49 91.35 -16.06
N LYS D 899 -13.26 91.02 -16.43
CA LYS D 899 -12.35 92.04 -16.94
C LYS D 899 -12.54 92.26 -18.43
N MET D 900 -13.18 91.31 -19.12
CA MET D 900 -13.42 91.42 -20.56
C MET D 900 -14.63 92.27 -20.92
N LYS D 901 -15.51 92.58 -19.96
CA LYS D 901 -16.76 93.25 -20.27
C LYS D 901 -16.59 94.65 -20.84
N ASP D 902 -15.40 95.23 -20.73
CA ASP D 902 -15.18 96.58 -21.24
C ASP D 902 -15.45 96.61 -22.75
N PRO D 903 -16.28 97.54 -23.24
CA PRO D 903 -16.52 97.62 -24.68
C PRO D 903 -15.26 97.93 -25.48
N GLN D 904 -14.23 98.50 -24.87
CA GLN D 904 -12.99 98.77 -25.59
C GLN D 904 -12.21 97.49 -25.86
N CYS D 905 -12.50 96.41 -25.16
CA CYS D 905 -11.84 95.13 -25.41
C CYS D 905 -12.10 94.69 -26.85
N ASN D 906 -11.05 94.28 -27.54
CA ASN D 906 -11.10 94.00 -28.96
C ASN D 906 -11.20 92.52 -29.28
N LEU D 907 -11.43 91.67 -28.28
CA LEU D 907 -11.48 90.24 -28.51
C LEU D 907 -12.72 89.86 -29.31
N GLN D 908 -12.56 88.93 -30.24
CA GLN D 908 -13.64 88.52 -31.13
C GLN D 908 -14.05 87.07 -30.94
N LYS D 909 -13.14 86.12 -31.12
CA LYS D 909 -13.55 84.75 -31.31
C LYS D 909 -13.05 83.79 -30.23
N LEU D 910 -13.22 84.17 -28.97
CA LEU D 910 -12.82 83.31 -27.87
C LEU D 910 -13.40 81.91 -28.02
N GLY D 911 -12.71 80.94 -27.43
CA GLY D 911 -13.19 79.57 -27.45
C GLY D 911 -12.82 78.82 -26.19
N LEU D 912 -13.75 78.02 -25.67
CA LEU D 912 -13.56 77.30 -24.41
C LEU D 912 -13.96 75.84 -24.56
N VAL D 913 -13.51 75.22 -25.66
CA VAL D 913 -13.82 73.81 -25.90
C VAL D 913 -13.33 72.96 -24.75
N ASN D 914 -14.21 72.12 -24.22
CA ASN D 914 -13.86 71.12 -23.22
C ASN D 914 -13.17 71.73 -22.00
N SER D 915 -13.69 72.87 -21.53
CA SER D 915 -13.11 73.55 -20.39
C SER D 915 -13.71 73.12 -19.05
N GLY D 916 -14.63 72.15 -19.06
CA GLY D 916 -15.23 71.69 -17.82
C GLY D 916 -16.07 72.71 -17.10
N LEU D 917 -16.79 73.56 -17.84
CA LEU D 917 -17.57 74.63 -17.24
C LEU D 917 -18.95 74.13 -16.86
N THR D 918 -19.74 75.01 -16.26
CA THR D 918 -21.17 74.78 -16.03
C THR D 918 -21.87 76.14 -16.04
N SER D 919 -23.09 76.16 -15.52
CA SER D 919 -23.93 77.36 -15.64
C SER D 919 -23.41 78.54 -14.85
N ILE D 920 -22.42 78.34 -13.96
CA ILE D 920 -21.98 79.43 -13.08
C ILE D 920 -21.36 80.56 -13.88
N CYS D 921 -20.49 80.22 -14.85
CA CYS D 921 -19.85 81.24 -15.66
C CYS D 921 -20.77 81.82 -16.72
N CYS D 922 -21.96 81.25 -16.88
CA CYS D 922 -22.87 81.70 -17.92
C CYS D 922 -23.36 83.12 -17.65
N SER D 923 -23.48 83.51 -16.39
CA SER D 923 -23.85 84.88 -16.07
C SER D 923 -22.78 85.87 -16.53
N ALA D 924 -21.50 85.52 -16.29
CA ALA D 924 -20.41 86.37 -16.78
C ALA D 924 -20.41 86.45 -18.30
N LEU D 925 -20.64 85.31 -18.96
CA LEU D 925 -20.73 85.32 -20.42
C LEU D 925 -21.89 86.18 -20.89
N THR D 926 -23.00 86.15 -20.17
CA THR D 926 -24.14 87.00 -20.46
C THR D 926 -23.77 88.47 -20.37
N SER D 927 -23.01 88.82 -19.32
CA SER D 927 -22.53 90.19 -19.20
C SER D 927 -21.66 90.59 -20.38
N VAL D 928 -20.77 89.67 -20.80
CA VAL D 928 -19.90 89.94 -21.95
C VAL D 928 -20.75 90.22 -23.19
N LEU D 929 -21.74 89.37 -23.44
CA LEU D 929 -22.60 89.56 -24.61
C LEU D 929 -23.38 90.86 -24.52
N LYS D 930 -23.86 91.20 -23.33
CA LYS D 930 -24.60 92.44 -23.14
C LYS D 930 -23.74 93.67 -23.38
N THR D 931 -22.46 93.62 -23.03
CA THR D 931 -21.61 94.80 -23.09
C THR D 931 -20.76 94.87 -24.36
N ASN D 932 -20.03 93.81 -24.69
CA ASN D 932 -19.08 93.87 -25.79
C ASN D 932 -19.81 93.98 -27.13
N GLN D 933 -19.23 94.76 -28.04
CA GLN D 933 -19.79 94.99 -29.36
C GLN D 933 -18.97 94.36 -30.48
N ASN D 934 -17.96 93.55 -30.14
CA ASN D 934 -17.12 92.91 -31.15
C ASN D 934 -16.98 91.41 -30.93
N PHE D 935 -17.55 90.86 -29.86
CA PHE D 935 -17.40 89.45 -29.51
C PHE D 935 -18.33 88.64 -30.41
N THR D 936 -17.86 88.37 -31.63
CA THR D 936 -18.72 87.74 -32.63
C THR D 936 -18.91 86.25 -32.35
N HIS D 937 -17.86 85.46 -32.47
CA HIS D 937 -17.99 84.03 -32.33
C HIS D 937 -17.77 83.62 -30.87
N LEU D 938 -18.10 82.36 -30.57
CA LEU D 938 -17.93 81.84 -29.22
C LEU D 938 -18.20 80.35 -29.23
N TYR D 939 -17.33 79.57 -28.60
CA TYR D 939 -17.41 78.12 -28.62
C TYR D 939 -17.63 77.62 -27.20
N LEU D 940 -18.49 76.60 -27.04
CA LEU D 940 -18.69 76.03 -25.71
C LEU D 940 -18.80 74.51 -25.69
N ARG D 941 -18.30 73.79 -26.69
CA ARG D 941 -18.63 72.39 -26.74
C ARG D 941 -18.01 71.63 -25.57
N SER D 942 -18.60 70.48 -25.26
CA SER D 942 -18.12 69.58 -24.21
C SER D 942 -18.11 70.25 -22.84
N ASN D 943 -19.04 71.17 -22.60
CA ASN D 943 -19.20 71.80 -21.30
C ASN D 943 -20.60 71.49 -20.78
N ALA D 944 -20.68 71.04 -19.53
CA ALA D 944 -21.96 70.70 -18.91
C ALA D 944 -22.71 71.98 -18.51
N LEU D 945 -23.09 72.76 -19.52
CA LEU D 945 -23.82 73.99 -19.27
C LEU D 945 -25.21 73.71 -18.73
N GLY D 946 -25.95 72.83 -19.40
CA GLY D 946 -27.30 72.52 -19.00
C GLY D 946 -28.31 73.54 -19.50
N ASP D 947 -29.58 73.23 -19.29
CA ASP D 947 -30.66 74.11 -19.70
C ASP D 947 -30.63 75.43 -18.93
N THR D 948 -30.26 75.40 -17.65
CA THR D 948 -30.10 76.64 -16.91
C THR D 948 -29.00 77.50 -17.52
N GLY D 949 -27.89 76.88 -17.93
CA GLY D 949 -26.84 77.62 -18.59
C GLY D 949 -27.30 78.22 -19.91
N LEU D 950 -28.07 77.46 -20.68
CA LEU D 950 -28.57 78.00 -21.95
C LEU D 950 -29.53 79.15 -21.70
N ARG D 951 -30.34 79.06 -20.65
CA ARG D 951 -31.22 80.18 -20.31
C ARG D 951 -30.42 81.41 -19.92
N LEU D 952 -29.34 81.21 -19.15
CA LEU D 952 -28.50 82.33 -18.77
C LEU D 952 -27.85 82.97 -20.00
N LEU D 953 -27.41 82.15 -20.96
CA LEU D 953 -26.93 82.69 -22.23
C LEU D 953 -28.02 83.47 -22.95
N CYS D 954 -29.23 82.92 -22.98
CA CYS D 954 -30.36 83.62 -23.60
C CYS D 954 -30.60 84.97 -22.95
N GLU D 955 -30.33 85.08 -21.65
CA GLU D 955 -30.55 86.33 -20.94
C GLU D 955 -29.82 87.50 -21.62
N GLY D 956 -28.60 87.26 -22.10
CA GLY D 956 -27.87 88.29 -22.79
C GLY D 956 -28.00 88.22 -24.30
N LEU D 957 -28.41 87.05 -24.80
CA LEU D 957 -28.60 86.90 -26.24
C LEU D 957 -29.72 87.80 -26.75
N LEU D 958 -30.79 87.94 -25.97
CA LEU D 958 -31.93 88.75 -26.37
C LEU D 958 -31.62 90.24 -26.33
N HIS D 959 -30.48 90.64 -25.78
CA HIS D 959 -30.14 92.06 -25.66
C HIS D 959 -30.06 92.70 -27.05
N PRO D 960 -30.68 93.86 -27.25
CA PRO D 960 -30.63 94.48 -28.58
C PRO D 960 -29.24 94.87 -29.03
N ASP D 961 -28.30 95.02 -28.09
CA ASP D 961 -26.92 95.40 -28.43
C ASP D 961 -26.05 94.21 -28.75
N CYS D 962 -26.60 93.00 -28.80
CA CYS D 962 -25.81 91.80 -29.04
C CYS D 962 -25.22 91.82 -30.45
N LYS D 963 -24.09 91.13 -30.60
CA LYS D 963 -23.42 91.01 -31.88
C LYS D 963 -22.94 89.60 -32.16
N LEU D 964 -23.28 88.63 -31.32
CA LEU D 964 -22.80 87.26 -31.47
C LEU D 964 -23.24 86.68 -32.81
N GLN D 965 -22.27 86.31 -33.64
CA GLN D 965 -22.53 85.77 -34.96
C GLN D 965 -22.39 84.26 -35.02
N MET D 966 -22.18 83.59 -33.89
CA MET D 966 -22.21 82.14 -33.83
C MET D 966 -22.15 81.74 -32.36
N LEU D 967 -22.69 80.56 -32.06
CA LEU D 967 -22.69 80.09 -30.68
C LEU D 967 -22.73 78.56 -30.71
N GLU D 968 -21.57 77.94 -30.65
CA GLU D 968 -21.48 76.49 -30.66
C GLU D 968 -21.93 75.92 -29.32
N LEU D 969 -22.72 74.84 -29.36
CA LEU D 969 -23.19 74.19 -28.15
C LEU D 969 -23.05 72.67 -28.21
N ASP D 970 -22.23 72.14 -29.10
CA ASP D 970 -22.18 70.70 -29.30
C ASP D 970 -21.81 69.99 -28.02
N ASN D 971 -22.45 68.84 -27.77
CA ASN D 971 -22.13 67.98 -26.64
C ASN D 971 -22.23 68.71 -25.30
N CYS D 972 -23.01 69.79 -25.24
CA CYS D 972 -23.15 70.54 -23.99
C CYS D 972 -24.03 69.83 -22.97
N SER D 973 -24.61 68.69 -23.32
CA SER D 973 -25.54 67.97 -22.46
C SER D 973 -26.75 68.85 -22.12
N LEU D 974 -27.47 69.25 -23.16
CA LEU D 974 -28.65 70.06 -23.03
C LEU D 974 -29.89 69.18 -22.88
N THR D 975 -31.04 69.83 -22.74
CA THR D 975 -32.32 69.14 -22.65
C THR D 975 -33.42 70.04 -23.20
N SER D 976 -34.64 69.53 -23.19
CA SER D 976 -35.77 70.19 -23.82
C SER D 976 -36.45 71.22 -22.94
N HIS D 977 -35.97 71.43 -21.71
CA HIS D 977 -36.68 72.33 -20.80
C HIS D 977 -36.48 73.80 -21.18
N SER D 978 -35.28 74.17 -21.60
CA SER D 978 -34.98 75.53 -22.03
C SER D 978 -35.28 75.77 -23.50
N CYS D 979 -36.20 74.98 -24.05
CA CYS D 979 -36.43 74.94 -25.49
C CYS D 979 -37.16 76.21 -25.95
N TRP D 980 -38.10 76.69 -25.13
CA TRP D 980 -38.70 78.00 -25.37
C TRP D 980 -37.64 79.08 -25.48
N ASN D 981 -36.55 78.93 -24.74
CA ASN D 981 -35.46 79.91 -24.84
C ASN D 981 -34.82 79.86 -26.22
N LEU D 982 -34.67 78.65 -26.78
CA LEU D 982 -34.16 78.55 -28.15
C LEU D 982 -35.10 79.26 -29.12
N SER D 983 -36.40 79.05 -28.96
CA SER D 983 -37.37 79.72 -29.81
C SER D 983 -37.26 81.24 -29.69
N THR D 984 -37.11 81.73 -28.46
CA THR D 984 -36.98 83.16 -28.21
C THR D 984 -35.71 83.72 -28.86
N ILE D 985 -34.60 82.99 -28.73
CA ILE D 985 -33.34 83.44 -29.33
C ILE D 985 -33.49 83.57 -30.83
N LEU D 986 -34.09 82.57 -31.48
CA LEU D 986 -34.27 82.69 -32.92
C LEU D 986 -35.24 83.79 -33.30
N THR D 987 -36.30 84.01 -32.52
CA THR D 987 -37.28 85.02 -32.89
C THR D 987 -36.78 86.44 -32.66
N HIS D 988 -35.85 86.65 -31.74
CA HIS D 988 -35.45 88.02 -31.39
C HIS D 988 -34.04 88.39 -31.82
N ASN D 989 -33.09 87.45 -31.81
CA ASN D 989 -31.73 87.76 -32.23
C ASN D 989 -31.71 87.89 -33.75
N HIS D 990 -31.54 89.11 -34.24
CA HIS D 990 -31.43 89.38 -35.67
C HIS D 990 -30.00 89.32 -36.18
N SER D 991 -29.02 89.15 -35.30
CA SER D 991 -27.61 89.15 -35.68
C SER D 991 -27.00 87.76 -35.75
N LEU D 992 -27.41 86.85 -34.87
CA LEU D 992 -26.87 85.50 -34.88
C LEU D 992 -27.18 84.82 -36.22
N ARG D 993 -26.16 84.19 -36.81
CA ARG D 993 -26.29 83.61 -38.13
C ARG D 993 -25.81 82.17 -38.22
N LYS D 994 -25.45 81.54 -37.11
CA LYS D 994 -25.03 80.14 -37.11
C LYS D 994 -25.38 79.53 -35.77
N LEU D 995 -25.17 78.22 -35.65
CA LEU D 995 -25.51 77.51 -34.44
C LEU D 995 -25.00 76.09 -34.56
N ASN D 996 -24.95 75.40 -33.42
CA ASN D 996 -24.62 73.98 -33.38
C ASN D 996 -25.32 73.35 -32.19
N LEU D 997 -25.96 72.18 -32.42
CA LEU D 997 -26.63 71.48 -31.34
C LEU D 997 -26.31 69.99 -31.32
N GLY D 998 -25.13 69.59 -31.79
CA GLY D 998 -24.82 68.17 -31.85
C GLY D 998 -24.80 67.53 -30.48
N ASN D 999 -25.19 66.25 -30.45
CA ASN D 999 -25.20 65.46 -29.21
C ASN D 999 -26.03 66.13 -28.12
N ASN D 1000 -27.17 66.69 -28.51
CA ASN D 1000 -28.09 67.34 -27.58
C ASN D 1000 -29.47 66.75 -27.76
N ASP D 1001 -29.92 65.97 -26.78
CA ASP D 1001 -31.24 65.36 -26.82
C ASP D 1001 -32.28 66.45 -26.55
N LEU D 1002 -32.85 66.99 -27.63
CA LEU D 1002 -33.86 68.02 -27.52
C LEU D 1002 -35.29 67.51 -27.67
N GLY D 1003 -35.47 66.35 -28.30
CA GLY D 1003 -36.79 65.78 -28.47
C GLY D 1003 -37.49 66.27 -29.72
N ASP D 1004 -38.49 65.49 -30.15
CA ASP D 1004 -39.18 65.80 -31.40
C ASP D 1004 -39.96 67.09 -31.32
N LEU D 1005 -40.61 67.36 -30.18
CA LEU D 1005 -41.35 68.60 -30.02
C LEU D 1005 -40.43 69.80 -30.19
N CYS D 1006 -39.22 69.73 -29.63
CA CYS D 1006 -38.29 70.83 -29.80
C CYS D 1006 -37.90 71.02 -31.26
N VAL D 1007 -37.62 69.93 -31.97
CA VAL D 1007 -37.21 70.08 -33.36
C VAL D 1007 -38.33 70.70 -34.19
N VAL D 1008 -39.57 70.26 -33.96
CA VAL D 1008 -40.67 70.81 -34.75
C VAL D 1008 -40.95 72.27 -34.37
N THR D 1009 -40.77 72.62 -33.09
CA THR D 1009 -40.91 74.03 -32.71
C THR D 1009 -39.82 74.89 -33.33
N LEU D 1010 -38.59 74.38 -33.35
CA LEU D 1010 -37.53 75.03 -34.11
C LEU D 1010 -37.93 75.23 -35.57
N CYS D 1011 -38.52 74.20 -36.19
CA CYS D 1011 -38.96 74.32 -37.57
C CYS D 1011 -39.96 75.46 -37.73
N GLU D 1012 -41.02 75.46 -36.91
CA GLU D 1012 -42.07 76.45 -37.09
C GLU D 1012 -41.56 77.86 -36.76
N VAL D 1013 -40.61 77.98 -35.83
CA VAL D 1013 -40.00 79.26 -35.58
C VAL D 1013 -39.21 79.72 -36.80
N LEU D 1014 -38.43 78.82 -37.40
CA LEU D 1014 -37.64 79.18 -38.56
C LEU D 1014 -38.48 79.50 -39.77
N LYS D 1015 -39.73 79.04 -39.81
CA LYS D 1015 -40.56 79.24 -41.01
C LYS D 1015 -40.71 80.71 -41.36
N GLN D 1016 -40.90 81.56 -40.36
CA GLN D 1016 -41.19 82.96 -40.64
C GLN D 1016 -39.99 83.68 -41.24
N GLN D 1017 -40.27 84.78 -41.92
CA GLN D 1017 -39.23 85.59 -42.56
C GLN D 1017 -38.47 86.47 -41.58
N GLY D 1018 -38.90 86.52 -40.32
CA GLY D 1018 -38.21 87.35 -39.34
C GLY D 1018 -36.92 86.77 -38.81
N CYS D 1019 -36.54 85.56 -39.24
CA CYS D 1019 -35.33 84.90 -38.79
C CYS D 1019 -34.28 84.97 -39.90
N LEU D 1020 -33.09 85.46 -39.54
CA LEU D 1020 -31.99 85.61 -40.49
C LEU D 1020 -30.90 84.56 -40.30
N LEU D 1021 -31.19 83.47 -39.58
CA LEU D 1021 -30.22 82.41 -39.41
C LEU D 1021 -29.86 81.79 -40.76
N GLN D 1022 -28.57 81.51 -40.95
CA GLN D 1022 -28.08 81.02 -42.22
C GLN D 1022 -27.40 79.65 -42.13
N SER D 1023 -27.38 79.03 -40.95
CA SER D 1023 -26.87 77.68 -40.81
C SER D 1023 -27.27 77.14 -39.45
N LEU D 1024 -27.34 75.82 -39.34
CA LEU D 1024 -27.76 75.14 -38.13
C LEU D 1024 -27.43 73.68 -38.27
N GLN D 1025 -27.02 73.05 -37.18
CA GLN D 1025 -26.63 71.65 -37.20
C GLN D 1025 -27.37 70.88 -36.11
N LEU D 1026 -27.82 69.68 -36.45
CA LEU D 1026 -28.46 68.74 -35.53
C LEU D 1026 -27.83 67.37 -35.68
N GLY D 1027 -26.51 67.29 -35.72
CA GLY D 1027 -25.87 66.04 -36.04
C GLY D 1027 -25.97 65.03 -34.90
N GLU D 1028 -26.15 63.76 -35.27
CA GLU D 1028 -26.06 62.62 -34.36
C GLU D 1028 -27.13 62.68 -33.26
N MET D 1029 -28.39 62.51 -33.68
CA MET D 1029 -29.46 62.11 -32.79
C MET D 1029 -30.47 61.29 -33.58
N TYR D 1030 -31.47 60.77 -32.87
CA TYR D 1030 -32.50 59.90 -33.44
C TYR D 1030 -33.83 60.63 -33.41
N LEU D 1031 -34.23 61.16 -34.56
CA LEU D 1031 -35.46 61.93 -34.71
C LEU D 1031 -36.58 61.04 -35.22
N ASN D 1032 -37.69 61.67 -35.62
CA ASN D 1032 -38.90 60.99 -36.07
C ASN D 1032 -39.10 61.20 -37.56
N ARG D 1033 -39.99 60.38 -38.13
CA ARG D 1033 -40.37 60.55 -39.53
C ARG D 1033 -41.05 61.90 -39.75
N GLU D 1034 -41.95 62.30 -38.85
CA GLU D 1034 -42.55 63.62 -38.94
C GLU D 1034 -41.50 64.71 -38.83
N THR D 1035 -40.52 64.52 -37.95
CA THR D 1035 -39.43 65.46 -37.84
C THR D 1035 -38.67 65.57 -39.17
N LYS D 1036 -38.40 64.44 -39.81
CA LYS D 1036 -37.69 64.47 -41.09
C LYS D 1036 -38.51 65.18 -42.16
N ARG D 1037 -39.82 64.97 -42.19
CA ARG D 1037 -40.64 65.66 -43.17
C ARG D 1037 -40.63 67.17 -42.91
N ALA D 1038 -40.70 67.58 -41.65
CA ALA D 1038 -40.66 69.00 -41.33
C ALA D 1038 -39.34 69.62 -41.75
N LEU D 1039 -38.23 68.94 -41.48
CA LEU D 1039 -36.92 69.45 -41.86
C LEU D 1039 -36.78 69.54 -43.37
N GLU D 1040 -37.23 68.50 -44.09
CA GLU D 1040 -37.17 68.55 -45.55
C GLU D 1040 -38.02 69.69 -46.09
N ALA D 1041 -39.22 69.88 -45.53
CA ALA D 1041 -40.07 70.98 -45.98
C ALA D 1041 -39.38 72.32 -45.79
N LEU D 1042 -38.91 72.60 -44.57
CA LEU D 1042 -38.29 73.89 -44.31
C LEU D 1042 -37.07 74.10 -45.20
N GLN D 1043 -36.33 73.03 -45.49
CA GLN D 1043 -35.26 73.15 -46.47
C GLN D 1043 -35.81 73.48 -47.86
N GLU D 1044 -37.02 73.00 -48.16
CA GLU D 1044 -37.59 73.20 -49.49
C GLU D 1044 -38.02 74.65 -49.71
N GLU D 1045 -38.86 75.19 -48.81
CA GLU D 1045 -39.34 76.55 -49.06
C GLU D 1045 -38.23 77.59 -48.93
N LYS D 1046 -37.33 77.44 -47.96
CA LYS D 1046 -36.17 78.32 -47.85
C LYS D 1046 -34.90 77.50 -48.00
N PRO D 1047 -34.21 77.60 -49.15
CA PRO D 1047 -33.00 76.80 -49.34
C PRO D 1047 -31.75 77.39 -48.69
N GLU D 1048 -31.81 78.64 -48.23
CA GLU D 1048 -30.61 79.27 -47.66
C GLU D 1048 -30.25 78.67 -46.30
N LEU D 1049 -31.24 78.25 -45.53
CA LEU D 1049 -31.03 77.79 -44.15
C LEU D 1049 -30.55 76.33 -44.20
N THR D 1050 -29.22 76.18 -44.32
CA THR D 1050 -28.64 74.85 -44.39
C THR D 1050 -28.75 74.13 -43.06
N ILE D 1051 -29.02 72.83 -43.11
CA ILE D 1051 -29.09 72.00 -41.91
C ILE D 1051 -28.31 70.72 -42.16
N VAL D 1052 -27.67 70.21 -41.11
CA VAL D 1052 -26.86 69.01 -41.17
C VAL D 1052 -27.55 67.96 -40.30
N PHE D 1053 -28.88 68.00 -40.30
CA PHE D 1053 -29.67 67.14 -39.41
C PHE D 1053 -29.32 65.67 -39.59
N GLU D 1054 -29.01 65.25 -40.82
CA GLU D 1054 -28.68 63.85 -41.06
C GLU D 1054 -27.42 63.47 -40.30
N ILE D 1055 -27.48 62.34 -39.60
CA ILE D 1055 -26.36 61.90 -38.77
C ILE D 1055 -25.22 61.42 -39.66
N ASP E 155 47.86 6.86 -20.69
CA ASP E 155 47.11 8.08 -20.48
C ASP E 155 47.92 9.30 -20.93
N TYR E 156 47.21 10.34 -21.36
CA TYR E 156 47.88 11.57 -21.81
C TYR E 156 48.65 12.21 -20.65
N CYS E 157 48.03 12.29 -19.48
CA CYS E 157 48.69 12.88 -18.32
C CYS E 157 49.93 12.08 -17.93
N LYS E 158 49.82 10.74 -17.97
CA LYS E 158 50.95 9.89 -17.60
C LYS E 158 52.13 10.11 -18.55
N MET E 159 51.87 10.13 -19.86
CA MET E 159 52.96 10.33 -20.82
C MET E 159 53.57 11.72 -20.69
N TYR E 160 52.72 12.74 -20.49
CA TYR E 160 53.25 14.09 -20.34
C TYR E 160 54.08 14.21 -19.07
N ARG E 161 53.65 13.54 -18.00
CA ARG E 161 54.42 13.53 -16.76
C ARG E 161 55.75 12.82 -16.95
N ARG E 162 55.77 11.71 -17.70
CA ARG E 162 57.03 11.04 -17.99
C ARG E 162 57.95 11.96 -18.78
N HIS E 163 57.41 12.68 -19.76
CA HIS E 163 58.23 13.58 -20.56
C HIS E 163 58.82 14.70 -19.70
N VAL E 164 58.01 15.28 -18.82
CA VAL E 164 58.53 16.37 -18.00
C VAL E 164 59.48 15.85 -16.93
N ARG E 165 59.31 14.58 -16.51
CA ARG E 165 60.30 13.96 -15.65
C ARG E 165 61.62 13.79 -16.37
N SER E 166 61.58 13.38 -17.65
CA SER E 166 62.79 13.30 -18.44
C SER E 166 63.46 14.66 -18.59
N ARG E 167 62.66 15.70 -18.83
CA ARG E 167 63.20 17.04 -18.98
C ARG E 167 63.82 17.53 -17.68
N PHE E 168 63.14 17.32 -16.55
CA PHE E 168 63.53 17.92 -15.28
C PHE E 168 64.26 16.95 -14.37
N TYR E 169 64.74 15.83 -14.90
CA TYR E 169 65.52 14.90 -14.10
C TYR E 169 66.82 15.53 -13.61
N SER E 170 67.49 16.27 -14.48
CA SER E 170 68.75 16.92 -14.16
C SER E 170 68.65 18.42 -14.40
N ILE E 171 69.61 19.16 -13.85
CA ILE E 171 69.64 20.60 -14.01
C ILE E 171 70.94 21.03 -14.69
N SER E 181 74.89 16.20 -16.98
CA SER E 181 75.04 17.25 -15.99
C SER E 181 74.98 16.67 -14.57
N VAL E 182 74.25 17.36 -13.69
CA VAL E 182 74.14 16.97 -12.29
C VAL E 182 72.68 16.63 -11.98
N ASP E 183 72.49 15.57 -11.20
CA ASP E 183 71.14 15.14 -10.84
C ASP E 183 70.50 16.16 -9.91
N LEU E 184 69.18 16.34 -10.06
CA LEU E 184 68.49 17.38 -9.31
C LEU E 184 68.15 16.94 -7.89
N ASN E 185 67.37 15.86 -7.77
CA ASN E 185 66.84 15.47 -6.46
C ASN E 185 67.96 15.07 -5.50
N SER E 186 68.96 14.33 -6.00
CA SER E 186 70.05 13.92 -5.13
C SER E 186 70.80 15.12 -4.58
N ARG E 187 71.04 16.13 -5.41
CA ARG E 187 71.67 17.37 -4.96
C ARG E 187 70.67 18.33 -4.33
N TYR E 188 69.37 18.06 -4.45
CA TYR E 188 68.35 18.94 -3.89
C TYR E 188 68.39 18.93 -2.37
N THR E 189 68.10 20.09 -1.79
CA THR E 189 67.96 20.23 -0.35
C THR E 189 66.79 21.14 -0.05
N GLN E 190 66.09 20.85 1.04
CA GLN E 190 64.90 21.61 1.39
C GLN E 190 65.26 23.04 1.80
N LEU E 191 64.29 23.94 1.59
CA LEU E 191 64.44 25.36 1.90
C LEU E 191 63.40 25.77 2.92
N GLN E 192 63.60 26.96 3.49
CA GLN E 192 62.69 27.55 4.45
C GLN E 192 61.94 28.70 3.77
N LEU E 193 60.61 28.60 3.75
CA LEU E 193 59.76 29.63 3.17
C LEU E 193 58.65 29.98 4.15
N VAL E 194 58.32 31.26 4.23
CA VAL E 194 57.29 31.76 5.13
C VAL E 194 56.38 32.71 4.35
N LYS E 195 55.07 32.59 4.59
CA LYS E 195 54.12 33.48 3.95
C LYS E 195 54.19 34.88 4.57
N GLU E 196 54.21 35.89 3.72
CA GLU E 196 54.24 37.27 4.19
C GLU E 196 52.84 37.86 4.25
N SER E 222 56.10 28.32 9.40
CA SER E 222 56.54 28.12 8.03
C SER E 222 55.47 27.42 7.20
N LEU E 223 55.28 27.90 5.98
CA LEU E 223 54.29 27.31 5.08
C LEU E 223 54.88 26.10 4.38
N LYS E 224 54.31 24.93 4.63
CA LYS E 224 54.81 23.70 4.03
C LYS E 224 54.45 23.64 2.55
N LEU E 225 55.33 22.98 1.78
CA LEU E 225 55.12 22.89 0.33
C LEU E 225 53.90 22.06 -0.02
N GLU E 226 53.63 20.99 0.74
CA GLU E 226 52.44 20.18 0.51
C GLU E 226 51.17 20.93 0.88
N LEU E 227 51.29 22.01 1.65
CA LEU E 227 50.14 22.80 2.11
C LEU E 227 50.02 24.10 1.32
N LEU E 228 50.28 24.04 0.01
CA LEU E 228 50.37 25.24 -0.81
C LEU E 228 49.00 25.85 -1.10
N PHE E 229 48.16 25.13 -1.83
CA PHE E 229 46.97 25.72 -2.43
C PHE E 229 45.70 25.53 -1.61
N GLU E 230 45.76 24.82 -0.50
CA GLU E 230 44.52 24.80 0.26
C GLU E 230 44.33 26.13 0.99
N PRO E 231 43.11 26.64 1.07
CA PRO E 231 42.88 27.92 1.76
C PRO E 231 42.88 27.72 3.27
N GLU E 232 43.69 28.51 3.97
CA GLU E 232 43.68 28.48 5.43
C GLU E 232 42.33 28.93 5.97
N ASP E 233 41.72 29.93 5.33
CA ASP E 233 40.39 30.39 5.68
C ASP E 233 39.41 29.98 4.58
N GLY E 234 38.20 29.62 5.00
CA GLY E 234 37.21 29.09 4.07
C GLY E 234 36.66 30.09 3.08
N HIS E 235 37.01 31.37 3.26
CA HIS E 235 36.53 32.45 2.40
C HIS E 235 37.69 33.14 1.70
N SER E 236 38.60 32.35 1.15
CA SER E 236 39.73 32.87 0.40
C SER E 236 39.31 33.08 -1.06
N GLU E 237 39.59 34.27 -1.58
CA GLU E 237 39.39 34.52 -3.00
C GLU E 237 40.31 33.61 -3.80
N PRO E 238 40.01 33.38 -5.11
CA PRO E 238 40.65 32.29 -5.86
C PRO E 238 42.11 32.03 -5.52
N VAL E 239 42.40 30.81 -5.08
CA VAL E 239 43.69 30.44 -4.50
C VAL E 239 44.75 30.34 -5.60
N HIS E 240 44.36 30.62 -6.83
CA HIS E 240 45.22 30.43 -7.99
C HIS E 240 46.20 31.58 -8.19
N THR E 241 46.29 32.52 -7.26
CA THR E 241 47.15 33.70 -7.40
C THR E 241 48.11 33.74 -6.22
N VAL E 242 49.26 33.08 -6.39
CA VAL E 242 50.32 33.04 -5.38
C VAL E 242 51.60 33.54 -6.04
N VAL E 243 52.29 34.46 -5.38
CA VAL E 243 53.53 35.05 -5.87
C VAL E 243 54.65 34.67 -4.91
N PHE E 244 55.84 34.49 -5.45
CA PHE E 244 57.00 34.07 -4.68
C PHE E 244 58.11 35.10 -4.78
N GLN E 245 58.82 35.29 -3.67
CA GLN E 245 59.91 36.26 -3.57
C GLN E 245 61.16 35.58 -3.03
N GLY E 246 62.31 36.11 -3.41
CA GLY E 246 63.57 35.57 -2.95
C GLY E 246 64.72 36.33 -3.56
N ALA E 247 65.91 36.06 -3.03
CA ALA E 247 67.12 36.75 -3.46
C ALA E 247 67.61 36.18 -4.80
N ALA E 248 68.81 36.60 -5.19
CA ALA E 248 69.43 36.02 -6.37
C ALA E 248 70.11 34.70 -5.99
N GLY E 249 69.70 33.62 -6.64
CA GLY E 249 70.21 32.31 -6.30
C GLY E 249 69.51 31.65 -5.13
N ILE E 250 68.37 32.17 -4.68
CA ILE E 250 67.65 31.59 -3.56
C ILE E 250 67.11 30.21 -3.91
N GLY E 251 66.68 30.01 -5.15
CA GLY E 251 66.17 28.72 -5.57
C GLY E 251 64.74 28.75 -6.07
N LYS E 252 64.31 29.90 -6.61
CA LYS E 252 62.99 29.97 -7.23
C LYS E 252 62.91 29.04 -8.42
N THR E 253 63.92 29.06 -9.28
CA THR E 253 63.97 28.14 -10.42
C THR E 253 64.05 26.69 -9.94
N ILE E 254 64.90 26.44 -8.93
CA ILE E 254 65.04 25.09 -8.40
C ILE E 254 63.73 24.64 -7.75
N LEU E 255 63.07 25.54 -7.03
CA LEU E 255 61.76 25.20 -6.45
C LEU E 255 60.74 24.87 -7.53
N ALA E 256 60.73 25.65 -8.61
CA ALA E 256 59.79 25.39 -9.71
C ALA E 256 60.06 24.04 -10.35
N ARG E 257 61.33 23.76 -10.65
CA ARG E 257 61.67 22.48 -11.26
C ARG E 257 61.38 21.32 -10.31
N LYS E 258 61.62 21.52 -9.01
CA LYS E 258 61.35 20.47 -8.03
C LYS E 258 59.87 20.18 -7.92
N ILE E 259 59.02 21.21 -7.91
CA ILE E 259 57.58 20.97 -7.82
C ILE E 259 57.08 20.32 -9.11
N MET E 260 57.63 20.73 -10.26
CA MET E 260 57.23 20.08 -11.51
C MET E 260 57.64 18.62 -11.52
N LEU E 261 58.82 18.30 -10.97
CA LEU E 261 59.27 16.91 -10.93
C LEU E 261 58.46 16.09 -9.93
N ASP E 262 58.05 16.71 -8.81
CA ASP E 262 57.16 16.03 -7.88
C ASP E 262 55.83 15.72 -8.54
N TRP E 263 55.28 16.68 -9.28
CA TRP E 263 54.08 16.42 -10.06
C TRP E 263 54.32 15.40 -11.15
N ALA E 264 55.57 15.22 -11.59
CA ALA E 264 55.91 14.21 -12.57
C ALA E 264 56.22 12.86 -11.97
N LEU E 265 56.33 12.77 -10.64
CA LEU E 265 56.72 11.53 -9.96
C LEU E 265 55.59 10.91 -9.14
N GLY E 266 54.39 11.49 -9.20
CA GLY E 266 53.28 10.96 -8.43
C GLY E 266 53.21 11.43 -7.00
N LYS E 267 53.81 12.57 -6.67
CA LYS E 267 53.89 13.05 -5.29
C LYS E 267 52.81 14.07 -4.95
N LEU E 268 52.75 15.17 -5.71
CA LEU E 268 51.82 16.25 -5.42
C LEU E 268 50.99 16.59 -6.66
N PHE E 269 49.77 17.08 -6.40
CA PHE E 269 48.81 17.45 -7.44
C PHE E 269 48.41 16.24 -8.29
N LYS E 270 48.07 15.15 -7.62
CA LYS E 270 47.50 13.97 -8.26
C LYS E 270 45.99 13.91 -8.10
N ASP E 271 45.51 13.88 -6.87
CA ASP E 271 44.08 13.95 -6.59
C ASP E 271 43.54 15.37 -6.60
N LYS E 272 44.42 16.37 -6.58
CA LYS E 272 44.02 17.77 -6.54
C LYS E 272 44.03 18.41 -7.92
N PHE E 273 45.16 18.31 -8.64
CA PHE E 273 45.29 18.81 -10.00
C PHE E 273 45.59 17.66 -10.94
N ASP E 274 45.65 17.97 -12.23
CA ASP E 274 45.95 16.94 -13.23
C ASP E 274 47.06 17.40 -14.17
N TYR E 275 47.14 18.70 -14.44
CA TYR E 275 48.11 19.26 -15.37
C TYR E 275 48.92 20.36 -14.72
N LEU E 276 50.23 20.36 -14.97
CA LEU E 276 51.13 21.44 -14.59
C LEU E 276 51.96 21.84 -15.80
N PHE E 277 51.97 23.13 -16.10
CA PHE E 277 52.67 23.65 -17.27
C PHE E 277 53.77 24.60 -16.84
N PHE E 278 54.80 24.70 -17.68
CA PHE E 278 55.98 25.51 -17.41
C PHE E 278 56.12 26.55 -18.51
N ILE E 279 56.17 27.83 -18.11
CA ILE E 279 56.35 28.95 -19.02
C ILE E 279 57.53 29.78 -18.52
N HIS E 280 58.46 30.09 -19.41
CA HIS E 280 59.67 30.83 -19.05
C HIS E 280 59.73 32.13 -19.82
N CYS E 281 60.07 33.22 -19.12
CA CYS E 281 60.10 34.53 -19.74
C CYS E 281 61.20 34.63 -20.80
N ARG E 282 62.36 34.02 -20.54
CA ARG E 282 63.45 34.09 -21.51
C ARG E 282 63.07 33.43 -22.82
N GLU E 283 62.42 32.27 -22.75
CA GLU E 283 62.02 31.58 -23.97
C GLU E 283 60.87 32.29 -24.67
N VAL E 284 59.96 32.88 -23.90
CA VAL E 284 58.80 33.58 -24.46
C VAL E 284 59.22 35.02 -24.73
N SER E 285 59.64 35.30 -25.96
CA SER E 285 60.06 36.64 -26.33
C SER E 285 58.86 37.56 -26.42
N LEU E 286 59.00 38.78 -25.91
CA LEU E 286 57.90 39.74 -25.91
C LEU E 286 57.65 40.37 -27.28
N ARG E 287 58.64 40.36 -28.18
CA ARG E 287 58.48 40.97 -29.48
C ARG E 287 57.61 40.15 -30.43
N THR E 288 57.59 38.83 -30.26
CA THR E 288 56.79 37.97 -31.13
C THR E 288 55.45 37.69 -30.45
N PRO E 289 54.34 38.17 -31.00
CA PRO E 289 53.03 37.81 -30.43
C PRO E 289 52.79 36.31 -30.51
N ARG E 290 52.14 35.78 -29.48
CA ARG E 290 51.89 34.34 -29.37
C ARG E 290 50.55 34.11 -28.73
N SER E 291 50.21 32.82 -28.57
CA SER E 291 48.99 32.39 -27.91
C SER E 291 49.32 31.33 -26.88
N LEU E 292 48.31 30.97 -26.08
CA LEU E 292 48.48 29.88 -25.12
C LEU E 292 48.74 28.56 -25.82
N ALA E 293 48.25 28.41 -27.06
CA ALA E 293 48.52 27.20 -27.83
C ALA E 293 50.01 27.02 -28.08
N ASP E 294 50.70 28.12 -28.40
CA ASP E 294 52.14 28.04 -28.60
C ASP E 294 52.86 27.57 -27.34
N LEU E 295 52.48 28.12 -26.19
CA LEU E 295 53.11 27.72 -24.94
C LEU E 295 52.82 26.25 -24.62
N ILE E 296 51.59 25.81 -24.85
CA ILE E 296 51.24 24.41 -24.60
C ILE E 296 52.04 23.48 -25.51
N VAL E 297 52.14 23.84 -26.80
CA VAL E 297 52.90 23.01 -27.74
C VAL E 297 54.36 22.96 -27.34
N SER E 298 54.93 24.10 -26.94
CA SER E 298 56.32 24.11 -26.50
C SER E 298 56.51 23.24 -25.26
N CYS E 299 55.56 23.31 -24.31
CA CYS E 299 55.67 22.49 -23.11
C CYS E 299 55.34 21.03 -23.38
N TRP E 300 54.41 20.76 -24.28
CA TRP E 300 54.11 19.39 -24.66
C TRP E 300 55.26 18.80 -25.46
N PRO E 301 55.59 17.51 -25.26
CA PRO E 301 56.62 16.88 -26.09
C PRO E 301 56.16 16.73 -27.53
N ASP E 302 54.91 16.31 -27.70
CA ASP E 302 54.34 16.18 -29.05
C ASP E 302 53.97 17.56 -29.58
N PRO E 303 54.44 17.94 -30.77
CA PRO E 303 54.00 19.21 -31.37
C PRO E 303 52.53 19.24 -31.75
N ASN E 304 51.80 18.15 -31.57
CA ASN E 304 50.37 18.07 -31.88
C ASN E 304 49.63 17.58 -30.65
N PRO E 305 49.42 18.45 -29.67
CA PRO E 305 48.70 18.05 -28.46
C PRO E 305 47.21 18.11 -28.67
N PRO E 306 46.43 17.34 -27.90
CA PRO E 306 44.97 17.44 -28.00
C PRO E 306 44.46 18.74 -27.40
N VAL E 307 44.62 19.84 -28.13
CA VAL E 307 44.27 21.15 -27.60
C VAL E 307 42.78 21.21 -27.26
N CYS E 308 41.95 20.57 -28.08
CA CYS E 308 40.52 20.54 -27.79
C CYS E 308 40.21 19.82 -26.49
N LYS E 309 40.92 18.72 -26.20
CA LYS E 309 40.67 17.93 -25.00
C LYS E 309 41.22 18.57 -23.73
N ILE E 310 42.30 19.35 -23.83
CA ILE E 310 43.00 19.83 -22.64
C ILE E 310 42.59 21.24 -22.23
N LEU E 311 41.62 21.85 -22.91
CA LEU E 311 41.17 23.21 -22.59
C LEU E 311 39.74 23.26 -22.08
N ARG E 312 39.33 22.26 -21.28
CA ARG E 312 37.97 22.20 -20.77
C ARG E 312 37.88 22.35 -19.25
N LYS E 313 38.89 21.93 -18.51
CA LYS E 313 38.89 22.00 -17.04
C LYS E 313 40.15 22.73 -16.60
N PRO E 314 40.13 24.06 -16.58
CA PRO E 314 41.31 24.81 -16.13
C PRO E 314 41.64 24.63 -14.66
N SER E 315 40.71 24.10 -13.86
CA SER E 315 40.98 23.91 -12.43
C SER E 315 42.20 23.02 -12.21
N ARG E 316 42.31 21.95 -12.98
CA ARG E 316 43.43 21.02 -12.86
C ARG E 316 44.62 21.41 -13.74
N ILE E 317 44.73 22.69 -14.09
CA ILE E 317 45.83 23.21 -14.90
C ILE E 317 46.46 24.37 -14.16
N LEU E 318 47.79 24.31 -13.99
CA LEU E 318 48.55 25.35 -13.31
C LEU E 318 49.67 25.82 -14.22
N PHE E 319 49.75 27.13 -14.43
CA PHE E 319 50.77 27.74 -15.27
C PHE E 319 51.84 28.35 -14.39
N LEU E 320 53.09 28.02 -14.68
CA LEU E 320 54.22 28.47 -13.88
C LEU E 320 54.95 29.58 -14.63
N MET E 321 55.18 30.70 -13.95
CA MET E 321 55.85 31.87 -14.53
C MET E 321 57.09 32.16 -13.69
N ASP E 322 58.23 31.68 -14.15
CA ASP E 322 59.50 31.82 -13.46
C ASP E 322 60.30 32.97 -14.07
N GLY E 323 61.07 33.65 -13.23
CA GLY E 323 61.87 34.76 -13.69
C GLY E 323 61.05 35.93 -14.20
N PHE E 324 60.03 36.31 -13.44
CA PHE E 324 59.11 37.38 -13.83
C PHE E 324 59.80 38.71 -14.08
N ASP E 325 61.09 38.83 -13.76
CA ASP E 325 61.77 40.12 -13.90
C ASP E 325 62.01 40.52 -15.35
N GLU E 326 61.37 39.86 -16.32
CA GLU E 326 61.57 40.14 -17.74
C GLU E 326 60.25 40.25 -18.49
N LEU E 327 59.22 40.83 -17.86
CA LEU E 327 57.90 40.85 -18.47
C LEU E 327 57.26 42.24 -18.51
N GLN E 328 57.51 43.07 -17.49
CA GLN E 328 56.86 44.37 -17.37
C GLN E 328 57.51 45.44 -18.23
N GLY E 329 58.24 45.08 -19.27
CA GLY E 329 58.89 46.07 -20.11
C GLY E 329 57.93 47.06 -20.73
N ALA E 330 56.65 46.70 -20.85
CA ALA E 330 55.65 47.60 -21.42
C ALA E 330 54.32 47.55 -20.66
N PHE E 331 54.30 47.01 -19.43
CA PHE E 331 53.06 47.00 -18.67
C PHE E 331 52.62 48.41 -18.28
N ASP E 332 53.58 49.34 -18.18
CA ASP E 332 53.27 50.71 -17.80
C ASP E 332 52.45 51.45 -18.85
N GLU E 333 52.35 50.90 -20.06
CA GLU E 333 51.55 51.49 -21.13
C GLU E 333 50.46 50.57 -21.65
N HIS E 334 50.53 49.27 -21.40
CA HIS E 334 49.56 48.30 -21.89
C HIS E 334 48.55 47.90 -20.82
N ILE E 335 48.15 48.85 -19.98
CA ILE E 335 47.21 48.55 -18.92
C ILE E 335 45.85 48.17 -19.48
N GLY E 336 45.37 48.91 -20.48
CA GLY E 336 44.03 48.71 -21.02
C GLY E 336 43.89 47.68 -22.12
N GLU E 337 44.96 47.02 -22.54
CA GLU E 337 44.89 46.02 -23.60
C GLU E 337 44.65 44.65 -22.98
N VAL E 338 43.50 44.06 -23.27
CA VAL E 338 43.05 42.82 -22.64
C VAL E 338 42.71 41.81 -23.72
N CYS E 339 43.26 40.61 -23.61
CA CYS E 339 42.98 39.51 -24.52
C CYS E 339 42.50 38.30 -23.74
N THR E 340 41.39 37.71 -24.18
CA THR E 340 40.81 36.56 -23.50
C THR E 340 40.66 35.33 -24.37
N ASP E 341 41.07 35.39 -25.64
CA ASP E 341 41.00 34.24 -26.53
C ASP E 341 42.30 33.46 -26.45
N TRP E 342 42.21 32.18 -26.08
CA TRP E 342 43.41 31.36 -25.93
C TRP E 342 44.12 31.15 -27.26
N GLN E 343 43.38 31.16 -28.36
CA GLN E 343 43.94 30.95 -29.68
C GLN E 343 44.40 32.25 -30.35
N LYS E 344 44.19 33.39 -29.70
CA LYS E 344 44.57 34.67 -30.30
C LYS E 344 46.05 34.95 -30.10
N ALA E 345 46.68 35.45 -31.16
CA ALA E 345 48.12 35.73 -31.14
C ALA E 345 48.32 37.20 -30.80
N VAL E 346 48.69 37.47 -29.54
CA VAL E 346 48.95 38.82 -29.06
C VAL E 346 50.29 38.78 -28.33
N ARG E 347 50.90 39.95 -28.17
CA ARG E 347 52.19 40.08 -27.50
C ARG E 347 52.20 39.31 -26.18
N GLY E 348 53.36 38.72 -25.86
CA GLY E 348 53.45 37.88 -24.68
C GLY E 348 53.16 38.63 -23.40
N ASP E 349 53.67 39.85 -23.27
CA ASP E 349 53.44 40.63 -22.07
C ASP E 349 51.96 40.94 -21.87
N ILE E 350 51.28 41.35 -22.94
CA ILE E 350 49.85 41.67 -22.84
C ILE E 350 49.06 40.42 -22.49
N LEU E 351 49.38 39.30 -23.14
CA LEU E 351 48.67 38.06 -22.85
C LEU E 351 48.86 37.64 -21.40
N LEU E 352 50.09 37.72 -20.89
CA LEU E 352 50.34 37.33 -19.51
C LEU E 352 49.67 38.26 -18.52
N SER E 353 49.64 39.56 -18.84
CA SER E 353 48.91 40.50 -17.99
C SER E 353 47.42 40.19 -17.97
N SER E 354 46.88 39.76 -19.11
CA SER E 354 45.49 39.30 -19.13
C SER E 354 45.31 38.06 -18.26
N LEU E 355 46.28 37.14 -18.31
CA LEU E 355 46.19 35.93 -17.50
C LEU E 355 46.21 36.24 -16.01
N ILE E 356 47.02 37.22 -15.59
CA ILE E 356 47.23 37.47 -14.17
C ILE E 356 45.92 37.86 -13.48
N ARG E 357 45.16 38.77 -14.10
CA ARG E 357 43.97 39.30 -13.46
C ARG E 357 42.77 38.34 -13.54
N LYS E 358 42.99 37.10 -13.95
CA LYS E 358 41.97 36.06 -13.95
C LYS E 358 40.77 36.44 -14.83
N LYS E 359 41.06 36.61 -16.12
CA LYS E 359 40.00 36.79 -17.12
C LYS E 359 40.16 35.89 -18.34
N LEU E 360 41.37 35.46 -18.69
CA LEU E 360 41.58 34.42 -19.69
C LEU E 360 41.88 33.14 -18.94
N LEU E 361 41.03 32.13 -19.11
CA LEU E 361 40.99 30.97 -18.23
C LEU E 361 40.96 31.42 -16.77
N PRO E 362 39.92 32.15 -16.35
CA PRO E 362 39.94 32.78 -15.03
C PRO E 362 40.04 31.80 -13.88
N LYS E 363 39.58 30.57 -14.07
CA LYS E 363 39.55 29.57 -13.01
C LYS E 363 40.77 28.65 -13.07
N ALA E 364 41.67 28.87 -14.04
CA ALA E 364 42.94 28.15 -14.08
C ALA E 364 43.86 28.65 -12.96
N SER E 365 44.99 27.98 -12.79
CA SER E 365 45.90 28.27 -11.70
C SER E 365 47.16 28.94 -12.22
N LEU E 366 47.76 29.80 -11.38
CA LEU E 366 48.99 30.49 -11.72
C LEU E 366 49.94 30.46 -10.53
N LEU E 367 51.23 30.27 -10.81
CA LEU E 367 52.28 30.31 -9.80
C LEU E 367 53.45 31.12 -10.36
N ILE E 368 53.68 32.31 -9.80
CA ILE E 368 54.67 33.24 -10.31
C ILE E 368 55.78 33.39 -9.29
N THR E 369 57.03 33.27 -9.76
CA THR E 369 58.21 33.49 -8.92
C THR E 369 58.90 34.75 -9.38
N THR E 370 59.08 35.70 -8.46
CA THR E 370 59.59 37.03 -8.80
C THR E 370 60.68 37.44 -7.81
N ARG E 371 61.56 38.32 -8.28
CA ARG E 371 62.38 39.10 -7.35
C ARG E 371 61.49 40.09 -6.61
N PRO E 372 61.77 40.34 -5.33
CA PRO E 372 60.89 41.21 -4.54
C PRO E 372 61.06 42.69 -4.83
N VAL E 373 61.91 43.07 -5.79
CA VAL E 373 62.32 44.46 -5.92
C VAL E 373 61.16 45.35 -6.36
N ALA E 374 60.43 44.93 -7.40
CA ALA E 374 59.50 45.82 -8.09
C ALA E 374 58.10 45.19 -8.16
N LEU E 375 57.60 44.70 -7.03
CA LEU E 375 56.24 44.18 -6.97
C LEU E 375 55.19 45.27 -6.84
N GLU E 376 55.60 46.52 -6.61
CA GLU E 376 54.66 47.57 -6.22
C GLU E 376 53.52 47.72 -7.23
N LYS E 377 53.85 47.73 -8.52
CA LYS E 377 52.80 47.81 -9.53
C LYS E 377 52.08 46.48 -9.72
N LEU E 378 52.81 45.36 -9.61
CA LEU E 378 52.23 44.07 -9.93
C LEU E 378 51.07 43.72 -9.00
N GLN E 379 51.13 44.18 -7.74
CA GLN E 379 50.04 43.91 -6.81
C GLN E 379 48.73 44.53 -7.28
N HIS E 380 48.80 45.59 -8.09
CA HIS E 380 47.59 46.12 -8.69
C HIS E 380 46.96 45.12 -9.64
N LEU E 381 47.79 44.42 -10.43
CA LEU E 381 47.30 43.40 -11.35
C LEU E 381 46.88 42.13 -10.64
N LEU E 382 47.17 41.99 -9.34
CA LEU E 382 46.91 40.78 -8.60
C LEU E 382 45.52 40.84 -7.94
N ASP E 383 44.81 39.72 -8.01
CA ASP E 383 43.47 39.60 -7.43
C ASP E 383 43.56 38.67 -6.22
N HIS E 384 43.80 39.26 -5.04
CA HIS E 384 43.96 38.55 -3.78
C HIS E 384 45.01 37.45 -3.89
N PRO E 385 46.28 37.80 -4.06
CA PRO E 385 47.32 36.78 -4.12
C PRO E 385 47.79 36.38 -2.74
N ARG E 386 48.82 35.54 -2.67
CA ARG E 386 49.58 35.35 -1.43
C ARG E 386 51.06 35.50 -1.75
N HIS E 387 51.72 36.45 -1.10
CA HIS E 387 53.15 36.67 -1.27
C HIS E 387 53.90 35.78 -0.29
N VAL E 388 54.71 34.86 -0.82
CA VAL E 388 55.49 33.95 -0.01
C VAL E 388 56.96 34.15 -0.34
N GLU E 389 57.77 34.42 0.69
CA GLU E 389 59.20 34.57 0.51
C GLU E 389 59.90 33.26 0.82
N ILE E 390 61.07 33.06 0.19
CA ILE E 390 61.89 31.87 0.41
C ILE E 390 63.21 32.33 1.04
N LEU E 391 63.56 31.74 2.18
CA LEU E 391 64.74 32.14 2.91
C LEU E 391 65.94 31.22 2.71
N GLY E 392 65.73 30.02 2.17
CA GLY E 392 66.85 29.14 1.87
C GLY E 392 67.20 28.18 3.00
N PHE E 393 68.45 27.77 3.04
CA PHE E 393 68.88 26.74 3.96
C PHE E 393 68.89 27.24 5.41
N SER E 394 68.73 26.30 6.33
CA SER E 394 69.08 26.49 7.72
C SER E 394 70.42 25.81 7.97
N GLU E 395 70.83 25.71 9.24
CA GLU E 395 72.06 25.00 9.55
C GLU E 395 71.98 23.54 9.12
N ALA E 396 70.91 22.85 9.54
CA ALA E 396 70.76 21.44 9.20
C ALA E 396 70.62 21.25 7.69
N LYS E 397 69.88 22.13 7.02
CA LYS E 397 69.76 22.03 5.57
C LYS E 397 71.09 22.27 4.88
N ARG E 398 71.90 23.18 5.41
CA ARG E 398 73.25 23.35 4.89
C ARG E 398 74.07 22.07 5.07
N LYS E 399 73.91 21.41 6.22
CA LYS E 399 74.60 20.14 6.44
C LYS E 399 74.18 19.11 5.41
N GLU E 400 72.88 19.00 5.17
CA GLU E 400 72.38 18.03 4.20
C GLU E 400 72.87 18.35 2.79
N TYR E 401 72.89 19.63 2.43
CA TYR E 401 73.34 20.00 1.09
C TYR E 401 74.82 19.68 0.87
N PHE E 402 75.67 20.03 1.84
CA PHE E 402 77.09 19.71 1.68
C PHE E 402 77.35 18.21 1.74
N PHE E 403 76.49 17.45 2.44
CA PHE E 403 76.54 16.00 2.32
C PHE E 403 76.20 15.56 0.90
N LYS E 404 75.17 16.15 0.31
CA LYS E 404 74.72 15.72 -1.01
C LYS E 404 75.61 16.19 -2.15
N TYR E 405 76.49 17.17 -1.91
CA TYR E 405 77.36 17.66 -2.97
C TYR E 405 78.59 16.76 -3.15
N PHE E 406 79.43 16.66 -2.12
CA PHE E 406 80.66 15.91 -2.23
C PHE E 406 80.38 14.41 -2.16
N SER E 407 81.15 13.64 -2.95
CA SER E 407 81.00 12.19 -2.96
C SER E 407 81.72 11.53 -1.78
N ASN E 408 82.60 12.24 -1.09
CA ASN E 408 83.32 11.71 0.06
C ASN E 408 82.78 12.36 1.32
N GLU E 409 82.42 11.52 2.30
CA GLU E 409 81.90 12.04 3.56
C GLU E 409 82.96 12.83 4.31
N LEU E 410 84.21 12.34 4.33
CA LEU E 410 85.26 13.01 5.09
C LEU E 410 85.59 14.37 4.49
N GLN E 411 85.65 14.46 3.17
CA GLN E 411 85.88 15.75 2.52
C GLN E 411 84.74 16.72 2.84
N ALA E 412 83.50 16.22 2.84
CA ALA E 412 82.37 17.06 3.20
C ALA E 412 82.49 17.56 4.64
N ARG E 413 82.91 16.68 5.56
CA ARG E 413 83.04 17.08 6.96
C ARG E 413 84.15 18.11 7.16
N GLU E 414 85.26 17.95 6.44
CA GLU E 414 86.29 18.99 6.45
C GLU E 414 85.74 20.31 5.92
N ALA E 415 84.91 20.23 4.88
CA ALA E 415 84.26 21.44 4.37
C ALA E 415 83.38 22.08 5.44
N PHE E 416 82.63 21.26 6.19
CA PHE E 416 81.81 21.82 7.27
C PHE E 416 82.69 22.52 8.30
N ARG E 417 83.78 21.87 8.71
CA ARG E 417 84.64 22.44 9.73
C ARG E 417 85.21 23.78 9.28
N LEU E 418 85.67 23.85 8.03
CA LEU E 418 86.17 25.14 7.53
C LEU E 418 85.05 26.16 7.35
N ILE E 419 83.81 25.71 7.13
CA ILE E 419 82.70 26.66 7.05
C ILE E 419 82.42 27.27 8.42
N GLN E 420 82.35 26.45 9.47
CA GLN E 420 82.21 27.03 10.81
C GLN E 420 83.48 27.75 11.27
N GLU E 421 84.61 27.56 10.59
CA GLU E 421 85.79 28.37 10.91
C GLU E 421 85.53 29.84 10.64
N ASN E 422 84.84 30.15 9.54
CA ASN E 422 84.54 31.52 9.16
C ASN E 422 83.06 31.77 9.39
N GLU E 423 82.74 32.60 10.40
CA GLU E 423 81.34 32.90 10.69
C GLU E 423 80.67 33.62 9.52
N VAL E 424 81.40 34.53 8.87
CA VAL E 424 80.83 35.29 7.76
C VAL E 424 80.43 34.36 6.62
N LEU E 425 81.31 33.43 6.26
CA LEU E 425 81.00 32.51 5.18
C LEU E 425 79.84 31.59 5.56
N PHE E 426 79.80 31.13 6.81
CA PHE E 426 78.70 30.28 7.24
C PHE E 426 77.37 31.03 7.16
N THR E 427 77.36 32.30 7.55
CA THR E 427 76.15 33.11 7.42
C THR E 427 75.78 33.31 5.95
N MET E 428 76.78 33.56 5.09
CA MET E 428 76.51 33.71 3.67
C MET E 428 75.95 32.45 3.04
N CYS E 429 76.28 31.28 3.60
CA CYS E 429 75.81 30.02 3.03
C CYS E 429 74.30 29.81 3.19
N PHE E 430 73.49 30.75 3.66
CA PHE E 430 72.05 30.53 3.64
C PHE E 430 71.48 30.62 2.23
N ILE E 431 72.27 31.09 1.28
CA ILE E 431 71.89 31.11 -0.14
C ILE E 431 72.46 29.85 -0.78
N PRO E 432 71.63 28.98 -1.37
CA PRO E 432 72.15 27.74 -1.96
C PRO E 432 73.16 27.98 -3.08
N LEU E 433 73.04 29.10 -3.81
CA LEU E 433 74.00 29.38 -4.88
C LEU E 433 75.41 29.54 -4.32
N VAL E 434 75.54 30.25 -3.20
CA VAL E 434 76.86 30.40 -2.58
C VAL E 434 77.36 29.05 -2.10
N CYS E 435 76.47 28.18 -1.63
CA CYS E 435 76.87 26.84 -1.25
C CYS E 435 77.43 26.07 -2.44
N TRP E 436 76.76 26.15 -3.60
CA TRP E 436 77.26 25.49 -4.80
C TRP E 436 78.62 26.03 -5.20
N ILE E 437 78.77 27.36 -5.17
CA ILE E 437 80.04 27.97 -5.60
C ILE E 437 81.17 27.56 -4.65
N VAL E 438 80.91 27.59 -3.34
CA VAL E 438 81.97 27.25 -2.40
C VAL E 438 82.31 25.77 -2.48
N CYS E 439 81.32 24.91 -2.72
CA CYS E 439 81.60 23.49 -2.87
C CYS E 439 82.46 23.22 -4.10
N THR E 440 82.13 23.84 -5.23
CA THR E 440 82.95 23.68 -6.42
C THR E 440 84.35 24.23 -6.20
N GLY E 441 84.48 25.37 -5.52
CA GLY E 441 85.79 25.92 -5.24
C GLY E 441 86.62 25.01 -4.36
N LEU E 442 86.02 24.44 -3.32
CA LEU E 442 86.74 23.51 -2.45
C LEU E 442 87.15 22.25 -3.20
N LYS E 443 86.28 21.77 -4.09
CA LYS E 443 86.64 20.62 -4.93
C LYS E 443 87.86 20.94 -5.78
N GLN E 444 87.86 22.10 -6.43
CA GLN E 444 88.99 22.48 -7.27
C GLN E 444 90.26 22.66 -6.43
N GLN E 445 90.12 23.17 -5.22
CA GLN E 445 91.28 23.35 -4.35
C GLN E 445 91.88 22.00 -3.95
N MET E 446 91.05 21.09 -3.45
CA MET E 446 91.62 19.86 -2.91
C MET E 446 92.06 18.88 -4.00
N GLU E 447 91.39 18.88 -5.17
CA GLU E 447 91.85 18.01 -6.24
C GLU E 447 93.23 18.44 -6.75
N THR E 448 93.46 19.74 -6.88
CA THR E 448 94.75 20.24 -7.35
C THR E 448 95.80 20.29 -6.25
N GLY E 449 95.46 19.90 -5.02
CA GLY E 449 96.38 19.91 -3.92
C GLY E 449 96.38 21.19 -3.10
N LYS E 450 95.64 22.21 -3.52
CA LYS E 450 95.57 23.45 -2.76
C LYS E 450 94.80 23.24 -1.46
N SER E 451 95.18 24.00 -0.44
CA SER E 451 94.52 23.90 0.85
C SER E 451 93.11 24.48 0.79
N LEU E 452 92.26 24.04 1.72
CA LEU E 452 90.87 24.47 1.75
C LEU E 452 90.62 25.63 2.69
N ALA E 453 91.53 25.91 3.63
CA ALA E 453 91.33 27.02 4.56
C ALA E 453 91.43 28.37 3.88
N GLN E 454 92.10 28.45 2.72
CA GLN E 454 92.18 29.71 2.00
C GLN E 454 90.80 30.16 1.51
N THR E 455 89.96 29.21 1.11
CA THR E 455 88.59 29.55 0.74
C THR E 455 87.83 30.16 1.90
N SER E 456 87.99 29.57 3.09
CA SER E 456 87.34 30.14 4.29
C SER E 456 87.88 31.52 4.60
N LYS E 457 89.18 31.73 4.45
CA LYS E 457 89.76 33.04 4.74
C LYS E 457 89.27 34.11 3.79
N THR E 458 88.82 33.73 2.60
CA THR E 458 88.31 34.70 1.62
C THR E 458 86.87 35.03 1.95
N THR E 459 86.60 36.31 2.19
CA THR E 459 85.27 36.77 2.58
C THR E 459 84.74 37.78 1.57
N THR E 460 83.43 37.69 1.30
CA THR E 460 82.68 38.69 0.56
C THR E 460 83.05 38.69 -0.92
N ALA E 461 84.11 37.98 -1.29
CA ALA E 461 84.61 37.92 -2.66
C ALA E 461 84.63 36.47 -3.14
N VAL E 462 83.53 35.77 -2.91
CA VAL E 462 83.44 34.37 -3.30
C VAL E 462 83.53 34.22 -4.82
N TYR E 463 82.83 35.08 -5.56
CA TYR E 463 82.84 34.99 -7.01
C TYR E 463 84.22 35.24 -7.59
N VAL E 464 84.91 36.28 -7.10
CA VAL E 464 86.21 36.63 -7.67
C VAL E 464 87.24 35.56 -7.36
N PHE E 465 87.28 35.09 -6.11
CA PHE E 465 88.22 34.04 -5.74
C PHE E 465 87.90 32.75 -6.49
N PHE E 466 86.62 32.44 -6.66
CA PHE E 466 86.21 31.26 -7.42
C PHE E 466 86.69 31.34 -8.87
N LEU E 467 86.52 32.51 -9.50
CA LEU E 467 86.98 32.69 -10.87
C LEU E 467 88.50 32.57 -10.95
N SER E 468 89.22 33.14 -9.98
CA SER E 468 90.67 33.05 -9.99
C SER E 468 91.14 31.62 -9.83
N SER E 469 90.49 30.86 -8.95
CA SER E 469 90.86 29.46 -8.76
C SER E 469 90.51 28.63 -9.99
N LEU E 470 89.43 28.99 -10.70
CA LEU E 470 89.07 28.25 -11.90
C LEU E 470 90.15 28.36 -12.97
N LEU E 471 90.72 29.54 -13.14
CA LEU E 471 91.74 29.77 -14.16
C LEU E 471 93.13 29.79 -13.56
N PHE E 482 94.45 36.08 -23.15
CA PHE E 482 93.17 35.85 -22.47
C PHE E 482 92.39 37.17 -22.34
N SER E 483 93.09 38.29 -22.59
CA SER E 483 92.44 39.58 -22.47
C SER E 483 91.33 39.75 -23.50
N ASP E 484 91.55 39.27 -24.73
CA ASP E 484 90.51 39.35 -25.75
C ASP E 484 89.28 38.54 -25.36
N TYR E 485 89.49 37.33 -24.82
CA TYR E 485 88.36 36.50 -24.39
C TYR E 485 87.56 37.20 -23.30
N LEU E 486 88.26 37.77 -22.31
CA LEU E 486 87.58 38.46 -21.23
C LEU E 486 86.82 39.68 -21.74
N GLN E 487 87.44 40.45 -22.64
CA GLN E 487 86.77 41.63 -23.19
C GLN E 487 85.52 41.23 -23.97
N GLY E 488 85.62 40.18 -24.77
CA GLY E 488 84.47 39.74 -25.55
C GLY E 488 83.34 39.25 -24.68
N LEU E 489 83.66 38.43 -23.68
CA LEU E 489 82.62 37.93 -22.77
C LEU E 489 81.99 39.06 -21.99
N CYS E 490 82.80 40.02 -21.52
CA CYS E 490 82.27 41.15 -20.76
C CYS E 490 81.37 42.02 -21.62
N SER E 491 81.77 42.28 -22.88
CA SER E 491 80.93 43.07 -23.76
C SER E 491 79.65 42.33 -24.14
N LEU E 492 79.73 41.01 -24.29
CA LEU E 492 78.53 40.21 -24.52
C LEU E 492 77.56 40.34 -23.36
N ALA E 493 78.08 40.24 -22.13
CA ALA E 493 77.23 40.39 -20.95
C ALA E 493 76.63 41.79 -20.89
N ALA E 494 77.42 42.81 -21.22
CA ALA E 494 76.93 44.19 -21.17
C ALA E 494 75.82 44.40 -22.21
N ASP E 495 76.02 43.90 -23.43
CA ASP E 495 74.98 44.07 -24.44
C ASP E 495 73.73 43.26 -24.12
N GLY E 496 73.89 42.09 -23.49
CA GLY E 496 72.72 41.41 -22.96
C GLY E 496 72.02 42.21 -21.89
N ILE E 497 72.80 42.95 -21.10
CA ILE E 497 72.22 43.81 -20.07
C ILE E 497 71.36 44.91 -20.71
N TRP E 498 71.91 45.58 -21.72
CA TRP E 498 71.12 46.62 -22.40
C TRP E 498 69.90 46.02 -23.10
N ASN E 499 70.08 44.92 -23.81
CA ASN E 499 69.05 44.37 -24.67
C ASN E 499 68.10 43.41 -23.97
N GLN E 500 68.32 43.13 -22.68
CA GLN E 500 67.51 42.17 -21.93
C GLN E 500 67.49 40.81 -22.62
N LYS E 501 68.59 40.45 -23.26
CA LYS E 501 68.71 39.22 -24.04
C LYS E 501 69.60 38.24 -23.30
N ILE E 502 69.16 36.98 -23.21
CA ILE E 502 69.92 35.94 -22.55
C ILE E 502 70.23 34.84 -23.55
N LEU E 503 69.38 34.70 -24.56
CA LEU E 503 69.55 33.68 -25.60
C LEU E 503 70.33 34.29 -26.77
N PHE E 504 71.62 34.51 -26.53
CA PHE E 504 72.47 35.17 -27.51
C PHE E 504 72.64 34.32 -28.76
N GLU E 505 72.87 34.99 -29.88
CA GLU E 505 73.13 34.34 -31.16
C GLU E 505 74.56 34.64 -31.60
N GLU E 506 74.90 34.20 -32.82
CA GLU E 506 76.27 34.37 -33.30
C GLU E 506 76.63 35.84 -33.51
N CYS E 507 75.65 36.68 -33.83
CA CYS E 507 75.93 38.06 -34.20
C CYS E 507 76.56 38.83 -33.05
N ASP E 508 76.12 38.58 -31.82
CA ASP E 508 76.72 39.24 -30.66
C ASP E 508 78.21 38.88 -30.54
N LEU E 509 78.53 37.58 -30.66
CA LEU E 509 79.91 37.16 -30.56
C LEU E 509 80.74 37.73 -31.70
N ARG E 510 80.16 37.85 -32.89
CA ARG E 510 80.86 38.48 -34.00
C ARG E 510 81.15 39.95 -33.71
N LYS E 511 80.18 40.67 -33.16
CA LYS E 511 80.38 42.08 -32.85
C LYS E 511 81.44 42.26 -31.77
N HIS E 512 81.43 41.40 -30.75
CA HIS E 512 82.38 41.50 -29.65
C HIS E 512 83.70 40.81 -29.94
N GLY E 513 83.84 40.17 -31.10
CA GLY E 513 85.05 39.43 -31.40
C GLY E 513 85.13 38.06 -30.76
N LEU E 514 84.07 37.62 -30.10
CA LEU E 514 84.05 36.28 -29.52
C LEU E 514 83.88 35.23 -30.61
N GLN E 515 84.68 34.18 -30.53
CA GLN E 515 84.71 33.13 -31.54
C GLN E 515 84.18 31.82 -30.94
N LYS E 516 84.21 30.77 -31.77
CA LYS E 516 83.69 29.48 -31.35
C LYS E 516 84.54 28.85 -30.25
N THR E 517 85.84 29.17 -30.21
CA THR E 517 86.74 28.62 -29.21
C THR E 517 86.67 29.35 -27.87
N ASP E 518 85.65 30.18 -27.67
CA ASP E 518 85.50 30.96 -26.44
C ASP E 518 84.42 30.40 -25.52
N VAL E 519 84.30 29.08 -25.44
CA VAL E 519 83.31 28.43 -24.59
C VAL E 519 83.95 28.11 -23.24
N SER E 520 83.28 28.51 -22.17
CA SER E 520 83.74 28.28 -20.81
C SER E 520 82.65 27.59 -20.00
N ALA E 521 82.94 27.35 -18.72
CA ALA E 521 81.98 26.68 -17.85
C ALA E 521 80.77 27.56 -17.56
N PHE E 522 80.97 28.87 -17.40
CA PHE E 522 79.86 29.77 -17.09
C PHE E 522 78.85 29.82 -18.24
N LEU E 523 79.34 29.83 -19.48
CA LEU E 523 78.47 29.84 -20.64
C LEU E 523 77.93 28.43 -20.89
N ARG E 524 76.96 28.33 -21.79
CA ARG E 524 76.36 27.04 -22.11
C ARG E 524 75.77 27.11 -23.51
N MET E 525 76.14 26.13 -24.34
CA MET E 525 75.60 25.98 -25.69
C MET E 525 74.45 24.97 -25.66
N ASN E 526 73.39 25.29 -26.38
CA ASN E 526 72.20 24.44 -26.43
C ASN E 526 71.78 24.18 -27.87
N ARG E 536 72.66 27.01 -32.90
CA ARG E 536 73.25 26.99 -31.57
C ARG E 536 72.65 28.10 -30.70
N PHE E 537 72.49 27.82 -29.41
CA PHE E 537 71.98 28.77 -28.45
C PHE E 537 73.03 29.04 -27.38
N TYR E 538 73.29 30.31 -27.11
CA TYR E 538 74.24 30.71 -26.08
C TYR E 538 73.46 31.23 -24.87
N SER E 539 73.79 30.71 -23.69
CA SER E 539 73.11 31.17 -22.49
C SER E 539 74.02 31.00 -21.28
N PHE E 540 74.01 31.99 -20.40
CA PHE E 540 74.75 31.87 -19.15
C PHE E 540 74.09 30.83 -18.24
N SER E 541 74.93 30.09 -17.51
CA SER E 541 74.40 29.06 -16.61
C SER E 541 73.53 29.68 -15.52
N HIS E 542 73.98 30.78 -14.93
CA HIS E 542 73.21 31.48 -13.92
C HIS E 542 73.37 32.98 -14.18
N MET E 543 72.28 33.72 -13.97
CA MET E 543 72.29 35.14 -14.34
C MET E 543 73.31 35.93 -13.53
N THR E 544 73.43 35.62 -12.22
CA THR E 544 74.37 36.36 -11.38
C THR E 544 75.77 36.36 -11.98
N PHE E 545 76.13 35.28 -12.68
CA PHE E 545 77.41 35.25 -13.37
C PHE E 545 77.50 36.33 -14.44
N GLN E 546 76.42 36.52 -15.22
CA GLN E 546 76.51 37.51 -16.29
C GLN E 546 76.44 38.93 -15.74
N GLU E 547 75.70 39.15 -14.64
CA GLU E 547 75.83 40.46 -14.00
C GLU E 547 77.23 40.69 -13.47
N PHE E 548 77.88 39.64 -12.94
CA PHE E 548 79.26 39.78 -12.46
C PHE E 548 80.19 40.15 -13.61
N PHE E 549 80.03 39.49 -14.76
CA PHE E 549 80.87 39.80 -15.91
C PHE E 549 80.60 41.20 -16.44
N ALA E 550 79.33 41.62 -16.46
CA ALA E 550 79.01 42.97 -16.90
C ALA E 550 79.62 44.02 -15.98
N ALA E 551 79.58 43.78 -14.66
CA ALA E 551 80.24 44.68 -13.72
C ALA E 551 81.74 44.70 -13.95
N MET E 552 82.33 43.53 -14.19
CA MET E 552 83.76 43.43 -14.47
C MET E 552 84.15 44.15 -15.75
N TYR E 553 83.20 44.29 -16.69
CA TYR E 553 83.50 44.93 -17.97
C TYR E 553 83.97 46.37 -17.79
N TYR E 554 83.26 47.14 -16.97
CA TYR E 554 83.49 48.58 -16.90
C TYR E 554 84.77 48.96 -16.19
N LEU E 555 85.60 48.00 -15.82
CA LEU E 555 86.88 48.27 -15.19
C LEU E 555 88.08 47.80 -16.00
N LEU E 556 87.89 46.87 -16.93
CA LEU E 556 88.98 46.39 -17.78
C LEU E 556 89.56 47.53 -18.61
N ASN E 577 79.46 50.13 -24.75
CA ASN E 577 79.69 51.42 -24.10
C ASN E 577 80.48 51.25 -22.80
N ARG E 578 81.47 52.11 -22.60
CA ARG E 578 82.31 52.07 -21.41
C ARG E 578 82.01 53.22 -20.45
N ASP E 579 81.12 54.14 -20.83
CA ASP E 579 80.75 55.25 -19.96
C ASP E 579 79.95 54.71 -18.79
N VAL E 580 80.48 54.89 -17.58
CA VAL E 580 79.86 54.32 -16.39
C VAL E 580 78.50 54.94 -16.09
N LYS E 581 78.22 56.14 -16.62
CA LYS E 581 76.98 56.84 -16.30
C LYS E 581 75.74 56.05 -16.65
N VAL E 582 75.82 55.14 -17.63
CA VAL E 582 74.66 54.33 -17.99
C VAL E 582 74.20 53.49 -16.80
N LEU E 583 75.14 53.01 -16.00
CA LEU E 583 74.77 52.30 -14.78
C LEU E 583 74.18 53.24 -13.75
N LEU E 584 74.66 54.49 -13.71
CA LEU E 584 74.25 55.42 -12.67
C LEU E 584 72.81 55.88 -12.86
N GLU E 585 72.45 56.28 -14.08
CA GLU E 585 71.17 56.96 -14.32
C GLU E 585 70.14 56.10 -15.04
N ASN E 586 70.55 55.21 -15.94
CA ASN E 586 69.60 54.39 -16.69
C ASN E 586 69.03 53.25 -15.86
N TYR E 587 69.25 53.27 -14.55
CA TYR E 587 68.53 52.37 -13.65
C TYR E 587 67.03 52.68 -13.69
N GLY E 588 66.22 51.64 -13.57
CA GLY E 588 64.78 51.76 -13.59
C GLY E 588 64.14 51.49 -14.94
N LYS E 589 64.93 51.52 -16.02
CA LYS E 589 64.40 51.14 -17.33
C LYS E 589 64.05 49.66 -17.37
N PHE E 590 64.70 48.86 -16.54
CA PHE E 590 64.41 47.43 -16.40
C PHE E 590 63.74 47.19 -15.05
N GLU E 591 62.66 46.41 -15.06
CA GLU E 591 61.99 46.07 -13.81
C GLU E 591 62.91 45.29 -12.89
N LYS E 592 62.75 45.53 -11.58
CA LYS E 592 63.44 44.84 -10.50
C LYS E 592 64.94 45.07 -10.50
N GLY E 593 65.45 45.89 -11.42
CA GLY E 593 66.79 46.43 -11.31
C GLY E 593 67.93 45.43 -11.26
N TYR E 594 68.26 44.83 -12.40
CA TYR E 594 69.46 44.00 -12.46
C TYR E 594 70.71 44.81 -12.12
N LEU E 595 70.70 46.11 -12.41
CA LEU E 595 71.90 46.95 -12.36
C LEU E 595 72.51 47.04 -10.98
N ILE E 596 71.72 47.21 -9.92
CA ILE E 596 72.27 47.37 -8.57
C ILE E 596 73.14 46.18 -8.21
N PHE E 597 72.64 44.97 -8.45
CA PHE E 597 73.45 43.78 -8.23
C PHE E 597 74.76 43.88 -9.01
N VAL E 598 74.67 44.24 -10.30
CA VAL E 598 75.86 44.57 -11.08
C VAL E 598 76.75 45.52 -10.30
N VAL E 599 76.20 46.68 -9.92
CA VAL E 599 76.99 47.70 -9.25
C VAL E 599 77.62 47.15 -7.97
N ARG E 600 76.95 46.18 -7.33
CA ARG E 600 77.53 45.59 -6.13
C ARG E 600 78.91 45.00 -6.42
N PHE E 601 79.00 44.15 -7.44
CA PHE E 601 80.31 43.63 -7.82
C PHE E 601 81.23 44.75 -8.25
N LEU E 602 80.68 45.82 -8.83
CA LEU E 602 81.51 46.98 -9.14
C LEU E 602 82.15 47.51 -7.87
N PHE E 603 81.35 47.74 -6.83
CA PHE E 603 81.92 48.14 -5.54
C PHE E 603 82.81 47.04 -4.97
N GLY E 604 82.54 45.79 -5.34
CA GLY E 604 83.45 44.72 -4.97
C GLY E 604 84.81 44.88 -5.63
N LEU E 605 84.82 45.24 -6.91
CA LEU E 605 86.06 45.21 -7.67
C LEU E 605 86.89 46.47 -7.45
N VAL E 606 86.24 47.60 -7.16
CA VAL E 606 86.95 48.87 -7.04
C VAL E 606 87.74 48.93 -5.74
N ASN E 607 87.57 47.92 -4.88
CA ASN E 607 88.35 47.85 -3.65
C ASN E 607 89.84 47.81 -3.98
N GLN E 608 90.61 48.64 -3.28
CA GLN E 608 92.01 48.84 -3.65
C GLN E 608 92.79 47.52 -3.63
N GLU E 609 92.66 46.76 -2.55
CA GLU E 609 93.31 45.45 -2.52
C GLU E 609 92.73 44.52 -3.57
N ARG E 610 91.41 44.52 -3.73
CA ARG E 610 90.78 43.66 -4.73
C ARG E 610 91.12 44.13 -6.15
N THR E 611 91.19 45.45 -6.35
CA THR E 611 91.60 45.97 -7.66
C THR E 611 93.03 45.55 -8.00
N SER E 612 93.94 45.69 -7.03
CA SER E 612 95.32 45.29 -7.26
C SER E 612 95.41 43.78 -7.53
N TYR E 613 94.64 42.98 -6.78
CA TYR E 613 94.66 41.54 -6.99
C TYR E 613 94.14 41.18 -8.38
N LEU E 614 93.07 41.84 -8.82
CA LEU E 614 92.54 41.58 -10.16
C LEU E 614 93.56 41.95 -11.23
N GLU E 615 94.21 43.11 -11.07
CA GLU E 615 95.21 43.54 -12.06
C GLU E 615 96.38 42.58 -12.11
N LYS E 616 96.86 42.13 -10.95
CA LYS E 616 98.02 41.25 -10.91
C LYS E 616 97.67 39.78 -11.17
N LYS E 617 96.38 39.43 -11.19
CA LYS E 617 95.97 38.08 -11.54
C LYS E 617 95.53 37.93 -12.99
N LEU E 618 95.12 39.02 -13.64
CA LEU E 618 94.74 38.97 -15.04
C LEU E 618 95.57 39.87 -15.94
N SER E 619 96.61 40.52 -15.40
CA SER E 619 97.54 41.36 -16.16
C SER E 619 96.83 42.53 -16.84
N CYS E 620 95.66 42.92 -16.34
CA CYS E 620 94.89 44.02 -16.90
C CYS E 620 95.01 45.26 -16.00
N LYS E 621 94.30 46.31 -16.38
CA LYS E 621 94.29 47.56 -15.65
C LYS E 621 92.86 47.94 -15.29
N ILE E 622 92.69 48.56 -14.12
CA ILE E 622 91.38 48.94 -13.61
C ILE E 622 91.33 50.46 -13.53
N SER E 623 90.27 51.05 -14.09
CA SER E 623 90.08 52.49 -14.00
C SER E 623 89.82 52.91 -12.56
N GLN E 624 90.20 54.16 -12.25
CA GLN E 624 90.08 54.67 -10.89
C GLN E 624 89.11 55.83 -10.74
N GLN E 625 88.81 56.58 -11.82
CA GLN E 625 87.79 57.61 -11.73
C GLN E 625 86.41 57.02 -11.47
N VAL E 626 86.23 55.72 -11.73
CA VAL E 626 84.97 55.05 -11.45
C VAL E 626 84.64 55.15 -9.97
N ARG E 627 85.64 55.04 -9.09
CA ARG E 627 85.40 55.13 -7.66
C ARG E 627 84.85 56.49 -7.27
N LEU E 628 85.43 57.57 -7.82
CA LEU E 628 84.95 58.90 -7.50
C LEU E 628 83.55 59.14 -8.06
N GLU E 629 83.30 58.66 -9.28
CA GLU E 629 81.95 58.79 -9.84
C GLU E 629 80.94 58.02 -8.99
N LEU E 630 81.34 56.86 -8.47
CA LEU E 630 80.45 56.09 -7.62
C LEU E 630 80.22 56.79 -6.29
N LEU E 631 81.26 57.45 -5.75
CA LEU E 631 81.06 58.34 -4.62
C LEU E 631 79.98 59.36 -4.91
N LYS E 632 80.13 60.08 -6.02
CA LYS E 632 79.18 61.13 -6.36
C LYS E 632 77.76 60.55 -6.48
N TRP E 633 77.64 59.35 -7.05
CA TRP E 633 76.35 58.68 -7.10
C TRP E 633 75.83 58.37 -5.70
N ILE E 634 76.73 58.05 -4.76
CA ILE E 634 76.31 57.79 -3.39
C ILE E 634 75.68 59.04 -2.78
N GLU E 635 76.33 60.20 -2.95
CA GLU E 635 75.70 61.42 -2.43
C GLU E 635 74.43 61.76 -3.19
N VAL E 636 74.36 61.45 -4.48
CA VAL E 636 73.13 61.69 -5.23
C VAL E 636 71.99 60.87 -4.65
N LYS E 637 72.24 59.60 -4.37
CA LYS E 637 71.21 58.75 -3.77
C LYS E 637 70.85 59.23 -2.37
N ALA E 638 71.84 59.62 -1.56
CA ALA E 638 71.58 59.97 -0.18
C ALA E 638 70.80 61.28 -0.07
N LYS E 639 71.15 62.29 -0.87
CA LYS E 639 70.61 63.63 -0.70
C LYS E 639 69.45 63.93 -1.64
N ALA E 640 68.96 62.96 -2.39
CA ALA E 640 67.87 63.21 -3.31
C ALA E 640 66.55 63.34 -2.57
N LYS E 641 65.56 63.89 -3.27
CA LYS E 641 64.22 64.10 -2.70
C LYS E 641 63.28 62.95 -3.06
N LYS E 642 63.08 62.71 -4.35
CA LYS E 642 62.18 61.65 -4.83
C LYS E 642 62.87 60.31 -4.62
N LEU E 643 62.82 59.84 -3.36
CA LEU E 643 63.52 58.63 -2.95
C LEU E 643 62.71 57.36 -3.20
N GLN E 644 61.50 57.48 -3.73
CA GLN E 644 60.65 56.30 -3.91
C GLN E 644 61.22 55.36 -4.98
N TRP E 645 61.65 55.91 -6.11
CA TRP E 645 62.12 55.08 -7.21
C TRP E 645 63.45 54.41 -6.89
N GLN E 646 64.28 55.05 -6.07
CA GLN E 646 65.56 54.47 -5.71
C GLN E 646 65.35 53.23 -4.84
N PRO E 647 66.26 52.26 -4.93
CA PRO E 647 66.16 51.07 -4.06
C PRO E 647 66.48 51.41 -2.60
N SER E 648 66.23 50.47 -1.71
CA SER E 648 66.31 50.73 -0.27
C SER E 648 67.74 51.00 0.16
N GLN E 649 67.87 51.56 1.37
CA GLN E 649 69.18 51.89 1.92
C GLN E 649 69.94 50.64 2.33
N LEU E 650 69.23 49.54 2.60
CA LEU E 650 69.89 48.28 2.90
C LEU E 650 70.74 47.80 1.73
N GLU E 651 70.33 48.11 0.51
CA GLU E 651 71.18 47.81 -0.65
C GLU E 651 72.47 48.62 -0.60
N LEU E 652 72.37 49.89 -0.22
CA LEU E 652 73.56 50.73 -0.06
C LEU E 652 74.50 50.13 0.98
N PHE E 653 73.94 49.61 2.07
CA PHE E 653 74.79 49.04 3.12
C PHE E 653 75.39 47.72 2.71
N TYR E 654 74.64 46.88 1.98
CA TYR E 654 75.24 45.72 1.32
C TYR E 654 76.42 46.13 0.46
N CYS E 655 76.27 47.20 -0.31
CA CYS E 655 77.35 47.66 -1.18
C CYS E 655 78.58 48.07 -0.36
N LEU E 656 78.37 48.92 0.64
CA LEU E 656 79.48 49.43 1.44
C LEU E 656 80.15 48.32 2.23
N TYR E 657 79.42 47.25 2.55
CA TYR E 657 80.04 46.07 3.16
C TYR E 657 80.79 45.24 2.14
N GLU E 658 80.26 45.16 0.91
CA GLU E 658 80.92 44.40 -0.14
C GLU E 658 82.30 44.99 -0.45
N MET E 659 82.38 46.32 -0.50
CA MET E 659 83.63 46.95 -0.90
C MET E 659 84.73 46.72 0.13
N GLN E 660 84.44 46.96 1.42
CA GLN E 660 85.39 46.79 2.52
C GLN E 660 86.60 47.73 2.41
N GLU E 661 86.37 48.99 2.04
CA GLU E 661 87.42 50.01 2.01
C GLU E 661 87.15 51.05 3.09
N GLU E 662 87.93 51.00 4.18
CA GLU E 662 87.57 51.71 5.41
C GLU E 662 87.40 53.21 5.17
N ASP E 663 88.40 53.86 4.58
CA ASP E 663 88.39 55.32 4.52
C ASP E 663 87.27 55.83 3.61
N PHE E 664 87.08 55.21 2.45
CA PHE E 664 86.05 55.67 1.54
C PHE E 664 84.66 55.30 2.08
N VAL E 665 84.54 54.18 2.80
CA VAL E 665 83.29 53.91 3.52
C VAL E 665 82.97 55.05 4.47
N GLN E 666 83.95 55.46 5.29
CA GLN E 666 83.70 56.54 6.24
C GLN E 666 83.31 57.82 5.54
N SER E 667 84.05 58.19 4.49
CA SER E 667 83.80 59.46 3.81
C SER E 667 82.45 59.46 3.11
N ALA E 668 82.11 58.40 2.38
CA ALA E 668 80.86 58.36 1.64
C ALA E 668 79.68 58.03 2.54
N MET E 669 79.93 57.59 3.77
CA MET E 669 78.88 57.21 4.68
C MET E 669 78.60 58.26 5.75
N ASP E 670 79.51 59.23 5.92
CA ASP E 670 79.20 60.40 6.74
C ASP E 670 78.06 61.23 6.18
N HIS E 671 77.50 60.84 5.03
CA HIS E 671 76.39 61.55 4.40
C HIS E 671 75.04 60.95 4.78
N PHE E 672 74.96 60.24 5.91
CA PHE E 672 73.74 59.64 6.40
C PHE E 672 73.51 60.05 7.85
N PRO E 673 73.06 61.29 8.08
CA PRO E 673 72.71 61.68 9.46
C PRO E 673 71.59 60.85 10.06
N LYS E 674 70.64 60.40 9.24
CA LYS E 674 69.53 59.56 9.69
C LYS E 674 69.56 58.26 8.92
N ILE E 675 69.51 57.14 9.65
CA ILE E 675 69.61 55.81 9.05
C ILE E 675 68.35 55.02 9.41
N GLU E 676 67.70 54.48 8.40
CA GLU E 676 66.55 53.59 8.58
C GLU E 676 66.79 52.31 7.81
N ILE E 677 66.70 51.18 8.49
CA ILE E 677 66.97 49.88 7.88
C ILE E 677 65.97 48.87 8.43
N ASN E 678 65.65 47.87 7.61
CA ASN E 678 64.73 46.80 7.99
C ASN E 678 65.44 45.47 7.79
N LEU E 679 65.64 44.74 8.88
CA LEU E 679 66.49 43.56 8.90
C LEU E 679 65.66 42.29 8.96
N SER E 680 66.02 41.29 8.15
CA SER E 680 65.28 40.05 8.10
C SER E 680 66.13 38.80 8.00
N THR E 681 67.45 38.87 8.21
CA THR E 681 68.31 37.70 8.13
C THR E 681 69.63 38.00 8.84
N ARG E 682 70.46 36.97 8.94
CA ARG E 682 71.77 37.13 9.57
C ARG E 682 72.65 38.09 8.78
N MET E 683 72.60 38.00 7.45
CA MET E 683 73.43 38.88 6.62
C MET E 683 73.06 40.34 6.83
N ASP E 684 71.77 40.63 6.97
CA ASP E 684 71.34 41.99 7.28
C ASP E 684 71.97 42.47 8.58
N HIS E 685 71.94 41.62 9.61
CA HIS E 685 72.53 42.00 10.90
C HIS E 685 74.02 42.25 10.77
N VAL E 686 74.73 41.40 10.03
CA VAL E 686 76.17 41.54 9.91
C VAL E 686 76.53 42.82 9.16
N VAL E 687 75.86 43.06 8.03
CA VAL E 687 76.18 44.25 7.25
C VAL E 687 75.83 45.51 8.02
N SER E 688 74.72 45.49 8.76
CA SER E 688 74.37 46.64 9.59
C SER E 688 75.39 46.86 10.69
N SER E 689 75.84 45.79 11.34
CA SER E 689 76.86 45.92 12.37
C SER E 689 78.09 46.60 11.79
N PHE E 690 78.58 46.10 10.65
CA PHE E 690 79.75 46.69 10.02
C PHE E 690 79.50 48.17 9.68
N CYS E 691 78.35 48.46 9.07
CA CYS E 691 78.10 49.80 8.55
C CYS E 691 77.99 50.82 9.67
N ILE E 692 77.12 50.58 10.66
CA ILE E 692 77.01 51.53 11.77
C ILE E 692 78.27 51.57 12.61
N LYS E 693 79.03 50.47 12.69
CA LYS E 693 80.33 50.54 13.35
C LYS E 693 81.26 51.49 12.61
N ASN E 694 81.15 51.56 11.28
CA ASN E 694 81.96 52.49 10.52
C ASN E 694 81.42 53.92 10.62
N CYS E 695 80.13 54.08 10.91
CA CYS E 695 79.53 55.41 10.96
C CYS E 695 80.13 56.24 12.09
N HIS E 696 80.22 57.55 11.85
CA HIS E 696 80.77 58.46 12.84
C HIS E 696 79.96 59.74 13.03
N ARG E 697 78.99 60.03 12.16
CA ARG E 697 78.21 61.25 12.26
C ARG E 697 76.73 60.98 12.01
N VAL E 698 76.18 59.97 12.66
CA VAL E 698 74.76 59.65 12.57
C VAL E 698 74.06 60.12 13.83
N LYS E 699 72.89 60.73 13.67
CA LYS E 699 72.11 61.26 14.79
C LYS E 699 70.85 60.45 15.07
N THR E 700 70.00 60.25 14.07
CA THR E 700 68.77 59.49 14.23
C THR E 700 68.96 58.11 13.62
N LEU E 701 68.58 57.07 14.36
CA LEU E 701 68.73 55.71 13.88
C LEU E 701 67.45 54.93 14.18
N SER E 702 67.00 54.16 13.20
CA SER E 702 65.83 53.31 13.36
C SER E 702 66.18 51.90 12.90
N LEU E 703 65.44 50.93 13.43
CA LEU E 703 65.69 49.53 13.12
C LEU E 703 64.37 48.81 12.94
N GLY E 704 64.39 47.77 12.11
CA GLY E 704 63.23 46.91 11.95
C GLY E 704 63.60 45.45 11.97
N PHE E 705 63.10 44.72 12.96
CA PHE E 705 63.38 43.29 13.08
C PHE E 705 62.18 42.55 12.51
N PHE E 706 62.09 42.55 11.19
CA PHE E 706 60.96 42.00 10.46
C PHE E 706 61.20 40.52 10.20
N HIS E 707 60.52 39.66 10.97
CA HIS E 707 60.63 38.23 10.78
C HIS E 707 59.35 37.65 10.18
N THR E 747 65.75 37.32 19.37
CA THR E 747 66.79 38.06 18.68
C THR E 747 67.88 38.50 19.66
N SER E 748 68.16 37.66 20.65
CA SER E 748 69.17 37.99 21.65
C SER E 748 70.54 38.13 21.02
N SER E 749 70.94 37.15 20.22
CA SER E 749 72.22 37.24 19.52
C SER E 749 72.22 38.41 18.53
N PHE E 750 71.10 38.61 17.83
CA PHE E 750 70.98 39.72 16.89
C PHE E 750 71.17 41.04 17.61
N CYS E 751 70.46 41.21 18.74
CA CYS E 751 70.52 42.44 19.51
C CYS E 751 71.93 42.66 20.05
N ARG E 752 72.57 41.61 20.55
CA ARG E 752 73.94 41.77 21.04
C ARG E 752 74.87 42.22 19.92
N GLY E 753 74.83 41.52 18.79
CA GLY E 753 75.72 41.85 17.69
C GLY E 753 75.54 43.26 17.18
N LEU E 754 74.29 43.74 17.11
CA LEU E 754 74.08 45.10 16.65
C LEU E 754 74.46 46.12 17.73
N PHE E 755 73.87 45.99 18.92
CA PHE E 755 73.95 47.03 19.93
C PHE E 755 75.29 47.07 20.65
N SER E 756 76.18 46.09 20.43
CA SER E 756 77.51 46.20 21.00
C SER E 756 78.23 47.43 20.43
N SER E 757 78.09 47.67 19.13
CA SER E 757 78.75 48.82 18.51
C SER E 757 78.08 50.13 18.90
N LEU E 758 76.77 50.12 19.15
CA LEU E 758 76.04 51.35 19.43
C LEU E 758 76.54 52.01 20.71
N SER E 759 76.99 51.22 21.69
CA SER E 759 77.57 51.79 22.90
C SER E 759 78.86 52.54 22.58
N THR E 760 79.63 52.06 21.61
CA THR E 760 80.85 52.73 21.20
C THR E 760 80.62 53.91 20.26
N ASN E 761 79.40 54.04 19.72
CA ASN E 761 79.10 55.15 18.83
C ASN E 761 78.93 56.42 19.64
N ARG E 762 79.75 57.43 19.33
CA ARG E 762 79.75 58.69 20.08
C ARG E 762 78.92 59.77 19.42
N SER E 763 78.18 59.44 18.37
CA SER E 763 77.36 60.42 17.66
C SER E 763 75.87 60.18 17.75
N LEU E 764 75.43 58.97 18.09
CA LEU E 764 74.01 58.66 18.08
C LEU E 764 73.28 59.45 19.16
N THR E 765 72.09 59.95 18.82
CA THR E 765 71.26 60.71 19.76
C THR E 765 69.81 60.26 19.83
N GLU E 766 69.25 59.69 18.77
CA GLU E 766 67.88 59.20 18.79
C GLU E 766 67.84 57.79 18.24
N LEU E 767 67.13 56.92 18.95
CA LEU E 767 67.07 55.49 18.61
C LEU E 767 65.62 55.06 18.57
N ASP E 768 65.08 54.88 17.37
CA ASP E 768 63.70 54.45 17.20
C ASP E 768 63.66 52.92 17.11
N LEU E 769 62.78 52.32 17.90
CA LEU E 769 62.58 50.87 17.84
C LEU E 769 61.10 50.51 17.92
N SER E 770 60.21 51.41 17.50
CA SER E 770 58.78 51.17 17.61
C SER E 770 58.34 50.01 16.73
N ASP E 771 57.32 49.30 17.20
CA ASP E 771 56.64 48.21 16.51
C ASP E 771 57.50 46.99 16.29
N ASN E 772 58.78 47.03 16.63
CA ASN E 772 59.61 45.83 16.55
C ASN E 772 59.30 44.91 17.71
N THR E 773 59.02 43.65 17.40
CA THR E 773 58.76 42.66 18.45
C THR E 773 60.09 42.04 18.91
N LEU E 774 60.98 42.93 19.37
CA LEU E 774 62.28 42.48 19.85
C LEU E 774 62.19 41.67 21.12
N GLY E 775 61.03 41.65 21.76
CA GLY E 775 60.82 40.82 22.92
C GLY E 775 61.47 41.39 24.17
N ASP E 776 61.33 40.64 25.26
CA ASP E 776 61.85 41.11 26.55
C ASP E 776 63.34 40.83 26.69
N PRO E 777 63.88 39.64 26.41
CA PRO E 777 65.34 39.45 26.51
C PRO E 777 66.12 40.36 25.59
N GLY E 778 65.59 40.66 24.40
CA GLY E 778 66.25 41.62 23.54
C GLY E 778 66.29 43.00 24.16
N MET E 779 65.21 43.40 24.83
CA MET E 779 65.20 44.69 25.52
C MET E 779 66.22 44.70 26.65
N ARG E 780 66.36 43.56 27.34
CA ARG E 780 67.41 43.43 28.35
C ARG E 780 68.79 43.67 27.73
N VAL E 781 69.08 42.95 26.64
CA VAL E 781 70.37 43.08 25.97
C VAL E 781 70.62 44.53 25.57
N LEU E 782 69.59 45.20 25.05
CA LEU E 782 69.69 46.61 24.75
C LEU E 782 70.07 47.41 26.00
N CYS E 783 69.49 47.04 27.15
CA CYS E 783 69.81 47.76 28.38
C CYS E 783 71.27 47.60 28.77
N GLU E 784 71.81 46.38 28.70
CA GLU E 784 73.24 46.25 28.98
C GLU E 784 74.08 47.00 27.95
N ALA E 785 73.59 47.11 26.72
CA ALA E 785 74.31 47.88 25.71
C ALA E 785 74.34 49.37 26.07
N LEU E 786 73.22 49.90 26.58
CA LEU E 786 73.12 51.33 26.81
C LEU E 786 73.92 51.78 28.03
N GLN E 787 74.07 50.91 29.02
CA GLN E 787 74.66 51.31 30.30
C GLN E 787 76.13 51.67 30.15
N HIS E 788 76.73 51.33 29.02
CA HIS E 788 78.12 51.72 28.77
C HIS E 788 78.24 53.24 28.70
N PRO E 789 79.24 53.82 29.35
CA PRO E 789 79.34 55.29 29.38
C PRO E 789 79.57 55.92 28.01
N GLY E 790 80.01 55.14 27.01
CA GLY E 790 80.29 55.71 25.71
C GLY E 790 79.07 56.18 24.95
N CYS E 791 77.94 55.53 25.15
CA CYS E 791 76.75 55.83 24.37
C CYS E 791 76.22 57.22 24.70
N ASN E 792 75.83 57.96 23.66
CA ASN E 792 75.35 59.33 23.79
C ASN E 792 73.86 59.46 23.44
N ILE E 793 73.10 58.37 23.58
CA ILE E 793 71.69 58.42 23.24
C ILE E 793 70.95 59.29 24.25
N GLN E 794 70.24 60.29 23.75
CA GLN E 794 69.41 61.18 24.57
C GLN E 794 67.94 60.91 24.38
N ARG E 795 67.57 59.87 23.63
CA ARG E 795 66.18 59.71 23.21
C ARG E 795 65.95 58.26 22.86
N LEU E 796 64.90 57.67 23.42
CA LEU E 796 64.62 56.25 23.19
C LEU E 796 63.12 56.05 23.11
N TRP E 797 62.64 55.58 21.97
CA TRP E 797 61.22 55.32 21.77
C TRP E 797 60.99 53.83 21.59
N LEU E 798 60.04 53.28 22.34
CA LEU E 798 59.83 51.84 22.41
C LEU E 798 58.35 51.50 22.29
N GLY E 799 57.64 52.12 21.37
CA GLY E 799 56.22 51.88 21.24
C GLY E 799 55.93 50.48 20.68
N ARG E 800 54.97 49.81 21.32
CA ARG E 800 54.46 48.52 20.85
C ARG E 800 55.56 47.48 20.69
N CYS E 801 56.64 47.60 21.47
CA CYS E 801 57.70 46.61 21.41
C CYS E 801 57.31 45.26 21.99
N GLY E 802 56.15 45.17 22.64
CA GLY E 802 55.77 43.92 23.26
C GLY E 802 56.51 43.61 24.53
N LEU E 803 57.04 44.61 25.21
CA LEU E 803 57.79 44.40 26.44
C LEU E 803 56.83 43.98 27.56
N SER E 804 57.35 43.88 28.78
CA SER E 804 56.54 43.55 29.94
C SER E 804 57.25 44.08 31.17
N HIS E 805 56.78 43.66 32.34
CA HIS E 805 57.33 44.17 33.60
C HIS E 805 58.79 43.76 33.79
N GLN E 806 59.24 42.70 33.12
CA GLN E 806 60.61 42.24 33.29
C GLN E 806 61.60 43.29 32.82
N CYS E 807 61.31 43.94 31.69
CA CYS E 807 62.21 44.95 31.15
C CYS E 807 62.29 46.19 32.04
N CYS E 808 61.31 46.39 32.92
CA CYS E 808 61.30 47.59 33.75
C CYS E 808 62.47 47.63 34.71
N PHE E 809 62.88 46.48 35.25
CA PHE E 809 64.06 46.44 36.11
C PHE E 809 65.30 46.92 35.37
N ASP E 810 65.49 46.42 34.15
CA ASP E 810 66.66 46.81 33.36
C ASP E 810 66.59 48.29 33.00
N ILE E 811 65.41 48.78 32.62
CA ILE E 811 65.27 50.18 32.27
C ILE E 811 65.52 51.08 33.48
N SER E 812 65.09 50.62 34.66
CA SER E 812 65.36 51.37 35.88
C SER E 812 66.86 51.46 36.14
N SER E 813 67.58 50.35 35.92
CA SER E 813 69.03 50.38 36.05
C SER E 813 69.64 51.37 35.06
N VAL E 814 69.14 51.37 33.82
CA VAL E 814 69.65 52.28 32.80
C VAL E 814 69.45 53.73 33.23
N LEU E 815 68.25 54.05 33.72
CA LEU E 815 67.96 55.41 34.14
C LEU E 815 68.83 55.82 35.32
N SER E 816 69.01 54.92 36.29
CA SER E 816 69.83 55.25 37.45
C SER E 816 71.31 55.33 37.10
N SER E 817 71.74 54.76 35.97
CA SER E 817 73.15 54.77 35.61
C SER E 817 73.49 55.76 34.50
N SER E 818 72.53 56.15 33.66
CA SER E 818 72.78 57.03 32.52
C SER E 818 72.19 58.41 32.79
N GLN E 819 73.00 59.44 32.56
CA GLN E 819 72.58 60.82 32.77
C GLN E 819 72.41 61.59 31.47
N LYS E 820 72.47 60.92 30.33
CA LYS E 820 72.29 61.57 29.04
C LYS E 820 70.88 61.39 28.47
N LEU E 821 70.17 60.34 28.87
CA LEU E 821 68.83 60.10 28.36
C LEU E 821 67.91 61.25 28.78
N VAL E 822 67.11 61.74 27.83
CA VAL E 822 66.25 62.90 28.05
C VAL E 822 64.78 62.51 28.11
N GLU E 823 64.24 61.95 27.03
CA GLU E 823 62.87 61.46 27.05
C GLU E 823 62.87 59.96 26.86
N LEU E 824 61.68 59.37 26.95
CA LEU E 824 61.55 57.92 26.92
C LEU E 824 60.09 57.57 26.64
N ASP E 825 59.87 56.60 25.75
CA ASP E 825 58.53 56.17 25.38
C ASP E 825 58.37 54.69 25.73
N LEU E 826 57.20 54.35 26.28
CA LEU E 826 56.87 52.96 26.56
C LEU E 826 55.41 52.66 26.23
N SER E 827 54.86 53.36 25.24
CA SER E 827 53.44 53.26 24.97
C SER E 827 53.07 51.86 24.48
N ASP E 828 51.90 51.39 24.90
CA ASP E 828 51.29 50.15 24.41
C ASP E 828 52.12 48.91 24.73
N ASN E 829 52.83 48.93 25.85
CA ASN E 829 53.44 47.73 26.41
C ASN E 829 52.78 47.40 27.73
N ALA E 830 52.47 46.13 27.94
CA ALA E 830 51.72 45.74 29.13
C ALA E 830 52.62 45.76 30.37
N LEU E 831 53.17 46.93 30.69
CA LEU E 831 54.05 47.05 31.85
C LEU E 831 53.29 46.73 33.14
N GLY E 832 52.10 47.28 33.30
CA GLY E 832 51.31 47.05 34.49
C GLY E 832 51.76 47.89 35.66
N ASP E 833 50.94 47.88 36.71
CA ASP E 833 51.25 48.63 37.91
C ASP E 833 52.54 48.15 38.57
N PHE E 834 52.81 46.84 38.51
CA PHE E 834 54.09 46.35 39.02
C PHE E 834 55.26 46.90 38.21
N GLY E 835 55.09 46.96 36.89
CA GLY E 835 56.14 47.56 36.06
C GLY E 835 56.38 49.00 36.41
N ILE E 836 55.31 49.75 36.69
CA ILE E 836 55.47 51.13 37.12
C ILE E 836 56.18 51.19 38.46
N ARG E 837 55.84 50.28 39.37
CA ARG E 837 56.51 50.22 40.67
C ARG E 837 58.00 49.97 40.49
N LEU E 838 58.36 49.16 39.51
CA LEU E 838 59.78 48.91 39.22
C LEU E 838 60.44 50.16 38.62
N LEU E 839 59.76 50.82 37.69
CA LEU E 839 60.34 52.01 37.07
C LEU E 839 60.57 53.12 38.07
N CYS E 840 59.63 53.34 38.99
CA CYS E 840 59.72 54.47 39.90
C CYS E 840 60.99 54.44 40.73
N VAL E 841 61.55 53.26 40.96
CA VAL E 841 62.80 53.15 41.70
C VAL E 841 63.92 53.85 40.94
N GLY E 842 64.01 53.60 39.63
CA GLY E 842 64.98 54.30 38.82
C GLY E 842 64.64 55.77 38.65
N LEU E 843 63.35 56.08 38.48
CA LEU E 843 62.96 57.47 38.27
C LEU E 843 63.28 58.33 39.48
N LYS E 844 63.03 57.82 40.68
CA LYS E 844 63.30 58.58 41.90
C LYS E 844 64.78 58.79 42.14
N HIS E 845 65.65 58.10 41.41
CA HIS E 845 67.09 58.26 41.60
C HIS E 845 67.52 59.68 41.27
N LEU E 846 68.46 60.21 42.05
CA LEU E 846 68.87 61.60 41.92
C LEU E 846 69.56 61.89 40.60
N LEU E 847 70.04 60.86 39.89
CA LEU E 847 70.76 61.05 38.65
C LEU E 847 69.88 60.83 37.42
N CYS E 848 68.57 60.71 37.61
CA CYS E 848 67.66 60.54 36.48
C CYS E 848 67.33 61.91 35.89
N ASN E 849 67.63 62.07 34.60
CA ASN E 849 67.41 63.33 33.90
C ASN E 849 66.24 63.26 32.93
N LEU E 850 65.30 62.34 33.16
CA LEU E 850 64.16 62.20 32.27
C LEU E 850 63.32 63.47 32.28
N GLN E 851 62.81 63.83 31.11
CA GLN E 851 61.97 65.00 30.94
C GLN E 851 60.58 64.66 30.44
N LYS E 852 60.47 63.85 29.38
CA LYS E 852 59.20 63.46 28.81
C LYS E 852 59.05 61.95 28.96
N LEU E 853 57.92 61.50 29.47
CA LEU E 853 57.69 60.09 29.73
C LEU E 853 56.30 59.71 29.23
N TRP E 854 56.24 58.92 28.17
CA TRP E 854 54.97 58.40 27.69
C TRP E 854 54.68 57.06 28.35
N LEU E 855 53.43 56.88 28.79
CA LEU E 855 52.99 55.60 29.33
C LEU E 855 51.61 55.25 28.79
N VAL E 856 51.31 55.64 27.57
CA VAL E 856 49.97 55.50 27.02
C VAL E 856 49.63 54.03 26.84
N SER E 857 48.45 53.63 27.34
CA SER E 857 47.92 52.28 27.15
C SER E 857 48.86 51.21 27.69
N CYS E 858 49.44 51.47 28.85
CA CYS E 858 50.35 50.52 29.50
C CYS E 858 49.62 49.54 30.41
N CYS E 859 48.30 49.40 30.25
CA CYS E 859 47.50 48.47 31.06
C CYS E 859 47.66 48.74 32.55
N LEU E 860 47.73 50.02 32.91
CA LEU E 860 47.90 50.38 34.31
C LEU E 860 46.56 50.39 35.05
N THR E 861 46.63 50.64 36.35
CA THR E 861 45.46 50.84 37.19
C THR E 861 45.79 51.96 38.17
N SER E 862 44.86 52.22 39.09
CA SER E 862 45.06 53.30 40.06
C SER E 862 46.18 53.00 41.03
N ALA E 863 46.46 51.72 41.28
CA ALA E 863 47.42 51.34 42.31
C ALA E 863 48.81 51.90 42.02
N CYS E 864 49.20 51.94 40.75
CA CYS E 864 50.51 52.47 40.40
C CYS E 864 50.60 53.97 40.68
N CYS E 865 49.47 54.68 40.63
CA CYS E 865 49.47 56.13 40.68
C CYS E 865 50.22 56.65 41.90
N GLN E 866 49.99 56.02 43.06
CA GLN E 866 50.67 56.44 44.28
C GLN E 866 52.18 56.51 44.07
N ASP E 867 52.75 55.44 43.51
CA ASP E 867 54.19 55.43 43.26
C ASP E 867 54.57 56.59 42.35
N LEU E 868 53.80 56.81 41.29
CA LEU E 868 54.07 57.91 40.38
C LEU E 868 54.13 59.23 41.12
N ALA E 869 53.28 59.39 42.13
CA ALA E 869 53.28 60.63 42.89
C ALA E 869 54.66 60.91 43.48
N LEU E 870 55.29 59.88 44.05
CA LEU E 870 56.61 60.07 44.65
C LEU E 870 57.61 60.59 43.63
N VAL E 871 57.46 60.16 42.38
CA VAL E 871 58.37 60.64 41.33
C VAL E 871 58.32 62.16 41.24
N LEU E 872 57.11 62.71 41.24
CA LEU E 872 56.97 64.17 41.14
C LEU E 872 57.53 64.87 42.35
N SER E 873 57.64 64.17 43.49
CA SER E 873 58.25 64.73 44.67
C SER E 873 59.70 64.30 44.85
N SER E 874 60.24 63.53 43.91
CA SER E 874 61.65 63.15 43.94
C SER E 874 62.42 63.62 42.72
N ASN E 875 61.84 63.50 41.54
CA ASN E 875 62.47 63.94 40.31
C ASN E 875 61.85 65.26 39.87
N HIS E 876 62.68 66.27 39.68
CA HIS E 876 62.22 67.57 39.23
C HIS E 876 62.46 67.80 37.73
N SER E 877 63.24 66.93 37.07
CA SER E 877 63.46 67.09 35.65
C SER E 877 62.26 66.61 34.84
N LEU E 878 61.39 65.79 35.41
CA LEU E 878 60.21 65.29 34.69
C LEU E 878 59.25 66.45 34.46
N THR E 879 59.23 66.97 33.24
CA THR E 879 58.35 68.09 32.92
C THR E 879 56.97 67.61 32.50
N ARG E 880 56.89 66.83 31.42
CA ARG E 880 55.61 66.44 30.86
C ARG E 880 55.42 64.93 30.98
N LEU E 881 54.21 64.53 31.35
CA LEU E 881 53.83 63.16 31.56
C LEU E 881 52.63 62.84 30.69
N TYR E 882 52.56 61.61 30.19
CA TYR E 882 51.44 61.22 29.33
C TYR E 882 50.97 59.83 29.77
N ILE E 883 50.04 59.81 30.70
CA ILE E 883 49.57 58.55 31.29
C ILE E 883 48.14 58.27 30.85
N GLY E 884 47.78 58.75 29.66
CA GLY E 884 46.44 58.58 29.18
C GLY E 884 46.15 57.16 28.74
N GLU E 885 44.87 56.91 28.51
CA GLU E 885 44.36 55.61 28.03
C GLU E 885 44.75 54.51 29.03
N ASN E 886 44.39 54.72 30.28
CA ASN E 886 44.55 53.72 31.33
C ASN E 886 43.32 53.75 32.22
N ALA E 887 43.07 52.64 32.90
CA ALA E 887 41.95 52.58 33.82
C ALA E 887 42.35 53.16 35.17
N LEU E 888 42.89 54.38 35.16
CA LEU E 888 43.31 55.02 36.41
C LEU E 888 42.13 55.27 37.33
N GLY E 889 41.21 56.12 36.90
CA GLY E 889 40.04 56.44 37.69
C GLY E 889 40.24 57.60 38.64
N ASP E 890 39.14 57.97 39.30
CA ASP E 890 39.13 59.13 40.19
C ASP E 890 40.09 58.95 41.35
N SER E 891 40.15 57.73 41.92
CA SER E 891 41.05 57.49 43.04
C SER E 891 42.50 57.77 42.65
N GLY E 892 42.92 57.21 41.52
CA GLY E 892 44.29 57.43 41.08
C GLY E 892 44.58 58.88 40.73
N VAL E 893 43.64 59.53 40.07
CA VAL E 893 43.85 60.94 39.71
C VAL E 893 43.95 61.79 40.96
N GLN E 894 43.09 61.53 41.95
CA GLN E 894 43.15 62.28 43.21
C GLN E 894 44.47 62.03 43.93
N VAL E 895 44.94 60.78 43.94
CA VAL E 895 46.20 60.47 44.59
C VAL E 895 47.34 61.22 43.92
N LEU E 896 47.36 61.24 42.59
CA LEU E 896 48.39 61.97 41.87
C LEU E 896 48.31 63.46 42.16
N CYS E 897 47.10 64.03 42.10
CA CYS E 897 46.93 65.46 42.27
C CYS E 897 47.31 65.92 43.66
N GLU E 898 46.95 65.14 44.69
CA GLU E 898 47.22 65.55 46.06
C GLU E 898 48.70 65.79 46.29
N LYS E 899 49.55 64.94 45.72
CA LYS E 899 50.98 65.18 45.75
C LYS E 899 51.41 66.19 44.70
N MET E 900 50.55 66.47 43.72
CA MET E 900 50.88 67.40 42.66
C MET E 900 50.62 68.86 43.02
N LYS E 901 49.84 69.13 44.08
CA LYS E 901 49.49 70.51 44.41
C LYS E 901 50.68 71.34 44.86
N ASP E 902 51.81 70.72 45.17
CA ASP E 902 52.96 71.49 45.65
C ASP E 902 53.43 72.44 44.57
N PRO E 903 53.60 73.73 44.86
CA PRO E 903 54.12 74.66 43.84
C PRO E 903 55.52 74.31 43.37
N GLN E 904 56.28 73.55 44.14
CA GLN E 904 57.61 73.15 43.71
C GLN E 904 57.55 72.04 42.65
N CYS E 905 56.42 71.35 42.53
CA CYS E 905 56.28 70.33 41.50
C CYS E 905 56.45 70.95 40.12
N ASN E 906 57.25 70.30 39.28
CA ASN E 906 57.67 70.86 38.00
C ASN E 906 56.90 70.27 36.82
N LEU E 907 55.83 69.53 37.07
CA LEU E 907 55.08 68.93 35.97
C LEU E 907 54.34 69.99 35.17
N GLN E 908 54.34 69.82 33.84
CA GLN E 908 53.74 70.81 32.95
C GLN E 908 52.56 70.26 32.16
N LYS E 909 52.74 69.19 31.40
CA LYS E 909 51.78 68.86 30.36
C LYS E 909 51.11 67.51 30.56
N LEU E 910 50.63 67.25 31.77
CA LEU E 910 49.96 65.99 32.08
C LEU E 910 48.84 65.73 31.09
N GLY E 911 48.51 64.45 30.91
CA GLY E 911 47.43 64.06 30.04
C GLY E 911 46.71 62.82 30.53
N LEU E 912 45.38 62.84 30.52
CA LEU E 912 44.56 61.74 31.01
C LEU E 912 43.53 61.34 29.96
N VAL E 913 43.98 61.22 28.71
CA VAL E 913 43.09 60.84 27.63
C VAL E 913 42.46 59.48 27.92
N ASN E 914 41.13 59.43 27.86
CA ASN E 914 40.38 58.18 27.95
C ASN E 914 40.70 57.42 29.24
N SER E 915 40.77 58.12 30.36
CA SER E 915 41.08 57.50 31.63
C SER E 915 39.85 57.05 32.40
N GLY E 916 38.65 57.19 31.84
CA GLY E 916 37.44 56.77 32.52
C GLY E 916 37.13 57.56 33.77
N LEU E 917 37.40 58.85 33.77
CA LEU E 917 37.18 59.68 34.94
C LEU E 917 35.75 60.21 34.98
N THR E 918 35.45 60.99 36.02
CA THR E 918 34.22 61.77 36.08
C THR E 918 34.50 63.00 36.93
N SER E 919 33.44 63.67 37.38
CA SER E 919 33.57 64.97 38.05
C SER E 919 34.26 64.89 39.40
N ILE E 920 34.44 63.69 39.95
CA ILE E 920 34.99 63.55 41.29
C ILE E 920 36.42 64.08 41.36
N CYS E 921 37.24 63.73 40.37
CA CYS E 921 38.63 64.18 40.35
C CYS E 921 38.76 65.64 39.94
N CYS E 922 37.67 66.27 39.51
CA CYS E 922 37.74 67.65 39.04
C CYS E 922 38.06 68.60 40.18
N SER E 923 37.65 68.27 41.41
CA SER E 923 38.02 69.09 42.56
C SER E 923 39.53 69.06 42.79
N ALA E 924 40.14 67.87 42.69
CA ALA E 924 41.59 67.76 42.83
C ALA E 924 42.30 68.52 41.72
N LEU E 925 41.79 68.42 40.49
CA LEU E 925 42.36 69.18 39.38
C LEU E 925 42.23 70.68 39.62
N THR E 926 41.11 71.10 40.20
CA THR E 926 40.91 72.49 40.57
C THR E 926 41.97 72.94 41.58
N SER E 927 42.24 72.10 42.57
CA SER E 927 43.29 72.41 43.53
C SER E 927 44.65 72.54 42.84
N VAL E 928 44.94 71.64 41.89
CA VAL E 928 46.19 71.70 41.16
C VAL E 928 46.31 73.03 40.41
N LEU E 929 45.24 73.41 39.71
CA LEU E 929 45.26 74.67 38.98
C LEU E 929 45.40 75.86 39.91
N LYS E 930 44.73 75.83 41.07
CA LYS E 930 44.82 76.91 42.03
C LYS E 930 46.22 77.06 42.60
N THR E 931 46.94 75.95 42.78
CA THR E 931 48.23 75.99 43.45
C THR E 931 49.41 76.02 42.50
N ASN E 932 49.47 75.11 41.53
CA ASN E 932 50.64 74.99 40.67
C ASN E 932 50.77 76.19 39.75
N GLN E 933 52.01 76.64 39.52
CA GLN E 933 52.29 77.78 38.65
C GLN E 933 53.01 77.39 37.37
N ASN E 934 53.14 76.08 37.08
CA ASN E 934 53.79 75.64 35.87
C ASN E 934 52.96 74.65 35.07
N PHE E 935 51.79 74.27 35.56
CA PHE E 935 50.94 73.25 34.93
C PHE E 935 50.21 73.91 33.76
N THR E 936 50.92 74.01 32.63
CA THR E 936 50.37 74.73 31.48
C THR E 936 49.28 73.94 30.78
N HIS E 937 49.63 72.80 30.19
CA HIS E 937 48.68 72.05 29.38
C HIS E 937 47.96 71.01 30.23
N LEU E 938 46.87 70.49 29.69
CA LEU E 938 46.09 69.47 30.38
C LEU E 938 45.05 68.90 29.42
N TYR E 939 44.99 67.58 29.33
CA TYR E 939 44.12 66.91 28.37
C TYR E 939 43.08 66.11 29.13
N LEU E 940 41.83 66.11 28.66
CA LEU E 940 40.80 65.31 29.32
C LEU E 940 39.85 64.59 28.37
N ARG E 941 40.23 64.33 27.12
CA ARG E 941 39.24 63.84 26.19
C ARG E 941 38.75 62.45 26.59
N SER E 942 37.55 62.11 26.14
CA SER E 942 36.93 60.80 26.34
C SER E 942 36.74 60.49 27.83
N ASN E 943 36.51 61.52 28.64
CA ASN E 943 36.19 61.36 30.06
C ASN E 943 34.81 61.95 30.32
N ALA E 944 33.95 61.16 30.97
CA ALA E 944 32.58 61.60 31.27
C ALA E 944 32.59 62.60 32.43
N LEU E 945 33.20 63.75 32.19
CA LEU E 945 33.27 64.78 33.23
C LEU E 945 31.89 65.36 33.51
N GLY E 946 31.15 65.74 32.47
CA GLY E 946 29.85 66.35 32.63
C GLY E 946 29.94 67.83 32.96
N ASP E 947 28.76 68.46 32.96
CA ASP E 947 28.69 69.89 33.25
C ASP E 947 29.11 70.20 34.69
N THR E 948 28.80 69.30 35.64
CA THR E 948 29.29 69.50 37.01
C THR E 948 30.80 69.50 37.05
N GLY E 949 31.43 68.57 36.33
CA GLY E 949 32.88 68.55 36.27
C GLY E 949 33.46 69.78 35.61
N LEU E 950 32.80 70.27 34.56
CA LEU E 950 33.26 71.49 33.92
C LEU E 950 33.15 72.68 34.86
N ARG E 951 32.07 72.74 35.64
CA ARG E 951 31.93 73.79 36.64
C ARG E 951 33.02 73.71 37.70
N LEU E 952 33.33 72.49 38.15
CA LEU E 952 34.38 72.32 39.13
C LEU E 952 35.73 72.75 38.57
N LEU E 953 36.00 72.44 37.31
CA LEU E 953 37.22 72.91 36.66
C LEU E 953 37.23 74.44 36.56
N CYS E 954 36.08 75.03 36.23
CA CYS E 954 35.97 76.48 36.22
C CYS E 954 36.29 77.08 37.58
N GLU E 955 35.94 76.36 38.66
CA GLU E 955 36.20 76.87 40.01
C GLU E 955 37.66 77.24 40.19
N GLY E 956 38.57 76.46 39.62
CA GLY E 956 39.99 76.77 39.71
C GLY E 956 40.49 77.57 38.52
N LEU E 957 39.76 77.50 37.41
CA LEU E 957 40.15 78.24 36.22
C LEU E 957 40.10 79.74 36.46
N LEU E 958 39.08 80.21 37.19
CA LEU E 958 38.92 81.63 37.45
C LEU E 958 39.95 82.18 38.43
N HIS E 959 40.75 81.32 39.05
CA HIS E 959 41.72 81.77 40.04
C HIS E 959 42.74 82.70 39.39
N PRO E 960 43.04 83.84 39.99
CA PRO E 960 44.01 84.77 39.38
C PRO E 960 45.41 84.19 39.22
N ASP E 961 45.75 83.17 39.99
CA ASP E 961 47.07 82.55 39.92
C ASP E 961 47.16 81.46 38.86
N CYS E 962 46.10 81.26 38.07
CA CYS E 962 46.08 80.19 37.10
C CYS E 962 47.12 80.42 36.00
N LYS E 963 47.58 79.31 35.41
CA LYS E 963 48.54 79.37 34.32
C LYS E 963 48.20 78.40 33.20
N LEU E 964 47.03 77.77 33.23
CA LEU E 964 46.65 76.77 32.25
C LEU E 964 46.60 77.37 30.85
N GLN E 965 47.49 76.90 29.97
CA GLN E 965 47.58 77.43 28.61
C GLN E 965 46.88 76.56 27.58
N MET E 966 46.14 75.53 28.02
CA MET E 966 45.29 74.75 27.14
C MET E 966 44.44 73.85 28.00
N LEU E 967 43.27 73.47 27.49
CA LEU E 967 42.39 72.59 28.26
C LEU E 967 41.51 71.83 27.27
N GLU E 968 41.96 70.64 26.86
CA GLU E 968 41.22 69.83 25.91
C GLU E 968 40.01 69.19 26.58
N LEU E 969 38.86 69.22 25.88
CA LEU E 969 37.63 68.65 26.42
C LEU E 969 36.89 67.80 25.39
N ASP E 970 37.53 67.42 24.30
CA ASP E 970 36.82 66.73 23.22
C ASP E 970 36.18 65.45 23.73
N ASN E 971 34.96 65.18 23.27
CA ASN E 971 34.23 63.96 23.60
C ASN E 971 34.04 63.78 25.10
N CYS E 972 34.07 64.86 25.88
CA CYS E 972 33.86 64.75 27.32
C CYS E 972 32.40 64.52 27.68
N SER E 973 31.49 64.56 26.70
CA SER E 973 30.06 64.46 26.94
C SER E 973 29.58 65.60 27.84
N LEU E 974 29.77 66.82 27.36
CA LEU E 974 29.32 68.02 28.05
C LEU E 974 27.89 68.35 27.61
N THR E 975 27.36 69.44 28.18
CA THR E 975 26.03 69.92 27.84
C THR E 975 26.00 71.43 28.04
N SER E 976 24.84 72.02 27.75
CA SER E 976 24.67 73.46 27.73
C SER E 976 24.38 74.06 29.10
N HIS E 977 24.30 73.25 30.15
CA HIS E 977 23.92 73.78 31.46
C HIS E 977 25.05 74.60 32.07
N SER E 978 26.29 74.16 31.93
CA SER E 978 27.46 74.86 32.46
C SER E 978 27.99 75.91 31.50
N CYS E 979 27.13 76.44 30.64
CA CYS E 979 27.57 77.25 29.52
C CYS E 979 27.97 78.66 29.98
N TRP E 980 27.25 79.18 30.98
CA TRP E 980 27.68 80.40 31.66
C TRP E 980 29.09 80.25 32.20
N ASN E 981 29.44 79.04 32.63
CA ASN E 981 30.81 78.80 33.10
C ASN E 981 31.81 78.98 31.98
N LEU E 982 31.47 78.53 30.77
CA LEU E 982 32.34 78.76 29.62
C LEU E 982 32.53 80.26 29.39
N SER E 983 31.42 81.01 29.45
CA SER E 983 31.49 82.45 29.26
C SER E 983 32.38 83.09 30.32
N THR E 984 32.23 82.64 31.57
CA THR E 984 33.04 83.17 32.67
C THR E 984 34.52 82.88 32.48
N ILE E 985 34.83 81.64 32.06
CA ILE E 985 36.23 81.27 31.82
C ILE E 985 36.84 82.15 30.77
N LEU E 986 36.13 82.36 29.66
CA LEU E 986 36.70 83.24 28.63
C LEU E 986 36.81 84.68 29.09
N THR E 987 35.85 85.18 29.87
CA THR E 987 35.88 86.59 30.28
C THR E 987 36.93 86.87 31.35
N HIS E 988 37.32 85.87 32.15
CA HIS E 988 38.22 86.13 33.26
C HIS E 988 39.61 85.55 33.08
N ASN E 989 39.75 84.36 32.50
CA ASN E 989 41.07 83.75 32.32
C ASN E 989 41.80 84.52 31.23
N HIS E 990 42.83 85.27 31.63
CA HIS E 990 43.65 86.02 30.69
C HIS E 990 44.85 85.22 30.19
N SER E 991 45.08 84.02 30.71
CA SER E 991 46.25 83.22 30.35
C SER E 991 45.92 82.06 29.43
N LEU E 992 44.72 81.49 29.53
CA LEU E 992 44.33 80.40 28.66
C LEU E 992 44.32 80.87 27.21
N ARG E 993 44.92 80.06 26.33
CA ARG E 993 45.10 80.45 24.94
C ARG E 993 44.68 79.40 23.93
N LYS E 994 44.05 78.31 24.36
CA LYS E 994 43.54 77.30 23.43
C LYS E 994 42.35 76.63 24.07
N LEU E 995 41.75 75.70 23.33
CA LEU E 995 40.58 74.98 23.81
C LEU E 995 40.22 73.90 22.80
N ASN E 996 39.36 72.98 23.22
CA ASN E 996 38.81 71.94 22.35
C ASN E 996 37.45 71.52 22.89
N LEU E 997 36.45 71.52 22.01
CA LEU E 997 35.11 71.12 22.44
C LEU E 997 34.45 70.13 21.48
N GLY E 998 35.23 69.36 20.74
CA GLY E 998 34.64 68.45 19.77
C GLY E 998 33.75 67.43 20.42
N ASN E 999 32.73 67.00 19.67
CA ASN E 999 31.78 65.98 20.12
C ASN E 999 31.08 66.40 21.41
N ASN E 1000 30.74 67.68 21.51
CA ASN E 1000 30.04 68.23 22.66
C ASN E 1000 28.79 68.96 22.18
N ASP E 1001 27.62 68.42 22.50
CA ASP E 1001 26.35 69.05 22.16
C ASP E 1001 26.14 70.24 23.09
N LEU E 1002 26.51 71.44 22.63
CA LEU E 1002 26.37 72.63 23.44
C LEU E 1002 25.16 73.49 23.05
N GLY E 1003 24.63 73.31 21.85
CA GLY E 1003 23.45 74.05 21.43
C GLY E 1003 23.80 75.39 20.79
N ASP E 1004 22.85 75.89 20.00
CA ASP E 1004 23.08 77.12 19.25
C ASP E 1004 23.23 78.33 20.18
N LEU E 1005 22.44 78.38 21.24
CA LEU E 1005 22.55 79.49 22.18
C LEU E 1005 23.95 79.56 22.78
N CYS E 1006 24.52 78.40 23.12
CA CYS E 1006 25.88 78.40 23.64
C CYS E 1006 26.88 78.90 22.62
N VAL E 1007 26.75 78.49 21.37
CA VAL E 1007 27.71 78.93 20.36
C VAL E 1007 27.62 80.44 20.16
N VAL E 1008 26.41 80.99 20.12
CA VAL E 1008 26.27 82.42 19.91
C VAL E 1008 26.74 83.21 21.14
N THR E 1009 26.50 82.68 22.34
CA THR E 1009 27.04 83.32 23.54
C THR E 1009 28.56 83.29 23.55
N LEU E 1010 29.15 82.17 23.14
CA LEU E 1010 30.59 82.09 22.94
C LEU E 1010 31.06 83.17 21.98
N CYS E 1011 30.35 83.34 20.86
CA CYS E 1011 30.71 84.37 19.89
C CYS E 1011 30.72 85.75 20.54
N GLU E 1012 29.62 86.11 21.20
CA GLU E 1012 29.51 87.46 21.75
C GLU E 1012 30.51 87.69 22.88
N VAL E 1013 30.84 86.64 23.63
CA VAL E 1013 31.88 86.75 24.64
C VAL E 1013 33.24 87.00 23.97
N LEU E 1014 33.53 86.26 22.90
CA LEU E 1014 34.80 86.42 22.21
C LEU E 1014 34.92 87.76 21.52
N LYS E 1015 33.80 88.44 21.24
CA LYS E 1015 33.86 89.68 20.47
C LYS E 1015 34.72 90.73 21.14
N GLN E 1016 34.64 90.86 22.46
CA GLN E 1016 35.33 91.94 23.15
C GLN E 1016 36.84 91.76 23.08
N GLN E 1017 37.56 92.86 23.31
CA GLN E 1017 39.01 92.87 23.29
C GLN E 1017 39.62 92.31 24.58
N GLY E 1018 38.81 92.02 25.58
CA GLY E 1018 39.33 91.49 26.84
C GLY E 1018 39.67 90.02 26.81
N CYS E 1019 39.45 89.34 25.69
CA CYS E 1019 39.72 87.91 25.56
C CYS E 1019 40.97 87.72 24.71
N LEU E 1020 41.92 86.95 25.24
CA LEU E 1020 43.19 86.67 24.56
C LEU E 1020 43.27 85.26 24.00
N LEU E 1021 42.15 84.55 23.90
CA LEU E 1021 42.16 83.22 23.34
C LEU E 1021 42.64 83.26 21.89
N GLN E 1022 43.54 82.34 21.54
CA GLN E 1022 44.16 82.32 20.23
C GLN E 1022 43.84 81.08 19.41
N SER E 1023 42.94 80.23 19.87
CA SER E 1023 42.48 79.08 19.09
C SER E 1023 41.30 78.46 19.80
N LEU E 1024 40.47 77.77 19.03
CA LEU E 1024 39.27 77.13 19.57
C LEU E 1024 38.71 76.20 18.51
N GLN E 1025 38.19 75.06 18.94
CA GLN E 1025 37.68 74.06 18.01
C GLN E 1025 36.27 73.65 18.40
N LEU E 1026 35.41 73.54 17.40
CA LEU E 1026 34.03 73.08 17.53
C LEU E 1026 33.74 72.04 16.48
N GLY E 1027 34.63 71.06 16.33
CA GLY E 1027 34.48 70.09 15.26
C GLY E 1027 33.37 69.09 15.56
N GLU E 1028 32.69 68.66 14.50
CA GLU E 1028 31.79 67.51 14.51
C GLU E 1028 30.57 67.73 15.43
N MET E 1029 29.77 68.73 15.09
CA MET E 1029 28.37 68.77 15.50
C MET E 1029 27.58 69.58 14.48
N TYR E 1030 26.28 69.68 14.70
CA TYR E 1030 25.34 70.30 13.75
C TYR E 1030 24.86 71.63 14.31
N LEU E 1031 25.33 72.71 13.71
CA LEU E 1031 25.00 74.07 14.11
C LEU E 1031 23.89 74.62 13.23
N ASN E 1032 23.66 75.92 13.33
CA ASN E 1032 22.59 76.62 12.60
C ASN E 1032 23.20 77.61 11.62
N ARG E 1033 22.36 78.08 10.69
CA ARG E 1033 22.79 79.09 9.72
C ARG E 1033 23.20 80.38 10.42
N GLU E 1034 22.40 80.84 11.38
CA GLU E 1034 22.77 82.03 12.14
C GLU E 1034 24.05 81.79 12.92
N THR E 1035 24.22 80.58 13.44
CA THR E 1035 25.47 80.23 14.11
C THR E 1035 26.65 80.36 13.15
N LYS E 1036 26.49 79.87 11.93
CA LYS E 1036 27.56 79.97 10.95
C LYS E 1036 27.85 81.43 10.61
N ARG E 1037 26.81 82.26 10.51
CA ARG E 1037 27.04 83.67 10.26
C ARG E 1037 27.82 84.32 11.39
N ALA E 1038 27.47 84.00 12.64
CA ALA E 1038 28.19 84.56 13.78
C ALA E 1038 29.65 84.12 13.78
N LEU E 1039 29.91 82.85 13.48
CA LEU E 1039 31.27 82.34 13.44
C LEU E 1039 32.06 83.01 12.31
N GLU E 1040 31.46 83.15 11.13
CA GLU E 1040 32.14 83.85 10.05
C GLU E 1040 32.44 85.29 10.43
N ALA E 1041 31.49 85.96 11.09
CA ALA E 1041 31.74 87.33 11.54
C ALA E 1041 32.95 87.39 12.46
N LEU E 1042 32.93 86.59 13.53
CA LEU E 1042 34.03 86.64 14.49
C LEU E 1042 35.35 86.29 13.84
N GLN E 1043 35.33 85.45 12.80
CA GLN E 1043 36.55 85.25 12.03
C GLN E 1043 36.91 86.49 11.22
N GLU E 1044 35.91 87.28 10.83
CA GLU E 1044 36.17 88.45 9.99
C GLU E 1044 36.80 89.59 10.79
N GLU E 1045 36.10 90.07 11.84
CA GLU E 1045 36.63 91.23 12.55
C GLU E 1045 37.94 90.92 13.27
N LYS E 1046 38.07 89.73 13.86
CA LYS E 1046 39.33 89.31 14.47
C LYS E 1046 39.83 88.05 13.78
N PRO E 1047 40.86 88.15 12.93
CA PRO E 1047 41.34 86.94 12.23
C PRO E 1047 42.29 86.08 13.04
N GLU E 1048 42.84 86.60 14.15
CA GLU E 1048 43.77 85.82 14.94
C GLU E 1048 43.08 84.65 15.64
N LEU E 1049 41.84 84.83 16.07
CA LEU E 1049 41.13 83.83 16.87
C LEU E 1049 40.59 82.76 15.92
N THR E 1050 41.41 81.74 15.70
CA THR E 1050 41.07 80.67 14.76
C THR E 1050 39.92 79.83 15.30
N ILE E 1051 39.09 79.33 14.39
CA ILE E 1051 38.01 78.40 14.70
C ILE E 1051 38.09 77.23 13.75
N VAL E 1052 37.71 76.05 14.23
CA VAL E 1052 37.70 74.84 13.42
C VAL E 1052 36.26 74.32 13.43
N PHE E 1053 35.31 75.25 13.43
CA PHE E 1053 33.90 74.91 13.59
C PHE E 1053 33.44 73.91 12.53
N GLU E 1054 33.94 74.04 11.31
CA GLU E 1054 33.49 73.17 10.23
C GLU E 1054 33.84 71.72 10.54
N ILE E 1055 32.87 70.84 10.35
CA ILE E 1055 33.04 69.42 10.66
C ILE E 1055 33.95 68.78 9.62
N ASP F 155 46.44 -20.48 -13.55
CA ASP F 155 46.54 -19.41 -12.57
C ASP F 155 47.99 -19.18 -12.14
N TYR F 156 48.28 -17.94 -11.75
CA TYR F 156 49.64 -17.60 -11.32
C TYR F 156 50.05 -18.38 -10.08
N CYS F 157 49.14 -18.46 -9.11
CA CYS F 157 49.44 -19.17 -7.86
C CYS F 157 49.67 -20.65 -8.11
N LYS F 158 48.88 -21.26 -9.00
CA LYS F 158 49.03 -22.68 -9.29
C LYS F 158 50.39 -22.97 -9.91
N MET F 159 50.80 -22.16 -10.89
CA MET F 159 52.09 -22.39 -11.55
C MET F 159 53.24 -22.12 -10.59
N TYR F 160 53.13 -21.08 -9.77
CA TYR F 160 54.18 -20.79 -8.81
C TYR F 160 54.30 -21.91 -7.77
N ARG F 161 53.16 -22.46 -7.34
CA ARG F 161 53.17 -23.58 -6.42
C ARG F 161 53.78 -24.82 -7.06
N ARG F 162 53.47 -25.07 -8.34
CA ARG F 162 54.10 -26.19 -9.02
C ARG F 162 55.61 -26.00 -9.11
N HIS F 163 56.06 -24.78 -9.40
CA HIS F 163 57.49 -24.52 -9.49
C HIS F 163 58.18 -24.73 -8.14
N VAL F 164 57.57 -24.25 -7.05
CA VAL F 164 58.21 -24.41 -5.75
C VAL F 164 58.11 -25.86 -5.29
N ARG F 165 57.11 -26.61 -5.76
CA ARG F 165 57.08 -28.05 -5.52
C ARG F 165 58.24 -28.73 -6.24
N SER F 166 58.51 -28.33 -7.48
CA SER F 166 59.65 -28.87 -8.20
C SER F 166 60.95 -28.55 -7.49
N ARG F 167 61.09 -27.31 -7.01
CA ARG F 167 62.30 -26.92 -6.29
C ARG F 167 62.47 -27.71 -4.99
N PHE F 168 61.39 -27.86 -4.24
CA PHE F 168 61.45 -28.41 -2.89
C PHE F 168 61.02 -29.87 -2.81
N TYR F 169 60.96 -30.56 -3.96
CA TYR F 169 60.63 -31.97 -3.95
C TYR F 169 61.69 -32.79 -3.22
N SER F 170 62.96 -32.46 -3.44
CA SER F 170 64.08 -33.17 -2.82
C SER F 170 64.96 -32.19 -2.06
N ILE F 171 65.80 -32.73 -1.20
CA ILE F 171 66.71 -31.91 -0.40
C ILE F 171 68.16 -32.28 -0.72
N SER F 181 69.15 -36.61 -5.74
CA SER F 181 69.44 -36.63 -4.31
C SER F 181 68.47 -37.53 -3.57
N VAL F 182 68.00 -37.07 -2.40
CA VAL F 182 67.11 -37.83 -1.54
C VAL F 182 65.76 -37.13 -1.48
N ASP F 183 64.69 -37.92 -1.54
CA ASP F 183 63.35 -37.36 -1.48
C ASP F 183 63.06 -36.79 -0.09
N LEU F 184 62.29 -35.70 -0.05
CA LEU F 184 62.06 -35.01 1.21
C LEU F 184 60.97 -35.68 2.04
N ASN F 185 59.75 -35.77 1.49
CA ASN F 185 58.61 -36.23 2.27
C ASN F 185 58.78 -37.68 2.71
N SER F 186 59.29 -38.53 1.83
CA SER F 186 59.46 -39.95 2.18
C SER F 186 60.42 -40.11 3.35
N ARG F 187 61.52 -39.36 3.34
CA ARG F 187 62.46 -39.35 4.46
C ARG F 187 62.02 -38.44 5.60
N TYR F 188 61.00 -37.62 5.39
CA TYR F 188 60.54 -36.71 6.42
C TYR F 188 59.88 -37.46 7.58
N THR F 189 60.07 -36.94 8.78
CA THR F 189 59.43 -37.46 9.97
C THR F 189 58.99 -36.28 10.83
N GLN F 190 57.86 -36.44 11.52
CA GLN F 190 57.30 -35.36 12.30
C GLN F 190 58.18 -35.04 13.50
N LEU F 191 58.09 -33.78 13.94
CA LEU F 191 58.86 -33.26 15.05
C LEU F 191 57.93 -32.77 16.15
N GLN F 192 58.50 -32.54 17.33
CA GLN F 192 57.78 -32.02 18.48
C GLN F 192 58.21 -30.58 18.71
N LEU F 193 57.25 -29.66 18.67
CA LEU F 193 57.49 -28.25 18.90
C LEU F 193 56.49 -27.73 19.92
N VAL F 194 56.97 -26.87 20.83
CA VAL F 194 56.14 -26.30 21.89
C VAL F 194 56.35 -24.79 21.92
N LYS F 195 55.26 -24.06 22.09
CA LYS F 195 55.34 -22.61 22.21
C LYS F 195 55.90 -22.21 23.57
N GLU F 196 56.85 -21.28 23.56
CA GLU F 196 57.45 -20.80 24.79
C GLU F 196 56.78 -19.51 25.27
N SER F 222 51.42 -29.38 23.08
CA SER F 222 52.24 -29.10 21.91
C SER F 222 51.47 -28.31 20.87
N LEU F 223 52.13 -27.35 20.24
CA LEU F 223 51.50 -26.54 19.20
C LEU F 223 51.55 -27.29 17.87
N LYS F 224 50.37 -27.56 17.31
CA LYS F 224 50.28 -28.30 16.06
C LYS F 224 50.64 -27.39 14.88
N LEU F 225 51.20 -28.02 13.84
CA LEU F 225 51.63 -27.26 12.67
C LEU F 225 50.45 -26.66 11.92
N GLU F 226 49.33 -27.39 11.83
CA GLU F 226 48.14 -26.85 11.19
C GLU F 226 47.50 -25.74 12.01
N LEU F 227 47.87 -25.61 13.27
CA LEU F 227 47.33 -24.60 14.19
C LEU F 227 48.31 -23.45 14.39
N LEU F 228 48.99 -23.05 13.31
CA LEU F 228 50.09 -22.09 13.43
C LEU F 228 49.60 -20.68 13.68
N PHE F 229 48.88 -20.10 12.72
CA PHE F 229 48.63 -18.66 12.70
C PHE F 229 47.29 -18.24 13.24
N GLU F 230 46.43 -19.16 13.66
CA GLU F 230 45.22 -18.63 14.25
C GLU F 230 45.52 -18.14 15.67
N PRO F 231 44.93 -17.03 16.09
CA PRO F 231 45.19 -16.52 17.45
C PRO F 231 44.42 -17.32 18.48
N GLU F 232 45.13 -17.82 19.49
CA GLU F 232 44.47 -18.52 20.58
C GLU F 232 43.55 -17.58 21.36
N ASP F 233 43.95 -16.32 21.48
CA ASP F 233 43.13 -15.28 22.10
C ASP F 233 42.67 -14.30 21.04
N GLY F 234 41.44 -13.82 21.18
CA GLY F 234 40.85 -12.96 20.17
C GLY F 234 41.43 -11.57 20.09
N HIS F 235 42.30 -11.23 21.04
CA HIS F 235 42.92 -9.91 21.11
C HIS F 235 44.44 -10.03 20.98
N SER F 236 44.88 -10.80 19.99
CA SER F 236 46.30 -10.99 19.73
C SER F 236 46.77 -9.91 18.76
N GLU F 237 47.89 -9.26 19.10
CA GLU F 237 48.52 -8.34 18.16
C GLU F 237 49.02 -9.12 16.96
N PRO F 238 49.26 -8.45 15.80
CA PRO F 238 49.43 -9.16 14.52
C PRO F 238 50.16 -10.49 14.60
N VAL F 239 49.49 -11.55 14.16
CA VAL F 239 49.96 -12.92 14.29
C VAL F 239 51.12 -13.15 13.33
N HIS F 240 51.48 -12.12 12.58
CA HIS F 240 52.42 -12.25 11.47
C HIS F 240 53.87 -12.28 11.93
N THR F 241 54.12 -12.25 13.23
CA THR F 241 55.48 -12.22 13.79
C THR F 241 55.67 -13.43 14.69
N VAL F 242 56.16 -14.52 14.11
CA VAL F 242 56.44 -15.76 14.84
C VAL F 242 57.91 -16.11 14.62
N VAL F 243 58.61 -16.41 15.71
CA VAL F 243 60.03 -16.75 15.68
C VAL F 243 60.19 -18.19 16.15
N PHE F 244 61.17 -18.88 15.59
CA PHE F 244 61.41 -20.29 15.88
C PHE F 244 62.82 -20.47 16.42
N GLN F 245 62.94 -21.39 17.37
CA GLN F 245 64.21 -21.70 18.02
C GLN F 245 64.46 -23.21 17.97
N GLY F 246 65.73 -23.57 17.96
CA GLY F 246 66.10 -24.98 17.94
C GLY F 246 67.60 -25.13 17.87
N ALA F 247 68.05 -26.35 18.12
CA ALA F 247 69.47 -26.65 18.14
C ALA F 247 70.03 -26.71 16.72
N ALA F 248 71.32 -27.05 16.62
CA ALA F 248 71.93 -27.25 15.32
C ALA F 248 71.48 -28.60 14.75
N GLY F 249 70.84 -28.58 13.58
CA GLY F 249 70.30 -29.79 13.02
C GLY F 249 68.94 -30.18 13.54
N ILE F 250 68.25 -29.29 14.26
CA ILE F 250 66.94 -29.61 14.79
C ILE F 250 65.92 -29.80 13.69
N GLY F 251 66.03 -29.04 12.60
CA GLY F 251 65.09 -29.18 11.50
C GLY F 251 64.39 -27.89 11.13
N LYS F 252 64.99 -26.74 11.42
CA LYS F 252 64.40 -25.46 11.02
C LYS F 252 64.33 -25.35 9.50
N THR F 253 65.43 -25.69 8.81
CA THR F 253 65.41 -25.67 7.35
C THR F 253 64.45 -26.70 6.80
N ILE F 254 64.45 -27.89 7.40
CA ILE F 254 63.53 -28.95 6.94
C ILE F 254 62.09 -28.55 7.22
N LEU F 255 61.83 -27.91 8.37
CA LEU F 255 60.48 -27.43 8.65
C LEU F 255 60.06 -26.39 7.62
N ALA F 256 60.96 -25.46 7.28
CA ALA F 256 60.63 -24.44 6.29
C ALA F 256 60.33 -25.06 4.93
N ARG F 257 61.18 -25.99 4.49
CA ARG F 257 60.96 -26.64 3.20
C ARG F 257 59.69 -27.49 3.22
N LYS F 258 59.39 -28.13 4.36
CA LYS F 258 58.19 -28.94 4.46
C LYS F 258 56.93 -28.09 4.41
N ILE F 259 56.93 -26.94 5.08
CA ILE F 259 55.75 -26.07 5.02
C ILE F 259 55.60 -25.48 3.63
N MET F 260 56.72 -25.15 2.98
CA MET F 260 56.64 -24.66 1.60
C MET F 260 56.09 -25.73 0.67
N LEU F 261 56.50 -26.99 0.86
CA LEU F 261 55.99 -28.06 0.00
C LEU F 261 54.53 -28.37 0.29
N ASP F 262 54.11 -28.26 1.56
CA ASP F 262 52.70 -28.42 1.88
C ASP F 262 51.87 -27.32 1.21
N TRP F 263 52.36 -26.08 1.26
CA TRP F 263 51.70 -25.00 0.55
C TRP F 263 51.76 -25.19 -0.96
N ALA F 264 52.72 -25.97 -1.45
CA ALA F 264 52.80 -26.28 -2.87
C ALA F 264 51.99 -27.51 -3.27
N LEU F 265 51.45 -28.24 -2.30
CA LEU F 265 50.73 -29.49 -2.57
C LEU F 265 49.23 -29.38 -2.30
N GLY F 266 48.76 -28.20 -1.91
CA GLY F 266 47.35 -28.04 -1.61
C GLY F 266 46.93 -28.43 -0.21
N LYS F 267 47.86 -28.42 0.75
CA LYS F 267 47.57 -28.89 2.10
C LYS F 267 47.23 -27.75 3.06
N LEU F 268 48.14 -26.78 3.20
CA LEU F 268 47.96 -25.69 4.15
C LEU F 268 48.08 -24.34 3.46
N PHE F 269 47.37 -23.35 4.01
CA PHE F 269 47.36 -21.98 3.50
C PHE F 269 46.79 -21.92 2.08
N LYS F 270 45.64 -22.56 1.89
CA LYS F 270 44.88 -22.46 0.65
C LYS F 270 43.71 -21.50 0.79
N ASP F 271 42.82 -21.77 1.75
CA ASP F 271 41.73 -20.86 2.07
C ASP F 271 42.15 -19.73 2.99
N LYS F 272 43.33 -19.83 3.60
CA LYS F 272 43.83 -18.81 4.53
C LYS F 272 44.80 -17.85 3.86
N PHE F 273 45.83 -18.36 3.20
CA PHE F 273 46.80 -17.56 2.48
C PHE F 273 46.77 -17.93 1.00
N ASP F 274 47.52 -17.18 0.20
CA ASP F 274 47.59 -17.43 -1.23
C ASP F 274 49.02 -17.54 -1.72
N TYR F 275 49.92 -16.76 -1.13
CA TYR F 275 51.31 -16.70 -1.57
C TYR F 275 52.25 -16.98 -0.41
N LEU F 276 53.29 -17.78 -0.67
CA LEU F 276 54.37 -18.03 0.28
C LEU F 276 55.70 -17.83 -0.42
N PHE F 277 56.59 -17.06 0.18
CA PHE F 277 57.88 -16.75 -0.39
C PHE F 277 59.01 -17.24 0.52
N PHE F 278 60.15 -17.51 -0.10
CA PHE F 278 61.32 -18.04 0.60
C PHE F 278 62.48 -17.08 0.42
N ILE F 279 63.07 -16.66 1.54
CA ILE F 279 64.23 -15.77 1.55
C ILE F 279 65.30 -16.42 2.42
N HIS F 280 66.53 -16.47 1.91
CA HIS F 280 67.63 -17.11 2.61
C HIS F 280 68.75 -16.11 2.84
N CYS F 281 69.32 -16.13 4.05
CA CYS F 281 70.36 -15.18 4.41
C CYS F 281 71.64 -15.40 3.62
N ARG F 282 72.00 -16.68 3.38
CA ARG F 282 73.22 -16.97 2.64
C ARG F 282 73.15 -16.42 1.21
N GLU F 283 72.00 -16.58 0.55
CA GLU F 283 71.86 -16.08 -0.80
C GLU F 283 71.77 -14.56 -0.84
N VAL F 284 71.11 -13.97 0.16
CA VAL F 284 70.93 -12.52 0.23
C VAL F 284 72.15 -11.93 0.95
N SER F 285 73.14 -11.51 0.17
CA SER F 285 74.35 -10.93 0.75
C SER F 285 74.05 -9.54 1.28
N LEU F 286 74.61 -9.22 2.45
CA LEU F 286 74.38 -7.94 3.09
C LEU F 286 75.15 -6.80 2.44
N ARG F 287 76.24 -7.09 1.73
CA ARG F 287 77.04 -6.04 1.11
C ARG F 287 76.36 -5.41 -0.10
N THR F 288 75.54 -6.16 -0.82
CA THR F 288 74.87 -5.64 -2.00
C THR F 288 73.48 -5.16 -1.61
N PRO F 289 73.18 -3.87 -1.71
CA PRO F 289 71.82 -3.41 -1.44
C PRO F 289 70.83 -4.00 -2.44
N ARG F 290 69.63 -4.30 -1.95
CA ARG F 290 68.60 -4.94 -2.76
C ARG F 290 67.24 -4.40 -2.37
N SER F 291 66.22 -4.89 -3.06
CA SER F 291 64.83 -4.56 -2.79
C SER F 291 64.01 -5.84 -2.68
N LEU F 292 62.76 -5.69 -2.25
CA LEU F 292 61.85 -6.84 -2.21
C LEU F 292 61.59 -7.38 -3.61
N ALA F 293 61.69 -6.52 -4.63
CA ALA F 293 61.51 -6.98 -6.00
C ALA F 293 62.56 -8.01 -6.38
N ASP F 294 63.81 -7.78 -5.96
CA ASP F 294 64.87 -8.75 -6.22
C ASP F 294 64.56 -10.10 -5.59
N LEU F 295 64.10 -10.09 -4.33
CA LEU F 295 63.77 -11.33 -3.65
C LEU F 295 62.61 -12.05 -4.33
N ILE F 296 61.59 -11.30 -4.76
CA ILE F 296 60.46 -11.92 -5.45
C ILE F 296 60.89 -12.52 -6.77
N VAL F 297 61.72 -11.79 -7.53
CA VAL F 297 62.21 -12.31 -8.81
C VAL F 297 63.03 -13.56 -8.60
N SER F 298 63.90 -13.57 -7.59
CA SER F 298 64.67 -14.77 -7.30
C SER F 298 63.77 -15.93 -6.91
N CYS F 299 62.74 -15.67 -6.10
CA CYS F 299 61.83 -16.73 -5.68
C CYS F 299 60.90 -17.15 -6.83
N TRP F 300 60.45 -16.20 -7.63
CA TRP F 300 59.61 -16.54 -8.78
C TRP F 300 60.45 -17.27 -9.83
N PRO F 301 59.89 -18.29 -10.50
CA PRO F 301 60.62 -18.95 -11.58
C PRO F 301 60.83 -18.03 -12.77
N ASP F 302 59.79 -17.30 -13.13
CA ASP F 302 59.88 -16.33 -14.21
C ASP F 302 60.65 -15.11 -13.73
N PRO F 303 61.70 -14.68 -14.44
CA PRO F 303 62.39 -13.43 -14.06
C PRO F 303 61.55 -12.18 -14.27
N ASN F 304 60.32 -12.31 -14.79
CA ASN F 304 59.43 -11.17 -15.01
C ASN F 304 58.09 -11.48 -14.34
N PRO F 305 58.03 -11.39 -13.01
CA PRO F 305 56.78 -11.67 -12.31
C PRO F 305 55.84 -10.47 -12.38
N PRO F 306 54.53 -10.69 -12.26
CA PRO F 306 53.61 -9.55 -12.22
C PRO F 306 53.71 -8.79 -10.91
N VAL F 307 54.76 -7.98 -10.78
CA VAL F 307 55.02 -7.28 -9.52
C VAL F 307 53.87 -6.35 -9.17
N CYS F 308 53.28 -5.72 -10.18
CA CYS F 308 52.13 -4.85 -9.93
C CYS F 308 50.93 -5.64 -9.39
N LYS F 309 50.71 -6.84 -9.90
CA LYS F 309 49.56 -7.65 -9.48
C LYS F 309 49.74 -8.28 -8.10
N ILE F 310 50.98 -8.60 -7.72
CA ILE F 310 51.21 -9.42 -6.53
C ILE F 310 51.54 -8.60 -5.29
N LEU F 311 51.56 -7.27 -5.37
CA LEU F 311 51.88 -6.42 -4.24
C LEU F 311 50.70 -5.61 -3.75
N ARG F 312 49.49 -6.19 -3.78
CA ARG F 312 48.27 -5.50 -3.38
C ARG F 312 47.66 -6.03 -2.10
N LYS F 313 47.76 -7.33 -1.83
CA LYS F 313 47.18 -7.95 -0.65
C LYS F 313 48.27 -8.68 0.11
N PRO F 314 49.01 -7.98 0.99
CA PRO F 314 50.06 -8.65 1.76
C PRO F 314 49.55 -9.67 2.76
N SER F 315 48.24 -9.67 3.06
CA SER F 315 47.70 -10.63 4.03
C SER F 315 47.96 -12.07 3.60
N ARG F 316 47.79 -12.35 2.31
CA ARG F 316 48.00 -13.69 1.78
C ARG F 316 49.44 -13.91 1.31
N ILE F 317 50.40 -13.14 1.84
CA ILE F 317 51.80 -13.27 1.51
C ILE F 317 52.60 -13.47 2.79
N LEU F 318 53.43 -14.50 2.82
CA LEU F 318 54.26 -14.81 3.97
C LEU F 318 55.70 -14.92 3.52
N PHE F 319 56.58 -14.15 4.17
CA PHE F 319 58.00 -14.15 3.89
C PHE F 319 58.72 -14.98 4.95
N LEU F 320 59.57 -15.89 4.50
CA LEU F 320 60.27 -16.80 5.40
C LEU F 320 61.75 -16.42 5.46
N MET F 321 62.27 -16.25 6.67
CA MET F 321 63.68 -15.95 6.91
C MET F 321 64.29 -17.11 7.68
N ASP F 322 65.05 -17.94 6.97
CA ASP F 322 65.70 -19.10 7.55
C ASP F 322 67.16 -18.81 7.80
N GLY F 323 67.70 -19.36 8.90
CA GLY F 323 69.08 -19.14 9.24
C GLY F 323 69.38 -17.69 9.59
N PHE F 324 68.58 -17.12 10.48
CA PHE F 324 68.72 -15.71 10.87
C PHE F 324 70.09 -15.38 11.44
N ASP F 325 70.92 -16.37 11.72
CA ASP F 325 72.22 -16.14 12.36
C ASP F 325 73.23 -15.45 11.42
N GLU F 326 72.78 -14.88 10.30
CA GLU F 326 73.66 -14.20 9.35
C GLU F 326 73.12 -12.82 8.98
N LEU F 327 72.46 -12.13 9.91
CA LEU F 327 71.77 -10.90 9.55
C LEU F 327 72.14 -9.70 10.43
N GLN F 328 72.38 -9.93 11.72
CA GLN F 328 72.60 -8.83 12.66
C GLN F 328 74.03 -8.31 12.66
N GLY F 329 74.78 -8.52 11.58
CA GLY F 329 76.15 -8.03 11.52
C GLY F 329 76.28 -6.54 11.73
N ALA F 330 75.24 -5.77 11.46
CA ALA F 330 75.26 -4.33 11.64
C ALA F 330 73.97 -3.78 12.23
N PHE F 331 73.13 -4.63 12.83
CA PHE F 331 71.90 -4.13 13.47
C PHE F 331 72.22 -3.26 14.67
N ASP F 332 73.37 -3.49 15.31
CA ASP F 332 73.76 -2.73 16.49
C ASP F 332 74.06 -1.27 16.18
N GLU F 333 74.19 -0.91 14.90
CA GLU F 333 74.42 0.47 14.50
C GLU F 333 73.36 1.02 13.54
N HIS F 334 72.57 0.15 12.90
CA HIS F 334 71.56 0.56 11.93
C HIS F 334 70.17 0.57 12.53
N ILE F 335 70.05 0.97 13.80
CA ILE F 335 68.75 0.98 14.46
C ILE F 335 67.83 2.01 13.83
N GLY F 336 68.33 3.20 13.55
CA GLY F 336 67.53 4.30 13.06
C GLY F 336 67.33 4.38 11.57
N GLU F 337 67.90 3.47 10.79
CA GLU F 337 67.75 3.49 9.33
C GLU F 337 66.54 2.63 8.95
N VAL F 338 65.51 3.28 8.40
CA VAL F 338 64.23 2.65 8.13
C VAL F 338 63.88 2.87 6.67
N CYS F 339 63.54 1.78 5.97
CA CYS F 339 63.12 1.83 4.58
C CYS F 339 61.74 1.20 4.45
N THR F 340 60.83 1.88 3.73
CA THR F 340 59.47 1.41 3.56
C THR F 340 59.05 1.25 2.11
N ASP F 341 59.92 1.54 1.15
CA ASP F 341 59.59 1.40 -0.26
C ASP F 341 60.03 0.02 -0.73
N TRP F 342 59.09 -0.76 -1.27
CA TRP F 342 59.41 -2.11 -1.74
C TRP F 342 60.36 -2.08 -2.92
N GLN F 343 60.32 -1.03 -3.73
CA GLN F 343 61.18 -0.90 -4.90
C GLN F 343 62.52 -0.25 -4.60
N LYS F 344 62.73 0.20 -3.37
CA LYS F 344 63.97 0.89 -3.01
C LYS F 344 65.09 -0.12 -2.74
N ALA F 345 66.26 0.17 -3.30
CA ALA F 345 67.42 -0.71 -3.15
C ALA F 345 68.25 -0.24 -1.97
N VAL F 346 68.13 -0.94 -0.84
CA VAL F 346 68.86 -0.63 0.38
C VAL F 346 69.50 -1.93 0.86
N ARG F 347 70.53 -1.78 1.70
CA ARG F 347 71.24 -2.93 2.26
C ARG F 347 70.26 -3.97 2.79
N GLY F 348 70.62 -5.25 2.63
CA GLY F 348 69.71 -6.32 3.01
C GLY F 348 69.37 -6.31 4.48
N ASP F 349 70.36 -6.10 5.33
CA ASP F 349 70.11 -6.12 6.78
C ASP F 349 69.14 -5.00 7.17
N ILE F 350 69.35 -3.80 6.64
CA ILE F 350 68.47 -2.67 6.97
C ILE F 350 67.05 -2.95 6.46
N LEU F 351 66.93 -3.50 5.26
CA LEU F 351 65.62 -3.78 4.71
C LEU F 351 64.87 -4.81 5.55
N LEU F 352 65.56 -5.88 5.94
CA LEU F 352 64.89 -6.90 6.76
C LEU F 352 64.56 -6.37 8.15
N SER F 353 65.42 -5.52 8.72
CA SER F 353 65.09 -4.88 9.99
C SER F 353 63.85 -4.01 9.87
N SER F 354 63.70 -3.33 8.74
CA SER F 354 62.47 -2.57 8.49
C SER F 354 61.27 -3.51 8.38
N LEU F 355 61.45 -4.66 7.72
CA LEU F 355 60.35 -5.61 7.58
C LEU F 355 59.90 -6.16 8.93
N ILE F 356 60.84 -6.41 9.84
CA ILE F 356 60.52 -7.10 11.10
C ILE F 356 59.51 -6.29 11.91
N ARG F 357 59.75 -4.99 12.06
CA ARG F 357 58.92 -4.16 12.93
C ARG F 357 57.58 -3.78 12.30
N LYS F 358 57.21 -4.41 11.19
CA LYS F 358 55.89 -4.23 10.56
C LYS F 358 55.66 -2.77 10.16
N LYS F 359 56.52 -2.30 9.26
CA LYS F 359 56.33 -1.00 8.62
C LYS F 359 56.47 -1.04 7.11
N LEU F 360 57.24 -1.98 6.55
CA LEU F 360 57.24 -2.25 5.12
C LEU F 360 56.36 -3.46 4.88
N LEU F 361 55.27 -3.26 4.15
CA LEU F 361 54.18 -4.24 4.08
C LEU F 361 53.78 -4.66 5.49
N PRO F 362 53.28 -3.72 6.31
CA PRO F 362 53.08 -4.03 7.74
C PRO F 362 52.10 -5.15 7.99
N LYS F 363 51.17 -5.39 7.08
CA LYS F 363 50.12 -6.39 7.27
C LYS F 363 50.48 -7.71 6.61
N ALA F 364 51.65 -7.80 5.98
CA ALA F 364 52.15 -9.06 5.44
C ALA F 364 52.59 -9.98 6.59
N SER F 365 52.94 -11.21 6.23
CA SER F 365 53.30 -12.22 7.21
C SER F 365 54.80 -12.50 7.19
N LEU F 366 55.34 -12.83 8.36
CA LEU F 366 56.76 -13.16 8.50
C LEU F 366 56.91 -14.42 9.34
N LEU F 367 57.86 -15.28 8.94
CA LEU F 367 58.20 -16.49 9.69
C LEU F 367 59.71 -16.60 9.74
N ILE F 368 60.29 -16.43 10.93
CA ILE F 368 61.73 -16.40 11.10
C ILE F 368 62.16 -17.61 11.92
N THR F 369 63.14 -18.34 11.42
CA THR F 369 63.72 -19.48 12.14
C THR F 369 65.14 -19.11 12.55
N THR F 370 65.41 -19.16 13.86
CA THR F 370 66.66 -18.67 14.42
C THR F 370 67.23 -19.69 15.40
N ARG F 371 68.55 -19.63 15.57
CA ARG F 371 69.16 -20.24 16.74
C ARG F 371 68.77 -19.44 17.99
N PRO F 372 68.55 -20.11 19.12
CA PRO F 372 68.08 -19.42 20.32
C PRO F 372 69.14 -18.61 21.04
N VAL F 373 70.36 -18.55 20.52
CA VAL F 373 71.49 -18.05 21.30
C VAL F 373 71.35 -16.55 21.56
N ALA F 374 71.06 -15.77 20.53
CA ALA F 374 71.19 -14.31 20.59
C ALA F 374 69.90 -13.62 20.20
N LEU F 375 68.78 -14.04 20.79
CA LEU F 375 67.50 -13.38 20.57
C LEU F 375 67.32 -12.13 21.42
N GLU F 376 68.22 -11.88 22.36
CA GLU F 376 67.99 -10.84 23.37
C GLU F 376 67.71 -9.49 22.73
N LYS F 377 68.50 -9.10 21.72
CA LYS F 377 68.25 -7.85 21.04
C LYS F 377 67.08 -7.95 20.07
N LEU F 378 66.91 -9.11 19.43
CA LEU F 378 65.90 -9.24 18.39
C LEU F 378 64.49 -9.00 18.93
N GLN F 379 64.23 -9.38 20.18
CA GLN F 379 62.90 -9.17 20.75
C GLN F 379 62.57 -7.68 20.83
N HIS F 380 63.58 -6.82 20.89
CA HIS F 380 63.31 -5.38 20.80
C HIS F 380 62.73 -5.02 19.44
N LEU F 381 63.26 -5.61 18.37
CA LEU F 381 62.75 -5.37 17.03
C LEU F 381 61.41 -6.07 16.77
N LEU F 382 60.97 -6.93 17.68
CA LEU F 382 59.77 -7.74 17.49
C LEU F 382 58.57 -7.04 18.11
N ASP F 383 57.46 -7.05 17.37
CA ASP F 383 56.20 -6.44 17.79
C ASP F 383 55.22 -7.57 18.14
N HIS F 384 55.21 -7.97 19.42
CA HIS F 384 54.39 -9.06 19.92
C HIS F 384 54.58 -10.32 19.09
N PRO F 385 55.76 -10.95 19.16
CA PRO F 385 55.98 -12.18 18.39
C PRO F 385 55.47 -13.40 19.12
N ARG F 386 55.68 -14.57 18.55
CA ARG F 386 55.44 -15.83 19.24
C ARG F 386 56.68 -16.70 19.12
N HIS F 387 57.35 -16.94 20.24
CA HIS F 387 58.57 -17.76 20.26
C HIS F 387 58.18 -19.22 20.41
N VAL F 388 58.51 -20.03 19.41
CA VAL F 388 58.22 -21.46 19.42
C VAL F 388 59.52 -22.22 19.25
N GLU F 389 59.78 -23.16 20.14
CA GLU F 389 60.97 -24.00 20.06
C GLU F 389 60.60 -25.35 19.46
N ILE F 390 61.59 -25.99 18.85
CA ILE F 390 61.43 -27.30 18.24
C ILE F 390 62.34 -28.28 18.98
N LEU F 391 61.77 -29.41 19.41
CA LEU F 391 62.52 -30.40 20.18
C LEU F 391 62.94 -31.62 19.38
N GLY F 392 62.36 -31.83 18.20
CA GLY F 392 62.78 -32.95 17.37
C GLY F 392 61.98 -34.22 17.57
N PHE F 393 62.61 -35.36 17.31
CA PHE F 393 61.91 -36.63 17.32
C PHE F 393 61.58 -37.07 18.75
N SER F 394 60.58 -37.93 18.85
CA SER F 394 60.33 -38.75 20.03
C SER F 394 60.75 -40.19 19.70
N GLU F 395 60.48 -41.11 20.63
CA GLU F 395 60.83 -42.51 20.41
C GLU F 395 60.14 -43.07 19.17
N ALA F 396 58.81 -42.90 19.10
CA ALA F 396 58.07 -43.40 17.94
C ALA F 396 58.50 -42.68 16.66
N LYS F 397 58.73 -41.37 16.75
CA LYS F 397 59.20 -40.63 15.58
C LYS F 397 60.60 -41.08 15.17
N ARG F 398 61.46 -41.40 16.14
CA ARG F 398 62.78 -41.92 15.80
C ARG F 398 62.66 -43.25 15.05
N LYS F 399 61.81 -44.15 15.55
CA LYS F 399 61.62 -45.44 14.88
C LYS F 399 61.07 -45.24 13.47
N GLU F 400 60.12 -44.31 13.32
CA GLU F 400 59.60 -44.00 11.99
C GLU F 400 60.70 -43.48 11.08
N TYR F 401 61.61 -42.65 11.62
CA TYR F 401 62.70 -42.13 10.80
C TYR F 401 63.63 -43.25 10.34
N PHE F 402 63.98 -44.17 11.24
CA PHE F 402 64.83 -45.28 10.79
C PHE F 402 64.11 -46.15 9.76
N PHE F 403 62.79 -46.33 9.91
CA PHE F 403 62.04 -47.07 8.90
C PHE F 403 62.09 -46.36 7.55
N LYS F 404 61.92 -45.03 7.56
CA LYS F 404 61.91 -44.26 6.32
C LYS F 404 63.30 -44.09 5.71
N TYR F 405 64.37 -44.30 6.47
CA TYR F 405 65.71 -44.15 5.93
C TYR F 405 66.15 -45.40 5.15
N PHE F 406 66.24 -46.54 5.84
CA PHE F 406 66.74 -47.75 5.21
C PHE F 406 65.69 -48.38 4.33
N SER F 407 66.13 -48.93 3.19
CA SER F 407 65.23 -49.64 2.29
C SER F 407 64.93 -51.06 2.76
N ASN F 408 65.66 -51.56 3.75
CA ASN F 408 65.42 -52.88 4.31
C ASN F 408 64.78 -52.74 5.68
N GLU F 409 63.63 -53.39 5.85
CA GLU F 409 62.96 -53.36 7.15
C GLU F 409 63.79 -54.03 8.23
N LEU F 410 64.42 -55.16 7.90
CA LEU F 410 65.24 -55.88 8.88
C LEU F 410 66.45 -55.06 9.30
N GLN F 411 67.11 -54.39 8.35
CA GLN F 411 68.24 -53.55 8.69
C GLN F 411 67.80 -52.37 9.57
N ALA F 412 66.63 -51.79 9.27
CA ALA F 412 66.10 -50.72 10.10
C ALA F 412 65.81 -51.20 11.52
N ARG F 413 65.24 -52.40 11.64
CA ARG F 413 64.97 -52.96 12.97
C ARG F 413 66.26 -53.23 13.73
N GLU F 414 67.28 -53.75 13.05
CA GLU F 414 68.57 -53.97 13.71
C GLU F 414 69.19 -52.66 14.15
N ALA F 415 69.09 -51.62 13.31
CA ALA F 415 69.59 -50.31 13.69
C ALA F 415 68.86 -49.77 14.91
N PHE F 416 67.53 -49.93 14.93
CA PHE F 416 66.74 -49.50 16.08
C PHE F 416 67.16 -50.24 17.35
N ARG F 417 67.35 -51.56 17.24
CA ARG F 417 67.76 -52.35 18.40
C ARG F 417 69.13 -51.91 18.91
N LEU F 418 70.08 -51.69 18.01
CA LEU F 418 71.40 -51.24 18.46
C LEU F 418 71.36 -49.81 18.98
N ILE F 419 70.38 -49.00 18.55
CA ILE F 419 70.20 -47.69 19.16
C ILE F 419 69.76 -47.82 20.60
N GLN F 420 68.79 -48.71 20.87
CA GLN F 420 68.47 -48.96 22.27
C GLN F 420 69.55 -49.74 23.01
N GLU F 421 70.52 -50.33 22.31
CA GLU F 421 71.65 -50.94 23.01
C GLU F 421 72.47 -49.89 23.75
N ASN F 422 72.65 -48.72 23.16
CA ASN F 422 73.38 -47.62 23.78
C ASN F 422 72.40 -46.54 24.18
N GLU F 423 72.20 -46.37 25.50
CA GLU F 423 71.25 -45.37 25.98
C GLU F 423 71.70 -43.97 25.59
N VAL F 424 73.00 -43.70 25.64
CA VAL F 424 73.51 -42.37 25.31
C VAL F 424 73.20 -42.03 23.86
N LEU F 425 73.44 -42.97 22.94
CA LEU F 425 73.16 -42.71 21.53
C LEU F 425 71.66 -42.56 21.29
N PHE F 426 70.84 -43.35 21.97
CA PHE F 426 69.40 -43.22 21.82
C PHE F 426 68.93 -41.85 22.28
N THR F 427 69.48 -41.36 23.38
CA THR F 427 69.14 -40.01 23.84
C THR F 427 69.62 -38.95 22.85
N MET F 428 70.82 -39.13 22.31
CA MET F 428 71.35 -38.18 21.33
C MET F 428 70.53 -38.17 20.04
N CYS F 429 69.87 -39.27 19.72
CA CYS F 429 69.08 -39.34 18.48
C CYS F 429 67.82 -38.46 18.52
N PHE F 430 67.56 -37.63 19.52
CA PHE F 430 66.43 -36.72 19.43
C PHE F 430 66.68 -35.61 18.42
N ILE F 431 67.91 -35.45 17.96
CA ILE F 431 68.24 -34.53 16.88
C ILE F 431 68.18 -35.31 15.56
N PRO F 432 67.37 -34.87 14.59
CA PRO F 432 67.28 -35.63 13.33
C PRO F 432 68.60 -35.74 12.59
N LEU F 433 69.47 -34.73 12.71
CA LEU F 433 70.76 -34.78 12.02
C LEU F 433 71.60 -35.94 12.53
N VAL F 434 71.60 -36.18 13.84
CA VAL F 434 72.33 -37.31 14.39
C VAL F 434 71.75 -38.62 13.87
N CYS F 435 70.43 -38.69 13.73
CA CYS F 435 69.81 -39.88 13.15
C CYS F 435 70.27 -40.11 11.72
N TRP F 436 70.34 -39.03 10.93
CA TRP F 436 70.82 -39.15 9.56
C TRP F 436 72.26 -39.65 9.53
N ILE F 437 73.12 -39.08 10.38
CA ILE F 437 74.52 -39.46 10.39
C ILE F 437 74.69 -40.92 10.80
N VAL F 438 73.96 -41.34 11.85
CA VAL F 438 74.11 -42.71 12.32
C VAL F 438 73.54 -43.69 11.30
N CYS F 439 72.47 -43.33 10.60
CA CYS F 439 71.92 -44.21 9.58
C CYS F 439 72.89 -44.37 8.42
N THR F 440 73.50 -43.27 7.97
CA THR F 440 74.48 -43.36 6.90
C THR F 440 75.69 -44.18 7.34
N GLY F 441 76.14 -43.99 8.58
CA GLY F 441 77.26 -44.77 9.08
C GLY F 441 76.95 -46.26 9.13
N LEU F 442 75.76 -46.62 9.60
CA LEU F 442 75.37 -48.02 9.64
C LEU F 442 75.25 -48.60 8.23
N LYS F 443 74.76 -47.80 7.29
CA LYS F 443 74.74 -48.24 5.89
C LYS F 443 76.13 -48.56 5.40
N GLN F 444 77.08 -47.65 5.65
CA GLN F 444 78.45 -47.88 5.22
C GLN F 444 79.05 -49.11 5.91
N GLN F 445 78.71 -49.32 7.18
CA GLN F 445 79.24 -50.46 7.91
C GLN F 445 78.71 -51.77 7.34
N MET F 446 77.40 -51.89 7.14
CA MET F 446 76.86 -53.17 6.73
C MET F 446 77.09 -53.46 5.25
N GLU F 447 77.16 -52.43 4.40
CA GLU F 447 77.47 -52.69 3.00
C GLU F 447 78.90 -53.20 2.84
N THR F 448 79.85 -52.63 3.57
CA THR F 448 81.24 -53.04 3.49
C THR F 448 81.55 -54.28 4.32
N GLY F 449 80.56 -54.82 5.03
CA GLY F 449 80.76 -55.99 5.84
C GLY F 449 81.13 -55.72 7.28
N LYS F 450 81.38 -54.47 7.64
CA LYS F 450 81.71 -54.13 9.02
C LYS F 450 80.50 -54.31 9.93
N SER F 451 80.76 -54.63 11.18
CA SER F 451 79.68 -54.82 12.16
C SER F 451 79.03 -53.49 12.51
N LEU F 452 77.81 -53.56 13.02
CA LEU F 452 77.05 -52.37 13.37
C LEU F 452 77.15 -52.01 14.86
N ALA F 453 77.49 -52.96 15.72
CA ALA F 453 77.60 -52.68 17.15
C ALA F 453 78.74 -51.73 17.47
N GLN F 454 79.75 -51.64 16.61
CA GLN F 454 80.84 -50.70 16.84
C GLN F 454 80.34 -49.26 16.82
N THR F 455 79.39 -48.96 15.93
CA THR F 455 78.79 -47.63 15.91
C THR F 455 78.08 -47.33 17.22
N SER F 456 77.35 -48.30 17.75
CA SER F 456 76.69 -48.12 19.04
C SER F 456 77.71 -47.90 20.16
N LYS F 457 78.82 -48.64 20.13
CA LYS F 457 79.83 -48.50 21.17
C LYS F 457 80.49 -47.13 21.14
N THR F 458 80.46 -46.45 19.99
CA THR F 458 81.06 -45.12 19.87
C THR F 458 80.09 -44.08 20.40
N THR F 459 80.51 -43.33 21.41
CA THR F 459 79.68 -42.34 22.07
C THR F 459 80.30 -40.96 21.95
N THR F 460 79.43 -39.96 21.73
CA THR F 460 79.78 -38.54 21.83
C THR F 460 80.67 -38.10 20.66
N ALA F 461 81.17 -39.07 19.90
CA ALA F 461 82.08 -38.81 18.79
C ALA F 461 81.50 -39.35 17.49
N VAL F 462 80.24 -39.05 17.24
CA VAL F 462 79.56 -39.54 16.04
C VAL F 462 80.20 -38.97 14.79
N TYR F 463 80.51 -37.67 14.80
CA TYR F 463 81.08 -37.03 13.62
C TYR F 463 82.46 -37.59 13.28
N VAL F 464 83.32 -37.74 14.28
CA VAL F 464 84.69 -38.21 14.01
C VAL F 464 84.69 -39.65 13.53
N PHE F 465 83.91 -40.51 14.19
CA PHE F 465 83.82 -41.90 13.77
C PHE F 465 83.20 -42.01 12.38
N PHE F 466 82.20 -41.19 12.10
CA PHE F 466 81.57 -41.18 10.78
C PHE F 466 82.57 -40.78 9.70
N LEU F 467 83.38 -39.75 9.97
CA LEU F 467 84.41 -39.34 9.03
C LEU F 467 85.44 -40.44 8.83
N SER F 468 85.85 -41.10 9.92
CA SER F 468 86.84 -42.17 9.80
C SER F 468 86.29 -43.34 8.99
N SER F 469 85.03 -43.70 9.21
CA SER F 469 84.43 -44.80 8.46
C SER F 469 84.24 -44.43 6.99
N LEU F 470 83.95 -43.16 6.69
CA LEU F 470 83.79 -42.75 5.31
C LEU F 470 85.09 -42.93 4.52
N LEU F 471 86.22 -42.59 5.12
CA LEU F 471 87.50 -42.69 4.44
C LEU F 471 88.26 -43.95 4.87
N PHE F 482 96.88 -37.06 1.39
CA PHE F 482 95.56 -36.62 1.83
C PHE F 482 95.69 -35.44 2.80
N SER F 483 96.90 -35.22 3.30
CA SER F 483 97.12 -34.13 4.24
C SER F 483 96.87 -32.78 3.61
N ASP F 484 97.28 -32.60 2.35
CA ASP F 484 97.03 -31.34 1.65
C ASP F 484 95.55 -31.08 1.48
N TYR F 485 94.78 -32.10 1.12
CA TYR F 485 93.34 -31.94 0.97
C TYR F 485 92.71 -31.52 2.29
N LEU F 486 93.09 -32.18 3.39
CA LEU F 486 92.55 -31.85 4.69
C LEU F 486 92.92 -30.43 5.10
N GLN F 487 94.18 -30.04 4.87
CA GLN F 487 94.60 -28.69 5.22
C GLN F 487 93.84 -27.64 4.42
N GLY F 488 93.66 -27.88 3.12
CA GLY F 488 92.94 -26.93 2.30
C GLY F 488 91.48 -26.80 2.70
N LEU F 489 90.82 -27.93 2.95
CA LEU F 489 89.42 -27.89 3.36
C LEU F 489 89.28 -27.21 4.72
N CYS F 490 90.19 -27.51 5.64
CA CYS F 490 90.13 -26.90 6.97
C CYS F 490 90.36 -25.39 6.90
N SER F 491 91.31 -24.95 6.08
CA SER F 491 91.55 -23.51 5.94
C SER F 491 90.39 -22.84 5.23
N LEU F 492 89.74 -23.53 4.28
CA LEU F 492 88.54 -23.00 3.64
C LEU F 492 87.44 -22.80 4.68
N ALA F 493 87.25 -23.78 5.55
CA ALA F 493 86.24 -23.65 6.61
C ALA F 493 86.59 -22.50 7.55
N ALA F 494 87.87 -22.37 7.90
CA ALA F 494 88.28 -21.29 8.80
C ALA F 494 88.04 -19.93 8.19
N ASP F 495 88.40 -19.76 6.91
CA ASP F 495 88.17 -18.47 6.25
C ASP F 495 86.69 -18.19 6.08
N GLY F 496 85.88 -19.22 5.82
CA GLY F 496 84.43 -19.02 5.87
C GLY F 496 83.96 -18.59 7.24
N ILE F 497 84.61 -19.10 8.29
CA ILE F 497 84.28 -18.70 9.65
C ILE F 497 84.55 -17.21 9.85
N TRP F 498 85.75 -16.76 9.47
CA TRP F 498 86.06 -15.33 9.64
C TRP F 498 85.17 -14.46 8.76
N ASN F 499 84.99 -14.84 7.50
CA ASN F 499 84.33 -13.98 6.53
C ASN F 499 82.82 -14.13 6.50
N GLN F 500 82.26 -15.05 7.30
CA GLN F 500 80.82 -15.33 7.29
C GLN F 500 80.34 -15.70 5.90
N LYS F 501 81.20 -16.36 5.12
CA LYS F 501 80.92 -16.73 3.74
C LYS F 501 80.68 -18.23 3.66
N ILE F 502 79.64 -18.63 2.93
CA ILE F 502 79.31 -20.03 2.77
C ILE F 502 79.35 -20.37 1.29
N LEU F 503 79.07 -19.38 0.44
CA LEU F 503 79.06 -19.56 -1.01
C LEU F 503 80.45 -19.25 -1.57
N PHE F 504 81.38 -20.16 -1.27
CA PHE F 504 82.77 -19.95 -1.65
C PHE F 504 82.96 -19.96 -3.15
N GLU F 505 83.94 -19.21 -3.62
CA GLU F 505 84.30 -19.12 -5.02
C GLU F 505 85.67 -19.77 -5.23
N GLU F 506 86.19 -19.66 -6.46
CA GLU F 506 87.45 -20.30 -6.80
C GLU F 506 88.62 -19.72 -6.00
N CYS F 507 88.57 -18.42 -5.70
CA CYS F 507 89.72 -17.74 -5.11
C CYS F 507 90.08 -18.33 -3.74
N ASP F 508 89.08 -18.73 -2.96
CA ASP F 508 89.36 -19.36 -1.67
C ASP F 508 90.15 -20.65 -1.86
N LEU F 509 89.70 -21.51 -2.77
CA LEU F 509 90.40 -22.77 -3.02
C LEU F 509 91.80 -22.52 -3.56
N ARG F 510 91.96 -21.48 -4.38
CA ARG F 510 93.29 -21.13 -4.87
C ARG F 510 94.20 -20.72 -3.72
N LYS F 511 93.70 -19.90 -2.80
CA LYS F 511 94.51 -19.45 -1.67
C LYS F 511 94.88 -20.61 -0.76
N HIS F 512 93.94 -21.52 -0.52
CA HIS F 512 94.16 -22.66 0.36
C HIS F 512 94.84 -23.83 -0.32
N GLY F 513 95.11 -23.74 -1.63
CA GLY F 513 95.68 -24.85 -2.35
C GLY F 513 94.69 -25.93 -2.73
N LEU F 514 93.40 -25.72 -2.51
CA LEU F 514 92.39 -26.67 -2.93
C LEU F 514 92.16 -26.56 -4.43
N GLN F 515 92.04 -27.71 -5.09
CA GLN F 515 91.90 -27.78 -6.53
C GLN F 515 90.53 -28.32 -6.89
N LYS F 516 90.32 -28.51 -8.20
CA LYS F 516 89.03 -28.97 -8.69
C LYS F 516 88.72 -30.39 -8.26
N THR F 517 89.74 -31.23 -8.09
CA THR F 517 89.56 -32.61 -7.66
C THR F 517 89.37 -32.76 -6.16
N ASP F 518 89.08 -31.65 -5.44
CA ASP F 518 88.93 -31.67 -4.01
C ASP F 518 87.48 -31.50 -3.57
N VAL F 519 86.53 -31.91 -4.39
CA VAL F 519 85.11 -31.84 -4.05
C VAL F 519 84.67 -33.22 -3.56
N SER F 520 84.09 -33.26 -2.37
CA SER F 520 83.69 -34.51 -1.73
C SER F 520 82.21 -34.45 -1.33
N ALA F 521 81.78 -35.47 -0.60
CA ALA F 521 80.39 -35.55 -0.17
C ALA F 521 80.01 -34.42 0.78
N PHE F 522 80.92 -34.05 1.69
CA PHE F 522 80.64 -32.96 2.62
C PHE F 522 80.44 -31.64 1.89
N LEU F 523 81.25 -31.38 0.87
CA LEU F 523 81.08 -30.20 0.03
C LEU F 523 79.99 -30.46 -1.00
N ARG F 524 79.65 -29.43 -1.76
CA ARG F 524 78.64 -29.54 -2.80
C ARG F 524 78.88 -28.49 -3.86
N MET F 525 78.78 -28.90 -5.12
CA MET F 525 78.95 -28.00 -6.27
C MET F 525 77.58 -27.64 -6.82
N ASN F 526 77.37 -26.36 -7.08
CA ASN F 526 76.10 -25.85 -7.59
C ASN F 526 76.31 -24.98 -8.82
N ARG F 536 80.77 -21.54 -10.97
CA ARG F 536 80.59 -22.65 -10.05
C ARG F 536 80.38 -22.15 -8.63
N PHE F 537 79.58 -22.86 -7.86
CA PHE F 537 79.30 -22.52 -6.46
C PHE F 537 79.76 -23.65 -5.57
N TYR F 538 80.53 -23.31 -4.53
CA TYR F 538 80.97 -24.27 -3.52
C TYR F 538 80.19 -24.02 -2.25
N SER F 539 79.58 -25.06 -1.68
CA SER F 539 78.81 -24.88 -0.46
C SER F 539 78.83 -26.16 0.37
N PHE F 540 79.01 -26.00 1.67
CA PHE F 540 78.87 -27.14 2.57
C PHE F 540 77.42 -27.60 2.64
N SER F 541 77.23 -28.92 2.73
CA SER F 541 75.88 -29.47 2.78
C SER F 541 75.13 -28.98 4.00
N HIS F 542 75.78 -28.98 5.16
CA HIS F 542 75.19 -28.51 6.41
C HIS F 542 76.30 -27.85 7.22
N MET F 543 75.96 -26.77 7.92
CA MET F 543 76.99 -25.93 8.52
C MET F 543 77.79 -26.68 9.57
N THR F 544 77.13 -27.54 10.35
CA THR F 544 77.82 -28.26 11.43
C THR F 544 79.08 -28.93 10.92
N PHE F 545 79.04 -29.43 9.68
CA PHE F 545 80.23 -30.02 9.07
C PHE F 545 81.35 -28.99 8.93
N GLN F 546 81.02 -27.75 8.52
CA GLN F 546 82.08 -26.78 8.33
C GLN F 546 82.62 -26.27 9.66
N GLU F 547 81.76 -26.13 10.68
CA GLU F 547 82.32 -25.84 12.00
C GLU F 547 83.22 -26.98 12.48
N PHE F 548 82.86 -28.24 12.18
CA PHE F 548 83.70 -29.36 12.57
C PHE F 548 85.06 -29.29 11.89
N PHE F 549 85.07 -29.00 10.59
CA PHE F 549 86.34 -28.90 9.87
C PHE F 549 87.17 -27.73 10.37
N ALA F 550 86.53 -26.59 10.67
CA ALA F 550 87.25 -25.45 11.23
C ALA F 550 87.85 -25.80 12.59
N ALA F 551 87.11 -26.54 13.41
CA ALA F 551 87.66 -26.97 14.70
C ALA F 551 88.85 -27.91 14.51
N MET F 552 88.75 -28.84 13.56
CA MET F 552 89.85 -29.75 13.30
C MET F 552 91.06 -29.03 12.71
N TYR F 553 90.85 -27.87 12.08
CA TYR F 553 91.95 -27.12 11.48
C TYR F 553 93.00 -26.76 12.52
N TYR F 554 92.58 -26.26 13.67
CA TYR F 554 93.52 -25.68 14.62
C TYR F 554 94.33 -26.73 15.38
N LEU F 555 94.21 -28.01 15.02
CA LEU F 555 95.00 -29.06 15.64
C LEU F 555 95.93 -29.78 14.67
N LEU F 556 95.66 -29.72 13.38
CA LEU F 556 96.53 -30.35 12.38
C LEU F 556 97.94 -29.79 12.44
N ASN F 577 94.92 -18.22 9.78
CA ASN F 577 95.52 -18.02 11.09
C ASN F 577 95.41 -19.28 11.95
N ARG F 578 96.52 -19.67 12.57
CA ARG F 578 96.58 -20.86 13.42
C ARG F 578 96.59 -20.49 14.91
N ASP F 579 96.67 -19.21 15.24
CA ASP F 579 96.66 -18.77 16.63
C ASP F 579 95.30 -19.05 17.24
N VAL F 580 95.26 -19.90 18.26
CA VAL F 580 94.01 -20.35 18.84
C VAL F 580 93.25 -19.21 19.51
N LYS F 581 93.93 -18.15 19.91
CA LYS F 581 93.30 -17.07 20.67
C LYS F 581 92.15 -16.41 19.92
N VAL F 582 92.13 -16.50 18.59
CA VAL F 582 91.03 -15.92 17.83
C VAL F 582 89.71 -16.58 18.23
N LEU F 583 89.75 -17.88 18.51
CA LEU F 583 88.56 -18.56 19.00
C LEU F 583 88.23 -18.13 20.42
N LEU F 584 89.25 -17.81 21.22
CA LEU F 584 89.04 -17.53 22.63
C LEU F 584 88.39 -16.17 22.84
N GLU F 585 88.87 -15.14 22.15
CA GLU F 585 88.45 -13.76 22.44
C GLU F 585 87.56 -13.14 21.38
N ASN F 586 87.73 -13.48 20.10
CA ASN F 586 86.92 -12.90 19.04
C ASN F 586 85.52 -13.49 18.98
N TYR F 587 85.12 -14.23 20.01
CA TYR F 587 83.73 -14.66 20.15
C TYR F 587 82.82 -13.45 20.33
N GLY F 588 81.61 -13.53 19.78
CA GLY F 588 80.64 -12.48 19.87
C GLY F 588 80.61 -11.55 18.67
N LYS F 589 81.65 -11.55 17.85
CA LYS F 589 81.64 -10.77 16.61
C LYS F 589 80.57 -11.28 15.65
N PHE F 590 80.23 -12.56 15.76
CA PHE F 590 79.16 -13.17 14.97
C PHE F 590 77.97 -13.46 15.88
N GLU F 591 76.78 -13.12 15.41
CA GLU F 591 75.57 -13.37 16.20
C GLU F 591 75.35 -14.86 16.42
N LYS F 592 74.78 -15.19 17.57
CA LYS F 592 74.37 -16.54 17.97
C LYS F 592 75.53 -17.50 18.12
N GLY F 593 76.76 -17.01 18.17
CA GLY F 593 77.88 -17.81 18.62
C GLY F 593 78.23 -19.02 17.78
N TYR F 594 78.74 -18.79 16.57
CA TYR F 594 79.22 -19.90 15.75
C TYR F 594 80.37 -20.63 16.42
N LEU F 595 81.23 -19.88 17.13
CA LEU F 595 82.50 -20.41 17.62
C LEU F 595 82.35 -21.51 18.67
N ILE F 596 81.41 -21.37 19.62
CA ILE F 596 81.31 -22.33 20.71
C ILE F 596 81.13 -23.74 20.16
N PHE F 597 80.19 -23.90 19.23
CA PHE F 597 80.02 -25.21 18.59
C PHE F 597 81.34 -25.69 18.00
N VAL F 598 82.01 -24.83 17.23
CA VAL F 598 83.38 -25.10 16.80
C VAL F 598 84.20 -25.58 17.98
N VAL F 599 84.31 -24.72 19.01
CA VAL F 599 85.16 -25.03 20.15
C VAL F 599 84.71 -26.32 20.81
N ARG F 600 83.41 -26.65 20.73
CA ARG F 600 82.95 -27.91 21.29
C ARG F 600 83.71 -29.08 20.70
N PHE F 601 83.74 -29.15 19.36
CA PHE F 601 84.52 -30.21 18.71
C PHE F 601 85.99 -30.11 19.08
N LEU F 602 86.48 -28.90 19.36
CA LEU F 602 87.83 -28.76 19.86
C LEU F 602 88.01 -29.57 21.14
N PHE F 603 87.12 -29.39 22.11
CA PHE F 603 87.17 -30.23 23.30
C PHE F 603 86.99 -31.70 22.95
N GLY F 604 86.28 -31.97 21.86
CA GLY F 604 86.19 -33.35 21.39
C GLY F 604 87.53 -33.88 20.92
N LEU F 605 88.27 -33.07 20.18
CA LEU F 605 89.46 -33.58 19.50
C LEU F 605 90.66 -33.60 20.44
N VAL F 606 90.70 -32.71 21.42
CA VAL F 606 91.86 -32.59 22.30
C VAL F 606 91.90 -33.75 23.30
N ASN F 607 90.84 -34.56 23.32
CA ASN F 607 90.82 -35.74 24.19
C ASN F 607 91.98 -36.65 23.83
N GLN F 608 92.69 -37.13 24.86
CA GLN F 608 93.95 -37.84 24.64
C GLN F 608 93.74 -39.09 23.77
N GLU F 609 92.73 -39.90 24.11
CA GLU F 609 92.42 -41.05 23.27
C GLU F 609 91.94 -40.61 21.89
N ARG F 610 91.08 -39.58 21.84
CA ARG F 610 90.59 -39.11 20.56
C ARG F 610 91.69 -38.43 19.75
N THR F 611 92.58 -37.70 20.43
CA THR F 611 93.72 -37.10 19.74
C THR F 611 94.64 -38.19 19.15
N SER F 612 94.92 -39.22 19.94
CA SER F 612 95.76 -40.31 19.45
C SER F 612 95.09 -41.03 18.27
N TYR F 613 93.79 -41.26 18.36
CA TYR F 613 93.07 -41.92 17.28
C TYR F 613 93.09 -41.07 16.01
N LEU F 614 92.90 -39.75 16.15
CA LEU F 614 92.98 -38.86 14.99
C LEU F 614 94.36 -38.90 14.35
N GLU F 615 95.41 -38.84 15.18
CA GLU F 615 96.77 -38.88 14.66
C GLU F 615 97.06 -40.18 13.94
N LYS F 616 96.63 -41.31 14.53
CA LYS F 616 96.93 -42.61 13.95
C LYS F 616 95.98 -43.00 12.82
N LYS F 617 94.88 -42.26 12.63
CA LYS F 617 93.98 -42.50 11.51
C LYS F 617 94.22 -41.54 10.34
N LEU F 618 94.83 -40.38 10.58
CA LEU F 618 95.14 -39.45 9.50
C LEU F 618 96.63 -39.19 9.33
N SER F 619 97.48 -39.87 10.10
CA SER F 619 98.94 -39.76 10.01
C SER F 619 99.43 -38.34 10.28
N CYS F 620 98.63 -37.54 10.97
CA CYS F 620 98.97 -36.15 11.28
C CYS F 620 99.37 -36.03 12.74
N LYS F 621 99.63 -34.79 13.16
CA LYS F 621 100.02 -34.48 14.53
C LYS F 621 99.08 -33.44 15.10
N ILE F 622 98.79 -33.54 16.40
CA ILE F 622 97.86 -32.64 17.08
C ILE F 622 98.64 -31.84 18.11
N SER F 623 98.48 -30.52 18.08
CA SER F 623 99.11 -29.67 19.07
C SER F 623 98.52 -29.91 20.45
N GLN F 624 99.35 -29.71 21.48
CA GLN F 624 98.95 -29.97 22.86
C GLN F 624 98.86 -28.74 23.74
N GLN F 625 99.51 -27.63 23.37
CA GLN F 625 99.35 -26.40 24.14
C GLN F 625 97.92 -25.87 24.04
N VAL F 626 97.17 -26.31 23.03
CA VAL F 626 95.78 -25.91 22.88
C VAL F 626 94.97 -26.33 24.10
N ARG F 627 95.27 -27.50 24.66
CA ARG F 627 94.53 -27.96 25.85
C ARG F 627 94.75 -27.02 27.04
N LEU F 628 96.00 -26.60 27.25
CA LEU F 628 96.27 -25.68 28.35
C LEU F 628 95.65 -24.32 28.10
N GLU F 629 95.68 -23.85 26.85
CA GLU F 629 95.02 -22.58 26.54
C GLU F 629 93.52 -22.66 26.77
N LEU F 630 92.91 -23.81 26.41
CA LEU F 630 91.49 -24.01 26.67
C LEU F 630 91.21 -24.07 28.17
N LEU F 631 92.11 -24.69 28.94
CA LEU F 631 91.99 -24.62 30.40
C LEU F 631 91.94 -23.18 30.87
N LYS F 632 92.92 -22.38 30.45
CA LYS F 632 92.98 -20.99 30.89
C LYS F 632 91.72 -20.25 30.49
N TRP F 633 91.20 -20.54 29.30
CA TRP F 633 89.92 -19.95 28.89
C TRP F 633 88.78 -20.41 29.79
N ILE F 634 88.84 -21.64 30.29
CA ILE F 634 87.82 -22.12 31.22
C ILE F 634 87.82 -21.30 32.50
N GLU F 635 89.01 -21.06 33.07
CA GLU F 635 89.03 -20.21 34.26
C GLU F 635 88.65 -18.77 33.94
N VAL F 636 88.99 -18.29 32.74
CA VAL F 636 88.58 -16.95 32.34
C VAL F 636 87.05 -16.84 32.31
N LYS F 637 86.39 -17.84 31.73
CA LYS F 637 84.94 -17.83 31.67
C LYS F 637 84.34 -17.98 33.07
N ALA F 638 84.92 -18.84 33.91
CA ALA F 638 84.34 -19.11 35.22
C ALA F 638 84.47 -17.92 36.16
N LYS F 639 85.62 -17.25 36.14
CA LYS F 639 85.93 -16.23 37.14
C LYS F 639 85.70 -14.80 36.63
N ALA F 640 85.10 -14.63 35.47
CA ALA F 640 84.88 -13.29 34.94
C ALA F 640 83.75 -12.59 35.70
N LYS F 641 83.67 -11.27 35.52
CA LYS F 641 82.64 -10.47 36.16
C LYS F 641 81.45 -10.23 35.21
N LYS F 642 81.71 -9.62 34.07
CA LYS F 642 80.67 -9.29 33.09
C LYS F 642 80.24 -10.60 32.41
N LEU F 643 79.39 -11.35 33.10
CA LEU F 643 79.01 -12.69 32.67
C LEU F 643 77.81 -12.70 31.74
N GLN F 644 77.30 -11.53 31.34
CA GLN F 644 76.14 -11.48 30.46
C GLN F 644 76.49 -11.90 29.04
N TRP F 645 77.61 -11.41 28.51
CA TRP F 645 77.93 -11.65 27.10
C TRP F 645 78.34 -13.10 26.84
N GLN F 646 78.89 -13.78 27.82
CA GLN F 646 79.34 -15.14 27.61
C GLN F 646 78.14 -16.06 27.41
N PRO F 647 78.31 -17.18 26.72
CA PRO F 647 77.24 -18.17 26.64
C PRO F 647 77.02 -18.88 27.97
N SER F 648 75.91 -19.59 28.10
CA SER F 648 75.50 -20.14 29.38
C SER F 648 76.48 -21.21 29.87
N GLN F 649 76.34 -21.56 31.15
CA GLN F 649 77.22 -22.56 31.75
C GLN F 649 76.89 -23.96 31.25
N LEU F 650 75.65 -24.18 30.80
CA LEU F 650 75.29 -25.47 30.21
C LEU F 650 76.13 -25.78 28.99
N GLU F 651 76.54 -24.75 28.23
CA GLU F 651 77.46 -24.97 27.13
C GLU F 651 78.81 -25.46 27.63
N LEU F 652 79.29 -24.89 28.74
CA LEU F 652 80.53 -25.37 29.34
C LEU F 652 80.41 -26.83 29.74
N PHE F 653 79.24 -27.22 30.27
CA PHE F 653 79.07 -28.60 30.68
C PHE F 653 78.96 -29.53 29.48
N TYR F 654 78.32 -29.07 28.40
CA TYR F 654 78.36 -29.80 27.14
C TYR F 654 79.79 -30.04 26.69
N CYS F 655 80.63 -29.01 26.76
CA CYS F 655 82.02 -29.16 26.35
C CYS F 655 82.75 -30.17 27.23
N LEU F 656 82.57 -30.08 28.55
CA LEU F 656 83.26 -30.98 29.46
C LEU F 656 82.77 -32.42 29.32
N TYR F 657 81.52 -32.60 28.90
CA TYR F 657 81.04 -33.95 28.61
C TYR F 657 81.56 -34.47 27.27
N GLU F 658 81.68 -33.58 26.28
CA GLU F 658 82.24 -33.98 24.99
C GLU F 658 83.69 -34.42 25.15
N MET F 659 84.44 -33.71 25.98
CA MET F 659 85.88 -33.99 26.11
C MET F 659 86.14 -35.37 26.69
N GLN F 660 85.47 -35.72 27.79
CA GLN F 660 85.55 -37.06 28.40
C GLN F 660 86.97 -37.43 28.82
N GLU F 661 87.71 -36.50 29.42
CA GLU F 661 89.02 -36.79 30.00
C GLU F 661 88.96 -36.52 31.50
N GLU F 662 88.98 -37.59 32.29
CA GLU F 662 88.59 -37.51 33.70
C GLU F 662 89.40 -36.48 34.47
N ASP F 663 90.74 -36.58 34.41
CA ASP F 663 91.57 -35.73 35.26
C ASP F 663 91.44 -34.26 34.89
N PHE F 664 91.44 -33.94 33.60
CA PHE F 664 91.38 -32.54 33.21
C PHE F 664 89.97 -32.00 33.42
N VAL F 665 88.94 -32.85 33.28
CA VAL F 665 87.60 -32.44 33.70
C VAL F 665 87.60 -32.03 35.17
N GLN F 666 88.16 -32.88 36.04
CA GLN F 666 88.15 -32.58 37.46
C GLN F 666 88.93 -31.30 37.76
N SER F 667 90.10 -31.14 37.15
CA SER F 667 90.95 -29.99 37.44
C SER F 667 90.31 -28.69 36.94
N ALA F 668 89.80 -28.69 35.70
CA ALA F 668 89.20 -27.47 35.16
C ALA F 668 87.80 -27.23 35.72
N MET F 669 87.24 -28.23 36.41
CA MET F 669 85.90 -28.12 36.95
C MET F 669 85.88 -27.78 38.43
N ASP F 670 86.99 -27.98 39.14
CA ASP F 670 87.05 -27.54 40.52
C ASP F 670 86.94 -26.03 40.68
N HIS F 671 86.80 -25.29 39.57
CA HIS F 671 86.66 -23.84 39.60
C HIS F 671 85.20 -23.40 39.53
N PHE F 672 84.28 -24.26 39.97
CA PHE F 672 82.85 -23.94 40.00
C PHE F 672 82.29 -24.24 41.39
N PRO F 673 82.58 -23.37 42.38
CA PRO F 673 81.96 -23.56 43.70
C PRO F 673 80.44 -23.47 43.66
N LYS F 674 79.87 -22.63 42.80
CA LYS F 674 78.43 -22.50 42.66
C LYS F 674 78.04 -22.85 41.23
N ILE F 675 77.07 -23.76 41.09
CA ILE F 675 76.65 -24.27 39.80
C ILE F 675 75.17 -23.97 39.62
N GLU F 676 74.83 -23.32 38.50
CA GLU F 676 73.44 -23.07 38.14
C GLU F 676 73.21 -23.57 36.72
N ILE F 677 72.22 -24.43 36.55
CA ILE F 677 71.92 -25.05 35.26
C ILE F 677 70.42 -25.11 35.06
N ASN F 678 69.99 -24.99 33.81
CA ASN F 678 68.58 -25.09 33.44
C ASN F 678 68.44 -26.19 32.40
N LEU F 679 67.66 -27.21 32.74
CA LEU F 679 67.59 -28.45 31.95
C LEU F 679 66.25 -28.56 31.24
N SER F 680 66.29 -28.98 29.98
CA SER F 680 65.07 -29.11 29.20
C SER F 680 65.02 -30.34 28.30
N THR F 681 65.92 -31.31 28.45
CA THR F 681 65.92 -32.49 27.59
C THR F 681 66.71 -33.61 28.26
N ARG F 682 66.65 -34.80 27.66
CA ARG F 682 67.41 -35.93 28.17
C ARG F 682 68.90 -35.68 28.12
N MET F 683 69.37 -35.07 27.04
CA MET F 683 70.80 -34.80 26.90
C MET F 683 71.29 -33.87 28.01
N ASP F 684 70.49 -32.86 28.36
CA ASP F 684 70.84 -31.99 29.47
C ASP F 684 70.98 -32.78 30.76
N HIS F 685 70.03 -33.69 31.02
CA HIS F 685 70.08 -34.49 32.24
C HIS F 685 71.34 -35.36 32.26
N VAL F 686 71.68 -35.97 31.12
CA VAL F 686 72.83 -36.87 31.07
C VAL F 686 74.13 -36.09 31.28
N VAL F 687 74.27 -34.96 30.58
CA VAL F 687 75.51 -34.19 30.70
C VAL F 687 75.63 -33.63 32.12
N SER F 688 74.52 -33.21 32.72
CA SER F 688 74.58 -32.73 34.09
C SER F 688 74.94 -33.85 35.06
N SER F 689 74.36 -35.04 34.86
CA SER F 689 74.72 -36.17 35.72
C SER F 689 76.22 -36.41 35.67
N PHE F 690 76.77 -36.50 34.45
CA PHE F 690 78.20 -36.72 34.31
C PHE F 690 79.00 -35.60 34.96
N CYS F 691 78.63 -34.34 34.69
CA CYS F 691 79.42 -33.21 35.15
C CYS F 691 79.45 -33.11 36.67
N ILE F 692 78.27 -33.09 37.31
CA ILE F 692 78.25 -33.01 38.77
C ILE F 692 78.81 -34.29 39.40
N LYS F 693 78.70 -35.44 38.74
CA LYS F 693 79.38 -36.63 39.25
C LYS F 693 80.89 -36.43 39.26
N ASN F 694 81.41 -35.68 38.28
CA ASN F 694 82.84 -35.39 38.28
C ASN F 694 83.22 -34.34 39.32
N CYS F 695 82.26 -33.52 39.75
CA CYS F 695 82.55 -32.45 40.70
C CYS F 695 83.03 -33.00 42.03
N HIS F 696 83.92 -32.23 42.68
CA HIS F 696 84.40 -32.59 44.00
C HIS F 696 84.49 -31.43 44.97
N ARG F 697 84.30 -30.19 44.52
CA ARG F 697 84.39 -29.02 45.40
C ARG F 697 83.31 -28.01 45.08
N VAL F 698 82.06 -28.45 44.98
CA VAL F 698 80.92 -27.57 44.75
C VAL F 698 80.15 -27.41 46.06
N LYS F 699 79.73 -26.18 46.35
CA LYS F 699 79.01 -25.87 47.58
C LYS F 699 77.55 -25.55 47.33
N THR F 700 77.27 -24.59 46.45
CA THR F 700 75.89 -24.20 46.14
C THR F 700 75.52 -24.76 44.78
N LEU F 701 74.35 -25.40 44.71
CA LEU F 701 73.87 -25.99 43.46
C LEU F 701 72.42 -25.63 43.26
N SER F 702 72.07 -25.28 42.02
CA SER F 702 70.69 -24.99 41.66
C SER F 702 70.34 -25.77 40.39
N LEU F 703 69.06 -25.99 40.20
CA LEU F 703 68.56 -26.76 39.06
C LEU F 703 67.31 -26.10 38.50
N GLY F 704 67.10 -26.28 37.20
CA GLY F 704 65.89 -25.81 36.57
C GLY F 704 65.31 -26.86 35.64
N PHE F 705 64.10 -27.34 35.95
CA PHE F 705 63.43 -28.34 35.13
C PHE F 705 62.40 -27.60 34.28
N PHE F 706 62.91 -26.91 33.27
CA PHE F 706 62.11 -26.04 32.41
C PHE F 706 61.55 -26.87 31.26
N HIS F 707 60.26 -27.20 31.34
CA HIS F 707 59.60 -27.97 30.28
C HIS F 707 58.62 -27.09 29.51
N THR F 747 59.03 -36.05 36.10
CA THR F 747 60.49 -36.10 35.99
C THR F 747 61.07 -37.10 36.97
N SER F 748 60.36 -38.21 37.18
CA SER F 748 60.82 -39.23 38.12
C SER F 748 62.14 -39.83 37.68
N SER F 749 62.21 -40.26 36.41
CA SER F 749 63.47 -40.79 35.89
C SER F 749 64.55 -39.72 35.87
N PHE F 750 64.18 -38.49 35.50
CA PHE F 750 65.13 -37.38 35.48
C PHE F 750 65.69 -37.16 36.88
N CYS F 751 64.80 -37.09 37.87
CA CYS F 751 65.22 -36.85 39.25
C CYS F 751 66.09 -37.98 39.76
N ARG F 752 65.74 -39.23 39.45
CA ARG F 752 66.57 -40.35 39.88
C ARG F 752 67.96 -40.25 39.28
N GLY F 753 68.03 -40.05 37.94
CA GLY F 753 69.32 -40.01 37.28
C GLY F 753 70.22 -38.89 37.79
N LEU F 754 69.62 -37.74 38.10
CA LEU F 754 70.44 -36.64 38.64
C LEU F 754 70.81 -36.89 40.09
N PHE F 755 69.82 -37.08 40.95
CA PHE F 755 70.03 -37.08 42.39
C PHE F 755 70.67 -38.35 42.92
N SER F 756 70.84 -39.38 42.09
CA SER F 756 71.60 -40.54 42.54
C SER F 756 73.03 -40.17 42.88
N SER F 757 73.64 -39.32 42.05
CA SER F 757 75.02 -38.91 42.28
C SER F 757 75.14 -37.93 43.43
N LEU F 758 74.09 -37.13 43.68
CA LEU F 758 74.17 -36.09 44.71
C LEU F 758 74.37 -36.68 46.10
N SER F 759 73.84 -37.88 46.35
CA SER F 759 74.08 -38.53 47.62
C SER F 759 75.56 -38.89 47.79
N THR F 760 76.22 -39.27 46.70
CA THR F 760 77.64 -39.58 46.73
C THR F 760 78.52 -38.34 46.75
N ASN F 761 77.96 -37.17 46.46
CA ASN F 761 78.73 -35.93 46.47
C ASN F 761 78.99 -35.51 47.92
N ARG F 762 80.26 -35.48 48.31
CA ARG F 762 80.64 -35.17 49.68
C ARG F 762 80.97 -33.70 49.89
N SER F 763 80.71 -32.86 48.89
CA SER F 763 81.00 -31.44 48.99
C SER F 763 79.78 -30.53 48.98
N LEU F 764 78.65 -30.99 48.45
CA LEU F 764 77.48 -30.14 48.32
C LEU F 764 76.92 -29.77 49.69
N THR F 765 76.55 -28.50 49.85
CA THR F 765 75.97 -28.01 51.10
C THR F 765 74.67 -27.27 50.93
N GLU F 766 74.43 -26.60 49.81
CA GLU F 766 73.18 -25.88 49.57
C GLU F 766 72.59 -26.36 48.25
N LEU F 767 71.28 -26.56 48.23
CA LEU F 767 70.58 -27.10 47.06
C LEU F 767 69.33 -26.27 46.82
N ASP F 768 69.34 -25.48 45.76
CA ASP F 768 68.20 -24.64 45.41
C ASP F 768 67.34 -25.36 44.38
N LEU F 769 66.03 -25.41 44.63
CA LEU F 769 65.09 -25.99 43.68
C LEU F 769 63.82 -25.16 43.57
N SER F 770 63.89 -23.87 43.87
CA SER F 770 62.71 -23.03 43.85
C SER F 770 62.12 -22.94 42.45
N ASP F 771 60.80 -22.84 42.40
CA ASP F 771 60.00 -22.59 41.20
C ASP F 771 60.03 -23.74 40.20
N ASN F 772 60.80 -24.79 40.44
CA ASN F 772 60.75 -25.96 39.59
C ASN F 772 59.50 -26.77 39.91
N THR F 773 58.74 -27.09 38.88
CA THR F 773 57.54 -27.93 39.07
C THR F 773 57.93 -29.40 38.99
N LEU F 774 58.85 -29.79 39.87
CA LEU F 774 59.32 -31.17 39.91
C LEU F 774 58.25 -32.13 40.37
N GLY F 775 57.14 -31.63 40.91
CA GLY F 775 56.03 -32.46 41.28
C GLY F 775 56.27 -33.23 42.57
N ASP F 776 55.27 -34.02 42.92
CA ASP F 776 55.34 -34.76 44.19
C ASP F 776 56.17 -36.04 44.07
N PRO F 777 55.98 -36.90 43.06
CA PRO F 777 56.85 -38.09 42.96
C PRO F 777 58.32 -37.74 42.78
N GLY F 778 58.62 -36.66 42.06
CA GLY F 778 60.00 -36.21 41.98
C GLY F 778 60.54 -35.79 43.34
N MET F 779 59.68 -35.17 44.15
CA MET F 779 60.09 -34.78 45.50
C MET F 779 60.37 -36.02 46.34
N ARG F 780 59.57 -37.07 46.15
CA ARG F 780 59.83 -38.34 46.83
C ARG F 780 61.17 -38.91 46.40
N VAL F 781 61.46 -38.88 45.09
CA VAL F 781 62.74 -39.37 44.59
C VAL F 781 63.89 -38.61 45.23
N LEU F 782 63.76 -37.29 45.28
CA LEU F 782 64.75 -36.46 45.97
C LEU F 782 64.89 -36.90 47.43
N CYS F 783 63.78 -37.24 48.07
CA CYS F 783 63.83 -37.63 49.48
C CYS F 783 64.64 -38.91 49.67
N GLU F 784 64.40 -39.93 48.84
CA GLU F 784 65.21 -41.13 49.05
C GLU F 784 66.64 -40.91 48.59
N ALA F 785 66.88 -39.91 47.74
CA ALA F 785 68.25 -39.54 47.40
C ALA F 785 68.97 -38.94 48.61
N LEU F 786 68.28 -38.08 49.35
CA LEU F 786 68.95 -37.32 50.41
C LEU F 786 69.33 -38.19 51.59
N GLN F 787 68.43 -39.06 52.05
CA GLN F 787 68.63 -39.75 53.32
C GLN F 787 69.75 -40.77 53.27
N HIS F 788 70.44 -40.86 52.14
CA HIS F 788 71.66 -41.65 52.09
C HIS F 788 72.71 -41.00 52.99
N PRO F 789 73.46 -41.79 53.75
CA PRO F 789 74.40 -41.20 54.73
C PRO F 789 75.50 -40.37 54.10
N GLY F 790 75.78 -40.53 52.82
CA GLY F 790 76.89 -39.82 52.21
C GLY F 790 76.60 -38.35 51.95
N CYS F 791 75.34 -38.00 51.74
CA CYS F 791 75.01 -36.63 51.35
C CYS F 791 75.29 -35.66 52.50
N ASN F 792 75.83 -34.50 52.15
CA ASN F 792 76.24 -33.49 53.12
C ASN F 792 75.45 -32.18 52.98
N ILE F 793 74.24 -32.25 52.42
CA ILE F 793 73.44 -31.05 52.25
C ILE F 793 72.97 -30.55 53.61
N GLN F 794 73.23 -29.27 53.89
CA GLN F 794 72.80 -28.62 55.12
C GLN F 794 71.69 -27.62 54.88
N ARG F 795 71.18 -27.52 53.66
CA ARG F 795 70.31 -26.41 53.30
C ARG F 795 69.48 -26.82 52.09
N LEU F 796 68.16 -26.69 52.19
CA LEU F 796 67.27 -27.13 51.12
C LEU F 796 66.11 -26.17 51.00
N TRP F 797 66.01 -25.51 49.84
CA TRP F 797 64.94 -24.55 49.57
C TRP F 797 64.02 -25.12 48.50
N LEU F 798 62.72 -25.08 48.77
CA LEU F 798 61.73 -25.73 47.91
C LEU F 798 60.53 -24.81 47.67
N GLY F 799 60.79 -23.55 47.37
CA GLY F 799 59.69 -22.60 47.18
C GLY F 799 58.95 -22.86 45.87
N ARG F 800 57.62 -22.79 45.95
CA ARG F 800 56.74 -22.88 44.78
C ARG F 800 57.00 -24.13 43.95
N CYS F 801 57.48 -25.20 44.59
CA CYS F 801 57.70 -26.45 43.87
C CYS F 801 56.41 -27.15 43.47
N GLY F 802 55.27 -26.69 43.97
CA GLY F 802 54.02 -27.36 43.66
C GLY F 802 53.81 -28.66 44.41
N LEU F 803 54.47 -28.84 45.55
CA LEU F 803 54.35 -30.05 46.33
C LEU F 803 52.96 -30.12 46.95
N SER F 804 52.75 -31.12 47.81
CA SER F 804 51.50 -31.26 48.53
C SER F 804 51.77 -32.08 49.79
N HIS F 805 50.70 -32.50 50.46
CA HIS F 805 50.82 -33.20 51.73
C HIS F 805 51.54 -34.54 51.57
N GLN F 806 51.54 -35.12 50.37
CA GLN F 806 52.17 -36.41 50.17
C GLN F 806 53.68 -36.33 50.42
N CYS F 807 54.32 -35.27 49.96
CA CYS F 807 55.75 -35.12 50.14
C CYS F 807 56.13 -34.92 51.60
N CYS F 808 55.19 -34.51 52.44
CA CYS F 808 55.51 -34.25 53.84
C CYS F 808 55.93 -35.51 54.58
N PHE F 809 55.33 -36.65 54.24
CA PHE F 809 55.75 -37.92 54.85
C PHE F 809 57.21 -38.21 54.54
N ASP F 810 57.58 -38.07 53.26
CA ASP F 810 58.96 -38.33 52.87
C ASP F 810 59.92 -37.33 53.51
N ILE F 811 59.53 -36.06 53.58
CA ILE F 811 60.38 -35.05 54.20
C ILE F 811 60.55 -35.34 55.69
N SER F 812 59.49 -35.81 56.33
CA SER F 812 59.57 -36.18 57.74
C SER F 812 60.55 -37.33 57.93
N SER F 813 60.51 -38.32 57.03
CA SER F 813 61.49 -39.40 57.12
C SER F 813 62.91 -38.87 56.94
N VAL F 814 63.09 -37.94 56.01
CA VAL F 814 64.42 -37.35 55.78
C VAL F 814 64.91 -36.65 57.04
N LEU F 815 64.03 -35.85 57.66
CA LEU F 815 64.42 -35.13 58.88
C LEU F 815 64.76 -36.09 60.00
N SER F 816 63.96 -37.15 60.17
CA SER F 816 64.22 -38.11 61.23
C SER F 816 65.47 -38.95 60.95
N SER F 817 65.92 -39.01 59.71
CA SER F 817 67.08 -39.81 59.36
C SER F 817 68.36 -39.00 59.13
N SER F 818 68.25 -37.72 58.79
CA SER F 818 69.41 -36.88 58.48
C SER F 818 69.67 -35.91 59.62
N GLN F 819 70.95 -35.79 60.00
CA GLN F 819 71.35 -34.89 61.07
C GLN F 819 72.26 -33.76 60.59
N LYS F 820 72.35 -33.56 59.27
CA LYS F 820 73.16 -32.48 58.72
C LYS F 820 72.33 -31.31 58.22
N LEU F 821 71.07 -31.54 57.84
CA LEU F 821 70.23 -30.48 57.33
C LEU F 821 69.98 -29.44 58.41
N VAL F 822 70.12 -28.16 58.05
CA VAL F 822 70.06 -27.06 59.01
C VAL F 822 68.77 -26.25 58.86
N GLU F 823 68.57 -25.63 57.70
CA GLU F 823 67.32 -24.92 57.46
C GLU F 823 66.54 -25.62 56.36
N LEU F 824 65.34 -25.12 56.10
CA LEU F 824 64.44 -25.78 55.16
C LEU F 824 63.34 -24.79 54.78
N ASP F 825 62.99 -24.77 53.50
CA ASP F 825 61.97 -23.87 52.99
C ASP F 825 60.88 -24.68 52.30
N LEU F 826 59.61 -24.30 52.56
CA LEU F 826 58.48 -24.92 51.90
C LEU F 826 57.44 -23.89 51.51
N SER F 827 57.87 -22.66 51.23
CA SER F 827 56.93 -21.58 51.00
C SER F 827 56.10 -21.82 49.75
N ASP F 828 54.82 -21.45 49.82
CA ASP F 828 53.91 -21.44 48.67
C ASP F 828 53.66 -22.83 48.11
N ASN F 829 53.69 -23.85 48.95
CA ASN F 829 53.22 -25.18 48.59
C ASN F 829 52.00 -25.52 49.43
N ALA F 830 50.96 -26.06 48.79
CA ALA F 830 49.70 -26.29 49.48
C ALA F 830 49.83 -27.49 50.42
N LEU F 831 50.72 -27.39 51.41
CA LEU F 831 50.88 -28.49 52.36
C LEU F 831 49.60 -28.74 53.16
N GLY F 832 49.03 -27.68 53.72
CA GLY F 832 47.84 -27.81 54.52
C GLY F 832 48.13 -28.26 55.94
N ASP F 833 47.08 -28.18 56.76
CA ASP F 833 47.20 -28.58 58.16
C ASP F 833 47.57 -30.05 58.29
N PHE F 834 47.07 -30.91 57.40
CA PHE F 834 47.47 -32.30 57.42
C PHE F 834 48.96 -32.44 57.09
N GLY F 835 49.45 -31.65 56.13
CA GLY F 835 50.86 -31.68 55.84
C GLY F 835 51.71 -31.27 57.02
N ILE F 836 51.26 -30.25 57.76
CA ILE F 836 51.97 -29.85 58.98
C ILE F 836 51.92 -30.95 60.01
N ARG F 837 50.76 -31.63 60.13
CA ARG F 837 50.64 -32.74 61.06
C ARG F 837 51.63 -33.85 60.72
N LEU F 838 51.84 -34.08 59.42
CA LEU F 838 52.83 -35.07 59.00
C LEU F 838 54.25 -34.62 59.31
N LEU F 839 54.55 -33.34 59.04
CA LEU F 839 55.89 -32.83 59.28
C LEU F 839 56.26 -32.88 60.75
N CYS F 840 55.32 -32.52 61.63
CA CYS F 840 55.64 -32.42 63.05
C CYS F 840 56.15 -33.75 63.62
N VAL F 841 55.75 -34.86 63.01
CA VAL F 841 56.24 -36.16 63.47
C VAL F 841 57.75 -36.25 63.28
N GLY F 842 58.23 -35.83 62.11
CA GLY F 842 59.67 -35.78 61.90
C GLY F 842 60.35 -34.70 62.73
N LEU F 843 59.70 -33.54 62.85
CA LEU F 843 60.30 -32.43 63.60
C LEU F 843 60.48 -32.80 65.07
N LYS F 844 59.48 -33.45 65.66
CA LYS F 844 59.56 -33.83 67.07
C LYS F 844 60.62 -34.88 67.34
N HIS F 845 61.16 -35.52 66.30
CA HIS F 845 62.18 -36.53 66.50
C HIS F 845 63.42 -35.93 67.13
N LEU F 846 64.06 -36.70 68.02
CA LEU F 846 65.19 -36.19 68.79
C LEU F 846 66.43 -35.95 67.94
N LEU F 847 66.46 -36.45 66.71
CA LEU F 847 67.61 -36.29 65.83
C LEU F 847 67.40 -35.22 64.78
N CYS F 848 66.37 -34.38 64.92
CA CYS F 848 66.14 -33.29 63.99
C CYS F 848 66.96 -32.08 64.41
N ASN F 849 67.81 -31.60 63.51
CA ASN F 849 68.68 -30.45 63.78
C ASN F 849 68.21 -29.19 63.05
N LEU F 850 66.94 -29.13 62.67
CA LEU F 850 66.43 -27.99 61.93
C LEU F 850 66.53 -26.72 62.77
N GLN F 851 66.85 -25.60 62.11
CA GLN F 851 66.98 -24.31 62.76
C GLN F 851 66.02 -23.28 62.21
N LYS F 852 65.96 -23.12 60.90
CA LYS F 852 65.09 -22.14 60.26
C LYS F 852 64.09 -22.89 59.40
N LEU F 853 62.80 -22.64 59.62
CA LEU F 853 61.74 -23.33 58.91
C LEU F 853 60.76 -22.31 58.34
N TRP F 854 60.74 -22.17 57.02
CA TRP F 854 59.76 -21.32 56.37
C TRP F 854 58.51 -22.12 56.04
N LEU F 855 57.35 -21.53 56.30
CA LEU F 855 56.08 -22.15 55.93
C LEU F 855 55.12 -21.11 55.36
N VAL F 856 55.66 -20.12 54.65
CA VAL F 856 54.85 -18.99 54.21
C VAL F 856 53.86 -19.43 53.15
N SER F 857 52.61 -19.05 53.32
CA SER F 857 51.54 -19.29 52.33
C SER F 857 51.36 -20.77 52.02
N CYS F 858 51.41 -21.60 53.05
CA CYS F 858 51.24 -23.04 52.90
C CYS F 858 49.79 -23.48 53.02
N CYS F 859 48.84 -22.57 52.81
CA CYS F 859 47.41 -22.88 52.88
C CYS F 859 47.04 -23.52 54.22
N LEU F 860 47.62 -23.02 55.29
CA LEU F 860 47.37 -23.57 56.62
C LEU F 860 46.10 -22.99 57.22
N THR F 861 45.71 -23.56 58.36
CA THR F 861 44.63 -23.04 59.19
C THR F 861 45.08 -23.15 60.64
N SER F 862 44.19 -22.77 61.55
CA SER F 862 44.54 -22.78 62.98
C SER F 862 44.73 -24.20 63.50
N ALA F 863 44.12 -25.19 62.85
CA ALA F 863 44.14 -26.55 63.35
C ALA F 863 45.56 -27.09 63.46
N CYS F 864 46.41 -26.78 62.48
CA CYS F 864 47.79 -27.24 62.52
C CYS F 864 48.56 -26.63 63.68
N CYS F 865 48.15 -25.44 64.13
CA CYS F 865 48.93 -24.69 65.11
C CYS F 865 49.23 -25.53 66.35
N GLN F 866 48.23 -26.24 66.86
CA GLN F 866 48.43 -27.09 68.04
C GLN F 866 49.62 -28.02 67.85
N ASP F 867 49.67 -28.71 66.70
CA ASP F 867 50.77 -29.61 66.43
C ASP F 867 52.10 -28.86 66.50
N LEU F 868 52.15 -27.68 65.87
CA LEU F 868 53.37 -26.89 65.87
C LEU F 868 53.84 -26.62 67.30
N ALA F 869 52.89 -26.41 68.21
CA ALA F 869 53.25 -26.13 69.60
C ALA F 869 54.12 -27.26 70.16
N LEU F 870 53.74 -28.51 69.90
CA LEU F 870 54.52 -29.63 70.43
C LEU F 870 55.95 -29.57 69.93
N VAL F 871 56.15 -29.13 68.67
CA VAL F 871 57.50 -29.02 68.12
C VAL F 871 58.35 -28.13 69.01
N LEU F 872 57.79 -26.99 69.44
CA LEU F 872 58.55 -26.05 70.24
C LEU F 872 58.93 -26.64 71.59
N SER F 873 58.18 -27.64 72.07
CA SER F 873 58.52 -28.32 73.31
C SER F 873 59.18 -29.67 73.08
N SER F 874 59.43 -30.04 71.83
CA SER F 874 60.16 -31.27 71.54
C SER F 874 61.50 -31.01 70.85
N ASN F 875 61.54 -30.03 69.96
CA ASN F 875 62.77 -29.64 69.29
C ASN F 875 63.25 -28.31 69.84
N HIS F 876 64.50 -28.28 70.30
CA HIS F 876 65.10 -27.05 70.80
C HIS F 876 66.03 -26.40 69.81
N SER F 877 66.41 -27.09 68.72
CA SER F 877 67.25 -26.48 67.71
C SER F 877 66.50 -25.50 66.83
N LEU F 878 65.17 -25.56 66.80
CA LEU F 878 64.38 -24.65 65.98
C LEU F 878 64.47 -23.25 66.56
N THR F 879 65.22 -22.38 65.89
CA THR F 879 65.35 -21.00 66.35
C THR F 879 64.26 -20.10 65.78
N ARG F 880 64.21 -19.97 64.46
CA ARG F 880 63.31 -19.02 63.82
C ARG F 880 62.27 -19.75 62.98
N LEU F 881 61.02 -19.33 63.11
CA LEU F 881 59.90 -19.86 62.36
C LEU F 881 59.28 -18.74 61.54
N TYR F 882 58.71 -19.09 60.39
CA TYR F 882 58.08 -18.10 59.52
C TYR F 882 56.78 -18.70 59.01
N ILE F 883 55.69 -18.44 59.72
CA ILE F 883 54.40 -19.04 59.39
C ILE F 883 53.44 -17.97 58.90
N GLY F 884 53.97 -16.93 58.28
CA GLY F 884 53.13 -15.84 57.83
C GLY F 884 52.31 -16.18 56.61
N GLU F 885 51.36 -15.30 56.31
CA GLU F 885 50.48 -15.41 55.16
C GLU F 885 49.69 -16.73 55.21
N ASN F 886 49.06 -16.97 56.36
CA ASN F 886 48.16 -18.10 56.54
C ASN F 886 46.96 -17.64 57.34
N ALA F 887 45.85 -18.37 57.18
CA ALA F 887 44.65 -18.03 57.94
C ALA F 887 44.71 -18.62 59.34
N LEU F 888 45.79 -18.35 60.06
CA LEU F 888 45.93 -18.86 61.42
C LEU F 888 44.84 -18.32 62.33
N GLY F 889 44.85 -17.01 62.55
CA GLY F 889 43.86 -16.37 63.39
C GLY F 889 44.27 -16.30 64.85
N ASP F 890 43.44 -15.59 65.62
CA ASP F 890 43.72 -15.37 67.03
C ASP F 890 43.75 -16.67 67.80
N SER F 891 42.85 -17.61 67.48
CA SER F 891 42.83 -18.88 68.18
C SER F 891 44.14 -19.64 67.98
N GLY F 892 44.62 -19.70 66.74
CA GLY F 892 45.86 -20.40 66.47
C GLY F 892 47.06 -19.72 67.12
N VAL F 893 47.10 -18.39 67.07
CA VAL F 893 48.21 -17.68 67.68
C VAL F 893 48.21 -17.88 69.19
N GLN F 894 47.02 -17.88 69.81
CA GLN F 894 46.94 -18.16 71.23
C GLN F 894 47.39 -19.57 71.55
N VAL F 895 47.03 -20.54 70.70
CA VAL F 895 47.44 -21.92 70.92
C VAL F 895 48.96 -22.04 70.88
N LEU F 896 49.58 -21.37 69.91
CA LEU F 896 51.04 -21.36 69.84
C LEU F 896 51.65 -20.69 71.06
N CYS F 897 51.15 -19.50 71.42
CA CYS F 897 51.77 -18.72 72.48
C CYS F 897 51.65 -19.41 73.83
N GLU F 898 50.50 -20.02 74.11
CA GLU F 898 50.28 -20.65 75.41
C GLU F 898 51.37 -21.67 75.71
N LYS F 899 51.77 -22.44 74.70
CA LYS F 899 52.89 -23.35 74.87
C LYS F 899 54.23 -22.62 74.74
N MET F 900 54.25 -21.46 74.08
CA MET F 900 55.47 -20.72 73.83
C MET F 900 55.99 -19.96 75.05
N LYS F 901 55.13 -19.72 76.05
CA LYS F 901 55.54 -18.89 77.19
C LYS F 901 56.65 -19.52 78.02
N ASP F 902 56.94 -20.80 77.85
CA ASP F 902 57.98 -21.43 78.65
C ASP F 902 59.32 -20.78 78.35
N PRO F 903 60.06 -20.34 79.37
CA PRO F 903 61.39 -19.75 79.12
C PRO F 903 62.36 -20.71 78.48
N GLN F 904 62.14 -22.03 78.60
CA GLN F 904 63.02 -22.99 77.96
C GLN F 904 62.81 -23.03 76.45
N CYS F 905 61.67 -22.53 75.95
CA CYS F 905 61.44 -22.47 74.51
C CYS F 905 62.52 -21.62 73.85
N ASN F 906 63.08 -22.13 72.76
CA ASN F 906 64.24 -21.52 72.13
C ASN F 906 63.90 -20.73 70.87
N LEU F 907 62.62 -20.50 70.60
CA LEU F 907 62.23 -19.78 69.40
C LEU F 907 62.65 -18.32 69.50
N GLN F 908 63.12 -17.78 68.38
CA GLN F 908 63.64 -16.41 68.35
C GLN F 908 62.84 -15.48 67.46
N LYS F 909 62.69 -15.80 66.17
CA LYS F 909 62.27 -14.80 65.20
C LYS F 909 60.95 -15.13 64.53
N LEU F 910 59.94 -15.49 65.32
CA LEU F 910 58.64 -15.84 64.78
C LEU F 910 58.11 -14.73 63.88
N GLY F 911 57.23 -15.11 62.95
CA GLY F 911 56.61 -14.15 62.07
C GLY F 911 55.19 -14.51 61.73
N LEU F 912 54.30 -13.53 61.68
CA LEU F 912 52.87 -13.76 61.41
C LEU F 912 52.37 -12.76 60.39
N VAL F 913 53.13 -12.56 59.32
CA VAL F 913 52.75 -11.60 58.29
C VAL F 913 51.42 -11.99 57.68
N ASN F 914 50.49 -11.02 57.64
CA ASN F 914 49.22 -11.18 56.95
C ASN F 914 48.45 -12.42 57.43
N SER F 915 48.44 -12.63 58.74
CA SER F 915 47.75 -13.77 59.32
C SER F 915 46.29 -13.48 59.67
N GLY F 916 45.81 -12.27 59.38
CA GLY F 916 44.43 -11.93 59.70
C GLY F 916 44.12 -11.90 61.17
N LEU F 917 45.08 -11.47 61.99
CA LEU F 917 44.89 -11.47 63.44
C LEU F 917 44.08 -10.26 63.88
N THR F 918 43.86 -10.17 65.19
CA THR F 918 43.19 -9.03 65.81
C THR F 918 43.81 -8.85 67.19
N SER F 919 43.24 -7.97 68.01
CA SER F 919 43.84 -7.67 69.31
C SER F 919 43.69 -8.81 70.30
N ILE F 920 42.93 -9.86 69.96
CA ILE F 920 42.67 -10.94 70.91
C ILE F 920 43.96 -11.68 71.25
N CYS F 921 44.77 -11.98 70.24
CA CYS F 921 46.02 -12.72 70.46
C CYS F 921 47.10 -11.83 71.07
N CYS F 922 46.86 -10.52 71.17
CA CYS F 922 47.88 -9.61 71.67
C CYS F 922 48.17 -9.88 73.14
N SER F 923 47.18 -10.33 73.91
CA SER F 923 47.44 -10.69 75.29
C SER F 923 48.39 -11.88 75.39
N ALA F 924 48.19 -12.88 74.54
CA ALA F 924 49.10 -14.03 74.51
C ALA F 924 50.50 -13.59 74.10
N LEU F 925 50.59 -12.71 73.11
CA LEU F 925 51.89 -12.19 72.70
C LEU F 925 52.55 -11.42 73.84
N THR F 926 51.74 -10.67 74.61
CA THR F 926 52.24 -9.97 75.79
C THR F 926 52.81 -10.96 76.80
N SER F 927 52.11 -12.07 77.02
CA SER F 927 52.64 -13.10 77.92
C SER F 927 53.95 -13.65 77.41
N VAL F 928 54.05 -13.88 76.09
CA VAL F 928 55.29 -14.38 75.50
C VAL F 928 56.43 -13.42 75.77
N LEU F 929 56.20 -12.13 75.52
CA LEU F 929 57.23 -11.13 75.76
C LEU F 929 57.61 -11.06 77.24
N LYS F 930 56.62 -11.15 78.12
CA LYS F 930 56.89 -11.10 79.55
C LYS F 930 57.72 -12.29 80.02
N THR F 931 57.53 -13.46 79.43
CA THR F 931 58.16 -14.68 79.91
C THR F 931 59.43 -15.05 79.16
N ASN F 932 59.36 -15.15 77.83
CA ASN F 932 60.49 -15.65 77.07
C ASN F 932 61.65 -14.66 77.10
N GLN F 933 62.87 -15.19 77.18
CA GLN F 933 64.09 -14.39 77.23
C GLN F 933 64.93 -14.48 75.96
N ASN F 934 64.40 -15.12 74.91
CA ASN F 934 65.13 -15.26 73.65
C ASN F 934 64.33 -14.81 72.45
N PHE F 935 63.08 -14.41 72.63
CA PHE F 935 62.19 -14.04 71.53
C PHE F 935 62.55 -12.63 71.07
N THR F 936 63.56 -12.55 70.20
CA THR F 936 64.10 -11.25 69.81
C THR F 936 63.21 -10.53 68.81
N HIS F 937 63.08 -11.08 67.61
CA HIS F 937 62.34 -10.40 66.56
C HIS F 937 60.88 -10.85 66.57
N LEU F 938 60.05 -10.13 65.81
CA LEU F 938 58.64 -10.44 65.72
C LEU F 938 58.02 -9.58 64.64
N TYR F 939 57.19 -10.19 63.79
CA TYR F 939 56.57 -9.49 62.67
C TYR F 939 55.07 -9.52 62.84
N LEU F 940 54.40 -8.41 62.52
CA LEU F 940 52.93 -8.41 62.57
C LEU F 940 52.27 -7.67 61.41
N ARG F 941 52.95 -7.49 60.28
CA ARG F 941 52.37 -6.60 59.29
C ARG F 941 51.07 -7.18 58.72
N SER F 942 50.24 -6.28 58.19
CA SER F 942 48.97 -6.64 57.55
C SER F 942 48.02 -7.35 58.51
N ASN F 943 48.08 -7.03 59.80
CA ASN F 943 47.16 -7.55 60.79
C ASN F 943 46.40 -6.39 61.42
N ALA F 944 45.07 -6.50 61.46
CA ALA F 944 44.23 -5.45 62.02
C ALA F 944 44.29 -5.47 63.55
N LEU F 945 45.48 -5.17 64.07
CA LEU F 945 45.68 -5.17 65.52
C LEU F 945 44.91 -4.02 66.17
N GLY F 946 45.08 -2.81 65.65
CA GLY F 946 44.43 -1.64 66.22
C GLY F 946 45.20 -1.08 67.40
N ASP F 947 44.75 0.09 67.84
CA ASP F 947 45.38 0.75 68.98
C ASP F 947 45.23 -0.06 70.27
N THR F 948 44.10 -0.75 70.44
CA THR F 948 43.97 -1.64 71.59
C THR F 948 45.01 -2.74 71.54
N GLY F 949 45.25 -3.31 70.36
CA GLY F 949 46.28 -4.32 70.23
C GLY F 949 47.67 -3.78 70.52
N LEU F 950 47.96 -2.57 70.05
CA LEU F 950 49.26 -1.98 70.35
C LEU F 950 49.41 -1.72 71.83
N ARG F 951 48.34 -1.28 72.51
CA ARG F 951 48.40 -1.11 73.95
C ARG F 951 48.65 -2.43 74.66
N LEU F 952 48.00 -3.50 74.19
CA LEU F 952 48.22 -4.81 74.79
C LEU F 952 49.66 -5.27 74.61
N LEU F 953 50.23 -5.03 73.43
CA LEU F 953 51.66 -5.33 73.24
C LEU F 953 52.53 -4.49 74.15
N CYS F 954 52.18 -3.21 74.32
CA CYS F 954 52.90 -2.35 75.25
C CYS F 954 52.86 -2.91 76.66
N GLU F 955 51.75 -3.57 77.02
CA GLU F 955 51.62 -4.13 78.36
C GLU F 955 52.79 -5.04 78.70
N GLY F 956 53.27 -5.80 77.73
CA GLY F 956 54.42 -6.66 77.95
C GLY F 956 55.73 -6.05 77.53
N LEU F 957 55.66 -5.04 76.66
CA LEU F 957 56.89 -4.38 76.21
C LEU F 957 57.57 -3.65 77.36
N LEU F 958 56.78 -3.04 78.24
CA LEU F 958 57.33 -2.30 79.38
C LEU F 958 57.96 -3.20 80.42
N HIS F 959 57.78 -4.52 80.31
CA HIS F 959 58.31 -5.43 81.32
C HIS F 959 59.83 -5.35 81.36
N PRO F 960 60.44 -5.26 82.55
CA PRO F 960 61.91 -5.16 82.62
C PRO F 960 62.62 -6.37 82.06
N ASP F 961 61.97 -7.54 82.00
CA ASP F 961 62.59 -8.75 81.50
C ASP F 961 62.48 -8.90 79.99
N CYS F 962 61.95 -7.89 79.30
CA CYS F 962 61.75 -7.99 77.86
C CYS F 962 63.08 -8.09 77.12
N LYS F 963 63.04 -8.71 75.94
CA LYS F 963 64.21 -8.87 75.11
C LYS F 963 63.92 -8.60 73.63
N LEU F 964 62.72 -8.15 73.29
CA LEU F 964 62.34 -7.95 71.90
C LEU F 964 63.24 -6.91 71.23
N GLN F 965 63.99 -7.36 70.22
CA GLN F 965 64.94 -6.50 69.53
C GLN F 965 64.39 -5.92 68.22
N MET F 966 63.13 -6.18 67.90
CA MET F 966 62.48 -5.49 66.78
C MET F 966 61.00 -5.83 66.84
N LEU F 967 60.18 -4.94 66.32
CA LEU F 967 58.72 -5.16 66.38
C LEU F 967 58.09 -4.47 65.18
N GLU F 968 57.94 -5.21 64.08
CA GLU F 968 57.35 -4.65 62.87
C GLU F 968 55.84 -4.48 63.06
N LEU F 969 55.33 -3.33 62.61
CA LEU F 969 53.89 -3.03 62.69
C LEU F 969 53.34 -2.49 61.39
N ASP F 970 54.06 -2.65 60.28
CA ASP F 970 53.65 -2.00 59.04
C ASP F 970 52.24 -2.45 58.64
N ASN F 971 51.45 -1.49 58.16
CA ASN F 971 50.10 -1.76 57.65
C ASN F 971 49.21 -2.44 58.68
N CYS F 972 49.48 -2.25 59.97
CA CYS F 972 48.64 -2.86 60.99
C CYS F 972 47.31 -2.13 61.18
N SER F 973 47.07 -1.07 60.41
CA SER F 973 45.88 -0.23 60.56
C SER F 973 45.80 0.35 61.98
N LEU F 974 46.83 1.11 62.32
CA LEU F 974 46.93 1.76 63.62
C LEU F 974 46.28 3.14 63.59
N THR F 975 46.32 3.80 64.75
CA THR F 975 45.79 5.15 64.88
C THR F 975 46.55 5.86 66.02
N SER F 976 46.19 7.12 66.23
CA SER F 976 46.92 7.99 67.14
C SER F 976 46.46 7.90 68.59
N HIS F 977 45.48 7.04 68.89
CA HIS F 977 44.94 7.02 70.25
C HIS F 977 45.91 6.37 71.22
N SER F 978 46.60 5.30 70.81
CA SER F 978 47.58 4.62 71.64
C SER F 978 48.98 5.22 71.52
N CYS F 979 49.04 6.51 71.19
CA CYS F 979 50.30 7.14 70.83
C CYS F 979 51.18 7.37 72.06
N TRP F 980 50.55 7.72 73.19
CA TRP F 980 51.25 7.75 74.46
C TRP F 980 51.91 6.41 74.75
N ASN F 981 51.29 5.32 74.31
CA ASN F 981 51.91 4.01 74.50
C ASN F 981 53.20 3.89 73.70
N LEU F 982 53.23 4.45 72.49
CA LEU F 982 54.46 4.48 71.72
C LEU F 982 55.54 5.26 72.46
N SER F 983 55.16 6.42 73.01
CA SER F 983 56.11 7.22 73.77
C SER F 983 56.65 6.44 74.95
N THR F 984 55.76 5.73 75.67
CA THR F 984 56.17 4.94 76.82
C THR F 984 57.12 3.81 76.42
N ILE F 985 56.82 3.14 75.31
CA ILE F 985 57.68 2.06 74.84
C ILE F 985 59.08 2.58 74.55
N LEU F 986 59.16 3.72 73.86
CA LEU F 986 60.49 4.25 73.59
C LEU F 986 61.20 4.71 74.87
N THR F 987 60.47 5.30 75.81
CA THR F 987 61.11 5.81 77.02
C THR F 987 61.57 4.72 77.97
N HIS F 988 60.93 3.55 77.96
CA HIS F 988 61.24 2.53 78.95
C HIS F 988 61.95 1.31 78.39
N ASN F 989 61.64 0.88 77.18
CA ASN F 989 62.30 -0.28 76.59
C ASN F 989 63.73 0.11 76.23
N HIS F 990 64.69 -0.44 76.96
CA HIS F 990 66.11 -0.20 76.70
C HIS F 990 66.73 -1.24 75.78
N SER F 991 65.97 -2.25 75.36
CA SER F 991 66.49 -3.34 74.55
C SER F 991 66.02 -3.27 73.10
N LEU F 992 64.81 -2.79 72.85
CA LEU F 992 64.32 -2.67 71.48
C LEU F 992 65.22 -1.75 70.68
N ARG F 993 65.58 -2.19 69.47
CA ARG F 993 66.52 -1.44 68.64
C ARG F 993 66.05 -1.22 67.21
N LYS F 994 64.82 -1.59 66.87
CA LYS F 994 64.26 -1.34 65.55
C LYS F 994 62.75 -1.19 65.71
N LEU F 995 62.10 -0.77 64.63
CA LEU F 995 60.66 -0.55 64.67
C LEU F 995 60.19 -0.23 63.26
N ASN F 996 58.89 -0.46 63.02
CA ASN F 996 58.27 -0.17 61.74
C ASN F 996 56.89 0.42 61.98
N LEU F 997 56.54 1.46 61.21
CA LEU F 997 55.19 2.02 61.29
C LEU F 997 54.59 2.33 59.92
N GLY F 998 55.03 1.66 58.86
CA GLY F 998 54.55 2.00 57.54
C GLY F 998 53.04 1.86 57.41
N ASN F 999 52.45 2.75 56.61
CA ASN F 999 51.02 2.73 56.32
C ASN F 999 50.18 2.83 57.59
N ASN F 1000 50.64 3.62 58.55
CA ASN F 1000 49.91 3.87 59.78
C ASN F 1000 49.66 5.36 59.91
N ASP F 1001 48.39 5.77 59.88
CA ASP F 1001 48.01 7.17 60.03
C ASP F 1001 48.13 7.54 61.50
N LEU F 1002 49.27 8.10 61.89
CA LEU F 1002 49.51 8.49 63.27
C LEU F 1002 49.30 9.98 63.52
N GLY F 1003 49.35 10.81 62.50
CA GLY F 1003 49.12 12.22 62.65
C GLY F 1003 50.38 13.00 63.02
N ASP F 1004 50.34 14.30 62.77
CA ASP F 1004 51.50 15.15 62.99
C ASP F 1004 51.88 15.23 64.46
N LEU F 1005 50.89 15.31 65.35
CA LEU F 1005 51.19 15.38 66.79
C LEU F 1005 51.95 14.14 67.23
N CYS F 1006 51.56 12.97 66.74
CA CYS F 1006 52.28 11.76 67.09
C CYS F 1006 53.71 11.79 66.59
N VAL F 1007 53.93 12.25 65.36
CA VAL F 1007 55.29 12.27 64.83
C VAL F 1007 56.16 13.22 65.65
N VAL F 1008 55.63 14.39 66.02
CA VAL F 1008 56.45 15.35 66.76
C VAL F 1008 56.68 14.85 68.19
N THR F 1009 55.70 14.18 68.80
CA THR F 1009 55.93 13.57 70.10
C THR F 1009 56.98 12.47 70.04
N LEU F 1010 56.93 11.65 68.98
CA LEU F 1010 57.99 10.69 68.72
C LEU F 1010 59.34 11.37 68.65
N CYS F 1011 59.42 12.49 67.92
CA CYS F 1011 60.67 13.23 67.82
C CYS F 1011 61.18 13.65 69.20
N GLU F 1012 60.33 14.31 69.98
CA GLU F 1012 60.77 14.84 71.26
C GLU F 1012 61.12 13.72 72.24
N VAL F 1013 60.43 12.59 72.15
CA VAL F 1013 60.81 11.42 72.95
C VAL F 1013 62.18 10.93 72.54
N LEU F 1014 62.43 10.84 71.23
CA LEU F 1014 63.72 10.34 70.75
C LEU F 1014 64.86 11.29 71.07
N LYS F 1015 64.56 12.56 71.33
CA LYS F 1015 65.64 13.54 71.53
C LYS F 1015 66.55 13.15 72.69
N GLN F 1016 65.98 12.65 73.79
CA GLN F 1016 66.78 12.40 74.98
C GLN F 1016 67.76 11.25 74.75
N GLN F 1017 68.79 11.22 75.60
CA GLN F 1017 69.83 10.19 75.51
C GLN F 1017 69.41 8.87 76.12
N GLY F 1018 68.25 8.80 76.77
CA GLY F 1018 67.78 7.58 77.37
C GLY F 1018 67.20 6.56 76.41
N CYS F 1019 67.12 6.89 75.12
CA CYS F 1019 66.57 6.00 74.11
C CYS F 1019 67.70 5.41 73.28
N LEU F 1020 67.71 4.08 73.17
CA LEU F 1020 68.74 3.36 72.43
C LEU F 1020 68.26 2.84 71.08
N LEU F 1021 67.12 3.32 70.61
CA LEU F 1021 66.61 2.89 69.31
C LEU F 1021 67.60 3.28 68.22
N GLN F 1022 67.80 2.36 67.27
CA GLN F 1022 68.79 2.55 66.21
C GLN F 1022 68.21 2.51 64.81
N SER F 1023 66.88 2.51 64.67
CA SER F 1023 66.24 2.55 63.36
C SER F 1023 64.74 2.73 63.57
N LEU F 1024 64.09 3.29 62.56
CA LEU F 1024 62.66 3.54 62.60
C LEU F 1024 62.22 3.93 61.21
N GLN F 1025 61.03 3.48 60.81
CA GLN F 1025 60.51 3.75 59.49
C GLN F 1025 59.12 4.36 59.58
N LEU F 1026 58.92 5.43 58.83
CA LEU F 1026 57.63 6.11 58.69
C LEU F 1026 57.27 6.21 57.21
N GLY F 1027 57.42 5.11 56.48
CA GLY F 1027 57.21 5.17 55.04
C GLY F 1027 55.74 5.30 54.69
N GLU F 1028 55.47 6.00 53.59
CA GLU F 1028 54.17 6.03 52.92
C GLU F 1028 53.07 6.61 53.81
N MET F 1029 53.24 7.88 54.17
CA MET F 1029 52.14 8.71 54.64
C MET F 1029 52.50 10.17 54.43
N TYR F 1030 51.50 11.03 54.51
CA TYR F 1030 51.64 12.46 54.22
C TYR F 1030 51.81 13.22 55.53
N LEU F 1031 53.02 13.71 55.76
CA LEU F 1031 53.37 14.45 56.96
C LEU F 1031 53.28 15.95 56.71
N ASN F 1032 53.81 16.73 57.64
CA ASN F 1032 53.76 18.19 57.59
C ASN F 1032 55.15 18.78 57.44
N ARG F 1033 55.19 20.06 57.07
CA ARG F 1033 56.46 20.77 56.97
C ARG F 1033 57.16 20.85 58.32
N GLU F 1034 56.41 21.18 59.38
CA GLU F 1034 56.99 21.17 60.72
C GLU F 1034 57.47 19.78 61.10
N THR F 1035 56.69 18.76 60.74
CA THR F 1035 57.12 17.38 60.97
C THR F 1035 58.43 17.09 60.25
N LYS F 1036 58.54 17.53 59.00
CA LYS F 1036 59.77 17.31 58.25
C LYS F 1036 60.96 18.02 58.90
N ARG F 1037 60.74 19.24 59.40
CA ARG F 1037 61.83 19.94 60.07
C ARG F 1037 62.26 19.20 61.33
N ALA F 1038 61.29 18.70 62.10
CA ALA F 1038 61.62 17.96 63.32
C ALA F 1038 62.41 16.70 62.99
N LEU F 1039 61.99 15.97 61.95
CA LEU F 1039 62.71 14.77 61.55
C LEU F 1039 64.12 15.08 61.05
N GLU F 1040 64.26 16.14 60.25
CA GLU F 1040 65.60 16.54 59.82
C GLU F 1040 66.47 16.91 61.01
N ALA F 1041 65.90 17.62 61.99
CA ALA F 1041 66.67 17.97 63.18
C ALA F 1041 67.16 16.71 63.90
N LEU F 1042 66.23 15.81 64.22
CA LEU F 1042 66.64 14.60 64.96
C LEU F 1042 67.65 13.80 64.17
N GLN F 1043 67.60 13.85 62.84
CA GLN F 1043 68.68 13.25 62.06
C GLN F 1043 69.98 14.04 62.21
N GLU F 1044 69.88 15.35 62.46
CA GLU F 1044 71.08 16.18 62.54
C GLU F 1044 71.82 15.97 63.86
N GLU F 1045 71.15 16.24 64.99
CA GLU F 1045 71.88 16.15 66.26
C GLU F 1045 72.33 14.73 66.59
N LYS F 1046 71.50 13.73 66.29
CA LYS F 1046 71.90 12.33 66.46
C LYS F 1046 71.82 11.62 65.12
N PRO F 1047 72.97 11.37 64.46
CA PRO F 1047 72.93 10.71 63.15
C PRO F 1047 72.79 9.20 63.22
N GLU F 1048 73.00 8.58 64.38
CA GLU F 1048 72.90 7.13 64.47
C GLU F 1048 71.48 6.64 64.26
N LEU F 1049 70.49 7.39 64.74
CA LEU F 1049 69.09 6.96 64.68
C LEU F 1049 68.56 7.24 63.27
N THR F 1050 68.53 6.18 62.47
CA THR F 1050 68.08 6.30 61.09
C THR F 1050 66.57 6.45 61.02
N ILE F 1051 66.10 7.18 60.02
CA ILE F 1051 64.67 7.35 59.75
C ILE F 1051 64.46 7.18 58.25
N VAL F 1052 63.33 6.58 57.89
CA VAL F 1052 62.99 6.35 56.49
C VAL F 1052 61.67 7.08 56.24
N PHE F 1053 61.53 8.25 56.87
CA PHE F 1053 60.28 9.00 56.82
C PHE F 1053 59.85 9.30 55.39
N GLU F 1054 60.81 9.58 54.50
CA GLU F 1054 60.47 9.95 53.14
C GLU F 1054 59.76 8.79 52.44
N ILE F 1055 58.65 9.10 51.79
CA ILE F 1055 57.83 8.08 51.14
C ILE F 1055 58.55 7.57 49.89
N ASP G 155 -34.08 -17.36 35.87
CA ASP G 155 -34.34 -17.87 34.52
C ASP G 155 -35.53 -18.82 34.51
N TYR G 156 -36.27 -18.82 33.40
CA TYR G 156 -37.47 -19.63 33.30
C TYR G 156 -37.15 -21.12 33.40
N CYS G 157 -36.09 -21.54 32.73
CA CYS G 157 -35.70 -22.95 32.77
C CYS G 157 -35.31 -23.37 34.18
N LYS G 158 -34.64 -22.49 34.92
CA LYS G 158 -34.19 -22.85 36.26
C LYS G 158 -35.36 -23.10 37.20
N MET G 159 -36.34 -22.19 37.22
CA MET G 159 -37.48 -22.39 38.12
C MET G 159 -38.36 -23.54 37.65
N TYR G 160 -38.49 -23.73 36.33
CA TYR G 160 -39.22 -24.90 35.85
C TYR G 160 -38.55 -26.19 36.27
N ARG G 161 -37.22 -26.23 36.22
CA ARG G 161 -36.48 -27.41 36.65
C ARG G 161 -36.63 -27.63 38.16
N ARG G 162 -36.63 -26.55 38.94
CA ARG G 162 -36.85 -26.68 40.37
C ARG G 162 -38.24 -27.24 40.66
N HIS G 163 -39.25 -26.76 39.92
CA HIS G 163 -40.61 -27.26 40.13
C HIS G 163 -40.73 -28.73 39.77
N VAL G 164 -40.12 -29.15 38.66
CA VAL G 164 -40.22 -30.56 38.28
C VAL G 164 -39.37 -31.43 39.22
N ARG G 165 -38.31 -30.86 39.79
CA ARG G 165 -37.58 -31.57 40.84
C ARG G 165 -38.43 -31.77 42.07
N SER G 166 -39.19 -30.73 42.46
CA SER G 166 -40.12 -30.87 43.58
C SER G 166 -41.18 -31.92 43.30
N ARG G 167 -41.72 -31.92 42.08
CA ARG G 167 -42.73 -32.91 41.71
C ARG G 167 -42.16 -34.33 41.73
N PHE G 168 -40.97 -34.51 41.17
CA PHE G 168 -40.40 -35.84 40.93
C PHE G 168 -39.37 -36.24 41.97
N TYR G 169 -39.31 -35.53 43.10
CA TYR G 169 -38.40 -35.92 44.17
C TYR G 169 -38.72 -37.29 44.73
N SER G 170 -40.01 -37.57 44.92
CA SER G 170 -40.47 -38.84 45.48
C SER G 170 -41.47 -39.49 44.55
N ILE G 171 -41.69 -40.79 44.76
CA ILE G 171 -42.63 -41.54 43.95
C ILE G 171 -43.78 -42.05 44.80
N SER G 181 -44.08 -40.04 51.18
CA SER G 181 -43.90 -41.32 50.49
C SER G 181 -42.46 -41.80 50.60
N VAL G 182 -41.93 -42.34 49.50
CA VAL G 182 -40.59 -42.91 49.47
C VAL G 182 -39.75 -42.11 48.48
N ASP G 183 -38.49 -41.86 48.85
CA ASP G 183 -37.59 -41.10 48.00
C ASP G 183 -37.24 -41.90 46.75
N LEU G 184 -37.08 -41.19 45.63
CA LEU G 184 -36.86 -41.86 44.35
C LEU G 184 -35.41 -42.30 44.17
N ASN G 185 -34.49 -41.33 44.20
CA ASN G 185 -33.09 -41.63 43.86
C ASN G 185 -32.46 -42.58 44.86
N SER G 186 -32.75 -42.42 46.15
CA SER G 186 -32.19 -43.30 47.16
C SER G 186 -32.62 -44.74 46.94
N ARG G 187 -33.90 -44.95 46.62
CA ARG G 187 -34.40 -46.28 46.28
C ARG G 187 -34.12 -46.67 44.84
N TYR G 188 -33.67 -45.73 44.01
CA TYR G 188 -33.41 -46.02 42.61
C TYR G 188 -32.22 -46.96 42.45
N THR G 189 -32.31 -47.83 41.46
CA THR G 189 -31.21 -48.72 41.10
C THR G 189 -31.12 -48.79 39.58
N GLN G 190 -29.89 -48.87 39.07
CA GLN G 190 -29.66 -48.87 37.64
C GLN G 190 -30.23 -50.11 36.98
N LEU G 191 -30.60 -49.96 35.71
CA LEU G 191 -31.20 -51.03 34.92
C LEU G 191 -30.33 -51.31 33.69
N GLN G 192 -30.60 -52.44 33.05
CA GLN G 192 -29.90 -52.86 31.84
C GLN G 192 -30.83 -52.70 30.64
N LEU G 193 -30.39 -51.95 29.64
CA LEU G 193 -31.15 -51.72 28.42
C LEU G 193 -30.25 -51.92 27.20
N VAL G 194 -30.82 -52.54 26.17
CA VAL G 194 -30.11 -52.80 24.92
C VAL G 194 -30.98 -52.37 23.75
N LYS G 195 -30.36 -51.71 22.77
CA LYS G 195 -31.07 -51.32 21.57
C LYS G 195 -31.35 -52.54 20.69
N GLU G 196 -32.58 -52.64 20.21
CA GLU G 196 -32.96 -53.74 19.32
C GLU G 196 -32.83 -53.35 17.85
N SER G 222 -24.46 -52.70 25.65
CA SER G 222 -25.63 -52.02 26.21
C SER G 222 -25.60 -50.54 25.89
N LEU G 223 -26.77 -49.96 25.68
CA LEU G 223 -26.88 -48.53 25.39
C LEU G 223 -26.92 -47.74 26.68
N LYS G 224 -25.91 -46.89 26.89
CA LYS G 224 -25.82 -46.12 28.12
C LYS G 224 -26.86 -45.01 28.15
N LEU G 225 -27.29 -44.65 29.36
CA LEU G 225 -28.33 -43.64 29.52
C LEU G 225 -27.82 -42.25 29.16
N GLU G 226 -26.52 -42.01 29.29
CA GLU G 226 -25.96 -40.73 28.86
C GLU G 226 -25.74 -40.67 27.36
N LEU G 227 -25.89 -41.79 26.67
CA LEU G 227 -25.60 -41.92 25.24
C LEU G 227 -26.86 -42.12 24.42
N LEU G 228 -27.94 -41.43 24.79
CA LEU G 228 -29.24 -41.68 24.16
C LEU G 228 -29.34 -41.09 22.76
N PHE G 229 -29.26 -39.77 22.65
CA PHE G 229 -29.70 -39.07 21.45
C PHE G 229 -28.59 -38.75 20.45
N GLU G 230 -27.33 -39.03 20.78
CA GLU G 230 -26.40 -38.74 19.69
C GLU G 230 -26.47 -39.86 18.65
N PRO G 231 -26.36 -39.54 17.37
CA PRO G 231 -26.43 -40.59 16.34
C PRO G 231 -25.14 -41.38 16.28
N GLU G 232 -25.26 -42.71 16.39
CA GLU G 232 -24.09 -43.57 16.23
C GLU G 232 -23.52 -43.44 14.82
N ASP G 233 -24.38 -43.32 13.83
CA ASP G 233 -23.99 -43.09 12.45
C ASP G 233 -24.34 -41.66 12.07
N GLY G 234 -23.47 -41.03 11.28
CA GLY G 234 -23.61 -39.63 10.96
C GLY G 234 -24.77 -39.30 10.05
N HIS G 235 -25.43 -40.33 9.51
CA HIS G 235 -26.55 -40.17 8.60
C HIS G 235 -27.82 -40.78 9.17
N SER G 236 -28.09 -40.49 10.44
CA SER G 236 -29.30 -40.94 11.11
C SER G 236 -30.43 -39.97 10.83
N GLU G 237 -31.57 -40.50 10.40
CA GLU G 237 -32.77 -39.67 10.26
C GLU G 237 -33.18 -39.16 11.65
N PRO G 238 -33.99 -38.07 11.72
CA PRO G 238 -34.16 -37.34 12.99
C PRO G 238 -34.16 -38.19 14.24
N VAL G 239 -33.22 -37.89 15.14
CA VAL G 239 -32.93 -38.72 16.30
C VAL G 239 -34.02 -38.57 17.35
N HIS G 240 -35.05 -37.79 17.01
CA HIS G 240 -36.06 -37.41 17.98
C HIS G 240 -37.15 -38.46 18.14
N THR G 241 -37.02 -39.62 17.51
CA THR G 241 -38.03 -40.67 17.54
C THR G 241 -37.41 -41.95 18.10
N VAL G 242 -37.51 -42.11 19.43
CA VAL G 242 -37.02 -43.28 20.13
C VAL G 242 -38.19 -43.87 20.91
N VAL G 243 -38.39 -45.18 20.78
CA VAL G 243 -39.46 -45.90 21.45
C VAL G 243 -38.84 -46.88 22.43
N PHE G 244 -39.51 -47.10 23.55
CA PHE G 244 -39.02 -47.97 24.61
C PHE G 244 -40.01 -49.10 24.86
N GLN G 245 -39.47 -50.29 25.11
CA GLN G 245 -40.26 -51.48 25.37
C GLN G 245 -39.82 -52.11 26.68
N GLY G 246 -40.72 -52.83 27.31
CA GLY G 246 -40.40 -53.49 28.56
C GLY G 246 -41.62 -54.19 29.13
N ALA G 247 -41.37 -55.06 30.09
CA ALA G 247 -42.43 -55.84 30.72
C ALA G 247 -43.24 -54.98 31.67
N ALA G 248 -44.21 -55.60 32.35
CA ALA G 248 -44.98 -54.90 33.36
C ALA G 248 -44.15 -54.74 34.62
N GLY G 249 -43.96 -53.51 35.06
CA GLY G 249 -43.13 -53.24 36.21
C GLY G 249 -41.64 -53.18 35.92
N ILE G 250 -41.26 -53.17 34.64
CA ILE G 250 -39.84 -53.14 34.29
C ILE G 250 -39.19 -51.82 34.69
N GLY G 251 -39.96 -50.73 34.68
CA GLY G 251 -39.43 -49.45 35.11
C GLY G 251 -39.46 -48.36 34.06
N LYS G 252 -40.40 -48.45 33.12
CA LYS G 252 -40.55 -47.38 32.14
C LYS G 252 -40.96 -46.06 32.82
N THR G 253 -41.92 -46.12 33.73
CA THR G 253 -42.31 -44.92 34.47
C THR G 253 -41.17 -44.42 35.34
N ILE G 254 -40.48 -45.34 36.01
CA ILE G 254 -39.36 -44.96 36.86
C ILE G 254 -38.22 -44.39 36.02
N LEU G 255 -37.97 -44.98 34.85
CA LEU G 255 -36.95 -44.43 33.96
C LEU G 255 -37.33 -43.01 33.51
N ALA G 256 -38.61 -42.80 33.17
CA ALA G 256 -39.05 -41.47 32.75
C ALA G 256 -38.88 -40.46 33.87
N ARG G 257 -39.31 -40.81 35.08
CA ARG G 257 -39.17 -39.89 36.20
C ARG G 257 -37.71 -39.66 36.56
N LYS G 258 -36.87 -40.69 36.42
CA LYS G 258 -35.45 -40.53 36.71
C LYS G 258 -34.77 -39.61 35.71
N ILE G 259 -35.08 -39.74 34.42
CA ILE G 259 -34.48 -38.85 33.43
C ILE G 259 -35.00 -37.44 33.62
N MET G 260 -36.27 -37.28 33.99
CA MET G 260 -36.80 -35.95 34.26
C MET G 260 -36.11 -35.32 35.46
N LEU G 261 -35.84 -36.11 36.50
CA LEU G 261 -35.15 -35.58 37.67
C LEU G 261 -33.69 -35.27 37.37
N ASP G 262 -33.05 -36.07 36.52
CA ASP G 262 -31.70 -35.75 36.08
C ASP G 262 -31.67 -34.44 35.32
N TRP G 263 -32.63 -34.23 34.42
CA TRP G 263 -32.78 -32.95 33.75
C TRP G 263 -33.13 -31.83 34.72
N ALA G 264 -33.71 -32.17 35.87
CA ALA G 264 -34.03 -31.18 36.89
C ALA G 264 -32.88 -30.94 37.86
N LEU G 265 -31.82 -31.75 37.81
CA LEU G 265 -30.73 -31.66 38.75
C LEU G 265 -29.42 -31.18 38.13
N GLY G 266 -29.43 -30.83 36.84
CA GLY G 266 -28.22 -30.38 36.19
C GLY G 266 -27.32 -31.48 35.66
N LYS G 267 -27.87 -32.67 35.40
CA LYS G 267 -27.06 -33.82 35.01
C LYS G 267 -27.04 -34.02 33.49
N LEU G 268 -28.22 -34.17 32.88
CA LEU G 268 -28.32 -34.45 31.45
C LEU G 268 -29.22 -33.45 30.76
N PHE G 269 -28.94 -33.21 29.48
CA PHE G 269 -29.68 -32.26 28.65
C PHE G 269 -29.56 -30.84 29.18
N LYS G 270 -28.33 -30.42 29.49
CA LYS G 270 -28.01 -29.06 29.86
C LYS G 270 -27.40 -28.28 28.69
N ASP G 271 -26.29 -28.78 28.15
CA ASP G 271 -25.67 -28.21 26.96
C ASP G 271 -26.29 -28.72 25.68
N LYS G 272 -27.11 -29.77 25.75
CA LYS G 272 -27.75 -30.37 24.58
C LYS G 272 -29.17 -29.89 24.39
N PHE G 273 -30.00 -30.02 25.43
CA PHE G 273 -31.39 -29.58 25.41
C PHE G 273 -31.58 -28.49 26.47
N ASP G 274 -32.77 -27.91 26.50
CA ASP G 274 -33.08 -26.88 27.49
C ASP G 274 -34.39 -27.17 28.20
N TYR G 275 -35.35 -27.78 27.50
CA TYR G 275 -36.68 -28.05 28.03
C TYR G 275 -37.01 -29.52 27.89
N LEU G 276 -37.60 -30.09 28.95
CA LEU G 276 -38.14 -31.43 28.93
C LEU G 276 -39.55 -31.40 29.51
N PHE G 277 -40.50 -31.98 28.79
CA PHE G 277 -41.90 -31.97 29.19
C PHE G 277 -42.40 -33.39 29.43
N PHE G 278 -43.41 -33.50 30.29
CA PHE G 278 -43.99 -34.78 30.68
C PHE G 278 -45.47 -34.79 30.31
N ILE G 279 -45.87 -35.79 29.53
CA ILE G 279 -47.26 -35.98 29.12
C ILE G 279 -47.65 -37.41 29.48
N HIS G 280 -48.81 -37.57 30.11
CA HIS G 280 -49.27 -38.88 30.56
C HIS G 280 -50.62 -39.19 29.93
N CYS G 281 -50.77 -40.43 29.44
CA CYS G 281 -51.99 -40.83 28.75
C CYS G 281 -53.19 -40.85 29.69
N ARG G 282 -52.99 -41.29 30.93
CA ARG G 282 -54.09 -41.35 31.88
C ARG G 282 -54.66 -39.96 32.16
N GLU G 283 -53.78 -38.97 32.33
CA GLU G 283 -54.25 -37.61 32.61
C GLU G 283 -54.84 -36.97 31.37
N VAL G 284 -54.30 -37.27 30.20
CA VAL G 284 -54.77 -36.70 28.94
C VAL G 284 -55.88 -37.61 28.42
N SER G 285 -57.13 -37.27 28.74
CA SER G 285 -58.26 -38.06 28.28
C SER G 285 -58.49 -37.86 26.80
N LEU G 286 -58.81 -38.95 26.09
CA LEU G 286 -59.02 -38.88 24.65
C LEU G 286 -60.36 -38.26 24.26
N ARG G 287 -61.34 -38.28 25.15
CA ARG G 287 -62.66 -37.74 24.83
C ARG G 287 -62.68 -36.22 24.77
N THR G 288 -61.85 -35.56 25.56
CA THR G 288 -61.81 -34.10 25.57
C THR G 288 -60.74 -33.62 24.61
N PRO G 289 -61.09 -32.93 23.52
CA PRO G 289 -60.06 -32.36 22.64
C PRO G 289 -59.23 -31.32 23.38
N ARG G 290 -57.94 -31.28 23.05
CA ARG G 290 -57.01 -30.38 23.71
C ARG G 290 -55.97 -29.90 22.70
N SER G 291 -55.05 -29.08 23.20
CA SER G 291 -53.94 -28.56 22.41
C SER G 291 -52.64 -28.76 23.18
N LEU G 292 -51.52 -28.50 22.50
CA LEU G 292 -50.23 -28.57 23.18
C LEU G 292 -50.12 -27.50 24.27
N ALA G 293 -50.85 -26.39 24.12
CA ALA G 293 -50.85 -25.37 25.15
C ALA G 293 -51.40 -25.91 26.46
N ASP G 294 -52.46 -26.72 26.39
CA ASP G 294 -53.02 -27.32 27.60
C ASP G 294 -51.99 -28.21 28.29
N LEU G 295 -51.28 -29.03 27.51
CA LEU G 295 -50.27 -29.91 28.09
C LEU G 295 -49.14 -29.11 28.72
N ILE G 296 -48.69 -28.04 28.06
CA ILE G 296 -47.63 -27.21 28.62
C ILE G 296 -48.09 -26.55 29.91
N VAL G 297 -49.32 -26.02 29.92
CA VAL G 297 -49.84 -25.38 31.13
C VAL G 297 -49.94 -26.38 32.27
N SER G 298 -50.41 -27.59 31.97
CA SER G 298 -50.48 -28.62 33.01
C SER G 298 -49.09 -28.98 33.52
N CYS G 299 -48.11 -29.08 32.62
CA CYS G 299 -46.76 -29.41 33.04
C CYS G 299 -46.07 -28.22 33.72
N TRP G 300 -46.34 -27.01 33.26
CA TRP G 300 -45.77 -25.83 33.91
C TRP G 300 -46.44 -25.61 35.26
N PRO G 301 -45.68 -25.18 36.27
CA PRO G 301 -46.30 -24.87 37.57
C PRO G 301 -47.20 -23.65 37.49
N ASP G 302 -46.73 -22.63 36.79
CA ASP G 302 -47.53 -21.43 36.59
C ASP G 302 -48.60 -21.69 35.53
N PRO G 303 -49.88 -21.44 35.84
CA PRO G 303 -50.92 -21.58 34.80
C PRO G 303 -50.82 -20.58 33.67
N ASN G 304 -49.85 -19.66 33.72
CA ASN G 304 -49.65 -18.66 32.67
C ASN G 304 -48.20 -18.71 32.23
N PRO G 305 -47.82 -19.71 31.44
CA PRO G 305 -46.43 -19.82 30.98
C PRO G 305 -46.19 -18.90 29.80
N PRO G 306 -44.94 -18.50 29.56
CA PRO G 306 -44.64 -17.69 28.38
C PRO G 306 -44.74 -18.51 27.10
N VAL G 307 -45.96 -18.78 26.65
CA VAL G 307 -46.16 -19.66 25.49
C VAL G 307 -45.50 -19.07 24.25
N CYS G 308 -45.55 -17.75 24.11
CA CYS G 308 -44.90 -17.11 22.97
C CYS G 308 -43.39 -17.30 23.00
N LYS G 309 -42.79 -17.31 24.19
CA LYS G 309 -41.34 -17.43 24.32
C LYS G 309 -40.84 -18.87 24.20
N ILE G 310 -41.67 -19.85 24.55
CA ILE G 310 -41.21 -21.24 24.65
C ILE G 310 -41.54 -22.08 23.43
N LEU G 311 -42.09 -21.48 22.38
CA LEU G 311 -42.46 -22.22 21.17
C LEU G 311 -41.68 -21.76 19.94
N ARG G 312 -40.38 -21.46 20.11
CA ARG G 312 -39.56 -21.00 19.01
C ARG G 312 -38.43 -21.95 18.63
N LYS G 313 -37.89 -22.71 19.60
CA LYS G 313 -36.79 -23.64 19.36
C LYS G 313 -37.21 -25.02 19.85
N PRO G 314 -37.92 -25.79 19.03
CA PRO G 314 -38.33 -27.13 19.46
C PRO G 314 -37.17 -28.11 19.64
N SER G 315 -35.98 -27.79 19.12
CA SER G 315 -34.84 -28.69 19.25
C SER G 315 -34.53 -28.97 20.72
N ARG G 316 -34.59 -27.95 21.57
CA ARG G 316 -34.32 -28.10 22.98
C ARG G 316 -35.57 -28.45 23.79
N ILE G 317 -36.59 -29.02 23.15
CA ILE G 317 -37.82 -29.43 23.80
C ILE G 317 -38.06 -30.90 23.51
N LEU G 318 -38.28 -31.69 24.56
CA LEU G 318 -38.54 -33.11 24.43
C LEU G 318 -39.85 -33.46 25.14
N PHE G 319 -40.76 -34.10 24.41
CA PHE G 319 -42.06 -34.51 24.93
C PHE G 319 -42.00 -35.99 25.26
N LEU G 320 -42.39 -36.34 26.48
CA LEU G 320 -42.36 -37.71 26.95
C LEU G 320 -43.78 -38.26 27.00
N MET G 321 -43.98 -39.42 26.36
CA MET G 321 -45.27 -40.11 26.36
C MET G 321 -45.06 -41.48 27.02
N ASP G 322 -45.52 -41.59 28.26
CA ASP G 322 -45.40 -42.80 29.05
C ASP G 322 -46.73 -43.53 29.09
N GLY G 323 -46.68 -44.86 29.15
CA GLY G 323 -47.88 -45.66 29.17
C GLY G 323 -48.67 -45.54 27.88
N PHE G 324 -48.00 -45.67 26.75
CA PHE G 324 -48.63 -45.54 25.43
C PHE G 324 -49.76 -46.54 25.22
N ASP G 325 -49.94 -47.51 26.11
CA ASP G 325 -50.97 -48.54 25.90
C ASP G 325 -52.39 -48.01 26.03
N GLU G 326 -52.59 -46.69 26.06
CA GLU G 326 -53.91 -46.09 26.24
C GLU G 326 -54.15 -44.97 25.22
N LEU G 327 -53.67 -45.13 23.99
CA LEU G 327 -53.74 -44.05 23.01
C LEU G 327 -54.36 -44.47 21.68
N GLN G 328 -54.13 -45.70 21.25
CA GLN G 328 -54.55 -46.15 19.92
C GLN G 328 -56.01 -46.61 19.89
N GLY G 329 -56.84 -46.15 20.82
CA GLY G 329 -58.24 -46.55 20.83
C GLY G 329 -58.98 -46.24 19.54
N ALA G 330 -58.50 -45.26 18.78
CA ALA G 330 -59.13 -44.88 17.51
C ALA G 330 -58.13 -44.58 16.41
N PHE G 331 -56.86 -45.01 16.55
CA PHE G 331 -55.90 -44.78 15.49
C PHE G 331 -56.24 -45.58 14.24
N ASP G 332 -56.96 -46.69 14.41
CA ASP G 332 -57.32 -47.54 13.27
C ASP G 332 -58.32 -46.87 12.34
N GLU G 333 -58.92 -45.76 12.75
CA GLU G 333 -59.85 -45.01 11.91
C GLU G 333 -59.45 -43.57 11.69
N HIS G 334 -58.54 -43.02 12.50
CA HIS G 334 -58.10 -41.63 12.40
C HIS G 334 -56.75 -41.50 11.71
N ILE G 335 -56.51 -42.35 10.70
CA ILE G 335 -55.23 -42.31 9.99
C ILE G 335 -55.06 -41.00 9.24
N GLY G 336 -56.11 -40.54 8.56
CA GLY G 336 -56.01 -39.37 7.72
C GLY G 336 -56.28 -38.04 8.37
N GLU G 337 -56.56 -37.99 9.67
CA GLU G 337 -56.82 -36.75 10.37
C GLU G 337 -55.51 -36.20 10.94
N VAL G 338 -55.07 -35.06 10.43
CA VAL G 338 -53.76 -34.50 10.75
C VAL G 338 -53.96 -33.07 11.25
N CYS G 339 -53.34 -32.76 12.39
CA CYS G 339 -53.36 -31.42 12.96
C CYS G 339 -51.94 -30.92 13.16
N THR G 340 -51.70 -29.66 12.74
CA THR G 340 -50.38 -29.08 12.83
C THR G 340 -50.35 -27.75 13.60
N ASP G 341 -51.49 -27.27 14.08
CA ASP G 341 -51.55 -26.04 14.85
C ASP G 341 -51.42 -26.37 16.33
N TRP G 342 -50.41 -25.80 16.98
CA TRP G 342 -50.18 -26.07 18.40
C TRP G 342 -51.31 -25.53 19.27
N GLN G 343 -51.99 -24.49 18.80
CA GLN G 343 -53.08 -23.87 19.55
C GLN G 343 -54.44 -24.46 19.21
N LYS G 344 -54.50 -25.43 18.30
CA LYS G 344 -55.77 -26.01 17.88
C LYS G 344 -56.21 -27.09 18.86
N ALA G 345 -57.50 -27.08 19.20
CA ALA G 345 -58.08 -28.03 20.15
C ALA G 345 -58.66 -29.20 19.36
N VAL G 346 -57.91 -30.31 19.32
CA VAL G 346 -58.33 -31.53 18.63
C VAL G 346 -58.15 -32.68 19.62
N ARG G 347 -58.85 -33.78 19.35
CA ARG G 347 -58.79 -34.97 20.20
C ARG G 347 -57.35 -35.35 20.51
N GLY G 348 -57.13 -35.87 21.73
CA GLY G 348 -55.78 -36.17 22.17
C GLY G 348 -55.10 -37.21 21.30
N ASP G 349 -55.82 -38.26 20.92
CA ASP G 349 -55.22 -39.30 20.11
C ASP G 349 -54.81 -38.77 18.74
N ILE G 350 -55.67 -37.98 18.10
CA ILE G 350 -55.35 -37.43 16.78
C ILE G 350 -54.15 -36.50 16.88
N LEU G 351 -54.12 -35.64 17.89
CA LEU G 351 -53.01 -34.71 18.05
C LEU G 351 -51.70 -35.45 18.29
N LEU G 352 -51.73 -36.48 19.13
CA LEU G 352 -50.51 -37.24 19.40
C LEU G 352 -50.04 -38.00 18.16
N SER G 353 -50.98 -38.55 17.39
CA SER G 353 -50.61 -39.20 16.13
C SER G 353 -49.98 -38.21 15.16
N SER G 354 -50.48 -36.97 15.15
CA SER G 354 -49.84 -35.93 14.35
C SER G 354 -48.43 -35.65 14.84
N LEU G 355 -48.24 -35.61 16.16
CA LEU G 355 -46.92 -35.37 16.72
C LEU G 355 -45.94 -36.47 16.35
N ILE G 356 -46.40 -37.73 16.34
CA ILE G 356 -45.47 -38.86 16.17
C ILE G 356 -44.76 -38.80 14.82
N ARG G 357 -45.51 -38.54 13.75
CA ARG G 357 -44.95 -38.56 12.41
C ARG G 357 -44.13 -37.32 12.07
N LYS G 358 -43.82 -36.47 13.06
CA LYS G 358 -42.95 -35.31 12.89
C LYS G 358 -43.51 -34.34 11.84
N LYS G 359 -44.70 -33.82 12.15
CA LYS G 359 -45.28 -32.74 11.36
C LYS G 359 -45.79 -31.58 12.19
N LEU G 360 -46.19 -31.79 13.44
CA LEU G 360 -46.46 -30.71 14.39
C LEU G 360 -45.21 -30.56 15.26
N LEU G 361 -44.57 -29.39 15.17
CA LEU G 361 -43.23 -29.19 15.70
C LEU G 361 -42.33 -30.33 15.21
N PRO G 362 -42.09 -30.44 13.90
CA PRO G 362 -41.41 -31.63 13.36
C PRO G 362 -40.00 -31.81 13.89
N LYS G 363 -39.33 -30.74 14.29
CA LYS G 363 -37.95 -30.80 14.74
C LYS G 363 -37.85 -30.91 16.26
N ALA G 364 -38.98 -30.95 16.96
CA ALA G 364 -38.99 -31.20 18.39
C ALA G 364 -38.62 -32.66 18.68
N SER G 365 -38.50 -32.98 19.97
CA SER G 365 -38.07 -34.31 20.39
C SER G 365 -39.22 -35.08 21.02
N LEU G 366 -39.19 -36.41 20.84
CA LEU G 366 -40.20 -37.29 21.40
C LEU G 366 -39.54 -38.50 22.02
N LEU G 367 -40.07 -38.94 23.17
CA LEU G 367 -39.62 -40.15 23.85
C LEU G 367 -40.83 -40.92 24.31
N ILE G 368 -41.05 -42.10 23.73
CA ILE G 368 -42.25 -42.90 23.98
C ILE G 368 -41.85 -44.17 24.69
N THR G 369 -42.54 -44.49 25.78
CA THR G 369 -42.35 -45.75 26.50
C THR G 369 -43.61 -46.58 26.36
N THR G 370 -43.46 -47.79 25.82
CA THR G 370 -44.60 -48.63 25.46
C THR G 370 -44.37 -50.06 25.95
N ARG G 371 -45.46 -50.78 26.15
CA ARG G 371 -45.39 -52.23 26.20
C ARG G 371 -45.08 -52.76 24.81
N PRO G 372 -44.29 -53.84 24.71
CA PRO G 372 -43.90 -54.34 23.38
C PRO G 372 -44.98 -55.10 22.65
N VAL G 373 -46.20 -55.18 23.21
CA VAL G 373 -47.18 -56.13 22.71
C VAL G 373 -47.66 -55.74 21.31
N ALA G 374 -48.04 -54.48 21.12
CA ALA G 374 -48.78 -54.06 19.94
C ALA G 374 -48.10 -52.90 19.23
N LEU G 375 -46.80 -53.03 18.98
CA LEU G 375 -46.07 -52.03 18.20
C LEU G 375 -46.26 -52.17 16.70
N GLU G 376 -46.89 -53.26 16.24
CA GLU G 376 -46.90 -53.59 14.82
C GLU G 376 -47.43 -52.44 13.97
N LYS G 377 -48.55 -51.85 14.38
CA LYS G 377 -49.09 -50.71 13.64
C LYS G 377 -48.32 -49.43 13.92
N LEU G 378 -47.83 -49.25 15.15
CA LEU G 378 -47.20 -47.98 15.51
C LEU G 378 -45.95 -47.72 14.70
N GLN G 379 -45.23 -48.78 14.29
CA GLN G 379 -44.03 -48.59 13.48
C GLN G 379 -44.36 -47.94 12.15
N HIS G 380 -45.60 -48.11 11.66
CA HIS G 380 -46.02 -47.38 10.47
C HIS G 380 -46.03 -45.87 10.72
N LEU G 381 -46.51 -45.46 11.89
CA LEU G 381 -46.53 -44.05 12.26
C LEU G 381 -45.16 -43.50 12.60
N LEU G 382 -44.14 -44.35 12.71
CA LEU G 382 -42.82 -43.95 13.15
C LEU G 382 -41.94 -43.63 11.94
N ASP G 383 -41.16 -42.56 12.06
CA ASP G 383 -40.26 -42.11 11.01
C ASP G 383 -38.82 -42.35 11.49
N HIS G 384 -38.30 -43.54 11.18
CA HIS G 384 -36.97 -43.97 11.56
C HIS G 384 -36.75 -43.83 13.07
N PRO G 385 -37.45 -44.60 13.89
CA PRO G 385 -37.22 -44.54 15.33
C PRO G 385 -36.06 -45.41 15.76
N ARG G 386 -35.85 -45.54 17.07
CA ARG G 386 -35.00 -46.60 17.62
C ARG G 386 -35.76 -47.30 18.72
N HIS G 387 -35.95 -48.61 18.57
CA HIS G 387 -36.62 -49.42 19.57
C HIS G 387 -35.59 -49.92 20.58
N VAL G 388 -35.76 -49.53 21.84
CA VAL G 388 -34.85 -49.92 22.91
C VAL G 388 -35.66 -50.65 23.97
N GLU G 389 -35.22 -51.85 24.31
CA GLU G 389 -35.87 -52.65 25.34
C GLU G 389 -35.19 -52.44 26.69
N ILE G 390 -35.95 -52.65 27.75
CA ILE G 390 -35.47 -52.50 29.12
C ILE G 390 -35.46 -53.89 29.76
N LEU G 391 -34.31 -54.29 30.29
CA LEU G 391 -34.18 -55.62 30.88
C LEU G 391 -34.16 -55.63 32.41
N GLY G 392 -33.91 -54.49 33.05
CA GLY G 392 -33.97 -54.43 34.48
C GLY G 392 -32.69 -54.79 35.20
N PHE G 393 -32.83 -55.31 36.42
CA PHE G 393 -31.68 -55.53 37.29
C PHE G 393 -30.81 -56.69 36.81
N SER G 394 -29.55 -56.66 37.24
CA SER G 394 -28.67 -57.81 37.22
C SER G 394 -28.44 -58.25 38.68
N GLU G 395 -27.54 -59.22 38.87
CA GLU G 395 -27.27 -59.70 40.22
C GLU G 395 -26.74 -58.58 41.12
N ALA G 396 -25.72 -57.86 40.66
CA ALA G 396 -25.19 -56.76 41.44
C ALA G 396 -26.23 -55.67 41.64
N LYS G 397 -27.00 -55.37 40.59
CA LYS G 397 -28.05 -54.36 40.73
C LYS G 397 -29.13 -54.83 41.69
N ARG G 398 -29.45 -56.13 41.69
CA ARG G 398 -30.41 -56.65 42.65
C ARG G 398 -29.90 -56.47 44.08
N LYS G 399 -28.63 -56.82 44.33
CA LYS G 399 -28.05 -56.61 45.65
C LYS G 399 -28.10 -55.14 46.05
N GLU G 400 -27.78 -54.25 45.10
CA GLU G 400 -27.85 -52.82 45.39
C GLU G 400 -29.26 -52.40 45.74
N TYR G 401 -30.27 -52.96 45.05
CA TYR G 401 -31.64 -52.60 45.36
C TYR G 401 -32.04 -53.07 46.75
N PHE G 402 -31.67 -54.30 47.14
CA PHE G 402 -31.99 -54.73 48.50
C PHE G 402 -31.26 -53.89 49.54
N PHE G 403 -30.04 -53.46 49.24
CA PHE G 403 -29.33 -52.56 50.15
C PHE G 403 -30.07 -51.23 50.28
N LYS G 404 -30.54 -50.67 49.17
CA LYS G 404 -31.20 -49.37 49.19
C LYS G 404 -32.62 -49.43 49.74
N TYR G 405 -33.24 -50.62 49.79
CA TYR G 405 -34.60 -50.73 50.31
C TYR G 405 -34.62 -50.77 51.83
N PHE G 406 -34.00 -51.80 52.42
CA PHE G 406 -34.05 -51.97 53.87
C PHE G 406 -33.12 -51.00 54.57
N SER G 407 -33.55 -50.49 55.72
CA SER G 407 -32.72 -49.62 56.53
C SER G 407 -31.68 -50.38 57.34
N ASN G 408 -31.80 -51.70 57.44
CA ASN G 408 -30.85 -52.53 58.15
C ASN G 408 -30.00 -53.30 57.14
N GLU G 409 -28.68 -53.16 57.25
CA GLU G 409 -27.78 -53.89 56.37
C GLU G 409 -27.89 -55.39 56.60
N LEU G 410 -28.00 -55.82 57.86
CA LEU G 410 -28.10 -57.24 58.15
C LEU G 410 -29.39 -57.83 57.59
N GLN G 411 -30.51 -57.11 57.72
CA GLN G 411 -31.77 -57.58 57.16
C GLN G 411 -31.69 -57.66 55.64
N ALA G 412 -31.03 -56.69 55.01
CA ALA G 412 -30.85 -56.74 53.56
C ALA G 412 -30.01 -57.93 53.14
N ARG G 413 -28.95 -58.23 53.90
CA ARG G 413 -28.12 -59.39 53.59
C ARG G 413 -28.89 -60.69 53.76
N GLU G 414 -29.70 -60.78 54.83
CA GLU G 414 -30.53 -61.97 55.02
C GLU G 414 -31.54 -62.13 53.89
N ALA G 415 -32.14 -61.02 53.46
CA ALA G 415 -33.07 -61.07 52.33
C ALA G 415 -32.36 -61.53 51.07
N PHE G 416 -31.15 -61.03 50.82
CA PHE G 416 -30.38 -61.44 49.66
C PHE G 416 -30.07 -62.93 49.71
N ARG G 417 -29.66 -63.42 50.89
CA ARG G 417 -29.35 -64.84 51.05
C ARG G 417 -30.58 -65.70 50.80
N LEU G 418 -31.73 -65.32 51.36
CA LEU G 418 -32.93 -66.11 51.15
C LEU G 418 -33.45 -66.01 49.72
N ILE G 419 -33.14 -64.91 49.02
CA ILE G 419 -33.45 -64.83 47.60
C ILE G 419 -32.63 -65.85 46.82
N GLN G 420 -31.33 -65.95 47.12
CA GLN G 420 -30.54 -67.01 46.49
C GLN G 420 -30.88 -68.39 47.00
N GLU G 421 -31.61 -68.50 48.11
CA GLU G 421 -32.07 -69.81 48.55
C GLU G 421 -33.02 -70.44 47.54
N ASN G 422 -33.90 -69.62 46.94
CA ASN G 422 -34.84 -70.07 45.92
C ASN G 422 -34.38 -69.52 44.58
N GLU G 423 -33.90 -70.42 43.71
CA GLU G 423 -33.40 -69.99 42.40
C GLU G 423 -34.51 -69.34 41.57
N VAL G 424 -35.73 -69.88 41.65
CA VAL G 424 -36.84 -69.34 40.87
C VAL G 424 -37.10 -67.90 41.27
N LEU G 425 -37.17 -67.62 42.57
CA LEU G 425 -37.43 -66.26 43.04
C LEU G 425 -36.30 -65.32 42.67
N PHE G 426 -35.05 -65.79 42.76
CA PHE G 426 -33.92 -64.96 42.39
C PHE G 426 -33.98 -64.60 40.91
N THR G 427 -34.34 -65.56 40.06
CA THR G 427 -34.52 -65.27 38.64
C THR G 427 -35.68 -64.30 38.41
N MET G 428 -36.78 -64.48 39.16
CA MET G 428 -37.91 -63.57 39.03
C MET G 428 -37.57 -62.15 39.47
N CYS G 429 -36.59 -62.00 40.35
CA CYS G 429 -36.22 -60.67 40.84
C CYS G 429 -35.53 -59.80 39.78
N PHE G 430 -35.41 -60.19 38.52
CA PHE G 430 -34.88 -59.25 37.53
C PHE G 430 -35.87 -58.14 37.22
N ILE G 431 -37.12 -58.28 37.64
CA ILE G 431 -38.12 -57.22 37.53
C ILE G 431 -38.07 -56.40 38.82
N PRO G 432 -37.85 -55.09 38.74
CA PRO G 432 -37.78 -54.29 39.98
C PRO G 432 -39.07 -54.33 40.79
N LEU G 433 -40.23 -54.45 40.14
CA LEU G 433 -41.49 -54.50 40.87
C LEU G 433 -41.54 -55.72 41.77
N VAL G 434 -41.08 -56.87 41.29
CA VAL G 434 -41.05 -58.06 42.12
C VAL G 434 -40.11 -57.86 43.30
N CYS G 435 -39.00 -57.16 43.09
CA CYS G 435 -38.09 -56.86 44.19
C CYS G 435 -38.78 -55.99 45.25
N TRP G 436 -39.53 -54.97 44.80
CA TRP G 436 -40.25 -54.13 45.74
C TRP G 436 -41.27 -54.94 46.54
N ILE G 437 -42.01 -55.81 45.85
CA ILE G 437 -43.03 -56.61 46.53
C ILE G 437 -42.40 -57.55 47.54
N VAL G 438 -41.32 -58.23 47.15
CA VAL G 438 -40.70 -59.18 48.07
C VAL G 438 -40.05 -58.46 49.23
N CYS G 439 -39.49 -57.27 49.02
CA CYS G 439 -38.89 -56.52 50.13
C CYS G 439 -39.97 -56.07 51.11
N THR G 440 -41.10 -55.57 50.61
CA THR G 440 -42.18 -55.19 51.50
C THR G 440 -42.73 -56.39 52.26
N GLY G 441 -42.85 -57.53 51.58
CA GLY G 441 -43.32 -58.74 52.25
C GLY G 441 -42.38 -59.18 53.35
N LEU G 442 -41.07 -59.16 53.08
CA LEU G 442 -40.10 -59.55 54.10
C LEU G 442 -40.11 -58.56 55.27
N LYS G 443 -40.29 -57.27 54.99
CA LYS G 443 -40.45 -56.30 56.06
C LYS G 443 -41.65 -56.64 56.95
N GLN G 444 -42.79 -56.93 56.33
CA GLN G 444 -43.97 -57.29 57.10
C GLN G 444 -43.75 -58.57 57.89
N GLN G 445 -43.02 -59.53 57.31
CA GLN G 445 -42.78 -60.79 58.00
C GLN G 445 -41.91 -60.58 59.24
N MET G 446 -40.78 -59.88 59.08
CA MET G 446 -39.86 -59.78 60.21
C MET G 446 -40.34 -58.79 61.28
N GLU G 447 -41.08 -57.74 60.89
CA GLU G 447 -41.61 -56.85 61.90
C GLU G 447 -42.66 -57.55 62.77
N THR G 448 -43.52 -58.35 62.16
CA THR G 448 -44.56 -59.06 62.89
C THR G 448 -44.05 -60.34 63.55
N GLY G 449 -42.77 -60.67 63.38
CA GLY G 449 -42.20 -61.86 63.95
C GLY G 449 -42.24 -63.10 63.08
N LYS G 450 -42.92 -63.02 61.93
CA LYS G 450 -42.98 -64.17 61.03
C LYS G 450 -41.61 -64.41 60.39
N SER G 451 -41.34 -65.68 60.09
CA SER G 451 -40.08 -66.04 59.47
C SER G 451 -40.02 -65.56 58.03
N LEU G 452 -38.80 -65.44 57.50
CA LEU G 452 -38.60 -64.95 56.15
C LEU G 452 -38.44 -66.06 55.11
N ALA G 453 -38.10 -67.28 55.54
CA ALA G 453 -37.93 -68.37 54.59
C ALA G 453 -39.23 -68.80 53.94
N GLN G 454 -40.37 -68.51 54.58
CA GLN G 454 -41.66 -68.84 53.98
C GLN G 454 -41.88 -68.07 52.68
N THR G 455 -41.45 -66.81 52.64
CA THR G 455 -41.53 -66.02 51.42
C THR G 455 -40.71 -66.66 50.30
N SER G 456 -39.49 -67.12 50.63
CA SER G 456 -38.67 -67.79 49.63
C SER G 456 -39.33 -69.09 49.16
N LYS G 457 -39.95 -69.82 50.07
CA LYS G 457 -40.60 -71.08 49.69
C LYS G 457 -41.78 -70.84 48.75
N THR G 458 -42.39 -69.66 48.79
CA THR G 458 -43.54 -69.35 47.95
C THR G 458 -43.04 -68.98 46.56
N THR G 459 -43.49 -69.70 45.54
CA THR G 459 -43.06 -69.50 44.17
C THR G 459 -44.24 -69.17 43.28
N THR G 460 -44.01 -68.23 42.36
CA THR G 460 -44.92 -67.92 41.25
C THR G 460 -46.19 -67.22 41.73
N ALA G 461 -46.39 -67.17 43.05
CA ALA G 461 -47.58 -66.59 43.66
C ALA G 461 -47.18 -65.47 44.61
N VAL G 462 -46.31 -64.58 44.14
CA VAL G 462 -45.82 -63.50 44.97
C VAL G 462 -46.95 -62.55 45.34
N TYR G 463 -47.80 -62.21 44.37
CA TYR G 463 -48.89 -61.26 44.64
C TYR G 463 -49.90 -61.82 45.64
N VAL G 464 -50.30 -63.09 45.46
CA VAL G 464 -51.33 -63.66 46.33
C VAL G 464 -50.80 -63.80 47.76
N PHE G 465 -49.58 -64.31 47.90
CA PHE G 465 -48.99 -64.44 49.23
C PHE G 465 -48.77 -63.08 49.88
N PHE G 466 -48.36 -62.09 49.08
CA PHE G 466 -48.18 -60.74 49.60
C PHE G 466 -49.50 -60.17 50.10
N LEU G 467 -50.58 -60.36 49.34
CA LEU G 467 -51.89 -59.90 49.79
C LEU G 467 -52.33 -60.62 51.05
N SER G 468 -52.11 -61.93 51.12
CA SER G 468 -52.50 -62.68 52.32
C SER G 468 -51.72 -62.22 53.54
N SER G 469 -50.42 -61.97 53.38
CA SER G 469 -49.60 -61.50 54.50
C SER G 469 -50.00 -60.09 54.92
N LEU G 470 -50.40 -59.25 53.97
CA LEU G 470 -50.82 -57.89 54.32
C LEU G 470 -52.05 -57.90 55.21
N LEU G 471 -53.01 -58.78 54.93
CA LEU G 471 -54.24 -58.83 55.70
C LEU G 471 -54.22 -59.98 56.70
N PHE G 482 -65.56 -58.38 55.18
CA PHE G 482 -64.51 -58.02 54.25
C PHE G 482 -64.89 -58.42 52.83
N SER G 483 -65.88 -59.30 52.71
CA SER G 483 -66.32 -59.77 51.40
C SER G 483 -66.91 -58.64 50.57
N ASP G 484 -67.67 -57.75 51.19
CA ASP G 484 -68.22 -56.61 50.46
C ASP G 484 -67.13 -55.69 49.93
N TYR G 485 -66.10 -55.45 50.75
CA TYR G 485 -64.95 -54.66 50.30
C TYR G 485 -64.28 -55.31 49.10
N LEU G 486 -64.04 -56.62 49.18
CA LEU G 486 -63.37 -57.31 48.08
C LEU G 486 -64.21 -57.26 46.82
N GLN G 487 -65.52 -57.49 46.94
CA GLN G 487 -66.40 -57.44 45.77
C GLN G 487 -66.42 -56.05 45.16
N GLY G 488 -66.50 -55.00 45.99
CA GLY G 488 -66.52 -53.65 45.47
C GLY G 488 -65.23 -53.28 44.76
N LEU G 489 -64.09 -53.59 45.39
CA LEU G 489 -62.80 -53.29 44.75
C LEU G 489 -62.63 -54.07 43.46
N CYS G 490 -63.03 -55.35 43.45
CA CYS G 490 -62.91 -56.16 42.25
C CYS G 490 -63.80 -55.64 41.13
N SER G 491 -65.02 -55.24 41.45
CA SER G 491 -65.91 -54.69 40.43
C SER G 491 -65.40 -53.33 39.93
N LEU G 492 -64.81 -52.53 40.81
CA LEU G 492 -64.19 -51.28 40.39
C LEU G 492 -63.06 -51.55 39.39
N ALA G 493 -62.21 -52.53 39.70
CA ALA G 493 -61.13 -52.88 38.79
C ALA G 493 -61.68 -53.39 37.46
N ALA G 494 -62.73 -54.20 37.50
CA ALA G 494 -63.32 -54.74 36.27
C ALA G 494 -63.91 -53.63 35.40
N ASP G 495 -64.63 -52.70 36.02
CA ASP G 495 -65.19 -51.60 35.24
C ASP G 495 -64.11 -50.67 34.72
N GLY G 496 -63.02 -50.50 35.46
CA GLY G 496 -61.86 -49.81 34.90
C GLY G 496 -61.29 -50.56 33.71
N ILE G 497 -61.33 -51.89 33.76
CA ILE G 497 -60.88 -52.69 32.63
C ILE G 497 -61.72 -52.41 31.40
N TRP G 498 -63.05 -52.46 31.55
CA TRP G 498 -63.91 -52.21 30.39
C TRP G 498 -63.78 -50.77 29.89
N ASN G 499 -63.79 -49.80 30.81
CA ASN G 499 -63.88 -48.39 30.44
C ASN G 499 -62.52 -47.74 30.18
N GLN G 500 -61.42 -48.48 30.34
CA GLN G 500 -60.07 -47.92 30.19
C GLN G 500 -59.86 -46.71 31.08
N LYS G 501 -60.50 -46.71 32.26
CA LYS G 501 -60.45 -45.61 33.20
C LYS G 501 -59.59 -45.99 34.39
N ILE G 502 -58.71 -45.09 34.80
CA ILE G 502 -57.83 -45.34 35.94
C ILE G 502 -58.10 -44.26 37.00
N LEU G 503 -58.53 -43.08 36.54
CA LEU G 503 -58.83 -41.97 37.44
C LEU G 503 -60.30 -42.05 37.86
N PHE G 504 -60.59 -43.05 38.69
CA PHE G 504 -61.95 -43.31 39.11
C PHE G 504 -62.50 -42.17 39.95
N GLU G 505 -63.80 -41.97 39.86
CA GLU G 505 -64.51 -40.95 40.63
C GLU G 505 -65.41 -41.63 41.66
N GLU G 506 -66.19 -40.83 42.38
CA GLU G 506 -67.05 -41.35 43.44
C GLU G 506 -68.18 -42.20 42.88
N CYS G 507 -68.61 -41.91 41.65
CA CYS G 507 -69.77 -42.62 41.07
C CYS G 507 -69.49 -44.11 40.92
N ASP G 508 -68.26 -44.47 40.55
CA ASP G 508 -67.92 -45.90 40.43
C ASP G 508 -68.05 -46.59 41.78
N LEU G 509 -67.52 -45.97 42.84
CA LEU G 509 -67.63 -46.56 44.17
C LEU G 509 -69.08 -46.65 44.63
N ARG G 510 -69.89 -45.66 44.27
CA ARG G 510 -71.32 -45.74 44.57
C ARG G 510 -71.98 -46.91 43.86
N LYS G 511 -71.65 -47.10 42.58
CA LYS G 511 -72.24 -48.20 41.82
C LYS G 511 -71.81 -49.56 42.38
N HIS G 512 -70.55 -49.69 42.77
CA HIS G 512 -70.03 -50.95 43.29
C HIS G 512 -70.28 -51.13 44.77
N GLY G 513 -70.87 -50.16 45.44
CA GLY G 513 -71.07 -50.23 46.87
C GLY G 513 -69.85 -49.88 47.69
N LEU G 514 -68.78 -49.40 47.06
CA LEU G 514 -67.60 -48.97 47.80
C LEU G 514 -67.83 -47.61 48.44
N GLN G 515 -67.41 -47.47 49.69
CA GLN G 515 -67.65 -46.28 50.49
C GLN G 515 -66.35 -45.55 50.75
N LYS G 516 -66.43 -44.48 51.55
CA LYS G 516 -65.26 -43.65 51.83
C LYS G 516 -64.23 -44.40 52.66
N THR G 517 -64.66 -45.29 53.55
CA THR G 517 -63.75 -46.07 54.38
C THR G 517 -63.12 -47.24 53.64
N ASP G 518 -63.19 -47.27 52.31
CA ASP G 518 -62.67 -48.36 51.50
C ASP G 518 -61.40 -48.00 50.74
N VAL G 519 -60.63 -47.04 51.24
CA VAL G 519 -59.34 -46.69 50.65
C VAL G 519 -58.24 -47.42 51.42
N SER G 520 -57.41 -48.16 50.70
CA SER G 520 -56.34 -48.95 51.30
C SER G 520 -55.00 -48.60 50.64
N ALA G 521 -53.98 -49.39 50.97
CA ALA G 521 -52.63 -49.15 50.45
C ALA G 521 -52.57 -49.33 48.94
N PHE G 522 -53.26 -50.33 48.40
CA PHE G 522 -53.24 -50.56 46.95
C PHE G 522 -53.84 -49.38 46.20
N LEU G 523 -54.95 -48.83 46.71
CA LEU G 523 -55.55 -47.64 46.14
C LEU G 523 -54.79 -46.41 46.60
N ARG G 524 -55.18 -45.25 46.06
CA ARG G 524 -54.52 -44.00 46.42
C ARG G 524 -55.49 -42.85 46.18
N MET G 525 -55.52 -41.93 47.15
CA MET G 525 -56.37 -40.74 47.09
C MET G 525 -55.52 -39.54 46.67
N ASN G 526 -56.03 -38.78 45.71
CA ASN G 526 -55.34 -37.61 45.19
C ASN G 526 -56.25 -36.40 45.16
N ARG G 536 -62.23 -35.40 44.55
CA ARG G 536 -61.33 -36.48 44.96
C ARG G 536 -60.97 -37.36 43.77
N PHE G 537 -59.73 -37.87 43.78
CA PHE G 537 -59.23 -38.75 42.74
C PHE G 537 -58.87 -40.10 43.33
N TYR G 538 -59.35 -41.17 42.71
CA TYR G 538 -59.01 -42.53 43.10
C TYR G 538 -58.10 -43.12 42.03
N SER G 539 -56.98 -43.71 42.45
CA SER G 539 -56.08 -44.30 41.47
C SER G 539 -55.31 -45.46 42.09
N PHE G 540 -55.17 -46.54 41.33
CA PHE G 540 -54.33 -47.65 41.77
C PHE G 540 -52.87 -47.24 41.77
N SER G 541 -52.13 -47.74 42.76
CA SER G 541 -50.71 -47.40 42.85
C SER G 541 -49.94 -47.91 41.64
N HIS G 542 -50.22 -49.14 41.21
CA HIS G 542 -49.60 -49.72 40.04
C HIS G 542 -50.65 -50.54 39.32
N MET G 543 -50.63 -50.48 37.99
CA MET G 543 -51.73 -51.06 37.21
C MET G 543 -51.82 -52.57 37.42
N THR G 544 -50.68 -53.26 37.50
CA THR G 544 -50.69 -54.71 37.64
C THR G 544 -51.54 -55.16 38.82
N PHE G 545 -51.58 -54.35 39.89
CA PHE G 545 -52.48 -54.63 40.99
C PHE G 545 -53.93 -54.58 40.54
N GLN G 546 -54.27 -53.59 39.70
CA GLN G 546 -55.63 -53.47 39.19
C GLN G 546 -56.00 -54.67 38.33
N GLU G 547 -55.10 -55.11 37.45
CA GLU G 547 -55.40 -56.32 36.69
C GLU G 547 -55.50 -57.55 37.59
N PHE G 548 -54.70 -57.62 38.66
CA PHE G 548 -54.79 -58.74 39.59
C PHE G 548 -56.16 -58.77 40.27
N PHE G 549 -56.64 -57.61 40.72
CA PHE G 549 -57.95 -57.54 41.35
C PHE G 549 -59.06 -57.88 40.35
N ALA G 550 -58.92 -57.41 39.11
CA ALA G 550 -59.90 -57.75 38.09
C ALA G 550 -59.94 -59.26 37.83
N ALA G 551 -58.76 -59.90 37.81
CA ALA G 551 -58.70 -61.34 37.64
C ALA G 551 -59.34 -62.07 38.82
N MET G 552 -59.07 -61.60 40.03
CA MET G 552 -59.69 -62.21 41.21
C MET G 552 -61.19 -62.01 41.25
N TYR G 553 -61.70 -60.97 40.58
CA TYR G 553 -63.14 -60.71 40.58
C TYR G 553 -63.93 -61.90 40.04
N TYR G 554 -63.48 -62.47 38.91
CA TYR G 554 -64.29 -63.46 38.20
C TYR G 554 -64.32 -64.81 38.88
N LEU G 555 -63.75 -64.93 40.08
CA LEU G 555 -63.79 -66.19 40.82
C LEU G 555 -64.52 -66.08 42.16
N LEU G 556 -64.68 -64.88 42.70
CA LEU G 556 -65.39 -64.68 43.95
C LEU G 556 -66.84 -65.17 43.85
N ASN G 577 -70.07 -57.36 35.05
CA ASN G 577 -70.35 -58.62 34.37
C ASN G 577 -69.47 -59.75 34.92
N ARG G 578 -70.08 -60.90 35.18
CA ARG G 578 -69.37 -62.06 35.72
C ARG G 578 -69.16 -63.14 34.66
N ASP G 579 -69.72 -62.97 33.46
CA ASP G 579 -69.54 -63.95 32.38
C ASP G 579 -68.09 -63.91 31.93
N VAL G 580 -67.40 -65.04 32.08
CA VAL G 580 -65.96 -65.08 31.80
C VAL G 580 -65.66 -64.89 30.32
N LYS G 581 -66.63 -65.12 29.44
CA LYS G 581 -66.38 -65.07 28.00
C LYS G 581 -65.89 -63.70 27.54
N VAL G 582 -66.19 -62.64 28.28
CA VAL G 582 -65.71 -61.31 27.91
C VAL G 582 -64.19 -61.29 27.90
N LEU G 583 -63.55 -62.01 28.82
CA LEU G 583 -62.10 -62.13 28.80
C LEU G 583 -61.64 -62.97 27.62
N LEU G 584 -62.45 -63.97 27.23
CA LEU G 584 -62.03 -64.92 26.21
C LEU G 584 -62.02 -64.30 24.82
N GLU G 585 -63.08 -63.56 24.47
CA GLU G 585 -63.27 -63.11 23.10
C GLU G 585 -63.07 -61.61 22.91
N ASN G 586 -63.41 -60.78 23.89
CA ASN G 586 -63.27 -59.33 23.75
C ASN G 586 -61.83 -58.86 23.88
N TYR G 587 -60.87 -59.79 23.87
CA TYR G 587 -59.48 -59.43 23.76
C TYR G 587 -59.20 -58.77 22.41
N GLY G 588 -58.29 -57.80 22.40
CA GLY G 588 -57.94 -57.07 21.20
C GLY G 588 -58.65 -55.74 21.04
N LYS G 589 -59.74 -55.52 21.77
CA LYS G 589 -60.41 -54.22 21.75
C LYS G 589 -59.51 -53.14 22.36
N PHE G 590 -58.61 -53.54 23.25
CA PHE G 590 -57.64 -52.65 23.86
C PHE G 590 -56.26 -52.95 23.29
N GLU G 591 -55.53 -51.89 22.92
CA GLU G 591 -54.17 -52.08 22.44
C GLU G 591 -53.29 -52.70 23.51
N LYS G 592 -52.35 -53.53 23.06
CA LYS G 592 -51.33 -54.19 23.88
C LYS G 592 -51.92 -55.16 24.90
N GLY G 593 -53.24 -55.32 24.92
CA GLY G 593 -53.86 -56.43 25.62
C GLY G 593 -53.61 -56.52 27.11
N TYR G 594 -54.26 -55.67 27.89
CA TYR G 594 -54.19 -55.81 29.34
C TYR G 594 -54.76 -57.15 29.79
N LEU G 595 -55.69 -57.73 29.03
CA LEU G 595 -56.44 -58.89 29.45
C LEU G 595 -55.59 -60.11 29.72
N ILE G 596 -54.60 -60.42 28.87
CA ILE G 596 -53.79 -61.62 29.04
C ILE G 596 -53.16 -61.64 30.42
N PHE G 597 -52.53 -60.53 30.80
CA PHE G 597 -51.97 -60.42 32.15
C PHE G 597 -53.04 -60.72 33.19
N VAL G 598 -54.20 -60.09 33.06
CA VAL G 598 -55.37 -60.47 33.86
C VAL G 598 -55.53 -61.98 33.85
N VAL G 599 -55.71 -62.54 32.66
CA VAL G 599 -55.99 -63.97 32.53
C VAL G 599 -54.85 -64.79 33.13
N ARG G 600 -53.62 -64.25 33.11
CA ARG G 600 -52.52 -64.97 33.72
C ARG G 600 -52.79 -65.25 35.19
N PHE G 601 -53.16 -64.21 35.95
CA PHE G 601 -53.53 -64.43 37.35
C PHE G 601 -54.73 -65.34 37.45
N LEU G 602 -55.59 -65.36 36.45
CA LEU G 602 -56.69 -66.33 36.43
C LEU G 602 -56.15 -67.74 36.49
N PHE G 603 -55.19 -68.07 35.62
CA PHE G 603 -54.53 -69.38 35.73
C PHE G 603 -53.81 -69.52 37.07
N GLY G 604 -53.37 -68.39 37.64
CA GLY G 604 -52.81 -68.45 38.97
C GLY G 604 -53.82 -68.87 40.00
N LEU G 605 -55.04 -68.33 39.91
CA LEU G 605 -56.00 -68.52 41.00
C LEU G 605 -56.76 -69.84 40.86
N VAL G 606 -56.94 -70.31 39.64
CA VAL G 606 -57.76 -71.51 39.39
C VAL G 606 -56.99 -72.75 39.82
N ASN G 607 -55.72 -72.60 40.18
CA ASN G 607 -54.94 -73.72 40.69
C ASN G 607 -55.61 -74.30 41.93
N GLN G 608 -55.74 -75.63 41.95
CA GLN G 608 -56.54 -76.29 42.98
C GLN G 608 -56.03 -75.96 44.38
N GLU G 609 -54.73 -76.08 44.60
CA GLU G 609 -54.17 -75.69 45.90
C GLU G 609 -54.31 -74.19 46.12
N ARG G 610 -54.06 -73.39 45.10
CA ARG G 610 -54.19 -71.95 45.24
C ARG G 610 -55.65 -71.53 45.39
N THR G 611 -56.56 -72.21 44.69
CA THR G 611 -57.99 -71.96 44.88
C THR G 611 -58.42 -72.27 46.30
N SER G 612 -57.99 -73.43 46.83
CA SER G 612 -58.34 -73.80 48.19
C SER G 612 -57.76 -72.82 49.19
N TYR G 613 -56.52 -72.38 48.98
CA TYR G 613 -55.90 -71.41 49.88
C TYR G 613 -56.66 -70.08 49.85
N LEU G 614 -57.05 -69.64 48.66
CA LEU G 614 -57.83 -68.40 48.55
C LEU G 614 -59.15 -68.52 49.29
N GLU G 615 -59.85 -69.64 49.09
CA GLU G 615 -61.13 -69.84 49.75
C GLU G 615 -60.98 -69.87 51.27
N LYS G 616 -59.95 -70.57 51.77
CA LYS G 616 -59.77 -70.71 53.20
C LYS G 616 -59.08 -69.51 53.85
N LYS G 617 -58.54 -68.58 53.05
CA LYS G 617 -57.95 -67.36 53.58
C LYS G 617 -58.88 -66.16 53.48
N LEU G 618 -59.86 -66.19 52.57
CA LEU G 618 -60.82 -65.10 52.46
C LEU G 618 -62.25 -65.53 52.73
N SER G 619 -62.48 -66.78 53.13
CA SER G 619 -63.80 -67.31 53.48
C SER G 619 -64.77 -67.25 52.31
N CYS G 620 -64.28 -67.17 51.08
CA CYS G 620 -65.11 -67.06 49.89
C CYS G 620 -65.11 -68.39 49.14
N LYS G 621 -65.78 -68.39 47.99
CA LYS G 621 -65.88 -69.57 47.13
C LYS G 621 -65.40 -69.20 45.74
N ILE G 622 -64.78 -70.17 45.06
CA ILE G 622 -64.21 -69.98 43.74
C ILE G 622 -64.96 -70.87 42.75
N SER G 623 -65.40 -70.28 41.64
CA SER G 623 -66.07 -71.05 40.60
C SER G 623 -65.10 -72.02 39.94
N GLN G 624 -65.64 -73.13 39.46
CA GLN G 624 -64.82 -74.19 38.86
C GLN G 624 -65.06 -74.41 37.38
N GLN G 625 -66.20 -73.99 36.83
CA GLN G 625 -66.41 -74.08 35.39
C GLN G 625 -65.46 -73.16 34.64
N VAL G 626 -64.89 -72.16 35.32
CA VAL G 626 -63.93 -71.27 34.70
C VAL G 626 -62.71 -72.04 34.20
N ARG G 627 -62.30 -73.07 34.93
CA ARG G 627 -61.15 -73.88 34.50
C ARG G 627 -61.44 -74.59 33.19
N LEU G 628 -62.64 -75.17 33.06
CA LEU G 628 -63.00 -75.84 31.81
C LEU G 628 -63.13 -74.85 30.67
N GLU G 629 -63.70 -73.67 30.94
CA GLU G 629 -63.79 -72.66 29.90
C GLU G 629 -62.40 -72.20 29.46
N LEU G 630 -61.47 -72.07 30.41
CA LEU G 630 -60.10 -71.73 30.05
C LEU G 630 -59.44 -72.85 29.24
N LEU G 631 -59.73 -74.11 29.58
CA LEU G 631 -59.28 -75.21 28.74
C LEU G 631 -59.75 -75.03 27.31
N LYS G 632 -61.06 -74.82 27.14
CA LYS G 632 -61.62 -74.68 25.80
C LYS G 632 -60.98 -73.51 25.07
N TRP G 633 -60.73 -72.42 25.78
CA TRP G 633 -60.00 -71.29 25.19
C TRP G 633 -58.58 -71.69 24.78
N ILE G 634 -57.96 -72.59 25.54
CA ILE G 634 -56.61 -73.05 25.18
C ILE G 634 -56.65 -73.79 23.84
N GLU G 635 -57.63 -74.70 23.67
CA GLU G 635 -57.71 -75.37 22.37
C GLU G 635 -58.11 -74.40 21.27
N VAL G 636 -58.94 -73.40 21.57
CA VAL G 636 -59.29 -72.39 20.57
C VAL G 636 -58.05 -71.65 20.10
N LYS G 637 -57.19 -71.24 21.04
CA LYS G 637 -55.96 -70.57 20.67
C LYS G 637 -55.01 -71.48 19.91
N ALA G 638 -54.92 -72.75 20.33
CA ALA G 638 -53.95 -73.66 19.72
C ALA G 638 -54.35 -74.03 18.29
N LYS G 639 -55.63 -74.31 18.07
CA LYS G 639 -56.06 -74.89 16.80
C LYS G 639 -56.62 -73.86 15.82
N ALA G 640 -56.55 -72.57 16.15
CA ALA G 640 -57.09 -71.55 15.28
C ALA G 640 -56.19 -71.35 14.06
N LYS G 641 -56.75 -70.71 13.03
CA LYS G 641 -56.02 -70.43 11.79
C LYS G 641 -55.38 -69.05 11.83
N LYS G 642 -56.20 -68.01 11.97
CA LYS G 642 -55.73 -66.62 11.95
C LYS G 642 -55.02 -66.35 13.28
N LEU G 643 -53.78 -66.82 13.36
CA LEU G 643 -53.00 -66.75 14.58
C LEU G 643 -52.26 -65.43 14.75
N GLN G 644 -52.39 -64.50 13.80
CA GLN G 644 -51.66 -63.24 13.89
C GLN G 644 -52.16 -62.37 15.03
N TRP G 645 -53.48 -62.25 15.17
CA TRP G 645 -54.04 -61.36 16.19
C TRP G 645 -53.80 -61.89 17.59
N GLN G 646 -53.74 -63.20 17.76
CA GLN G 646 -53.52 -63.78 19.07
C GLN G 646 -52.11 -63.46 19.55
N PRO G 647 -51.90 -63.34 20.88
CA PRO G 647 -50.55 -63.14 21.39
C PRO G 647 -49.68 -64.38 21.24
N SER G 648 -48.38 -64.23 21.49
CA SER G 648 -47.43 -65.30 21.21
C SER G 648 -47.69 -66.51 22.10
N GLN G 649 -47.09 -67.63 21.70
CA GLN G 649 -47.25 -68.88 22.44
C GLN G 649 -46.48 -68.84 23.76
N LEU G 650 -45.45 -68.00 23.85
CA LEU G 650 -44.72 -67.85 25.10
C LEU G 650 -45.62 -67.34 26.21
N GLU G 651 -46.63 -66.54 25.88
CA GLU G 651 -47.61 -66.13 26.88
C GLU G 651 -48.40 -67.32 27.39
N LEU G 652 -48.78 -68.23 26.48
CA LEU G 652 -49.45 -69.45 26.90
C LEU G 652 -48.58 -70.26 27.84
N PHE G 653 -47.28 -70.32 27.56
CA PHE G 653 -46.38 -71.08 28.42
C PHE G 653 -46.20 -70.39 29.77
N TYR G 654 -46.16 -69.05 29.79
CA TYR G 654 -46.21 -68.32 31.05
C TYR G 654 -47.44 -68.70 31.86
N CYS G 655 -48.60 -68.75 31.22
CA CYS G 655 -49.82 -69.11 31.95
C CYS G 655 -49.72 -70.53 32.51
N LEU G 656 -49.28 -71.48 31.67
CA LEU G 656 -49.22 -72.88 32.11
C LEU G 656 -48.18 -73.08 33.20
N TYR G 657 -47.14 -72.25 33.24
CA TYR G 657 -46.20 -72.29 34.34
C TYR G 657 -46.76 -71.61 35.58
N GLU G 658 -47.54 -70.55 35.40
CA GLU G 658 -48.13 -69.84 36.52
C GLU G 658 -49.09 -70.74 37.29
N MET G 659 -49.89 -71.51 36.55
CA MET G 659 -50.93 -72.31 37.20
C MET G 659 -50.33 -73.43 38.05
N GLN G 660 -49.37 -74.17 37.51
CA GLN G 660 -48.67 -75.25 38.23
C GLN G 660 -49.60 -76.38 38.68
N GLU G 661 -50.54 -76.80 37.82
CA GLU G 661 -51.38 -77.97 38.05
C GLU G 661 -51.05 -79.04 37.03
N GLU G 662 -50.39 -80.11 37.48
CA GLU G 662 -49.73 -81.05 36.57
C GLU G 662 -50.70 -81.64 35.54
N ASP G 663 -51.81 -82.21 36.01
CA ASP G 663 -52.65 -83.01 35.11
C ASP G 663 -53.30 -82.16 34.04
N PHE G 664 -53.83 -81.00 34.40
CA PHE G 664 -54.49 -80.16 33.41
C PHE G 664 -53.45 -79.51 32.49
N VAL G 665 -52.24 -79.24 33.00
CA VAL G 665 -51.16 -78.82 32.12
C VAL G 665 -50.93 -79.87 31.04
N GLN G 666 -50.81 -81.14 31.45
CA GLN G 666 -50.56 -82.20 30.47
C GLN G 666 -51.71 -82.32 29.47
N SER G 667 -52.95 -82.29 29.97
CA SER G 667 -54.10 -82.48 29.10
C SER G 667 -54.27 -81.33 28.11
N ALA G 668 -54.16 -80.08 28.59
CA ALA G 668 -54.33 -78.93 27.70
C ALA G 668 -53.06 -78.66 26.90
N MET G 669 -51.97 -79.37 27.21
CA MET G 669 -50.72 -79.18 26.50
C MET G 669 -50.47 -80.25 25.45
N ASP G 670 -51.13 -81.40 25.54
CA ASP G 670 -51.05 -82.38 24.47
C ASP G 670 -51.62 -81.87 23.15
N HIS G 671 -52.09 -80.63 23.11
CA HIS G 671 -52.64 -80.00 21.91
C HIS G 671 -51.62 -79.14 21.19
N PHE G 672 -50.33 -79.40 21.41
CA PHE G 672 -49.24 -78.66 20.77
C PHE G 672 -48.27 -79.65 20.14
N PRO G 673 -48.63 -80.24 19.00
CA PRO G 673 -47.66 -81.11 18.30
C PRO G 673 -46.41 -80.37 17.85
N LYS G 674 -46.53 -79.10 17.48
CA LYS G 674 -45.39 -78.29 17.05
C LYS G 674 -45.28 -77.07 17.97
N ILE G 675 -44.09 -76.84 18.50
CA ILE G 675 -43.85 -75.77 19.46
C ILE G 675 -42.76 -74.86 18.92
N GLU G 676 -43.06 -73.56 18.87
CA GLU G 676 -42.09 -72.55 18.48
C GLU G 676 -42.05 -71.47 19.56
N ILE G 677 -40.86 -71.18 20.07
CA ILE G 677 -40.69 -70.22 21.15
C ILE G 677 -39.43 -69.41 20.91
N ASN G 678 -39.44 -68.16 21.37
CA ASN G 678 -38.29 -67.27 21.28
C ASN G 678 -37.96 -66.81 22.70
N LEU G 679 -36.74 -67.10 23.14
CA LEU G 679 -36.33 -66.92 24.53
C LEU G 679 -35.33 -65.78 24.64
N SER G 680 -35.54 -64.91 25.63
CA SER G 680 -34.66 -63.76 25.83
C SER G 680 -34.34 -63.45 27.29
N THR G 681 -34.67 -64.32 28.23
CA THR G 681 -34.39 -64.06 29.64
C THR G 681 -34.42 -65.38 30.41
N ARG G 682 -34.09 -65.29 31.70
CA ARG G 682 -34.12 -66.47 32.56
C ARG G 682 -35.54 -67.00 32.72
N MET G 683 -36.52 -66.10 32.83
CA MET G 683 -37.91 -66.53 32.93
C MET G 683 -38.31 -67.35 31.71
N ASP G 684 -37.91 -66.90 30.52
CA ASP G 684 -38.22 -67.66 29.31
C ASP G 684 -37.66 -69.07 29.40
N HIS G 685 -36.38 -69.19 29.78
CA HIS G 685 -35.74 -70.50 29.86
C HIS G 685 -36.43 -71.39 30.89
N VAL G 686 -36.77 -70.83 32.06
CA VAL G 686 -37.37 -71.64 33.12
C VAL G 686 -38.75 -72.12 32.71
N VAL G 687 -39.59 -71.22 32.20
CA VAL G 687 -40.93 -71.62 31.80
C VAL G 687 -40.87 -72.62 30.65
N SER G 688 -39.94 -72.43 29.72
CA SER G 688 -39.80 -73.37 28.62
C SER G 688 -39.38 -74.74 29.12
N SER G 689 -38.43 -74.79 30.06
CA SER G 689 -38.00 -76.07 30.61
C SER G 689 -39.17 -76.79 31.28
N PHE G 690 -39.89 -76.07 32.15
CA PHE G 690 -41.04 -76.68 32.82
C PHE G 690 -42.07 -77.18 31.82
N CYS G 691 -42.40 -76.33 30.84
CA CYS G 691 -43.44 -76.66 29.88
C CYS G 691 -43.06 -77.86 29.03
N ILE G 692 -41.84 -77.87 28.47
CA ILE G 692 -41.42 -78.99 27.64
C ILE G 692 -41.31 -80.27 28.47
N LYS G 693 -40.85 -80.17 29.71
CA LYS G 693 -40.82 -81.35 30.57
C LYS G 693 -42.22 -81.88 30.82
N ASN G 694 -43.22 -80.99 30.87
CA ASN G 694 -44.60 -81.46 31.00
C ASN G 694 -45.14 -82.05 29.71
N CYS G 695 -44.62 -81.60 28.56
CA CYS G 695 -45.11 -82.10 27.28
C CYS G 695 -44.84 -83.59 27.12
N HIS G 696 -45.74 -84.26 26.42
CA HIS G 696 -45.59 -85.69 26.17
C HIS G 696 -45.92 -86.11 24.74
N ARG G 697 -46.45 -85.22 23.90
CA ARG G 697 -46.80 -85.57 22.53
C ARG G 697 -46.43 -84.45 21.57
N VAL G 698 -45.20 -83.96 21.66
CA VAL G 698 -44.68 -82.94 20.75
C VAL G 698 -43.74 -83.61 19.75
N LYS G 699 -43.86 -83.21 18.48
CA LYS G 699 -43.05 -83.77 17.41
C LYS G 699 -42.01 -82.79 16.87
N THR G 700 -42.43 -81.60 16.46
CA THR G 700 -41.53 -80.58 15.94
C THR G 700 -41.34 -79.50 17.00
N LEU G 701 -40.09 -79.14 17.26
CA LEU G 701 -39.78 -78.13 18.25
C LEU G 701 -38.73 -77.20 17.69
N SER G 702 -38.93 -75.89 17.92
CA SER G 702 -37.98 -74.88 17.51
C SER G 702 -37.66 -73.99 18.70
N LEU G 703 -36.50 -73.35 18.64
CA LEU G 703 -36.04 -72.48 19.71
C LEU G 703 -35.41 -71.23 19.14
N GLY G 704 -35.51 -70.14 19.89
CA GLY G 704 -34.84 -68.91 19.52
C GLY G 704 -34.13 -68.28 20.70
N PHE G 705 -32.81 -68.18 20.62
CA PHE G 705 -32.01 -67.58 21.69
C PHE G 705 -31.68 -66.14 21.25
N PHE G 706 -32.70 -65.30 21.35
CA PHE G 706 -32.64 -63.92 20.86
C PHE G 706 -32.09 -63.04 21.98
N HIS G 707 -30.83 -62.63 21.84
CA HIS G 707 -30.20 -61.75 22.82
C HIS G 707 -29.94 -60.37 22.22
N THR G 747 -24.53 -69.23 26.32
CA THR G 747 -25.77 -69.81 26.82
C THR G 747 -25.55 -71.26 27.27
N SER G 748 -24.39 -71.52 27.86
CA SER G 748 -24.08 -72.87 28.32
C SER G 748 -25.05 -73.34 29.40
N SER G 749 -25.26 -72.51 30.42
CA SER G 749 -26.23 -72.85 31.45
C SER G 749 -27.64 -72.92 30.87
N PHE G 750 -27.98 -72.00 29.98
CA PHE G 750 -29.28 -72.00 29.33
C PHE G 750 -29.49 -73.30 28.57
N CYS G 751 -28.49 -73.68 27.76
CA CYS G 751 -28.59 -74.89 26.96
C CYS G 751 -28.69 -76.12 27.85
N ARG G 752 -27.92 -76.17 28.93
CA ARG G 752 -28.02 -77.32 29.84
C ARG G 752 -29.41 -77.41 30.44
N GLY G 753 -29.90 -76.31 30.99
CA GLY G 753 -31.20 -76.31 31.64
C GLY G 753 -32.32 -76.72 30.71
N LEU G 754 -32.27 -76.27 29.46
CA LEU G 754 -33.31 -76.67 28.51
C LEU G 754 -33.13 -78.11 28.06
N PHE G 755 -31.96 -78.43 27.48
CA PHE G 755 -31.76 -79.69 26.78
C PHE G 755 -31.60 -80.88 27.72
N SER G 756 -31.50 -80.67 29.03
CA SER G 756 -31.52 -81.80 29.94
C SER G 756 -32.84 -82.55 29.84
N SER G 757 -33.95 -81.84 29.74
CA SER G 757 -35.25 -82.48 29.63
C SER G 757 -35.48 -83.11 28.27
N LEU G 758 -34.88 -82.54 27.21
CA LEU G 758 -35.12 -83.04 25.87
C LEU G 758 -34.62 -84.47 25.69
N SER G 759 -33.56 -84.85 26.41
CA SER G 759 -33.11 -86.23 26.36
C SER G 759 -34.14 -87.17 26.96
N THR G 760 -34.86 -86.73 27.99
CA THR G 760 -35.91 -87.53 28.60
C THR G 760 -37.21 -87.49 27.83
N ASN G 761 -37.34 -86.59 26.87
CA ASN G 761 -38.56 -86.50 26.07
C ASN G 761 -38.58 -87.64 25.06
N ARG G 762 -39.61 -88.49 25.13
CA ARG G 762 -39.71 -89.67 24.28
C ARG G 762 -40.60 -89.44 23.07
N SER G 763 -41.02 -88.20 22.81
CA SER G 763 -41.89 -87.89 21.69
C SER G 763 -41.26 -87.01 20.63
N LEU G 764 -40.21 -86.25 20.97
CA LEU G 764 -39.64 -85.30 20.02
C LEU G 764 -38.98 -86.03 18.86
N THR G 765 -39.18 -85.49 17.65
CA THR G 765 -38.57 -86.05 16.44
C THR G 765 -37.85 -85.04 15.57
N GLU G 766 -38.21 -83.76 15.61
CA GLU G 766 -37.55 -82.74 14.83
C GLU G 766 -37.18 -81.57 15.74
N LEU G 767 -35.96 -81.08 15.59
CA LEU G 767 -35.43 -80.02 16.45
C LEU G 767 -34.80 -78.95 15.57
N ASP G 768 -35.45 -77.79 15.48
CA ASP G 768 -34.95 -76.70 14.67
C ASP G 768 -34.17 -75.73 15.56
N LEU G 769 -32.96 -75.37 15.14
CA LEU G 769 -32.17 -74.39 15.86
C LEU G 769 -31.49 -73.42 14.90
N SER G 770 -32.04 -73.24 13.71
CA SER G 770 -31.41 -72.38 12.70
C SER G 770 -31.34 -70.94 13.18
N ASP G 771 -30.28 -70.26 12.76
CA ASP G 771 -30.04 -68.82 12.95
C ASP G 771 -29.82 -68.45 14.40
N ASN G 772 -29.93 -69.37 15.35
CA ASN G 772 -29.60 -69.07 16.73
C ASN G 772 -28.09 -69.07 16.89
N THR G 773 -27.55 -68.00 17.47
CA THR G 773 -26.12 -67.93 17.74
C THR G 773 -25.81 -68.59 19.09
N LEU G 774 -26.18 -69.88 19.18
CA LEU G 774 -25.96 -70.63 20.40
C LEU G 774 -24.49 -70.87 20.66
N GLY G 775 -23.63 -70.60 19.70
CA GLY G 775 -22.19 -70.73 19.90
C GLY G 775 -21.73 -72.16 19.89
N ASP G 776 -20.42 -72.33 20.08
CA ASP G 776 -19.84 -73.66 20.02
C ASP G 776 -20.00 -74.42 21.34
N PRO G 777 -19.71 -73.85 22.51
CA PRO G 777 -19.96 -74.61 23.76
C PRO G 777 -21.41 -74.99 23.95
N GLY G 778 -22.35 -74.15 23.52
CA GLY G 778 -23.74 -74.54 23.56
C GLY G 778 -24.02 -75.74 22.68
N MET G 779 -23.39 -75.79 21.50
CA MET G 779 -23.56 -76.94 20.62
C MET G 779 -22.97 -78.18 21.27
N ARG G 780 -21.84 -78.03 21.99
CA ARG G 780 -21.30 -79.15 22.75
C ARG G 780 -22.30 -79.66 23.76
N VAL G 781 -22.86 -78.76 24.58
CA VAL G 781 -23.82 -79.15 25.60
C VAL G 781 -25.01 -79.86 24.96
N LEU G 782 -25.47 -79.36 23.83
CA LEU G 782 -26.51 -80.04 23.06
C LEU G 782 -26.08 -81.45 22.70
N CYS G 783 -24.80 -81.62 22.34
CA CYS G 783 -24.31 -82.96 21.98
C CYS G 783 -24.36 -83.91 23.16
N GLU G 784 -23.93 -83.47 24.35
CA GLU G 784 -24.08 -84.36 25.49
C GLU G 784 -25.55 -84.63 25.80
N ALA G 785 -26.42 -83.66 25.51
CA ALA G 785 -27.85 -83.89 25.73
C ALA G 785 -28.39 -84.97 24.79
N LEU G 786 -27.98 -84.94 23.52
CA LEU G 786 -28.58 -85.83 22.52
C LEU G 786 -28.17 -87.28 22.72
N GLN G 787 -26.89 -87.53 23.01
CA GLN G 787 -26.37 -88.89 22.98
C GLN G 787 -26.93 -89.76 24.09
N HIS G 788 -27.79 -89.18 24.94
CA HIS G 788 -28.50 -90.00 25.90
C HIS G 788 -29.47 -90.94 25.17
N PRO G 789 -29.57 -92.20 25.59
CA PRO G 789 -30.41 -93.16 24.86
C PRO G 789 -31.88 -92.79 24.82
N GLY G 790 -32.36 -91.95 25.75
CA GLY G 790 -33.77 -91.64 25.80
C GLY G 790 -34.27 -90.83 24.62
N CYS G 791 -33.47 -89.89 24.14
CA CYS G 791 -33.93 -88.95 23.13
C CYS G 791 -34.24 -89.67 21.81
N ASN G 792 -35.34 -89.25 21.17
CA ASN G 792 -35.82 -89.87 19.94
C ASN G 792 -35.75 -88.91 18.76
N ILE G 793 -34.82 -87.96 18.78
CA ILE G 793 -34.70 -87.01 17.69
C ILE G 793 -34.19 -87.72 16.44
N GLN G 794 -34.93 -87.55 15.34
CA GLN G 794 -34.54 -88.09 14.04
C GLN G 794 -34.09 -87.02 13.07
N ARG G 795 -33.99 -85.77 13.52
CA ARG G 795 -33.83 -84.66 12.60
C ARG G 795 -33.23 -83.48 13.37
N LEU G 796 -32.16 -82.90 12.82
CA LEU G 796 -31.48 -81.80 13.50
C LEU G 796 -30.98 -80.81 12.47
N TRP G 797 -31.55 -79.61 12.46
CA TRP G 797 -31.16 -78.55 11.54
C TRP G 797 -30.41 -77.48 12.31
N LEU G 798 -29.24 -77.09 11.80
CA LEU G 798 -28.34 -76.19 12.50
C LEU G 798 -27.79 -75.11 11.57
N GLY G 799 -28.64 -74.58 10.70
CA GLY G 799 -28.18 -73.58 9.74
C GLY G 799 -27.79 -72.28 10.43
N ARG G 800 -26.66 -71.72 9.97
CA ARG G 800 -26.17 -70.43 10.46
C ARG G 800 -26.04 -70.38 11.97
N CYS G 801 -25.79 -71.53 12.59
CA CYS G 801 -25.67 -71.59 14.04
C CYS G 801 -24.40 -70.94 14.56
N GLY G 802 -23.48 -70.57 13.67
CA GLY G 802 -22.22 -69.99 14.12
C GLY G 802 -21.25 -70.99 14.69
N LEU G 803 -21.39 -72.26 14.36
CA LEU G 803 -20.52 -73.30 14.90
C LEU G 803 -19.13 -73.19 14.26
N SER G 804 -18.27 -74.16 14.55
CA SER G 804 -16.95 -74.22 13.94
C SER G 804 -16.48 -75.66 14.01
N HIS G 805 -15.19 -75.87 13.72
CA HIS G 805 -14.65 -77.23 13.68
C HIS G 805 -14.71 -77.90 15.05
N GLN G 806 -14.75 -77.13 16.13
CA GLN G 806 -14.76 -77.72 17.46
C GLN G 806 -16.01 -78.58 17.69
N CYS G 807 -17.16 -78.10 17.22
CA CYS G 807 -18.40 -78.85 17.40
C CYS G 807 -18.41 -80.15 16.60
N CYS G 808 -17.56 -80.26 15.58
CA CYS G 808 -17.57 -81.45 14.74
C CYS G 808 -17.17 -82.70 15.50
N PHE G 809 -16.23 -82.58 16.43
CA PHE G 809 -15.86 -83.72 17.27
C PHE G 809 -17.06 -84.23 18.05
N ASP G 810 -17.80 -83.32 18.68
CA ASP G 810 -18.97 -83.69 19.47
C ASP G 810 -20.05 -84.29 18.57
N ILE G 811 -20.27 -83.70 17.40
CA ILE G 811 -21.28 -84.21 16.48
C ILE G 811 -20.90 -85.60 15.99
N SER G 812 -19.61 -85.82 15.74
CA SER G 812 -19.16 -87.15 15.34
C SER G 812 -19.42 -88.17 16.44
N SER G 813 -19.18 -87.79 17.69
CA SER G 813 -19.52 -88.70 18.78
C SER G 813 -21.01 -88.99 18.82
N VAL G 814 -21.84 -87.96 18.60
CA VAL G 814 -23.28 -88.15 18.59
C VAL G 814 -23.69 -89.12 17.49
N LEU G 815 -23.14 -88.95 16.29
CA LEU G 815 -23.47 -89.83 15.18
C LEU G 815 -23.03 -91.27 15.47
N SER G 816 -21.83 -91.44 16.01
CA SER G 816 -21.34 -92.78 16.31
C SER G 816 -22.08 -93.43 17.46
N SER G 817 -22.77 -92.65 18.29
CA SER G 817 -23.47 -93.20 19.45
C SER G 817 -24.98 -93.27 19.26
N SER G 818 -25.57 -92.48 18.38
CA SER G 818 -27.02 -92.43 18.19
C SER G 818 -27.38 -93.07 16.86
N GLN G 819 -28.38 -93.95 16.89
CA GLN G 819 -28.85 -94.65 15.70
C GLN G 819 -30.25 -94.21 15.28
N LYS G 820 -30.78 -93.14 15.87
CA LYS G 820 -32.10 -92.65 15.50
C LYS G 820 -32.04 -91.44 14.57
N LEU G 821 -30.92 -90.74 14.52
CA LEU G 821 -30.80 -89.57 13.66
C LEU G 821 -30.90 -89.99 12.20
N VAL G 822 -31.64 -89.20 11.41
CA VAL G 822 -31.88 -89.50 10.00
C VAL G 822 -31.20 -88.49 9.09
N GLU G 823 -31.56 -87.22 9.20
CA GLU G 823 -30.88 -86.19 8.43
C GLU G 823 -30.17 -85.23 9.38
N LEU G 824 -29.42 -84.30 8.79
CA LEU G 824 -28.62 -83.38 9.57
C LEU G 824 -28.20 -82.22 8.68
N ASP G 825 -28.33 -81.00 9.20
CA ASP G 825 -27.99 -79.81 8.46
C ASP G 825 -26.87 -79.07 9.17
N LEU G 826 -25.91 -78.56 8.39
CA LEU G 826 -24.82 -77.75 8.93
C LEU G 826 -24.51 -76.57 8.02
N SER G 827 -25.50 -76.08 7.29
CA SER G 827 -25.26 -75.06 6.29
C SER G 827 -24.77 -73.77 6.92
N ASP G 828 -23.82 -73.12 6.24
CA ASP G 828 -23.34 -71.79 6.61
C ASP G 828 -22.64 -71.75 7.96
N ASN G 829 -21.98 -72.85 8.34
CA ASN G 829 -21.07 -72.84 9.46
C ASN G 829 -19.65 -73.10 8.95
N ALA G 830 -18.69 -72.34 9.47
CA ALA G 830 -17.33 -72.43 8.96
C ALA G 830 -16.65 -73.69 9.46
N LEU G 831 -17.20 -74.85 9.10
CA LEU G 831 -16.60 -76.11 9.53
C LEU G 831 -15.21 -76.29 8.97
N GLY G 832 -15.04 -76.02 7.68
CA GLY G 832 -13.74 -76.18 7.05
C GLY G 832 -13.39 -77.62 6.76
N ASP G 833 -12.29 -77.79 6.03
CA ASP G 833 -11.84 -79.13 5.68
C ASP G 833 -11.47 -79.93 6.92
N PHE G 834 -10.90 -79.29 7.93
CA PHE G 834 -10.62 -80.01 9.17
C PHE G 834 -11.91 -80.46 9.85
N GLY G 835 -12.93 -79.61 9.84
CA GLY G 835 -14.22 -80.02 10.39
C GLY G 835 -14.80 -81.21 9.66
N ILE G 836 -14.67 -81.23 8.33
CA ILE G 836 -15.13 -82.39 7.57
C ILE G 836 -14.32 -83.62 7.92
N ARG G 837 -13.00 -83.45 8.10
CA ARG G 837 -12.16 -84.57 8.49
C ARG G 837 -12.59 -85.13 9.84
N LEU G 838 -13.02 -84.26 10.74
CA LEU G 838 -13.52 -84.73 12.04
C LEU G 838 -14.86 -85.44 11.89
N LEU G 839 -15.76 -84.89 11.06
CA LEU G 839 -17.07 -85.50 10.88
C LEU G 839 -16.97 -86.89 10.26
N CYS G 840 -16.09 -87.05 9.27
CA CYS G 840 -16.04 -88.31 8.53
C CYS G 840 -15.75 -89.49 9.43
N VAL G 841 -15.07 -89.28 10.56
CA VAL G 841 -14.82 -90.36 11.50
C VAL G 841 -16.14 -90.89 12.04
N GLY G 842 -17.04 -89.99 12.44
CA GLY G 842 -18.36 -90.42 12.88
C GLY G 842 -19.20 -90.97 11.74
N LEU G 843 -19.12 -90.34 10.57
CA LEU G 843 -19.92 -90.80 9.43
C LEU G 843 -19.52 -92.20 9.00
N LYS G 844 -18.21 -92.48 8.97
CA LYS G 844 -17.74 -93.79 8.56
C LYS G 844 -18.10 -94.89 9.56
N HIS G 845 -18.56 -94.52 10.75
CA HIS G 845 -18.92 -95.52 11.75
C HIS G 845 -20.07 -96.38 11.26
N LEU G 846 -20.02 -97.67 11.60
CA LEU G 846 -21.00 -98.62 11.08
C LEU G 846 -22.40 -98.39 11.64
N LEU G 847 -22.53 -97.63 12.72
CA LEU G 847 -23.82 -97.38 13.34
C LEU G 847 -24.40 -96.02 12.95
N CYS G 848 -23.82 -95.36 11.97
CA CYS G 848 -24.35 -94.07 11.51
C CYS G 848 -25.47 -94.33 10.52
N ASN G 849 -26.65 -93.78 10.81
CA ASN G 849 -27.83 -93.97 9.98
C ASN G 849 -28.21 -92.71 9.21
N LEU G 850 -27.27 -91.81 8.99
CA LEU G 850 -27.57 -90.56 8.30
C LEU G 850 -28.01 -90.84 6.87
N GLN G 851 -28.98 -90.05 6.41
CA GLN G 851 -29.52 -90.16 5.05
C GLN G 851 -29.34 -88.88 4.26
N LYS G 852 -29.69 -87.74 4.85
CA LYS G 852 -29.62 -86.45 4.19
C LYS G 852 -28.60 -85.61 4.92
N LEU G 853 -27.60 -85.10 4.21
CA LEU G 853 -26.53 -84.32 4.83
C LEU G 853 -26.29 -83.03 4.05
N TRP G 854 -26.75 -81.91 4.58
CA TRP G 854 -26.44 -80.61 3.99
C TRP G 854 -25.10 -80.12 4.47
N LEU G 855 -24.31 -79.57 3.55
CA LEU G 855 -23.05 -78.93 3.92
C LEU G 855 -22.85 -77.64 3.12
N VAL G 856 -23.94 -76.94 2.82
CA VAL G 856 -23.90 -75.80 1.92
C VAL G 856 -23.12 -74.66 2.56
N SER G 857 -22.17 -74.10 1.82
CA SER G 857 -21.43 -72.90 2.22
C SER G 857 -20.68 -73.12 3.54
N CYS G 858 -20.08 -74.29 3.70
CA CYS G 858 -19.34 -74.63 4.90
C CYS G 858 -17.87 -74.21 4.82
N CYS G 859 -17.53 -73.31 3.90
CA CYS G 859 -16.16 -72.83 3.75
C CYS G 859 -15.17 -73.97 3.52
N LEU G 860 -15.58 -74.94 2.72
CA LEU G 860 -14.73 -76.09 2.45
C LEU G 860 -13.77 -75.80 1.30
N THR G 861 -12.86 -76.74 1.06
CA THR G 861 -11.98 -76.74 -0.09
C THR G 861 -11.92 -78.16 -0.64
N SER G 862 -11.10 -78.36 -1.67
CA SER G 862 -11.01 -79.67 -2.29
C SER G 862 -10.39 -80.71 -1.35
N ALA G 863 -9.59 -80.26 -0.39
CA ALA G 863 -8.86 -81.19 0.46
C ALA G 863 -9.80 -82.10 1.23
N CYS G 864 -10.92 -81.57 1.70
CA CYS G 864 -11.87 -82.39 2.45
C CYS G 864 -12.50 -83.46 1.56
N CYS G 865 -12.59 -83.20 0.25
CA CYS G 865 -13.34 -84.07 -0.65
C CYS G 865 -12.90 -85.51 -0.53
N GLN G 866 -11.57 -85.75 -0.49
CA GLN G 866 -11.06 -87.10 -0.37
C GLN G 866 -11.70 -87.83 0.79
N ASP G 867 -11.72 -87.20 1.96
CA ASP G 867 -12.34 -87.83 3.13
C ASP G 867 -13.79 -88.18 2.85
N LEU G 868 -14.53 -87.23 2.26
CA LEU G 868 -15.93 -87.48 1.93
C LEU G 868 -16.07 -88.71 1.08
N ALA G 869 -15.12 -88.93 0.16
CA ALA G 869 -15.19 -90.10 -0.70
C ALA G 869 -15.31 -91.38 0.11
N LEU G 870 -14.48 -91.51 1.15
CA LEU G 870 -14.50 -92.73 1.97
C LEU G 870 -15.89 -92.97 2.53
N VAL G 871 -16.59 -91.90 2.90
CA VAL G 871 -17.91 -92.04 3.50
C VAL G 871 -18.82 -92.82 2.57
N LEU G 872 -18.75 -92.54 1.26
CA LEU G 872 -19.67 -93.16 0.33
C LEU G 872 -19.46 -94.66 0.25
N SER G 873 -18.27 -95.14 0.60
CA SER G 873 -18.02 -96.58 0.64
C SER G 873 -17.89 -97.11 2.07
N SER G 874 -18.13 -96.29 3.07
CA SER G 874 -18.23 -96.78 4.44
C SER G 874 -19.66 -96.69 4.97
N ASN G 875 -20.38 -95.65 4.61
CA ASN G 875 -21.79 -95.50 4.98
C ASN G 875 -22.64 -95.66 3.73
N HIS G 876 -23.58 -96.60 3.78
CA HIS G 876 -24.51 -96.83 2.68
C HIS G 876 -25.87 -96.19 2.91
N SER G 877 -26.16 -95.72 4.12
CA SER G 877 -27.44 -95.06 4.36
C SER G 877 -27.46 -93.63 3.81
N LEU G 878 -26.30 -93.04 3.55
CA LEU G 878 -26.23 -91.69 3.01
C LEU G 878 -26.78 -91.69 1.60
N THR G 879 -28.01 -91.19 1.42
CA THR G 879 -28.64 -91.17 0.11
C THR G 879 -28.30 -89.89 -0.67
N ARG G 880 -28.68 -88.74 -0.14
CA ARG G 880 -28.51 -87.49 -0.87
C ARG G 880 -27.58 -86.56 -0.11
N LEU G 881 -26.69 -85.91 -0.86
CA LEU G 881 -25.67 -85.01 -0.33
C LEU G 881 -25.86 -83.64 -0.96
N TYR G 882 -25.49 -82.59 -0.23
CA TYR G 882 -25.60 -81.22 -0.75
C TYR G 882 -24.36 -80.45 -0.31
N ILE G 883 -23.33 -80.45 -1.17
CA ILE G 883 -22.07 -79.82 -0.83
C ILE G 883 -21.85 -78.59 -1.69
N GLY G 884 -22.93 -77.95 -2.10
CA GLY G 884 -22.83 -76.80 -2.98
C GLY G 884 -22.31 -75.57 -2.28
N GLU G 885 -21.96 -74.58 -3.10
CA GLU G 885 -21.48 -73.28 -2.64
C GLU G 885 -20.21 -73.47 -1.79
N ASN G 886 -19.26 -74.20 -2.36
CA ASN G 886 -17.93 -74.35 -1.77
C ASN G 886 -16.90 -74.26 -2.87
N ALA G 887 -15.68 -73.91 -2.50
CA ALA G 887 -14.60 -73.85 -3.47
C ALA G 887 -14.01 -75.23 -3.69
N LEU G 888 -14.86 -76.21 -4.00
CA LEU G 888 -14.38 -77.56 -4.26
C LEU G 888 -13.44 -77.60 -5.45
N GLY G 889 -13.96 -77.29 -6.64
CA GLY G 889 -13.16 -77.27 -7.84
C GLY G 889 -13.06 -78.61 -8.51
N ASP G 890 -12.40 -78.60 -9.67
CA ASP G 890 -12.30 -79.78 -10.51
C ASP G 890 -11.57 -80.91 -9.80
N SER G 891 -10.48 -80.59 -9.09
CA SER G 891 -9.73 -81.61 -8.39
C SER G 891 -10.60 -82.34 -7.37
N GLY G 892 -11.31 -81.58 -6.54
CA GLY G 892 -12.17 -82.20 -5.54
C GLY G 892 -13.30 -83.00 -6.15
N VAL G 893 -13.94 -82.45 -7.19
CA VAL G 893 -15.04 -83.18 -7.82
C VAL G 893 -14.54 -84.46 -8.46
N GLN G 894 -13.37 -84.42 -9.10
CA GLN G 894 -12.80 -85.64 -9.69
C GLN G 894 -12.46 -86.66 -8.61
N VAL G 895 -11.90 -86.20 -7.48
CA VAL G 895 -11.57 -87.12 -6.41
C VAL G 895 -12.83 -87.80 -5.88
N LEU G 896 -13.90 -87.02 -5.69
CA LEU G 896 -15.15 -87.59 -5.20
C LEU G 896 -15.75 -88.56 -6.21
N CYS G 897 -15.79 -88.16 -7.48
CA CYS G 897 -16.46 -88.97 -8.50
C CYS G 897 -15.71 -90.26 -8.77
N GLU G 898 -14.38 -90.18 -8.94
CA GLU G 898 -13.59 -91.37 -9.25
C GLU G 898 -13.83 -92.48 -8.24
N LYS G 899 -14.04 -92.11 -6.98
CA LYS G 899 -14.35 -93.11 -5.97
C LYS G 899 -15.85 -93.39 -5.91
N MET G 900 -16.66 -92.50 -6.48
CA MET G 900 -18.11 -92.68 -6.49
C MET G 900 -18.61 -93.60 -7.59
N LYS G 901 -17.78 -93.91 -8.60
CA LYS G 901 -18.26 -94.65 -9.76
C LYS G 901 -18.72 -96.07 -9.44
N ASP G 902 -18.41 -96.58 -8.26
CA ASP G 902 -18.82 -97.94 -7.92
C ASP G 902 -20.34 -98.04 -7.95
N PRO G 903 -20.91 -99.03 -8.66
CA PRO G 903 -22.37 -99.17 -8.67
C PRO G 903 -22.96 -99.46 -7.30
N GLN G 904 -22.17 -99.96 -6.35
CA GLN G 904 -22.68 -100.19 -5.01
C GLN G 904 -22.89 -98.90 -4.24
N CYS G 905 -22.29 -97.80 -4.68
CA CYS G 905 -22.50 -96.50 -4.04
C CYS G 905 -23.98 -96.14 -4.09
N ASN G 906 -24.52 -95.71 -2.96
CA ASN G 906 -25.95 -95.48 -2.81
C ASN G 906 -26.34 -94.02 -2.92
N LEU G 907 -25.43 -93.15 -3.33
CA LEU G 907 -25.73 -91.72 -3.39
C LEU G 907 -26.72 -91.44 -4.52
N GLN G 908 -27.66 -90.54 -4.26
CA GLN G 908 -28.72 -90.23 -5.20
C GLN G 908 -28.66 -88.78 -5.69
N LYS G 909 -28.74 -87.79 -4.80
CA LYS G 909 -29.06 -86.44 -5.23
C LYS G 909 -27.97 -85.43 -4.93
N LEU G 910 -26.73 -85.76 -5.29
CA LEU G 910 -25.62 -84.85 -5.09
C LEU G 910 -25.91 -83.48 -5.70
N GLY G 911 -25.28 -82.46 -5.15
CA GLY G 911 -25.43 -81.12 -5.67
C GLY G 911 -24.16 -80.30 -5.54
N LEU G 912 -23.83 -79.52 -6.56
CA LEU G 912 -22.59 -78.74 -6.60
C LEU G 912 -22.87 -77.31 -7.02
N VAL G 913 -23.91 -76.72 -6.43
CA VAL G 913 -24.27 -75.34 -6.76
C VAL G 913 -23.10 -74.41 -6.48
N ASN G 914 -22.73 -73.60 -7.47
CA ASN G 914 -21.74 -72.54 -7.31
C ASN G 914 -20.41 -73.08 -6.79
N SER G 915 -19.97 -74.21 -7.33
CA SER G 915 -18.72 -74.82 -6.91
C SER G 915 -17.51 -74.37 -7.73
N GLY G 916 -17.71 -73.44 -8.67
CA GLY G 916 -16.59 -72.96 -9.47
C GLY G 916 -15.96 -74.00 -10.37
N LEU G 917 -16.77 -74.91 -10.93
CA LEU G 917 -16.24 -75.98 -11.76
C LEU G 917 -16.10 -75.53 -13.20
N THR G 918 -15.58 -76.44 -14.04
CA THR G 918 -15.58 -76.25 -15.49
C THR G 918 -15.64 -77.64 -16.12
N SER G 919 -15.30 -77.70 -17.41
CA SER G 919 -15.49 -78.93 -18.17
C SER G 919 -14.58 -80.06 -17.74
N ILE G 920 -13.57 -79.78 -16.90
CA ILE G 920 -12.58 -80.81 -16.56
C ILE G 920 -13.22 -81.94 -15.78
N CYS G 921 -14.06 -81.61 -14.79
CA CYS G 921 -14.72 -82.63 -13.98
C CYS G 921 -15.88 -83.29 -14.71
N CYS G 922 -16.24 -82.77 -15.89
CA CYS G 922 -17.38 -83.31 -16.61
C CYS G 922 -17.13 -84.74 -17.08
N SER G 923 -15.88 -85.08 -17.37
CA SER G 923 -15.57 -86.46 -17.74
C SER G 923 -15.81 -87.41 -16.56
N ALA G 924 -15.40 -87.00 -15.35
CA ALA G 924 -15.67 -87.81 -14.17
C ALA G 924 -17.17 -87.95 -13.94
N LEU G 925 -17.91 -86.85 -14.10
CA LEU G 925 -19.37 -86.93 -13.96
C LEU G 925 -19.97 -87.85 -15.00
N THR G 926 -19.42 -87.85 -16.22
CA THR G 926 -19.84 -88.76 -17.27
C THR G 926 -19.63 -90.20 -16.85
N SER G 927 -18.46 -90.48 -16.24
CA SER G 927 -18.21 -91.82 -15.74
C SER G 927 -19.22 -92.22 -14.68
N VAL G 928 -19.54 -91.28 -13.78
CA VAL G 928 -20.53 -91.56 -12.73
C VAL G 928 -21.88 -91.92 -13.37
N LEU G 929 -22.31 -91.13 -14.34
CA LEU G 929 -23.59 -91.41 -15.00
C LEU G 929 -23.55 -92.74 -15.73
N LYS G 930 -22.44 -93.06 -16.38
CA LYS G 930 -22.31 -94.32 -17.09
C LYS G 930 -22.36 -95.52 -16.15
N THR G 931 -21.82 -95.39 -14.95
CA THR G 931 -21.70 -96.54 -14.05
C THR G 931 -22.82 -96.61 -13.02
N ASN G 932 -23.08 -95.53 -12.29
CA ASN G 932 -24.02 -95.59 -11.18
C ASN G 932 -25.45 -95.79 -11.69
N GLN G 933 -26.23 -96.58 -10.95
CA GLN G 933 -27.61 -96.88 -11.29
C GLN G 933 -28.61 -96.26 -10.33
N ASN G 934 -28.17 -95.40 -9.42
CA ASN G 934 -29.06 -94.75 -8.46
C ASN G 934 -28.89 -93.25 -8.41
N PHE G 935 -27.96 -92.68 -9.16
CA PHE G 935 -27.66 -91.25 -9.12
C PHE G 935 -28.72 -90.52 -9.94
N THR G 936 -29.86 -90.28 -9.30
CA THR G 936 -31.01 -89.73 -10.01
C THR G 936 -30.82 -88.24 -10.31
N HIS G 937 -30.82 -87.41 -9.28
CA HIS G 937 -30.77 -85.97 -9.49
C HIS G 937 -29.32 -85.50 -9.52
N LEU G 938 -29.12 -84.25 -9.93
CA LEU G 938 -27.79 -83.67 -9.99
C LEU G 938 -27.91 -82.19 -10.32
N TYR G 939 -27.20 -81.36 -9.57
CA TYR G 939 -27.29 -79.90 -9.72
C TYR G 939 -25.95 -79.36 -10.17
N LEU G 940 -25.97 -78.38 -11.09
CA LEU G 940 -24.71 -77.77 -11.51
C LEU G 940 -24.78 -76.26 -11.70
N ARG G 941 -25.72 -75.56 -11.07
CA ARG G 941 -25.89 -74.17 -11.45
C ARG G 941 -24.67 -73.34 -11.03
N SER G 942 -24.50 -72.20 -11.71
CA SER G 942 -23.44 -71.24 -11.43
C SER G 942 -22.05 -71.86 -11.61
N ASN G 943 -21.91 -72.80 -12.53
CA ASN G 943 -20.63 -73.39 -12.86
C ASN G 943 -20.34 -73.12 -14.33
N ALA G 944 -19.13 -72.64 -14.62
CA ALA G 944 -18.74 -72.33 -15.99
C ALA G 944 -18.39 -73.62 -16.75
N LEU G 945 -19.41 -74.46 -16.93
CA LEU G 945 -19.22 -75.71 -17.64
C LEU G 945 -18.91 -75.47 -19.11
N GLY G 946 -19.72 -74.66 -19.78
CA GLY G 946 -19.55 -74.39 -21.18
C GLY G 946 -20.15 -75.48 -22.06
N ASP G 947 -20.15 -75.22 -23.37
CA ASP G 947 -20.68 -76.18 -24.32
C ASP G 947 -19.85 -77.45 -24.37
N THR G 948 -18.53 -77.35 -24.20
CA THR G 948 -17.71 -78.56 -24.10
C THR G 948 -18.11 -79.39 -22.89
N GLY G 949 -18.37 -78.73 -21.76
CA GLY G 949 -18.84 -79.45 -20.58
C GLY G 949 -20.18 -80.12 -20.81
N LEU G 950 -21.10 -79.43 -21.48
CA LEU G 950 -22.40 -80.04 -21.76
C LEU G 950 -22.24 -81.23 -22.70
N ARG G 951 -21.34 -81.13 -23.67
CA ARG G 951 -21.08 -82.27 -24.55
C ARG G 951 -20.52 -83.44 -23.77
N LEU G 952 -19.61 -83.17 -22.83
CA LEU G 952 -19.05 -84.23 -22.01
C LEU G 952 -20.13 -84.89 -21.15
N LEU G 953 -21.05 -84.09 -20.61
CA LEU G 953 -22.21 -84.66 -19.91
C LEU G 953 -23.05 -85.51 -20.85
N CYS G 954 -23.29 -85.02 -22.06
CA CYS G 954 -24.04 -85.80 -23.05
C CYS G 954 -23.37 -87.13 -23.34
N GLU G 955 -22.04 -87.18 -23.27
CA GLU G 955 -21.32 -88.41 -23.54
C GLU G 955 -21.82 -89.56 -22.67
N GLY G 956 -22.12 -89.29 -21.41
CA GLY G 956 -22.65 -90.31 -20.53
C GLY G 956 -24.16 -90.30 -20.43
N LEU G 957 -24.77 -89.18 -20.81
CA LEU G 957 -26.22 -89.09 -20.78
C LEU G 957 -26.86 -90.07 -21.77
N LEU G 958 -26.25 -90.21 -22.95
CA LEU G 958 -26.78 -91.10 -23.98
C LEU G 958 -26.62 -92.57 -23.62
N HIS G 959 -25.89 -92.89 -22.56
CA HIS G 959 -25.65 -94.28 -22.20
C HIS G 959 -26.98 -94.97 -21.88
N PRO G 960 -27.22 -96.17 -22.41
CA PRO G 960 -28.50 -96.85 -22.13
C PRO G 960 -28.71 -97.19 -20.67
N ASP G 961 -27.63 -97.26 -19.88
CA ASP G 961 -27.74 -97.59 -18.47
C ASP G 961 -27.99 -96.37 -17.59
N CYS G 962 -28.17 -95.19 -18.18
CA CYS G 962 -28.34 -93.98 -17.41
C CYS G 962 -29.64 -94.02 -16.61
N LYS G 963 -29.65 -93.28 -15.50
CA LYS G 963 -30.83 -93.18 -14.64
C LYS G 963 -31.09 -91.76 -14.18
N LEU G 964 -30.36 -90.78 -14.69
CA LEU G 964 -30.50 -89.40 -14.25
C LEU G 964 -31.92 -88.88 -14.49
N GLN G 965 -32.60 -88.51 -13.42
CA GLN G 965 -33.98 -88.03 -13.50
C GLN G 965 -34.08 -86.51 -13.42
N MET G 966 -32.97 -85.79 -13.40
CA MET G 966 -32.98 -84.34 -13.50
C MET G 966 -31.54 -83.89 -13.68
N LEU G 967 -31.37 -82.73 -14.31
CA LEU G 967 -30.03 -82.21 -14.55
C LEU G 967 -30.13 -80.68 -14.64
N GLU G 968 -29.93 -80.00 -13.52
CA GLU G 968 -29.99 -78.55 -13.49
C GLU G 968 -28.77 -77.95 -14.16
N LEU G 969 -28.98 -76.91 -14.98
CA LEU G 969 -27.88 -76.23 -15.64
C LEU G 969 -27.99 -74.72 -15.57
N ASP G 970 -28.78 -74.19 -14.64
CA ASP G 970 -29.03 -72.74 -14.62
C ASP G 970 -27.73 -71.97 -14.46
N ASN G 971 -27.64 -70.84 -15.17
CA ASN G 971 -26.51 -69.92 -15.09
C ASN G 971 -25.18 -70.61 -15.35
N CYS G 972 -25.18 -71.71 -16.10
CA CYS G 972 -23.94 -72.41 -16.39
C CYS G 972 -23.09 -71.71 -17.46
N SER G 973 -23.58 -70.60 -18.01
CA SER G 973 -22.90 -69.90 -19.11
C SER G 973 -22.71 -70.83 -20.31
N LEU G 974 -23.83 -71.30 -20.84
CA LEU G 974 -23.84 -72.17 -22.00
C LEU G 974 -23.93 -71.33 -23.28
N THR G 975 -23.93 -72.03 -24.41
CA THR G 975 -24.06 -71.39 -25.71
C THR G 975 -24.73 -72.38 -26.67
N SER G 976 -24.93 -71.93 -27.91
CA SER G 976 -25.70 -72.66 -28.90
C SER G 976 -24.88 -73.69 -29.67
N HIS G 977 -23.59 -73.83 -29.38
CA HIS G 977 -22.75 -74.71 -30.18
C HIS G 977 -23.03 -76.18 -29.88
N SER G 978 -23.24 -76.52 -28.60
CA SER G 978 -23.55 -77.90 -28.21
C SER G 978 -25.04 -78.19 -28.25
N CYS G 979 -25.76 -77.46 -29.10
CA CYS G 979 -27.22 -77.49 -29.11
C CYS G 979 -27.73 -78.80 -29.71
N TRP G 980 -27.04 -79.30 -30.74
CA TRP G 980 -27.30 -80.64 -31.25
C TRP G 980 -27.20 -81.67 -30.13
N ASN G 981 -26.31 -81.45 -29.18
CA ASN G 981 -26.20 -82.36 -28.04
C ASN G 981 -27.47 -82.34 -27.21
N LEU G 982 -28.07 -81.17 -27.01
CA LEU G 982 -29.35 -81.09 -26.32
C LEU G 982 -30.41 -81.89 -27.06
N SER G 983 -30.45 -81.73 -28.38
CA SER G 983 -31.41 -82.47 -29.18
C SER G 983 -31.21 -83.98 -29.03
N THR G 984 -29.95 -84.41 -29.05
CA THR G 984 -29.62 -85.82 -28.90
C THR G 984 -30.03 -86.35 -27.54
N ILE G 985 -29.78 -85.56 -26.48
CA ILE G 985 -30.16 -85.97 -25.14
C ILE G 985 -31.65 -86.18 -25.04
N LEU G 986 -32.43 -85.23 -25.57
CA LEU G 986 -33.88 -85.41 -25.52
C LEU G 986 -34.35 -86.58 -26.38
N THR G 987 -33.73 -86.81 -27.54
CA THR G 987 -34.18 -87.88 -28.42
C THR G 987 -33.82 -89.27 -27.90
N HIS G 988 -32.76 -89.40 -27.11
CA HIS G 988 -32.30 -90.73 -26.72
C HIS G 988 -32.50 -91.05 -25.24
N ASN G 989 -32.39 -90.07 -24.35
CA ASN G 989 -32.58 -90.33 -22.92
C ASN G 989 -34.07 -90.52 -22.67
N HIS G 990 -34.47 -91.76 -22.37
CA HIS G 990 -35.85 -92.07 -22.04
C HIS G 990 -36.15 -91.96 -20.55
N SER G 991 -35.13 -91.72 -19.73
CA SER G 991 -35.30 -91.67 -18.28
C SER G 991 -35.34 -90.26 -17.71
N LEU G 992 -34.57 -89.33 -18.30
CA LEU G 992 -34.56 -87.95 -17.81
C LEU G 992 -35.96 -87.35 -17.94
N ARG G 993 -36.42 -86.70 -16.86
CA ARG G 993 -37.77 -86.17 -16.82
C ARG G 993 -37.86 -84.72 -16.38
N LYS G 994 -36.74 -84.03 -16.22
CA LYS G 994 -36.74 -82.61 -15.87
C LYS G 994 -35.49 -81.97 -16.45
N LEU G 995 -35.40 -80.65 -16.30
CA LEU G 995 -34.29 -79.90 -16.85
C LEU G 995 -34.39 -78.46 -16.38
N ASN G 996 -33.29 -77.73 -16.53
CA ASN G 996 -33.26 -76.29 -16.27
C ASN G 996 -32.23 -75.64 -17.18
N LEU G 997 -32.61 -74.53 -17.81
CA LEU G 997 -31.68 -73.82 -18.67
C LEU G 997 -31.68 -72.32 -18.41
N GLY G 998 -31.98 -71.87 -17.19
CA GLY G 998 -32.06 -70.45 -16.94
C GLY G 998 -30.73 -69.76 -17.15
N ASN G 999 -30.82 -68.50 -17.59
CA ASN G 999 -29.65 -67.65 -17.82
C ASN G 999 -28.66 -68.32 -18.78
N ASN G 1000 -29.19 -68.95 -19.82
CA ASN G 1000 -28.37 -69.60 -20.85
C ASN G 1000 -28.79 -69.08 -22.21
N ASP G 1001 -27.92 -68.28 -22.83
CA ASP G 1001 -28.19 -67.74 -24.16
C ASP G 1001 -28.04 -68.86 -25.18
N LEU G 1002 -29.16 -69.47 -25.56
CA LEU G 1002 -29.16 -70.54 -26.53
C LEU G 1002 -29.55 -70.10 -27.93
N GLY G 1003 -30.25 -68.98 -28.07
CA GLY G 1003 -30.64 -68.48 -29.37
C GLY G 1003 -31.96 -69.06 -29.85
N ASP G 1004 -32.57 -68.33 -30.79
CA ASP G 1004 -33.89 -68.71 -31.28
C ASP G 1004 -33.87 -70.05 -32.01
N LEU G 1005 -32.83 -70.30 -32.81
CA LEU G 1005 -32.73 -71.57 -33.52
C LEU G 1005 -32.71 -72.72 -32.54
N CYS G 1006 -31.97 -72.58 -31.43
CA CYS G 1006 -31.95 -73.64 -30.44
C CYS G 1006 -33.32 -73.87 -29.83
N VAL G 1007 -34.03 -72.80 -29.48
CA VAL G 1007 -35.34 -72.98 -28.86
C VAL G 1007 -36.29 -73.68 -29.82
N VAL G 1008 -36.28 -73.30 -31.09
CA VAL G 1008 -37.20 -73.93 -32.04
C VAL G 1008 -36.80 -75.38 -32.32
N THR G 1009 -35.49 -75.67 -32.32
CA THR G 1009 -35.08 -77.07 -32.46
C THR G 1009 -35.48 -77.90 -31.26
N LEU G 1010 -35.34 -77.34 -30.05
CA LEU G 1010 -35.90 -77.97 -28.86
C LEU G 1010 -37.39 -78.25 -29.03
N CYS G 1011 -38.14 -77.27 -29.56
CA CYS G 1011 -39.56 -77.46 -29.78
C CYS G 1011 -39.82 -78.65 -30.69
N GLU G 1012 -39.18 -78.66 -31.86
CA GLU G 1012 -39.46 -79.71 -32.84
C GLU G 1012 -39.00 -81.08 -32.33
N VAL G 1013 -37.92 -81.11 -31.54
CA VAL G 1013 -37.52 -82.37 -30.91
C VAL G 1013 -38.59 -82.84 -29.92
N LEU G 1014 -39.11 -81.92 -29.10
CA LEU G 1014 -40.11 -82.29 -28.13
C LEU G 1014 -41.43 -82.70 -28.76
N LYS G 1015 -41.67 -82.30 -30.01
CA LYS G 1015 -42.97 -82.58 -30.63
C LYS G 1015 -43.28 -84.07 -30.67
N GLN G 1016 -42.28 -84.89 -30.98
CA GLN G 1016 -42.53 -86.32 -31.17
C GLN G 1016 -42.91 -87.00 -29.86
N GLN G 1017 -43.58 -88.15 -29.99
CA GLN G 1017 -44.01 -88.93 -28.84
C GLN G 1017 -42.89 -89.73 -28.20
N GLY G 1018 -41.71 -89.75 -28.81
CA GLY G 1018 -40.60 -90.50 -28.26
C GLY G 1018 -39.91 -89.85 -27.08
N CYS G 1019 -40.33 -88.64 -26.69
CA CYS G 1019 -39.73 -87.90 -25.59
C CYS G 1019 -40.66 -87.97 -24.38
N LEU G 1020 -40.11 -88.39 -23.23
CA LEU G 1020 -40.87 -88.52 -22.00
C LEU G 1020 -40.57 -87.41 -20.99
N LEU G 1021 -39.95 -86.32 -21.43
CA LEU G 1021 -39.69 -85.20 -20.55
C LEU G 1021 -40.99 -84.62 -20.01
N GLN G 1022 -41.00 -84.30 -18.72
CA GLN G 1022 -42.20 -83.83 -18.06
C GLN G 1022 -42.07 -82.44 -17.45
N SER G 1023 -40.93 -81.76 -17.64
CA SER G 1023 -40.78 -80.38 -17.21
C SER G 1023 -39.52 -79.82 -17.84
N LEU G 1024 -39.49 -78.49 -17.97
CA LEU G 1024 -38.38 -77.79 -18.60
C LEU G 1024 -38.54 -76.32 -18.31
N GLN G 1025 -37.43 -75.63 -18.10
CA GLN G 1025 -37.46 -74.21 -17.77
C GLN G 1025 -36.53 -73.44 -18.69
N LEU G 1026 -36.98 -72.27 -19.14
CA LEU G 1026 -36.21 -71.33 -19.94
C LEU G 1026 -36.33 -69.92 -19.36
N GLY G 1027 -36.17 -69.80 -18.05
CA GLY G 1027 -36.45 -68.52 -17.41
C GLY G 1027 -35.39 -67.49 -17.73
N GLU G 1028 -35.85 -66.24 -17.90
CA GLU G 1028 -34.98 -65.07 -18.00
C GLU G 1028 -34.05 -65.12 -19.22
N MET G 1029 -34.67 -65.03 -20.40
CA MET G 1029 -33.97 -64.65 -21.61
C MET G 1029 -34.94 -63.90 -22.53
N TYR G 1030 -34.41 -63.41 -23.64
CA TYR G 1030 -35.18 -62.61 -24.60
C TYR G 1030 -35.31 -63.40 -25.89
N LEU G 1031 -36.48 -63.99 -26.09
CA LEU G 1031 -36.78 -64.82 -27.25
C LEU G 1031 -37.50 -64.00 -28.31
N ASN G 1032 -38.03 -64.70 -29.32
CA ASN G 1032 -38.68 -64.10 -30.47
C ASN G 1032 -40.18 -64.37 -30.44
N ARG G 1033 -40.91 -63.62 -31.27
CA ARG G 1033 -42.34 -63.87 -31.41
C ARG G 1033 -42.61 -65.25 -31.99
N GLU G 1034 -41.84 -65.65 -33.01
CA GLU G 1034 -41.96 -67.00 -33.54
C GLU G 1034 -41.64 -68.04 -32.47
N THR G 1035 -40.63 -67.77 -31.65
CA THR G 1035 -40.32 -68.65 -30.54
C THR G 1035 -41.50 -68.78 -29.60
N LYS G 1036 -42.14 -67.66 -29.27
CA LYS G 1036 -43.30 -67.71 -28.38
C LYS G 1036 -44.45 -68.50 -28.99
N ARG G 1037 -44.68 -68.35 -30.29
CA ARG G 1037 -45.74 -69.12 -30.92
C ARG G 1037 -45.42 -70.61 -30.89
N ALA G 1038 -44.16 -70.97 -31.14
CA ALA G 1038 -43.78 -72.38 -31.09
C ALA G 1038 -43.97 -72.95 -29.69
N LEU G 1039 -43.55 -72.21 -28.68
CA LEU G 1039 -43.71 -72.68 -27.30
C LEU G 1039 -45.18 -72.82 -26.93
N GLU G 1040 -46.01 -71.83 -27.30
CA GLU G 1040 -47.44 -71.93 -27.02
C GLU G 1040 -48.04 -73.14 -27.73
N ALA G 1041 -47.67 -73.36 -28.99
CA ALA G 1041 -48.18 -74.51 -29.71
C ALA G 1041 -47.84 -75.80 -29.01
N LEU G 1042 -46.55 -76.02 -28.73
CA LEU G 1042 -46.13 -77.27 -28.10
C LEU G 1042 -46.82 -77.46 -26.75
N GLN G 1043 -47.05 -76.37 -26.02
CA GLN G 1043 -47.85 -76.48 -24.80
C GLN G 1043 -49.28 -76.87 -25.13
N GLU G 1044 -49.79 -76.47 -26.29
CA GLU G 1044 -51.18 -76.75 -26.64
C GLU G 1044 -51.39 -78.23 -26.98
N GLU G 1045 -50.60 -78.77 -27.92
CA GLU G 1045 -50.86 -80.16 -28.31
C GLU G 1045 -50.52 -81.15 -27.19
N LYS G 1046 -49.43 -80.91 -26.45
CA LYS G 1046 -49.11 -81.73 -25.29
C LYS G 1046 -49.10 -80.86 -24.04
N PRO G 1047 -50.13 -80.98 -23.19
CA PRO G 1047 -50.17 -80.13 -21.99
C PRO G 1047 -49.31 -80.64 -20.83
N GLU G 1048 -48.81 -81.87 -20.91
CA GLU G 1048 -48.03 -82.42 -19.79
C GLU G 1048 -46.67 -81.75 -19.67
N LEU G 1049 -46.07 -81.34 -20.78
CA LEU G 1049 -44.71 -80.82 -20.79
C LEU G 1049 -44.74 -79.35 -20.38
N THR G 1050 -44.67 -79.14 -19.06
CA THR G 1050 -44.71 -77.79 -18.52
C THR G 1050 -43.45 -77.02 -18.86
N ILE G 1051 -43.60 -75.74 -19.17
CA ILE G 1051 -42.47 -74.87 -19.46
C ILE G 1051 -42.65 -73.56 -18.71
N VAL G 1052 -41.54 -72.98 -18.25
CA VAL G 1052 -41.53 -71.75 -17.48
C VAL G 1052 -40.82 -70.70 -18.34
N PHE G 1053 -41.02 -70.80 -19.66
CA PHE G 1053 -40.31 -69.94 -20.61
C PHE G 1053 -40.50 -68.46 -20.29
N GLU G 1054 -41.68 -68.08 -19.82
CA GLU G 1054 -41.93 -66.68 -19.51
C GLU G 1054 -41.01 -66.21 -18.39
N ILE G 1055 -40.38 -65.06 -18.60
CA ILE G 1055 -39.42 -64.53 -17.64
C ILE G 1055 -40.15 -64.04 -16.40
N ASP H 155 -12.88 -5.45 50.69
CA ASP H 155 -12.73 -6.70 49.97
C ASP H 155 -12.99 -7.90 50.89
N TYR H 156 -13.48 -9.00 50.30
CA TYR H 156 -13.75 -10.20 51.07
C TYR H 156 -12.47 -10.76 51.68
N CYS H 157 -11.40 -10.82 50.90
CA CYS H 157 -10.13 -11.34 51.39
C CYS H 157 -9.59 -10.46 52.52
N LYS H 158 -9.72 -9.14 52.37
CA LYS H 158 -9.22 -8.23 53.40
C LYS H 158 -9.96 -8.42 54.72
N MET H 159 -11.29 -8.52 54.66
CA MET H 159 -12.07 -8.69 55.89
C MET H 159 -11.80 -10.05 56.52
N TYR H 160 -11.68 -11.10 55.70
CA TYR H 160 -11.39 -12.42 56.24
C TYR H 160 -9.99 -12.44 56.88
N ARG H 161 -9.03 -11.76 56.26
CA ARG H 161 -7.70 -11.65 56.84
C ARG H 161 -7.71 -10.89 58.15
N ARG H 162 -8.50 -9.82 58.24
CA ARG H 162 -8.62 -9.11 59.51
C ARG H 162 -9.23 -10.00 60.57
N HIS H 163 -10.25 -10.79 60.21
CA HIS H 163 -10.87 -11.69 61.19
C HIS H 163 -9.89 -12.74 61.67
N VAL H 164 -9.10 -13.33 60.77
CA VAL H 164 -8.17 -14.36 61.20
C VAL H 164 -6.99 -13.74 61.95
N ARG H 165 -6.66 -12.47 61.66
CA ARG H 165 -5.68 -11.77 62.49
C ARG H 165 -6.21 -11.57 63.90
N SER H 166 -7.50 -11.22 64.03
CA SER H 166 -8.10 -11.10 65.35
C SER H 166 -8.09 -12.44 66.09
N ARG H 167 -8.40 -13.52 65.37
CA ARG H 167 -8.39 -14.85 65.99
C ARG H 167 -6.99 -15.27 66.42
N PHE H 168 -6.00 -15.04 65.57
CA PHE H 168 -4.66 -15.57 65.77
C PHE H 168 -3.69 -14.53 66.32
N TYR H 169 -4.19 -13.40 66.83
CA TYR H 169 -3.32 -12.40 67.44
C TYR H 169 -2.62 -12.96 68.68
N SER H 170 -3.34 -13.71 69.50
CA SER H 170 -2.81 -14.28 70.73
C SER H 170 -3.01 -15.78 70.73
N ILE H 171 -2.26 -16.46 71.59
CA ILE H 171 -2.35 -17.90 71.71
C ILE H 171 -2.80 -18.29 73.12
N SER H 181 -4.70 -13.39 77.19
CA SER H 181 -3.64 -14.39 77.22
C SER H 181 -2.28 -13.77 76.92
N VAL H 182 -1.48 -14.45 76.09
CA VAL H 182 -0.14 -14.02 75.75
C VAL H 182 -0.07 -13.72 74.26
N ASP H 183 0.61 -12.65 73.91
CA ASP H 183 0.74 -12.27 72.50
C ASP H 183 1.62 -13.28 71.76
N LEU H 184 1.28 -13.52 70.50
CA LEU H 184 1.96 -14.56 69.73
C LEU H 184 3.29 -14.07 69.17
N ASN H 185 3.26 -13.03 68.33
CA ASN H 185 4.45 -12.62 67.60
C ASN H 185 5.54 -12.12 68.53
N SER H 186 5.17 -11.37 69.57
CA SER H 186 6.17 -10.86 70.51
C SER H 186 6.89 -12.02 71.20
N ARG H 187 6.15 -13.04 71.62
CA ARG H 187 6.73 -14.23 72.21
C ARG H 187 7.25 -15.21 71.16
N TYR H 188 6.93 -15.00 69.89
CA TYR H 188 7.36 -15.91 68.83
C TYR H 188 8.87 -15.83 68.64
N THR H 189 9.46 -16.98 68.30
CA THR H 189 10.86 -17.07 67.95
C THR H 189 11.02 -18.03 66.78
N GLN H 190 11.99 -17.72 65.92
CA GLN H 190 12.20 -18.52 64.71
C GLN H 190 12.70 -19.91 65.06
N LEU H 191 12.40 -20.87 64.19
CA LEU H 191 12.79 -22.26 64.34
C LEU H 191 13.67 -22.69 63.16
N GLN H 192 14.30 -23.85 63.32
CA GLN H 192 15.14 -24.43 62.29
C GLN H 192 14.42 -25.64 61.70
N LEU H 193 14.18 -25.61 60.40
CA LEU H 193 13.53 -26.69 59.69
C LEU H 193 14.34 -27.05 58.45
N VAL H 194 14.43 -28.35 58.16
CA VAL H 194 15.17 -28.86 57.02
C VAL H 194 14.31 -29.86 56.27
N LYS H 195 14.36 -29.79 54.94
CA LYS H 195 13.63 -30.73 54.12
C LYS H 195 14.30 -32.10 54.16
N GLU H 196 13.48 -33.14 54.32
CA GLU H 196 14.00 -34.50 54.37
C GLU H 196 13.66 -35.24 53.09
N SER H 222 19.06 -25.27 55.06
CA SER H 222 17.76 -25.12 55.70
C SER H 222 16.75 -24.51 54.75
N LEU H 223 15.52 -25.02 54.78
CA LEU H 223 14.46 -24.51 53.93
C LEU H 223 13.82 -23.29 54.59
N LYS H 224 13.89 -22.15 53.90
CA LYS H 224 13.35 -20.91 54.45
C LYS H 224 11.82 -20.91 54.36
N LEU H 225 11.21 -20.21 55.33
CA LEU H 225 9.75 -20.17 55.39
C LEU H 225 9.15 -19.37 54.24
N GLU H 226 9.90 -18.43 53.68
CA GLU H 226 9.42 -17.71 52.51
C GLU H 226 9.57 -18.52 51.23
N LEU H 227 10.33 -19.61 51.28
CA LEU H 227 10.66 -20.42 50.10
C LEU H 227 9.95 -21.77 50.13
N LEU H 228 8.71 -21.80 50.59
CA LEU H 228 8.01 -23.06 50.80
C LEU H 228 7.54 -23.68 49.49
N PHE H 229 6.63 -23.00 48.78
CA PHE H 229 5.87 -23.63 47.71
C PHE H 229 6.47 -23.43 46.33
N GLU H 230 7.55 -22.68 46.20
CA GLU H 230 8.13 -22.69 44.86
C GLU H 230 8.88 -23.99 44.63
N PRO H 231 8.80 -24.57 43.43
CA PRO H 231 9.51 -25.82 43.17
C PRO H 231 10.99 -25.56 42.92
N GLU H 232 11.84 -26.30 43.64
CA GLU H 232 13.28 -26.20 43.42
C GLU H 232 13.63 -26.69 42.01
N ASP H 233 12.97 -27.74 41.55
CA ASP H 233 13.13 -28.26 40.20
C ASP H 233 11.87 -27.93 39.39
N GLY H 234 12.08 -27.61 38.11
CA GLY H 234 10.99 -27.16 37.27
C GLY H 234 9.98 -28.23 36.91
N HIS H 235 10.26 -29.47 37.27
CA HIS H 235 9.40 -30.61 36.97
C HIS H 235 8.92 -31.27 38.26
N SER H 236 8.47 -30.46 39.21
CA SER H 236 7.92 -30.96 40.46
C SER H 236 6.43 -31.25 40.28
N GLU H 237 6.01 -32.44 40.69
CA GLU H 237 4.60 -32.77 40.71
C GLU H 237 3.89 -31.85 41.72
N PRO H 238 2.54 -31.68 41.61
CA PRO H 238 1.85 -30.58 42.32
C PRO H 238 2.41 -30.25 43.69
N VAL H 239 2.82 -29.00 43.86
CA VAL H 239 3.57 -28.54 45.03
C VAL H 239 2.64 -28.44 46.24
N HIS H 240 1.37 -28.79 46.05
CA HIS H 240 0.36 -28.61 47.07
C HIS H 240 0.35 -29.71 48.12
N THR H 241 1.33 -30.61 48.09
CA THR H 241 1.38 -31.75 49.02
C THR H 241 2.69 -31.70 49.80
N VAL H 242 2.67 -31.01 50.93
CA VAL H 242 3.82 -30.89 51.82
C VAL H 242 3.39 -31.35 53.21
N VAL H 243 4.19 -32.21 53.82
CA VAL H 243 3.92 -32.76 55.14
C VAL H 243 5.02 -32.28 56.09
N PHE H 244 4.66 -32.07 57.35
CA PHE H 244 5.58 -31.56 58.35
C PHE H 244 5.69 -32.55 59.50
N GLN H 245 6.91 -32.66 60.05
CA GLN H 245 7.21 -33.58 61.14
C GLN H 245 7.90 -32.83 62.26
N GLY H 246 7.73 -33.32 63.48
CA GLY H 246 8.35 -32.70 64.64
C GLY H 246 7.96 -33.43 65.89
N ALA H 247 8.64 -33.09 66.98
CA ALA H 247 8.42 -33.73 68.26
C ALA H 247 7.16 -33.18 68.92
N ALA H 248 6.97 -33.55 70.19
CA ALA H 248 5.87 -32.99 70.97
C ALA H 248 6.29 -31.63 71.51
N GLY H 249 5.53 -30.59 71.14
CA GLY H 249 5.89 -29.24 71.53
C GLY H 249 6.93 -28.58 70.65
N ILE H 250 7.21 -29.15 69.48
CA ILE H 250 8.23 -28.57 68.60
C ILE H 250 7.77 -27.23 68.05
N GLY H 251 6.49 -27.07 67.78
CA GLY H 251 5.99 -25.81 67.24
C GLY H 251 5.22 -25.94 65.94
N LYS H 252 4.65 -27.12 65.69
CA LYS H 252 3.82 -27.30 64.50
C LYS H 252 2.58 -26.40 64.57
N THR H 253 1.89 -26.39 65.70
CA THR H 253 0.72 -25.53 65.85
C THR H 253 1.12 -24.06 65.82
N ILE H 254 2.23 -23.72 66.48
CA ILE H 254 2.70 -22.34 66.48
C ILE H 254 3.14 -21.93 65.08
N LEU H 255 3.79 -22.84 64.35
CA LEU H 255 4.15 -22.55 62.96
C LEU H 255 2.90 -22.31 62.11
N ALA H 256 1.87 -23.14 62.29
CA ALA H 256 0.64 -22.97 61.52
C ALA H 256 -0.02 -21.63 61.83
N ARG H 257 -0.15 -21.30 63.12
CA ARG H 257 -0.75 -20.03 63.49
C ARG H 257 0.09 -18.85 63.02
N LYS H 258 1.42 -18.98 63.06
CA LYS H 258 2.28 -17.91 62.61
C LYS H 258 2.17 -17.69 61.11
N ILE H 259 2.09 -18.75 60.32
CA ILE H 259 1.95 -18.58 58.88
C ILE H 259 0.58 -18.01 58.55
N MET H 260 -0.46 -18.44 59.29
CA MET H 260 -1.78 -17.86 59.06
C MET H 260 -1.81 -16.37 59.41
N LEU H 261 -1.10 -15.98 60.48
CA LEU H 261 -1.05 -14.57 60.86
C LEU H 261 -0.23 -13.76 59.87
N ASP H 262 0.85 -14.35 59.33
CA ASP H 262 1.61 -13.67 58.27
C ASP H 262 0.73 -13.45 57.05
N TRP H 263 -0.04 -14.46 56.66
CA TRP H 263 -1.00 -14.30 55.58
C TRP H 263 -2.10 -13.30 55.95
N ALA H 264 -2.34 -13.09 57.24
CA ALA H 264 -3.31 -12.10 57.69
C ALA H 264 -2.72 -10.71 57.86
N LEU H 265 -1.39 -10.56 57.75
CA LEU H 265 -0.73 -9.29 57.99
C LEU H 265 -0.13 -8.69 56.73
N GLY H 266 -0.33 -9.32 55.58
CA GLY H 266 0.23 -8.82 54.33
C GLY H 266 1.67 -9.23 54.06
N LYS H 267 2.13 -10.33 54.66
CA LYS H 267 3.52 -10.73 54.55
C LYS H 267 3.75 -11.79 53.47
N LEU H 268 3.04 -12.92 53.56
CA LEU H 268 3.25 -14.04 52.65
C LEU H 268 1.92 -14.47 52.03
N PHE H 269 2.03 -14.99 50.80
CA PHE H 269 0.88 -15.47 50.03
C PHE H 269 -0.08 -14.32 49.70
N LYS H 270 0.48 -13.21 49.21
CA LYS H 270 -0.31 -12.08 48.72
C LYS H 270 -0.39 -12.08 47.20
N ASP H 271 0.76 -12.04 46.54
CA ASP H 271 0.82 -12.15 45.09
C ASP H 271 0.80 -13.60 44.61
N LYS H 272 0.97 -14.56 45.51
CA LYS H 272 1.00 -15.98 45.17
C LYS H 272 -0.34 -16.66 45.42
N PHE H 273 -0.88 -16.54 46.62
CA PHE H 273 -2.17 -17.09 46.99
C PHE H 273 -3.11 -15.96 47.39
N ASP H 274 -4.37 -16.31 47.65
CA ASP H 274 -5.35 -15.32 48.06
C ASP H 274 -6.09 -15.75 49.32
N TYR H 275 -6.27 -17.06 49.49
CA TYR H 275 -7.02 -17.61 50.62
C TYR H 275 -6.18 -18.64 51.36
N LEU H 276 -6.23 -18.59 52.69
CA LEU H 276 -5.67 -19.61 53.56
C LEU H 276 -6.71 -20.01 54.59
N PHE H 277 -6.97 -21.32 54.69
CA PHE H 277 -7.97 -21.84 55.59
C PHE H 277 -7.33 -22.71 56.66
N PHE H 278 -8.03 -22.85 57.78
CA PHE H 278 -7.55 -23.60 58.93
C PHE H 278 -8.56 -24.68 59.28
N ILE H 279 -8.11 -25.93 59.32
CA ILE H 279 -8.93 -27.08 59.67
C ILE H 279 -8.22 -27.83 60.78
N HIS H 280 -8.95 -28.12 61.86
CA HIS H 280 -8.38 -28.78 63.03
C HIS H 280 -9.07 -30.11 63.27
N CYS H 281 -8.28 -31.14 63.56
CA CYS H 281 -8.82 -32.48 63.74
C CYS H 281 -9.69 -32.57 64.99
N ARG H 282 -9.28 -31.90 66.07
CA ARG H 282 -10.07 -31.95 67.30
C ARG H 282 -11.46 -31.36 67.10
N GLU H 283 -11.54 -30.24 66.40
CA GLU H 283 -12.84 -29.60 66.16
C GLU H 283 -13.66 -30.39 65.16
N VAL H 284 -13.01 -31.01 64.17
CA VAL H 284 -13.71 -31.78 63.14
C VAL H 284 -13.84 -33.20 63.65
N SER H 285 -14.98 -33.51 64.26
CA SER H 285 -15.22 -34.86 64.78
C SER H 285 -15.46 -35.83 63.64
N LEU H 286 -14.88 -37.03 63.75
CA LEU H 286 -15.01 -38.03 62.70
C LEU H 286 -16.36 -38.73 62.70
N ARG H 287 -17.09 -38.70 63.82
CA ARG H 287 -18.38 -39.36 63.89
C ARG H 287 -19.48 -38.62 63.13
N THR H 288 -19.38 -37.30 63.04
CA THR H 288 -20.40 -36.52 62.34
C THR H 288 -19.95 -36.27 60.91
N PRO H 289 -20.64 -36.81 59.90
CA PRO H 289 -20.29 -36.49 58.52
C PRO H 289 -20.47 -35.02 58.24
N ARG H 290 -19.57 -34.47 57.41
CA ARG H 290 -19.57 -33.06 57.10
C ARG H 290 -19.15 -32.85 55.64
N SER H 291 -19.10 -31.59 55.25
CA SER H 291 -18.66 -31.18 53.93
C SER H 291 -17.63 -30.06 54.05
N LEU H 292 -17.02 -29.71 52.92
CA LEU H 292 -16.09 -28.58 52.90
C LEU H 292 -16.81 -27.28 53.21
N ALA H 293 -18.11 -27.21 52.91
CA ALA H 293 -18.88 -26.01 53.24
C ALA H 293 -18.92 -25.78 54.75
N ASP H 294 -19.06 -26.86 55.52
CA ASP H 294 -19.06 -26.72 56.98
C ASP H 294 -17.73 -26.17 57.48
N LEU H 295 -16.62 -26.68 56.94
CA LEU H 295 -15.31 -26.20 57.37
C LEU H 295 -15.10 -24.75 56.97
N ILE H 296 -15.55 -24.37 55.77
CA ILE H 296 -15.41 -22.98 55.33
C ILE H 296 -16.24 -22.06 56.22
N VAL H 297 -17.47 -22.45 56.53
CA VAL H 297 -18.33 -21.63 57.39
C VAL H 297 -17.72 -21.49 58.77
N SER H 298 -17.18 -22.58 59.32
CA SER H 298 -16.53 -22.51 60.62
C SER H 298 -15.32 -21.59 60.59
N CYS H 299 -14.53 -21.66 59.51
CA CYS H 299 -13.36 -20.81 59.39
C CYS H 299 -13.74 -19.37 59.06
N TRP H 300 -14.79 -19.18 58.27
CA TRP H 300 -15.26 -17.84 57.97
C TRP H 300 -15.92 -17.22 59.20
N PRO H 301 -15.73 -15.92 59.44
CA PRO H 301 -16.42 -15.27 60.56
C PRO H 301 -17.92 -15.20 60.33
N ASP H 302 -18.30 -14.84 59.10
CA ASP H 302 -19.71 -14.79 58.74
C ASP H 302 -20.23 -16.21 58.51
N PRO H 303 -21.32 -16.61 59.17
CA PRO H 303 -21.92 -17.92 58.88
C PRO H 303 -22.52 -18.04 57.50
N ASN H 304 -22.50 -16.97 56.70
CA ASN H 304 -23.04 -16.98 55.33
C ASN H 304 -21.95 -16.48 54.39
N PRO H 305 -20.97 -17.31 54.07
CA PRO H 305 -19.90 -16.89 53.16
C PRO H 305 -20.33 -17.04 51.72
N PRO H 306 -19.73 -16.27 50.81
CA PRO H 306 -20.04 -16.44 49.39
C PRO H 306 -19.46 -17.73 48.83
N VAL H 307 -20.11 -18.86 49.15
CA VAL H 307 -19.58 -20.16 48.77
C VAL H 307 -19.47 -20.29 47.26
N CYS H 308 -20.43 -19.71 46.53
CA CYS H 308 -20.37 -19.74 45.07
C CYS H 308 -19.16 -18.97 44.54
N LYS H 309 -18.82 -17.85 45.16
CA LYS H 309 -17.72 -17.02 44.70
C LYS H 309 -16.34 -17.58 45.06
N ILE H 310 -16.24 -18.30 46.18
CA ILE H 310 -14.94 -18.71 46.70
C ILE H 310 -14.53 -20.11 46.29
N LEU H 311 -15.32 -20.79 45.46
CA LEU H 311 -15.01 -22.16 45.03
C LEU H 311 -14.72 -22.25 43.55
N ARG H 312 -14.04 -21.26 42.98
CA ARG H 312 -13.74 -21.24 41.56
C ARG H 312 -12.25 -21.33 41.23
N LYS H 313 -11.38 -20.83 42.10
CA LYS H 313 -9.94 -20.84 41.88
C LYS H 313 -9.27 -21.49 43.09
N PRO H 314 -9.20 -22.82 43.12
CA PRO H 314 -8.54 -23.49 44.25
C PRO H 314 -7.04 -23.24 44.34
N SER H 315 -6.42 -22.72 43.28
CA SER H 315 -4.98 -22.47 43.31
C SER H 315 -4.62 -21.52 44.45
N ARG H 316 -5.41 -20.46 44.64
CA ARG H 316 -5.17 -19.49 45.68
C ARG H 316 -5.83 -19.87 47.01
N ILE H 317 -6.11 -21.14 47.23
CA ILE H 317 -6.71 -21.64 48.45
C ILE H 317 -5.83 -22.75 49.01
N LEU H 318 -5.48 -22.63 50.29
CA LEU H 318 -4.63 -23.60 50.98
C LEU H 318 -5.33 -24.04 52.25
N PHE H 319 -5.49 -25.35 52.41
CA PHE H 319 -6.13 -25.95 53.57
C PHE H 319 -5.06 -26.47 54.51
N LEU H 320 -5.17 -26.11 55.79
CA LEU H 320 -4.18 -26.48 56.80
C LEU H 320 -4.77 -27.58 57.67
N MET H 321 -4.01 -28.66 57.84
CA MET H 321 -4.43 -29.82 58.62
C MET H 321 -3.39 -30.02 59.73
N ASP H 322 -3.71 -29.50 60.92
CA ASP H 322 -2.82 -29.56 62.07
C ASP H 322 -3.26 -30.69 63.00
N GLY H 323 -2.28 -31.30 63.66
CA GLY H 323 -2.56 -32.39 64.57
C GLY H 323 -3.13 -33.62 63.87
N PHE H 324 -2.51 -34.02 62.76
CA PHE H 324 -2.99 -35.14 61.96
C PHE H 324 -3.08 -36.44 62.73
N ASP H 325 -2.57 -36.50 63.95
CA ASP H 325 -2.53 -37.75 64.71
C ASP H 325 -3.92 -38.20 65.19
N GLU H 326 -4.99 -37.61 64.69
CA GLU H 326 -6.35 -37.94 65.12
C GLU H 326 -7.28 -38.15 63.94
N LEU H 327 -6.78 -38.74 62.84
CA LEU H 327 -7.58 -38.84 61.62
C LEU H 327 -7.65 -40.26 61.05
N GLN H 328 -6.58 -41.04 61.18
CA GLN H 328 -6.51 -42.36 60.56
C GLN H 328 -7.20 -43.44 61.36
N GLY H 329 -8.14 -43.08 62.25
CA GLY H 329 -8.82 -44.08 63.05
C GLY H 329 -9.53 -45.13 62.23
N ALA H 330 -9.88 -44.83 60.97
CA ALA H 330 -10.54 -45.79 60.10
C ALA H 330 -9.99 -45.77 58.68
N PHE H 331 -8.81 -45.20 58.46
CA PHE H 331 -8.24 -45.20 57.11
C PHE H 331 -7.86 -46.62 56.68
N ASP H 332 -7.57 -47.50 57.64
CA ASP H 332 -7.18 -48.86 57.33
C ASP H 332 -8.31 -49.68 56.71
N GLU H 333 -9.54 -49.18 56.78
CA GLU H 333 -10.68 -49.85 56.17
C GLU H 333 -11.41 -49.02 55.14
N HIS H 334 -11.21 -47.70 55.12
CA HIS H 334 -11.89 -46.79 54.20
C HIS H 334 -11.02 -46.40 53.02
N ILE H 335 -10.20 -47.34 52.54
CA ILE H 335 -9.29 -47.05 51.42
C ILE H 335 -10.08 -46.75 50.15
N GLY H 336 -11.10 -47.54 49.87
CA GLY H 336 -11.85 -47.43 48.63
C GLY H 336 -13.00 -46.46 48.60
N GLU H 337 -13.29 -45.76 49.70
CA GLU H 337 -14.38 -44.81 49.75
C GLU H 337 -13.86 -43.43 49.37
N VAL H 338 -14.37 -42.89 48.27
CA VAL H 338 -13.87 -41.65 47.69
C VAL H 338 -15.04 -40.71 47.47
N CYS H 339 -14.90 -39.47 47.95
CA CYS H 339 -15.90 -38.42 47.76
C CYS H 339 -15.25 -37.21 47.11
N THR H 340 -15.88 -36.67 46.07
CA THR H 340 -15.34 -35.54 45.35
C THR H 340 -16.29 -34.35 45.28
N ASP H 341 -17.47 -34.44 45.88
CA ASP H 341 -18.42 -33.33 45.89
C ASP H 341 -18.17 -32.49 47.14
N TRP H 342 -17.88 -31.20 46.95
CA TRP H 342 -17.59 -30.32 48.07
C TRP H 342 -18.81 -30.13 48.97
N GLN H 343 -20.01 -30.22 48.41
CA GLN H 343 -21.24 -30.04 49.16
C GLN H 343 -21.77 -31.34 49.76
N LYS H 344 -21.10 -32.47 49.50
CA LYS H 344 -21.58 -33.76 50.01
C LYS H 344 -21.16 -33.95 51.46
N ALA H 345 -22.08 -34.46 52.27
CA ALA H 345 -21.85 -34.67 53.69
C ALA H 345 -21.42 -36.13 53.90
N VAL H 346 -20.12 -36.34 54.09
CA VAL H 346 -19.54 -37.66 54.33
C VAL H 346 -18.64 -37.54 55.56
N ARG H 347 -18.35 -38.69 56.17
CA ARG H 347 -17.48 -38.74 57.34
C ARG H 347 -16.21 -37.93 57.11
N GLY H 348 -15.75 -37.28 58.17
CA GLY H 348 -14.61 -36.38 58.04
C GLY H 348 -13.35 -37.09 57.57
N ASP H 349 -13.07 -38.26 58.14
CA ASP H 349 -11.85 -38.99 57.77
C ASP H 349 -11.86 -39.35 56.28
N ILE H 350 -12.99 -39.85 55.78
CA ILE H 350 -13.08 -40.19 54.36
C ILE H 350 -12.91 -38.96 53.49
N LEU H 351 -13.52 -37.85 53.90
CA LEU H 351 -13.44 -36.62 53.11
C LEU H 351 -11.99 -36.13 53.01
N LEU H 352 -11.28 -36.09 54.15
CA LEU H 352 -9.90 -35.63 54.11
C LEU H 352 -9.01 -36.61 53.38
N SER H 353 -9.29 -37.91 53.48
CA SER H 353 -8.55 -38.89 52.70
C SER H 353 -8.73 -38.66 51.21
N SER H 354 -9.95 -38.27 50.80
CA SER H 354 -10.18 -37.90 49.40
C SER H 354 -9.41 -36.63 49.05
N LEU H 355 -9.36 -35.67 49.97
CA LEU H 355 -8.62 -34.44 49.71
C LEU H 355 -7.13 -34.69 49.51
N ILE H 356 -6.55 -35.61 50.28
CA ILE H 356 -5.09 -35.77 50.27
C ILE H 356 -4.61 -36.21 48.89
N ARG H 357 -5.29 -37.18 48.27
CA ARG H 357 -4.83 -37.74 47.01
C ARG H 357 -5.13 -36.84 45.81
N LYS H 358 -5.56 -35.60 46.04
CA LYS H 358 -5.76 -34.61 44.99
C LYS H 358 -6.80 -35.08 43.96
N LYS H 359 -8.02 -35.29 44.46
CA LYS H 359 -9.15 -35.55 43.58
C LYS H 359 -10.38 -34.70 43.88
N LEU H 360 -10.57 -34.23 45.12
CA LEU H 360 -11.56 -33.22 45.43
C LEU H 360 -10.83 -31.89 45.56
N LEU H 361 -11.18 -30.94 44.71
CA LEU H 361 -10.37 -29.74 44.49
C LEU H 361 -8.91 -30.15 44.26
N PRO H 362 -8.63 -30.89 43.20
CA PRO H 362 -7.29 -31.48 43.03
C PRO H 362 -6.18 -30.44 42.92
N LYS H 363 -6.50 -29.24 42.43
CA LYS H 363 -5.51 -28.21 42.21
C LYS H 363 -5.42 -27.24 43.39
N ALA H 364 -6.22 -27.45 44.42
CA ALA H 364 -6.11 -26.68 45.66
C ALA H 364 -4.85 -27.09 46.41
N SER H 365 -4.54 -26.36 47.48
CA SER H 365 -3.31 -26.57 48.23
C SER H 365 -3.60 -27.19 49.59
N LEU H 366 -2.66 -28.00 50.08
CA LEU H 366 -2.75 -28.65 51.38
C LEU H 366 -1.44 -28.51 52.13
N LEU H 367 -1.53 -28.29 53.43
CA LEU H 367 -0.37 -28.24 54.32
C LEU H 367 -0.71 -29.01 55.58
N ILE H 368 -0.07 -30.15 55.78
CA ILE H 368 -0.37 -31.07 56.87
C ILE H 368 0.80 -31.12 57.83
N THR H 369 0.53 -30.96 59.12
CA THR H 369 1.55 -31.09 60.17
C THR H 369 1.25 -32.34 60.97
N THR H 370 2.23 -33.25 61.04
CA THR H 370 2.04 -34.56 61.65
C THR H 370 3.19 -34.88 62.59
N ARG H 371 2.90 -35.74 63.57
CA ARG H 371 3.97 -36.44 64.26
C ARG H 371 4.62 -37.45 63.32
N PRO H 372 5.94 -37.63 63.40
CA PRO H 372 6.62 -38.51 62.45
C PRO H 372 6.43 -40.00 62.72
N VAL H 373 5.63 -40.37 63.72
CA VAL H 373 5.63 -41.75 64.21
C VAL H 373 5.06 -42.70 63.16
N ALA H 374 3.91 -42.36 62.58
CA ALA H 374 3.12 -43.31 61.79
C ALA H 374 2.81 -42.76 60.41
N LEU H 375 3.84 -42.24 59.72
CA LEU H 375 3.67 -41.78 58.35
C LEU H 375 3.69 -42.92 57.33
N GLU H 376 4.03 -44.14 57.76
CA GLU H 376 4.32 -45.22 56.81
C GLU H 376 3.16 -45.44 55.84
N LYS H 377 1.93 -45.50 56.36
CA LYS H 377 0.78 -45.67 55.48
C LYS H 377 0.42 -44.38 54.76
N LEU H 378 0.59 -43.23 55.42
CA LEU H 378 0.12 -41.98 54.84
C LEU H 378 0.87 -41.65 53.54
N GLN H 379 2.13 -42.06 53.42
CA GLN H 379 2.87 -41.80 52.19
C GLN H 379 2.24 -42.50 51.00
N HIS H 380 1.50 -43.58 51.23
CA HIS H 380 0.74 -44.20 50.15
C HIS H 380 -0.34 -43.24 49.63
N LEU H 381 -1.02 -42.55 50.54
CA LEU H 381 -2.05 -41.59 50.16
C LEU H 381 -1.47 -40.30 49.58
N LEU H 382 -0.16 -40.11 49.65
CA LEU H 382 0.48 -38.88 49.23
C LEU H 382 0.94 -38.97 47.79
N ASP H 383 0.69 -37.91 47.03
CA ASP H 383 1.05 -37.82 45.62
C ASP H 383 2.22 -36.85 45.49
N HIS H 384 3.44 -37.38 45.57
CA HIS H 384 4.68 -36.61 45.51
C HIS H 384 4.68 -35.47 46.51
N PRO H 385 4.72 -35.76 47.82
CA PRO H 385 4.77 -34.69 48.82
C PRO H 385 6.19 -34.22 49.04
N ARG H 386 6.39 -33.33 50.02
CA ARG H 386 7.72 -33.06 50.56
C ARG H 386 7.63 -33.15 52.08
N HIS H 387 8.43 -34.03 52.66
CA HIS H 387 8.49 -34.19 54.11
C HIS H 387 9.52 -33.23 54.67
N VAL H 388 9.07 -32.31 55.52
CA VAL H 388 9.95 -31.31 56.14
C VAL H 388 9.85 -31.48 57.65
N GLU H 389 11.00 -31.66 58.31
CA GLU H 389 11.06 -31.75 59.75
C GLU H 389 11.40 -30.39 60.35
N ILE H 390 10.95 -30.18 61.58
CA ILE H 390 11.24 -28.96 62.33
C ILE H 390 12.07 -29.33 63.53
N LEU H 391 13.23 -28.68 63.68
CA LEU H 391 14.17 -28.99 64.75
C LEU H 391 14.10 -28.04 65.92
N GLY H 392 13.47 -26.88 65.76
CA GLY H 392 13.31 -25.96 66.88
C GLY H 392 14.41 -24.94 67.01
N PHE H 393 14.64 -24.47 68.23
CA PHE H 393 15.57 -23.37 68.46
C PHE H 393 17.02 -23.82 68.27
N SER H 394 17.86 -22.85 67.94
CA SER H 394 19.30 -22.96 68.07
C SER H 394 19.71 -22.20 69.33
N GLU H 395 21.01 -22.03 69.53
CA GLU H 395 21.48 -21.26 70.68
C GLU H 395 20.98 -19.81 70.61
N ALA H 396 21.20 -19.15 69.46
CA ALA H 396 20.77 -17.77 69.31
C ALA H 396 19.25 -17.63 69.38
N LYS H 397 18.53 -18.59 68.80
CA LYS H 397 17.07 -18.55 68.88
C LYS H 397 16.60 -18.75 70.32
N ARG H 398 17.28 -19.61 71.07
CA ARG H 398 16.98 -19.73 72.50
C ARG H 398 17.21 -18.41 73.22
N LYS H 399 18.29 -17.71 72.86
CA LYS H 399 18.57 -16.42 73.46
C LYS H 399 17.43 -15.45 73.17
N GLU H 400 16.99 -15.40 71.92
CA GLU H 400 15.92 -14.49 71.52
C GLU H 400 14.62 -14.84 72.23
N TYR H 401 14.31 -16.13 72.35
CA TYR H 401 13.07 -16.53 73.02
C TYR H 401 13.10 -16.15 74.50
N PHE H 402 14.19 -16.43 75.20
CA PHE H 402 14.25 -16.08 76.61
C PHE H 402 14.27 -14.56 76.82
N PHE H 403 14.78 -13.80 75.84
CA PHE H 403 14.59 -12.36 75.86
C PHE H 403 13.11 -12.00 75.74
N LYS H 404 12.40 -12.64 74.82
CA LYS H 404 11.01 -12.29 74.56
C LYS H 404 10.06 -12.77 75.63
N TYR H 405 10.47 -13.70 76.49
CA TYR H 405 9.58 -14.19 77.54
C TYR H 405 9.54 -13.24 78.74
N PHE H 406 10.67 -13.08 79.41
CA PHE H 406 10.72 -12.26 80.61
C PHE H 406 10.67 -10.78 80.26
N SER H 407 9.99 -10.00 81.10
CA SER H 407 9.89 -8.56 80.90
C SER H 407 11.12 -7.82 81.42
N ASN H 408 11.98 -8.47 82.20
CA ASN H 408 13.18 -7.86 82.72
C ASN H 408 14.39 -8.47 82.01
N GLU H 409 15.26 -7.61 81.49
CA GLU H 409 16.46 -8.11 80.80
C GLU H 409 17.40 -8.82 81.77
N LEU H 410 17.58 -8.26 82.97
CA LEU H 410 18.52 -8.85 83.92
C LEU H 410 18.05 -10.22 84.40
N GLN H 411 16.74 -10.37 84.65
CA GLN H 411 16.20 -11.66 85.03
C GLN H 411 16.39 -12.67 83.90
N ALA H 412 16.18 -12.24 82.66
CA ALA H 412 16.41 -13.10 81.52
C ALA H 412 17.87 -13.53 81.44
N ARG H 413 18.80 -12.61 81.68
CA ARG H 413 20.22 -12.94 81.60
C ARG H 413 20.63 -13.91 82.72
N GLU H 414 20.08 -13.73 83.91
CA GLU H 414 20.30 -14.72 84.96
C GLU H 414 19.75 -16.08 84.56
N ALA H 415 18.60 -16.08 83.89
CA ALA H 415 18.05 -17.34 83.36
C ALA H 415 19.01 -17.98 82.36
N PHE H 416 19.60 -17.18 81.48
CA PHE H 416 20.57 -17.72 80.53
C PHE H 416 21.74 -18.34 81.26
N ARG H 417 22.28 -17.61 82.25
CA ARG H 417 23.45 -18.11 82.97
C ARG H 417 23.14 -19.43 83.66
N LEU H 418 21.99 -19.55 84.31
CA LEU H 418 21.63 -20.82 84.92
C LEU H 418 21.33 -21.90 83.89
N ILE H 419 20.91 -21.52 82.68
CA ILE H 419 20.70 -22.52 81.63
C ILE H 419 22.04 -23.10 81.17
N GLN H 420 23.02 -22.23 80.92
CA GLN H 420 24.35 -22.76 80.59
C GLN H 420 25.03 -23.41 81.80
N GLU H 421 24.53 -23.19 83.01
CA GLU H 421 25.05 -23.92 84.16
C GLU H 421 24.82 -25.42 84.01
N ASN H 422 23.64 -25.81 83.51
CA ASN H 422 23.28 -27.21 83.31
C ASN H 422 23.31 -27.52 81.82
N GLU H 423 24.28 -28.31 81.39
CA GLU H 423 24.37 -28.67 79.98
C GLU H 423 23.15 -29.47 79.53
N VAL H 424 22.66 -30.36 80.39
CA VAL H 424 21.52 -31.19 80.02
C VAL H 424 20.29 -30.33 79.76
N LEU H 425 20.02 -29.37 80.65
CA LEU H 425 18.86 -28.51 80.46
C LEU H 425 19.01 -27.63 79.23
N PHE H 426 20.22 -27.12 78.98
CA PHE H 426 20.46 -26.32 77.79
C PHE H 426 20.20 -27.12 76.53
N THR H 427 20.65 -28.38 76.51
CA THR H 427 20.37 -29.25 75.37
C THR H 427 18.88 -29.52 75.23
N MET H 428 18.19 -29.76 76.35
CA MET H 428 16.75 -29.98 76.32
C MET H 428 15.99 -28.76 75.82
N CYS H 429 16.55 -27.57 76.00
CA CYS H 429 15.85 -26.35 75.57
C CYS H 429 15.76 -26.20 74.05
N PHE H 430 16.15 -27.17 73.21
CA PHE H 430 15.90 -27.01 71.78
C PHE H 430 14.42 -27.18 71.45
N ILE H 431 13.62 -27.65 72.41
CA ILE H 431 12.18 -27.74 72.25
C ILE H 431 11.57 -26.47 72.85
N PRO H 432 10.82 -25.68 72.08
CA PRO H 432 10.26 -24.44 72.64
C PRO H 432 9.32 -24.67 73.82
N LEU H 433 8.62 -25.80 73.86
CA LEU H 433 7.72 -26.08 74.97
C LEU H 433 8.49 -26.17 76.29
N VAL H 434 9.64 -26.84 76.27
CA VAL H 434 10.47 -26.92 77.47
C VAL H 434 10.96 -25.53 77.87
N CYS H 435 11.24 -24.68 76.87
CA CYS H 435 11.63 -23.31 77.17
C CYS H 435 10.51 -22.56 77.88
N TRP H 436 9.27 -22.71 77.40
CA TRP H 436 8.14 -22.06 78.06
C TRP H 436 7.95 -22.58 79.48
N ILE H 437 8.08 -23.89 79.67
CA ILE H 437 7.90 -24.47 81.00
C ILE H 437 8.98 -23.95 81.95
N VAL H 438 10.23 -23.93 81.50
CA VAL H 438 11.32 -23.51 82.38
C VAL H 438 11.21 -22.01 82.67
N CYS H 439 10.78 -21.21 81.71
CA CYS H 439 10.61 -19.78 81.96
C CYS H 439 9.51 -19.53 82.98
N THR H 440 8.38 -20.22 82.84
CA THR H 440 7.32 -20.06 83.83
C THR H 440 7.77 -20.53 85.21
N GLY H 441 8.53 -21.64 85.26
CA GLY H 441 9.02 -22.12 86.53
C GLY H 441 9.97 -21.13 87.20
N LEU H 442 10.88 -20.55 86.41
CA LEU H 442 11.80 -19.55 86.96
C LEU H 442 11.05 -18.31 87.43
N LYS H 443 10.02 -17.90 86.69
CA LYS H 443 9.20 -16.77 87.12
C LYS H 443 8.55 -17.06 88.47
N GLN H 444 7.97 -18.25 88.61
CA GLN H 444 7.33 -18.61 89.87
C GLN H 444 8.36 -18.69 91.01
N GLN H 445 9.57 -19.17 90.70
CA GLN H 445 10.60 -19.25 91.73
C GLN H 445 11.02 -17.88 92.21
N MET H 446 11.35 -16.97 91.27
CA MET H 446 11.91 -15.70 91.71
C MET H 446 10.85 -14.76 92.26
N GLU H 447 9.60 -14.83 91.79
CA GLU H 447 8.56 -13.99 92.38
C GLU H 447 8.29 -14.37 93.82
N THR H 448 8.25 -15.66 94.12
CA THR H 448 8.01 -16.12 95.48
C THR H 448 9.26 -16.09 96.35
N GLY H 449 10.40 -15.67 95.81
CA GLY H 449 11.63 -15.59 96.57
C GLY H 449 12.49 -16.84 96.48
N LYS H 450 12.01 -17.91 95.86
CA LYS H 450 12.81 -19.12 95.72
C LYS H 450 13.97 -18.89 94.75
N SER H 451 15.07 -19.59 95.00
CA SER H 451 16.24 -19.46 94.14
C SER H 451 15.99 -20.12 92.79
N LEU H 452 16.76 -19.68 91.79
CA LEU H 452 16.59 -20.17 90.43
C LEU H 452 17.55 -21.31 90.08
N ALA H 453 18.62 -21.50 90.84
CA ALA H 453 19.57 -22.57 90.55
C ALA H 453 18.97 -23.96 90.81
N GLN H 454 17.93 -24.04 91.65
CA GLN H 454 17.28 -25.33 91.88
C GLN H 454 16.61 -25.86 90.62
N THR H 455 16.05 -24.96 89.81
CA THR H 455 15.48 -25.38 88.53
C THR H 455 16.55 -25.98 87.63
N SER H 456 17.73 -25.34 87.58
CA SER H 456 18.82 -25.88 86.78
C SER H 456 19.28 -27.23 87.31
N LYS H 457 19.34 -27.38 88.64
CA LYS H 457 19.78 -28.65 89.21
C LYS H 457 18.81 -29.78 88.91
N THR H 458 17.55 -29.47 88.63
CA THR H 458 16.55 -30.49 88.33
C THR H 458 16.67 -30.89 86.86
N THR H 459 16.93 -32.16 86.60
CA THR H 459 17.14 -32.67 85.26
C THR H 459 16.11 -33.75 84.93
N THR H 460 15.63 -33.73 83.68
CA THR H 460 14.84 -34.80 83.09
C THR H 460 13.43 -34.84 83.68
N ALA H 461 13.20 -34.10 84.76
CA ALA H 461 11.91 -34.08 85.45
C ALA H 461 11.38 -32.65 85.49
N VAL H 462 11.42 -31.99 84.34
CA VAL H 462 10.96 -30.60 84.27
C VAL H 462 9.47 -30.50 84.57
N TYR H 463 8.67 -31.42 84.02
CA TYR H 463 7.23 -31.37 84.24
C TYR H 463 6.88 -31.58 85.71
N VAL H 464 7.50 -32.57 86.35
CA VAL H 464 7.15 -32.90 87.74
C VAL H 464 7.57 -31.76 88.68
N PHE H 465 8.78 -31.24 88.50
CA PHE H 465 9.24 -30.13 89.33
C PHE H 465 8.40 -28.89 89.09
N PHE H 466 8.01 -28.64 87.83
CA PHE H 466 7.15 -27.52 87.51
C PHE H 466 5.80 -27.64 88.20
N LEU H 467 5.20 -28.84 88.17
CA LEU H 467 3.94 -29.06 88.85
C LEU H 467 4.07 -28.88 90.36
N SER H 468 5.17 -29.38 90.93
CA SER H 468 5.38 -29.21 92.37
C SER H 468 5.55 -27.75 92.75
N SER H 469 6.28 -26.99 91.94
CA SER H 469 6.45 -25.56 92.22
C SER H 469 5.15 -24.79 92.04
N LEU H 470 4.31 -25.22 91.10
CA LEU H 470 3.03 -24.54 90.90
C LEU H 470 2.15 -24.66 92.13
N LEU H 471 2.11 -25.84 92.75
CA LEU H 471 1.27 -26.06 93.91
C LEU H 471 2.07 -25.99 95.21
N PHE H 482 -6.89 -32.58 98.23
CA PHE H 482 -6.45 -32.40 96.86
C PHE H 482 -6.37 -33.73 96.12
N SER H 483 -6.45 -34.83 96.88
CA SER H 483 -6.37 -36.16 96.28
C SER H 483 -7.55 -36.41 95.35
N ASP H 484 -8.75 -35.96 95.73
CA ASP H 484 -9.91 -36.12 94.86
C ASP H 484 -9.75 -35.36 93.56
N TYR H 485 -9.24 -34.13 93.63
CA TYR H 485 -9.01 -33.34 92.42
C TYR H 485 -8.03 -34.04 91.49
N LEU H 486 -6.92 -34.52 92.05
CA LEU H 486 -5.92 -35.21 91.24
C LEU H 486 -6.49 -36.48 90.62
N GLN H 487 -7.25 -37.26 91.40
CA GLN H 487 -7.84 -38.48 90.87
C GLN H 487 -8.83 -38.17 89.74
N GLY H 488 -9.65 -37.15 89.92
CA GLY H 488 -10.61 -36.79 88.89
C GLY H 488 -9.94 -36.32 87.62
N LEU H 489 -8.94 -35.45 87.75
CA LEU H 489 -8.23 -34.97 86.57
C LEU H 489 -7.49 -36.09 85.86
N CYS H 490 -6.86 -36.99 86.63
CA CYS H 490 -6.15 -38.11 86.04
C CYS H 490 -7.10 -39.05 85.31
N SER H 491 -8.26 -39.34 85.91
CA SER H 491 -9.23 -40.21 85.26
C SER H 491 -9.84 -39.54 84.02
N LEU H 492 -10.03 -38.23 84.06
CA LEU H 492 -10.48 -37.49 82.89
C LEU H 492 -9.47 -37.61 81.75
N ALA H 493 -8.18 -37.45 82.07
CA ALA H 493 -7.14 -37.59 81.06
C ALA H 493 -7.11 -39.02 80.52
N ALA H 494 -7.26 -40.01 81.38
CA ALA H 494 -7.24 -41.40 80.95
C ALA H 494 -8.41 -41.71 80.02
N ASP H 495 -9.62 -41.25 80.37
CA ASP H 495 -10.77 -41.50 79.51
C ASP H 495 -10.66 -40.73 78.20
N GLY H 496 -10.07 -39.54 78.21
CA GLY H 496 -9.76 -38.88 76.96
C GLY H 496 -8.77 -39.68 76.13
N ILE H 497 -7.83 -40.36 76.81
CA ILE H 497 -6.87 -41.21 76.11
C ILE H 497 -7.59 -42.35 75.41
N TRP H 498 -8.47 -43.05 76.13
CA TRP H 498 -9.21 -44.15 75.49
C TRP H 498 -10.12 -43.63 74.38
N ASN H 499 -10.84 -42.54 74.62
CA ASN H 499 -11.88 -42.08 73.71
C ASN H 499 -11.37 -41.15 72.62
N GLN H 500 -10.08 -40.81 72.64
CA GLN H 500 -9.50 -39.85 71.69
C GLN H 500 -10.25 -38.52 71.72
N LYS H 501 -10.73 -38.14 72.89
CA LYS H 501 -11.54 -36.94 73.07
C LYS H 501 -10.72 -35.88 73.80
N ILE H 502 -10.76 -34.65 73.30
CA ILE H 502 -10.03 -33.54 73.90
C ILE H 502 -11.03 -32.47 74.32
N LEU H 503 -12.16 -32.42 73.62
CA LEU H 503 -13.21 -31.44 73.92
C LEU H 503 -14.22 -32.05 74.88
N PHE H 504 -13.78 -32.21 76.12
CA PHE H 504 -14.59 -32.87 77.14
C PHE H 504 -15.84 -32.06 77.45
N GLU H 505 -16.88 -32.75 77.90
CA GLU H 505 -18.13 -32.15 78.33
C GLU H 505 -18.33 -32.40 79.82
N GLU H 506 -19.49 -31.99 80.34
CA GLU H 506 -19.75 -32.11 81.76
C GLU H 506 -19.83 -33.56 82.21
N CYS H 507 -20.27 -34.46 81.33
CA CYS H 507 -20.53 -35.85 81.72
C CYS H 507 -19.25 -36.54 82.20
N ASP H 508 -18.12 -36.26 81.56
CA ASP H 508 -16.86 -36.84 82.01
C ASP H 508 -16.54 -36.42 83.44
N LEU H 509 -16.66 -35.11 83.72
CA LEU H 509 -16.37 -34.62 85.06
C LEU H 509 -17.35 -35.20 86.07
N ARG H 510 -18.60 -35.39 85.68
CA ARG H 510 -19.57 -36.03 86.57
C ARG H 510 -19.17 -37.47 86.87
N LYS H 511 -18.75 -38.22 85.85
CA LYS H 511 -18.33 -39.59 86.06
C LYS H 511 -17.10 -39.68 86.95
N HIS H 512 -16.14 -38.78 86.76
CA HIS H 512 -14.91 -38.79 87.53
C HIS H 512 -15.02 -38.06 88.85
N GLY H 513 -16.18 -37.47 89.14
CA GLY H 513 -16.34 -36.68 90.35
C GLY H 513 -15.75 -35.29 90.28
N LEU H 514 -15.27 -34.86 89.11
CA LEU H 514 -14.76 -33.51 88.96
C LEU H 514 -15.92 -32.52 88.91
N GLN H 515 -15.76 -31.42 89.65
CA GLN H 515 -16.80 -30.42 89.77
C GLN H 515 -16.36 -29.11 89.10
N LYS H 516 -17.22 -28.10 89.21
CA LYS H 516 -16.95 -26.81 88.57
C LYS H 516 -15.75 -26.11 89.20
N THR H 517 -15.51 -26.34 90.50
CA THR H 517 -14.40 -25.72 91.20
C THR H 517 -13.06 -26.43 90.97
N ASP H 518 -12.99 -27.31 89.97
CA ASP H 518 -11.78 -28.07 89.69
C ASP H 518 -11.06 -27.56 88.44
N VAL H 519 -11.07 -26.26 88.22
CA VAL H 519 -10.39 -25.66 87.07
C VAL H 519 -9.02 -25.16 87.51
N SER H 520 -7.99 -25.53 86.75
CA SER H 520 -6.62 -25.13 87.02
C SER H 520 -6.03 -24.48 85.77
N ALA H 521 -4.73 -24.13 85.85
CA ALA H 521 -4.07 -23.49 84.72
C ALA H 521 -3.89 -24.45 83.55
N PHE H 522 -3.65 -25.74 83.82
CA PHE H 522 -3.46 -26.70 82.75
C PHE H 522 -4.72 -26.85 81.91
N LEU H 523 -5.89 -26.87 82.54
CA LEU H 523 -7.15 -26.95 81.82
C LEU H 523 -7.51 -25.58 81.26
N ARG H 524 -8.57 -25.54 80.44
CA ARG H 524 -9.01 -24.30 79.84
C ARG H 524 -10.49 -24.39 79.51
N MET H 525 -11.23 -23.34 79.85
CA MET H 525 -12.65 -23.22 79.58
C MET H 525 -12.86 -22.41 78.31
N ASN H 526 -13.75 -22.89 77.46
CA ASN H 526 -14.06 -22.21 76.20
C ASN H 526 -15.57 -22.04 76.03
N ARG H 536 -20.32 -24.91 77.92
CA ARG H 536 -18.91 -24.79 78.27
C ARG H 536 -18.09 -25.88 77.60
N PHE H 537 -16.84 -25.55 77.25
CA PHE H 537 -15.92 -26.49 76.64
C PHE H 537 -14.71 -26.67 77.54
N TYR H 538 -14.36 -27.93 77.81
CA TYR H 538 -13.20 -28.28 78.61
C TYR H 538 -12.10 -28.74 77.67
N SER H 539 -10.92 -28.13 77.78
CA SER H 539 -9.83 -28.54 76.89
C SER H 539 -8.49 -28.32 77.58
N PHE H 540 -7.60 -29.31 77.45
CA PHE H 540 -6.23 -29.11 77.90
C PHE H 540 -5.52 -28.09 77.02
N SER H 541 -4.66 -27.29 77.63
CA SER H 541 -3.93 -26.27 76.87
C SER H 541 -3.04 -26.90 75.82
N HIS H 542 -2.34 -27.97 76.18
CA HIS H 542 -1.46 -28.68 75.27
C HIS H 542 -1.45 -30.14 75.68
N MET H 543 -1.40 -31.03 74.68
CA MET H 543 -1.64 -32.45 74.96
C MET H 543 -0.60 -33.02 75.92
N THR H 544 0.65 -32.57 75.83
CA THR H 544 1.70 -33.19 76.64
C THR H 544 1.33 -33.26 78.10
N PHE H 545 0.66 -32.23 78.63
CA PHE H 545 0.20 -32.29 80.01
C PHE H 545 -0.88 -33.34 80.21
N GLN H 546 -1.76 -33.56 79.21
CA GLN H 546 -2.80 -34.55 79.44
C GLN H 546 -2.24 -35.97 79.37
N GLU H 547 -1.26 -36.22 78.49
CA GLU H 547 -0.53 -37.48 78.58
C GLU H 547 0.21 -37.61 79.91
N PHE H 548 0.78 -36.51 80.41
CA PHE H 548 1.47 -36.56 81.70
C PHE H 548 0.52 -36.95 82.82
N PHE H 549 -0.69 -36.37 82.81
CA PHE H 549 -1.67 -36.70 83.84
C PHE H 549 -2.18 -38.12 83.69
N ALA H 550 -2.32 -38.59 82.44
CA ALA H 550 -2.70 -39.99 82.23
C ALA H 550 -1.64 -40.94 82.77
N ALA H 551 -0.37 -40.61 82.57
CA ALA H 551 0.71 -41.40 83.16
C ALA H 551 0.67 -41.34 84.68
N MET H 552 0.37 -40.16 85.23
CA MET H 552 0.21 -40.00 86.67
C MET H 552 -0.93 -40.86 87.22
N TYR H 553 -1.97 -41.08 86.44
CA TYR H 553 -3.16 -41.77 86.95
C TYR H 553 -2.82 -43.17 87.45
N TYR H 554 -2.03 -43.91 86.67
CA TYR H 554 -1.86 -45.34 86.95
C TYR H 554 -0.93 -45.62 88.13
N LEU H 555 -0.51 -44.59 88.86
CA LEU H 555 0.32 -44.79 90.04
C LEU H 555 -0.34 -44.33 91.34
N LEU H 556 -1.35 -43.48 91.27
CA LEU H 556 -2.05 -43.02 92.46
C LEU H 556 -2.72 -44.18 93.20
N ASN H 577 -10.11 -47.36 84.23
CA ASN H 577 -9.37 -48.61 84.41
C ASN H 577 -7.98 -48.35 84.98
N ARG H 578 -7.59 -49.15 85.97
CA ARG H 578 -6.29 -49.03 86.61
C ARG H 578 -5.34 -50.16 86.20
N ASP H 579 -5.81 -51.13 85.43
CA ASP H 579 -4.96 -52.22 84.97
C ASP H 579 -3.95 -51.67 83.98
N VAL H 580 -2.66 -51.78 84.33
CA VAL H 580 -1.60 -51.19 83.51
C VAL H 580 -1.49 -51.85 82.15
N LYS H 581 -1.99 -53.08 82.00
CA LYS H 581 -1.82 -53.83 80.76
C LYS H 581 -2.40 -53.11 79.55
N VAL H 582 -3.39 -52.23 79.75
CA VAL H 582 -3.96 -51.51 78.62
C VAL H 582 -2.90 -50.65 77.95
N LEU H 583 -1.99 -50.08 78.74
CA LEU H 583 -0.87 -49.34 78.16
C LEU H 583 0.10 -50.27 77.46
N LEU H 584 0.27 -51.49 77.98
CA LEU H 584 1.28 -52.39 77.44
C LEU H 584 0.89 -52.94 76.07
N GLU H 585 -0.35 -53.40 75.92
CA GLU H 585 -0.75 -54.14 74.73
C GLU H 585 -1.66 -53.37 73.78
N ASN H 586 -2.52 -52.49 74.28
CA ASN H 586 -3.44 -51.74 73.43
C ASN H 586 -2.76 -50.60 72.69
N TYR H 587 -1.43 -50.56 72.71
CA TYR H 587 -0.70 -49.65 71.83
C TYR H 587 -0.95 -50.03 70.37
N GLY H 588 -1.00 -49.01 69.51
CA GLY H 588 -1.23 -49.20 68.09
C GLY H 588 -2.67 -49.00 67.67
N LYS H 589 -3.62 -49.05 68.61
CA LYS H 589 -5.01 -48.75 68.28
C LYS H 589 -5.17 -47.29 67.86
N PHE H 590 -4.29 -46.42 68.35
CA PHE H 590 -4.26 -45.01 67.98
C PHE H 590 -3.05 -44.76 67.09
N GLU H 591 -3.26 -44.01 66.01
CA GLU H 591 -2.14 -43.66 65.14
C GLU H 591 -1.12 -42.81 65.87
N LYS H 592 0.15 -43.00 65.51
CA LYS H 592 1.30 -42.25 66.01
C LYS H 592 1.54 -42.43 67.50
N GLY H 593 0.73 -43.26 68.17
CA GLY H 593 1.08 -43.73 69.50
C GLY H 593 1.25 -42.69 70.58
N TYR H 594 0.14 -42.13 71.06
CA TYR H 594 0.22 -41.24 72.22
C TYR H 594 0.78 -41.97 73.43
N LEU H 595 0.58 -43.28 73.51
CA LEU H 595 0.85 -44.05 74.72
C LEU H 595 2.32 -44.04 75.13
N ILE H 596 3.25 -44.21 74.18
CA ILE H 596 4.67 -44.28 74.52
C ILE H 596 5.10 -43.04 75.29
N PHE H 597 4.72 -41.86 74.78
CA PHE H 597 4.99 -40.62 75.50
C PHE H 597 4.44 -40.70 76.92
N VAL H 598 3.18 -41.13 77.06
CA VAL H 598 2.62 -41.44 78.37
C VAL H 598 3.58 -42.32 79.16
N VAL H 599 3.91 -43.47 78.59
CA VAL H 599 4.78 -44.43 79.29
C VAL H 599 6.08 -43.77 79.69
N ARG H 600 6.57 -42.81 78.91
CA ARG H 600 7.81 -42.14 79.27
C ARG H 600 7.70 -41.50 80.65
N PHE H 601 6.67 -40.68 80.86
CA PHE H 601 6.46 -40.13 82.20
C PHE H 601 6.22 -41.23 83.22
N LEU H 602 5.61 -42.33 82.81
CA LEU H 602 5.48 -43.48 83.70
C LEU H 602 6.86 -43.92 84.17
N PHE H 603 7.78 -44.14 83.24
CA PHE H 603 9.14 -44.50 83.63
C PHE H 603 9.80 -43.37 84.40
N GLY H 604 9.36 -42.14 84.16
CA GLY H 604 9.84 -41.03 84.97
C GLY H 604 9.36 -41.14 86.41
N LEU H 605 8.10 -41.51 86.60
CA LEU H 605 7.51 -41.45 87.93
C LEU H 605 7.90 -42.65 88.78
N VAL H 606 8.16 -43.79 88.14
CA VAL H 606 8.43 -45.03 88.88
C VAL H 606 9.83 -45.00 89.47
N ASN H 607 10.62 -43.97 89.14
CA ASN H 607 11.95 -43.83 89.69
C ASN H 607 11.86 -43.73 91.22
N GLN H 608 12.71 -44.50 91.91
CA GLN H 608 12.58 -44.66 93.35
C GLN H 608 12.67 -43.32 94.08
N GLU H 609 13.68 -42.52 93.75
CA GLU H 609 13.77 -41.18 94.34
C GLU H 609 12.59 -40.31 93.89
N ARG H 610 12.24 -40.38 92.60
CA ARG H 610 11.12 -39.59 92.11
C ARG H 610 9.80 -40.09 92.69
N THR H 611 9.65 -41.42 92.85
CA THR H 611 8.45 -41.95 93.47
C THR H 611 8.32 -41.49 94.92
N SER H 612 9.43 -41.54 95.67
CA SER H 612 9.40 -41.09 97.06
C SER H 612 9.08 -39.62 97.15
N TYR H 613 9.68 -38.81 96.27
CA TYR H 613 9.39 -37.38 96.26
C TYR H 613 7.94 -37.10 95.93
N LEU H 614 7.38 -37.83 94.95
CA LEU H 614 5.98 -37.66 94.59
C LEU H 614 5.07 -38.01 95.77
N GLU H 615 5.35 -39.12 96.44
CA GLU H 615 4.53 -39.53 97.58
C GLU H 615 4.61 -38.51 98.71
N LYS H 616 5.81 -38.01 99.01
CA LYS H 616 5.99 -37.09 100.11
C LYS H 616 5.60 -35.66 99.76
N LYS H 617 5.38 -35.36 98.48
CA LYS H 617 4.91 -34.04 98.07
C LYS H 617 3.41 -33.98 97.82
N LEU H 618 2.78 -35.12 97.54
CA LEU H 618 1.33 -35.15 97.34
C LEU H 618 0.59 -36.03 98.34
N SER H 619 1.30 -36.58 99.33
CA SER H 619 0.71 -37.41 100.39
C SER H 619 -0.01 -38.64 99.86
N CYS H 620 0.34 -39.08 98.65
CA CYS H 620 -0.28 -40.23 98.01
C CYS H 620 0.66 -41.42 98.06
N LYS H 621 0.23 -42.52 97.45
CA LYS H 621 1.00 -43.75 97.39
C LYS H 621 1.16 -44.16 95.92
N ILE H 622 2.31 -44.75 95.61
CA ILE H 622 2.64 -45.17 94.25
C ILE H 622 2.79 -46.69 94.24
N SER H 623 2.11 -47.34 93.30
CA SER H 623 2.22 -48.79 93.15
C SER H 623 3.62 -49.17 92.69
N GLN H 624 4.04 -50.38 93.07
CA GLN H 624 5.39 -50.85 92.77
C GLN H 624 5.45 -52.05 91.85
N GLN H 625 4.38 -52.84 91.75
CA GLN H 625 4.35 -53.92 90.76
C GLN H 625 4.38 -53.38 89.34
N VAL H 626 4.03 -52.11 89.16
CA VAL H 626 4.08 -51.49 87.84
C VAL H 626 5.50 -51.55 87.28
N ARG H 627 6.51 -51.35 88.14
CA ARG H 627 7.90 -51.39 87.67
C ARG H 627 8.26 -52.76 87.13
N LEU H 628 7.86 -53.83 87.83
CA LEU H 628 8.17 -55.18 87.36
C LEU H 628 7.41 -55.50 86.08
N GLU H 629 6.14 -55.07 85.99
CA GLU H 629 5.40 -55.28 84.75
C GLU H 629 6.05 -54.53 83.59
N LEU H 630 6.57 -53.33 83.86
CA LEU H 630 7.24 -52.57 82.81
C LEU H 630 8.56 -53.23 82.42
N LEU H 631 9.26 -53.82 83.39
CA LEU H 631 10.40 -54.67 83.07
C LEU H 631 9.99 -55.75 82.07
N LYS H 632 8.95 -56.51 82.42
CA LYS H 632 8.52 -57.61 81.57
C LYS H 632 8.15 -57.11 80.17
N TRP H 633 7.51 -55.94 80.10
CA TRP H 633 7.25 -55.33 78.80
C TRP H 633 8.54 -54.99 78.06
N ILE H 634 9.58 -54.60 78.79
CA ILE H 634 10.86 -54.30 78.16
C ILE H 634 11.42 -55.55 77.49
N GLU H 635 11.41 -56.68 78.20
CA GLU H 635 11.89 -57.91 77.56
C GLU H 635 10.96 -58.34 76.42
N VAL H 636 9.66 -58.10 76.55
CA VAL H 636 8.75 -58.42 75.46
C VAL H 636 9.10 -57.63 74.21
N LYS H 637 9.36 -56.33 74.36
CA LYS H 637 9.76 -55.52 73.22
C LYS H 637 11.11 -55.94 72.66
N ALA H 638 12.06 -56.26 73.53
CA ALA H 638 13.42 -56.57 73.07
C ALA H 638 13.47 -57.90 72.34
N LYS H 639 12.78 -58.92 72.85
CA LYS H 639 12.92 -60.28 72.35
C LYS H 639 11.84 -60.68 71.36
N ALA H 640 10.98 -59.75 70.95
CA ALA H 640 9.91 -60.09 70.03
C ALA H 640 10.45 -60.26 68.61
N LYS H 641 9.62 -60.88 67.75
CA LYS H 641 10.00 -61.12 66.36
C LYS H 641 9.45 -60.03 65.44
N LYS H 642 8.13 -59.85 65.43
CA LYS H 642 7.48 -58.86 64.57
C LYS H 642 7.73 -57.48 65.17
N LEU H 643 8.94 -56.97 64.91
CA LEU H 643 9.40 -55.71 65.49
C LEU H 643 8.97 -54.49 64.68
N GLN H 644 8.27 -54.68 63.56
CA GLN H 644 7.91 -53.55 62.71
C GLN H 644 6.90 -52.64 63.40
N TRP H 645 5.87 -53.22 64.02
CA TRP H 645 4.81 -52.41 64.62
C TRP H 645 5.31 -51.65 65.86
N GLN H 646 6.27 -52.22 66.58
CA GLN H 646 6.79 -51.57 67.76
C GLN H 646 7.55 -50.31 67.37
N PRO H 647 7.56 -49.30 68.25
CA PRO H 647 8.36 -48.10 67.97
C PRO H 647 9.85 -48.36 68.07
N SER H 648 10.66 -47.39 67.65
CA SER H 648 12.10 -47.60 67.52
C SER H 648 12.75 -47.78 68.89
N GLN H 649 14.00 -48.28 68.84
CA GLN H 649 14.75 -48.53 70.06
C GLN H 649 15.21 -47.22 70.72
N LEU H 650 15.30 -46.16 69.93
CA LEU H 650 15.66 -44.85 70.48
C LEU H 650 14.61 -44.39 71.48
N GLU H 651 13.34 -44.75 71.27
CA GLU H 651 12.31 -44.47 72.27
C GLU H 651 12.60 -45.22 73.57
N LEU H 652 13.02 -46.48 73.47
CA LEU H 652 13.39 -47.24 74.65
C LEU H 652 14.53 -46.57 75.39
N PHE H 653 15.50 -46.03 74.66
CA PHE H 653 16.64 -45.39 75.31
C PHE H 653 16.25 -44.05 75.93
N TYR H 654 15.39 -43.28 75.25
CA TYR H 654 14.77 -42.12 75.89
C TYR H 654 14.12 -42.50 77.22
N CYS H 655 13.38 -43.61 77.23
CA CYS H 655 12.70 -44.03 78.45
C CYS H 655 13.71 -44.37 79.55
N LEU H 656 14.71 -45.19 79.22
CA LEU H 656 15.69 -45.61 80.22
C LEU H 656 16.52 -44.44 80.72
N TYR H 657 16.69 -43.40 79.90
CA TYR H 657 17.34 -42.17 80.37
C TYR H 657 16.40 -41.34 81.24
N GLU H 658 15.10 -41.33 80.91
CA GLU H 658 14.13 -40.59 81.70
C GLU H 658 14.06 -41.14 83.11
N MET H 659 14.09 -42.46 83.25
CA MET H 659 13.92 -43.04 84.58
C MET H 659 15.10 -42.73 85.50
N GLN H 660 16.33 -42.92 85.01
CA GLN H 660 17.56 -42.66 85.78
C GLN H 660 17.67 -43.55 87.02
N GLU H 661 17.33 -44.84 86.91
CA GLU H 661 17.51 -45.81 87.99
C GLU H 661 18.59 -46.81 87.60
N GLU H 662 19.77 -46.68 88.19
CA GLU H 662 20.97 -47.37 87.69
C GLU H 662 20.78 -48.88 87.61
N ASP H 663 20.38 -49.50 88.72
CA ASP H 663 20.37 -50.96 88.77
C ASP H 663 19.33 -51.56 87.83
N PHE H 664 18.14 -50.99 87.79
CA PHE H 664 17.10 -51.53 86.92
C PHE H 664 17.41 -51.22 85.46
N VAL H 665 18.05 -50.07 85.18
CA VAL H 665 18.56 -49.83 83.83
C VAL H 665 19.50 -50.95 83.42
N GLN H 666 20.48 -51.28 84.28
CA GLN H 666 21.43 -52.32 83.93
C GLN H 666 20.73 -53.65 83.70
N SER H 667 19.82 -54.03 84.60
CA SER H 667 19.18 -55.34 84.51
C SER H 667 18.29 -55.44 83.28
N ALA H 668 17.47 -54.41 83.02
CA ALA H 668 16.54 -54.46 81.89
C ALA H 668 17.25 -54.15 80.57
N MET H 669 18.47 -53.65 80.63
CA MET H 669 19.20 -53.28 79.42
C MET H 669 20.26 -54.30 79.04
N ASP H 670 20.60 -55.23 79.94
CA ASP H 670 21.42 -56.36 79.56
C ASP H 670 20.73 -57.27 78.55
N HIS H 671 19.50 -56.97 78.16
CA HIS H 671 18.74 -57.74 77.19
C HIS H 671 18.88 -57.19 75.77
N PHE H 672 19.95 -56.45 75.50
CA PHE H 672 20.22 -55.88 74.18
C PHE H 672 21.64 -56.24 73.76
N PRO H 673 21.86 -57.49 73.33
CA PRO H 673 23.18 -57.84 72.79
C PRO H 673 23.56 -57.03 71.55
N LYS H 674 22.60 -56.66 70.72
CA LYS H 674 22.83 -55.87 69.54
C LYS H 674 22.02 -54.59 69.62
N ILE H 675 22.67 -53.45 69.42
CA ILE H 675 22.04 -52.14 69.56
C ILE H 675 22.17 -51.40 68.23
N GLU H 676 21.04 -50.92 67.72
CA GLU H 676 21.02 -50.08 66.52
C GLU H 676 20.22 -48.83 66.82
N ILE H 677 20.83 -47.67 66.58
CA ILE H 677 20.21 -46.39 66.89
C ILE H 677 20.55 -45.39 65.78
N ASN H 678 19.65 -44.45 65.55
CA ASN H 678 19.83 -43.41 64.54
C ASN H 678 19.69 -42.05 65.22
N LEU H 679 20.76 -41.27 65.22
CA LEU H 679 20.85 -40.06 66.02
C LEU H 679 20.73 -38.83 65.12
N SER H 680 19.94 -37.85 65.58
CA SER H 680 19.72 -36.64 64.80
C SER H 680 19.69 -35.36 65.61
N THR H 681 20.11 -35.36 66.88
CA THR H 681 20.10 -34.16 67.70
C THR H 681 21.01 -34.37 68.90
N ARG H 682 21.19 -33.29 69.67
CA ARG H 682 22.02 -33.37 70.87
C ARG H 682 21.42 -34.32 71.89
N MET H 683 20.09 -34.30 72.05
CA MET H 683 19.44 -35.16 73.03
C MET H 683 19.66 -36.62 72.69
N ASP H 684 19.61 -36.97 71.41
CA ASP H 684 19.92 -38.34 70.99
C ASP H 684 21.32 -38.73 71.43
N HIS H 685 22.29 -37.85 71.21
CA HIS H 685 23.67 -38.14 71.61
C HIS H 685 23.78 -38.33 73.11
N VAL H 686 23.12 -37.48 73.89
CA VAL H 686 23.22 -37.56 75.34
C VAL H 686 22.59 -38.84 75.86
N VAL H 687 21.39 -39.17 75.38
CA VAL H 687 20.72 -40.37 75.87
C VAL H 687 21.48 -41.62 75.44
N SER H 688 22.06 -41.61 74.23
CA SER H 688 22.86 -42.74 73.80
C SER H 688 24.12 -42.88 74.66
N SER H 689 24.78 -41.76 74.96
CA SER H 689 25.96 -41.81 75.82
C SER H 689 25.61 -42.45 77.14
N PHE H 690 24.54 -41.97 77.77
CA PHE H 690 24.10 -42.54 79.05
C PHE H 690 23.80 -44.03 78.92
N CYS H 691 23.03 -44.40 77.89
CA CYS H 691 22.55 -45.78 77.78
C CYS H 691 23.69 -46.76 77.54
N ILE H 692 24.52 -46.51 76.52
CA ILE H 692 25.64 -47.42 76.27
C ILE H 692 26.67 -47.36 77.39
N LYS H 693 26.80 -46.23 78.09
CA LYS H 693 27.66 -46.22 79.27
C LYS H 693 27.12 -47.15 80.34
N ASN H 694 25.79 -47.27 80.44
CA ASN H 694 25.21 -48.21 81.39
C ASN H 694 25.29 -49.65 80.90
N CYS H 695 25.40 -49.86 79.59
CA CYS H 695 25.42 -51.20 79.04
C CYS H 695 26.66 -51.96 79.50
N HIS H 696 26.49 -53.28 79.67
CA HIS H 696 27.60 -54.12 80.10
C HIS H 696 27.71 -55.44 79.33
N ARG H 697 26.73 -55.79 78.51
CA ARG H 697 26.76 -57.06 77.77
C ARG H 697 26.27 -56.86 76.34
N VAL H 698 26.79 -55.85 75.66
CA VAL H 698 26.47 -55.60 74.25
C VAL H 698 27.64 -56.05 73.39
N LYS H 699 27.32 -56.72 72.28
CA LYS H 699 28.34 -57.23 71.36
C LYS H 699 28.38 -56.47 70.05
N THR H 700 27.26 -56.35 69.35
CA THR H 700 27.19 -55.64 68.08
C THR H 700 26.56 -54.27 68.31
N LEU H 701 27.19 -53.24 67.79
CA LEU H 701 26.68 -51.88 67.95
C LEU H 701 26.74 -51.16 66.61
N SER H 702 25.67 -50.45 66.28
CA SER H 702 25.61 -49.64 65.06
C SER H 702 25.14 -48.24 65.42
N LEU H 703 25.51 -47.28 64.58
CA LEU H 703 25.16 -45.89 64.81
C LEU H 703 24.76 -45.24 63.50
N GLY H 704 23.90 -44.24 63.60
CA GLY H 704 23.52 -43.45 62.45
C GLY H 704 23.51 -41.97 62.74
N PHE H 705 24.39 -41.22 62.09
CA PHE H 705 24.47 -39.76 62.27
C PHE H 705 23.69 -39.11 61.14
N PHE H 706 22.37 -39.18 61.26
CA PHE H 706 21.46 -38.70 60.22
C PHE H 706 21.18 -37.23 60.44
N HIS H 707 21.80 -36.38 59.63
CA HIS H 707 21.58 -34.93 59.72
C HIS H 707 20.77 -34.44 58.53
N THR H 747 30.79 -33.46 63.43
CA THR H 747 30.31 -34.17 64.60
C THR H 747 31.45 -34.52 65.54
N SER H 748 32.43 -33.62 65.63
CA SER H 748 33.59 -33.87 66.48
C SER H 748 33.19 -33.98 67.94
N SER H 749 32.41 -33.01 68.42
CA SER H 749 31.91 -33.07 69.79
C SER H 749 31.00 -34.28 69.99
N PHE H 750 30.14 -34.55 69.01
CA PHE H 750 29.25 -35.70 69.07
C PHE H 750 30.05 -36.98 69.20
N CYS H 751 31.05 -37.14 68.32
CA CYS H 751 31.89 -38.34 68.33
C CYS H 751 32.64 -38.47 69.64
N ARG H 752 33.19 -37.37 70.16
CA ARG H 752 33.89 -37.45 71.44
C ARG H 752 32.95 -37.90 72.54
N GLY H 753 31.79 -37.25 72.65
CA GLY H 753 30.85 -37.58 73.71
C GLY H 753 30.39 -39.02 73.67
N LEU H 754 30.15 -39.55 72.47
CA LEU H 754 29.74 -40.94 72.37
C LEU H 754 30.89 -41.90 72.62
N PHE H 755 31.97 -41.75 71.86
CA PHE H 755 33.04 -42.75 71.83
C PHE H 755 33.95 -42.69 73.04
N SER H 756 33.82 -41.68 73.91
CA SER H 756 34.58 -41.71 75.15
C SER H 756 34.20 -42.92 76.00
N SER H 757 32.91 -43.24 76.05
CA SER H 757 32.45 -44.37 76.85
C SER H 757 32.78 -45.70 76.19
N LEU H 758 32.83 -45.72 74.85
CA LEU H 758 33.06 -46.98 74.14
C LEU H 758 34.44 -47.57 74.46
N SER H 759 35.42 -46.72 74.73
CA SER H 759 36.73 -47.22 75.13
C SER H 759 36.65 -47.92 76.49
N THR H 760 35.78 -47.44 77.37
CA THR H 760 35.58 -48.07 78.67
C THR H 760 34.67 -49.29 78.62
N ASN H 761 33.97 -49.50 77.52
CA ASN H 761 33.09 -50.65 77.39
C ASN H 761 33.91 -51.90 77.14
N ARG H 762 33.82 -52.87 78.05
CA ARG H 762 34.62 -54.09 77.99
C ARG H 762 33.88 -55.24 77.30
N SER H 763 32.71 -54.98 76.73
CA SER H 763 31.93 -56.04 76.08
C SER H 763 31.77 -55.86 74.58
N LEU H 764 31.99 -54.66 74.04
CA LEU H 764 31.75 -54.42 72.62
C LEU H 764 32.75 -55.19 71.77
N THR H 765 32.25 -55.76 70.67
CA THR H 765 33.09 -56.51 69.75
C THR H 765 32.92 -56.13 68.28
N GLU H 766 31.76 -55.63 67.87
CA GLU H 766 31.54 -55.22 66.49
C GLU H 766 30.93 -53.83 66.48
N LEU H 767 31.48 -52.95 65.64
CA LEU H 767 31.07 -51.56 65.58
C LEU H 767 30.80 -51.20 64.13
N ASP H 768 29.52 -51.08 63.77
CA ASP H 768 29.13 -50.73 62.42
C ASP H 768 28.97 -49.21 62.33
N LEU H 769 29.58 -48.62 61.31
CA LEU H 769 29.43 -47.19 61.06
C LEU H 769 29.26 -46.89 59.58
N SER H 770 28.75 -47.84 58.81
CA SER H 770 28.64 -47.67 57.37
C SER H 770 27.65 -46.56 57.02
N ASP H 771 27.93 -45.88 55.91
CA ASP H 771 27.09 -44.86 55.29
C ASP H 771 26.95 -43.60 56.14
N ASN H 772 27.48 -43.57 57.36
CA ASN H 772 27.47 -42.34 58.15
C ASN H 772 28.53 -41.39 57.62
N THR H 773 28.12 -40.16 57.34
CA THR H 773 29.06 -39.14 56.89
C THR H 773 29.70 -38.45 58.10
N LEU H 774 30.33 -39.27 58.94
CA LEU H 774 30.97 -38.75 60.15
C LEU H 774 32.18 -37.88 59.82
N GLY H 775 32.64 -37.90 58.58
CA GLY H 775 33.72 -37.03 58.16
C GLY H 775 35.07 -37.52 58.63
N ASP H 776 36.09 -36.73 58.30
CA ASP H 776 37.47 -37.12 58.63
C ASP H 776 37.82 -36.78 60.07
N PRO H 777 37.57 -35.58 60.60
CA PRO H 777 37.88 -35.32 62.02
C PRO H 777 37.12 -36.22 62.97
N GLY H 778 35.89 -36.59 62.63
CA GLY H 778 35.18 -37.55 63.46
C GLY H 778 35.86 -38.91 63.46
N MET H 779 36.38 -39.33 62.30
CA MET H 779 37.12 -40.59 62.24
C MET H 779 38.39 -40.51 63.07
N ARG H 780 39.05 -39.34 63.06
CA ARG H 780 40.19 -39.13 63.94
C ARG H 780 39.80 -39.32 65.40
N VAL H 781 38.73 -38.64 65.83
CA VAL H 781 38.27 -38.73 67.22
C VAL H 781 37.98 -40.18 67.58
N LEU H 782 37.34 -40.91 66.67
CA LEU H 782 37.14 -42.33 66.86
C LEU H 782 38.46 -43.06 67.08
N CYS H 783 39.49 -42.67 66.32
CA CYS H 783 40.78 -43.33 66.47
C CYS H 783 41.39 -43.09 67.85
N GLU H 784 41.34 -41.84 68.35
CA GLU H 784 41.82 -41.64 69.71
C GLU H 784 40.97 -42.39 70.73
N ALA H 785 39.68 -42.57 70.43
CA ALA H 785 38.83 -43.35 71.33
C ALA H 785 39.27 -44.82 71.36
N LEU H 786 39.63 -45.38 70.21
CA LEU H 786 39.90 -46.80 70.12
C LEU H 786 41.25 -47.16 70.75
N GLN H 787 42.21 -46.25 70.71
CA GLN H 787 43.57 -46.57 71.12
C GLN H 787 43.67 -46.87 72.60
N HIS H 788 42.62 -46.55 73.36
CA HIS H 788 42.61 -46.88 74.77
C HIS H 788 42.62 -48.39 74.96
N PRO H 789 43.45 -48.91 75.87
CA PRO H 789 43.55 -50.37 76.02
C PRO H 789 42.27 -51.04 76.49
N GLY H 790 41.32 -50.28 77.04
CA GLY H 790 40.11 -50.90 77.56
C GLY H 790 39.19 -51.45 76.48
N CYS H 791 39.18 -50.83 75.30
CA CYS H 791 38.25 -51.23 74.26
C CYS H 791 38.56 -52.63 73.75
N ASN H 792 37.51 -53.42 73.54
CA ASN H 792 37.63 -54.80 73.10
C ASN H 792 37.05 -55.01 71.70
N ILE H 793 37.02 -53.96 70.89
CA ILE H 793 36.49 -54.08 69.54
C ILE H 793 37.41 -54.94 68.69
N GLN H 794 36.86 -56.00 68.11
CA GLN H 794 37.59 -56.89 67.21
C GLN H 794 37.16 -56.70 65.76
N ARG H 795 36.32 -55.71 65.47
CA ARG H 795 35.68 -55.63 64.16
C ARG H 795 35.23 -54.20 63.92
N LEU H 796 35.60 -53.64 62.78
CA LEU H 796 35.27 -52.25 62.48
C LEU H 796 34.95 -52.12 61.00
N TRP H 797 33.73 -51.72 60.69
CA TRP H 797 33.30 -51.53 59.30
C TRP H 797 33.04 -50.06 59.05
N LEU H 798 33.60 -49.53 57.98
CA LEU H 798 33.57 -48.10 57.69
C LEU H 798 33.22 -47.83 56.23
N GLY H 799 32.23 -48.53 55.70
CA GLY H 799 31.87 -48.35 54.31
C GLY H 799 31.22 -47.00 54.05
N ARG H 800 31.66 -46.34 52.98
CA ARG H 800 31.06 -45.09 52.50
C ARG H 800 31.02 -44.01 53.58
N CYS H 801 31.97 -44.05 54.52
CA CYS H 801 32.02 -43.01 55.54
C CYS H 801 32.46 -41.67 55.01
N GLY H 802 32.94 -41.60 53.77
CA GLY H 802 33.43 -40.35 53.24
C GLY H 802 34.78 -39.95 53.76
N LEU H 803 35.58 -40.89 54.23
CA LEU H 803 36.90 -40.61 54.77
C LEU H 803 37.84 -40.19 53.64
N SER H 804 39.11 -40.01 53.96
CA SER H 804 40.12 -39.68 52.97
C SER H 804 41.47 -40.13 53.50
N HIS H 805 42.54 -39.68 52.84
CA HIS H 805 43.88 -40.11 53.21
C HIS H 805 44.28 -39.63 54.61
N GLN H 806 43.63 -38.58 55.11
CA GLN H 806 43.99 -38.05 56.42
C GLN H 806 43.72 -39.07 57.52
N CYS H 807 42.59 -39.78 57.43
CA CYS H 807 42.25 -40.77 58.44
C CYS H 807 43.19 -41.96 58.43
N CYS H 808 43.92 -42.17 57.34
CA CYS H 808 44.79 -43.34 57.24
C CYS H 808 45.92 -43.29 58.26
N PHE H 809 46.46 -42.10 58.53
CA PHE H 809 47.49 -41.97 59.56
C PHE H 809 46.96 -42.43 60.92
N ASP H 810 45.77 -41.96 61.27
CA ASP H 810 45.18 -42.33 62.56
C ASP H 810 44.88 -43.82 62.61
N ILE H 811 44.35 -44.38 61.52
CA ILE H 811 44.05 -45.81 61.49
C ILE H 811 45.33 -46.63 61.59
N SER H 812 46.40 -46.16 60.96
CA SER H 812 47.69 -46.84 61.08
C SER H 812 48.17 -46.85 62.53
N SER H 813 48.01 -45.71 63.22
CA SER H 813 48.36 -45.69 64.63
C SER H 813 47.52 -46.68 65.43
N VAL H 814 46.22 -46.74 65.12
CA VAL H 814 45.34 -47.68 65.82
C VAL H 814 45.80 -49.11 65.62
N LEU H 815 46.11 -49.47 64.36
CA LEU H 815 46.55 -50.83 64.06
C LEU H 815 47.86 -51.14 64.76
N SER H 816 48.80 -50.20 64.76
CA SER H 816 50.08 -50.44 65.40
C SER H 816 49.98 -50.47 66.92
N SER H 817 48.90 -49.93 67.49
CA SER H 817 48.74 -49.89 68.94
C SER H 817 47.75 -50.91 69.49
N SER H 818 46.80 -51.37 68.68
CA SER H 818 45.75 -52.28 69.14
C SER H 818 45.99 -53.67 68.57
N GLN H 819 45.94 -54.67 69.45
CA GLN H 819 46.14 -56.07 69.06
C GLN H 819 44.87 -56.89 69.12
N LYS H 820 43.71 -56.26 69.33
CA LYS H 820 42.45 -56.97 69.37
C LYS H 820 41.66 -56.88 68.07
N LEU H 821 41.91 -55.85 67.26
CA LEU H 821 41.18 -55.71 66.00
C LEU H 821 41.51 -56.86 65.07
N VAL H 822 40.48 -57.43 64.44
CA VAL H 822 40.61 -58.62 63.61
C VAL H 822 40.43 -58.29 62.14
N GLU H 823 39.26 -57.80 61.75
CA GLU H 823 39.05 -57.38 60.37
C GLU H 823 38.80 -55.88 60.34
N LEU H 824 38.68 -55.35 59.13
CA LEU H 824 38.56 -53.91 58.94
C LEU H 824 38.05 -53.64 57.54
N ASP H 825 37.10 -52.72 57.41
CA ASP H 825 36.52 -52.36 56.13
C ASP H 825 36.76 -50.88 55.85
N LEU H 826 37.11 -50.57 54.60
CA LEU H 826 37.27 -49.18 54.18
C LEU H 826 36.70 -48.97 52.79
N SER H 827 35.69 -49.74 52.41
CA SER H 827 35.19 -49.70 51.05
C SER H 827 34.59 -48.35 50.71
N ASP H 828 34.80 -47.92 49.47
CA ASP H 828 34.16 -46.73 48.89
C ASP H 828 34.56 -45.45 49.61
N ASN H 829 35.77 -45.37 50.14
CA ASN H 829 36.36 -44.14 50.61
C ASN H 829 37.55 -43.79 49.75
N ALA H 830 37.65 -42.52 49.35
CA ALA H 830 38.70 -42.11 48.42
C ALA H 830 40.05 -42.05 49.13
N LEU H 831 40.51 -43.19 49.66
CA LEU H 831 41.80 -43.21 50.35
C LEU H 831 42.94 -42.87 49.40
N GLY H 832 42.94 -43.48 48.21
CA GLY H 832 43.98 -43.23 47.25
C GLY H 832 45.25 -44.01 47.54
N ASP H 833 46.16 -43.98 46.57
CA ASP H 833 47.43 -44.67 46.72
C ASP H 833 48.25 -44.11 47.87
N PHE H 834 48.17 -42.79 48.11
CA PHE H 834 48.86 -42.22 49.26
C PHE H 834 48.25 -42.74 50.57
N GLY H 835 46.92 -42.87 50.61
CA GLY H 835 46.29 -43.44 51.79
C GLY H 835 46.74 -44.87 52.03
N ILE H 836 46.89 -45.65 50.96
CA ILE H 836 47.40 -47.01 51.11
C ILE H 836 48.84 -46.99 51.61
N ARG H 837 49.64 -46.06 51.10
CA ARG H 837 51.02 -45.92 51.56
C ARG H 837 51.06 -45.60 53.05
N LEU H 838 50.10 -44.81 53.52
CA LEU H 838 50.02 -44.52 54.96
C LEU H 838 49.59 -45.75 55.75
N LEU H 839 48.60 -46.49 55.25
CA LEU H 839 48.13 -47.66 55.96
C LEU H 839 49.21 -48.72 56.09
N CYS H 840 49.97 -48.95 55.02
CA CYS H 840 50.94 -50.04 55.02
C CYS H 840 51.95 -49.92 56.14
N VAL H 841 52.21 -48.69 56.61
CA VAL H 841 53.13 -48.50 57.73
C VAL H 841 52.58 -49.18 58.98
N GLY H 842 51.29 -48.98 59.25
CA GLY H 842 50.67 -49.66 60.36
C GLY H 842 50.52 -51.15 60.12
N LEU H 843 50.17 -51.53 58.88
CA LEU H 843 49.96 -52.94 58.58
C LEU H 843 51.24 -53.74 58.74
N LYS H 844 52.37 -53.19 58.29
CA LYS H 844 53.65 -53.89 58.41
C LYS H 844 54.12 -54.03 59.84
N HIS H 845 53.49 -53.32 60.79
CA HIS H 845 53.91 -53.41 62.18
C HIS H 845 53.71 -54.82 62.71
N LEU H 846 54.65 -55.27 63.54
CA LEU H 846 54.65 -56.65 64.02
C LEU H 846 53.48 -56.96 64.93
N LEU H 847 52.79 -55.94 65.46
CA LEU H 847 51.68 -56.15 66.37
C LEU H 847 50.33 -56.01 65.68
N CYS H 848 50.31 -55.95 64.35
CA CYS H 848 49.05 -55.87 63.61
C CYS H 848 48.48 -57.26 63.44
N ASN H 849 47.25 -57.47 63.94
CA ASN H 849 46.59 -58.76 63.88
C ASN H 849 45.45 -58.79 62.86
N LEU H 850 45.49 -57.90 61.88
CA LEU H 850 44.43 -57.84 60.88
C LEU H 850 44.37 -59.15 60.10
N GLN H 851 43.14 -59.58 59.78
CA GLN H 851 42.92 -60.80 59.02
C GLN H 851 42.19 -60.54 57.71
N LYS H 852 41.10 -59.78 57.74
CA LYS H 852 40.33 -59.46 56.55
C LYS H 852 40.39 -57.96 56.32
N LEU H 853 40.71 -57.55 55.11
CA LEU H 853 40.86 -56.14 54.78
C LEU H 853 40.14 -55.85 53.47
N TRP H 854 39.04 -55.10 53.55
CA TRP H 854 38.35 -54.66 52.35
C TRP H 854 38.90 -53.31 51.91
N LEU H 855 39.13 -53.17 50.60
CA LEU H 855 39.53 -51.90 50.03
C LEU H 855 38.78 -51.62 48.74
N VAL H 856 37.54 -52.08 48.65
CA VAL H 856 36.80 -52.02 47.40
C VAL H 856 36.50 -50.58 47.03
N SER H 857 36.79 -50.21 45.78
CA SER H 857 36.46 -48.90 45.23
C SER H 857 37.09 -47.77 46.03
N CYS H 858 38.34 -47.95 46.44
CA CYS H 858 39.07 -46.94 47.19
C CYS H 858 39.82 -45.96 46.29
N CYS H 859 39.46 -45.89 45.01
CA CYS H 859 40.09 -44.96 44.07
C CYS H 859 41.60 -45.17 44.00
N LEU H 860 42.03 -46.41 44.06
CA LEU H 860 43.46 -46.72 44.03
C LEU H 860 43.97 -46.75 42.60
N THR H 861 45.28 -46.94 42.48
CA THR H 861 45.95 -47.18 41.21
C THR H 861 47.01 -48.24 41.43
N SER H 862 47.80 -48.51 40.37
CA SER H 862 48.83 -49.54 40.46
C SER H 862 49.95 -49.15 41.41
N ALA H 863 50.17 -47.84 41.60
CA ALA H 863 51.32 -47.39 42.38
C ALA H 863 51.27 -47.89 43.81
N CYS H 864 50.07 -47.96 44.40
CA CYS H 864 49.95 -48.45 45.76
C CYS H 864 50.31 -49.92 45.87
N CYS H 865 50.12 -50.68 44.79
CA CYS H 865 50.24 -52.14 44.84
C CYS H 865 51.58 -52.57 45.41
N GLN H 866 52.67 -51.91 44.98
CA GLN H 866 53.99 -52.24 45.49
C GLN H 866 54.01 -52.26 47.01
N ASP H 867 53.50 -51.19 47.62
CA ASP H 867 53.47 -51.11 49.08
C ASP H 867 52.68 -52.29 49.64
N LEU H 868 51.53 -52.59 49.04
CA LEU H 868 50.72 -53.71 49.50
C LEU H 868 51.52 -54.99 49.50
N ALA H 869 52.39 -55.17 48.51
CA ALA H 869 53.21 -56.37 48.45
C ALA H 869 54.00 -56.55 49.72
N LEU H 870 54.62 -55.48 50.21
CA LEU H 870 55.42 -55.58 51.43
C LEU H 870 54.59 -56.09 52.60
N VAL H 871 53.31 -55.73 52.63
CA VAL H 871 52.43 -56.20 53.70
C VAL H 871 52.42 -57.72 53.73
N LEU H 872 52.25 -58.33 52.56
CA LEU H 872 52.20 -59.78 52.49
C LEU H 872 53.52 -60.42 52.88
N SER H 873 54.62 -59.66 52.79
CA SER H 873 55.92 -60.15 53.24
C SER H 873 56.28 -59.66 54.63
N SER H 874 55.40 -58.90 55.28
CA SER H 874 55.63 -58.45 56.65
C SER H 874 54.57 -58.93 57.61
N ASN H 875 53.31 -58.89 57.21
CA ASN H 875 52.20 -59.35 58.04
C ASN H 875 51.73 -60.72 57.55
N HIS H 876 51.73 -61.70 58.44
CA HIS H 876 51.26 -63.03 58.11
C HIS H 876 49.85 -63.30 58.60
N SER H 877 49.28 -62.42 59.44
CA SER H 877 47.90 -62.61 59.89
C SER H 877 46.90 -62.24 58.81
N LEU H 878 47.29 -61.44 57.82
CA LEU H 878 46.38 -61.05 56.76
C LEU H 878 46.07 -62.26 55.89
N THR H 879 44.86 -62.82 56.06
CA THR H 879 44.46 -63.97 55.27
C THR H 879 43.83 -63.56 53.95
N ARG H 880 42.71 -62.84 54.01
CA ARG H 880 41.94 -62.51 52.82
C ARG H 880 41.97 -61.03 52.55
N LEU H 881 42.14 -60.67 51.29
CA LEU H 881 42.22 -59.30 50.82
C LEU H 881 41.16 -59.08 49.75
N TYR H 882 40.60 -57.88 49.71
CA TYR H 882 39.56 -57.57 48.72
C TYR H 882 39.86 -56.19 48.14
N ILE H 883 40.65 -56.16 47.07
CA ILE H 883 41.10 -54.92 46.47
C ILE H 883 40.43 -54.72 45.12
N GLY H 884 39.23 -55.26 44.96
CA GLY H 884 38.54 -55.17 43.71
C GLY H 884 37.99 -53.78 43.43
N GLU H 885 37.56 -53.60 42.19
CA GLU H 885 36.96 -52.35 41.72
C GLU H 885 37.95 -51.20 41.90
N ASN H 886 39.14 -51.37 41.35
CA ASN H 886 40.14 -50.31 41.31
C ASN H 886 40.84 -50.37 39.96
N ALA H 887 41.43 -49.25 39.58
CA ALA H 887 42.17 -49.20 38.33
C ALA H 887 43.59 -49.72 38.52
N LEU H 888 43.72 -50.90 39.12
CA LEU H 888 45.03 -51.49 39.37
C LEU H 888 45.78 -51.74 38.07
N GLY H 889 45.26 -52.66 37.26
CA GLY H 889 45.88 -52.99 36.00
C GLY H 889 46.90 -54.11 36.10
N ASP H 890 47.41 -54.50 34.93
CA ASP H 890 48.33 -55.62 34.83
C ASP H 890 49.62 -55.35 35.59
N SER H 891 50.13 -54.12 35.51
CA SER H 891 51.36 -53.79 36.22
C SER H 891 51.20 -54.02 37.72
N GLY H 892 50.13 -53.48 38.29
CA GLY H 892 49.91 -53.65 39.72
C GLY H 892 49.68 -55.10 40.11
N VAL H 893 48.91 -55.83 39.31
CA VAL H 893 48.65 -57.23 39.63
C VAL H 893 49.95 -58.03 39.56
N GLN H 894 50.78 -57.77 38.56
CA GLN H 894 52.07 -58.46 38.46
C GLN H 894 52.97 -58.13 39.63
N VAL H 895 52.99 -56.86 40.05
CA VAL H 895 53.81 -56.46 41.19
C VAL H 895 53.36 -57.19 42.44
N LEU H 896 52.04 -57.25 42.66
CA LEU H 896 51.52 -57.97 43.82
C LEU H 896 51.86 -59.45 43.75
N CYS H 897 51.65 -60.07 42.60
CA CYS H 897 51.85 -61.51 42.46
C CYS H 897 53.31 -61.89 42.64
N GLU H 898 54.23 -61.09 42.09
CA GLU H 898 55.65 -61.43 42.16
C GLU H 898 56.11 -61.59 43.60
N LYS H 899 55.64 -60.72 44.49
CA LYS H 899 55.89 -60.90 45.91
C LYS H 899 54.96 -61.93 46.54
N MET H 900 53.88 -62.29 45.85
CA MET H 900 52.93 -63.24 46.38
C MET H 900 53.31 -64.70 46.12
N LYS H 901 54.25 -64.96 45.20
CA LYS H 901 54.59 -66.34 44.86
C LYS H 901 55.25 -67.10 45.99
N ASP H 902 55.70 -66.41 47.04
CA ASP H 902 56.39 -67.11 48.13
C ASP H 902 55.43 -68.08 48.80
N PRO H 903 55.80 -69.34 48.98
CA PRO H 903 54.92 -70.29 49.68
C PRO H 903 54.65 -69.90 51.12
N GLN H 904 55.49 -69.07 51.72
CA GLN H 904 55.24 -68.62 53.08
C GLN H 904 54.14 -67.57 53.15
N CYS H 905 53.82 -66.93 52.02
CA CYS H 905 52.73 -65.96 52.00
C CYS H 905 51.43 -66.62 52.40
N ASN H 906 50.69 -65.97 53.30
CA ASN H 906 49.51 -66.56 53.92
C ASN H 906 48.21 -66.06 53.33
N LEU H 907 48.25 -65.36 52.20
CA LEU H 907 47.03 -64.84 51.60
C LEU H 907 46.18 -65.97 51.05
N GLN H 908 44.86 -65.85 51.23
CA GLN H 908 43.93 -66.90 50.82
C GLN H 908 42.95 -66.43 49.75
N LYS H 909 42.17 -65.38 50.01
CA LYS H 909 40.98 -65.14 49.20
C LYS H 909 41.03 -63.82 48.46
N LEU H 910 42.13 -63.53 47.79
CA LEU H 910 42.28 -62.29 47.03
C LEU H 910 41.12 -62.11 46.06
N GLY H 911 40.84 -60.86 45.71
CA GLY H 911 39.79 -60.56 44.77
C GLY H 911 40.11 -59.34 43.93
N LEU H 912 39.90 -59.42 42.62
CA LEU H 912 40.21 -58.34 41.69
C LEU H 912 39.00 -58.02 40.82
N VAL H 913 37.83 -57.94 41.46
CA VAL H 913 36.61 -57.65 40.72
C VAL H 913 36.74 -56.31 40.00
N ASN H 914 36.47 -56.32 38.70
CA ASN H 914 36.39 -55.11 37.89
C ASN H 914 37.67 -54.28 37.99
N SER H 915 38.82 -54.93 37.91
CA SER H 915 40.11 -54.25 37.99
C SER H 915 40.65 -53.82 36.64
N GLY H 916 39.92 -54.04 35.56
CA GLY H 916 40.39 -53.65 34.24
C GLY H 916 41.61 -54.40 33.76
N LEU H 917 41.72 -55.69 34.09
CA LEU H 917 42.88 -56.48 33.72
C LEU H 917 42.73 -57.07 32.33
N THR H 918 43.74 -57.82 31.90
CA THR H 918 43.65 -58.64 30.71
C THR H 918 44.59 -59.83 30.91
N SER H 919 44.91 -60.53 29.81
CA SER H 919 45.64 -61.79 29.89
C SER H 919 47.07 -61.62 30.37
N ILE H 920 47.59 -60.40 30.41
CA ILE H 920 49.00 -60.18 30.74
C ILE H 920 49.30 -60.64 32.17
N CYS H 921 48.43 -60.29 33.11
CA CYS H 921 48.64 -60.69 34.50
C CYS H 921 48.33 -62.16 34.75
N CYS H 922 47.76 -62.84 33.77
CA CYS H 922 47.38 -64.23 33.97
C CYS H 922 48.60 -65.13 34.14
N SER H 923 49.74 -64.76 33.54
CA SER H 923 50.96 -65.52 33.76
C SER H 923 51.42 -65.41 35.22
N ALA H 924 51.35 -64.20 35.78
CA ALA H 924 51.70 -64.02 37.19
C ALA H 924 50.75 -64.79 38.09
N LEU H 925 49.45 -64.76 37.77
CA LEU H 925 48.48 -65.53 38.54
C LEU H 925 48.77 -67.03 38.43
N THR H 926 49.19 -67.48 37.25
CA THR H 926 49.60 -68.86 37.04
C THR H 926 50.77 -69.23 37.96
N SER H 927 51.75 -68.33 38.04
CA SER H 927 52.87 -68.56 38.94
C SER H 927 52.39 -68.66 40.40
N VAL H 928 51.47 -67.78 40.79
CA VAL H 928 50.94 -67.81 42.15
C VAL H 928 50.28 -69.16 42.42
N LEU H 929 49.44 -69.62 41.50
CA LEU H 929 48.78 -70.90 41.67
C LEU H 929 49.77 -72.05 41.72
N LYS H 930 50.81 -72.00 40.88
CA LYS H 930 51.82 -73.03 40.86
C LYS H 930 52.61 -73.09 42.16
N THR H 931 52.84 -71.95 42.81
CA THR H 931 53.71 -71.90 43.98
C THR H 931 52.94 -71.92 45.29
N ASN H 932 51.96 -71.04 45.46
CA ASN H 932 51.28 -70.91 46.75
C ASN H 932 50.44 -72.14 47.06
N GLN H 933 50.42 -72.53 48.33
CA GLN H 933 49.66 -73.69 48.79
C GLN H 933 48.49 -73.32 49.68
N ASN H 934 48.16 -72.03 49.81
CA ASN H 934 47.04 -71.60 50.62
C ASN H 934 46.08 -70.68 49.88
N PHE H 935 46.38 -70.33 48.63
CA PHE H 935 45.57 -69.39 47.84
C PHE H 935 44.34 -70.12 47.33
N THR H 936 43.33 -70.23 48.21
CA THR H 936 42.15 -71.03 47.87
C THR H 936 41.25 -70.31 46.87
N HIS H 937 40.67 -69.18 47.26
CA HIS H 937 39.69 -68.52 46.42
C HIS H 937 40.38 -67.47 45.54
N LEU H 938 39.65 -67.02 44.52
CA LEU H 938 40.18 -66.01 43.61
C LEU H 938 39.04 -65.53 42.71
N TYR H 939 38.88 -64.21 42.62
CA TYR H 939 37.77 -63.62 41.87
C TYR H 939 38.34 -62.85 40.68
N LEU H 940 37.67 -62.92 39.53
CA LEU H 940 38.13 -62.14 38.38
C LEU H 940 37.02 -61.51 37.56
N ARG H 941 35.84 -61.29 38.12
CA ARG H 941 34.74 -60.87 37.26
C ARG H 941 35.00 -59.49 36.66
N SER H 942 34.35 -59.23 35.53
CA SER H 942 34.41 -57.94 34.85
C SER H 942 35.83 -57.59 34.41
N ASN H 943 36.64 -58.59 34.10
CA ASN H 943 37.98 -58.40 33.56
C ASN H 943 38.06 -59.03 32.18
N ALA H 944 38.54 -58.25 31.20
CA ALA H 944 38.65 -58.74 29.82
C ALA H 944 39.85 -59.69 29.69
N LEU H 945 39.75 -60.83 30.38
CA LEU H 945 40.83 -61.81 30.32
C LEU H 945 40.94 -62.44 28.94
N GLY H 946 39.81 -62.90 28.40
CA GLY H 946 39.80 -63.56 27.11
C GLY H 946 40.20 -65.02 27.20
N ASP H 947 40.06 -65.70 26.06
CA ASP H 947 40.40 -67.12 26.00
C ASP H 947 41.89 -67.35 26.21
N THR H 948 42.74 -66.44 25.73
CA THR H 948 44.17 -66.56 26.01
C THR H 948 44.45 -66.48 27.49
N GLY H 949 43.79 -65.55 28.19
CA GLY H 949 43.94 -65.47 29.63
C GLY H 949 43.44 -66.70 30.35
N LEU H 950 42.33 -67.25 29.87
CA LEU H 950 41.82 -68.49 30.48
C LEU H 950 42.78 -69.64 30.27
N ARG H 951 43.40 -69.71 29.08
CA ARG H 951 44.41 -70.74 28.84
C ARG H 951 45.61 -70.56 29.75
N LEU H 952 46.05 -69.31 29.93
CA LEU H 952 47.18 -69.06 30.82
C LEU H 952 46.84 -69.45 32.26
N LEU H 953 45.62 -69.17 32.70
CA LEU H 953 45.19 -69.61 34.03
C LEU H 953 45.17 -71.13 34.11
N CYS H 954 44.69 -71.79 33.05
CA CYS H 954 44.73 -73.25 32.99
C CYS H 954 46.15 -73.77 33.13
N GLU H 955 47.13 -73.04 32.59
CA GLU H 955 48.52 -73.47 32.66
C GLU H 955 48.94 -73.78 34.09
N GLY H 956 48.49 -72.97 35.04
CA GLY H 956 48.80 -73.22 36.44
C GLY H 956 47.74 -74.03 37.15
N LEU H 957 46.53 -74.04 36.59
CA LEU H 957 45.45 -74.82 37.20
C LEU H 957 45.74 -76.31 37.17
N LEU H 958 46.33 -76.78 36.07
CA LEU H 958 46.63 -78.21 35.92
C LEU H 958 47.78 -78.66 36.81
N HIS H 959 48.47 -77.75 37.48
CA HIS H 959 49.62 -78.11 38.30
C HIS H 959 49.17 -79.01 39.44
N PRO H 960 49.87 -80.12 39.69
CA PRO H 960 49.45 -81.02 40.78
C PRO H 960 49.48 -80.40 42.15
N ASP H 961 50.24 -79.32 42.34
CA ASP H 961 50.35 -78.65 43.63
C ASP H 961 49.26 -77.60 43.83
N CYS H 962 48.32 -77.47 42.90
CA CYS H 962 47.30 -76.45 43.00
C CYS H 962 46.39 -76.68 44.19
N LYS H 963 45.82 -75.58 44.70
CA LYS H 963 44.89 -75.62 45.82
C LYS H 963 43.69 -74.72 45.61
N LEU H 964 43.52 -74.15 44.43
CA LEU H 964 42.44 -73.20 44.18
C LEU H 964 41.08 -73.86 44.36
N GLN H 965 40.32 -73.39 45.35
CA GLN H 965 39.02 -73.96 45.67
C GLN H 965 37.86 -73.16 45.09
N MET H 966 38.13 -72.16 44.26
CA MET H 966 37.09 -71.45 43.52
C MET H 966 37.78 -70.55 42.51
N LEU H 967 37.08 -70.25 41.42
CA LEU H 967 37.66 -69.38 40.40
C LEU H 967 36.51 -68.70 39.66
N GLU H 968 36.14 -67.52 40.11
CA GLU H 968 35.04 -66.78 39.50
C GLU H 968 35.49 -66.16 38.17
N LEU H 969 34.63 -66.27 37.15
CA LEU H 969 34.95 -65.74 35.83
C LEU H 969 33.78 -64.97 35.22
N ASP H 970 32.78 -64.61 36.00
CA ASP H 970 31.58 -64.00 35.44
C ASP H 970 31.92 -62.72 34.68
N ASN H 971 31.28 -62.53 33.53
CA ASN H 971 31.43 -61.33 32.71
C ASN H 971 32.88 -61.09 32.29
N CYS H 972 33.70 -62.14 32.25
CA CYS H 972 35.08 -61.99 31.81
C CYS H 972 35.21 -61.81 30.31
N SER H 973 34.11 -61.93 29.56
CA SER H 973 34.12 -61.89 28.10
C SER H 973 34.99 -63.01 27.54
N LEU H 974 34.60 -64.24 27.86
CA LEU H 974 35.26 -65.43 27.35
C LEU H 974 34.64 -65.85 26.02
N THR H 975 35.17 -66.93 25.45
CA THR H 975 34.66 -67.49 24.21
C THR H 975 34.91 -68.99 24.20
N SER H 976 34.49 -69.64 23.12
CA SER H 976 34.51 -71.09 23.02
C SER H 976 35.84 -71.65 22.55
N HIS H 977 36.83 -70.81 22.27
CA HIS H 977 38.08 -71.31 21.71
C HIS H 977 38.90 -72.05 22.75
N SER H 978 38.94 -71.55 23.99
CA SER H 978 39.68 -72.19 25.08
C SER H 978 38.84 -73.23 25.81
N CYS H 979 37.88 -73.83 25.12
CA CYS H 979 36.88 -74.68 25.76
C CYS H 979 37.46 -76.03 26.14
N TRP H 980 38.35 -76.56 25.30
CA TRP H 980 39.15 -77.72 25.67
C TRP H 980 39.89 -77.48 26.97
N ASN H 981 40.31 -76.23 27.20
CA ASN H 981 40.98 -75.91 28.46
C ASN H 981 40.03 -76.11 29.64
N LEU H 982 38.76 -75.72 29.48
CA LEU H 982 37.77 -75.96 30.52
C LEU H 982 37.64 -77.45 30.79
N SER H 983 37.56 -78.24 29.72
CA SER H 983 37.46 -79.70 29.87
C SER H 983 38.67 -80.25 30.62
N THR H 984 39.86 -79.76 30.26
CA THR H 984 41.09 -80.21 30.91
C THR H 984 41.11 -79.85 32.39
N ILE H 985 40.68 -78.63 32.71
CA ILE H 985 40.65 -78.18 34.11
C ILE H 985 39.73 -79.09 34.93
N LEU H 986 38.54 -79.38 34.40
CA LEU H 986 37.66 -80.26 35.14
C LEU H 986 38.20 -81.69 35.24
N THR H 987 38.84 -82.20 34.19
CA THR H 987 39.32 -83.57 34.22
C THR H 987 40.55 -83.76 35.10
N HIS H 988 41.35 -82.72 35.32
CA HIS H 988 42.60 -82.89 36.06
C HIS H 988 42.60 -82.25 37.43
N ASN H 989 42.00 -81.08 37.60
CA ASN H 989 41.98 -80.42 38.91
C ASN H 989 41.06 -81.20 39.83
N HIS H 990 41.64 -81.89 40.82
CA HIS H 990 40.87 -82.63 41.81
C HIS H 990 40.52 -81.80 43.03
N SER H 991 41.02 -80.57 43.14
CA SER H 991 40.80 -79.73 44.31
C SER H 991 39.79 -78.63 44.08
N LEU H 992 39.68 -78.11 42.86
CA LEU H 992 38.71 -77.07 42.56
C LEU H 992 37.30 -77.59 42.80
N ARG H 993 36.49 -76.80 43.49
CA ARG H 993 35.15 -77.24 43.90
C ARG H 993 34.05 -76.24 43.59
N LYS H 994 34.32 -75.17 42.87
CA LYS H 994 33.29 -74.22 42.46
C LYS H 994 33.71 -73.58 41.16
N LEU H 995 32.84 -72.71 40.64
CA LEU H 995 33.11 -72.03 39.39
C LEU H 995 32.01 -71.01 39.15
N ASN H 996 32.25 -70.11 38.20
CA ASN H 996 31.26 -69.13 37.75
C ASN H 996 31.56 -68.76 36.30
N LEU H 997 30.56 -68.84 35.44
CA LEU H 997 30.75 -68.48 34.04
C LEU H 997 29.66 -67.57 33.51
N GLY H 998 29.00 -66.79 34.36
CA GLY H 998 27.92 -65.94 33.89
C GLY H 998 28.38 -64.94 32.85
N ASN H 999 27.46 -64.58 31.96
CA ASN H 999 27.72 -63.59 30.91
C ASN H 999 28.90 -63.99 30.04
N ASN H 1000 29.01 -65.29 29.73
CA ASN H 1000 30.07 -65.82 28.89
C ASN H 1000 29.44 -66.63 27.76
N ASP H 1001 29.55 -66.13 26.54
CA ASP H 1001 29.05 -66.83 25.36
C ASP H 1001 29.99 -67.99 25.05
N LEU H 1002 29.65 -69.18 25.53
CA LEU H 1002 30.48 -70.36 25.32
C LEU H 1002 29.95 -71.28 24.22
N GLY H 1003 28.68 -71.17 23.87
CA GLY H 1003 28.13 -71.98 22.81
C GLY H 1003 27.61 -73.32 23.30
N ASP H 1004 26.71 -73.90 22.50
CA ASP H 1004 26.06 -75.16 22.89
C ASP H 1004 27.04 -76.31 22.95
N LEU H 1005 27.99 -76.36 22.00
CA LEU H 1005 28.98 -77.43 22.02
C LEU H 1005 29.79 -77.40 23.31
N CYS H 1006 30.15 -76.20 23.78
CA CYS H 1006 30.88 -76.12 25.03
C CYS H 1006 30.04 -76.62 26.20
N VAL H 1007 28.76 -76.26 26.25
CA VAL H 1007 27.93 -76.70 27.37
C VAL H 1007 27.80 -78.22 27.37
N VAL H 1008 27.60 -78.83 26.20
CA VAL H 1008 27.43 -80.28 26.15
C VAL H 1008 28.75 -80.99 26.46
N THR H 1009 29.88 -80.42 26.03
CA THR H 1009 31.17 -81.00 26.39
C THR H 1009 31.41 -80.89 27.89
N LEU H 1010 31.05 -79.75 28.49
CA LEU H 1010 31.06 -79.62 29.94
C LEU H 1010 30.23 -80.71 30.60
N CYS H 1011 29.03 -80.96 30.07
CA CYS H 1011 28.17 -82.01 30.61
C CYS H 1011 28.88 -83.36 30.58
N GLU H 1012 29.38 -83.75 29.41
CA GLU H 1012 29.97 -85.08 29.28
C GLU H 1012 31.25 -85.21 30.09
N VAL H 1013 32.00 -84.12 30.26
CA VAL H 1013 33.15 -84.15 31.14
C VAL H 1013 32.71 -84.36 32.59
N LEU H 1014 31.66 -83.65 33.01
CA LEU H 1014 31.18 -83.78 34.37
C LEU H 1014 30.57 -85.15 34.66
N LYS H 1015 30.17 -85.88 33.61
CA LYS H 1015 29.47 -87.14 33.84
C LYS H 1015 30.31 -88.13 34.65
N GLN H 1016 31.61 -88.20 34.36
CA GLN H 1016 32.44 -89.23 34.98
C GLN H 1016 32.59 -88.97 36.48
N GLN H 1017 32.97 -90.04 37.19
CA GLN H 1017 33.19 -89.97 38.63
C GLN H 1017 34.51 -89.34 39.02
N GLY H 1018 35.37 -89.05 38.05
CA GLY H 1018 36.67 -88.44 38.34
C GLY H 1018 36.62 -86.96 38.63
N CYS H 1019 35.46 -86.34 38.55
CA CYS H 1019 35.30 -84.90 38.79
C CYS H 1019 34.64 -84.69 40.14
N LEU H 1020 35.27 -83.85 40.97
CA LEU H 1020 34.78 -83.56 42.32
C LEU H 1020 34.19 -82.16 42.43
N LEU H 1021 33.87 -81.51 41.31
CA LEU H 1021 33.26 -80.20 41.35
C LEU H 1021 31.90 -80.28 42.04
N GLN H 1022 31.65 -79.33 42.95
CA GLN H 1022 30.45 -79.33 43.77
C GLN H 1022 29.53 -78.14 43.53
N SER H 1023 29.81 -77.32 42.53
CA SER H 1023 28.93 -76.22 42.15
C SER H 1023 29.42 -75.62 40.85
N LEU H 1024 28.50 -75.00 40.12
CA LEU H 1024 28.82 -74.40 38.83
C LEU H 1024 27.64 -73.54 38.41
N GLN H 1025 27.94 -72.41 37.78
CA GLN H 1025 26.90 -71.47 37.38
C GLN H 1025 27.05 -71.11 35.91
N LEU H 1026 25.93 -71.08 35.21
CA LEU H 1026 25.83 -70.68 33.81
C LEU H 1026 24.70 -69.69 33.64
N GLY H 1027 24.64 -68.68 34.51
CA GLY H 1027 23.52 -67.77 34.48
C GLY H 1027 23.59 -66.80 33.30
N GLU H 1028 22.42 -66.45 32.77
CA GLU H 1028 22.25 -65.35 31.84
C GLU H 1028 22.98 -65.58 30.50
N MET H 1029 22.57 -66.63 29.80
CA MET H 1029 22.77 -66.72 28.36
C MET H 1029 21.68 -67.60 27.77
N TYR H 1030 21.70 -67.76 26.45
CA TYR H 1030 20.65 -68.45 25.70
C TYR H 1030 21.19 -69.78 25.19
N LEU H 1031 20.72 -70.87 25.79
CA LEU H 1031 21.13 -72.22 25.45
C LEU H 1031 20.12 -72.86 24.52
N ASN H 1032 20.24 -74.16 24.32
CA ASN H 1032 19.39 -74.93 23.41
C ASN H 1032 18.56 -75.93 24.20
N ARG H 1033 17.54 -76.49 23.53
CA ARG H 1033 16.70 -77.50 24.14
C ARG H 1033 17.50 -78.75 24.49
N GLU H 1034 18.35 -79.21 23.57
CA GLU H 1034 19.22 -80.34 23.87
C GLU H 1034 20.17 -80.02 25.01
N THR H 1035 20.66 -78.79 25.04
CA THR H 1035 21.49 -78.35 26.16
C THR H 1035 20.73 -78.46 27.48
N LYS H 1036 19.47 -78.02 27.49
CA LYS H 1036 18.66 -78.12 28.70
C LYS H 1036 18.44 -79.57 29.10
N ARG H 1037 18.23 -80.45 28.12
CA ARG H 1037 18.08 -81.87 28.43
C ARG H 1037 19.34 -82.43 29.06
N ALA H 1038 20.51 -82.08 28.51
CA ALA H 1038 21.77 -82.56 29.07
C ALA H 1038 21.97 -82.06 30.50
N LEU H 1039 21.66 -80.78 30.74
CA LEU H 1039 21.79 -80.23 32.08
C LEU H 1039 20.84 -80.89 33.06
N GLU H 1040 19.59 -81.11 32.65
CA GLU H 1040 18.65 -81.81 33.52
C GLU H 1040 19.14 -83.22 33.81
N ALA H 1041 19.68 -83.91 32.80
CA ALA H 1041 20.22 -85.25 33.03
C ALA H 1041 21.32 -85.22 34.08
N LEU H 1042 22.34 -84.38 33.87
CA LEU H 1042 23.45 -84.35 34.81
C LEU H 1042 22.99 -83.96 36.20
N GLN H 1043 21.93 -83.15 36.30
CA GLN H 1043 21.34 -82.92 37.62
C GLN H 1043 20.65 -84.18 38.15
N GLU H 1044 20.15 -85.03 37.25
CA GLU H 1044 19.41 -86.22 37.69
C GLU H 1044 20.35 -87.30 38.22
N GLU H 1045 21.30 -87.77 37.40
CA GLU H 1045 22.14 -88.87 37.86
C GLU H 1045 23.04 -88.47 39.03
N LYS H 1046 23.58 -87.26 39.02
CA LYS H 1046 24.36 -86.76 40.15
C LYS H 1046 23.69 -85.51 40.70
N PRO H 1047 23.01 -85.59 41.85
CA PRO H 1047 22.33 -84.39 42.39
C PRO H 1047 23.25 -83.46 43.17
N GLU H 1048 24.45 -83.90 43.56
CA GLU H 1048 25.33 -83.04 44.33
C GLU H 1048 25.88 -81.89 43.50
N LEU H 1049 26.11 -82.10 42.21
CA LEU H 1049 26.74 -81.11 41.35
C LEU H 1049 25.68 -80.10 40.92
N THR H 1050 25.54 -79.05 41.72
CA THR H 1050 24.52 -78.04 41.48
C THR H 1050 24.83 -77.23 40.23
N ILE H 1051 23.78 -76.81 39.53
CA ILE H 1051 23.90 -75.92 38.38
C ILE H 1051 22.90 -74.78 38.56
N VAL H 1052 23.26 -73.60 38.07
CA VAL H 1052 22.40 -72.43 38.13
C VAL H 1052 22.17 -71.98 36.69
N PHE H 1053 22.07 -72.96 35.79
CA PHE H 1053 22.00 -72.67 34.36
C PHE H 1053 20.84 -71.74 34.02
N GLU H 1054 19.71 -71.89 34.71
CA GLU H 1054 18.54 -71.09 34.40
C GLU H 1054 18.83 -69.61 34.64
N ILE H 1055 18.45 -68.78 33.67
CA ILE H 1055 18.72 -67.36 33.74
C ILE H 1055 17.81 -66.70 34.77
N ASP I 155 -7.26 22.03 47.01
CA ASP I 155 -6.22 21.00 47.03
C ASP I 155 -5.60 20.88 48.42
N TYR I 156 -5.11 19.67 48.72
CA TYR I 156 -4.51 19.42 50.03
C TYR I 156 -3.25 20.26 50.21
N CYS I 157 -2.41 20.34 49.18
CA CYS I 157 -1.18 21.10 49.27
C CYS I 157 -1.46 22.59 49.48
N LYS I 158 -2.49 23.12 48.80
CA LYS I 158 -2.82 24.53 48.95
C LYS I 158 -3.24 24.85 50.38
N MET I 159 -4.11 24.02 50.97
CA MET I 159 -4.56 24.26 52.33
C MET I 159 -3.43 24.11 53.33
N TYR I 160 -2.58 23.09 53.13
CA TYR I 160 -1.45 22.90 54.04
C TYR I 160 -0.47 24.07 53.95
N ARG I 161 -0.25 24.57 52.73
CA ARG I 161 0.61 25.74 52.55
C ARG I 161 0.02 26.97 53.21
N ARG I 162 -1.29 27.16 53.09
CA ARG I 162 -1.94 28.28 53.78
C ARG I 162 -1.78 28.16 55.28
N HIS I 163 -1.94 26.94 55.82
CA HIS I 163 -1.79 26.74 57.26
C HIS I 163 -0.37 27.04 57.72
N VAL I 164 0.62 26.57 56.97
CA VAL I 164 2.00 26.83 57.40
C VAL I 164 2.38 28.29 57.18
N ARG I 165 1.72 28.97 56.22
CA ARG I 165 1.89 30.41 56.10
C ARG I 165 1.33 31.12 57.32
N SER I 166 0.16 30.68 57.81
CA SER I 166 -0.41 31.24 59.01
C SER I 166 0.51 31.01 60.21
N ARG I 167 1.07 29.80 60.32
CA ARG I 167 1.97 29.50 61.42
C ARG I 167 3.25 30.34 61.36
N PHE I 168 3.83 30.47 60.16
CA PHE I 168 5.15 31.07 60.00
C PHE I 168 5.08 32.52 59.50
N TYR I 169 3.90 33.15 59.58
CA TYR I 169 3.80 34.55 59.21
C TYR I 169 4.64 35.45 60.12
N SER I 170 4.63 35.17 61.42
CA SER I 170 5.37 35.95 62.39
C SER I 170 6.30 35.03 63.18
N ILE I 171 7.26 35.65 63.87
CA ILE I 171 8.22 34.91 64.67
C ILE I 171 8.12 35.34 66.14
N SER I 181 3.11 39.49 67.71
CA SER I 181 4.56 39.59 67.78
C SER I 181 5.11 40.48 66.67
N VAL I 182 6.20 40.04 66.05
CA VAL I 182 6.88 40.80 65.00
C VAL I 182 6.78 40.04 63.70
N ASP I 183 6.52 40.77 62.62
CA ASP I 183 6.40 40.15 61.30
C ASP I 183 7.75 39.63 60.83
N LEU I 184 7.73 38.51 60.11
CA LEU I 184 8.97 37.85 59.71
C LEU I 184 9.59 38.51 58.48
N ASN I 185 8.86 38.51 57.36
CA ASN I 185 9.44 38.96 56.10
C ASN I 185 9.83 40.43 56.13
N SER I 186 9.00 41.27 56.74
CA SER I 186 9.31 42.70 56.80
C SER I 186 10.60 42.94 57.57
N ARG I 187 10.79 42.24 58.68
CA ARG I 187 12.03 42.33 59.44
C ARG I 187 13.13 41.46 58.87
N TYR I 188 12.81 40.58 57.92
CA TYR I 188 13.80 39.69 57.34
C TYR I 188 14.81 40.45 56.48
N THR I 189 16.06 39.99 56.51
CA THR I 189 17.11 40.52 55.67
C THR I 189 17.95 39.35 55.15
N GLN I 190 18.45 39.49 53.93
CA GLN I 190 19.18 38.42 53.29
C GLN I 190 20.52 38.17 54.00
N LEU I 191 21.01 36.94 53.88
CA LEU I 191 22.25 36.50 54.50
C LEU I 191 23.22 36.01 53.42
N GLN I 192 24.48 35.88 53.81
CA GLN I 192 25.53 35.38 52.95
C GLN I 192 25.89 33.96 53.38
N LEU I 193 25.79 33.01 52.45
CA LEU I 193 26.11 31.62 52.70
C LEU I 193 27.00 31.10 51.58
N VAL I 194 27.99 30.30 51.94
CA VAL I 194 28.94 29.73 50.99
C VAL I 194 29.06 28.23 51.26
N LYS I 195 29.10 27.45 50.19
CA LYS I 195 29.28 26.01 50.32
C LYS I 195 30.72 25.68 50.69
N GLU I 196 30.89 24.80 51.66
CA GLU I 196 32.21 24.39 52.11
C GLU I 196 32.64 23.09 51.43
N SER I 222 29.21 32.61 46.05
CA SER I 222 28.20 32.31 47.05
C SER I 222 27.10 31.45 46.47
N LEU I 223 26.61 30.49 47.26
CA LEU I 223 25.53 29.62 46.84
C LEU I 223 24.19 30.31 47.05
N LYS I 224 23.45 30.51 45.97
CA LYS I 224 22.16 31.19 46.05
C LYS I 224 21.10 30.26 46.63
N LEU I 225 20.13 30.86 47.32
CA LEU I 225 19.07 30.09 47.96
C LEU I 225 18.18 29.40 46.93
N GLU I 226 17.88 30.08 45.81
CA GLU I 226 17.10 29.47 44.76
C GLU I 226 17.85 28.35 44.05
N LEU I 227 19.17 28.28 44.22
CA LEU I 227 20.02 27.29 43.58
C LEU I 227 20.42 26.20 44.56
N LEU I 228 19.49 25.79 45.43
CA LEU I 228 19.82 24.89 46.53
C LEU I 228 20.05 23.46 46.06
N PHE I 229 19.02 22.81 45.51
CA PHE I 229 19.02 21.36 45.35
C PHE I 229 19.39 20.90 43.94
N GLU I 230 19.62 21.80 43.00
CA GLU I 230 20.05 21.23 41.74
C GLU I 230 21.53 20.83 41.83
N PRO I 231 21.91 19.70 41.23
CA PRO I 231 23.31 19.26 41.30
C PRO I 231 24.17 20.06 40.35
N GLU I 232 25.25 20.64 40.88
CA GLU I 232 26.20 21.35 40.03
C GLU I 232 26.87 20.40 39.04
N ASP I 233 27.10 19.17 39.46
CA ASP I 233 27.65 18.12 38.61
C ASP I 233 26.58 17.07 38.35
N GLY I 234 26.55 16.53 37.14
CA GLY I 234 25.50 15.62 36.73
C GLY I 234 25.57 14.25 37.37
N HIS I 235 26.65 13.99 38.10
CA HIS I 235 26.88 12.71 38.76
C HIS I 235 26.97 12.89 40.27
N SER I 236 26.03 13.64 40.82
CA SER I 236 25.97 13.88 42.26
C SER I 236 25.15 12.79 42.93
N GLU I 237 25.68 12.21 43.99
CA GLU I 237 24.91 11.28 44.80
C GLU I 237 23.74 12.04 45.45
N PRO I 238 22.67 11.32 45.89
CA PRO I 238 21.39 11.99 46.22
C PRO I 238 21.53 13.36 46.89
N VAL I 239 20.94 14.36 46.24
CA VAL I 239 21.07 15.77 46.63
C VAL I 239 20.30 16.01 47.92
N HIS I 240 19.64 14.97 48.43
CA HIS I 240 18.70 15.09 49.52
C HIS I 240 19.36 15.22 50.88
N THR I 241 20.69 15.24 50.94
CA THR I 241 21.45 15.30 52.19
C THR I 241 22.32 16.55 52.18
N VAL I 242 21.76 17.64 52.71
CA VAL I 242 22.46 18.92 52.83
C VAL I 242 22.44 19.32 54.29
N VAL I 243 23.61 19.70 54.82
CA VAL I 243 23.78 20.08 56.21
C VAL I 243 24.20 21.54 56.24
N PHE I 244 23.77 22.25 57.28
CA PHE I 244 24.03 23.68 57.43
C PHE I 244 24.77 23.94 58.73
N GLN I 245 25.70 24.90 58.67
CA GLN I 245 26.50 25.30 59.82
C GLN I 245 26.42 26.80 60.00
N GLY I 246 26.60 27.24 61.25
CA GLY I 246 26.55 28.65 61.55
C GLY I 246 26.70 28.86 63.04
N ALA I 247 26.94 30.12 63.40
CA ALA I 247 27.17 30.49 64.79
C ALA I 247 25.84 30.53 65.55
N ALA I 248 25.92 30.90 66.83
CA ALA I 248 24.72 31.10 67.63
C ALA I 248 24.05 32.40 67.22
N GLY I 249 22.80 32.31 66.77
CA GLY I 249 22.10 33.48 66.27
C GLY I 249 22.41 33.84 64.84
N ILE I 250 23.06 32.95 64.09
CA ILE I 250 23.40 33.24 62.70
C ILE I 250 22.15 33.32 61.82
N GLY I 251 21.11 32.55 62.15
CA GLY I 251 19.89 32.59 61.38
C GLY I 251 19.49 31.27 60.77
N LYS I 252 19.90 30.16 61.38
CA LYS I 252 19.48 28.84 60.91
C LYS I 252 17.97 28.68 61.06
N THR I 253 17.43 29.02 62.23
CA THR I 253 15.99 28.92 62.44
C THR I 253 15.25 29.90 61.54
N ILE I 254 15.78 31.12 61.40
CA ILE I 254 15.14 32.10 60.53
C ILE I 254 15.22 31.66 59.08
N LEU I 255 16.33 31.06 58.68
CA LEU I 255 16.43 30.52 57.32
C LEU I 255 15.40 29.42 57.09
N ALA I 256 15.24 28.52 58.08
CA ALA I 256 14.27 27.44 57.94
C ALA I 256 12.86 28.00 57.82
N ARG I 257 12.50 28.94 58.70
CA ARG I 257 11.17 29.53 58.64
C ARG I 257 10.94 30.32 57.36
N LYS I 258 11.99 30.99 56.87
CA LYS I 258 11.88 31.75 55.64
C LYS I 258 11.67 30.84 54.43
N ILE I 259 12.40 29.72 54.37
CA ILE I 259 12.20 28.81 53.25
C ILE I 259 10.83 28.15 53.34
N MET I 260 10.36 27.84 54.56
CA MET I 260 9.03 27.29 54.71
C MET I 260 7.96 28.30 54.26
N LEU I 261 8.15 29.58 54.59
CA LEU I 261 7.18 30.59 54.19
C LEU I 261 7.23 30.84 52.68
N ASP I 262 8.42 30.77 52.08
CA ASP I 262 8.52 30.87 50.62
C ASP I 262 7.79 29.71 49.96
N TRP I 263 7.97 28.50 50.48
CA TRP I 263 7.22 27.36 49.98
C TRP I 263 5.73 27.49 50.25
N ALA I 264 5.34 28.29 51.25
CA ALA I 264 3.94 28.55 51.54
C ALA I 264 3.37 29.71 50.74
N LEU I 265 4.21 30.46 50.03
CA LEU I 265 3.77 31.65 49.31
C LEU I 265 3.82 31.49 47.80
N GLY I 266 4.19 30.32 47.30
CA GLY I 266 4.28 30.11 45.87
C GLY I 266 5.59 30.53 45.23
N LYS I 267 6.68 30.61 46.00
CA LYS I 267 7.96 31.11 45.50
C LYS I 267 8.90 29.99 45.07
N LEU I 268 9.22 29.07 45.99
CA LEU I 268 10.19 28.02 45.72
C LEU I 268 9.58 26.65 46.00
N PHE I 269 10.05 25.66 45.24
CA PHE I 269 9.60 24.27 45.36
C PHE I 269 8.12 24.12 45.02
N LYS I 270 7.73 24.70 43.88
CA LYS I 270 6.40 24.52 43.33
C LYS I 270 6.40 23.51 42.18
N ASP I 271 7.20 23.76 41.15
CA ASP I 271 7.39 22.82 40.06
C ASP I 271 8.41 21.75 40.38
N LYS I 272 9.19 21.93 41.45
CA LYS I 272 10.23 20.98 41.85
C LYS I 272 9.77 20.03 42.94
N PHE I 273 9.24 20.57 44.03
CA PHE I 273 8.72 19.78 45.14
C PHE I 273 7.24 20.10 45.33
N ASP I 274 6.60 19.34 46.22
CA ASP I 274 5.18 19.55 46.49
C ASP I 274 4.90 19.69 47.97
N TYR I 275 5.66 18.99 48.81
CA TYR I 275 5.44 18.97 50.25
C TYR I 275 6.72 19.34 50.98
N LEU I 276 6.58 20.18 52.02
CA LEU I 276 7.67 20.51 52.93
C LEU I 276 7.18 20.35 54.35
N PHE I 277 7.95 19.64 55.17
CA PHE I 277 7.60 19.37 56.55
C PHE I 277 8.64 19.96 57.50
N PHE I 278 8.21 20.22 58.73
CA PHE I 278 9.04 20.84 59.75
C PHE I 278 9.09 19.94 60.97
N ILE I 279 10.30 19.58 61.40
CA ILE I 279 10.53 18.75 62.58
C ILE I 279 11.52 19.48 63.47
N HIS I 280 11.20 19.58 64.76
CA HIS I 280 12.03 20.29 65.71
C HIS I 280 12.46 19.36 66.83
N CYS I 281 13.74 19.45 67.19
CA CYS I 281 14.30 18.55 68.21
C CYS I 281 13.71 18.83 69.58
N ARG I 282 13.46 20.09 69.92
CA ARG I 282 12.90 20.42 71.22
C ARG I 282 11.51 19.81 71.40
N GLU I 283 10.68 19.89 70.36
CA GLU I 283 9.34 19.33 70.45
C GLU I 283 9.36 17.81 70.41
N VAL I 284 10.27 17.23 69.63
CA VAL I 284 10.38 15.77 69.50
C VAL I 284 11.30 15.28 70.62
N SER I 285 10.70 14.87 71.74
CA SER I 285 11.48 14.37 72.87
C SER I 285 12.03 12.99 72.55
N LEU I 286 13.29 12.75 72.94
CA LEU I 286 13.94 11.48 72.66
C LEU I 286 13.47 10.34 73.56
N ARG I 287 12.91 10.65 74.74
CA ARG I 287 12.47 9.63 75.66
C ARG I 287 11.21 8.92 75.21
N THR I 288 10.34 9.61 74.48
CA THR I 288 9.09 9.01 74.01
C THR I 288 9.29 8.48 72.59
N PRO I 289 9.21 7.16 72.37
CA PRO I 289 9.29 6.64 71.00
C PRO I 289 8.13 7.16 70.16
N ARG I 290 8.41 7.43 68.89
CA ARG I 290 7.43 7.98 67.98
C ARG I 290 7.64 7.40 66.58
N SER I 291 6.77 7.82 65.66
CA SER I 291 6.85 7.43 64.26
C SER I 291 6.77 8.68 63.39
N LEU I 292 7.01 8.49 62.09
CA LEU I 292 6.86 9.59 61.15
C LEU I 292 5.41 10.06 61.07
N ALA I 293 4.46 9.18 61.36
CA ALA I 293 3.05 9.56 61.38
C ALA I 293 2.80 10.63 62.44
N ASP I 294 3.42 10.48 63.62
CA ASP I 294 3.27 11.47 64.67
C ASP I 294 3.79 12.84 64.21
N LEU I 295 4.95 12.85 63.56
CA LEU I 295 5.52 14.11 63.09
C LEU I 295 4.64 14.74 62.01
N ILE I 296 4.10 13.92 61.10
CA ILE I 296 3.22 14.46 60.07
C ILE I 296 1.95 15.03 60.68
N VAL I 297 1.36 14.32 61.64
CA VAL I 297 0.14 14.80 62.29
C VAL I 297 0.42 16.11 63.03
N SER I 298 1.55 16.19 63.72
CA SER I 298 1.90 17.43 64.40
C SER I 298 2.09 18.57 63.41
N CYS I 299 2.73 18.29 62.27
CA CYS I 299 2.96 19.32 61.27
C CYS I 299 1.69 19.65 60.51
N TRP I 300 0.85 18.66 60.22
CA TRP I 300 -0.42 18.91 59.57
C TRP I 300 -1.37 19.64 60.52
N PRO I 301 -2.15 20.60 60.02
CA PRO I 301 -3.13 21.26 60.89
C PRO I 301 -4.24 20.31 61.31
N ASP I 302 -4.69 19.49 60.38
CA ASP I 302 -5.71 18.50 60.67
C ASP I 302 -5.07 17.31 61.40
N PRO I 303 -5.59 16.92 62.57
CA PRO I 303 -5.07 15.71 63.23
C PRO I 303 -5.34 14.42 62.48
N ASN I 304 -6.04 14.47 61.35
CA ASN I 304 -6.35 13.29 60.54
C ASN I 304 -5.90 13.56 59.11
N PRO I 305 -4.60 13.53 58.85
CA PRO I 305 -4.11 13.77 57.49
C PRO I 305 -4.26 12.54 56.63
N PRO I 306 -4.35 12.69 55.31
CA PRO I 306 -4.40 11.52 54.43
C PRO I 306 -3.06 10.82 54.36
N VAL I 307 -2.72 10.06 55.42
CA VAL I 307 -1.40 9.42 55.51
C VAL I 307 -1.20 8.46 54.35
N CYS I 308 -2.26 7.76 53.94
CA CYS I 308 -2.14 6.85 52.80
C CYS I 308 -1.82 7.60 51.51
N LYS I 309 -2.42 8.77 51.31
CA LYS I 309 -2.21 9.53 50.09
C LYS I 309 -0.86 10.24 50.03
N ILE I 310 -0.30 10.63 51.18
CA ILE I 310 0.87 11.50 51.20
C ILE I 310 2.18 10.75 51.37
N LEU I 311 2.16 9.43 51.45
CA LEU I 311 3.38 8.64 51.63
C LEU I 311 3.71 7.79 50.41
N ARG I 312 3.47 8.32 49.20
CA ARG I 312 3.72 7.58 47.97
C ARG I 312 4.86 8.14 47.14
N LYS I 313 5.08 9.44 47.16
CA LYS I 313 6.13 10.09 46.37
C LYS I 313 7.01 10.90 47.31
N PRO I 314 8.02 10.27 47.92
CA PRO I 314 8.92 11.01 48.83
C PRO I 314 9.77 12.05 48.12
N SER I 315 9.88 12.00 46.78
CA SER I 315 10.71 12.97 46.07
C SER I 315 10.26 14.39 46.34
N ARG I 316 8.94 14.62 46.34
CA ARG I 316 8.38 15.94 46.59
C ARG I 316 8.13 16.22 48.07
N ILE I 317 8.83 15.51 48.96
CA ILE I 317 8.71 15.69 50.39
C ILE I 317 10.09 15.98 50.97
N LEU I 318 10.20 17.05 51.75
CA LEU I 318 11.45 17.45 52.38
C LEU I 318 11.22 17.60 53.88
N PHE I 319 12.02 16.90 54.67
CA PHE I 319 11.97 16.94 56.13
C PHE I 319 13.08 17.86 56.63
N LEU I 320 12.73 18.78 57.51
CA LEU I 320 13.67 19.76 58.03
C LEU I 320 13.97 19.44 59.49
N MET I 321 15.26 19.36 59.82
CA MET I 321 15.72 19.12 61.19
C MET I 321 16.52 20.34 61.64
N ASP I 322 15.89 21.19 62.43
CA ASP I 322 16.51 22.39 62.95
C ASP I 322 16.99 22.16 64.38
N GLY I 323 18.10 22.82 64.72
CA GLY I 323 18.66 22.65 66.05
C GLY I 323 19.13 21.24 66.34
N PHE I 324 19.91 20.67 65.42
CA PHE I 324 20.39 19.29 65.54
C PHE I 324 21.18 19.04 66.81
N ASP I 325 21.54 20.07 67.55
CA ASP I 325 22.37 19.90 68.74
C ASP I 325 21.65 19.21 69.90
N GLU I 326 20.49 18.59 69.67
CA GLU I 326 19.73 17.92 70.71
C GLU I 326 19.33 16.50 70.30
N LEU I 327 20.18 15.82 69.52
CA LEU I 327 19.78 14.53 68.95
C LEU I 327 20.76 13.39 69.22
N GLN I 328 22.06 13.69 69.26
CA GLN I 328 23.07 12.64 69.38
C GLN I 328 23.31 12.21 70.82
N GLY I 329 22.35 12.41 71.72
CA GLY I 329 22.53 11.99 73.09
C GLY I 329 22.82 10.52 73.27
N ALA I 330 22.43 9.68 72.29
CA ALA I 330 22.68 8.26 72.35
C ALA I 330 23.09 7.66 71.01
N PHE I 331 23.52 8.50 70.06
CA PHE I 331 23.98 7.96 68.77
C PHE I 331 25.26 7.15 68.94
N ASP I 332 26.05 7.46 69.97
CA ASP I 332 27.32 6.77 70.20
C ASP I 332 27.12 5.31 70.59
N GLU I 333 25.90 4.91 70.94
CA GLU I 333 25.59 3.54 71.29
C GLU I 333 24.52 2.91 70.41
N HIS I 334 23.73 3.71 69.70
CA HIS I 334 22.63 3.22 68.87
C HIS I 334 23.02 3.16 67.39
N ILE I 335 24.27 2.81 67.10
CA ILE I 335 24.73 2.77 65.72
C ILE I 335 24.01 1.67 64.93
N GLY I 336 23.87 0.49 65.53
CA GLY I 336 23.31 -0.66 64.86
C GLY I 336 21.81 -0.81 64.88
N GLU I 337 21.09 0.10 65.53
CA GLU I 337 19.63 0.01 65.60
C GLU I 337 19.03 0.79 64.44
N VAL I 338 18.36 0.08 63.53
CA VAL I 338 17.87 0.63 62.28
C VAL I 338 16.38 0.35 62.17
N CYS I 339 15.59 1.40 61.90
CA CYS I 339 14.15 1.26 61.70
C CYS I 339 13.79 1.83 60.32
N THR I 340 12.96 1.08 59.59
CA THR I 340 12.57 1.49 58.24
C THR I 340 11.07 1.57 58.04
N ASP I 341 10.26 1.26 59.05
CA ASP I 341 8.82 1.34 58.94
C ASP I 341 8.35 2.72 59.40
N TRP I 342 7.65 3.42 58.51
CA TRP I 342 7.17 4.77 58.85
C TRP I 342 6.14 4.74 59.97
N GLN I 343 5.39 3.65 60.10
CA GLN I 343 4.37 3.52 61.13
C GLN I 343 4.90 2.94 62.43
N LYS I 344 6.18 2.56 62.47
CA LYS I 344 6.74 1.95 63.66
C LYS I 344 7.13 3.01 64.68
N ALA I 345 6.78 2.76 65.94
CA ALA I 345 7.06 3.69 67.04
C ALA I 345 8.37 3.30 67.69
N VAL I 346 9.44 4.04 67.37
CA VAL I 346 10.76 3.82 67.91
C VAL I 346 11.27 5.17 68.42
N ARG I 347 12.27 5.10 69.32
CA ARG I 347 12.87 6.31 69.88
C ARG I 347 13.21 7.31 68.79
N GLY I 348 13.04 8.60 69.12
CA GLY I 348 13.23 9.64 68.13
C GLY I 348 14.64 9.67 67.56
N ASP I 349 15.64 9.55 68.42
CA ASP I 349 17.02 9.60 67.96
C ASP I 349 17.31 8.47 66.98
N ILE I 350 16.88 7.24 67.32
CA ILE I 350 17.12 6.10 66.43
C ILE I 350 16.40 6.29 65.10
N LEU I 351 15.16 6.78 65.15
CA LEU I 351 14.40 6.99 63.92
C LEU I 351 15.07 8.01 63.02
N LEU I 352 15.53 9.13 63.59
CA LEU I 352 16.18 10.14 62.77
C LEU I 352 17.52 9.66 62.25
N SER I 353 18.25 8.87 63.05
CA SER I 353 19.49 8.27 62.55
C SER I 353 19.22 7.34 61.38
N SER I 354 18.11 6.60 61.43
CA SER I 354 17.72 5.79 60.28
C SER I 354 17.38 6.66 59.08
N LEU I 355 16.70 7.78 59.31
CA LEU I 355 16.35 8.69 58.21
C LEU I 355 17.59 9.26 57.54
N ILE I 356 18.62 9.60 58.32
CA ILE I 356 19.78 10.32 57.77
C ILE I 356 20.47 9.50 56.69
N ARG I 357 20.72 8.21 56.96
CA ARG I 357 21.49 7.38 56.05
C ARG I 357 20.69 6.92 54.83
N LYS I 358 19.50 7.49 54.60
CA LYS I 358 18.70 7.21 53.41
C LYS I 358 18.32 5.73 53.30
N LYS I 359 17.60 5.26 54.31
CA LYS I 359 16.99 3.93 54.27
C LYS I 359 15.51 3.92 54.64
N LEU I 360 15.04 4.86 55.44
CA LEU I 360 13.61 5.08 55.66
C LEU I 360 13.19 6.24 54.77
N LEU I 361 12.30 5.97 53.81
CA LEU I 361 12.03 6.88 52.71
C LEU I 361 13.35 7.35 52.08
N PRO I 362 14.13 6.43 51.50
CA PRO I 362 15.48 6.78 51.08
C PRO I 362 15.54 7.85 50.02
N LYS I 363 14.48 8.01 49.23
CA LYS I 363 14.47 8.97 48.13
C LYS I 363 13.81 10.28 48.53
N ALA I 364 13.37 10.40 49.78
CA ALA I 364 12.85 11.66 50.31
C ALA I 364 14.00 12.64 50.53
N SER I 365 13.65 13.88 50.87
CA SER I 365 14.63 14.94 51.05
C SER I 365 14.81 15.28 52.52
N LEU I 366 16.03 15.69 52.87
CA LEU I 366 16.37 16.09 54.22
C LEU I 366 17.17 17.38 54.20
N LEU I 367 16.88 18.27 55.15
CA LEU I 367 17.62 19.53 55.33
C LEU I 367 17.89 19.71 56.81
N ILE I 368 19.15 19.62 57.21
CA ILE I 368 19.55 19.66 58.62
C ILE I 368 20.37 20.91 58.86
N THR I 369 19.98 21.67 59.89
CA THR I 369 20.73 22.86 60.31
C THR I 369 21.38 22.56 61.66
N THR I 370 22.70 22.68 61.71
CA THR I 370 23.47 22.27 62.88
C THR I 370 24.47 23.36 63.27
N ARG I 371 24.85 23.36 64.54
CA ARG I 371 26.07 24.05 64.94
C ARG I 371 27.28 23.29 64.39
N PRO I 372 28.32 24.00 63.98
CA PRO I 372 29.47 23.33 63.35
C PRO I 372 30.38 22.59 64.32
N VAL I 373 30.05 22.57 65.61
CA VAL I 373 31.02 22.15 66.62
C VAL I 373 31.33 20.66 66.52
N ALA I 374 30.30 19.83 66.41
CA ALA I 374 30.44 18.38 66.58
C ALA I 374 29.89 17.61 65.38
N LEU I 375 30.29 18.02 64.18
CA LEU I 375 29.91 17.29 62.98
C LEU I 375 30.77 16.06 62.73
N GLU I 376 31.86 15.89 63.48
CA GLU I 376 32.86 14.88 63.14
C GLU I 376 32.25 13.49 63.01
N LYS I 377 31.41 13.10 63.96
CA LYS I 377 30.76 11.80 63.87
C LYS I 377 29.61 11.81 62.87
N LEU I 378 28.89 12.93 62.77
CA LEU I 378 27.69 12.94 61.94
C LEU I 378 28.00 12.70 60.47
N GLN I 379 29.18 13.13 60.01
CA GLN I 379 29.55 12.90 58.62
C GLN I 379 29.66 11.41 58.31
N HIS I 380 29.92 10.58 59.32
CA HIS I 380 29.87 9.14 59.11
C HIS I 380 28.46 8.68 58.76
N LEU I 381 27.45 9.25 59.43
CA LEU I 381 26.06 8.93 59.13
C LEU I 381 25.58 9.56 57.83
N LEU I 382 26.37 10.44 57.23
CA LEU I 382 25.95 11.18 56.04
C LEU I 382 26.41 10.46 54.78
N ASP I 383 25.52 10.39 53.80
CA ASP I 383 25.78 9.74 52.51
C ASP I 383 25.92 10.84 51.46
N HIS I 384 27.15 11.28 51.23
CA HIS I 384 27.48 12.35 50.29
C HIS I 384 26.63 13.59 50.58
N PRO I 385 26.86 14.28 51.69
CA PRO I 385 26.08 15.49 51.99
C PRO I 385 26.68 16.71 51.33
N ARG I 386 26.07 17.87 51.56
CA ARG I 386 26.65 19.16 51.16
C ARG I 386 26.66 20.06 52.38
N HIS I 387 27.86 20.39 52.86
CA HIS I 387 28.01 21.26 54.02
C HIS I 387 28.02 22.71 53.57
N VAL I 388 27.04 23.47 54.02
CA VAL I 388 26.92 24.89 53.66
C VAL I 388 26.93 25.71 54.95
N GLU I 389 27.81 26.69 55.01
CA GLU I 389 27.91 27.57 56.16
C GLU I 389 27.18 28.88 55.88
N ILE I 390 26.67 29.51 56.94
CA ILE I 390 25.97 30.78 56.84
C ILE I 390 26.80 31.83 57.57
N LEU I 391 27.06 32.95 56.89
CA LEU I 391 27.91 33.99 57.43
C LEU I 391 27.15 35.21 57.92
N GLY I 392 25.89 35.37 57.56
CA GLY I 392 25.10 36.49 58.06
C GLY I 392 25.14 37.72 57.17
N PHE I 393 24.93 38.88 57.78
CA PHE I 393 24.79 40.12 57.02
C PHE I 393 26.12 40.59 56.46
N SER I 394 26.03 41.39 55.40
CA SER I 394 27.12 42.24 54.96
C SER I 394 26.81 43.67 55.37
N GLU I 395 27.62 44.63 54.92
CA GLU I 395 27.39 46.03 55.26
C GLU I 395 26.04 46.50 54.74
N ALA I 396 25.77 46.29 53.45
CA ALA I 396 24.49 46.70 52.88
C ALA I 396 23.34 45.96 53.53
N LYS I 397 23.51 44.66 53.79
CA LYS I 397 22.47 43.90 54.47
C LYS I 397 22.25 44.40 55.89
N ARG I 398 23.32 44.79 56.58
CA ARG I 398 23.17 45.37 57.92
C ARG I 398 22.35 46.65 57.86
N LYS I 399 22.66 47.54 56.91
CA LYS I 399 21.91 48.78 56.77
C LYS I 399 20.45 48.50 56.45
N GLU I 400 20.20 47.53 55.57
CA GLU I 400 18.83 47.14 55.27
C GLU I 400 18.12 46.64 56.53
N TYR I 401 18.83 45.89 57.37
CA TYR I 401 18.20 45.38 58.59
C TYR I 401 17.84 46.51 59.54
N PHE I 402 18.74 47.49 59.72
CA PHE I 402 18.37 48.62 60.58
C PHE I 402 17.20 49.41 59.99
N PHE I 403 17.16 49.54 58.66
CA PHE I 403 16.00 50.18 58.04
C PHE I 403 14.71 49.42 58.32
N LYS I 404 14.76 48.08 58.22
CA LYS I 404 13.58 47.27 58.42
C LYS I 404 13.19 47.11 59.89
N TYR I 405 14.08 47.46 60.81
CA TYR I 405 13.77 47.35 62.23
C TYR I 405 13.01 48.57 62.75
N PHE I 406 13.64 49.74 62.67
CA PHE I 406 13.04 50.95 63.22
C PHE I 406 11.96 51.50 62.29
N SER I 407 10.90 52.03 62.88
CA SER I 407 9.84 52.66 62.11
C SER I 407 10.18 54.08 61.69
N ASN I 408 11.26 54.65 62.22
CA ASN I 408 11.72 55.99 61.85
C ASN I 408 12.98 55.86 61.00
N GLU I 409 12.96 56.47 59.82
CA GLU I 409 14.13 56.44 58.95
C GLU I 409 15.29 57.20 59.60
N LEU I 410 15.00 58.35 60.22
CA LEU I 410 16.05 59.14 60.85
C LEU I 410 16.69 58.39 62.01
N GLN I 411 15.89 57.72 62.83
CA GLN I 411 16.44 56.94 63.92
C GLN I 411 17.29 55.78 63.41
N ALA I 412 16.84 55.13 62.33
CA ALA I 412 17.64 54.07 61.72
C ALA I 412 18.97 54.60 61.20
N ARG I 413 18.96 55.77 60.57
CA ARG I 413 20.20 56.36 60.08
C ARG I 413 21.13 56.73 61.22
N GLU I 414 20.59 57.26 62.32
CA GLU I 414 21.42 57.58 63.47
C GLU I 414 22.01 56.31 64.08
N ALA I 415 21.22 55.24 64.15
CA ALA I 415 21.73 53.97 64.63
C ALA I 415 22.84 53.44 63.74
N PHE I 416 22.66 53.55 62.42
CA PHE I 416 23.69 53.13 61.48
C PHE I 416 24.98 53.94 61.67
N ARG I 417 24.83 55.26 61.82
CA ARG I 417 26.00 56.11 62.02
C ARG I 417 26.74 55.76 63.31
N LEU I 418 26.00 55.54 64.40
CA LEU I 418 26.66 55.17 65.65
C LEU I 418 27.24 53.77 65.59
N ILE I 419 26.71 52.89 64.73
CA ILE I 419 27.33 51.60 64.51
C ILE I 419 28.69 51.77 63.84
N GLN I 420 28.77 52.61 62.81
CA GLN I 420 30.10 52.91 62.27
C GLN I 420 30.96 53.76 63.19
N GLU I 421 30.37 54.36 64.23
CA GLU I 421 31.20 55.06 65.22
C GLU I 421 32.11 54.08 65.95
N ASN I 422 31.62 52.90 66.26
CA ASN I 422 32.39 51.86 66.94
C ASN I 422 32.68 50.75 65.94
N GLU I 423 33.96 50.63 65.55
CA GLU I 423 34.34 49.60 64.58
C GLU I 423 34.08 48.20 65.14
N VAL I 424 34.35 48.00 66.43
CA VAL I 424 34.16 46.68 67.03
C VAL I 424 32.69 46.26 66.96
N LEU I 425 31.78 47.18 67.30
CA LEU I 425 30.36 46.86 67.25
C LEU I 425 29.90 46.62 65.82
N PHE I 426 30.41 47.41 64.88
CA PHE I 426 30.05 47.21 63.48
C PHE I 426 30.50 45.84 62.99
N THR I 427 31.69 45.41 63.39
CA THR I 427 32.15 44.06 63.03
C THR I 427 31.29 43.00 63.70
N MET I 428 30.93 43.20 64.97
CA MET I 428 30.09 42.24 65.68
C MET I 428 28.70 42.15 65.06
N CYS I 429 28.22 43.20 64.41
CA CYS I 429 26.88 43.17 63.82
C CYS I 429 26.77 42.25 62.61
N PHE I 430 27.76 41.45 62.24
CA PHE I 430 27.53 40.48 61.16
C PHE I 430 26.62 39.35 61.61
N ILE I 431 26.37 39.23 62.90
CA ILE I 431 25.40 38.28 63.44
C ILE I 431 24.05 38.99 63.54
N PRO I 432 22.99 38.49 62.91
CA PRO I 432 21.69 39.20 62.98
C PRO I 432 21.16 39.33 64.39
N LEU I 433 21.45 38.37 65.28
CA LEU I 433 20.97 38.46 66.65
C LEU I 433 21.54 39.67 67.36
N VAL I 434 22.82 39.96 67.14
CA VAL I 434 23.43 41.15 67.74
C VAL I 434 22.77 42.41 67.20
N CYS I 435 22.42 42.41 65.91
CA CYS I 435 21.71 43.55 65.34
C CYS I 435 20.35 43.73 66.01
N TRP I 436 19.63 42.63 66.24
CA TRP I 436 18.34 42.72 66.93
C TRP I 436 18.51 43.28 68.33
N ILE I 437 19.51 42.78 69.06
CA ILE I 437 19.71 43.23 70.44
C ILE I 437 20.08 44.71 70.48
N VAL I 438 20.98 45.14 69.59
CA VAL I 438 21.41 46.53 69.61
C VAL I 438 20.26 47.44 69.16
N CYS I 439 19.43 47.01 68.22
CA CYS I 439 18.30 47.83 67.80
C CYS I 439 17.29 47.98 68.93
N THR I 440 16.99 46.89 69.64
CA THR I 440 16.08 46.99 70.78
C THR I 440 16.66 47.88 71.87
N GLY I 441 17.97 47.75 72.13
CA GLY I 441 18.60 48.60 73.12
C GLY I 441 18.52 50.07 72.76
N LEU I 442 18.79 50.40 71.49
CA LEU I 442 18.71 51.78 71.05
C LEU I 442 17.28 52.30 71.13
N LYS I 443 16.30 51.44 70.81
CA LYS I 443 14.90 51.82 70.99
C LYS I 443 14.61 52.18 72.43
N GLN I 444 15.04 51.34 73.37
CA GLN I 444 14.81 51.62 74.78
C GLN I 444 15.53 52.89 75.21
N GLN I 445 16.72 53.13 74.67
CA GLN I 445 17.47 54.33 75.04
C GLN I 445 16.76 55.59 74.56
N MET I 446 16.37 55.64 73.29
CA MET I 446 15.82 56.88 72.76
C MET I 446 14.38 57.12 73.20
N GLU I 447 13.59 56.07 73.45
CA GLU I 447 12.25 56.28 73.96
C GLU I 447 12.28 56.85 75.37
N THR I 448 13.18 56.34 76.22
CA THR I 448 13.29 56.83 77.60
C THR I 448 14.10 58.10 77.72
N GLY I 449 14.62 58.63 76.61
CA GLY I 449 15.41 59.85 76.64
C GLY I 449 16.90 59.65 76.80
N LYS I 450 17.35 58.42 77.04
CA LYS I 450 18.77 58.14 77.16
C LYS I 450 19.47 58.30 75.82
N SER I 451 20.74 58.70 75.87
CA SER I 451 21.53 58.87 74.65
C SER I 451 21.84 57.53 74.02
N LEU I 452 22.16 57.57 72.72
CA LEU I 452 22.45 56.35 71.97
C LEU I 452 23.94 56.05 71.85
N ALA I 453 24.81 57.06 72.02
CA ALA I 453 26.24 56.84 71.91
C ALA I 453 26.78 55.95 73.03
N GLN I 454 26.09 55.87 74.17
CA GLN I 454 26.51 55.00 75.24
C GLN I 454 26.48 53.53 74.81
N THR I 455 25.48 53.16 74.01
CA THR I 455 25.43 51.81 73.48
C THR I 455 26.63 51.52 72.59
N SER I 456 27.01 52.49 71.75
CA SER I 456 28.19 52.31 70.91
C SER I 456 29.45 52.19 71.75
N LYS I 457 29.56 52.99 72.82
CA LYS I 457 30.74 52.93 73.67
C LYS I 457 30.88 51.58 74.37
N THR I 458 29.77 50.86 74.56
CA THR I 458 29.80 49.56 75.22
C THR I 458 30.23 48.50 74.21
N THR I 459 31.33 47.81 74.51
CA THR I 459 31.90 46.82 73.62
C THR I 459 31.93 45.45 74.31
N THR I 460 31.63 44.41 73.52
CA THR I 460 31.85 43.02 73.91
C THR I 460 30.85 42.57 74.98
N ALA I 461 30.12 43.52 75.56
CA ALA I 461 29.18 43.26 76.64
C ALA I 461 27.79 43.73 76.25
N VAL I 462 27.36 43.35 75.04
CA VAL I 462 26.05 43.77 74.54
C VAL I 462 24.94 43.17 75.39
N TYR I 463 25.06 41.89 75.75
CA TYR I 463 24.01 41.23 76.52
C TYR I 463 23.85 41.84 77.91
N VAL I 464 24.97 42.07 78.60
CA VAL I 464 24.88 42.59 79.97
C VAL I 464 24.34 44.02 79.98
N PHE I 465 24.84 44.86 79.08
CA PHE I 465 24.34 46.23 79.00
C PHE I 465 22.87 46.26 78.60
N PHE I 466 22.48 45.38 77.68
CA PHE I 466 21.08 45.29 77.27
C PHE I 466 20.19 44.90 78.45
N LEU I 467 20.63 43.91 79.23
CA LEU I 467 19.86 43.51 80.42
C LEU I 467 19.78 44.65 81.43
N SER I 468 20.88 45.37 81.64
CA SER I 468 20.87 46.48 82.59
C SER I 468 19.93 47.59 82.12
N SER I 469 19.94 47.90 80.83
CA SER I 469 19.06 48.94 80.31
C SER I 469 17.60 48.51 80.36
N LEU I 470 17.33 47.21 80.17
CA LEU I 470 15.95 46.73 80.24
C LEU I 470 15.36 46.95 81.63
N LEU I 471 16.14 46.68 82.68
CA LEU I 471 15.66 46.83 84.04
C LEU I 471 16.13 48.13 84.66
N PHE I 482 14.33 41.52 93.98
CA PHE I 482 14.57 41.02 92.63
C PHE I 482 15.60 39.89 92.65
N SER I 483 16.30 39.75 93.78
CA SER I 483 17.32 38.72 93.90
C SER I 483 16.71 37.32 93.81
N ASP I 484 15.54 37.13 94.41
CA ASP I 484 14.87 35.83 94.33
C ASP I 484 14.49 35.49 92.90
N TYR I 485 13.97 36.46 92.15
CA TYR I 485 13.61 36.22 90.75
C TYR I 485 14.83 35.83 89.94
N LEU I 486 15.94 36.54 90.13
CA LEU I 486 17.16 36.23 89.41
C LEU I 486 17.68 34.85 89.77
N GLN I 487 17.67 34.51 91.06
CA GLN I 487 18.15 33.20 91.49
C GLN I 487 17.29 32.09 90.90
N GLY I 488 15.97 32.28 90.91
CA GLY I 488 15.09 31.25 90.36
C GLY I 488 15.27 31.08 88.86
N LEU I 489 15.35 32.19 88.12
CA LEU I 489 15.56 32.09 86.67
C LEU I 489 16.91 31.47 86.35
N CYS I 490 17.95 31.83 87.10
CA CYS I 490 19.28 31.28 86.87
C CYS I 490 19.31 29.78 87.16
N SER I 491 18.67 29.35 88.25
CA SER I 491 18.63 27.93 88.56
C SER I 491 17.78 27.16 87.55
N LEU I 492 16.71 27.79 87.04
CA LEU I 492 15.93 27.17 85.96
C LEU I 492 16.79 26.96 84.72
N ALA I 493 17.57 27.98 84.35
CA ALA I 493 18.47 27.84 83.22
C ALA I 493 19.51 26.76 83.46
N ALA I 494 20.06 26.69 84.67
CA ALA I 494 21.06 25.68 84.98
C ALA I 494 20.47 24.27 84.90
N ASP I 495 19.28 24.07 85.45
CA ASP I 495 18.65 22.75 85.38
C ASP I 495 18.27 22.39 83.95
N GLY I 496 17.85 23.37 83.15
CA GLY I 496 17.68 23.11 81.74
C GLY I 496 18.98 22.71 81.06
N ILE I 497 20.09 23.28 81.53
CA ILE I 497 21.40 22.92 81.00
C ILE I 497 21.70 21.46 81.30
N TRP I 498 21.54 21.05 82.56
CA TRP I 498 21.81 19.66 82.90
C TRP I 498 20.86 18.70 82.19
N ASN I 499 19.57 19.02 82.18
CA ASN I 499 18.55 18.10 81.71
C ASN I 499 18.28 18.19 80.21
N GLN I 500 18.95 19.09 79.50
CA GLN I 500 18.71 19.31 78.08
C GLN I 500 17.24 19.61 77.80
N LYS I 501 16.58 20.27 78.73
CA LYS I 501 15.17 20.57 78.66
C LYS I 501 14.98 22.06 78.38
N ILE I 502 14.08 22.37 77.45
CA ILE I 502 13.81 23.76 77.08
C ILE I 502 12.34 24.04 77.35
N LEU I 503 11.50 23.00 77.24
CA LEU I 503 10.06 23.13 77.44
C LEU I 503 9.73 22.87 78.91
N PHE I 504 10.11 23.83 79.75
CA PHE I 504 9.98 23.68 81.19
C PHE I 504 8.51 23.62 81.60
N GLU I 505 8.23 22.90 82.69
CA GLU I 505 6.91 22.78 83.26
C GLU I 505 6.87 23.48 84.62
N GLU I 506 5.75 23.33 85.32
CA GLU I 506 5.58 24.01 86.61
C GLU I 506 6.57 23.52 87.65
N CYS I 507 6.93 22.24 87.61
CA CYS I 507 7.72 21.64 88.68
C CYS I 507 9.09 22.30 88.80
N ASP I 508 9.70 22.68 87.68
CA ASP I 508 10.98 23.38 87.73
C ASP I 508 10.85 24.69 88.48
N LEU I 509 9.85 25.50 88.14
CA LEU I 509 9.65 26.77 88.82
C LEU I 509 9.33 26.57 90.30
N ARG I 510 8.60 25.50 90.63
CA ARG I 510 8.33 25.20 92.03
C ARG I 510 9.62 24.87 92.78
N LYS I 511 10.49 24.06 92.16
CA LYS I 511 11.75 23.71 92.81
C LYS I 511 12.65 24.92 92.98
N HIS I 512 12.70 25.80 91.99
CA HIS I 512 13.56 26.97 92.04
C HIS I 512 12.92 28.15 92.76
N GLY I 513 11.69 28.01 93.23
CA GLY I 513 11.01 29.12 93.86
C GLY I 513 10.43 30.14 92.90
N LEU I 514 10.47 29.87 91.60
CA LEU I 514 9.85 30.76 90.62
C LEU I 514 8.35 30.59 90.63
N GLN I 515 7.62 31.70 90.57
CA GLN I 515 6.18 31.70 90.66
C GLN I 515 5.58 32.18 89.33
N LYS I 516 4.25 32.30 89.31
CA LYS I 516 3.55 32.68 88.09
C LYS I 516 3.87 34.10 87.67
N THR I 517 4.15 34.98 88.62
CA THR I 517 4.48 36.37 88.32
C THR I 517 5.93 36.57 87.90
N ASP I 518 6.63 35.49 87.55
CA ASP I 518 8.04 35.56 87.18
C ASP I 518 8.26 35.33 85.69
N VAL I 519 7.28 35.66 84.85
CA VAL I 519 7.41 35.55 83.40
C VAL I 519 7.76 36.92 82.84
N SER I 520 8.85 36.98 82.08
CA SER I 520 9.37 38.24 81.55
C SER I 520 9.53 38.13 80.04
N ALA I 521 10.15 39.15 79.45
CA ALA I 521 10.36 39.18 78.00
C ALA I 521 11.29 38.07 77.53
N PHE I 522 12.34 37.79 78.30
CA PHE I 522 13.27 36.72 77.92
C PHE I 522 12.58 35.37 77.89
N LEU I 523 11.71 35.10 78.86
CA LEU I 523 10.91 33.89 78.87
C LEU I 523 9.71 34.05 77.94
N ARG I 524 8.96 32.96 77.76
CA ARG I 524 7.79 32.99 76.91
C ARG I 524 6.84 31.89 77.37
N MET I 525 5.55 32.24 77.47
CA MET I 525 4.51 31.31 77.85
C MET I 525 3.71 30.89 76.61
N ASN I 526 3.48 29.59 76.49
CA ASN I 526 2.78 29.04 75.33
C ASN I 526 1.63 28.14 75.77
N ARG I 536 0.41 24.73 80.56
CA ARG I 536 1.23 25.88 80.20
C ARG I 536 2.64 25.43 79.81
N PHE I 537 3.24 26.14 78.86
CA PHE I 537 4.59 25.86 78.39
C PHE I 537 5.49 27.05 78.67
N TYR I 538 6.65 26.78 79.27
CA TYR I 538 7.66 27.81 79.51
C TYR I 538 8.83 27.56 78.58
N SER I 539 9.25 28.59 77.85
CA SER I 539 10.36 28.42 76.92
C SER I 539 11.11 29.74 76.76
N PHE I 540 12.44 29.65 76.72
CA PHE I 540 13.24 30.83 76.41
C PHE I 540 13.05 31.22 74.95
N SER I 541 13.07 32.53 74.70
CA SER I 541 12.88 33.02 73.33
C SER I 541 14.00 32.55 72.41
N HIS I 542 15.24 32.64 72.88
CA HIS I 542 16.41 32.19 72.13
C HIS I 542 17.39 31.61 73.12
N MET I 543 18.09 30.54 72.72
CA MET I 543 18.87 29.77 73.68
C MET I 543 20.00 30.60 74.28
N THR I 544 20.64 31.46 73.48
CA THR I 544 21.76 32.24 73.98
C THR I 544 21.40 32.96 75.27
N PHE I 545 20.16 33.39 75.40
CA PHE I 545 19.71 34.01 76.64
C PHE I 545 19.79 33.03 77.81
N GLN I 546 19.38 31.78 77.59
CA GLN I 546 19.40 30.84 78.71
C GLN I 546 20.83 30.41 79.05
N GLU I 547 21.72 30.28 78.06
CA GLU I 547 23.11 30.07 78.42
C GLU I 547 23.67 31.26 79.19
N PHE I 548 23.25 32.49 78.84
CA PHE I 548 23.73 33.67 79.56
C PHE I 548 23.26 33.63 81.01
N PHE I 549 21.99 33.29 81.24
CA PHE I 549 21.47 33.22 82.60
C PHE I 549 22.14 32.11 83.39
N ALA I 550 22.40 30.96 82.75
CA ALA I 550 23.11 29.89 83.43
C ALA I 550 24.53 30.30 83.80
N ALA I 551 25.20 31.05 82.92
CA ALA I 551 26.53 31.55 83.24
C ALA I 551 26.48 32.53 84.40
N MET I 552 25.49 33.42 84.41
CA MET I 552 25.35 34.37 85.51
C MET I 552 25.00 33.68 86.82
N TYR I 553 24.39 32.49 86.75
CA TYR I 553 24.00 31.77 87.96
C TYR I 553 25.20 31.49 88.86
N TYR I 554 26.30 31.01 88.28
CA TYR I 554 27.41 30.53 89.08
C TYR I 554 28.22 31.63 89.73
N LEU I 555 27.79 32.88 89.62
CA LEU I 555 28.49 34.00 90.26
C LEU I 555 27.64 34.72 91.30
N LEU I 556 26.31 34.60 91.23
CA LEU I 556 25.43 35.22 92.22
C LEU I 556 25.73 34.72 93.63
N ASN I 577 23.18 22.96 91.51
CA ASN I 577 24.57 22.84 91.92
C ASN I 577 25.35 24.13 91.63
N ARG I 578 26.13 24.58 92.60
CA ARG I 578 26.92 25.79 92.48
C ARG I 578 28.40 25.50 92.28
N ASP I 579 28.82 24.23 92.38
CA ASP I 579 30.21 23.85 92.17
C ASP I 579 30.58 24.10 90.71
N VAL I 580 31.55 24.99 90.49
CA VAL I 580 31.91 25.40 89.14
C VAL I 580 32.51 24.26 88.33
N LYS I 581 33.05 23.23 88.99
CA LYS I 581 33.75 22.17 88.28
C LYS I 581 32.86 21.43 87.30
N VAL I 582 31.54 21.47 87.49
CA VAL I 582 30.63 20.80 86.55
C VAL I 582 30.79 21.42 85.16
N LEU I 583 31.02 22.73 85.10
CA LEU I 583 31.30 23.37 83.82
C LEU I 583 32.68 22.97 83.29
N LEU I 584 33.62 22.73 84.20
CA LEU I 584 35.00 22.50 83.79
C LEU I 584 35.18 21.12 83.15
N GLU I 585 34.61 20.08 83.78
CA GLU I 585 34.90 18.70 83.38
C GLU I 585 33.75 18.00 82.69
N ASN I 586 32.50 18.32 83.01
CA ASN I 586 31.35 17.66 82.40
C ASN I 586 31.06 18.19 81.00
N TYR I 587 31.99 18.92 80.41
CA TYR I 587 31.90 19.29 79.00
C TYR I 587 31.98 18.04 78.12
N GLY I 588 31.25 18.06 77.01
CA GLY I 588 31.23 16.96 76.08
C GLY I 588 30.09 15.98 76.28
N LYS I 589 29.43 16.01 77.44
CA LYS I 589 28.26 15.17 77.64
C LYS I 589 27.12 15.60 76.72
N PHE I 590 27.11 16.86 76.30
CA PHE I 590 26.15 17.39 75.35
C PHE I 590 26.86 17.65 74.04
N GLU I 591 26.23 17.24 72.93
CA GLU I 591 26.83 17.46 71.62
C GLU I 591 26.94 18.95 71.30
N LYS I 592 27.98 19.29 70.55
CA LYS I 592 28.25 20.63 70.02
C LYS I 592 28.52 21.65 71.11
N GLY I 593 28.79 21.22 72.34
CA GLY I 593 29.37 22.09 73.35
C GLY I 593 28.55 23.29 73.77
N TYR I 594 27.43 23.05 74.46
CA TYR I 594 26.65 24.16 75.00
C TYR I 594 27.45 24.95 76.03
N LEU I 595 28.30 24.26 76.79
CA LEU I 595 28.95 24.87 77.96
C LEU I 595 29.91 25.99 77.60
N ILE I 596 30.72 25.86 76.55
CA ILE I 596 31.73 26.86 76.24
C ILE I 596 31.09 28.24 76.09
N PHE I 597 30.03 28.32 75.30
CA PHE I 597 29.31 29.58 75.17
C PHE I 597 28.91 30.10 76.54
N VAL I 598 28.28 29.23 77.35
CA VAL I 598 28.05 29.56 78.76
C VAL I 598 29.32 30.12 79.39
N VAL I 599 30.39 29.32 79.36
CA VAL I 599 31.63 29.70 80.02
C VAL I 599 32.16 31.00 79.42
N ARG I 600 31.86 31.26 78.14
CA ARG I 600 32.29 32.53 77.55
C ARG I 600 31.76 33.71 78.33
N PHE I 601 30.44 33.73 78.57
CA PHE I 601 29.88 34.79 79.39
C PHE I 601 30.46 34.78 80.80
N LEU I 602 30.87 33.61 81.28
CA LEU I 602 31.57 33.55 82.55
C LEU I 602 32.83 34.41 82.51
N PHE I 603 33.66 34.23 81.47
CA PHE I 603 34.81 35.12 81.32
C PHE I 603 34.36 36.56 81.13
N GLY I 604 33.16 36.76 80.59
CA GLY I 604 32.62 38.11 80.51
C GLY I 604 32.34 38.68 81.89
N LEU I 605 31.75 37.87 82.76
CA LEU I 605 31.25 38.42 84.02
C LEU I 605 32.35 38.53 85.07
N VAL I 606 33.37 37.68 84.99
CA VAL I 606 34.41 37.65 86.01
C VAL I 606 35.35 38.84 85.84
N ASN I 607 35.18 39.60 84.76
CA ASN I 607 35.97 40.81 84.57
C ASN I 607 35.75 41.77 85.73
N GLN I 608 36.86 42.31 86.26
CA GLN I 608 36.79 43.07 87.50
C GLN I 608 35.85 44.27 87.37
N GLU I 609 36.00 45.05 86.30
CA GLU I 609 35.07 46.15 86.07
C GLU I 609 33.65 45.63 85.83
N ARG I 610 33.53 44.58 85.03
CA ARG I 610 32.20 44.03 84.75
C ARG I 610 31.61 43.37 86.00
N THR I 611 32.44 42.70 86.80
CA THR I 611 31.95 42.14 88.05
C THR I 611 31.47 43.23 89.00
N SER I 612 32.24 44.31 89.13
CA SER I 612 31.83 45.42 89.98
C SER I 612 30.54 46.06 89.48
N TYR I 613 30.42 46.24 88.16
CA TYR I 613 29.20 46.82 87.60
C TYR I 613 28.01 45.91 87.85
N LEU I 614 28.18 44.60 87.70
CA LEU I 614 27.08 43.67 87.97
C LEU I 614 26.66 43.74 89.43
N GLU I 615 27.64 43.77 90.34
CA GLU I 615 27.32 43.84 91.77
C GLU I 615 26.61 45.14 92.11
N LYS I 616 27.05 46.26 91.56
CA LYS I 616 26.47 47.55 91.89
C LYS I 616 25.20 47.84 91.11
N LYS I 617 24.88 47.05 90.09
CA LYS I 617 23.62 47.20 89.37
C LYS I 617 22.54 46.23 89.83
N LEU I 618 22.92 45.09 90.41
CA LEU I 618 21.95 44.13 90.91
C LEU I 618 22.02 43.94 92.42
N SER I 619 22.87 44.69 93.12
CA SER I 619 23.01 44.64 94.58
C SER I 619 23.43 43.26 95.08
N CYS I 620 24.03 42.44 94.22
CA CYS I 620 24.44 41.09 94.56
C CYS I 620 25.96 41.04 94.74
N LYS I 621 26.47 39.84 94.98
CA LYS I 621 27.89 39.60 95.16
C LYS I 621 28.35 38.53 94.19
N ILE I 622 29.58 38.67 93.70
CA ILE I 622 30.16 37.76 92.73
C ILE I 622 31.33 37.03 93.36
N SER I 623 31.34 35.71 93.26
CA SER I 623 32.45 34.93 93.77
C SER I 623 33.72 35.20 92.97
N GLN I 624 34.86 35.08 93.64
CA GLN I 624 36.16 35.38 93.02
C GLN I 624 37.07 34.19 92.85
N GLN I 625 36.87 33.10 93.59
CA GLN I 625 37.65 31.88 93.36
C GLN I 625 37.35 31.28 91.99
N VAL I 626 36.22 31.66 91.38
CA VAL I 626 35.89 31.18 90.04
C VAL I 626 36.94 31.62 89.04
N ARG I 627 37.51 32.82 89.20
CA ARG I 627 38.54 33.29 88.28
C ARG I 627 39.78 32.41 88.35
N LEU I 628 40.20 32.05 89.57
CA LEU I 628 41.38 31.19 89.71
C LEU I 628 41.10 29.79 89.18
N GLU I 629 39.89 29.27 89.42
CA GLU I 629 39.54 27.97 88.87
C GLU I 629 39.53 28.00 87.34
N LEU I 630 39.04 29.08 86.76
CA LEU I 630 39.08 29.23 85.31
C LEU I 630 40.51 29.33 84.80
N LEU I 631 41.37 30.03 85.53
CA LEU I 631 42.80 30.02 85.21
C LEU I 631 43.32 28.60 85.14
N LYS I 632 43.10 27.83 86.21
CA LYS I 632 43.60 26.46 86.25
C LYS I 632 43.04 25.64 85.10
N TRP I 633 41.77 25.86 84.75
CA TRP I 633 41.21 25.21 83.58
C TRP I 633 41.91 25.64 82.30
N ILE I 634 42.36 26.90 82.24
CA ILE I 634 43.09 27.37 81.06
C ILE I 634 44.39 26.58 80.90
N GLU I 635 45.15 26.43 82.01
CA GLU I 635 46.37 25.63 81.87
C GLU I 635 46.05 24.17 81.60
N VAL I 636 44.94 23.65 82.13
CA VAL I 636 44.54 22.27 81.84
C VAL I 636 44.29 22.10 80.35
N LYS I 637 43.57 23.04 79.74
CA LYS I 637 43.31 22.97 78.31
C LYS I 637 44.58 23.14 77.50
N ALA I 638 45.46 24.05 77.91
CA ALA I 638 46.65 24.35 77.13
C ALA I 638 47.66 23.21 77.16
N LYS I 639 47.84 22.59 78.33
CA LYS I 639 48.92 21.63 78.53
C LYS I 639 48.46 20.18 78.44
N ALA I 640 47.22 19.93 78.02
CA ALA I 640 46.73 18.56 77.93
C ALA I 640 47.34 17.84 76.73
N LYS I 641 47.20 16.51 76.74
CA LYS I 641 47.72 15.68 75.65
C LYS I 641 46.63 15.36 74.64
N LYS I 642 45.55 14.71 75.09
CA LYS I 642 44.45 14.31 74.22
C LYS I 642 43.65 15.56 73.85
N LEU I 643 44.17 16.30 72.88
CA LEU I 643 43.63 17.60 72.51
C LEU I 643 42.52 17.51 71.47
N GLN I 644 42.11 16.30 71.08
CA GLN I 644 41.07 16.18 70.06
C GLN I 644 39.70 16.56 70.61
N TRP I 645 39.37 16.10 71.82
CA TRP I 645 38.02 16.29 72.35
C TRP I 645 37.75 17.75 72.72
N GLN I 646 38.78 18.49 73.10
CA GLN I 646 38.57 19.86 73.52
C GLN I 646 38.14 20.72 72.33
N PRO I 647 37.44 21.82 72.56
CA PRO I 647 37.15 22.76 71.47
C PRO I 647 38.41 23.50 71.02
N SER I 648 38.32 24.17 69.88
CA SER I 648 39.51 24.75 69.26
C SER I 648 40.08 25.88 70.10
N GLN I 649 41.32 26.27 69.76
CA GLN I 649 41.99 27.34 70.49
C GLN I 649 41.39 28.70 70.20
N LEU I 650 40.74 28.85 69.04
CA LEU I 650 40.06 30.09 68.72
C LEU I 650 38.95 30.39 69.72
N GLU I 651 38.32 29.36 70.27
CA GLU I 651 37.36 29.57 71.35
C GLU I 651 38.03 30.14 72.59
N LEU I 652 39.22 29.64 72.91
CA LEU I 652 39.98 30.21 74.02
C LEU I 652 40.29 31.68 73.78
N PHE I 653 40.63 32.02 72.55
CA PHE I 653 40.95 33.41 72.24
C PHE I 653 39.70 34.29 72.29
N TYR I 654 38.56 33.75 71.84
CA TYR I 654 37.29 34.44 72.05
C TYR I 654 37.04 34.73 73.52
N CYS I 655 37.29 33.73 74.38
CA CYS I 655 37.09 33.94 75.82
C CYS I 655 38.02 35.02 76.35
N LEU I 656 39.30 34.96 75.98
CA LEU I 656 40.26 35.94 76.49
C LEU I 656 39.97 37.34 75.96
N TYR I 657 39.35 37.45 74.79
CA TYR I 657 38.93 38.75 74.29
C TYR I 657 37.68 39.25 74.99
N GLU I 658 36.75 38.33 75.30
CA GLU I 658 35.56 38.70 76.04
C GLU I 658 35.90 39.21 77.43
N MET I 659 36.88 38.58 78.08
CA MET I 659 37.20 38.93 79.45
C MET I 659 37.76 40.34 79.57
N GLN I 660 38.74 40.70 78.73
CA GLN I 660 39.29 42.06 78.66
C GLN I 660 39.92 42.52 79.98
N GLU I 661 40.62 41.64 80.67
CA GLU I 661 41.39 42.01 81.87
C GLU I 661 42.87 41.79 81.58
N GLU I 662 43.61 42.89 81.44
CA GLU I 662 44.94 42.85 80.83
C GLU I 662 45.88 41.89 81.56
N ASP I 663 46.01 42.05 82.88
CA ASP I 663 47.01 41.27 83.61
C ASP I 663 46.71 39.79 83.59
N PHE I 664 45.44 39.41 83.81
CA PHE I 664 45.11 38.00 83.86
C PHE I 664 45.13 37.40 82.45
N VAL I 665 44.80 38.19 81.43
CA VAL I 665 45.03 37.75 80.06
C VAL I 665 46.50 37.39 79.85
N GLN I 666 47.40 38.30 80.24
CA GLN I 666 48.82 38.06 80.02
C GLN I 666 49.30 36.83 80.79
N SER I 667 48.88 36.71 82.05
CA SER I 667 49.35 35.60 82.88
C SER I 667 48.82 34.26 82.38
N ALA I 668 47.52 34.18 82.07
CA ALA I 668 46.94 32.92 81.61
C ALA I 668 47.29 32.64 80.15
N MET I 669 47.84 33.63 79.45
CA MET I 669 48.19 33.48 78.06
C MET I 669 49.66 33.21 77.81
N ASP I 670 50.52 33.49 78.79
CA ASP I 670 51.93 33.11 78.66
C ASP I 670 52.12 31.59 78.59
N HIS I 671 51.05 30.81 78.66
CA HIS I 671 51.11 29.35 78.56
C HIS I 671 50.85 28.85 77.15
N PHE I 672 51.10 29.68 76.14
CA PHE I 672 50.93 29.30 74.73
C PHE I 672 52.21 29.63 73.96
N PRO I 673 53.26 28.82 74.13
CA PRO I 673 54.46 29.02 73.30
C PRO I 673 54.20 28.87 71.82
N LYS I 674 53.30 27.97 71.43
CA LYS I 674 52.95 27.76 70.02
C LYS I 674 51.47 28.04 69.84
N ILE I 675 51.13 28.90 68.87
CA ILE I 675 49.77 29.33 68.63
C ILE I 675 49.38 28.96 67.21
N GLU I 676 48.26 28.26 67.07
CA GLU I 676 47.71 27.93 65.77
C GLU I 676 46.24 28.36 65.74
N ILE I 677 45.89 29.16 64.74
CA ILE I 677 44.54 29.71 64.63
C ILE I 677 44.11 29.70 63.17
N ASN I 678 42.82 29.51 62.94
CA ASN I 678 42.24 29.53 61.61
C ASN I 678 41.14 30.58 61.58
N LEU I 679 41.31 31.58 60.72
CA LEU I 679 40.47 32.78 60.73
C LEU I 679 39.56 32.80 59.51
N SER I 680 38.29 33.18 59.72
CA SER I 680 37.33 33.22 58.63
C SER I 680 36.38 34.41 58.67
N THR I 681 36.63 35.42 59.50
CA THR I 681 35.72 36.56 59.58
C THR I 681 36.45 37.73 60.21
N ARG I 682 35.79 38.89 60.21
CA ARG I 682 36.36 40.09 60.83
C ARG I 682 36.54 39.90 62.32
N MET I 683 35.56 39.27 62.98
CA MET I 683 35.66 39.06 64.43
C MET I 683 36.87 38.21 64.76
N ASP I 684 37.14 37.17 63.96
CA ASP I 684 38.33 36.37 64.18
C ASP I 684 39.60 37.21 64.08
N HIS I 685 39.67 38.08 63.07
CA HIS I 685 40.84 38.94 62.92
C HIS I 685 41.01 39.86 64.11
N VAL I 686 39.91 40.45 64.59
CA VAL I 686 40.00 41.39 65.70
C VAL I 686 40.44 40.68 66.98
N VAL I 687 39.82 39.54 67.28
CA VAL I 687 40.16 38.83 68.51
C VAL I 687 41.60 38.32 68.43
N SER I 688 42.05 37.88 67.26
CA SER I 688 43.44 37.46 67.12
C SER I 688 44.38 38.64 67.30
N SER I 689 44.06 39.78 66.70
CA SER I 689 44.90 40.96 66.88
C SER I 689 45.07 41.27 68.35
N PHE I 690 43.95 41.33 69.09
CA PHE I 690 44.01 41.62 70.52
C PHE I 690 44.83 40.56 71.25
N CYS I 691 44.57 39.28 70.97
CA CYS I 691 45.18 38.20 71.73
C CYS I 691 46.70 38.16 71.53
N ILE I 692 47.15 38.12 70.28
CA ILE I 692 48.59 38.10 70.02
C ILE I 692 49.24 39.41 70.43
N LYS I 693 48.52 40.54 70.38
CA LYS I 693 49.07 41.78 70.92
C LYS I 693 49.32 41.65 72.42
N ASN I 694 48.47 40.89 73.12
CA ASN I 694 48.69 40.65 74.54
C ASN I 694 49.83 39.67 74.80
N CYS I 695 50.15 38.83 73.81
CA CYS I 695 51.17 37.80 74.01
C CYS I 695 52.55 38.42 74.25
N HIS I 696 53.35 37.72 75.05
CA HIS I 696 54.71 38.16 75.33
C HIS I 696 55.73 37.04 75.30
N ARG I 697 55.32 35.77 75.23
CA ARG I 697 56.26 34.66 75.23
C ARG I 697 55.82 33.57 74.25
N VAL I 698 55.51 33.97 73.01
CA VAL I 698 55.16 33.03 71.96
C VAL I 698 56.34 32.88 71.01
N LYS I 699 56.62 31.65 70.60
CA LYS I 699 57.74 31.35 69.71
C LYS I 699 57.29 30.95 68.32
N THR I 700 56.42 29.95 68.21
CA THR I 700 55.93 29.47 66.92
C THR I 700 54.50 29.97 66.73
N LEU I 701 54.22 30.55 65.57
CA LEU I 701 52.89 31.07 65.26
C LEU I 701 52.48 30.63 63.87
N SER I 702 51.23 30.22 63.73
CA SER I 702 50.67 29.86 62.44
C SER I 702 49.34 30.55 62.26
N LEU I 703 48.94 30.72 61.00
CA LEU I 703 47.70 31.42 60.66
C LEU I 703 46.99 30.68 59.54
N GLY I 704 45.67 30.80 59.52
CA GLY I 704 44.89 30.25 58.44
C GLY I 704 43.84 31.24 57.97
N PHE I 705 43.94 31.67 56.71
CA PHE I 705 42.98 32.60 56.14
C PHE I 705 42.01 31.79 55.27
N PHE I 706 41.13 31.08 55.96
CA PHE I 706 40.20 30.14 55.33
C PHE I 706 38.94 30.90 54.92
N HIS I 707 38.80 31.17 53.63
CA HIS I 707 37.63 31.85 53.11
C HIS I 707 36.76 30.91 52.29
N THR I 747 42.91 40.12 51.33
CA THR I 747 43.02 40.25 52.79
C THR I 747 44.03 41.32 53.17
N SER I 748 44.08 42.40 52.40
CA SER I 748 45.04 43.47 52.67
C SER I 748 44.76 44.12 54.01
N SER I 749 43.52 44.49 54.27
CA SER I 749 43.16 45.06 55.57
C SER I 749 43.35 44.04 56.68
N PHE I 750 42.98 42.78 56.41
CA PHE I 750 43.17 41.72 57.40
C PHE I 750 44.65 41.57 57.76
N CYS I 751 45.48 41.51 56.72
CA CYS I 751 46.92 41.34 56.93
C CYS I 751 47.51 42.53 57.68
N ARG I 752 47.09 43.75 57.32
CA ARG I 752 47.59 44.91 58.04
C ARG I 752 47.21 44.86 59.50
N GLY I 753 45.93 44.62 59.78
CA GLY I 753 45.46 44.61 61.16
C GLY I 753 46.14 43.56 62.01
N LEU I 754 46.42 42.39 61.43
CA LEU I 754 47.11 41.35 62.20
C LEU I 754 48.60 41.67 62.33
N PHE I 755 49.29 41.86 61.21
CA PHE I 755 50.74 41.92 61.20
C PHE I 755 51.30 43.24 61.71
N SER I 756 50.46 44.25 61.95
CA SER I 756 50.97 45.46 62.58
C SER I 756 51.53 45.16 63.96
N SER I 757 50.84 44.31 64.73
CA SER I 757 51.30 43.98 66.07
C SER I 757 52.50 43.04 66.05
N LEU I 758 52.63 42.22 65.02
CA LEU I 758 53.70 41.22 64.98
C LEU I 758 55.07 41.87 64.95
N SER I 759 55.20 43.03 64.31
CA SER I 759 56.46 43.76 64.33
C SER I 759 56.83 44.20 65.73
N THR I 760 55.83 44.53 66.56
CA THR I 760 56.06 44.92 67.93
C THR I 760 56.26 43.73 68.86
N ASN I 761 55.95 42.52 68.40
CA ASN I 761 56.14 41.33 69.22
C ASN I 761 57.62 40.97 69.26
N ARG I 762 58.21 41.03 70.46
CA ARG I 762 59.64 40.79 70.63
C ARG I 762 59.95 39.34 70.98
N SER I 763 58.96 38.44 70.91
CA SER I 763 59.17 37.05 71.25
C SER I 763 59.03 36.09 70.07
N LEU I 764 58.31 36.48 69.02
CA LEU I 764 58.05 35.56 67.93
C LEU I 764 59.33 35.23 67.17
N THR I 765 59.49 33.95 66.84
CA THR I 765 60.66 33.48 66.10
C THR I 765 60.32 32.68 64.85
N GLU I 766 59.22 31.95 64.82
CA GLU I 766 58.82 31.17 63.65
C GLU I 766 57.41 31.57 63.26
N LEU I 767 57.18 31.71 61.95
CA LEU I 767 55.91 32.17 61.42
C LEU I 767 55.52 31.27 60.26
N ASP I 768 54.50 30.45 60.45
CA ASP I 768 54.02 29.55 59.42
C ASP I 768 52.83 30.18 58.70
N LEU I 769 52.88 30.18 57.37
CA LEU I 769 51.77 30.68 56.57
C LEU I 769 51.51 29.79 55.36
N SER I 770 51.88 28.51 55.42
CA SER I 770 51.72 27.62 54.29
C SER I 770 50.26 27.44 53.93
N ASP I 771 50.01 27.27 52.64
CA ASP I 771 48.72 26.94 52.04
C ASP I 771 47.68 28.04 52.17
N ASN I 772 47.99 29.14 52.85
CA ASN I 772 47.08 30.27 52.90
C ASN I 772 47.17 31.04 51.58
N THR I 773 46.01 31.30 50.97
CA THR I 773 45.98 32.08 49.73
C THR I 773 45.90 33.57 50.08
N LEU I 774 46.90 34.03 50.83
CA LEU I 774 46.94 35.43 51.23
C LEU I 774 47.20 36.36 50.06
N GLY I 775 47.58 35.83 48.92
CA GLY I 775 47.74 36.62 47.72
C GLY I 775 49.01 37.44 47.73
N ASP I 776 49.17 38.21 46.66
CA ASP I 776 50.40 39.00 46.50
C ASP I 776 50.35 40.31 47.29
N PRO I 777 49.29 41.12 47.22
CA PRO I 777 49.26 42.34 48.05
C PRO I 777 49.33 42.05 49.54
N GLY I 778 48.71 40.96 49.99
CA GLY I 778 48.86 40.56 51.39
C GLY I 778 50.30 40.23 51.72
N MET I 779 51.00 39.60 50.77
CA MET I 779 52.41 39.29 50.99
C MET I 779 53.23 40.57 51.09
N ARG I 780 52.87 41.58 50.28
CA ARG I 780 53.52 42.88 50.39
C ARG I 780 53.28 43.50 51.76
N VAL I 781 52.03 43.42 52.24
CA VAL I 781 51.70 43.95 53.57
C VAL I 781 52.54 43.27 54.63
N LEU I 782 52.64 41.94 54.55
CA LEU I 782 53.51 41.19 55.45
C LEU I 782 54.94 41.69 55.35
N CYS I 783 55.40 42.01 54.14
CA CYS I 783 56.77 42.46 53.96
C CYS I 783 57.03 43.79 54.68
N GLU I 784 56.13 44.77 54.53
CA GLU I 784 56.40 46.00 55.25
C GLU I 784 56.18 45.83 56.75
N ALA I 785 55.41 44.81 57.15
CA ALA I 785 55.30 44.49 58.56
C ALA I 785 56.63 43.97 59.12
N LEU I 786 57.30 43.11 58.36
CA LEU I 786 58.49 42.42 58.88
C LEU I 786 59.68 43.36 59.05
N GLN I 787 59.95 44.21 58.05
CA GLN I 787 61.20 44.95 58.03
C GLN I 787 61.27 46.02 59.10
N HIS I 788 60.25 46.09 59.96
CA HIS I 788 60.36 46.94 61.13
C HIS I 788 61.43 46.38 62.06
N PRO I 789 62.27 47.23 62.66
CA PRO I 789 63.40 46.73 63.45
C PRO I 789 62.99 45.92 64.68
N GLY I 790 61.75 46.04 65.13
CA GLY I 790 61.35 45.36 66.35
C GLY I 790 61.12 43.87 66.17
N CYS I 791 60.73 43.45 64.97
CA CYS I 791 60.36 42.06 64.75
C CYS I 791 61.58 41.14 64.89
N ASN I 792 61.38 40.00 65.53
CA ASN I 792 62.44 39.04 65.82
C ASN I 792 62.24 37.70 65.12
N ILE I 793 61.50 37.69 64.01
CA ILE I 793 61.27 36.45 63.29
C ILE I 793 62.56 35.98 62.64
N GLN I 794 62.94 34.73 62.90
CA GLN I 794 64.12 34.11 62.31
C GLN I 794 63.76 33.05 61.29
N ARG I 795 62.47 32.87 60.99
CA ARG I 795 62.04 31.71 60.22
C ARG I 795 60.70 32.03 59.57
N LEU I 796 60.61 31.85 58.25
CA LEU I 796 59.40 32.21 57.52
C LEU I 796 59.15 31.18 56.44
N TRP I 797 58.02 30.48 56.54
CA TRP I 797 57.64 29.46 55.57
C TRP I 797 56.42 29.94 54.79
N LEU I 798 56.49 29.86 53.48
CA LEU I 798 55.46 30.42 52.60
C LEU I 798 55.08 29.44 51.49
N GLY I 799 54.89 28.18 51.84
CA GLY I 799 54.57 27.18 50.82
C GLY I 799 53.16 27.35 50.28
N ARG I 800 53.04 27.23 48.96
CA ARG I 800 51.74 27.23 48.27
C ARG I 800 50.90 28.46 48.60
N CYS I 801 51.56 29.57 48.93
CA CYS I 801 50.83 30.79 49.21
C CYS I 801 50.21 31.42 47.97
N GLY I 802 50.55 30.93 46.78
CA GLY I 802 50.02 31.53 45.57
C GLY I 802 50.67 32.84 45.20
N LEU I 803 51.88 33.10 45.67
CA LEU I 803 52.58 34.34 45.38
C LEU I 803 52.99 34.37 43.92
N SER I 804 53.76 35.39 43.54
CA SER I 804 54.27 35.50 42.18
C SER I 804 55.52 36.37 42.22
N HIS I 805 56.00 36.78 41.05
CA HIS I 805 57.23 37.53 40.95
C HIS I 805 57.13 38.90 41.62
N GLN I 806 55.91 39.41 41.79
CA GLN I 806 55.75 40.73 42.39
C GLN I 806 56.23 40.74 43.84
N CYS I 807 55.92 39.68 44.59
CA CYS I 807 56.32 39.61 45.99
C CYS I 807 57.83 39.49 46.15
N CYS I 808 58.55 39.07 45.09
CA CYS I 808 59.98 38.88 45.21
C CYS I 808 60.72 40.19 45.47
N PHE I 809 60.25 41.28 44.87
CA PHE I 809 60.84 42.58 45.15
C PHE I 809 60.74 42.94 46.63
N ASP I 810 59.55 42.76 47.20
CA ASP I 810 59.36 43.07 48.61
C ASP I 810 60.18 42.14 49.50
N ILE I 811 60.24 40.85 49.15
CA ILE I 811 61.03 39.91 49.93
C ILE I 811 62.51 40.26 49.86
N SER I 812 62.97 40.71 48.69
CA SER I 812 64.35 41.15 48.55
C SER I 812 64.64 42.34 49.44
N SER I 813 63.70 43.30 49.50
CA SER I 813 63.88 44.42 50.41
C SER I 813 63.95 43.95 51.86
N VAL I 814 63.10 42.99 52.22
CA VAL I 814 63.10 42.46 53.59
C VAL I 814 64.45 41.83 53.91
N LEU I 815 64.97 41.02 52.98
CA LEU I 815 66.26 40.37 53.20
C LEU I 815 67.38 41.39 53.33
N SER I 816 67.38 42.41 52.47
CA SER I 816 68.42 43.43 52.53
C SER I 816 68.29 44.31 53.77
N SER I 817 67.13 44.33 54.41
CA SER I 817 66.92 45.18 55.57
C SER I 817 66.93 44.43 56.90
N SER I 818 66.64 43.13 56.90
CA SER I 818 66.54 42.33 58.12
C SER I 818 67.75 41.42 58.24
N GLN I 819 68.33 41.38 59.45
CA GLN I 819 69.49 40.53 59.73
C GLN I 819 69.20 39.43 60.74
N LYS I 820 67.92 39.18 61.04
CA LYS I 820 67.55 38.12 61.97
C LYS I 820 66.99 36.89 61.27
N LEU I 821 66.41 37.05 60.07
CA LEU I 821 65.83 35.93 59.36
C LEU I 821 66.91 34.93 58.99
N VAL I 822 66.63 33.64 59.24
CA VAL I 822 67.62 32.58 59.07
C VAL I 822 67.31 31.71 57.86
N GLU I 823 66.17 31.03 57.85
CA GLU I 823 65.77 30.26 56.69
C GLU I 823 64.54 30.88 56.06
N LEU I 824 64.12 30.31 54.94
CA LEU I 824 63.02 30.88 54.17
C LEU I 824 62.53 29.84 53.18
N ASP I 825 61.21 29.75 53.02
CA ASP I 825 60.60 28.78 52.13
C ASP I 825 59.71 29.51 51.13
N LEU I 826 59.79 29.09 49.86
CA LEU I 826 58.93 29.63 48.82
C LEU I 826 58.45 28.53 47.89
N SER I 827 58.29 27.32 48.40
CA SER I 827 57.97 26.19 47.55
C SER I 827 56.60 26.34 46.91
N ASP I 828 56.50 25.91 45.65
CA ASP I 828 55.23 25.81 44.93
C ASP I 828 54.57 27.17 44.71
N ASN I 829 55.35 28.22 44.57
CA ASN I 829 54.87 29.51 44.11
C ASN I 829 55.50 29.83 42.76
N ALA I 830 54.68 30.29 41.82
CA ALA I 830 55.18 30.50 40.47
C ALA I 830 56.07 31.73 40.38
N LEU I 831 57.17 31.73 41.12
CA LEU I 831 58.08 32.86 41.10
C LEU I 831 58.67 33.07 39.70
N GLY I 832 59.19 32.02 39.10
CA GLY I 832 59.79 32.12 37.79
C GLY I 832 61.22 32.64 37.84
N ASP I 833 61.87 32.54 36.68
CA ASP I 833 63.25 33.00 36.57
C ASP I 833 63.37 34.49 36.86
N PHE I 834 62.37 35.29 36.46
CA PHE I 834 62.39 36.70 36.81
C PHE I 834 62.29 36.90 38.32
N GLY I 835 61.45 36.10 38.98
CA GLY I 835 61.37 36.18 40.42
C GLY I 835 62.69 35.85 41.10
N ILE I 836 63.40 34.85 40.57
CA ILE I 836 64.72 34.53 41.11
C ILE I 836 65.68 35.67 40.85
N ARG I 837 65.59 36.29 39.67
CA ARG I 837 66.44 37.43 39.36
C ARG I 837 66.20 38.57 40.34
N LEU I 838 64.94 38.76 40.74
CA LEU I 838 64.63 39.78 41.75
C LEU I 838 65.17 39.40 43.12
N LEU I 839 65.01 38.13 43.50
CA LEU I 839 65.47 37.69 44.82
C LEU I 839 66.98 37.81 44.95
N CYS I 840 67.72 37.45 43.91
CA CYS I 840 69.18 37.43 44.00
C CYS I 840 69.75 38.78 44.37
N VAL I 841 69.04 39.86 44.02
CA VAL I 841 69.51 41.20 44.38
C VAL I 841 69.55 41.36 45.90
N GLY I 842 68.49 40.91 46.57
CA GLY I 842 68.50 40.91 48.02
C GLY I 842 69.47 39.91 48.61
N LEU I 843 69.54 38.72 48.00
CA LEU I 843 70.43 37.67 48.52
C LEU I 843 71.88 38.10 48.46
N LYS I 844 72.29 38.74 47.36
CA LYS I 844 73.67 39.16 47.20
C LYS I 844 74.05 40.28 48.17
N HIS I 845 73.08 40.90 48.84
CA HIS I 845 73.38 41.97 49.78
C HIS I 845 74.22 41.45 50.92
N LEU I 846 75.16 42.28 51.40
CA LEU I 846 76.11 41.85 52.40
C LEU I 846 75.48 41.63 53.77
N LEU I 847 74.25 42.09 53.97
CA LEU I 847 73.56 41.95 55.24
C LEU I 847 72.54 40.82 55.24
N CYS I 848 72.56 39.95 54.24
CA CYS I 848 71.66 38.81 54.19
C CYS I 848 72.25 37.66 54.99
N ASN I 849 71.51 37.18 55.98
CA ASN I 849 71.96 36.09 56.84
C ASN I 849 71.24 34.79 56.55
N LEU I 850 70.66 34.65 55.35
CA LEU I 850 69.91 33.45 55.00
C LEU I 850 70.81 32.22 55.02
N GLN I 851 70.26 31.10 55.49
CA GLN I 851 70.99 29.84 55.57
C GLN I 851 70.35 28.74 54.73
N LYS I 852 69.04 28.53 54.89
CA LYS I 852 68.33 27.49 54.16
C LYS I 852 67.29 28.15 53.28
N LEU I 853 67.33 27.85 51.99
CA LEU I 853 66.43 28.46 51.02
C LEU I 853 65.76 27.38 50.18
N TRP I 854 64.47 27.19 50.37
CA TRP I 854 63.71 26.27 49.53
C TRP I 854 63.17 27.00 48.32
N LEU I 855 63.28 26.36 47.15
CA LEU I 855 62.69 26.91 45.93
C LEU I 855 62.03 25.82 45.12
N VAL I 856 61.46 24.81 45.79
CA VAL I 856 60.95 23.63 45.11
C VAL I 856 59.73 23.99 44.28
N SER I 857 59.74 23.56 43.02
CA SER I 857 58.59 23.70 42.12
C SER I 857 58.18 25.15 41.93
N CYS I 858 59.17 26.03 41.79
CA CYS I 858 58.92 27.45 41.59
C CYS I 858 58.80 27.83 40.11
N CYS I 859 58.49 26.87 39.24
CA CYS I 859 58.33 27.12 37.81
C CYS I 859 59.56 27.79 37.21
N LEU I 860 60.74 27.36 37.64
CA LEU I 860 61.99 27.95 37.18
C LEU I 860 62.41 27.34 35.85
N THR I 861 63.45 27.94 35.27
CA THR I 861 64.14 27.40 34.10
C THR I 861 65.63 27.58 34.32
N SER I 862 66.41 27.20 33.31
CA SER I 862 67.87 27.29 33.44
C SER I 862 68.35 28.73 33.49
N ALA I 863 67.57 29.67 32.94
CA ALA I 863 68.01 31.05 32.84
C ALA I 863 68.31 31.66 34.20
N CYS I 864 67.48 31.34 35.20
CA CYS I 864 67.71 31.87 36.54
C CYS I 864 68.99 31.34 37.15
N CYS I 865 69.44 30.16 36.72
CA CYS I 865 70.55 29.48 37.37
C CYS I 865 71.78 30.39 37.45
N GLN I 866 72.09 31.07 36.34
CA GLN I 866 73.25 31.96 36.32
C GLN I 866 73.20 32.94 37.50
N ASP I 867 72.05 33.59 37.69
CA ASP I 867 71.91 34.53 38.79
C ASP I 867 72.21 33.85 40.12
N LEU I 868 71.65 32.64 40.32
CA LEU I 868 71.88 31.91 41.55
C LEU I 868 73.37 31.72 41.81
N ALA I 869 74.14 31.50 40.73
CA ALA I 869 75.58 31.30 40.89
C ALA I 869 76.21 32.48 41.62
N LEU I 870 75.83 33.70 41.23
CA LEU I 870 76.42 34.88 41.88
C LEU I 870 76.15 34.86 43.37
N VAL I 871 74.96 34.39 43.77
CA VAL I 871 74.63 34.31 45.19
C VAL I 871 75.68 33.49 45.93
N LEU I 872 76.06 32.35 45.36
CA LEU I 872 77.01 31.47 46.03
C LEU I 872 78.38 32.13 46.16
N SER I 873 78.69 33.11 45.33
CA SER I 873 79.93 33.86 45.44
C SER I 873 79.74 35.24 46.06
N SER I 874 78.54 35.57 46.49
CA SER I 874 78.30 36.82 47.21
C SER I 874 77.84 36.59 48.65
N ASN I 875 77.00 35.58 48.87
CA ASN I 875 76.54 35.23 50.20
C ASN I 875 77.22 33.94 50.64
N HIS I 876 77.87 33.98 51.80
CA HIS I 876 78.51 32.80 52.37
C HIS I 876 77.69 32.16 53.48
N SER I 877 76.66 32.82 53.98
CA SER I 877 75.81 32.21 54.99
C SER I 877 74.87 31.16 54.43
N LEU I 878 74.64 31.16 53.12
CA LEU I 878 73.75 30.19 52.49
C LEU I 878 74.40 28.81 52.55
N THR I 879 73.90 27.95 53.43
CA THR I 879 74.43 26.60 53.54
C THR I 879 73.75 25.63 52.58
N ARG I 880 72.44 25.44 52.74
CA ARG I 880 71.72 24.43 51.98
C ARG I 880 70.70 25.08 51.06
N LEU I 881 70.66 24.61 49.83
CA LEU I 881 69.72 25.05 48.81
C LEU I 881 68.87 23.87 48.37
N TYR I 882 67.63 24.15 47.97
CA TYR I 882 66.73 23.10 47.52
C TYR I 882 65.99 23.62 46.29
N ILE I 883 66.54 23.34 45.11
CA ILE I 883 65.99 23.86 43.87
C ILE I 883 65.41 22.74 43.03
N GLY I 884 64.93 21.70 43.69
CA GLY I 884 64.41 20.56 42.98
C GLY I 884 63.06 20.81 42.34
N GLU I 885 62.68 19.87 41.48
CA GLU I 885 61.39 19.90 40.79
C GLU I 885 61.27 21.17 39.95
N ASN I 886 62.29 21.43 39.14
CA ASN I 886 62.28 22.53 38.18
C ASN I 886 62.90 22.04 36.89
N ALA I 887 62.56 22.71 35.80
CA ALA I 887 63.13 22.35 34.50
C ALA I 887 64.50 23.00 34.33
N LEU I 888 65.39 22.80 35.29
CA LEU I 888 66.73 23.39 35.21
C LEU I 888 67.48 22.82 34.01
N GLY I 889 67.76 21.53 34.03
CA GLY I 889 68.48 20.87 32.95
C GLY I 889 69.98 20.88 33.14
N ASP I 890 70.64 20.17 32.23
CA ASP I 890 72.09 20.02 32.31
C ASP I 890 72.80 21.35 32.16
N SER I 891 72.31 22.22 31.28
CA SER I 891 72.93 23.53 31.11
C SER I 891 72.90 24.33 32.40
N GLY I 892 71.74 24.37 33.06
CA GLY I 892 71.64 25.11 34.31
C GLY I 892 72.48 24.51 35.41
N VAL I 893 72.50 23.18 35.51
CA VAL I 893 73.31 22.55 36.55
C VAL I 893 74.79 22.81 36.30
N GLN I 894 75.22 22.78 35.04
CA GLN I 894 76.60 23.11 34.72
C GLN I 894 76.91 24.55 35.07
N VAL I 895 75.97 25.46 34.80
CA VAL I 895 76.20 26.87 35.12
C VAL I 895 76.38 27.05 36.62
N LEU I 896 75.55 26.39 37.41
CA LEU I 896 75.70 26.44 38.87
C LEU I 896 77.03 25.85 39.30
N CYS I 897 77.36 24.65 38.80
CA CYS I 897 78.53 23.94 39.28
C CYS I 897 79.82 24.68 38.93
N GLU I 898 79.90 25.24 37.72
CA GLU I 898 81.12 25.92 37.28
C GLU I 898 81.53 26.99 38.28
N LYS I 899 80.56 27.74 38.80
CA LYS I 899 80.85 28.71 39.84
C LYS I 899 80.97 28.04 41.21
N MET I 900 80.36 26.87 41.37
CA MET I 900 80.34 26.16 42.65
C MET I 900 81.66 25.48 43.00
N LYS I 901 82.53 25.23 42.01
CA LYS I 901 83.75 24.47 42.27
C LYS I 901 84.71 25.18 43.22
N ASP I 902 84.52 26.47 43.48
CA ASP I 902 85.43 27.18 44.36
C ASP I 902 85.38 26.58 45.76
N PRO I 903 86.52 26.21 46.35
CA PRO I 903 86.50 25.68 47.72
C PRO I 903 85.97 26.66 48.74
N GLN I 904 86.00 27.96 48.46
CA GLN I 904 85.45 28.93 49.38
C GLN I 904 83.92 28.91 49.41
N CYS I 905 83.29 28.34 48.38
CA CYS I 905 81.83 28.20 48.37
C CYS I 905 81.38 27.38 49.57
N ASN I 906 80.36 27.88 50.27
CA ASN I 906 79.94 27.30 51.54
C ASN I 906 78.69 26.44 51.42
N LEU I 907 78.24 26.15 50.21
CA LEU I 907 77.03 25.36 50.03
C LEU I 907 77.26 23.93 50.50
N GLN I 908 76.25 23.35 51.16
CA GLN I 908 76.36 22.02 51.73
C GLN I 908 75.40 21.03 51.11
N LYS I 909 74.09 21.28 51.14
CA LYS I 909 73.12 20.23 50.92
C LYS I 909 72.24 20.47 49.70
N LEU I 910 72.85 20.82 48.57
CA LEU I 910 72.11 21.08 47.35
C LEU I 910 71.19 19.91 47.01
N GLY I 911 70.12 20.21 46.28
CA GLY I 911 69.20 19.19 45.84
C GLY I 911 68.63 19.47 44.47
N LEU I 912 68.50 18.45 43.63
CA LEU I 912 68.00 18.60 42.26
C LEU I 912 66.96 17.54 41.96
N VAL I 913 66.03 17.34 42.88
CA VAL I 913 65.00 16.32 42.70
C VAL I 913 64.18 16.62 41.46
N ASN I 914 64.05 15.61 40.59
CA ASN I 914 63.16 15.69 39.44
C ASN I 914 63.46 16.89 38.55
N SER I 915 64.75 17.17 38.33
CA SER I 915 65.17 18.30 37.52
C SER I 915 65.30 17.95 36.04
N GLY I 916 65.00 16.71 35.65
CA GLY I 916 65.12 16.32 34.26
C GLY I 916 66.53 16.33 33.73
N LEU I 917 67.52 15.98 34.56
CA LEU I 917 68.90 16.03 34.16
C LEU I 917 69.27 14.81 33.34
N THR I 918 70.54 14.75 32.93
CA THR I 918 71.09 13.61 32.21
C THR I 918 72.56 13.52 32.62
N SER I 919 73.33 12.64 31.98
CA SER I 919 74.72 12.42 32.37
C SER I 919 75.62 13.59 32.03
N ILE I 920 75.12 14.58 31.29
CA ILE I 920 75.97 15.69 30.85
C ILE I 920 76.47 16.51 32.03
N CYS I 921 75.58 16.81 32.98
CA CYS I 921 75.95 17.60 34.15
C CYS I 921 76.75 16.80 35.16
N CYS I 922 76.88 15.48 34.95
CA CYS I 922 77.57 14.64 35.92
C CYS I 922 79.05 14.98 35.98
N SER I 923 79.64 15.41 34.86
CA SER I 923 81.04 15.84 34.90
C SER I 923 81.22 17.07 35.76
N ALA I 924 80.29 18.03 35.66
CA ALA I 924 80.35 19.22 36.52
C ALA I 924 80.18 18.83 37.98
N LEU I 925 79.25 17.91 38.26
CA LEU I 925 79.08 17.43 39.63
C LEU I 925 80.34 16.73 40.12
N THR I 926 81.01 15.99 39.25
CA THR I 926 82.28 15.36 39.59
C THR I 926 83.32 16.41 39.96
N SER I 927 83.39 17.50 39.19
CA SER I 927 84.30 18.59 39.53
C SER I 927 83.96 19.18 40.89
N VAL I 928 82.67 19.36 41.17
CA VAL I 928 82.25 19.89 42.46
C VAL I 928 82.73 19.00 43.59
N LEU I 929 82.51 17.69 43.45
CA LEU I 929 82.95 16.75 44.47
C LEU I 929 84.46 16.76 44.63
N LYS I 930 85.19 16.83 43.51
CA LYS I 930 86.64 16.86 43.56
C LYS I 930 87.18 18.09 44.26
N THR I 931 86.51 19.23 44.11
CA THR I 931 87.04 20.49 44.62
C THR I 931 86.46 20.89 45.96
N ASN I 932 85.14 20.94 46.10
CA ASN I 932 84.52 21.46 47.32
C ASN I 932 84.78 20.53 48.49
N GLN I 933 85.02 21.12 49.66
CA GLN I 933 85.29 20.37 50.89
C GLN I 933 84.16 20.45 51.91
N ASN I 934 83.01 21.03 51.53
CA ASN I 934 81.88 21.15 52.43
C ASN I 934 80.58 20.62 51.85
N PHE I 935 80.59 20.17 50.59
CA PHE I 935 79.38 19.72 49.90
C PHE I 935 79.06 18.30 50.38
N THR I 936 78.35 18.23 51.51
CA THR I 936 78.12 16.94 52.16
C THR I 936 77.02 16.15 51.46
N HIS I 937 75.79 16.65 51.50
CA HIS I 937 74.68 15.89 50.96
C HIS I 937 74.44 16.28 49.50
N LEU I 938 73.60 15.49 48.82
CA LEU I 938 73.29 15.73 47.43
C LEU I 938 72.16 14.80 47.01
N TYR I 939 71.16 15.32 46.31
CA TYR I 939 70.00 14.56 45.90
C TYR I 939 69.94 14.52 44.37
N LEU I 940 69.58 13.38 43.81
CA LEU I 940 69.40 13.31 42.35
C LEU I 940 68.20 12.51 41.91
N ARG I 941 67.18 12.31 42.75
CA ARG I 941 66.15 11.35 42.36
C ARG I 941 65.38 11.85 41.15
N SER I 942 64.77 10.89 40.44
CA SER I 942 63.93 11.16 39.28
C SER I 942 64.71 11.88 38.17
N ASN I 943 66.00 11.59 38.04
CA ASN I 943 66.83 12.11 36.96
C ASN I 943 67.38 10.95 36.15
N ALA I 944 67.20 11.00 34.84
CA ALA I 944 67.67 9.94 33.96
C ALA I 944 69.20 10.02 33.79
N LEU I 945 69.91 9.79 34.89
CA LEU I 945 71.36 9.86 34.86
C LEU I 945 71.95 8.70 34.05
N GLY I 946 71.51 7.48 34.35
CA GLY I 946 72.04 6.31 33.67
C GLY I 946 73.34 5.83 34.27
N ASP I 947 73.77 4.66 33.79
CA ASP I 947 75.02 4.08 34.27
C ASP I 947 76.22 4.93 33.90
N THR I 948 76.20 5.56 32.73
CA THR I 948 77.26 6.50 32.39
C THR I 948 77.32 7.64 33.38
N GLY I 949 76.16 8.18 33.77
CA GLY I 949 76.14 9.23 34.78
C GLY I 949 76.69 8.75 36.12
N LEU I 950 76.31 7.55 36.53
CA LEU I 950 76.82 7.02 37.79
C LEU I 950 78.33 6.84 37.73
N ARG I 951 78.85 6.38 36.58
CA ARG I 951 80.30 6.27 36.42
C ARG I 951 80.97 7.63 36.51
N LEU I 952 80.36 8.64 35.90
CA LEU I 952 80.92 9.98 35.97
C LEU I 952 80.93 10.51 37.40
N LEU I 953 79.86 10.25 38.17
CA LEU I 953 79.89 10.61 39.59
C LEU I 953 80.96 9.83 40.34
N CYS I 954 81.13 8.55 40.02
CA CYS I 954 82.20 7.76 40.62
C CYS I 954 83.56 8.37 40.34
N GLU I 955 83.72 9.00 39.17
CA GLU I 955 84.99 9.60 38.81
C GLU I 955 85.47 10.58 39.88
N GLY I 956 84.54 11.32 40.47
CA GLY I 956 84.90 12.25 41.54
C GLY I 956 84.71 11.68 42.92
N LEU I 957 83.88 10.64 43.04
CA LEU I 957 83.66 10.01 44.33
C LEU I 957 84.93 9.36 44.86
N LEU I 958 85.71 8.75 43.97
CA LEU I 958 86.94 8.08 44.37
C LEU I 958 88.03 9.05 44.79
N HIS I 959 87.83 10.35 44.58
CA HIS I 959 88.87 11.32 44.91
C HIS I 959 89.14 11.32 46.41
N PRO I 960 90.41 11.30 46.83
CA PRO I 960 90.70 11.28 48.27
C PRO I 960 90.20 12.50 49.02
N ASP I 961 89.99 13.62 48.33
CA ASP I 961 89.53 14.85 48.98
C ASP I 961 88.02 14.93 49.09
N CYS I 962 87.30 13.87 48.72
CA CYS I 962 85.85 13.90 48.74
C CYS I 962 85.32 14.04 50.16
N LYS I 963 84.12 14.60 50.27
CA LYS I 963 83.47 14.78 51.55
C LYS I 963 81.98 14.44 51.51
N LEU I 964 81.48 13.93 50.39
CA LEU I 964 80.06 13.66 50.23
C LEU I 964 79.58 12.63 51.25
N GLN I 965 78.68 13.08 52.14
CA GLN I 965 78.17 12.22 53.22
C GLN I 965 76.83 11.58 52.90
N MET I 966 76.31 11.76 51.70
CA MET I 966 75.14 11.00 51.25
C MET I 966 74.96 11.28 49.77
N LEU I 967 74.37 10.32 49.06
CA LEU I 967 74.19 10.49 47.62
C LEU I 967 72.94 9.72 47.20
N GLU I 968 71.80 10.41 47.19
CA GLU I 968 70.55 9.79 46.81
C GLU I 968 70.50 9.54 45.30
N LEU I 969 70.04 8.35 44.91
CA LEU I 969 69.92 8.00 43.50
C LEU I 969 68.57 7.38 43.17
N ASP I 970 67.58 7.52 44.05
CA ASP I 970 66.32 6.81 43.85
C ASP I 970 65.69 7.17 42.51
N ASN I 971 65.14 6.17 41.84
CA ASN I 971 64.42 6.35 40.57
C ASN I 971 65.27 7.03 39.51
N CYS I 972 66.59 6.90 39.58
CA CYS I 972 67.45 7.51 38.57
C CYS I 972 67.47 6.73 37.27
N SER I 973 66.73 5.63 37.18
CA SER I 973 66.73 4.74 36.02
C SER I 973 68.14 4.22 35.75
N LEU I 974 68.67 3.51 36.75
CA LEU I 974 70.00 2.93 36.67
C LEU I 974 69.94 1.52 36.10
N THR I 975 71.12 0.90 35.97
CA THR I 975 71.24 -0.47 35.49
C THR I 975 72.50 -1.09 36.08
N SER I 976 72.72 -2.36 35.76
CA SER I 976 73.76 -3.17 36.37
C SER I 976 75.12 -3.03 35.68
N HIS I 977 75.23 -2.21 34.64
CA HIS I 977 76.49 -2.15 33.90
C HIS I 977 77.57 -1.42 34.68
N SER I 978 77.21 -0.34 35.38
CA SER I 978 78.15 0.42 36.20
C SER I 978 78.27 -0.12 37.62
N CYS I 979 78.01 -1.42 37.79
CA CYS I 979 77.87 -2.01 39.11
C CYS I 979 79.23 -2.15 39.79
N TRP I 980 80.25 -2.47 39.01
CA TRP I 980 81.64 -2.42 39.51
C TRP I 980 81.95 -1.05 40.07
N ASN I 981 81.39 0.01 39.48
CA ASN I 981 81.61 1.35 40.01
C ASN I 981 81.01 1.48 41.41
N LEU I 982 79.83 0.89 41.64
CA LEU I 982 79.26 0.89 42.98
C LEU I 982 80.19 0.18 43.96
N SER I 983 80.73 -0.97 43.54
CA SER I 983 81.65 -1.69 44.40
C SER I 983 82.89 -0.85 44.72
N THR I 984 83.41 -0.15 43.70
CA THR I 984 84.58 0.70 43.89
C THR I 984 84.28 1.85 44.85
N ILE I 985 83.10 2.47 44.70
CA ILE I 985 82.72 3.57 45.58
C ILE I 985 82.67 3.10 47.03
N LEU I 986 82.06 1.94 47.27
CA LEU I 986 82.02 1.45 48.64
C LEU I 986 83.40 1.07 49.15
N THR I 987 84.26 0.50 48.32
CA THR I 987 85.56 0.07 48.78
C THR I 987 86.52 1.22 49.05
N HIS I 988 86.36 2.35 48.36
CA HIS I 988 87.34 3.43 48.48
C HIS I 988 86.84 4.65 49.22
N ASN I 989 85.57 5.02 49.08
CA ASN I 989 85.04 6.18 49.78
C ASN I 989 84.92 5.84 51.26
N HIS I 990 85.77 6.47 52.08
CA HIS I 990 85.73 6.28 53.52
C HIS I 990 84.86 7.31 54.24
N SER I 991 84.30 8.27 53.52
CA SER I 991 83.51 9.35 54.10
C SER I 991 82.02 9.20 53.87
N LEU I 992 81.61 8.66 52.73
CA LEU I 992 80.19 8.46 52.46
C LEU I 992 79.57 7.55 53.51
N ARG I 993 78.42 7.96 54.04
CA ARG I 993 77.77 7.22 55.12
C ARG I 993 76.30 6.92 54.88
N LYS I 994 75.77 7.23 53.71
CA LYS I 994 74.40 6.89 53.37
C LYS I 994 74.32 6.70 51.86
N LEU I 995 73.18 6.19 51.39
CA LEU I 995 73.02 5.91 49.98
C LEU I 995 71.57 5.51 49.74
N ASN I 996 71.12 5.67 48.50
CA ASN I 996 69.77 5.30 48.09
C ASN I 996 69.82 4.66 46.71
N LEU I 997 69.06 3.57 46.52
CA LEU I 997 68.97 2.96 45.20
C LEU I 997 67.55 2.56 44.82
N GLY I 998 66.53 3.20 45.40
CA GLY I 998 65.16 2.78 45.13
C GLY I 998 64.81 2.86 43.66
N ASN I 999 63.98 1.92 43.23
CA ASN I 999 63.46 1.87 41.86
C ASN I 999 64.57 1.80 40.82
N ASN I 1000 65.63 1.06 41.14
CA ASN I 1000 66.74 0.82 40.22
C ASN I 1000 66.91 -0.69 40.04
N ASP I 1001 66.69 -1.16 38.82
CA ASP I 1001 66.86 -2.58 38.50
C ASP I 1001 68.35 -2.88 38.40
N LEU I 1002 68.93 -3.36 39.50
CA LEU I 1002 70.35 -3.68 39.53
C LEU I 1002 70.63 -5.17 39.35
N GLY I 1003 69.68 -6.05 39.60
CA GLY I 1003 69.86 -7.47 39.40
C GLY I 1003 70.45 -8.16 40.61
N ASP I 1004 70.25 -9.48 40.66
CA ASP I 1004 70.69 -10.26 41.81
C ASP I 1004 72.21 -10.26 41.97
N LEU I 1005 72.94 -10.35 40.85
CA LEU I 1005 74.39 -10.34 40.93
C LEU I 1005 74.90 -9.05 41.56
N CYS I 1006 74.30 -7.93 41.21
CA CYS I 1006 74.70 -6.67 41.81
C CYS I 1006 74.43 -6.66 43.31
N VAL I 1007 73.26 -7.16 43.73
CA VAL I 1007 72.96 -7.13 45.16
C VAL I 1007 73.94 -8.01 45.93
N VAL I 1008 74.26 -9.18 45.40
CA VAL I 1008 75.17 -10.07 46.13
C VAL I 1008 76.60 -9.51 46.12
N THR I 1009 77.01 -8.86 45.04
CA THR I 1009 78.31 -8.19 45.03
C THR I 1009 78.35 -7.05 46.03
N LEU I 1010 77.26 -6.28 46.11
CA LEU I 1010 77.13 -5.27 47.15
C LEU I 1010 77.29 -5.90 48.53
N CYS I 1011 76.64 -7.04 48.77
CA CYS I 1011 76.76 -7.72 50.05
C CYS I 1011 78.22 -8.06 50.36
N GLU I 1012 78.88 -8.73 49.42
CA GLU I 1012 80.25 -9.19 49.69
C GLU I 1012 81.21 -8.01 49.84
N VAL I 1013 80.96 -6.92 49.12
CA VAL I 1013 81.76 -5.72 49.33
C VAL I 1013 81.54 -5.17 50.74
N LEU I 1014 80.28 -5.12 51.17
CA LEU I 1014 79.98 -4.58 52.50
C LEU I 1014 80.51 -5.47 53.61
N LYS I 1015 80.78 -6.74 53.33
CA LYS I 1015 81.19 -7.66 54.40
C LYS I 1015 82.45 -7.18 55.11
N GLN I 1016 83.42 -6.67 54.36
CA GLN I 1016 84.71 -6.33 54.95
C GLN I 1016 84.57 -5.15 55.91
N GLN I 1017 85.57 -5.03 56.80
CA GLN I 1017 85.59 -3.97 57.79
C GLN I 1017 86.08 -2.64 57.23
N GLY I 1018 86.53 -2.60 55.98
CA GLY I 1018 86.99 -1.37 55.38
C GLY I 1018 85.92 -0.43 54.92
N CYS I 1019 84.65 -0.81 55.05
CA CYS I 1019 83.52 0.00 54.62
C CYS I 1019 82.85 0.63 55.84
N LEU I 1020 82.68 1.95 55.82
CA LEU I 1020 82.08 2.68 56.93
C LEU I 1020 80.66 3.12 56.63
N LEU I 1021 80.03 2.58 55.59
CA LEU I 1021 78.65 2.93 55.28
C LEU I 1021 77.74 2.55 56.44
N GLN I 1022 76.79 3.44 56.74
CA GLN I 1022 75.90 3.25 57.89
C GLN I 1022 74.43 3.21 57.52
N SER I 1023 74.09 3.14 56.24
CA SER I 1023 72.71 3.02 55.81
C SER I 1023 72.69 2.78 54.30
N LEU I 1024 71.62 2.15 53.83
CA LEU I 1024 71.45 1.84 52.43
C LEU I 1024 70.03 1.37 52.22
N GLN I 1025 69.45 1.75 51.08
CA GLN I 1025 68.07 1.40 50.78
C GLN I 1025 67.98 0.73 49.42
N LEU I 1026 67.25 -0.38 49.39
CA LEU I 1026 66.95 -1.11 48.16
C LEU I 1026 65.44 -1.29 48.04
N GLY I 1027 64.69 -0.22 48.25
CA GLY I 1027 63.25 -0.34 48.26
C GLY I 1027 62.69 -0.55 46.87
N GLU I 1028 61.59 -1.32 46.81
CA GLU I 1028 60.74 -1.42 45.63
C GLU I 1028 61.47 -2.02 44.42
N MET I 1029 61.90 -3.26 44.59
CA MET I 1029 62.25 -4.12 43.46
C MET I 1029 62.16 -5.58 43.92
N TYR I 1030 62.13 -6.48 42.94
CA TYR I 1030 61.93 -7.91 43.18
C TYR I 1030 63.28 -8.60 43.18
N LEU I 1031 63.72 -9.03 44.36
CA LEU I 1031 64.99 -9.70 44.55
C LEU I 1031 64.79 -11.21 44.57
N ASN I 1032 65.82 -11.95 44.97
CA ASN I 1032 65.84 -13.40 44.97
C ASN I 1032 65.92 -13.93 46.41
N ARG I 1033 65.64 -15.22 46.56
CA ARG I 1033 65.76 -15.87 47.86
C ARG I 1033 67.21 -15.87 48.34
N GLU I 1034 68.15 -16.18 47.46
CA GLU I 1034 69.55 -16.10 47.81
C GLU I 1034 69.94 -14.67 48.17
N THR I 1035 69.42 -13.70 47.42
CA THR I 1035 69.65 -12.30 47.75
C THR I 1035 69.13 -11.98 49.14
N LYS I 1036 67.93 -12.46 49.47
CA LYS I 1036 67.36 -12.22 50.79
C LYS I 1036 68.21 -12.85 51.89
N ARG I 1037 68.72 -14.06 51.65
CA ARG I 1037 69.59 -14.67 52.65
C ARG I 1037 70.86 -13.86 52.85
N ALA I 1038 71.46 -13.38 51.75
CA ALA I 1038 72.68 -12.58 51.87
C ALA I 1038 72.41 -11.30 52.64
N LEU I 1039 71.29 -10.63 52.37
CA LEU I 1039 70.94 -9.41 53.09
C LEU I 1039 70.68 -9.68 54.56
N GLU I 1040 69.97 -10.76 54.87
CA GLU I 1040 69.76 -11.12 56.27
C GLU I 1040 71.08 -11.40 56.96
N ALA I 1041 72.00 -12.09 56.28
CA ALA I 1041 73.30 -12.36 56.86
C ALA I 1041 74.03 -11.06 57.19
N LEU I 1042 74.17 -10.18 56.20
CA LEU I 1042 74.89 -8.93 56.43
C LEU I 1042 74.23 -8.11 57.52
N GLN I 1043 72.91 -8.22 57.67
CA GLN I 1043 72.28 -7.60 58.84
C GLN I 1043 72.67 -8.32 60.12
N GLU I 1044 72.95 -9.63 60.05
CA GLU I 1044 73.25 -10.40 61.25
C GLU I 1044 74.66 -10.10 61.77
N GLU I 1045 75.69 -10.36 60.95
CA GLU I 1045 77.05 -10.18 61.48
C GLU I 1045 77.37 -8.73 61.80
N LYS I 1046 76.91 -7.78 60.99
CA LYS I 1046 77.07 -6.36 61.30
C LYS I 1046 75.70 -5.71 61.41
N PRO I 1047 75.21 -5.44 62.63
CA PRO I 1047 73.88 -4.83 62.77
C PRO I 1047 73.86 -3.33 62.56
N GLU I 1048 75.01 -2.65 62.56
CA GLU I 1048 75.02 -1.21 62.40
C GLU I 1048 74.57 -0.78 61.01
N LEU I 1049 74.93 -1.57 59.98
CA LEU I 1049 74.64 -1.21 58.59
C LEU I 1049 73.18 -1.56 58.30
N THR I 1050 72.34 -0.54 58.35
CA THR I 1050 70.91 -0.73 58.12
C THR I 1050 70.63 -0.96 56.64
N ILE I 1051 69.60 -1.75 56.37
CA ILE I 1051 69.13 -1.99 55.01
C ILE I 1051 67.60 -1.89 55.01
N VAL I 1052 67.05 -1.35 53.93
CA VAL I 1052 65.60 -1.19 53.79
C VAL I 1052 65.19 -2.00 52.56
N PHE I 1053 65.84 -3.15 52.37
CA PHE I 1053 65.64 -3.95 51.18
C PHE I 1053 64.17 -4.33 50.98
N GLU I 1054 63.46 -4.60 52.08
CA GLU I 1054 62.08 -5.03 51.96
C GLU I 1054 61.23 -3.94 51.32
N ILE I 1055 60.43 -4.33 50.33
CA ILE I 1055 59.62 -3.38 49.60
C ILE I 1055 58.46 -2.88 50.47
N ASP J 155 -22.48 37.35 29.15
CA ASP J 155 -21.02 37.43 29.11
C ASP J 155 -20.52 38.62 29.91
N TYR J 156 -19.34 38.46 30.53
CA TYR J 156 -18.78 39.51 31.38
C TYR J 156 -18.52 40.79 30.58
N CYS J 157 -17.95 40.64 29.39
CA CYS J 157 -17.65 41.80 28.56
C CYS J 157 -18.93 42.54 28.17
N LYS J 158 -20.01 41.80 27.89
CA LYS J 158 -21.24 42.44 27.46
C LYS J 158 -21.83 43.31 28.55
N MET J 159 -21.94 42.78 29.78
CA MET J 159 -22.52 43.59 30.85
C MET J 159 -21.59 44.72 31.26
N TYR J 160 -20.27 44.49 31.21
CA TYR J 160 -19.34 45.59 31.48
C TYR J 160 -19.49 46.70 30.45
N ARG J 161 -19.67 46.33 29.18
CA ARG J 161 -19.88 47.32 28.13
C ARG J 161 -21.20 48.06 28.31
N ARG J 162 -22.25 47.35 28.74
CA ARG J 162 -23.52 48.01 29.02
C ARG J 162 -23.37 49.01 30.17
N HIS J 163 -22.63 48.63 31.21
CA HIS J 163 -22.43 49.53 32.34
C HIS J 163 -21.65 50.77 31.94
N VAL J 164 -20.60 50.60 31.13
CA VAL J 164 -19.82 51.77 30.73
C VAL J 164 -20.60 52.61 29.72
N ARG J 165 -21.50 51.99 28.96
CA ARG J 165 -22.41 52.77 28.12
C ARG J 165 -23.35 53.60 28.96
N SER J 166 -23.87 53.01 30.05
CA SER J 166 -24.73 53.78 30.96
C SER J 166 -23.96 54.93 31.58
N ARG J 167 -22.72 54.69 31.99
CA ARG J 167 -21.90 55.74 32.58
C ARG J 167 -21.61 56.86 31.58
N PHE J 168 -21.26 56.50 30.35
CA PHE J 168 -20.75 57.44 29.36
C PHE J 168 -21.80 57.85 28.34
N TYR J 169 -23.08 57.57 28.61
CA TYR J 169 -24.14 58.00 27.71
C TYR J 169 -24.20 59.53 27.61
N SER J 170 -24.07 60.22 28.74
CA SER J 170 -24.15 61.67 28.79
C SER J 170 -22.90 62.23 29.45
N ILE J 171 -22.69 63.53 29.23
CA ILE J 171 -21.53 64.21 29.80
C ILE J 171 -21.97 65.29 30.78
N SER J 181 -28.49 65.68 32.24
CA SER J 181 -27.51 66.55 31.60
C SER J 181 -27.74 66.60 30.10
N VAL J 182 -26.65 66.57 29.33
CA VAL J 182 -26.70 66.68 27.88
C VAL J 182 -26.15 65.39 27.27
N ASP J 183 -26.80 64.93 26.20
CA ASP J 183 -26.38 63.70 25.54
C ASP J 183 -25.04 63.91 24.85
N LEU J 184 -24.23 62.85 24.84
CA LEU J 184 -22.87 62.97 24.31
C LEU J 184 -22.84 62.87 22.79
N ASN J 185 -23.31 61.76 22.24
CA ASN J 185 -23.16 61.51 20.80
C ASN J 185 -23.94 62.51 19.97
N SER J 186 -25.15 62.87 20.41
CA SER J 186 -25.94 63.84 19.66
C SER J 186 -25.24 65.19 19.58
N ARG J 187 -24.65 65.64 20.68
CA ARG J 187 -23.86 66.86 20.69
C ARG J 187 -22.44 66.65 20.18
N TYR J 188 -22.01 65.40 20.00
CA TYR J 188 -20.66 65.12 19.54
C TYR J 188 -20.47 65.57 18.10
N THR J 189 -19.25 66.05 17.81
CA THR J 189 -18.86 66.41 16.46
C THR J 189 -17.43 65.95 16.23
N GLN J 190 -17.15 65.50 15.01
CA GLN J 190 -15.85 64.95 14.68
C GLN J 190 -14.76 66.01 14.75
N LEU J 191 -13.55 65.57 15.04
CA LEU J 191 -12.38 66.43 15.18
C LEU J 191 -11.31 66.02 14.17
N GLN J 192 -10.33 66.90 14.01
CA GLN J 192 -9.20 66.67 13.11
C GLN J 192 -7.95 66.40 13.95
N LEU J 193 -7.31 65.27 13.69
CA LEU J 193 -6.09 64.87 14.39
C LEU J 193 -5.05 64.40 13.38
N VAL J 194 -3.79 64.77 13.63
CA VAL J 194 -2.68 64.39 12.77
C VAL J 194 -1.54 63.87 13.63
N LYS J 195 -0.93 62.77 13.20
CA LYS J 195 0.22 62.22 13.90
C LYS J 195 1.45 63.10 13.68
N GLU J 196 2.16 63.39 14.77
CA GLU J 196 3.37 64.19 14.69
C GLU J 196 4.61 63.32 14.57
N SER J 222 -4.42 62.91 7.55
CA SER J 222 -4.93 62.82 8.92
C SER J 222 -5.07 61.37 9.36
N LEU J 223 -4.82 61.12 10.64
CA LEU J 223 -4.94 59.77 11.19
C LEU J 223 -6.38 59.50 11.59
N LYS J 224 -7.00 58.52 10.95
CA LYS J 224 -8.40 58.21 11.21
C LYS J 224 -8.56 57.53 12.56
N LEU J 225 -9.72 57.73 13.18
CA LEU J 225 -9.97 57.17 14.51
C LEU J 225 -10.13 55.66 14.47
N GLU J 226 -10.56 55.11 13.34
CA GLU J 226 -10.63 53.65 13.19
C GLU J 226 -9.27 53.04 12.89
N LEU J 227 -8.27 53.86 12.60
CA LEU J 227 -6.95 53.41 12.17
C LEU J 227 -5.89 53.69 13.22
N LEU J 228 -6.24 53.50 14.50
CA LEU J 228 -5.34 53.90 15.59
C LEU J 228 -4.17 52.93 15.76
N PHE J 229 -4.46 51.68 16.11
CA PHE J 229 -3.45 50.79 16.67
C PHE J 229 -2.82 49.85 15.65
N GLU J 230 -3.27 49.84 14.40
CA GLU J 230 -2.50 48.95 13.53
C GLU J 230 -1.19 49.63 13.14
N PRO J 231 -0.10 48.89 13.04
CA PRO J 231 1.19 49.51 12.68
C PRO J 231 1.24 49.82 11.20
N GLU J 232 1.54 51.09 10.88
CA GLU J 232 1.72 51.47 9.48
C GLU J 232 2.91 50.73 8.87
N ASP J 233 3.96 50.54 9.65
CA ASP J 233 5.13 49.75 9.24
C ASP J 233 5.14 48.45 10.02
N GLY J 234 5.53 47.37 9.34
CA GLY J 234 5.46 46.04 9.92
C GLY J 234 6.43 45.78 11.05
N HIS J 235 7.35 46.72 11.27
CA HIS J 235 8.37 46.59 12.31
C HIS J 235 8.23 47.71 13.35
N SER J 236 7.01 47.94 13.80
CA SER J 236 6.73 48.93 14.84
C SER J 236 6.92 48.28 16.20
N GLU J 237 7.69 48.94 17.06
CA GLU J 237 7.79 48.50 18.45
C GLU J 237 6.42 48.62 19.12
N PRO J 238 6.18 47.90 20.25
CA PRO J 238 4.81 47.71 20.75
C PRO J 238 3.88 48.89 20.57
N VAL J 239 2.77 48.65 19.85
CA VAL J 239 1.87 49.70 19.40
C VAL J 239 1.05 50.23 20.56
N HIS J 240 1.32 49.71 21.76
CA HIS J 240 0.49 49.98 22.92
C HIS J 240 0.83 51.29 23.60
N THR J 241 1.74 52.08 23.05
CA THR J 241 2.20 53.33 23.65
C THR J 241 1.93 54.48 22.69
N VAL J 242 0.75 55.09 22.84
CA VAL J 242 0.34 56.25 22.05
C VAL J 242 -0.02 57.36 23.01
N VAL J 243 0.52 58.56 22.74
CA VAL J 243 0.29 59.73 23.57
C VAL J 243 -0.45 60.77 22.74
N PHE J 244 -1.32 61.53 23.38
CA PHE J 244 -2.16 62.52 22.72
C PHE J 244 -1.88 63.90 23.30
N GLN J 245 -1.87 64.90 22.42
CA GLN J 245 -1.63 66.29 22.78
C GLN J 245 -2.77 67.15 22.27
N GLY J 246 -2.98 68.27 22.93
CA GLY J 246 -4.03 69.19 22.50
C GLY J 246 -4.13 70.36 23.47
N ALA J 247 -4.83 71.38 23.02
CA ALA J 247 -5.00 72.60 23.80
C ALA J 247 -6.00 72.38 24.93
N ALA J 248 -6.28 73.44 25.69
CA ALA J 248 -7.29 73.37 26.73
C ALA J 248 -8.68 73.41 26.10
N GLY J 249 -9.47 72.39 26.37
CA GLY J 249 -10.78 72.28 25.77
C GLY J 249 -10.80 71.70 24.37
N ILE J 250 -9.68 71.16 23.90
CA ILE J 250 -9.61 70.61 22.55
C ILE J 250 -10.49 69.37 22.42
N GLY J 251 -10.66 68.61 23.50
CA GLY J 251 -11.53 67.45 23.46
C GLY J 251 -10.85 66.14 23.76
N LYS J 252 -9.77 66.17 24.54
CA LYS J 252 -9.12 64.93 24.97
C LYS J 252 -10.07 64.09 25.83
N THR J 253 -10.74 64.73 26.80
CA THR J 253 -11.70 64.00 27.62
C THR J 253 -12.87 63.52 26.78
N ILE J 254 -13.36 64.37 25.89
CA ILE J 254 -14.48 63.98 25.02
C ILE J 254 -14.06 62.87 24.08
N LEU J 255 -12.83 62.93 23.55
CA LEU J 255 -12.34 61.84 22.72
C LEU J 255 -12.26 60.54 23.50
N ALA J 256 -11.78 60.60 24.74
CA ALA J 256 -11.68 59.40 25.56
C ALA J 256 -13.05 58.80 25.83
N ARG J 257 -14.01 59.65 26.22
CA ARG J 257 -15.35 59.15 26.48
C ARG J 257 -16.02 58.64 25.21
N LYS J 258 -15.75 59.28 24.07
CA LYS J 258 -16.33 58.83 22.81
C LYS J 258 -15.78 57.47 22.40
N ILE J 259 -14.47 57.25 22.54
CA ILE J 259 -13.91 55.95 22.19
C ILE J 259 -14.40 54.89 23.17
N MET J 260 -14.56 55.24 24.44
CA MET J 260 -15.10 54.29 25.40
C MET J 260 -16.53 53.92 25.06
N LEU J 261 -17.33 54.89 24.62
CA LEU J 261 -18.72 54.61 24.26
C LEU J 261 -18.79 53.81 22.96
N ASP J 262 -17.87 54.06 22.02
CA ASP J 262 -17.80 53.24 20.82
C ASP J 262 -17.47 51.80 21.17
N TRP J 263 -16.51 51.60 22.07
CA TRP J 263 -16.22 50.26 22.58
C TRP J 263 -17.39 49.68 23.36
N ALA J 264 -18.27 50.54 23.89
CA ALA J 264 -19.46 50.08 24.59
C ALA J 264 -20.65 49.85 23.67
N LEU J 265 -20.55 50.26 22.40
CA LEU J 265 -21.67 50.17 21.48
C LEU J 265 -21.46 49.15 20.36
N GLY J 266 -20.36 48.41 20.38
CA GLY J 266 -20.09 47.45 19.35
C GLY J 266 -19.43 48.00 18.10
N LYS J 267 -18.75 49.14 18.19
CA LYS J 267 -18.20 49.81 17.02
C LYS J 267 -16.72 49.48 16.81
N LEU J 268 -15.88 49.75 17.82
CA LEU J 268 -14.44 49.56 17.70
C LEU J 268 -13.92 48.69 18.83
N PHE J 269 -12.84 47.97 18.54
CA PHE J 269 -12.19 47.06 19.49
C PHE J 269 -13.13 45.92 19.88
N LYS J 270 -13.76 45.29 18.89
CA LYS J 270 -14.56 44.10 19.08
C LYS J 270 -13.80 42.84 18.67
N ASP J 271 -13.35 42.78 17.41
CA ASP J 271 -12.51 41.70 16.93
C ASP J 271 -11.04 41.91 17.23
N LYS J 272 -10.66 43.12 17.67
CA LYS J 272 -9.27 43.45 17.97
C LYS J 272 -8.97 43.37 19.45
N PHE J 273 -9.75 44.06 20.27
CA PHE J 273 -9.62 44.07 21.73
C PHE J 273 -10.89 43.50 22.35
N ASP J 274 -10.86 43.33 23.66
CA ASP J 274 -12.03 42.82 24.37
C ASP J 274 -12.38 43.69 25.58
N TYR J 275 -11.38 44.29 26.21
CA TYR J 275 -11.56 45.09 27.41
C TYR J 275 -10.94 46.46 27.23
N LEU J 276 -11.66 47.49 27.67
CA LEU J 276 -11.15 48.85 27.74
C LEU J 276 -11.45 49.41 29.12
N PHE J 277 -10.43 49.97 29.76
CA PHE J 277 -10.55 50.50 31.11
C PHE J 277 -10.29 52.00 31.13
N PHE J 278 -10.87 52.68 32.11
CA PHE J 278 -10.77 54.12 32.26
C PHE J 278 -10.15 54.44 33.62
N ILE J 279 -9.05 55.19 33.60
CA ILE J 279 -8.36 55.63 34.81
C ILE J 279 -8.21 57.14 34.73
N HIS J 280 -8.55 57.83 35.82
CA HIS J 280 -8.50 59.29 35.85
C HIS J 280 -7.58 59.75 36.97
N CYS J 281 -6.74 60.74 36.66
CA CYS J 281 -5.74 61.23 37.62
C CYS J 281 -6.40 61.90 38.81
N ARG J 282 -7.48 62.65 38.58
CA ARG J 282 -8.16 63.34 39.67
C ARG J 282 -8.71 62.35 40.69
N GLU J 283 -9.32 61.27 40.21
CA GLU J 283 -9.89 60.28 41.12
C GLU J 283 -8.80 59.46 41.79
N VAL J 284 -7.71 59.18 41.08
CA VAL J 284 -6.61 58.38 41.62
C VAL J 284 -5.65 59.35 42.32
N SER J 285 -5.82 59.51 43.63
CA SER J 285 -4.96 60.40 44.39
C SER J 285 -3.58 59.79 44.55
N LEU J 286 -2.54 60.62 44.44
CA LEU J 286 -1.17 60.15 44.54
C LEU J 286 -0.74 59.86 45.97
N ARG J 287 -1.39 60.46 46.96
CA ARG J 287 -1.01 60.24 48.36
C ARG J 287 -1.39 58.86 48.87
N THR J 288 -2.48 58.28 48.37
CA THR J 288 -2.90 56.97 48.83
C THR J 288 -2.34 55.90 47.90
N PRO J 289 -1.45 55.03 48.38
CA PRO J 289 -0.98 53.93 47.52
C PRO J 289 -2.12 53.00 47.15
N ARG J 290 -2.06 52.48 45.92
CA ARG J 290 -3.11 51.62 45.40
C ARG J 290 -2.50 50.55 44.50
N SER J 291 -3.36 49.71 43.95
CA SER J 291 -2.98 48.67 43.01
C SER J 291 -3.88 48.73 41.79
N LEU J 292 -3.51 47.95 40.77
CA LEU J 292 -4.37 47.86 39.59
C LEU J 292 -5.72 47.24 39.92
N ALA J 293 -5.77 46.40 40.97
CA ALA J 293 -7.03 45.82 41.39
C ALA J 293 -8.01 46.90 41.83
N ASP J 294 -7.51 47.91 42.56
CA ASP J 294 -8.37 49.01 42.98
C ASP J 294 -8.95 49.75 41.77
N LEU J 295 -8.12 50.02 40.77
CA LEU J 295 -8.59 50.71 39.57
C LEU J 295 -9.62 49.87 38.83
N ILE J 296 -9.39 48.56 38.71
CA ILE J 296 -10.35 47.69 38.03
C ILE J 296 -11.67 47.66 38.78
N VAL J 297 -11.61 47.54 40.12
CA VAL J 297 -12.83 47.52 40.92
C VAL J 297 -13.60 48.83 40.77
N SER J 298 -12.89 49.95 40.79
CA SER J 298 -13.55 51.24 40.59
C SER J 298 -14.19 51.33 39.21
N CYS J 299 -13.48 50.85 38.18
CA CYS J 299 -14.03 50.89 36.84
C CYS J 299 -15.14 49.85 36.64
N TRP J 300 -15.00 48.68 37.26
CA TRP J 300 -16.06 47.68 37.17
C TRP J 300 -17.27 48.12 37.98
N PRO J 301 -18.49 47.85 37.49
CA PRO J 301 -19.68 48.19 38.28
C PRO J 301 -19.79 47.32 39.52
N ASP J 302 -19.52 46.04 39.36
CA ASP J 302 -19.53 45.12 40.49
C ASP J 302 -18.27 45.32 41.33
N PRO J 303 -18.40 45.56 42.64
CA PRO J 303 -17.19 45.64 43.48
C PRO J 303 -16.43 44.34 43.63
N ASN J 304 -16.92 43.25 43.04
CA ASN J 304 -16.27 41.94 43.09
C ASN J 304 -16.10 41.43 41.67
N PRO J 305 -15.14 41.95 40.92
CA PRO J 305 -14.93 41.49 39.55
C PRO J 305 -14.12 40.21 39.53
N PRO J 306 -14.24 39.41 38.47
CA PRO J 306 -13.42 38.20 38.36
C PRO J 306 -11.96 38.54 38.08
N VAL J 307 -11.24 38.99 39.10
CA VAL J 307 -9.86 39.45 38.90
C VAL J 307 -8.99 38.32 38.38
N CYS J 308 -9.22 37.10 38.85
CA CYS J 308 -8.45 35.96 38.36
C CYS J 308 -8.71 35.70 36.89
N LYS J 309 -9.93 35.94 36.41
CA LYS J 309 -10.28 35.67 35.02
C LYS J 309 -9.85 36.78 34.06
N ILE J 310 -9.74 38.02 34.54
CA ILE J 310 -9.52 39.16 33.66
C ILE J 310 -8.07 39.61 33.59
N LEU J 311 -7.15 38.88 34.23
CA LEU J 311 -5.73 39.25 34.23
C LEU J 311 -4.85 38.20 33.55
N ARG J 312 -5.33 37.62 32.44
CA ARG J 312 -4.59 36.60 31.73
C ARG J 312 -4.16 37.00 30.33
N LYS J 313 -4.94 37.85 29.65
CA LYS J 313 -4.65 38.29 28.29
C LYS J 313 -4.65 39.81 28.25
N PRO J 314 -3.52 40.43 28.61
CA PRO J 314 -3.46 41.90 28.58
C PRO J 314 -3.56 42.50 27.18
N SER J 315 -3.38 41.69 26.12
CA SER J 315 -3.45 42.22 24.77
C SER J 315 -4.80 42.87 24.50
N ARG J 316 -5.89 42.25 24.97
CA ARG J 316 -7.23 42.77 24.77
C ARG J 316 -7.65 43.72 25.89
N ILE J 317 -6.70 44.31 26.61
CA ILE J 317 -6.97 45.25 27.69
C ILE J 317 -6.22 46.55 27.40
N LEU J 318 -6.95 47.67 27.43
CA LEU J 318 -6.37 48.98 27.19
C LEU J 318 -6.69 49.90 28.37
N PHE J 319 -5.66 50.49 28.95
CA PHE J 319 -5.79 51.41 30.08
C PHE J 319 -5.69 52.84 29.55
N LEU J 320 -6.66 53.67 29.91
CA LEU J 320 -6.71 55.05 29.46
C LEU J 320 -6.34 55.97 30.61
N MET J 321 -5.36 56.85 30.37
CA MET J 321 -4.94 57.85 31.35
C MET J 321 -5.19 59.23 30.75
N ASP J 322 -6.25 59.88 31.24
CA ASP J 322 -6.66 61.20 30.79
C ASP J 322 -6.25 62.25 31.81
N GLY J 323 -5.93 63.45 31.32
CA GLY J 323 -5.49 64.52 32.19
C GLY J 323 -4.18 64.21 32.87
N PHE J 324 -3.19 63.76 32.09
CA PHE J 324 -1.88 63.39 32.63
C PHE J 324 -1.18 64.54 33.34
N ASP J 325 -1.70 65.76 33.26
CA ASP J 325 -1.03 66.91 33.87
C ASP J 325 -1.04 66.88 35.39
N GLU J 326 -1.42 65.77 36.02
CA GLU J 326 -1.51 65.67 37.47
C GLU J 326 -0.84 64.40 37.99
N LEU J 327 0.28 63.99 37.38
CA LEU J 327 0.90 62.72 37.73
C LEU J 327 2.38 62.83 38.07
N GLN J 328 3.10 63.73 37.40
CA GLN J 328 4.56 63.82 37.55
C GLN J 328 4.99 64.64 38.76
N GLY J 329 4.13 64.77 39.77
CA GLY J 329 4.49 65.54 40.95
C GLY J 329 5.74 65.04 41.65
N ALA J 330 6.09 63.77 41.46
CA ALA J 330 7.29 63.19 42.08
C ALA J 330 8.05 62.28 41.15
N PHE J 331 7.81 62.34 39.83
CA PHE J 331 8.56 61.51 38.90
C PHE J 331 10.04 61.91 38.87
N ASP J 332 10.33 63.16 39.19
CA ASP J 332 11.71 63.66 39.16
C ASP J 332 12.58 63.03 40.25
N GLU J 333 11.98 62.34 41.21
CA GLU J 333 12.73 61.66 42.26
C GLU J 333 12.44 60.17 42.35
N HIS J 334 11.35 59.69 41.74
CA HIS J 334 10.97 58.29 41.78
C HIS J 334 11.33 57.55 40.50
N ILE J 335 12.48 57.90 39.91
CA ILE J 335 12.90 57.27 38.66
C ILE J 335 13.20 55.79 38.88
N GLY J 336 13.90 55.45 39.96
CA GLY J 336 14.34 54.10 40.20
C GLY J 336 13.38 53.20 40.94
N GLU J 337 12.20 53.67 41.32
CA GLU J 337 11.23 52.85 42.04
C GLU J 337 10.30 52.18 41.03
N VAL J 338 10.37 50.85 40.96
CA VAL J 338 9.67 50.07 39.93
C VAL J 338 8.82 49.02 40.64
N CYS J 339 7.54 48.94 40.25
CA CYS J 339 6.63 47.93 40.76
C CYS J 339 6.04 47.14 39.61
N THR J 340 6.03 45.80 39.77
CA THR J 340 5.53 44.92 38.73
C THR J 340 4.42 43.99 39.20
N ASP J 341 4.03 44.04 40.47
CA ASP J 341 2.97 43.20 41.00
C ASP J 341 1.64 43.96 40.89
N TRP J 342 0.69 43.37 40.17
CA TRP J 342 -0.61 44.02 39.98
C TRP J 342 -1.37 44.14 41.30
N GLN J 343 -1.11 43.25 42.25
CA GLN J 343 -1.80 43.26 43.54
C GLN J 343 -1.06 44.07 44.59
N LYS J 344 0.09 44.66 44.25
CA LYS J 344 0.88 45.41 45.22
C LYS J 344 0.35 46.82 45.35
N ALA J 345 0.27 47.30 46.60
CA ALA J 345 -0.24 48.64 46.90
C ALA J 345 0.94 49.60 46.99
N VAL J 346 1.16 50.36 45.92
CA VAL J 346 2.23 51.35 45.85
C VAL J 346 1.61 52.66 45.38
N ARG J 347 2.31 53.76 45.65
CA ARG J 347 1.83 55.09 45.27
C ARG J 347 1.39 55.12 43.81
N GLY J 348 0.36 55.93 43.54
CA GLY J 348 -0.21 55.95 42.20
C GLY J 348 0.78 56.40 41.15
N ASP J 349 1.56 57.43 41.44
CA ASP J 349 2.53 57.92 40.47
C ASP J 349 3.58 56.87 40.15
N ILE J 350 4.11 56.19 41.17
CA ILE J 350 5.13 55.18 40.94
C ILE J 350 4.56 54.02 40.13
N LEU J 351 3.35 53.57 40.47
CA LEU J 351 2.73 52.47 39.75
C LEU J 351 2.48 52.84 38.29
N LEU J 352 1.99 54.06 38.05
CA LEU J 352 1.74 54.47 36.66
C LEU J 352 3.04 54.61 35.88
N SER J 353 4.09 55.12 36.52
CA SER J 353 5.39 55.18 35.84
C SER J 353 5.91 53.79 35.51
N SER J 354 5.65 52.81 36.39
CA SER J 354 5.98 51.43 36.07
C SER J 354 5.18 50.93 34.87
N LEU J 355 3.90 51.28 34.82
CA LEU J 355 3.06 50.87 33.70
C LEU J 355 3.55 51.45 32.38
N ILE J 356 4.00 52.71 32.39
CA ILE J 356 4.32 53.40 31.13
C ILE J 356 5.44 52.70 30.38
N ARG J 357 6.51 52.32 31.09
CA ARG J 357 7.67 51.73 30.44
C ARG J 357 7.48 50.27 30.06
N LYS J 358 6.25 49.75 30.13
CA LYS J 358 5.92 48.40 29.68
C LYS J 358 6.72 47.34 30.44
N LYS J 359 6.51 47.32 31.76
CA LYS J 359 7.04 46.25 32.60
C LYS J 359 6.01 45.63 33.54
N LEU J 360 4.97 46.36 33.93
CA LEU J 360 3.82 45.78 34.62
C LEU J 360 2.73 45.57 33.57
N LEU J 361 2.36 44.31 33.35
CA LEU J 361 1.56 43.91 32.19
C LEU J 361 2.19 44.51 30.93
N PRO J 362 3.41 44.11 30.57
CA PRO J 362 4.14 44.80 29.49
C PRO J 362 3.43 44.73 28.15
N LYS J 363 2.62 43.71 27.91
CA LYS J 363 1.97 43.51 26.63
C LYS J 363 0.55 44.10 26.62
N ALA J 364 0.11 44.68 27.73
CA ALA J 364 -1.16 45.39 27.76
C ALA J 364 -1.07 46.69 26.97
N SER J 365 -2.22 47.37 26.84
CA SER J 365 -2.31 48.57 26.03
C SER J 365 -2.46 49.81 26.90
N LEU J 366 -1.92 50.93 26.42
CA LEU J 366 -2.01 52.20 27.12
C LEU J 366 -2.36 53.31 26.15
N LEU J 367 -3.22 54.23 26.59
CA LEU J 367 -3.59 55.41 25.82
C LEU J 367 -3.58 56.61 26.74
N ILE J 368 -2.66 57.54 26.51
CA ILE J 368 -2.44 58.69 27.40
C ILE J 368 -2.81 59.96 26.65
N THR J 369 -3.62 60.80 27.28
CA THR J 369 -3.97 62.11 26.74
C THR J 369 -3.36 63.18 27.65
N THR J 370 -2.53 64.04 27.06
CA THR J 370 -1.75 65.01 27.82
C THR J 370 -1.83 66.38 27.16
N ARG J 371 -1.62 67.41 27.97
CA ARG J 371 -1.26 68.71 27.43
C ARG J 371 0.14 68.64 26.84
N PRO J 372 0.40 69.35 25.74
CA PRO J 372 1.72 69.24 25.09
C PRO J 372 2.83 69.99 25.80
N VAL J 373 2.56 70.61 26.96
CA VAL J 373 3.48 71.58 27.53
C VAL J 373 4.76 70.90 28.00
N ALA J 374 4.65 69.81 28.76
CA ALA J 374 5.77 69.25 29.51
C ALA J 374 5.98 67.78 29.19
N LEU J 375 6.02 67.44 27.90
CA LEU J 375 6.32 66.07 27.49
C LEU J 375 7.81 65.76 27.50
N GLU J 376 8.67 66.76 27.70
CA GLU J 376 10.11 66.59 27.48
C GLU J 376 10.67 65.43 28.29
N LYS J 377 10.32 65.36 29.58
CA LYS J 377 10.78 64.25 30.40
C LYS J 377 10.01 62.97 30.12
N LEU J 378 8.71 63.07 29.82
CA LEU J 378 7.89 61.87 29.68
C LEU J 378 8.35 61.01 28.51
N GLN J 379 8.90 61.61 27.46
CA GLN J 379 9.39 60.83 26.34
C GLN J 379 10.52 59.90 26.75
N HIS J 380 11.25 60.24 27.82
CA HIS J 380 12.23 59.32 28.36
C HIS J 380 11.57 58.05 28.89
N LEU J 381 10.44 58.21 29.57
CA LEU J 381 9.69 57.07 30.09
C LEU J 381 8.96 56.29 29.02
N LEU J 382 8.92 56.81 27.78
CA LEU J 382 8.15 56.20 26.71
C LEU J 382 9.02 55.26 25.89
N ASP J 383 8.47 54.11 25.53
CA ASP J 383 9.16 53.10 24.74
C ASP J 383 8.52 53.06 23.35
N HIS J 384 9.06 53.87 22.44
CA HIS J 384 8.58 54.00 21.07
C HIS J 384 7.08 54.30 21.04
N PRO J 385 6.66 55.48 21.50
CA PRO J 385 5.24 55.84 21.43
C PRO J 385 4.88 56.43 20.08
N ARG J 386 3.65 56.92 19.94
CA ARG J 386 3.30 57.81 18.85
C ARG J 386 2.59 59.02 19.41
N HIS J 387 3.15 60.20 19.14
CA HIS J 387 2.56 61.46 19.58
C HIS J 387 1.57 61.94 18.53
N VAL J 388 0.30 62.05 18.93
CA VAL J 388 -0.76 62.50 18.02
C VAL J 388 -1.39 63.75 18.63
N GLU J 389 -1.45 64.81 17.84
CA GLU J 389 -2.07 66.05 18.27
C GLU J 389 -3.51 66.12 17.81
N ILE J 390 -4.32 66.88 18.54
CA ILE J 390 -5.73 67.06 18.24
C ILE J 390 -5.93 68.51 17.83
N LEU J 391 -6.53 68.73 16.65
CA LEU J 391 -6.72 70.07 16.14
C LEU J 391 -8.16 70.58 16.24
N GLY J 392 -9.13 69.70 16.43
CA GLY J 392 -10.49 70.14 16.63
C GLY J 392 -11.30 70.33 15.36
N PHE J 393 -12.26 71.25 15.41
CA PHE J 393 -13.23 71.39 14.34
C PHE J 393 -12.60 72.03 13.10
N SER J 394 -13.25 71.78 11.96
CA SER J 394 -13.05 72.56 10.74
C SER J 394 -14.34 73.36 10.49
N GLU J 395 -14.40 74.04 9.34
CA GLU J 395 -15.58 74.84 9.04
C GLU J 395 -16.85 73.98 8.99
N ALA J 396 -16.81 72.89 8.23
CA ALA J 396 -17.96 72.00 8.16
C ALA J 396 -18.28 71.39 9.51
N LYS J 397 -17.24 70.99 10.25
CA LYS J 397 -17.46 70.44 11.59
C LYS J 397 -18.02 71.49 12.53
N ARG J 398 -17.60 72.75 12.39
CA ARG J 398 -18.18 73.82 13.19
C ARG J 398 -19.66 73.98 12.90
N LYS J 399 -20.02 74.01 11.61
CA LYS J 399 -21.43 74.10 11.24
C LYS J 399 -22.22 72.92 11.80
N GLU J 400 -21.66 71.71 11.72
CA GLU J 400 -22.32 70.54 12.28
C GLU J 400 -22.52 70.70 13.78
N TYR J 401 -21.53 71.26 14.48
CA TYR J 401 -21.67 71.44 15.92
C TYR J 401 -22.77 72.44 16.25
N PHE J 402 -22.84 73.56 15.53
CA PHE J 402 -23.94 74.49 15.80
C PHE J 402 -25.29 73.87 15.46
N PHE J 403 -25.35 73.02 14.44
CA PHE J 403 -26.60 72.32 14.15
C PHE J 403 -26.98 71.38 15.29
N LYS J 404 -26.00 70.65 15.83
CA LYS J 404 -26.28 69.68 16.88
C LYS J 404 -26.52 70.33 18.25
N TYR J 405 -26.11 71.59 18.43
CA TYR J 405 -26.32 72.26 19.72
C TYR J 405 -27.74 72.80 19.84
N PHE J 406 -28.11 73.74 18.97
CA PHE J 406 -29.40 74.39 19.08
C PHE J 406 -30.51 73.48 18.58
N SER J 407 -31.66 73.54 19.25
CA SER J 407 -32.83 72.78 18.82
C SER J 407 -33.56 73.44 17.66
N ASN J 408 -33.24 74.68 17.34
CA ASN J 408 -33.86 75.39 16.22
C ASN J 408 -32.84 75.50 15.09
N GLU J 409 -33.22 75.03 13.91
CA GLU J 409 -32.34 75.13 12.75
C GLU J 409 -32.10 76.59 12.37
N LEU J 410 -33.15 77.42 12.43
CA LEU J 410 -33.00 78.82 12.08
C LEU J 410 -32.07 79.54 13.05
N GLN J 411 -32.19 79.26 14.35
CA GLN J 411 -31.30 79.86 15.33
C GLN J 411 -29.86 79.41 15.11
N ALA J 412 -29.66 78.13 14.76
CA ALA J 412 -28.33 77.65 14.46
C ALA J 412 -27.74 78.34 13.24
N ARG J 413 -28.56 78.55 12.20
CA ARG J 413 -28.08 79.25 11.01
C ARG J 413 -27.73 80.69 11.32
N GLU J 414 -28.55 81.36 12.14
CA GLU J 414 -28.25 82.73 12.54
C GLU J 414 -26.95 82.80 13.34
N ALA J 415 -26.76 81.83 14.24
CA ALA J 415 -25.51 81.77 15.00
C ALA J 415 -24.32 81.56 14.08
N PHE J 416 -24.45 80.67 13.10
CA PHE J 416 -23.38 80.44 12.14
C PHE J 416 -23.06 81.70 11.35
N ARG J 417 -24.10 82.41 10.90
CA ARG J 417 -23.90 83.65 10.16
C ARG J 417 -23.19 84.70 11.01
N LEU J 418 -23.61 84.88 12.26
CA LEU J 418 -22.97 85.87 13.11
C LEU J 418 -21.56 85.45 13.51
N ILE J 419 -21.28 84.14 13.54
CA ILE J 419 -19.91 83.69 13.73
C ILE J 419 -19.04 84.10 12.56
N GLN J 420 -19.53 83.92 11.33
CA GLN J 420 -18.77 84.43 10.19
C GLN J 420 -18.79 85.95 10.09
N GLU J 421 -19.67 86.62 10.83
CA GLU J 421 -19.62 88.08 10.86
C GLU J 421 -18.30 88.57 11.47
N ASN J 422 -17.83 87.89 12.52
CA ASN J 422 -16.57 88.23 13.17
C ASN J 422 -15.55 87.16 12.80
N GLU J 423 -14.55 87.54 11.99
CA GLU J 423 -13.54 86.57 11.56
C GLU J 423 -12.74 86.04 12.75
N VAL J 424 -12.45 86.90 13.72
CA VAL J 424 -11.67 86.48 14.88
C VAL J 424 -12.40 85.39 15.65
N LEU J 425 -13.70 85.60 15.90
CA LEU J 425 -14.48 84.61 16.64
C LEU J 425 -14.61 83.31 15.85
N PHE J 426 -14.79 83.40 14.54
CA PHE J 426 -14.89 82.21 13.72
C PHE J 426 -13.59 81.41 13.77
N THR J 427 -12.45 82.09 13.73
CA THR J 427 -11.17 81.41 13.88
C THR J 427 -11.02 80.80 15.27
N MET J 428 -11.47 81.53 16.30
CA MET J 428 -11.41 80.99 17.66
C MET J 428 -12.29 79.77 17.84
N CYS J 429 -13.34 79.64 17.04
CA CYS J 429 -14.25 78.50 17.18
C CYS J 429 -13.63 77.18 16.74
N PHE J 430 -12.35 77.07 16.39
CA PHE J 430 -11.80 75.75 16.12
C PHE J 430 -11.65 74.92 17.40
N ILE J 431 -11.77 75.56 18.56
CA ILE J 431 -11.79 74.86 19.84
C ILE J 431 -13.25 74.53 20.17
N PRO J 432 -13.60 73.27 20.39
CA PRO J 432 -15.00 72.94 20.70
C PRO J 432 -15.52 73.61 21.96
N LEU J 433 -14.66 73.84 22.95
CA LEU J 433 -15.10 74.50 24.18
C LEU J 433 -15.59 75.90 23.90
N VAL J 434 -14.89 76.64 23.05
CA VAL J 434 -15.34 77.99 22.68
C VAL J 434 -16.67 77.92 21.96
N CYS J 435 -16.88 76.90 21.13
CA CYS J 435 -18.16 76.73 20.47
C CYS J 435 -19.28 76.50 21.49
N TRP J 436 -19.02 75.65 22.49
CA TRP J 436 -20.01 75.42 23.53
C TRP J 436 -20.34 76.71 24.28
N ILE J 437 -19.31 77.48 24.63
CA ILE J 437 -19.54 78.71 25.39
C ILE J 437 -20.33 79.71 24.56
N VAL J 438 -19.96 79.88 23.29
CA VAL J 438 -20.66 80.86 22.46
C VAL J 438 -22.08 80.41 22.19
N CYS J 439 -22.33 79.11 22.03
CA CYS J 439 -23.69 78.64 21.81
C CYS J 439 -24.55 78.86 23.05
N THR J 440 -24.02 78.58 24.24
CA THR J 440 -24.77 78.84 25.46
C THR J 440 -25.04 80.33 25.63
N GLY J 441 -24.04 81.16 25.32
CA GLY J 441 -24.24 82.60 25.41
C GLY J 441 -25.31 83.10 24.47
N LEU J 442 -25.31 82.61 23.22
CA LEU J 442 -26.33 83.02 22.26
C LEU J 442 -27.71 82.53 22.70
N LYS J 443 -27.79 81.33 23.27
CA LYS J 443 -29.05 80.86 23.83
C LYS J 443 -29.57 81.80 24.91
N GLN J 444 -28.69 82.18 25.84
CA GLN J 444 -29.10 83.11 26.89
C GLN J 444 -29.51 84.45 26.33
N GLN J 445 -28.82 84.91 25.27
CA GLN J 445 -29.15 86.20 24.68
C GLN J 445 -30.53 86.17 24.03
N MET J 446 -30.80 85.18 23.19
CA MET J 446 -32.05 85.19 22.45
C MET J 446 -33.25 84.79 23.32
N GLU J 447 -33.05 83.93 24.32
CA GLU J 447 -34.17 83.62 25.21
C GLU J 447 -34.59 84.84 26.03
N THR J 448 -33.62 85.61 26.53
CA THR J 448 -33.92 86.79 27.32
C THR J 448 -34.26 88.01 26.47
N GLY J 449 -34.24 87.88 25.14
CA GLY J 449 -34.54 88.98 24.26
C GLY J 449 -33.36 89.81 23.82
N LYS J 450 -32.17 89.55 24.39
CA LYS J 450 -30.99 90.30 23.99
C LYS J 450 -30.56 89.91 22.57
N SER J 451 -29.96 90.87 21.87
CA SER J 451 -29.51 90.63 20.52
C SER J 451 -28.30 89.70 20.51
N LEU J 452 -28.06 89.07 19.36
CA LEU J 452 -26.97 88.12 19.22
C LEU J 452 -25.70 88.72 18.62
N ALA J 453 -25.81 89.86 17.93
CA ALA J 453 -24.64 90.48 17.33
C ALA J 453 -23.67 91.02 18.37
N GLN J 454 -24.14 91.30 19.58
CA GLN J 454 -23.25 91.77 20.64
C GLN J 454 -22.21 90.71 20.99
N THR J 455 -22.63 89.44 20.99
CA THR J 455 -21.68 88.35 21.24
C THR J 455 -20.60 88.32 20.17
N SER J 456 -20.99 88.49 18.90
CA SER J 456 -20.01 88.53 17.82
C SER J 456 -19.07 89.72 17.97
N LYS J 457 -19.60 90.86 18.38
CA LYS J 457 -18.76 92.05 18.55
C LYS J 457 -17.73 91.87 19.66
N THR J 458 -18.00 91.01 20.63
CA THR J 458 -17.09 90.77 21.74
C THR J 458 -15.98 89.82 21.30
N THR J 459 -14.73 90.27 21.39
CA THR J 459 -13.59 89.51 20.93
C THR J 459 -12.62 89.26 22.09
N THR J 460 -12.08 88.03 22.11
CA THR J 460 -10.96 87.66 22.98
C THR J 460 -11.38 87.56 24.44
N ALA J 461 -12.60 88.01 24.75
CA ALA J 461 -13.12 88.04 26.11
C ALA J 461 -14.41 87.23 26.20
N VAL J 462 -14.38 86.03 25.63
CA VAL J 462 -15.57 85.19 25.60
C VAL J 462 -15.99 84.79 27.01
N TYR J 463 -15.01 84.39 27.84
CA TYR J 463 -15.34 83.95 29.20
C TYR J 463 -15.93 85.08 30.04
N VAL J 464 -15.33 86.27 29.98
CA VAL J 464 -15.79 87.37 30.83
C VAL J 464 -17.19 87.83 30.40
N PHE J 465 -17.40 87.98 29.09
CA PHE J 465 -18.72 88.37 28.60
C PHE J 465 -19.76 87.30 28.89
N PHE J 466 -19.38 86.02 28.78
CA PHE J 466 -20.28 84.93 29.10
C PHE J 466 -20.68 84.97 30.57
N LEU J 467 -19.72 85.19 31.46
CA LEU J 467 -20.03 85.31 32.88
C LEU J 467 -20.93 86.50 33.16
N SER J 468 -20.66 87.64 32.52
CA SER J 468 -21.49 88.82 32.73
C SER J 468 -22.91 88.59 32.25
N SER J 469 -23.07 87.93 31.10
CA SER J 469 -24.41 87.65 30.58
C SER J 469 -25.14 86.64 31.45
N LEU J 470 -24.41 85.68 32.04
CA LEU J 470 -25.06 84.70 32.90
C LEU J 470 -25.68 85.36 34.13
N LEU J 471 -24.98 86.33 34.72
CA LEU J 471 -25.46 86.99 35.92
C LEU J 471 -26.07 88.35 35.60
N PHE J 482 -23.04 89.69 46.67
CA PHE J 482 -22.47 88.75 45.72
C PHE J 482 -20.94 88.74 45.83
N SER J 483 -20.40 89.78 46.47
CA SER J 483 -18.95 89.89 46.62
C SER J 483 -18.39 88.78 47.47
N ASP J 484 -19.09 88.40 48.54
CA ASP J 484 -18.63 87.29 49.38
C ASP J 484 -18.60 85.98 48.61
N TYR J 485 -19.63 85.72 47.79
CA TYR J 485 -19.64 84.55 46.94
C TYR J 485 -18.45 84.54 45.99
N LEU J 486 -18.18 85.67 45.34
CA LEU J 486 -17.08 85.74 44.39
C LEU J 486 -15.75 85.51 45.10
N GLN J 487 -15.57 86.14 46.26
CA GLN J 487 -14.32 85.96 47.01
C GLN J 487 -14.14 84.51 47.44
N GLY J 488 -15.21 83.87 47.94
CA GLY J 488 -15.11 82.49 48.35
C GLY J 488 -14.79 81.55 47.21
N LEU J 489 -15.49 81.71 46.09
CA LEU J 489 -15.21 80.86 44.93
C LEU J 489 -13.80 81.08 44.40
N CYS J 490 -13.35 82.33 44.35
CA CYS J 490 -12.02 82.63 43.87
C CYS J 490 -10.95 82.05 44.79
N SER J 491 -11.14 82.15 46.10
CA SER J 491 -10.18 81.57 47.03
C SER J 491 -10.20 80.04 46.97
N LEU J 492 -11.37 79.44 46.75
CA LEU J 492 -11.44 78.00 46.55
C LEU J 492 -10.63 77.59 45.32
N ALA J 493 -10.80 78.32 44.22
CA ALA J 493 -10.03 78.02 43.01
C ALA J 493 -8.54 78.20 43.25
N ALA J 494 -8.15 79.24 43.98
CA ALA J 494 -6.73 79.49 44.25
C ALA J 494 -6.13 78.37 45.10
N ASP J 495 -6.85 77.95 46.15
CA ASP J 495 -6.33 76.87 46.97
C ASP J 495 -6.30 75.54 46.22
N GLY J 496 -7.25 75.32 45.31
CA GLY J 496 -7.13 74.18 44.41
C GLY J 496 -5.90 74.30 43.52
N ILE J 497 -5.55 75.52 43.12
CA ILE J 497 -4.34 75.73 42.34
C ILE J 497 -3.11 75.32 43.13
N TRP J 498 -3.00 75.80 44.37
CA TRP J 498 -1.83 75.43 45.18
C TRP J 498 -1.80 73.94 45.49
N ASN J 499 -2.94 73.37 45.89
CA ASN J 499 -2.98 72.02 46.41
C ASN J 499 -3.17 70.95 45.33
N GLN J 500 -3.31 71.35 44.07
CA GLN J 500 -3.57 70.41 42.97
C GLN J 500 -4.81 69.55 43.25
N LYS J 501 -5.79 70.13 43.94
CA LYS J 501 -7.00 69.44 44.34
C LYS J 501 -8.17 69.93 43.50
N ILE J 502 -8.98 69.00 43.00
CA ILE J 502 -10.13 69.35 42.19
C ILE J 502 -11.39 68.81 42.88
N LEU J 503 -11.22 67.73 43.64
CA LEU J 503 -12.33 67.11 44.36
C LEU J 503 -12.44 67.74 45.75
N PHE J 504 -12.89 69.00 45.75
CA PHE J 504 -12.95 69.78 46.98
C PHE J 504 -13.97 69.18 47.95
N GLU J 505 -13.70 69.35 49.24
CA GLU J 505 -14.59 68.90 50.30
C GLU J 505 -15.20 70.11 51.00
N GLU J 506 -15.98 69.85 52.05
CA GLU J 506 -16.66 70.92 52.78
C GLU J 506 -15.68 71.83 53.52
N CYS J 507 -14.52 71.28 53.91
CA CYS J 507 -13.57 72.06 54.72
C CYS J 507 -13.04 73.27 53.95
N ASP J 508 -12.81 73.12 52.65
CA ASP J 508 -12.36 74.26 51.85
C ASP J 508 -13.40 75.37 51.85
N LEU J 509 -14.67 75.01 51.64
CA LEU J 509 -15.73 76.02 51.65
C LEU J 509 -15.87 76.66 53.02
N ARG J 510 -15.66 75.89 54.09
CA ARG J 510 -15.68 76.47 55.42
C ARG J 510 -14.54 77.48 55.60
N LYS J 511 -13.35 77.13 55.13
CA LYS J 511 -12.21 78.04 55.25
C LYS J 511 -12.42 79.31 54.45
N HIS J 512 -12.98 79.20 53.25
CA HIS J 512 -13.20 80.34 52.38
C HIS J 512 -14.49 81.08 52.67
N GLY J 513 -15.29 80.60 53.61
CA GLY J 513 -16.58 81.20 53.88
C GLY J 513 -17.68 80.81 52.92
N LEU J 514 -17.42 79.85 52.02
CA LEU J 514 -18.45 79.37 51.11
C LEU J 514 -19.41 78.43 51.84
N GLN J 515 -20.70 78.60 51.58
CA GLN J 515 -21.75 77.86 52.27
C GLN J 515 -22.44 76.91 51.31
N LYS J 516 -23.49 76.25 51.81
CA LYS J 516 -24.20 75.26 51.01
C LYS J 516 -24.96 75.91 49.85
N THR J 517 -25.45 77.13 50.04
CA THR J 517 -26.18 77.84 48.98
C THR J 517 -25.26 78.46 47.95
N ASP J 518 -23.99 78.06 47.90
CA ASP J 518 -23.00 78.63 46.98
C ASP J 518 -22.62 77.68 45.85
N VAL J 519 -23.51 76.77 45.48
CA VAL J 519 -23.30 75.88 44.34
C VAL J 519 -24.01 76.47 43.13
N SER J 520 -23.27 76.66 42.04
CA SER J 520 -23.80 77.26 40.82
C SER J 520 -23.53 76.34 39.62
N ALA J 521 -23.79 76.87 38.43
CA ALA J 521 -23.62 76.09 37.20
C ALA J 521 -22.16 75.73 36.96
N PHE J 522 -21.24 76.65 37.23
CA PHE J 522 -19.82 76.37 37.02
C PHE J 522 -19.34 75.24 37.92
N LEU J 523 -19.77 75.23 39.18
CA LEU J 523 -19.47 74.15 40.10
C LEU J 523 -20.40 72.96 39.83
N ARG J 524 -20.15 71.87 40.54
CA ARG J 524 -20.97 70.68 40.36
C ARG J 524 -20.91 69.84 41.63
N MET J 525 -22.07 69.34 42.05
CA MET J 525 -22.21 68.50 43.23
C MET J 525 -22.31 67.04 42.80
N ASN J 526 -21.54 66.19 43.46
CA ASN J 526 -21.52 64.76 43.15
C ASN J 526 -21.67 63.93 44.41
N ARG J 536 -20.29 64.56 50.31
CA ARG J 536 -20.53 65.40 49.15
C ARG J 536 -19.23 65.69 48.41
N PHE J 537 -19.31 65.80 47.09
CA PHE J 537 -18.17 66.10 46.24
C PHE J 537 -18.40 67.40 45.50
N TYR J 538 -17.43 68.29 45.54
CA TYR J 538 -17.46 69.55 44.80
C TYR J 538 -16.45 69.46 43.67
N SER J 539 -16.88 69.80 42.45
CA SER J 539 -15.95 69.75 41.33
C SER J 539 -16.34 70.77 40.27
N PHE J 540 -15.34 71.45 39.72
CA PHE J 540 -15.59 72.35 38.60
C PHE J 540 -15.97 71.56 37.36
N SER J 541 -16.89 72.12 36.58
CA SER J 541 -17.33 71.44 35.36
C SER J 541 -16.19 71.27 34.37
N HIS J 542 -15.38 72.32 34.20
CA HIS J 542 -14.22 72.26 33.33
C HIS J 542 -13.12 73.07 33.98
N MET J 543 -11.88 72.57 33.88
CA MET J 543 -10.79 73.15 34.66
C MET J 543 -10.53 74.60 34.26
N THR J 544 -10.62 74.92 32.97
CA THR J 544 -10.34 76.27 32.50
C THR J 544 -11.15 77.31 33.25
N PHE J 545 -12.38 76.95 33.64
CA PHE J 545 -13.17 77.83 34.48
C PHE J 545 -12.50 78.04 35.83
N GLN J 546 -11.93 76.98 36.40
CA GLN J 546 -11.24 77.09 37.68
C GLN J 546 -10.02 78.00 37.56
N GLU J 547 -9.23 77.84 36.50
CA GLU J 547 -8.11 78.76 36.32
C GLU J 547 -8.58 80.19 36.07
N PHE J 548 -9.71 80.38 35.38
CA PHE J 548 -10.24 81.72 35.18
C PHE J 548 -10.63 82.37 36.50
N PHE J 549 -11.30 81.61 37.38
CA PHE J 549 -11.67 82.15 38.68
C PHE J 549 -10.43 82.43 39.53
N ALA J 550 -9.43 81.56 39.46
CA ALA J 550 -8.18 81.81 40.19
C ALA J 550 -7.51 83.09 39.70
N ALA J 551 -7.52 83.31 38.38
CA ALA J 551 -6.95 84.54 37.83
C ALA J 551 -7.73 85.77 38.28
N MET J 552 -9.06 85.67 38.28
CA MET J 552 -9.88 86.79 38.75
C MET J 552 -9.69 87.06 40.23
N TYR J 553 -9.27 86.05 41.00
CA TYR J 553 -9.08 86.23 42.45
C TYR J 553 -8.09 87.34 42.75
N TYR J 554 -6.95 87.35 42.05
CA TYR J 554 -5.85 88.24 42.43
C TYR J 554 -6.09 89.68 42.06
N LEU J 555 -7.29 90.03 41.57
CA LEU J 555 -7.61 91.42 41.26
C LEU J 555 -8.77 91.97 42.09
N LEU J 556 -9.59 91.12 42.68
CA LEU J 556 -10.70 91.57 43.51
C LEU J 556 -10.20 92.38 44.70
N ASN J 577 -3.60 83.38 49.63
CA ASN J 577 -2.54 84.38 49.41
C ASN J 577 -2.90 85.31 48.26
N ARG J 578 -2.69 86.61 48.47
CA ARG J 578 -2.99 87.63 47.47
C ARG J 578 -1.72 88.18 46.82
N ASP J 579 -0.54 87.81 47.31
CA ASP J 579 0.72 88.26 46.73
C ASP J 579 0.87 87.66 45.34
N VAL J 580 0.93 88.52 44.33
CA VAL J 580 0.95 88.06 42.93
C VAL J 580 2.22 87.30 42.60
N LYS J 581 3.30 87.50 43.37
CA LYS J 581 4.59 86.90 43.03
C LYS J 581 4.54 85.38 42.99
N VAL J 582 3.58 84.76 43.68
CA VAL J 582 3.46 83.30 43.65
C VAL J 582 3.19 82.84 42.22
N LEU J 583 2.42 83.61 41.46
CA LEU J 583 2.21 83.29 40.06
C LEU J 583 3.47 83.52 39.25
N LEU J 584 4.28 84.53 39.64
CA LEU J 584 5.43 84.91 38.85
C LEU J 584 6.56 83.89 38.93
N GLU J 585 6.87 83.43 40.15
CA GLU J 585 8.05 82.61 40.37
C GLU J 585 7.77 81.15 40.67
N ASN J 586 6.68 80.82 41.34
CA ASN J 586 6.35 79.44 41.67
C ASN J 586 5.83 78.65 40.48
N TYR J 587 5.94 79.20 39.28
CA TYR J 587 5.67 78.43 38.07
C TYR J 587 6.71 77.32 37.93
N GLY J 588 6.27 76.18 37.40
CA GLY J 588 7.13 75.03 37.21
C GLY J 588 7.02 73.98 38.30
N LYS J 589 6.47 74.34 39.47
CA LYS J 589 6.24 73.36 40.52
C LYS J 589 5.19 72.34 40.09
N PHE J 590 4.30 72.72 39.18
CA PHE J 590 3.30 71.84 38.62
C PHE J 590 3.67 71.53 37.17
N GLU J 591 3.57 70.25 36.80
CA GLU J 591 3.83 69.86 35.42
C GLU J 591 2.84 70.52 34.47
N LYS J 592 3.34 70.85 33.28
CA LYS J 592 2.57 71.42 32.17
C LYS J 592 2.00 72.80 32.49
N GLY J 593 2.27 73.33 33.67
CA GLY J 593 2.04 74.74 33.94
C GLY J 593 0.62 75.24 33.80
N TYR J 594 -0.24 74.92 34.76
CA TYR J 594 -1.57 75.52 34.76
C TYR J 594 -1.50 77.04 34.88
N LEU J 595 -0.45 77.56 35.51
CA LEU J 595 -0.37 78.97 35.86
C LEU J 595 -0.44 79.90 34.67
N ILE J 596 0.28 79.61 33.58
CA ILE J 596 0.32 80.52 32.43
C ILE J 596 -1.09 80.81 31.94
N PHE J 597 -1.88 79.75 31.75
CA PHE J 597 -3.28 79.94 31.37
C PHE J 597 -3.98 80.87 32.35
N VAL J 598 -3.83 80.59 33.65
CA VAL J 598 -4.26 81.54 34.68
C VAL J 598 -3.79 82.94 34.34
N VAL J 599 -2.47 83.10 34.22
CA VAL J 599 -1.88 84.41 34.00
C VAL J 599 -2.42 85.02 32.71
N ARG J 600 -2.78 84.18 31.73
CA ARG J 600 -3.35 84.71 30.50
C ARG J 600 -4.59 85.53 30.79
N PHE J 601 -5.55 84.95 31.53
CA PHE J 601 -6.73 85.72 31.92
C PHE J 601 -6.34 86.92 32.75
N LEU J 602 -5.24 86.85 33.48
CA LEU J 602 -4.74 88.03 34.18
C LEU J 602 -4.49 89.16 33.21
N PHE J 603 -3.74 88.90 32.13
CA PHE J 603 -3.60 89.92 31.09
C PHE J 603 -4.94 90.28 30.48
N GLY J 604 -5.89 89.33 30.48
CA GLY J 604 -7.22 89.66 30.03
C GLY J 604 -7.89 90.67 30.94
N LEU J 605 -7.73 90.51 32.25
CA LEU J 605 -8.53 91.32 33.17
C LEU J 605 -7.88 92.67 33.44
N VAL J 606 -6.56 92.74 33.36
CA VAL J 606 -5.84 93.97 33.71
C VAL J 606 -6.01 95.01 32.61
N ASN J 607 -6.63 94.63 31.50
CA ASN J 607 -6.93 95.58 30.43
C ASN J 607 -7.80 96.71 30.97
N GLN J 608 -7.42 97.94 30.65
CA GLN J 608 -8.05 99.11 31.27
C GLN J 608 -9.56 99.13 31.01
N GLU J 609 -9.97 98.94 29.76
CA GLU J 609 -11.40 98.86 29.46
C GLU J 609 -12.01 97.63 30.13
N ARG J 610 -11.33 96.49 30.06
CA ARG J 610 -11.86 95.27 30.68
C ARG J 610 -11.85 95.38 32.20
N THR J 611 -10.83 96.02 32.78
CA THR J 611 -10.82 96.27 34.22
C THR J 611 -11.99 97.15 34.63
N SER J 612 -12.22 98.24 33.89
CA SER J 612 -13.33 99.13 34.20
C SER J 612 -14.67 98.41 34.06
N TYR J 613 -14.82 97.59 33.02
CA TYR J 613 -16.05 96.84 32.84
C TYR J 613 -16.27 95.85 33.98
N LEU J 614 -15.21 95.17 34.41
CA LEU J 614 -15.33 94.24 35.54
C LEU J 614 -15.74 94.99 36.81
N GLU J 615 -15.11 96.13 37.07
CA GLU J 615 -15.44 96.90 38.26
C GLU J 615 -16.88 97.38 38.23
N LYS J 616 -17.34 97.87 37.07
CA LYS J 616 -18.68 98.42 36.98
C LYS J 616 -19.75 97.36 36.77
N LYS J 617 -19.37 96.11 36.51
CA LYS J 617 -20.33 95.02 36.41
C LYS J 617 -20.42 94.17 37.67
N LEU J 618 -19.38 94.18 38.50
CA LEU J 618 -19.41 93.45 39.76
C LEU J 618 -19.28 94.34 40.99
N SER J 619 -19.25 95.66 40.81
CA SER J 619 -19.18 96.63 41.91
C SER J 619 -17.92 96.47 42.75
N CYS J 620 -16.89 95.84 42.21
CA CYS J 620 -15.66 95.59 42.93
C CYS J 620 -14.56 96.53 42.43
N LYS J 621 -13.35 96.35 42.97
CA LYS J 621 -12.19 97.14 42.61
C LYS J 621 -11.07 96.22 42.16
N ILE J 622 -10.27 96.69 41.21
CA ILE J 622 -9.18 95.91 40.62
C ILE J 622 -7.86 96.60 40.96
N SER J 623 -6.91 95.83 41.48
CA SER J 623 -5.59 96.36 41.77
C SER J 623 -4.86 96.74 40.48
N GLN J 624 -3.99 97.73 40.58
CA GLN J 624 -3.27 98.24 39.41
C GLN J 624 -1.77 98.02 39.44
N GLN J 625 -1.17 97.80 40.61
CA GLN J 625 0.25 97.45 40.66
C GLN J 625 0.51 96.10 40.02
N VAL J 626 -0.52 95.27 39.86
CA VAL J 626 -0.37 93.98 39.21
C VAL J 626 0.11 94.16 37.77
N ARG J 627 -0.36 95.21 37.10
CA ARG J 627 0.06 95.46 35.72
C ARG J 627 1.56 95.75 35.65
N LEU J 628 2.07 96.57 36.57
CA LEU J 628 3.50 96.86 36.58
C LEU J 628 4.31 95.63 36.95
N GLU J 629 3.82 94.83 37.90
CA GLU J 629 4.52 93.60 38.23
C GLU J 629 4.55 92.64 37.04
N LEU J 630 3.45 92.57 36.28
CA LEU J 630 3.43 91.75 35.07
C LEU J 630 4.41 92.29 34.03
N LEU J 631 4.50 93.62 33.91
CA LEU J 631 5.52 94.21 33.05
C LEU J 631 6.90 93.71 33.44
N LYS J 632 7.24 93.83 34.73
CA LYS J 632 8.56 93.43 35.19
C LYS J 632 8.80 91.95 34.92
N TRP J 633 7.76 91.12 35.11
CA TRP J 633 7.86 89.71 34.74
C TRP J 633 8.10 89.53 33.25
N ILE J 634 7.54 90.41 32.42
CA ILE J 634 7.76 90.31 30.98
C ILE J 634 9.24 90.54 30.66
N GLU J 635 9.84 91.58 31.26
CA GLU J 635 11.27 91.77 31.02
C GLU J 635 12.10 90.65 31.62
N VAL J 636 11.67 90.10 32.76
CA VAL J 636 12.39 88.96 33.35
C VAL J 636 12.39 87.78 32.38
N LYS J 637 11.23 87.48 31.79
CA LYS J 637 11.16 86.39 30.82
C LYS J 637 11.97 86.69 29.57
N ALA J 638 11.92 87.94 29.09
CA ALA J 638 12.58 88.28 27.83
C ALA J 638 14.10 88.25 27.97
N LYS J 639 14.63 88.80 29.06
CA LYS J 639 16.06 89.02 29.18
C LYS J 639 16.78 87.93 29.96
N ALA J 640 16.09 86.86 30.35
CA ALA J 640 16.72 85.81 31.13
C ALA J 640 17.64 84.97 30.25
N LYS J 641 18.53 84.22 30.91
CA LYS J 641 19.48 83.34 30.22
C LYS J 641 18.93 81.93 30.08
N LYS J 642 18.65 81.28 31.20
CA LYS J 642 18.17 79.90 31.23
C LYS J 642 16.72 79.88 30.75
N LEU J 643 16.55 79.97 29.43
CA LEU J 643 15.24 80.09 28.82
C LEU J 643 14.56 78.75 28.58
N GLN J 644 15.22 77.64 28.93
CA GLN J 644 14.64 76.33 28.67
C GLN J 644 13.40 76.07 29.52
N TRP J 645 13.48 76.38 30.82
CA TRP J 645 12.36 76.08 31.72
C TRP J 645 11.14 76.95 31.42
N GLN J 646 11.37 78.18 30.95
CA GLN J 646 10.26 79.06 30.65
C GLN J 646 9.46 78.53 29.47
N PRO J 647 8.15 78.81 29.43
CA PRO J 647 7.35 78.40 28.26
C PRO J 647 7.70 79.21 27.02
N SER J 648 7.18 78.79 25.88
CA SER J 648 7.58 79.38 24.61
C SER J 648 7.14 80.84 24.51
N GLN J 649 7.73 81.54 23.54
CA GLN J 649 7.43 82.95 23.34
C GLN J 649 6.04 83.14 22.74
N LEU J 650 5.51 82.11 22.05
CA LEU J 650 4.17 82.18 21.52
C LEU J 650 3.14 82.35 22.62
N GLU J 651 3.40 81.81 23.82
CA GLU J 651 2.52 82.06 24.95
C GLU J 651 2.53 83.53 25.34
N LEU J 652 3.72 84.15 25.32
CA LEU J 652 3.80 85.58 25.58
C LEU J 652 2.99 86.37 24.57
N PHE J 653 3.04 85.95 23.30
CA PHE J 653 2.28 86.66 22.28
C PHE J 653 0.78 86.44 22.44
N TYR J 654 0.37 85.24 22.85
CA TYR J 654 -1.02 85.01 23.24
C TYR J 654 -1.45 85.97 24.34
N CYS J 655 -0.62 86.14 25.36
CA CYS J 655 -0.97 87.06 26.45
C CYS J 655 -1.11 88.48 25.92
N LEU J 656 -0.13 88.94 25.12
CA LEU J 656 -0.15 90.32 24.65
C LEU J 656 -1.31 90.57 23.68
N TYR J 657 -1.77 89.53 22.98
CA TYR J 657 -2.97 89.66 22.18
C TYR J 657 -4.23 89.62 23.03
N GLU J 658 -4.22 88.83 24.10
CA GLU J 658 -5.38 88.74 24.98
C GLU J 658 -5.65 90.08 25.65
N MET J 659 -4.60 90.76 26.08
CA MET J 659 -4.79 91.99 26.85
C MET J 659 -5.38 93.11 25.98
N GLN J 660 -4.83 93.32 24.78
CA GLN J 660 -5.32 94.32 23.83
C GLN J 660 -5.24 95.75 24.37
N GLU J 661 -4.14 96.11 25.04
CA GLU J 661 -3.87 97.49 25.46
C GLU J 661 -2.66 98.02 24.71
N GLU J 662 -2.89 98.94 23.77
CA GLU J 662 -1.89 99.29 22.77
C GLU J 662 -0.58 99.75 23.40
N ASP J 663 -0.65 100.75 24.29
CA ASP J 663 0.58 101.41 24.74
C ASP J 663 1.46 100.48 25.55
N PHE J 664 0.88 99.71 26.47
CA PHE J 664 1.69 98.82 27.28
C PHE J 664 2.18 97.63 26.45
N VAL J 665 1.40 97.20 25.44
CA VAL J 665 1.91 96.22 24.49
C VAL J 665 3.18 96.74 23.84
N GLN J 666 3.15 97.98 23.34
CA GLN J 666 4.32 98.53 22.68
C GLN J 666 5.51 98.64 23.64
N SER J 667 5.25 99.14 24.85
CA SER J 667 6.34 99.36 25.80
C SER J 667 6.97 98.04 26.26
N ALA J 668 6.14 97.05 26.61
CA ALA J 668 6.67 95.78 27.08
C ALA J 668 7.11 94.90 25.91
N MET J 669 6.83 95.32 24.68
CA MET J 669 7.22 94.56 23.51
C MET J 669 8.46 95.10 22.84
N ASP J 670 8.83 96.34 23.09
CA ASP J 670 10.10 96.85 22.59
C ASP J 670 11.30 96.12 23.20
N HIS J 671 11.07 95.12 24.04
CA HIS J 671 12.11 94.32 24.67
C HIS J 671 12.36 93.02 23.94
N PHE J 672 11.99 92.95 22.66
CA PHE J 672 12.19 91.75 21.83
C PHE J 672 12.89 92.15 20.54
N PRO J 673 14.19 92.41 20.59
CA PRO J 673 14.93 92.68 19.33
C PRO J 673 14.90 91.51 18.37
N LYS J 674 14.90 90.27 18.87
CA LYS J 674 14.86 89.07 18.04
C LYS J 674 13.64 88.26 18.42
N ILE J 675 12.85 87.87 17.41
CA ILE J 675 11.59 87.17 17.62
C ILE J 675 11.64 85.86 16.86
N GLU J 676 11.36 84.76 17.56
CA GLU J 676 11.26 83.44 16.96
C GLU J 676 9.93 82.82 17.37
N ILE J 677 9.15 82.39 16.39
CA ILE J 677 7.82 81.83 16.63
C ILE J 677 7.59 80.66 15.69
N ASN J 678 6.80 79.69 16.16
CA ASN J 678 6.41 78.53 15.37
C ASN J 678 4.89 78.49 15.32
N LEU J 679 4.34 78.55 14.11
CA LEU J 679 2.91 78.73 13.90
C LEU J 679 2.29 77.45 13.34
N SER J 680 1.14 77.06 13.91
CA SER J 680 0.47 75.84 13.48
C SER J 680 -1.05 75.96 13.40
N THR J 681 -1.63 77.15 13.50
CA THR J 681 -3.08 77.30 13.43
C THR J 681 -3.41 78.75 13.09
N ARG J 682 -4.72 79.00 12.91
CA ARG J 682 -5.18 80.36 12.61
C ARG J 682 -4.92 81.29 13.79
N MET J 683 -5.11 80.81 15.01
CA MET J 683 -4.81 81.63 16.19
C MET J 683 -3.36 82.07 16.20
N ASP J 684 -2.44 81.16 15.87
CA ASP J 684 -1.04 81.53 15.81
C ASP J 684 -0.81 82.66 14.82
N HIS J 685 -1.37 82.53 13.61
CA HIS J 685 -1.18 83.55 12.58
C HIS J 685 -1.77 84.89 13.02
N VAL J 686 -2.96 84.87 13.61
CA VAL J 686 -3.62 86.12 14.00
C VAL J 686 -2.84 86.82 15.11
N VAL J 687 -2.47 86.08 16.15
CA VAL J 687 -1.74 86.70 17.24
C VAL J 687 -0.38 87.19 16.77
N SER J 688 0.27 86.44 15.87
CA SER J 688 1.55 86.88 15.34
C SER J 688 1.40 88.16 14.54
N SER J 689 0.36 88.24 13.70
CA SER J 689 0.14 89.45 12.92
C SER J 689 -0.07 90.66 13.83
N PHE J 690 -0.96 90.51 14.82
CA PHE J 690 -1.21 91.61 15.75
C PHE J 690 0.06 92.02 16.47
N CYS J 691 0.80 91.03 16.98
CA CYS J 691 1.99 91.31 17.78
C CYS J 691 3.06 92.00 16.95
N ILE J 692 3.37 91.47 15.76
CA ILE J 692 4.39 92.08 14.93
C ILE J 692 3.96 93.47 14.47
N LYS J 693 2.68 93.65 14.17
CA LYS J 693 2.21 94.99 13.81
C LYS J 693 2.39 95.96 14.97
N ASN J 694 2.27 95.46 16.21
CA ASN J 694 2.53 96.32 17.36
C ASN J 694 4.01 96.58 17.57
N CYS J 695 4.87 95.65 17.14
CA CYS J 695 6.30 95.81 17.33
C CYS J 695 6.83 97.01 16.57
N HIS J 696 7.86 97.65 17.14
CA HIS J 696 8.47 98.80 16.51
C HIS J 696 10.00 98.80 16.55
N ARG J 697 10.62 97.88 17.28
CA ARG J 697 12.08 97.84 17.40
C ARG J 697 12.59 96.41 17.34
N VAL J 698 12.14 95.64 16.34
CA VAL J 698 12.61 94.29 16.12
C VAL J 698 13.57 94.27 14.94
N LYS J 699 14.66 93.52 15.08
CA LYS J 699 15.69 93.44 14.05
C LYS J 699 15.72 92.08 13.35
N THR J 700 15.83 90.99 14.11
CA THR J 700 15.87 89.65 13.56
C THR J 700 14.54 88.98 13.82
N LEU J 701 13.95 88.38 12.79
CA LEU J 701 12.67 87.71 12.91
C LEU J 701 12.73 86.38 12.19
N SER J 702 12.18 85.35 12.83
CA SER J 702 12.10 84.03 12.24
C SER J 702 10.66 83.53 12.33
N LEU J 703 10.32 82.60 11.45
CA LEU J 703 8.98 82.04 11.39
C LEU J 703 9.05 80.55 11.17
N GLY J 704 8.04 79.85 11.68
CA GLY J 704 7.92 78.43 11.44
C GLY J 704 6.49 78.05 11.07
N PHE J 705 6.30 77.55 9.86
CA PHE J 705 4.98 77.13 9.39
C PHE J 705 4.91 75.62 9.52
N PHE J 706 4.76 75.17 10.77
CA PHE J 706 4.81 73.76 11.13
C PHE J 706 3.41 73.17 10.99
N HIS J 707 3.18 72.40 9.94
CA HIS J 707 1.90 71.75 9.71
C HIS J 707 2.01 70.23 9.88
N THR J 747 -0.26 77.99 2.18
CA THR J 747 -0.34 79.03 3.20
C THR J 747 -0.38 80.42 2.55
N SER J 748 -1.08 80.53 1.42
CA SER J 748 -1.17 81.80 0.71
C SER J 748 -1.87 82.85 1.56
N SER J 749 -3.03 82.51 2.11
CA SER J 749 -3.73 83.43 2.99
C SER J 749 -2.91 83.72 4.25
N PHE J 750 -2.27 82.69 4.80
CA PHE J 750 -1.43 82.85 5.98
C PHE J 750 -0.30 83.83 5.68
N CYS J 751 0.39 83.61 4.55
CA CYS J 751 1.50 84.46 4.17
C CYS J 751 1.05 85.89 3.93
N ARG J 752 -0.10 86.08 3.27
CA ARG J 752 -0.60 87.43 3.06
C ARG J 752 -0.88 88.12 4.38
N GLY J 753 -1.63 87.44 5.26
CA GLY J 753 -2.01 88.04 6.53
C GLY J 753 -0.81 88.43 7.37
N LEU J 754 0.23 87.60 7.37
CA LEU J 754 1.43 87.93 8.14
C LEU J 754 2.23 89.03 7.46
N PHE J 755 2.65 88.78 6.21
CA PHE J 755 3.64 89.62 5.54
C PHE J 755 3.08 90.96 5.08
N SER J 756 1.76 91.18 5.16
CA SER J 756 1.24 92.50 4.87
C SER J 756 1.79 93.53 5.85
N SER J 757 1.88 93.17 7.13
CA SER J 757 2.40 94.09 8.13
C SER J 757 3.91 94.27 8.02
N LEU J 758 4.63 93.23 7.57
CA LEU J 758 6.08 93.30 7.52
C LEU J 758 6.57 94.39 6.56
N SER J 759 5.81 94.66 5.49
CA SER J 759 6.18 95.75 4.60
C SER J 759 6.07 97.09 5.31
N THR J 760 5.10 97.24 6.22
CA THR J 760 4.95 98.47 6.98
C THR J 760 5.90 98.56 8.16
N ASN J 761 6.57 97.46 8.51
CA ASN J 761 7.51 97.47 9.62
C ASN J 761 8.80 98.17 9.18
N ARG J 762 9.16 99.24 9.87
CA ARG J 762 10.32 100.05 9.50
C ARG J 762 11.56 99.70 10.31
N SER J 763 11.52 98.62 11.10
CA SER J 763 12.64 98.23 11.93
C SER J 763 13.27 96.90 11.54
N LEU J 764 12.54 96.02 10.84
CA LEU J 764 13.05 94.70 10.54
C LEU J 764 14.24 94.77 9.60
N THR J 765 15.25 93.94 9.86
CA THR J 765 16.44 93.87 9.00
C THR J 765 16.83 92.47 8.59
N GLU J 766 16.49 91.44 9.36
CA GLU J 766 16.81 90.07 9.01
C GLU J 766 15.55 89.21 9.13
N LEU J 767 15.32 88.37 8.13
CA LEU J 767 14.12 87.55 8.05
C LEU J 767 14.53 86.12 7.75
N ASP J 768 14.39 85.24 8.73
CA ASP J 768 14.74 83.84 8.56
C ASP J 768 13.48 83.04 8.22
N LEU J 769 13.55 82.23 7.17
CA LEU J 769 12.45 81.36 6.81
C LEU J 769 12.95 79.98 6.42
N SER J 770 14.12 79.57 6.90
CA SER J 770 14.70 78.29 6.51
C SER J 770 13.82 77.14 6.96
N ASP J 771 13.83 76.08 6.16
CA ASP J 771 13.19 74.78 6.43
C ASP J 771 11.67 74.86 6.46
N ASN J 772 11.07 76.04 6.33
CA ASN J 772 9.63 76.13 6.23
C ASN J 772 9.20 75.75 4.82
N THR J 773 8.24 74.82 4.72
CA THR J 773 7.71 74.43 3.43
C THR J 773 6.58 75.39 3.02
N LEU J 774 6.94 76.67 2.94
CA LEU J 774 5.96 77.70 2.59
C LEU J 774 5.51 77.57 1.14
N GLY J 775 6.19 76.76 0.34
CA GLY J 775 5.78 76.53 -1.02
C GLY J 775 6.13 77.68 -1.93
N ASP J 776 5.76 77.51 -3.20
CA ASP J 776 6.08 78.53 -4.21
C ASP J 776 5.11 79.70 -4.20
N PRO J 777 3.78 79.50 -4.18
CA PRO J 777 2.88 80.65 -4.11
C PRO J 777 3.06 81.48 -2.85
N GLY J 778 3.40 80.86 -1.73
CA GLY J 778 3.73 81.62 -0.53
C GLY J 778 4.94 82.48 -0.75
N MET J 779 5.95 81.95 -1.45
CA MET J 779 7.14 82.74 -1.76
C MET J 779 6.78 83.92 -2.66
N ARG J 780 5.87 83.68 -3.60
CA ARG J 780 5.36 84.78 -4.43
C ARG J 780 4.75 85.87 -3.58
N VAL J 781 3.82 85.49 -2.69
CA VAL J 781 3.15 86.46 -1.83
C VAL J 781 4.17 87.24 -1.00
N LEU J 782 5.18 86.53 -0.49
CA LEU J 782 6.28 87.19 0.19
C LEU J 782 6.95 88.21 -0.71
N CYS J 783 7.10 87.89 -2.00
CA CYS J 783 7.74 88.82 -2.92
C CYS J 783 6.91 90.08 -3.11
N GLU J 784 5.59 89.95 -3.27
CA GLU J 784 4.80 91.18 -3.32
C GLU J 784 4.85 91.94 -2.01
N ALA J 785 5.01 91.23 -0.89
CA ALA J 785 5.13 91.92 0.39
C ALA J 785 6.42 92.73 0.46
N LEU J 786 7.53 92.17 0.00
CA LEU J 786 8.83 92.81 0.18
C LEU J 786 8.99 94.06 -0.67
N GLN J 787 8.55 94.01 -1.93
CA GLN J 787 8.89 95.07 -2.88
C GLN J 787 8.19 96.38 -2.56
N HIS J 788 7.39 96.39 -1.49
CA HIS J 788 6.86 97.65 -1.01
C HIS J 788 7.98 98.53 -0.48
N PRO J 789 7.97 99.83 -0.77
CA PRO J 789 9.09 100.69 -0.35
C PRO J 789 9.29 100.78 1.15
N GLY J 790 8.26 100.47 1.95
CA GLY J 790 8.38 100.61 3.39
C GLY J 790 9.35 99.64 4.03
N CYS J 791 9.38 98.40 3.55
CA CYS J 791 10.15 97.35 4.22
C CYS J 791 11.65 97.65 4.16
N ASN J 792 12.33 97.38 5.28
CA ASN J 792 13.75 97.67 5.43
C ASN J 792 14.57 96.40 5.59
N ILE J 793 14.11 95.29 5.03
CA ILE J 793 14.84 94.03 5.14
C ILE J 793 16.12 94.10 4.33
N GLN J 794 17.24 93.80 4.99
CA GLN J 794 18.55 93.75 4.35
C GLN J 794 19.07 92.33 4.20
N ARG J 795 18.27 91.33 4.56
CA ARG J 795 18.77 89.97 4.69
C ARG J 795 17.61 89.00 4.58
N LEU J 796 17.76 87.99 3.73
CA LEU J 796 16.69 87.03 3.51
C LEU J 796 17.27 85.65 3.29
N TRP J 797 17.04 84.74 4.22
CA TRP J 797 17.53 83.37 4.13
C TRP J 797 16.36 82.45 3.85
N LEU J 798 16.51 81.59 2.84
CA LEU J 798 15.42 80.75 2.34
C LEU J 798 15.89 79.32 2.11
N GLY J 799 16.71 78.80 3.02
CA GLY J 799 17.24 77.45 2.84
C GLY J 799 16.14 76.40 2.96
N ARG J 800 16.20 75.42 2.04
CA ARG J 800 15.29 74.27 2.05
C ARG J 800 13.82 74.70 2.06
N CYS J 801 13.53 75.87 1.50
CA CYS J 801 12.17 76.37 1.49
C CYS J 801 11.26 75.59 0.55
N GLY J 802 11.82 74.70 -0.27
CA GLY J 802 11.01 73.96 -1.22
C GLY J 802 10.57 74.76 -2.42
N LEU J 803 11.27 75.85 -2.74
CA LEU J 803 10.92 76.70 -3.87
C LEU J 803 11.23 75.98 -5.17
N SER J 804 11.08 76.70 -6.28
CA SER J 804 11.42 76.17 -7.60
C SER J 804 11.70 77.35 -8.52
N HIS J 805 11.78 77.08 -9.82
CA HIS J 805 12.12 78.12 -10.78
C HIS J 805 11.04 79.20 -10.85
N GLN J 806 9.81 78.88 -10.45
CA GLN J 806 8.74 79.85 -10.53
C GLN J 806 9.01 81.06 -9.65
N CYS J 807 9.52 80.82 -8.43
CA CYS J 807 9.81 81.91 -7.51
C CYS J 807 10.92 82.82 -8.01
N CYS J 808 11.75 82.35 -8.95
CA CYS J 808 12.88 83.15 -9.41
C CYS J 808 12.42 84.41 -10.11
N PHE J 809 11.33 84.35 -10.88
CA PHE J 809 10.81 85.56 -11.53
C PHE J 809 10.45 86.61 -10.49
N ASP J 810 9.73 86.19 -9.45
CA ASP J 810 9.33 87.12 -8.40
C ASP J 810 10.54 87.66 -7.65
N ILE J 811 11.52 86.81 -7.35
CA ILE J 811 12.71 87.26 -6.64
C ILE J 811 13.51 88.23 -7.50
N SER J 812 13.56 87.99 -8.81
CA SER J 812 14.24 88.91 -9.72
C SER J 812 13.55 90.27 -9.70
N SER J 813 12.22 90.28 -9.70
CA SER J 813 11.51 91.55 -9.59
C SER J 813 11.84 92.25 -8.28
N VAL J 814 11.91 91.48 -7.18
CA VAL J 814 12.24 92.07 -5.88
C VAL J 814 13.63 92.69 -5.91
N LEU J 815 14.60 91.98 -6.47
CA LEU J 815 15.97 92.51 -6.55
C LEU J 815 16.02 93.76 -7.42
N SER J 816 15.34 93.75 -8.56
CA SER J 816 15.37 94.91 -9.43
C SER J 816 14.61 96.09 -8.85
N SER J 817 13.72 95.86 -7.89
CA SER J 817 12.92 96.94 -7.31
C SER J 817 13.40 97.38 -5.93
N SER J 818 14.09 96.54 -5.19
CA SER J 818 14.53 96.85 -3.83
C SER J 818 16.04 97.09 -3.81
N GLN J 819 16.44 98.18 -3.16
CA GLN J 819 17.84 98.54 -3.05
C GLN J 819 18.38 98.41 -1.62
N LYS J 820 17.61 97.80 -0.71
CA LYS J 820 18.05 97.62 0.66
C LYS J 820 18.56 96.21 0.93
N LEU J 821 18.21 95.24 0.10
CA LEU J 821 18.65 93.86 0.30
C LEU J 821 20.16 93.78 0.15
N VAL J 822 20.81 93.02 1.03
CA VAL J 822 22.27 92.90 1.05
C VAL J 822 22.71 91.50 0.67
N GLU J 823 22.30 90.49 1.44
CA GLU J 823 22.60 89.12 1.08
C GLU J 823 21.31 88.37 0.81
N LEU J 824 21.46 87.12 0.36
CA LEU J 824 20.31 86.32 -0.02
C LEU J 824 20.74 84.86 -0.09
N ASP J 825 19.92 83.98 0.46
CA ASP J 825 20.20 82.55 0.49
C ASP J 825 19.12 81.81 -0.28
N LEU J 826 19.53 80.81 -1.06
CA LEU J 826 18.59 79.95 -1.77
C LEU J 826 19.05 78.50 -1.74
N SER J 827 19.76 78.11 -0.70
CA SER J 827 20.37 76.78 -0.68
C SER J 827 19.32 75.69 -0.66
N ASP J 828 19.60 74.61 -1.38
CA ASP J 828 18.80 73.38 -1.35
C ASP J 828 17.39 73.58 -1.89
N ASN J 829 17.22 74.49 -2.85
CA ASN J 829 15.99 74.60 -3.63
C ASN J 829 16.30 74.22 -5.07
N ALA J 830 15.41 73.43 -5.67
CA ALA J 830 15.65 72.96 -7.02
C ALA J 830 15.42 74.06 -8.04
N LEU J 831 16.20 75.15 -7.93
CA LEU J 831 16.02 76.28 -8.84
C LEU J 831 16.33 75.88 -10.27
N GLY J 832 17.42 75.16 -10.48
CA GLY J 832 17.80 74.73 -11.81
C GLY J 832 18.45 75.83 -12.62
N ASP J 833 19.01 75.41 -13.76
CA ASP J 833 19.67 76.36 -14.64
C ASP J 833 18.68 77.39 -15.19
N PHE J 834 17.44 76.99 -15.44
CA PHE J 834 16.43 77.96 -15.85
C PHE J 834 16.16 78.96 -14.74
N GLY J 835 16.11 78.49 -13.50
CA GLY J 835 15.93 79.42 -12.39
C GLY J 835 17.07 80.42 -12.28
N ILE J 836 18.31 79.94 -12.52
CA ILE J 836 19.44 80.86 -12.54
C ILE J 836 19.32 81.86 -13.68
N ARG J 837 18.88 81.39 -14.85
CA ARG J 837 18.67 82.27 -15.98
C ARG J 837 17.65 83.36 -15.65
N LEU J 838 16.62 82.99 -14.88
CA LEU J 838 15.64 83.98 -14.47
C LEU J 838 16.22 84.96 -13.44
N LEU J 839 17.00 84.45 -12.48
CA LEU J 839 17.58 85.33 -11.47
C LEU J 839 18.55 86.34 -12.08
N CYS J 840 19.37 85.90 -13.04
CA CYS J 840 20.43 86.76 -13.56
C CYS J 840 19.86 88.04 -14.15
N VAL J 841 18.61 88.02 -14.62
CA VAL J 841 18.00 89.24 -15.14
C VAL J 841 17.88 90.28 -14.04
N GLY J 842 17.41 89.86 -12.86
CA GLY J 842 17.36 90.77 -11.73
C GLY J 842 18.74 91.13 -11.21
N LEU J 843 19.65 90.15 -11.17
CA LEU J 843 21.00 90.41 -10.66
C LEU J 843 21.74 91.42 -11.54
N LYS J 844 21.61 91.28 -12.86
CA LYS J 844 22.28 92.19 -13.78
C LYS J 844 21.73 93.61 -13.72
N HIS J 845 20.58 93.81 -13.07
CA HIS J 845 20.00 95.14 -12.99
C HIS J 845 20.92 96.09 -12.23
N LEU J 846 20.97 97.34 -12.68
CA LEU J 846 21.91 98.31 -12.12
C LEU J 846 21.57 98.68 -10.68
N LEU J 847 20.35 98.40 -10.22
CA LEU J 847 19.93 98.75 -8.87
C LEU J 847 20.01 97.58 -7.91
N CYS J 848 20.64 96.48 -8.31
CA CYS J 848 20.79 95.33 -7.43
C CYS J 848 22.01 95.55 -6.53
N ASN J 849 21.79 95.50 -5.22
CA ASN J 849 22.85 95.73 -4.23
C ASN J 849 23.28 94.46 -3.52
N LEU J 850 23.05 93.31 -4.13
CA LEU J 850 23.39 92.04 -3.49
C LEU J 850 24.89 91.93 -3.28
N GLN J 851 25.28 91.37 -2.14
CA GLN J 851 26.67 91.16 -1.79
C GLN J 851 27.02 89.70 -1.59
N LYS J 852 26.20 88.98 -0.83
CA LYS J 852 26.44 87.57 -0.52
C LYS J 852 25.32 86.76 -1.14
N LEU J 853 25.66 85.78 -1.97
CA LEU J 853 24.65 84.99 -2.67
C LEU J 853 24.98 83.50 -2.53
N TRP J 854 24.23 82.81 -1.69
CA TRP J 854 24.36 81.36 -1.58
C TRP J 854 23.51 80.68 -2.65
N LEU J 855 24.08 79.66 -3.29
CA LEU J 855 23.33 78.83 -4.23
C LEU J 855 23.66 77.36 -4.04
N VAL J 856 23.95 76.95 -2.81
CA VAL J 856 24.45 75.61 -2.55
C VAL J 856 23.38 74.58 -2.85
N SER J 857 23.75 73.55 -3.62
CA SER J 857 22.88 72.40 -3.88
C SER J 857 21.57 72.82 -4.54
N CYS J 858 21.66 73.73 -5.50
CA CYS J 858 20.48 74.22 -6.21
C CYS J 858 20.16 73.41 -7.47
N CYS J 859 20.70 72.19 -7.57
CA CYS J 859 20.45 71.30 -8.71
C CYS J 859 20.82 71.98 -10.02
N LEU J 860 21.94 72.70 -10.02
CA LEU J 860 22.38 73.39 -11.22
C LEU J 860 23.20 72.47 -12.12
N THR J 861 23.51 72.98 -13.31
CA THR J 861 24.44 72.34 -14.23
C THR J 861 25.35 73.42 -14.79
N SER J 862 26.23 73.01 -15.72
CA SER J 862 27.18 73.96 -16.28
C SER J 862 26.48 75.03 -17.14
N ALA J 863 25.30 74.71 -17.66
CA ALA J 863 24.64 75.62 -18.60
C ALA J 863 24.34 76.97 -17.96
N CYS J 864 23.95 76.97 -16.68
CA CYS J 864 23.66 78.23 -16.00
C CYS J 864 24.92 79.08 -15.83
N CYS J 865 26.10 78.42 -15.77
CA CYS J 865 27.33 79.13 -15.43
C CYS J 865 27.55 80.34 -16.31
N GLN J 866 27.34 80.18 -17.63
CA GLN J 866 27.53 81.29 -18.56
C GLN J 866 26.76 82.51 -18.10
N ASP J 867 25.48 82.34 -17.77
CA ASP J 867 24.68 83.47 -17.31
C ASP J 867 25.32 84.11 -16.08
N LEU J 868 25.73 83.28 -15.12
CA LEU J 868 26.36 83.80 -13.91
C LEU J 868 27.54 84.66 -14.26
N ALA J 869 28.30 84.29 -15.30
CA ALA J 869 29.45 85.06 -15.69
C ALA J 869 29.08 86.52 -15.94
N LEU J 870 28.00 86.74 -16.68
CA LEU J 870 27.59 88.11 -16.99
C LEU J 870 27.37 88.92 -15.73
N VAL J 871 26.84 88.28 -14.69
CA VAL J 871 26.57 88.99 -13.45
C VAL J 871 27.83 89.65 -12.92
N LEU J 872 28.96 88.93 -12.99
CA LEU J 872 30.19 89.44 -12.41
C LEU J 872 30.66 90.70 -13.12
N SER J 873 30.25 90.91 -14.37
CA SER J 873 30.58 92.15 -15.08
C SER J 873 29.37 93.06 -15.26
N SER J 874 28.23 92.72 -14.68
CA SER J 874 27.11 93.64 -14.64
C SER J 874 26.84 94.15 -13.23
N ASN J 875 27.01 93.31 -12.23
CA ASN J 875 26.88 93.70 -10.82
C ASN J 875 28.26 93.68 -10.18
N HIS J 876 28.65 94.81 -9.60
CA HIS J 876 29.92 94.92 -8.90
C HIS J 876 29.77 94.82 -7.39
N SER J 877 28.55 94.88 -6.86
CA SER J 877 28.36 94.73 -5.42
C SER J 877 28.47 93.28 -4.97
N LEU J 878 28.33 92.33 -5.89
CA LEU J 878 28.44 90.91 -5.54
C LEU J 878 29.87 90.60 -5.14
N THR J 879 30.12 90.44 -3.84
CA THR J 879 31.46 90.18 -3.34
C THR J 879 31.76 88.68 -3.30
N ARG J 880 31.00 87.92 -2.52
CA ARG J 880 31.29 86.52 -2.32
C ARG J 880 30.14 85.66 -2.83
N LEU J 881 30.49 84.57 -3.51
CA LEU J 881 29.54 83.65 -4.11
C LEU J 881 29.78 82.26 -3.54
N TYR J 882 28.72 81.45 -3.48
CA TYR J 882 28.84 80.08 -2.97
C TYR J 882 27.98 79.17 -3.84
N ILE J 883 28.59 78.60 -4.87
CA ILE J 883 27.86 77.77 -5.83
C ILE J 883 28.28 76.32 -5.69
N GLY J 884 28.68 75.93 -4.49
CA GLY J 884 29.15 74.57 -4.28
C GLY J 884 28.04 73.55 -4.30
N GLU J 885 28.46 72.28 -4.36
CA GLU J 885 27.57 71.14 -4.36
C GLU J 885 26.59 71.21 -5.54
N ASN J 886 27.16 71.41 -6.73
CA ASN J 886 26.41 71.36 -7.97
C ASN J 886 27.24 70.61 -8.99
N ALA J 887 26.56 70.07 -10.00
CA ALA J 887 27.26 69.38 -11.08
C ALA J 887 27.76 70.37 -12.11
N LEU J 888 28.49 71.40 -11.65
CA LEU J 888 29.03 72.39 -12.57
C LEU J 888 29.99 71.75 -13.56
N GLY J 889 31.11 71.23 -13.07
CA GLY J 889 32.08 70.58 -13.92
C GLY J 889 33.09 71.54 -14.51
N ASP J 890 34.05 70.95 -15.22
CA ASP J 890 35.17 71.71 -15.77
C ASP J 890 34.69 72.74 -16.78
N SER J 891 33.73 72.38 -17.63
CA SER J 891 33.23 73.31 -18.63
C SER J 891 32.65 74.56 -17.97
N GLY J 892 31.78 74.36 -16.98
CA GLY J 892 31.18 75.49 -16.30
C GLY J 892 32.18 76.33 -15.54
N VAL J 893 33.12 75.68 -14.85
CA VAL J 893 34.12 76.44 -14.11
C VAL J 893 35.01 77.24 -15.05
N GLN J 894 35.38 76.65 -16.20
CA GLN J 894 36.18 77.38 -17.18
C GLN J 894 35.39 78.56 -17.75
N VAL J 895 34.10 78.36 -18.03
CA VAL J 895 33.29 79.45 -18.57
C VAL J 895 33.23 80.60 -17.56
N LEU J 896 33.02 80.27 -16.29
CA LEU J 896 32.94 81.30 -15.27
C LEU J 896 34.29 82.01 -15.10
N CYS J 897 35.37 81.24 -15.02
CA CYS J 897 36.69 81.83 -14.75
C CYS J 897 37.18 82.68 -15.91
N GLU J 898 37.07 82.17 -17.14
CA GLU J 898 37.57 82.90 -18.30
C GLU J 898 36.98 84.31 -18.36
N LYS J 899 35.73 84.46 -17.95
CA LYS J 899 35.12 85.77 -17.90
C LYS J 899 35.43 86.48 -16.59
N MET J 900 35.85 85.73 -15.57
CA MET J 900 36.17 86.30 -14.27
C MET J 900 37.57 86.91 -14.19
N LYS J 901 38.45 86.62 -15.16
CA LYS J 901 39.84 87.02 -15.05
C LYS J 901 40.04 88.54 -15.06
N ASP J 902 39.02 89.30 -15.43
CA ASP J 902 39.17 90.76 -15.46
C ASP J 902 39.50 91.28 -14.07
N PRO J 903 40.56 92.09 -13.92
CA PRO J 903 40.88 92.64 -12.60
C PRO J 903 39.77 93.52 -12.03
N GLN J 904 38.88 94.06 -12.86
CA GLN J 904 37.78 94.86 -12.35
C GLN J 904 36.73 94.01 -11.66
N CYS J 905 36.71 92.70 -11.90
CA CYS J 905 35.77 91.82 -11.22
C CYS J 905 35.99 91.89 -9.71
N ASN J 906 34.90 92.04 -8.97
CA ASN J 906 34.95 92.31 -7.54
C ASN J 906 34.70 91.06 -6.69
N LEU J 907 34.67 89.88 -7.30
CA LEU J 907 34.38 88.67 -6.54
C LEU J 907 35.53 88.33 -5.61
N GLN J 908 35.20 87.88 -4.40
CA GLN J 908 36.19 87.58 -3.38
C GLN J 908 36.22 86.11 -2.99
N LYS J 909 35.11 85.55 -2.52
CA LYS J 909 35.20 84.29 -1.80
C LYS J 909 34.42 83.16 -2.47
N LEU J 910 34.62 82.98 -3.78
CA LEU J 910 33.97 81.90 -4.50
C LEU J 910 34.20 80.56 -3.82
N GLY J 911 33.27 79.64 -4.04
CA GLY J 911 33.39 78.31 -3.48
C GLY J 911 32.81 77.25 -4.39
N LEU J 912 33.49 76.12 -4.53
CA LEU J 912 33.07 75.05 -5.44
C LEU J 912 33.10 73.70 -4.74
N VAL J 913 32.57 73.66 -3.51
CA VAL J 913 32.54 72.42 -2.75
C VAL J 913 31.80 71.34 -3.53
N ASN J 914 32.43 70.18 -3.67
CA ASN J 914 31.79 69.00 -4.24
C ASN J 914 31.22 69.26 -5.62
N SER J 915 31.97 69.98 -6.46
CA SER J 915 31.53 70.30 -7.80
C SER J 915 31.94 69.27 -8.85
N GLY J 916 32.59 68.18 -8.44
CA GLY J 916 33.00 67.16 -9.39
C GLY J 916 34.03 67.61 -10.40
N LEU J 917 34.97 68.47 -9.99
CA LEU J 917 35.96 69.01 -10.91
C LEU J 917 37.16 68.09 -11.01
N THR J 918 38.11 68.47 -11.86
CA THR J 918 39.42 67.83 -11.92
C THR J 918 40.43 68.89 -12.37
N SER J 919 41.60 68.41 -12.81
CA SER J 919 42.71 69.32 -13.10
C SER J 919 42.46 70.22 -14.30
N ILE J 920 41.41 69.95 -15.09
CA ILE J 920 41.20 70.70 -16.33
C ILE J 920 40.91 72.17 -16.05
N CYS J 921 40.03 72.43 -15.07
CA CYS J 921 39.70 73.81 -14.72
C CYS J 921 40.78 74.49 -13.91
N CYS J 922 41.81 73.75 -13.49
CA CYS J 922 42.85 74.32 -12.66
C CYS J 922 43.66 75.38 -13.40
N SER J 923 43.80 75.22 -14.72
CA SER J 923 44.48 76.25 -15.50
C SER J 923 43.70 77.56 -15.49
N ALA J 924 42.37 77.47 -15.64
CA ALA J 924 41.54 78.67 -15.56
C ALA J 924 41.64 79.31 -14.18
N LEU J 925 41.61 78.48 -13.13
CA LEU J 925 41.76 79.02 -11.78
C LEU J 925 43.12 79.68 -11.61
N THR J 926 44.16 79.11 -12.22
CA THR J 926 45.49 79.70 -12.20
C THR J 926 45.47 81.07 -12.85
N SER J 927 44.77 81.19 -13.99
CA SER J 927 44.64 82.48 -14.64
C SER J 927 43.94 83.49 -13.73
N VAL J 928 42.88 83.04 -13.04
CA VAL J 928 42.16 83.92 -12.12
C VAL J 928 43.11 84.43 -11.03
N LEU J 929 43.87 83.52 -10.44
CA LEU J 929 44.80 83.91 -9.39
C LEU J 929 45.87 84.86 -9.91
N LYS J 930 46.37 84.61 -11.12
CA LYS J 930 47.37 85.47 -11.72
C LYS J 930 46.85 86.87 -11.99
N THR J 931 45.58 87.00 -12.36
CA THR J 931 45.05 88.29 -12.79
C THR J 931 44.30 89.02 -11.68
N ASN J 932 43.35 88.37 -11.01
CA ASN J 932 42.50 89.07 -10.06
C ASN J 932 43.30 89.49 -8.82
N GLN J 933 42.97 90.67 -8.29
CA GLN J 933 43.63 91.22 -7.12
C GLN J 933 42.73 91.27 -5.89
N ASN J 934 41.55 90.67 -5.95
CA ASN J 934 40.63 90.67 -4.82
C ASN J 934 40.11 89.29 -4.48
N PHE J 935 40.48 88.26 -5.23
CA PHE J 935 39.98 86.90 -5.04
C PHE J 935 40.73 86.28 -3.86
N THR J 936 40.26 86.61 -2.65
CA THR J 936 40.98 86.20 -1.45
C THR J 936 40.80 84.72 -1.15
N HIS J 937 39.59 84.31 -0.80
CA HIS J 937 39.36 82.93 -0.39
C HIS J 937 38.99 82.09 -1.59
N LEU J 938 38.98 80.77 -1.40
CA LEU J 938 38.63 79.85 -2.46
C LEU J 938 38.53 78.44 -1.88
N TYR J 939 37.46 77.74 -2.21
CA TYR J 939 37.19 76.41 -1.66
C TYR J 939 37.22 75.39 -2.78
N LEU J 940 37.80 74.20 -2.51
CA LEU J 940 37.79 73.15 -3.52
C LEU J 940 37.54 71.75 -2.97
N ARG J 941 36.93 71.61 -1.80
CA ARG J 941 36.90 70.28 -1.21
C ARG J 941 36.06 69.32 -2.05
N SER J 942 36.34 68.02 -1.87
CA SER J 942 35.60 66.95 -2.54
C SER J 942 35.69 67.04 -4.06
N ASN J 943 36.80 67.55 -4.58
CA ASN J 943 37.05 67.59 -6.01
C ASN J 943 38.31 66.79 -6.32
N ALA J 944 38.21 65.90 -7.31
CA ALA J 944 39.34 65.05 -7.69
C ALA J 944 40.36 65.86 -8.50
N LEU J 945 40.96 66.85 -7.83
CA LEU J 945 41.95 67.68 -8.49
C LEU J 945 43.21 66.89 -8.82
N GLY J 946 43.74 66.18 -7.83
CA GLY J 946 44.96 65.42 -8.02
C GLY J 946 46.21 66.28 -7.90
N ASP J 947 47.36 65.60 -7.92
CA ASP J 947 48.63 66.29 -7.81
C ASP J 947 48.89 67.20 -9.01
N THR J 948 48.46 66.78 -10.21
CA THR J 948 48.57 67.66 -11.37
C THR J 948 47.75 68.92 -11.17
N GLY J 949 46.54 68.78 -10.62
CA GLY J 949 45.73 69.95 -10.33
C GLY J 949 46.39 70.87 -9.30
N LEU J 950 46.98 70.29 -8.27
CA LEU J 950 47.66 71.12 -7.27
C LEU J 950 48.86 71.83 -7.88
N ARG J 951 49.58 71.16 -8.78
CA ARG J 951 50.68 71.82 -9.47
C ARG J 951 50.19 72.96 -10.33
N LEU J 952 49.06 72.77 -11.02
CA LEU J 952 48.49 73.83 -11.82
C LEU J 952 48.07 75.02 -10.96
N LEU J 953 47.51 74.75 -9.78
CA LEU J 953 47.22 75.82 -8.84
C LEU J 953 48.50 76.53 -8.40
N CYS J 954 49.54 75.75 -8.11
CA CYS J 954 50.83 76.34 -7.74
C CYS J 954 51.37 77.25 -8.83
N GLU J 955 51.07 76.92 -10.10
CA GLU J 955 51.55 77.73 -11.21
C GLU J 955 51.16 79.20 -11.05
N GLY J 956 49.95 79.46 -10.57
CA GLY J 956 49.52 80.82 -10.35
C GLY J 956 49.70 81.28 -8.92
N LEU J 957 49.84 80.33 -8.00
CA LEU J 957 50.05 80.68 -6.60
C LEU J 957 51.38 81.41 -6.40
N LEU J 958 52.41 80.98 -7.13
CA LEU J 958 53.74 81.58 -7.00
C LEU J 958 53.79 82.98 -7.61
N HIS J 959 52.76 83.40 -8.32
CA HIS J 959 52.77 84.71 -8.98
C HIS J 959 52.91 85.82 -7.93
N PRO J 960 53.82 86.78 -8.14
CA PRO J 960 53.98 87.85 -7.15
C PRO J 960 52.73 88.71 -6.95
N ASP J 961 51.82 88.72 -7.91
CA ASP J 961 50.61 89.52 -7.81
C ASP J 961 49.47 88.78 -7.10
N CYS J 962 49.72 87.58 -6.59
CA CYS J 962 48.68 86.79 -5.96
C CYS J 962 48.18 87.47 -4.69
N LYS J 963 46.92 87.19 -4.34
CA LYS J 963 46.29 87.72 -3.15
C LYS J 963 45.52 86.68 -2.37
N LEU J 964 45.56 85.41 -2.79
CA LEU J 964 44.78 84.36 -2.16
C LEU J 964 45.12 84.23 -0.67
N GLN J 965 44.13 84.44 0.18
CA GLN J 965 44.31 84.38 1.62
C GLN J 965 43.82 83.08 2.24
N MET J 966 43.39 82.12 1.42
CA MET J 966 43.07 80.78 1.91
C MET J 966 42.84 79.90 0.69
N LEU J 967 43.07 78.60 0.87
CA LEU J 967 42.89 77.67 -0.23
C LEU J 967 42.56 76.29 0.36
N GLU J 968 41.27 76.00 0.49
CA GLU J 968 40.84 74.72 1.03
C GLU J 968 41.07 73.60 0.02
N LEU J 969 41.58 72.46 0.50
CA LEU J 969 41.82 71.32 -0.36
C LEU J 969 41.32 70.01 0.25
N ASP J 970 40.43 70.06 1.24
CA ASP J 970 40.05 68.85 1.95
C ASP J 970 39.45 67.83 1.01
N ASN J 971 39.78 66.56 1.24
CA ASN J 971 39.21 65.44 0.49
C ASN J 971 39.42 65.58 -1.02
N CYS J 972 40.44 66.33 -1.44
CA CYS J 972 40.68 66.50 -2.87
C CYS J 972 41.33 65.28 -3.51
N SER J 973 41.63 64.24 -2.73
CA SER J 973 42.32 63.05 -3.22
C SER J 973 43.68 63.42 -3.80
N LEU J 974 44.52 64.00 -2.94
CA LEU J 974 45.87 64.39 -3.31
C LEU J 974 46.85 63.24 -3.06
N THR J 975 48.11 63.49 -3.38
CA THR J 975 49.18 62.53 -3.15
C THR J 975 50.49 63.27 -2.93
N SER J 976 51.55 62.52 -2.68
CA SER J 976 52.83 63.07 -2.29
C SER J 976 53.70 63.50 -3.46
N HIS J 977 53.23 63.35 -4.70
CA HIS J 977 54.09 63.64 -5.84
C HIS J 977 54.27 65.15 -6.05
N SER J 978 53.21 65.93 -5.85
CA SER J 978 53.27 67.39 -5.97
C SER J 978 53.70 68.06 -4.69
N CYS J 979 54.42 67.34 -3.84
CA CYS J 979 54.70 67.78 -2.48
C CYS J 979 55.74 68.91 -2.48
N TRP J 980 56.73 68.82 -3.38
CA TRP J 980 57.64 69.93 -3.62
C TRP J 980 56.88 71.20 -3.96
N ASN J 981 55.75 71.05 -4.65
CA ASN J 981 54.94 72.22 -4.97
C ASN J 981 54.37 72.85 -3.71
N LEU J 982 53.96 72.02 -2.74
CA LEU J 982 53.51 72.55 -1.46
C LEU J 982 54.63 73.32 -0.78
N SER J 983 55.84 72.76 -0.79
CA SER J 983 56.98 73.44 -0.20
C SER J 983 57.23 74.79 -0.88
N THR J 984 57.15 74.80 -2.21
CA THR J 984 57.36 76.02 -2.98
C THR J 984 56.30 77.08 -2.65
N ILE J 985 55.04 76.64 -2.54
CA ILE J 985 53.95 77.57 -2.23
C ILE J 985 54.20 78.22 -0.87
N LEU J 986 54.57 77.41 0.13
CA LEU J 986 54.84 78.01 1.43
C LEU J 986 56.07 78.91 1.42
N THR J 987 57.11 78.56 0.67
CA THR J 987 58.32 79.36 0.67
C THR J 987 58.17 80.67 -0.09
N HIS J 988 57.27 80.74 -1.07
CA HIS J 988 57.21 81.93 -1.91
C HIS J 988 55.95 82.77 -1.71
N ASN J 989 54.80 82.15 -1.42
CA ASN J 989 53.58 82.91 -1.21
C ASN J 989 53.66 83.60 0.15
N HIS J 990 53.82 84.92 0.14
CA HIS J 990 53.85 85.71 1.36
C HIS J 990 52.47 86.20 1.79
N SER J 991 51.44 85.96 0.99
CA SER J 991 50.09 86.44 1.27
C SER J 991 49.16 85.38 1.82
N LEU J 992 49.30 84.13 1.36
CA LEU J 992 48.45 83.05 1.85
C LEU J 992 48.65 82.87 3.36
N ARG J 993 47.53 82.78 4.09
CA ARG J 993 47.58 82.71 5.54
C ARG J 993 46.77 81.57 6.14
N LYS J 994 46.21 80.68 5.33
CA LYS J 994 45.47 79.53 5.83
C LYS J 994 45.61 78.40 4.82
N LEU J 995 45.07 77.24 5.19
CA LEU J 995 45.17 76.06 4.34
C LEU J 995 44.33 74.95 4.96
N ASN J 996 44.07 73.93 4.16
CA ASN J 996 43.40 72.72 4.63
C ASN J 996 43.87 71.54 3.80
N LEU J 997 44.21 70.43 4.48
CA LEU J 997 44.65 69.24 3.77
C LEU J 997 43.97 67.97 4.29
N GLY J 998 42.76 68.07 4.82
CA GLY J 998 42.12 66.90 5.39
C GLY J 998 41.87 65.83 4.36
N ASN J 999 41.93 64.57 4.81
CA ASN J 999 41.70 63.40 3.98
C ASN J 999 42.61 63.39 2.74
N ASN J 1000 43.87 63.76 2.95
CA ASN J 1000 44.87 63.78 1.89
C ASN J 1000 46.08 62.98 2.34
N ASP J 1001 46.28 61.80 1.74
CA ASP J 1001 47.41 60.95 2.07
C ASP J 1001 48.67 61.58 1.47
N LEU J 1002 49.41 62.32 2.29
CA LEU J 1002 50.63 62.96 1.85
C LEU J 1002 51.89 62.21 2.26
N GLY J 1003 51.82 61.36 3.27
CA GLY J 1003 52.96 60.59 3.70
C GLY J 1003 53.83 61.33 4.72
N ASP J 1004 54.62 60.55 5.45
CA ASP J 1004 55.43 61.12 6.53
C ASP J 1004 56.50 62.06 6.01
N LEU J 1005 57.13 61.72 4.89
CA LEU J 1005 58.14 62.59 4.31
C LEU J 1005 57.55 63.95 3.98
N CYS J 1006 56.34 63.98 3.43
CA CYS J 1006 55.71 65.25 3.13
C CYS J 1006 55.45 66.06 4.40
N VAL J 1007 54.94 65.41 5.45
CA VAL J 1007 54.65 66.16 6.67
C VAL J 1007 55.93 66.75 7.26
N VAL J 1008 57.01 65.98 7.27
CA VAL J 1008 58.25 66.50 7.85
C VAL J 1008 58.86 67.59 6.96
N THR J 1009 58.71 67.48 5.64
CA THR J 1009 59.17 68.56 4.77
C THR J 1009 58.35 69.83 4.98
N LEU J 1010 57.03 69.68 5.12
CA LEU J 1010 56.20 70.81 5.54
C LEU J 1010 56.71 71.43 6.84
N CYS J 1011 57.05 70.59 7.82
CA CYS J 1011 57.58 71.10 9.07
C CYS J 1011 58.83 71.94 8.85
N GLU J 1012 59.81 71.38 8.15
CA GLU J 1012 61.09 72.08 7.98
C GLU J 1012 60.92 73.34 7.14
N VAL J 1013 59.99 73.33 6.18
CA VAL J 1013 59.69 74.54 5.44
C VAL J 1013 59.09 75.60 6.36
N LEU J 1014 58.15 75.20 7.22
CA LEU J 1014 57.52 76.15 8.12
C LEU J 1014 58.48 76.68 9.18
N LYS J 1015 59.58 75.97 9.44
CA LYS J 1015 60.48 76.40 10.51
C LYS J 1015 61.00 77.81 10.30
N GLN J 1016 61.35 78.16 9.07
CA GLN J 1016 61.99 79.45 8.82
C GLN J 1016 61.02 80.60 9.05
N GLN J 1017 61.60 81.78 9.29
CA GLN J 1017 60.82 82.99 9.52
C GLN J 1017 60.24 83.60 8.26
N GLY J 1018 60.61 83.08 7.09
CA GLY J 1018 60.10 83.61 5.84
C GLY J 1018 58.68 83.22 5.50
N CYS J 1019 58.04 82.38 6.33
CA CYS J 1019 56.69 81.92 6.10
C CYS J 1019 55.74 82.64 7.05
N LEU J 1020 54.68 83.24 6.49
CA LEU J 1020 53.70 83.99 7.26
C LEU J 1020 52.38 83.25 7.42
N LEU J 1021 52.37 81.94 7.16
CA LEU J 1021 51.16 81.15 7.36
C LEU J 1021 50.72 81.19 8.82
N GLN J 1022 49.42 81.33 9.05
CA GLN J 1022 48.88 81.47 10.39
C GLN J 1022 47.89 80.38 10.77
N SER J 1023 47.66 79.39 9.91
CA SER J 1023 46.83 78.25 10.26
C SER J 1023 47.03 77.17 9.21
N LEU J 1024 46.77 75.92 9.61
CA LEU J 1024 46.95 74.77 8.75
C LEU J 1024 46.28 73.59 9.42
N GLN J 1025 45.68 72.72 8.62
CA GLN J 1025 44.97 71.56 9.14
C GLN J 1025 45.44 70.29 8.45
N LEU J 1026 45.61 69.23 9.23
CA LEU J 1026 45.95 67.89 8.76
C LEU J 1026 45.02 66.87 9.38
N GLY J 1027 43.72 67.14 9.37
CA GLY J 1027 42.81 66.29 10.11
C GLY J 1027 42.61 64.94 9.43
N GLU J 1028 42.50 63.89 10.26
CA GLU J 1028 42.09 62.56 9.83
C GLU J 1028 43.08 61.94 8.84
N MET J 1029 44.28 61.64 9.36
CA MET J 1029 45.18 60.69 8.72
C MET J 1029 46.00 60.00 9.81
N TYR J 1030 46.81 59.03 9.40
CA TYR J 1030 47.62 58.21 10.30
C TYR J 1030 49.09 58.53 10.06
N LEU J 1031 49.66 59.34 10.95
CA LEU J 1031 51.04 59.78 10.86
C LEU J 1031 51.94 58.90 11.72
N ASN J 1032 53.18 59.35 11.91
CA ASN J 1032 54.20 58.62 12.62
C ASN J 1032 54.53 59.31 13.95
N ARG J 1033 55.22 58.57 14.82
CA ARG J 1033 55.70 59.15 16.07
C ARG J 1033 56.69 60.28 15.81
N GLU J 1034 57.62 60.08 14.87
CA GLU J 1034 58.53 61.15 14.50
C GLU J 1034 57.77 62.34 13.94
N THR J 1035 56.73 62.08 13.14
CA THR J 1035 55.88 63.15 12.65
C THR J 1035 55.25 63.93 13.80
N LYS J 1036 54.74 63.21 14.79
CA LYS J 1036 54.13 63.89 15.94
C LYS J 1036 55.14 64.73 16.70
N ARG J 1037 56.36 64.23 16.87
CA ARG J 1037 57.37 65.01 17.56
C ARG J 1037 57.71 66.27 16.77
N ALA J 1038 57.82 66.15 15.44
CA ALA J 1038 58.12 67.32 14.62
C ALA J 1038 57.00 68.35 14.72
N LEU J 1039 55.75 67.91 14.66
CA LEU J 1039 54.62 68.83 14.76
C LEU J 1039 54.59 69.50 16.13
N GLU J 1040 54.80 68.73 17.20
CA GLU J 1040 54.82 69.33 18.54
C GLU J 1040 55.95 70.35 18.65
N ALA J 1041 57.13 70.02 18.12
CA ALA J 1041 58.24 70.97 18.16
C ALA J 1041 57.88 72.26 17.47
N LEU J 1042 57.45 72.17 16.20
CA LEU J 1042 57.15 73.39 15.45
C LEU J 1042 56.06 74.20 16.14
N GLN J 1043 55.09 73.53 16.78
CA GLN J 1043 54.13 74.26 17.59
C GLN J 1043 54.81 74.93 18.78
N GLU J 1044 55.88 74.32 19.30
CA GLU J 1044 56.54 74.86 20.48
C GLU J 1044 57.33 76.14 20.16
N GLU J 1045 58.23 76.08 19.17
CA GLU J 1045 59.04 77.28 18.92
C GLU J 1045 58.21 78.43 18.36
N LYS J 1046 57.25 78.16 17.47
CA LYS J 1046 56.33 79.18 16.99
C LYS J 1046 54.91 78.82 17.37
N PRO J 1047 54.32 79.50 18.37
CA PRO J 1047 52.96 79.15 18.79
C PRO J 1047 51.87 79.73 17.91
N GLU J 1048 52.20 80.67 17.01
CA GLU J 1048 51.17 81.31 16.19
C GLU J 1048 50.61 80.36 15.14
N LEU J 1049 51.43 79.45 14.62
CA LEU J 1049 51.03 78.59 13.51
C LEU J 1049 50.23 77.41 14.07
N THR J 1050 48.92 77.64 14.18
CA THR J 1050 48.03 76.62 14.71
C THR J 1050 47.90 75.45 13.75
N ILE J 1051 47.85 74.24 14.30
CA ILE J 1051 47.66 73.04 13.49
C ILE J 1051 46.61 72.16 14.17
N VAL J 1052 45.81 71.48 13.34
CA VAL J 1052 44.73 70.62 13.81
C VAL J 1052 45.11 69.19 13.42
N PHE J 1053 46.41 68.90 13.47
CA PHE J 1053 46.92 67.60 13.01
C PHE J 1053 46.23 66.44 13.70
N GLU J 1054 45.89 66.60 14.98
CA GLU J 1054 45.25 65.51 15.71
C GLU J 1054 43.89 65.19 15.09
N ILE J 1055 43.64 63.91 14.86
CA ILE J 1055 42.41 63.48 14.21
C ILE J 1055 41.24 63.66 15.15
N ASP K 155 -43.73 25.45 14.36
CA ASP K 155 -42.71 26.29 13.75
C ASP K 155 -43.18 27.74 13.66
N TYR K 156 -42.21 28.67 13.70
CA TYR K 156 -42.55 30.09 13.63
C TYR K 156 -43.20 30.43 12.29
N CYS K 157 -42.63 29.91 11.20
CA CYS K 157 -43.19 30.17 9.88
C CYS K 157 -44.60 29.60 9.75
N LYS K 158 -44.82 28.40 10.30
CA LYS K 158 -46.13 27.77 10.22
C LYS K 158 -47.18 28.61 10.96
N MET K 159 -46.86 29.05 12.17
CA MET K 159 -47.81 29.84 12.94
C MET K 159 -48.07 31.20 12.28
N TYR K 160 -47.02 31.83 11.75
CA TYR K 160 -47.19 33.11 11.08
C TYR K 160 -48.05 32.94 9.82
N ARG K 161 -47.84 31.84 9.10
CA ARG K 161 -48.65 31.56 7.92
C ARG K 161 -50.11 31.31 8.30
N ARG K 162 -50.36 30.61 9.40
CA ARG K 162 -51.73 30.43 9.85
C ARG K 162 -52.36 31.76 10.21
N HIS K 163 -51.61 32.64 10.88
CA HIS K 163 -52.15 33.94 11.25
C HIS K 163 -52.48 34.77 10.01
N VAL K 164 -51.60 34.78 9.01
CA VAL K 164 -51.89 35.58 7.82
C VAL K 164 -52.98 34.92 6.97
N ARG K 165 -53.15 33.60 7.07
CA ARG K 165 -54.30 32.96 6.45
C ARG K 165 -55.60 33.40 7.13
N SER K 166 -55.58 33.50 8.46
CA SER K 166 -56.74 34.01 9.17
C SER K 166 -57.04 35.45 8.78
N ARG K 167 -56.00 36.28 8.65
CA ARG K 167 -56.20 37.68 8.26
C ARG K 167 -56.75 37.78 6.84
N PHE K 168 -56.20 37.01 5.91
CA PHE K 168 -56.47 37.15 4.49
C PHE K 168 -57.47 36.12 3.96
N TYR K 169 -58.17 35.43 4.86
CA TYR K 169 -59.20 34.49 4.42
C TYR K 169 -60.32 35.19 3.67
N SER K 170 -60.76 36.35 4.17
CA SER K 170 -61.84 37.12 3.56
C SER K 170 -61.36 38.52 3.25
N ILE K 171 -62.13 39.21 2.42
CA ILE K 171 -61.81 40.58 2.02
C ILE K 171 -62.93 41.52 2.43
N SER K 181 -67.82 39.01 6.17
CA SER K 181 -67.75 39.61 4.84
C SER K 181 -67.90 38.55 3.75
N VAL K 182 -67.08 38.67 2.72
CA VAL K 182 -67.13 37.78 1.56
C VAL K 182 -65.83 37.00 1.47
N ASP K 183 -65.93 35.71 1.16
CA ASP K 183 -64.74 34.87 1.05
C ASP K 183 -63.91 35.28 -0.17
N LEU K 184 -62.60 35.18 -0.04
CA LEU K 184 -61.70 35.66 -1.08
C LEU K 184 -61.55 34.65 -2.22
N ASN K 185 -61.05 33.45 -1.90
CA ASN K 185 -60.71 32.49 -2.95
C ASN K 185 -61.93 32.04 -3.73
N SER K 186 -63.06 31.81 -3.05
CA SER K 186 -64.26 31.38 -3.74
C SER K 186 -64.71 32.44 -4.74
N ARG K 187 -64.68 33.71 -4.35
CA ARG K 187 -64.99 34.80 -5.26
C ARG K 187 -63.82 35.19 -6.16
N TYR K 188 -62.62 34.68 -5.88
CA TYR K 188 -61.45 35.01 -6.68
C TYR K 188 -61.56 34.45 -8.08
N THR K 189 -61.02 35.20 -9.04
CA THR K 189 -60.93 34.75 -10.42
C THR K 189 -59.59 35.18 -10.99
N GLN K 190 -59.03 34.34 -11.86
CA GLN K 190 -57.71 34.60 -12.41
C GLN K 190 -57.73 35.81 -13.34
N LEU K 191 -56.57 36.47 -13.44
CA LEU K 191 -56.38 37.65 -14.25
C LEU K 191 -55.32 37.40 -15.31
N GLN K 192 -55.25 38.30 -16.28
CA GLN K 192 -54.26 38.25 -17.35
C GLN K 192 -53.24 39.35 -17.11
N LEU K 193 -51.97 38.95 -16.99
CA LEU K 193 -50.87 39.88 -16.79
C LEU K 193 -49.75 39.56 -17.78
N VAL K 194 -49.13 40.61 -18.32
CA VAL K 194 -48.05 40.47 -19.28
C VAL K 194 -46.89 41.37 -18.87
N LYS K 195 -45.67 40.87 -18.98
CA LYS K 195 -44.50 41.67 -18.68
C LYS K 195 -44.26 42.71 -19.78
N GLU K 196 -43.99 43.94 -19.36
CA GLU K 196 -43.72 45.01 -20.31
C GLU K 196 -42.22 45.18 -20.53
N SER K 222 -47.93 35.47 -21.89
CA SER K 222 -48.34 35.92 -20.56
C SER K 222 -47.43 35.34 -19.48
N LEU K 223 -47.09 36.17 -18.50
CA LEU K 223 -46.24 35.74 -17.40
C LEU K 223 -47.10 35.05 -16.34
N LYS K 224 -46.79 33.77 -16.08
CA LYS K 224 -47.57 33.00 -15.12
C LYS K 224 -47.22 33.40 -13.69
N LEU K 225 -48.21 33.28 -12.81
CA LEU K 225 -48.02 33.68 -11.42
C LEU K 225 -47.06 32.76 -10.68
N GLU K 226 -46.94 31.51 -11.12
CA GLU K 226 -45.95 30.62 -10.52
C GLU K 226 -44.55 30.88 -11.03
N LEU K 227 -44.42 31.65 -12.11
CA LEU K 227 -43.14 31.89 -12.78
C LEU K 227 -42.64 33.32 -12.56
N LEU K 228 -42.85 33.86 -11.35
CA LEU K 228 -42.54 35.25 -11.10
C LEU K 228 -41.04 35.51 -10.97
N PHE K 229 -40.42 34.94 -9.95
CA PHE K 229 -39.08 35.35 -9.53
C PHE K 229 -37.96 34.56 -10.14
N GLU K 230 -38.25 33.53 -10.92
CA GLU K 230 -37.09 32.91 -11.58
C GLU K 230 -36.64 33.80 -12.74
N PRO K 231 -35.33 33.94 -12.95
CA PRO K 231 -34.84 34.78 -14.05
C PRO K 231 -34.96 34.03 -15.37
N GLU K 232 -35.59 34.69 -16.35
CA GLU K 232 -35.66 34.11 -17.69
C GLU K 232 -34.27 33.98 -18.31
N ASP K 233 -33.41 34.96 -18.06
CA ASP K 233 -32.01 34.93 -18.49
C ASP K 233 -31.12 34.73 -17.27
N GLY K 234 -30.05 33.96 -17.46
CA GLY K 234 -29.19 33.58 -16.35
C GLY K 234 -28.35 34.72 -15.78
N HIS K 235 -28.39 35.88 -16.44
CA HIS K 235 -27.62 37.04 -16.02
C HIS K 235 -28.55 38.21 -15.69
N SER K 236 -29.60 37.93 -14.93
CA SER K 236 -30.53 38.95 -14.47
C SER K 236 -30.00 39.59 -13.19
N GLU K 237 -29.98 40.90 -13.15
CA GLU K 237 -29.64 41.61 -11.92
C GLU K 237 -30.72 41.32 -10.88
N PRO K 238 -30.42 41.52 -9.56
CA PRO K 238 -31.28 40.97 -8.50
C PRO K 238 -32.77 40.98 -8.79
N VAL K 239 -33.37 39.79 -8.75
CA VAL K 239 -34.73 39.55 -9.22
C VAL K 239 -35.73 40.13 -8.22
N HIS K 240 -35.22 40.75 -7.16
CA HIS K 240 -36.05 41.21 -6.05
C HIS K 240 -36.72 42.56 -6.34
N THR K 241 -36.61 43.08 -7.55
CA THR K 241 -37.15 44.39 -7.90
C THR K 241 -38.14 44.22 -9.06
N VAL K 242 -39.40 43.98 -8.72
CA VAL K 242 -40.48 43.83 -9.68
C VAL K 242 -41.57 44.83 -9.31
N VAL K 243 -42.04 45.57 -10.31
CA VAL K 243 -43.08 46.58 -10.13
C VAL K 243 -44.29 46.16 -10.94
N PHE K 244 -45.48 46.48 -10.42
CA PHE K 244 -46.74 46.11 -11.03
C PHE K 244 -47.56 47.33 -11.38
N GLN K 245 -48.26 47.26 -12.51
CA GLN K 245 -49.07 48.36 -13.01
C GLN K 245 -50.47 47.85 -13.32
N GLY K 246 -51.45 48.75 -13.22
CA GLY K 246 -52.83 48.40 -13.51
C GLY K 246 -53.72 49.59 -13.28
N ALA K 247 -54.97 49.45 -13.72
CA ALA K 247 -55.94 50.52 -13.63
C ALA K 247 -56.50 50.62 -12.22
N ALA K 248 -57.54 51.44 -12.06
CA ALA K 248 -58.24 51.51 -10.78
C ALA K 248 -59.21 50.35 -10.69
N GLY K 249 -59.05 49.52 -9.65
CA GLY K 249 -59.87 48.34 -9.51
C GLY K 249 -59.42 47.14 -10.31
N ILE K 250 -58.21 47.18 -10.86
CA ILE K 250 -57.71 46.05 -11.65
C ILE K 250 -57.51 44.82 -10.80
N GLY K 251 -57.09 44.99 -9.55
CA GLY K 251 -56.88 43.86 -8.66
C GLY K 251 -55.46 43.74 -8.13
N LYS K 252 -54.74 44.86 -8.05
CA LYS K 252 -53.42 44.84 -7.44
C LYS K 252 -53.51 44.43 -5.97
N THR K 253 -54.45 45.02 -5.23
CA THR K 253 -54.65 44.61 -3.84
C THR K 253 -55.12 43.16 -3.75
N ILE K 254 -56.04 42.77 -4.63
CA ILE K 254 -56.53 41.39 -4.63
C ILE K 254 -55.41 40.44 -5.01
N LEU K 255 -54.58 40.81 -5.98
CA LEU K 255 -53.43 39.97 -6.33
C LEU K 255 -52.47 39.83 -5.15
N ALA K 256 -52.21 40.93 -4.44
CA ALA K 256 -51.31 40.89 -3.29
C ALA K 256 -51.87 39.98 -2.20
N ARG K 257 -53.15 40.15 -1.87
CA ARG K 257 -53.76 39.30 -0.84
C ARG K 257 -53.81 37.84 -1.28
N LYS K 258 -54.05 37.59 -2.57
CA LYS K 258 -54.10 36.22 -3.08
C LYS K 258 -52.73 35.56 -3.00
N ILE K 259 -51.66 36.27 -3.36
CA ILE K 259 -50.34 35.68 -3.27
C ILE K 259 -49.94 35.46 -1.82
N MET K 260 -50.32 36.37 -0.93
CA MET K 260 -50.04 36.17 0.48
C MET K 260 -50.80 34.96 1.03
N LEU K 261 -52.04 34.76 0.58
CA LEU K 261 -52.80 33.60 1.03
C LEU K 261 -52.26 32.31 0.44
N ASP K 262 -51.77 32.34 -0.80
CA ASP K 262 -51.13 31.17 -1.38
C ASP K 262 -49.88 30.81 -0.59
N TRP K 263 -49.08 31.81 -0.23
CA TRP K 263 -47.94 31.58 0.65
C TRP K 263 -48.36 31.13 2.04
N ALA K 264 -49.59 31.45 2.45
CA ALA K 264 -50.12 30.98 3.72
C ALA K 264 -50.78 29.62 3.65
N LEU K 265 -50.96 29.07 2.45
CA LEU K 265 -51.66 27.81 2.27
C LEU K 265 -50.76 26.67 1.79
N GLY K 266 -49.47 26.90 1.65
CA GLY K 266 -48.57 25.87 1.19
C GLY K 266 -48.44 25.75 -0.31
N LYS K 267 -48.77 26.79 -1.06
CA LYS K 267 -48.81 26.73 -2.51
C LYS K 267 -47.53 27.27 -3.16
N LEU K 268 -47.17 28.52 -2.86
CA LEU K 268 -46.02 29.16 -3.49
C LEU K 268 -45.08 29.72 -2.43
N PHE K 269 -43.78 29.76 -2.79
CA PHE K 269 -42.72 30.26 -1.92
C PHE K 269 -42.58 29.38 -0.67
N LYS K 270 -42.54 28.07 -0.87
CA LYS K 270 -42.25 27.12 0.20
C LYS K 270 -40.81 26.64 0.16
N ASP K 271 -40.40 26.04 -0.96
CA ASP K 271 -39.02 25.65 -1.17
C ASP K 271 -38.15 26.79 -1.67
N LYS K 272 -38.76 27.90 -2.10
CA LYS K 272 -38.03 29.04 -2.64
C LYS K 272 -37.83 30.13 -1.59
N PHE K 273 -38.90 30.58 -0.94
CA PHE K 273 -38.85 31.58 0.12
C PHE K 273 -39.38 30.96 1.41
N ASP K 274 -39.29 31.73 2.49
CA ASP K 274 -39.79 31.26 3.78
C ASP K 274 -40.71 32.28 4.44
N TYR K 275 -40.46 33.58 4.19
CA TYR K 275 -41.22 34.65 4.80
C TYR K 275 -41.77 35.60 3.75
N LEU K 276 -43.02 36.01 3.92
CA LEU K 276 -43.65 37.05 3.12
C LEU K 276 -44.29 38.07 4.06
N PHE K 277 -43.96 39.34 3.86
CA PHE K 277 -44.46 40.41 4.71
C PHE K 277 -45.32 41.37 3.90
N PHE K 278 -46.26 42.01 4.60
CA PHE K 278 -47.21 42.93 3.99
C PHE K 278 -47.05 44.30 4.61
N ILE K 279 -46.80 45.30 3.76
CA ILE K 279 -46.63 46.69 4.19
C ILE K 279 -47.60 47.54 3.37
N HIS K 280 -48.39 48.37 4.03
CA HIS K 280 -49.40 49.18 3.38
C HIS K 280 -49.10 50.65 3.61
N CYS K 281 -49.22 51.45 2.54
CA CYS K 281 -48.90 52.87 2.63
C CYS K 281 -49.89 53.62 3.51
N ARG K 282 -51.18 53.26 3.44
CA ARG K 282 -52.18 53.95 4.25
C ARG K 282 -51.91 53.75 5.74
N GLU K 283 -51.56 52.52 6.14
CA GLU K 283 -51.30 52.26 7.55
C GLU K 283 -49.97 52.87 7.98
N VAL K 284 -48.98 52.90 7.09
CA VAL K 284 -47.66 53.46 7.40
C VAL K 284 -47.71 54.95 7.10
N SER K 285 -47.99 55.76 8.11
CA SER K 285 -48.06 57.20 7.94
C SER K 285 -46.65 57.77 7.74
N LEU K 286 -46.51 58.70 6.80
CA LEU K 286 -45.22 59.30 6.51
C LEU K 286 -44.76 60.31 7.55
N ARG K 287 -45.69 60.87 8.34
CA ARG K 287 -45.32 61.87 9.33
C ARG K 287 -44.63 61.27 10.55
N THR K 288 -44.93 60.02 10.89
CA THR K 288 -44.32 59.38 12.05
C THR K 288 -43.13 58.55 11.60
N PRO K 289 -41.90 58.91 11.98
CA PRO K 289 -40.75 58.06 11.64
C PRO K 289 -40.88 56.68 12.29
N ARG K 290 -40.44 55.67 11.55
CA ARG K 290 -40.54 54.28 12.01
C ARG K 290 -39.32 53.51 11.55
N SER K 291 -39.32 52.22 11.89
CA SER K 291 -38.28 51.29 11.51
C SER K 291 -38.91 50.03 10.93
N LEU K 292 -38.05 49.17 10.37
CA LEU K 292 -38.53 47.88 9.88
C LEU K 292 -39.07 47.02 11.01
N ALA K 293 -38.57 47.23 12.23
CA ALA K 293 -39.09 46.49 13.38
C ALA K 293 -40.56 46.80 13.62
N ASP K 294 -40.95 48.06 13.46
CA ASP K 294 -42.36 48.42 13.62
C ASP K 294 -43.23 47.71 12.59
N LEU K 295 -42.78 47.67 11.33
CA LEU K 295 -43.55 47.00 10.29
C LEU K 295 -43.64 45.49 10.56
N ILE K 296 -42.54 44.88 10.99
CA ILE K 296 -42.55 43.46 11.30
C ILE K 296 -43.51 43.17 12.45
N VAL K 297 -43.46 43.98 13.51
CA VAL K 297 -44.35 43.78 14.65
C VAL K 297 -45.81 43.93 14.23
N SER K 298 -46.09 44.95 13.41
CA SER K 298 -47.46 45.13 12.92
C SER K 298 -47.92 43.94 12.09
N CYS K 299 -47.02 43.41 11.25
CA CYS K 299 -47.38 42.27 10.42
C CYS K 299 -47.41 40.97 11.23
N TRP K 300 -46.53 40.85 12.22
CA TRP K 300 -46.55 39.67 13.08
C TRP K 300 -47.77 39.72 14.00
N PRO K 301 -48.40 38.58 14.27
CA PRO K 301 -49.52 38.57 15.23
C PRO K 301 -49.05 38.85 16.65
N ASP K 302 -47.93 38.24 17.02
CA ASP K 302 -47.34 38.48 18.33
C ASP K 302 -46.62 39.83 18.34
N PRO K 303 -46.92 40.72 19.28
CA PRO K 303 -46.16 41.98 19.38
C PRO K 303 -44.72 41.79 19.79
N ASN K 304 -44.27 40.56 20.05
CA ASN K 304 -42.90 40.27 20.44
C ASN K 304 -42.35 39.20 19.52
N PRO K 305 -42.00 39.56 18.28
CA PRO K 305 -41.47 38.58 17.35
C PRO K 305 -39.99 38.34 17.59
N PRO K 306 -39.46 37.17 17.21
CA PRO K 306 -38.02 36.95 17.34
C PRO K 306 -37.23 37.76 16.32
N VAL K 307 -37.08 39.06 16.58
CA VAL K 307 -36.44 39.96 15.62
C VAL K 307 -35.00 39.53 15.36
N CYS K 308 -34.31 39.04 16.40
CA CYS K 308 -32.95 38.57 16.21
C CYS K 308 -32.89 37.36 15.28
N LYS K 309 -33.87 36.45 15.39
CA LYS K 309 -33.87 35.23 14.59
C LYS K 309 -34.30 35.47 13.14
N ILE K 310 -35.16 36.46 12.89
CA ILE K 310 -35.77 36.62 11.58
C ILE K 310 -35.05 37.63 10.69
N LEU K 311 -33.93 38.19 11.14
CA LEU K 311 -33.20 39.19 10.37
C LEU K 311 -31.81 38.69 9.95
N ARG K 312 -31.69 37.41 9.59
CA ARG K 312 -30.42 36.83 9.20
C ARG K 312 -30.36 36.38 7.74
N LYS K 313 -31.48 35.97 7.17
CA LYS K 313 -31.54 35.48 5.78
C LYS K 313 -32.60 36.27 5.03
N PRO K 314 -32.26 37.46 4.53
CA PRO K 314 -33.25 38.25 3.79
C PRO K 314 -33.67 37.63 2.47
N SER K 315 -32.94 36.63 1.97
CA SER K 315 -33.32 36.00 0.70
C SER K 315 -34.72 35.42 0.76
N ARG K 316 -35.06 34.76 1.87
CA ARG K 316 -36.36 34.15 2.05
C ARG K 316 -37.38 35.12 2.66
N ILE K 317 -37.15 36.43 2.51
CA ILE K 317 -38.06 37.46 3.01
C ILE K 317 -38.44 38.39 1.87
N LEU K 318 -39.73 38.60 1.67
CA LEU K 318 -40.24 39.45 0.62
C LEU K 318 -41.18 40.49 1.25
N PHE K 319 -40.95 41.75 0.94
CA PHE K 319 -41.75 42.87 1.43
C PHE K 319 -42.69 43.34 0.34
N LEU K 320 -43.96 43.45 0.66
CA LEU K 320 -44.99 43.83 -0.29
C LEU K 320 -45.38 45.28 -0.05
N MET K 321 -45.36 46.09 -1.11
CA MET K 321 -45.70 47.51 -1.03
C MET K 321 -46.86 47.76 -1.98
N ASP K 322 -48.06 47.78 -1.42
CA ASP K 322 -49.29 47.96 -2.18
C ASP K 322 -49.76 49.41 -2.07
N GLY K 323 -50.38 49.89 -3.15
CA GLY K 323 -50.87 51.26 -3.17
C GLY K 323 -49.76 52.29 -3.08
N PHE K 324 -48.72 52.11 -3.89
CA PHE K 324 -47.54 52.99 -3.87
C PHE K 324 -47.88 54.44 -4.18
N ASP K 325 -49.11 54.75 -4.58
CA ASP K 325 -49.46 56.12 -4.96
C ASP K 325 -49.52 57.07 -3.77
N GLU K 326 -49.01 56.69 -2.60
CA GLU K 326 -49.08 57.51 -1.40
C GLU K 326 -47.73 57.57 -0.68
N LEU K 327 -46.63 57.60 -1.43
CA LEU K 327 -45.30 57.53 -0.81
C LEU K 327 -44.36 58.63 -1.26
N GLN K 328 -44.44 59.05 -2.53
CA GLN K 328 -43.50 60.01 -3.09
C GLN K 328 -43.83 61.45 -2.73
N GLY K 329 -44.57 61.69 -1.65
CA GLY K 329 -44.92 63.05 -1.27
C GLY K 329 -43.72 63.94 -1.03
N ALA K 330 -42.56 63.35 -0.71
CA ALA K 330 -41.34 64.12 -0.47
C ALA K 330 -40.11 63.47 -1.10
N PHE K 331 -40.28 62.54 -2.04
CA PHE K 331 -39.12 61.93 -2.69
C PHE K 331 -38.38 62.94 -3.54
N ASP K 332 -39.07 63.98 -4.02
CA ASP K 332 -38.47 65.00 -4.87
C ASP K 332 -37.45 65.86 -4.13
N GLU K 333 -37.41 65.77 -2.80
CA GLU K 333 -36.45 66.50 -1.99
C GLU K 333 -35.59 65.61 -1.11
N HIS K 334 -35.98 64.37 -0.87
CA HIS K 334 -35.25 63.44 0.00
C HIS K 334 -34.42 62.45 -0.80
N ILE K 335 -33.85 62.90 -1.92
CA ILE K 335 -33.05 62.01 -2.76
C ILE K 335 -31.80 61.54 -2.03
N GLY K 336 -31.12 62.46 -1.35
CA GLY K 336 -29.85 62.15 -0.72
C GLY K 336 -29.89 61.62 0.69
N GLU K 337 -31.07 61.43 1.27
CA GLU K 337 -31.19 60.92 2.63
C GLU K 337 -31.32 59.40 2.58
N VAL K 338 -30.32 58.71 3.12
CA VAL K 338 -30.21 57.26 3.02
C VAL K 338 -30.08 56.67 4.41
N CYS K 339 -30.92 55.68 4.73
CA CYS K 339 -30.86 54.97 6.00
C CYS K 339 -30.70 53.48 5.73
N THR K 340 -29.79 52.85 6.46
CA THR K 340 -29.51 51.43 6.28
C THR K 340 -29.63 50.61 7.56
N ASP K 341 -29.98 51.22 8.68
CA ASP K 341 -30.14 50.49 9.94
C ASP K 341 -31.61 50.09 10.08
N TRP K 342 -31.84 48.78 10.22
CA TRP K 342 -33.21 48.28 10.33
C TRP K 342 -33.89 48.75 11.61
N GLN K 343 -33.11 48.99 12.66
CA GLN K 343 -33.65 49.43 13.93
C GLN K 343 -33.74 50.96 14.05
N LYS K 344 -33.29 51.69 13.03
CA LYS K 344 -33.31 53.15 13.08
C LYS K 344 -34.70 53.68 12.73
N ALA K 345 -35.14 54.68 13.50
CA ALA K 345 -36.47 55.27 13.31
C ALA K 345 -36.33 56.51 12.42
N VAL K 346 -36.67 56.37 11.14
CA VAL K 346 -36.63 57.46 10.18
C VAL K 346 -37.98 57.48 9.46
N ARG K 347 -38.28 58.63 8.86
CA ARG K 347 -39.53 58.81 8.12
C ARG K 347 -39.79 57.64 7.18
N GLY K 348 -41.07 57.27 7.05
CA GLY K 348 -41.42 56.10 6.27
C GLY K 348 -41.02 56.22 4.81
N ASP K 349 -41.22 57.39 4.22
CA ASP K 349 -40.87 57.59 2.82
C ASP K 349 -39.36 57.42 2.60
N ILE K 350 -38.55 58.04 3.47
CA ILE K 350 -37.10 57.93 3.33
C ILE K 350 -36.65 56.49 3.50
N LEU K 351 -37.20 55.81 4.50
CA LEU K 351 -36.84 54.41 4.74
C LEU K 351 -37.18 53.55 3.54
N LEU K 352 -38.38 53.74 2.98
CA LEU K 352 -38.79 52.92 1.85
C LEU K 352 -37.96 53.24 0.60
N SER K 353 -37.60 54.51 0.40
CA SER K 353 -36.70 54.86 -0.69
C SER K 353 -35.34 54.20 -0.53
N SER K 354 -34.85 54.12 0.71
CA SER K 354 -33.62 53.38 0.96
C SER K 354 -33.80 51.90 0.64
N LEU K 355 -34.95 51.33 0.99
CA LEU K 355 -35.20 49.91 0.69
C LEU K 355 -35.22 49.64 -0.81
N ILE K 356 -35.79 50.56 -1.60
CA ILE K 356 -35.99 50.29 -3.03
C ILE K 356 -34.66 50.08 -3.74
N ARG K 357 -33.68 50.95 -3.48
CA ARG K 357 -32.41 50.89 -4.20
C ARG K 357 -31.49 49.78 -3.72
N LYS K 358 -31.99 48.85 -2.89
CA LYS K 358 -31.23 47.67 -2.46
C LYS K 358 -29.96 48.07 -1.70
N LYS K 359 -30.15 48.77 -0.60
CA LYS K 359 -29.06 49.05 0.34
C LYS K 359 -29.41 48.73 1.79
N LEU K 360 -30.68 48.78 2.17
CA LEU K 360 -31.14 48.26 3.46
C LEU K 360 -31.72 46.88 3.21
N LEU K 361 -31.10 45.86 3.80
CA LEU K 361 -31.34 44.47 3.44
C LEU K 361 -31.26 44.32 1.92
N PRO K 362 -30.09 44.57 1.32
CA PRO K 362 -30.01 44.65 -0.14
C PRO K 362 -30.40 43.37 -0.85
N LYS K 363 -30.24 42.22 -0.20
CA LYS K 363 -30.52 40.93 -0.80
C LYS K 363 -31.92 40.43 -0.46
N ALA K 364 -32.69 41.20 0.31
CA ALA K 364 -34.09 40.88 0.54
C ALA K 364 -34.91 41.14 -0.71
N SER K 365 -36.18 40.74 -0.67
CA SER K 365 -37.06 40.83 -1.83
C SER K 365 -38.10 41.93 -1.66
N LEU K 366 -38.49 42.53 -2.77
CA LEU K 366 -39.51 43.58 -2.79
C LEU K 366 -40.49 43.33 -3.93
N LEU K 367 -41.77 43.59 -3.66
CA LEU K 367 -42.83 43.49 -4.67
C LEU K 367 -43.74 44.71 -4.51
N ILE K 368 -43.70 45.61 -5.48
CA ILE K 368 -44.41 46.89 -5.40
C ILE K 368 -45.51 46.92 -6.45
N THR K 369 -46.72 47.28 -6.04
CA THR K 369 -47.84 47.45 -6.95
C THR K 369 -48.19 48.92 -7.03
N THR K 370 -48.18 49.48 -8.23
CA THR K 370 -48.33 50.91 -8.43
C THR K 370 -49.33 51.17 -9.55
N ARG K 371 -49.95 52.35 -9.49
CA ARG K 371 -50.60 52.91 -10.66
C ARG K 371 -49.53 53.31 -11.69
N PRO K 372 -49.81 53.12 -12.99
CA PRO K 372 -48.78 53.40 -14.00
C PRO K 372 -48.57 54.87 -14.29
N VAL K 373 -49.25 55.77 -13.58
CA VAL K 373 -49.32 57.17 -14.00
C VAL K 373 -47.96 57.85 -13.86
N ALA K 374 -47.30 57.68 -12.71
CA ALA K 374 -46.14 58.51 -12.35
C ALA K 374 -44.94 57.63 -11.99
N LEU K 375 -44.63 56.66 -12.83
CA LEU K 375 -43.44 55.83 -12.64
C LEU K 375 -42.17 56.51 -13.11
N GLU K 376 -42.27 57.64 -13.80
CA GLU K 376 -41.12 58.21 -14.51
C GLU K 376 -39.94 58.44 -13.57
N LYS K 377 -40.18 59.01 -12.40
CA LYS K 377 -39.10 59.20 -11.43
C LYS K 377 -38.73 57.91 -10.72
N LEU K 378 -39.70 57.05 -10.45
CA LEU K 378 -39.43 55.86 -9.65
C LEU K 378 -38.45 54.93 -10.34
N GLN K 379 -38.45 54.88 -11.67
CA GLN K 379 -37.52 54.03 -12.38
C GLN K 379 -36.07 54.44 -12.12
N HIS K 380 -35.84 55.71 -11.77
CA HIS K 380 -34.50 56.12 -11.34
C HIS K 380 -34.09 55.41 -10.06
N LEU K 381 -35.02 55.28 -9.11
CA LEU K 381 -34.75 54.59 -7.85
C LEU K 381 -34.69 53.08 -8.01
N LEU K 382 -35.06 52.55 -9.18
CA LEU K 382 -35.14 51.12 -9.41
C LEU K 382 -33.82 50.61 -9.97
N ASP K 383 -33.40 49.45 -9.47
CA ASP K 383 -32.15 48.80 -9.89
C ASP K 383 -32.53 47.54 -10.68
N HIS K 384 -32.66 47.70 -12.00
CA HIS K 384 -33.05 46.63 -12.91
C HIS K 384 -34.34 45.93 -12.45
N PRO K 385 -35.47 46.63 -12.48
CA PRO K 385 -36.73 45.98 -12.09
C PRO K 385 -37.35 45.22 -13.25
N ARG K 386 -38.55 44.69 -13.06
CA ARG K 386 -39.39 44.25 -14.17
C ARG K 386 -40.78 44.85 -13.99
N HIS K 387 -41.22 45.62 -14.99
CA HIS K 387 -42.53 46.23 -14.98
C HIS K 387 -43.53 45.25 -15.59
N VAL K 388 -44.51 44.83 -14.80
CA VAL K 388 -45.53 43.89 -15.24
C VAL K 388 -46.89 44.56 -15.09
N GLU K 389 -47.66 44.61 -16.16
CA GLU K 389 -49.00 45.16 -16.14
C GLU K 389 -50.01 44.04 -15.97
N ILE K 390 -51.15 44.37 -15.36
CA ILE K 390 -52.25 43.43 -15.17
C ILE K 390 -53.44 43.94 -15.98
N LEU K 391 -53.98 43.06 -16.83
CA LEU K 391 -55.07 43.44 -17.72
C LEU K 391 -56.44 42.98 -17.25
N GLY K 392 -56.50 42.06 -16.30
CA GLY K 392 -57.79 41.64 -15.75
C GLY K 392 -58.41 40.46 -16.45
N PHE K 393 -59.73 40.37 -16.39
CA PHE K 393 -60.44 39.20 -16.89
C PHE K 393 -60.39 39.13 -18.41
N SER K 394 -60.51 37.90 -18.92
CA SER K 394 -60.88 37.64 -20.29
C SER K 394 -62.35 37.26 -20.33
N GLU K 395 -62.82 36.81 -21.49
CA GLU K 395 -64.21 36.35 -21.57
C GLU K 395 -64.46 35.18 -20.63
N ALA K 396 -63.61 34.15 -20.70
CA ALA K 396 -63.79 32.97 -19.86
C ALA K 396 -63.63 33.32 -18.39
N LYS K 397 -62.67 34.20 -18.07
CA LYS K 397 -62.51 34.60 -16.67
C LYS K 397 -63.71 35.40 -16.18
N ARG K 398 -64.30 36.22 -17.05
CA ARG K 398 -65.55 36.89 -16.70
C ARG K 398 -66.65 35.87 -16.42
N LYS K 399 -66.71 34.81 -17.23
CA LYS K 399 -67.70 33.77 -17.01
C LYS K 399 -67.51 33.13 -15.64
N GLU K 400 -66.25 32.80 -15.32
CA GLU K 400 -65.96 32.17 -14.04
C GLU K 400 -66.28 33.10 -12.87
N TYR K 401 -65.98 34.40 -13.01
CA TYR K 401 -66.26 35.32 -11.93
C TYR K 401 -67.76 35.47 -11.69
N PHE K 402 -68.54 35.63 -12.75
CA PHE K 402 -69.99 35.75 -12.56
C PHE K 402 -70.60 34.45 -12.06
N PHE K 403 -70.00 33.30 -12.39
CA PHE K 403 -70.39 32.06 -11.74
C PHE K 403 -70.11 32.11 -10.24
N LYS K 404 -68.93 32.60 -9.85
CA LYS K 404 -68.53 32.60 -8.45
C LYS K 404 -69.24 33.66 -7.62
N TYR K 405 -69.85 34.67 -8.25
CA TYR K 405 -70.54 35.70 -7.49
C TYR K 405 -71.93 35.26 -7.05
N PHE K 406 -72.82 35.01 -8.00
CA PHE K 406 -74.19 34.66 -7.69
C PHE K 406 -74.29 33.23 -7.18
N SER K 407 -75.17 33.02 -6.19
CA SER K 407 -75.39 31.68 -5.65
C SER K 407 -76.30 30.83 -6.51
N ASN K 408 -77.01 31.42 -7.46
CA ASN K 408 -77.89 30.70 -8.37
C ASN K 408 -77.28 30.68 -9.76
N GLU K 409 -77.18 29.47 -10.34
CA GLU K 409 -76.61 29.34 -11.68
C GLU K 409 -77.48 30.03 -12.72
N LEU K 410 -78.81 29.88 -12.61
CA LEU K 410 -79.70 30.46 -13.61
C LEU K 410 -79.67 31.98 -13.58
N GLN K 411 -79.63 32.57 -12.37
CA GLN K 411 -79.50 34.02 -12.27
C GLN K 411 -78.18 34.50 -12.88
N ALA K 412 -77.11 33.75 -12.63
CA ALA K 412 -75.82 34.10 -13.23
C ALA K 412 -75.89 34.03 -14.75
N ARG K 413 -76.56 33.01 -15.30
CA ARG K 413 -76.65 32.87 -16.76
C ARG K 413 -77.48 34.00 -17.36
N GLU K 414 -78.56 34.39 -16.69
CA GLU K 414 -79.31 35.56 -17.15
C GLU K 414 -78.44 36.81 -17.11
N ALA K 415 -77.59 36.93 -16.08
CA ALA K 415 -76.64 38.04 -16.02
C ALA K 415 -75.70 38.00 -17.22
N PHE K 416 -75.20 36.82 -17.57
CA PHE K 416 -74.32 36.73 -18.74
C PHE K 416 -75.04 37.17 -20.00
N ARG K 417 -76.28 36.69 -20.18
CA ARG K 417 -77.03 37.04 -21.38
C ARG K 417 -77.23 38.54 -21.49
N LEU K 418 -77.60 39.20 -20.38
CA LEU K 418 -77.75 40.64 -20.43
C LEU K 418 -76.41 41.36 -20.58
N ILE K 419 -75.30 40.74 -20.15
CA ILE K 419 -74.00 41.34 -20.38
C ILE K 419 -73.64 41.33 -21.87
N GLN K 420 -73.83 40.17 -22.52
CA GLN K 420 -73.62 40.16 -23.98
C GLN K 420 -74.68 40.95 -24.73
N GLU K 421 -75.80 41.30 -24.09
CA GLU K 421 -76.76 42.19 -24.73
C GLU K 421 -76.13 43.55 -25.02
N ASN K 422 -75.35 44.08 -24.09
CA ASN K 422 -74.69 45.37 -24.23
C ASN K 422 -73.20 45.15 -24.47
N GLU K 423 -72.75 45.43 -25.69
CA GLU K 423 -71.33 45.26 -26.01
C GLU K 423 -70.46 46.18 -25.16
N VAL K 424 -70.92 47.41 -24.93
CA VAL K 424 -70.13 48.37 -24.16
C VAL K 424 -69.91 47.86 -22.73
N LEU K 425 -70.97 47.37 -22.09
CA LEU K 425 -70.83 46.87 -20.73
C LEU K 425 -69.95 45.62 -20.69
N PHE K 426 -70.09 44.74 -21.67
CA PHE K 426 -69.25 43.55 -21.72
C PHE K 426 -67.78 43.93 -21.85
N THR K 427 -67.47 44.93 -22.68
CA THR K 427 -66.10 45.40 -22.80
C THR K 427 -65.62 46.04 -21.50
N MET K 428 -66.49 46.82 -20.85
CA MET K 428 -66.12 47.43 -19.57
C MET K 428 -65.87 46.38 -18.49
N CYS K 429 -66.49 45.22 -18.59
CA CYS K 429 -66.31 44.19 -17.58
C CYS K 429 -64.91 43.57 -17.57
N PHE K 430 -63.91 44.04 -18.32
CA PHE K 430 -62.57 43.49 -18.15
C PHE K 430 -61.94 43.96 -16.85
N ILE K 431 -62.54 44.94 -16.18
CA ILE K 431 -62.10 45.38 -14.86
C ILE K 431 -62.93 44.62 -13.82
N PRO K 432 -62.30 43.88 -12.90
CA PRO K 432 -63.08 43.10 -11.92
C PRO K 432 -63.95 43.98 -11.03
N LEU K 433 -63.53 45.22 -10.75
CA LEU K 433 -64.34 46.10 -9.92
C LEU K 433 -65.69 46.39 -10.56
N VAL K 434 -65.71 46.63 -11.87
CA VAL K 434 -66.97 46.85 -12.56
C VAL K 434 -67.81 45.59 -12.53
N CYS K 435 -67.17 44.43 -12.59
CA CYS K 435 -67.91 43.17 -12.46
C CYS K 435 -68.58 43.06 -11.10
N TRP K 436 -67.86 43.41 -10.04
CA TRP K 436 -68.45 43.37 -8.70
C TRP K 436 -69.61 44.35 -8.59
N ILE K 437 -69.44 45.56 -9.11
CA ILE K 437 -70.50 46.57 -9.02
C ILE K 437 -71.73 46.13 -9.79
N VAL K 438 -71.55 45.62 -11.01
CA VAL K 438 -72.69 45.21 -11.80
C VAL K 438 -73.38 44.00 -11.19
N CYS K 439 -72.62 43.07 -10.60
CA CYS K 439 -73.24 41.92 -9.96
C CYS K 439 -74.07 42.35 -8.76
N THR K 440 -73.54 43.25 -7.93
CA THR K 440 -74.32 43.75 -6.79
C THR K 440 -75.56 44.49 -7.27
N GLY K 441 -75.43 45.28 -8.34
CA GLY K 441 -76.58 46.00 -8.86
C GLY K 441 -77.66 45.06 -9.37
N LEU K 442 -77.26 44.01 -10.10
CA LEU K 442 -78.22 43.04 -10.59
C LEU K 442 -78.88 42.29 -9.44
N LYS K 443 -78.12 41.97 -8.40
CA LYS K 443 -78.71 41.34 -7.22
C LYS K 443 -79.78 42.24 -6.60
N GLN K 444 -79.46 43.53 -6.42
CA GLN K 444 -80.42 44.45 -5.85
C GLN K 444 -81.64 44.60 -6.75
N GLN K 445 -81.45 44.58 -8.06
CA GLN K 445 -82.57 44.71 -8.98
C GLN K 445 -83.49 43.50 -8.89
N MET K 446 -82.94 42.28 -8.97
CA MET K 446 -83.81 41.12 -9.03
C MET K 446 -84.42 40.76 -7.68
N GLU K 447 -83.72 41.02 -6.57
CA GLU K 447 -84.33 40.76 -5.28
C GLU K 447 -85.54 41.66 -5.03
N THR K 448 -85.45 42.93 -5.40
CA THR K 448 -86.54 43.87 -5.21
C THR K 448 -87.61 43.76 -6.30
N GLY K 449 -87.43 42.87 -7.28
CA GLY K 449 -88.37 42.71 -8.36
C GLY K 449 -88.10 43.54 -9.59
N LYS K 450 -87.12 44.43 -9.53
CA LYS K 450 -86.78 45.24 -10.70
C LYS K 450 -86.15 44.38 -11.78
N SER K 451 -86.38 44.77 -13.04
CA SER K 451 -85.82 44.03 -14.16
C SER K 451 -84.31 44.25 -14.24
N LEU K 452 -83.64 43.31 -14.92
CA LEU K 452 -82.19 43.35 -15.04
C LEU K 452 -81.70 43.98 -16.33
N ALA K 453 -82.56 44.09 -17.35
CA ALA K 453 -82.15 44.69 -18.61
C ALA K 453 -81.88 46.19 -18.49
N GLN K 454 -82.47 46.84 -17.48
CA GLN K 454 -82.20 48.26 -17.28
C GLN K 454 -80.74 48.51 -16.93
N THR K 455 -80.13 47.60 -16.17
CA THR K 455 -78.71 47.71 -15.88
C THR K 455 -77.88 47.64 -17.15
N SER K 456 -78.23 46.72 -18.05
CA SER K 456 -77.52 46.61 -19.32
C SER K 456 -77.71 47.87 -20.17
N LYS K 457 -78.93 48.43 -20.16
CA LYS K 457 -79.19 49.63 -20.94
C LYS K 457 -78.39 50.83 -20.43
N THR K 458 -77.99 50.82 -19.17
CA THR K 458 -77.22 51.93 -18.59
C THR K 458 -75.76 51.75 -18.95
N THR K 459 -75.20 52.74 -19.64
CA THR K 459 -73.82 52.69 -20.12
C THR K 459 -73.01 53.84 -19.53
N THR K 460 -71.76 53.54 -19.18
CA THR K 460 -70.75 54.53 -18.82
C THR K 460 -71.03 55.18 -17.46
N ALA K 461 -72.22 54.93 -16.92
CA ALA K 461 -72.65 55.50 -15.65
C ALA K 461 -73.00 54.39 -14.67
N VAL K 462 -72.11 53.41 -14.56
CA VAL K 462 -72.34 52.27 -13.68
C VAL K 462 -72.41 52.73 -12.23
N TYR K 463 -71.48 53.61 -11.83
CA TYR K 463 -71.44 54.07 -10.44
C TYR K 463 -72.70 54.84 -10.07
N VAL K 464 -73.13 55.76 -10.93
CA VAL K 464 -74.28 56.61 -10.60
C VAL K 464 -75.56 55.78 -10.53
N PHE K 465 -75.77 54.90 -11.53
CA PHE K 465 -76.95 54.05 -11.51
C PHE K 465 -76.92 53.10 -10.33
N PHE K 466 -75.74 52.58 -9.99
CA PHE K 466 -75.61 51.70 -8.83
C PHE K 466 -75.97 52.43 -7.55
N LEU K 467 -75.50 53.66 -7.39
CA LEU K 467 -75.84 54.45 -6.21
C LEU K 467 -77.34 54.75 -6.16
N SER K 468 -77.93 55.07 -7.31
CA SER K 468 -79.36 55.35 -7.34
C SER K 468 -80.18 54.11 -6.98
N SER K 469 -79.77 52.94 -7.48
CA SER K 469 -80.47 51.71 -7.14
C SER K 469 -80.28 51.33 -5.68
N LEU K 470 -79.11 51.66 -5.11
CA LEU K 470 -78.89 51.36 -3.70
C LEU K 470 -79.86 52.12 -2.81
N LEU K 471 -80.11 53.39 -3.12
CA LEU K 471 -80.98 54.21 -2.29
C LEU K 471 -82.38 54.34 -2.92
N PHE K 482 -81.65 63.86 3.56
CA PHE K 482 -80.50 63.09 3.09
C PHE K 482 -79.44 64.04 2.51
N SER K 483 -79.82 65.30 2.29
CA SER K 483 -78.89 66.27 1.73
C SER K 483 -77.73 66.53 2.67
N ASP K 484 -78.00 66.61 3.98
CA ASP K 484 -76.92 66.80 4.95
C ASP K 484 -75.95 65.63 4.95
N TYR K 485 -76.47 64.40 4.89
CA TYR K 485 -75.60 63.22 4.84
C TYR K 485 -74.70 63.26 3.62
N LEU K 486 -75.29 63.56 2.46
CA LEU K 486 -74.52 63.61 1.22
C LEU K 486 -73.46 64.71 1.29
N GLN K 487 -73.84 65.88 1.80
CA GLN K 487 -72.87 66.98 1.91
C GLN K 487 -71.72 66.62 2.83
N GLY K 488 -72.04 66.00 3.98
CA GLY K 488 -70.99 65.62 4.91
C GLY K 488 -70.05 64.58 4.33
N LEU K 489 -70.61 63.55 3.69
CA LEU K 489 -69.78 62.51 3.09
C LEU K 489 -68.92 63.08 1.97
N CYS K 490 -69.49 63.95 1.14
CA CYS K 490 -68.74 64.56 0.05
C CYS K 490 -67.61 65.44 0.57
N SER K 491 -67.88 66.23 1.61
CA SER K 491 -66.83 67.07 2.18
C SER K 491 -65.77 66.24 2.87
N LEU K 492 -66.15 65.13 3.49
CA LEU K 492 -65.16 64.21 4.06
C LEU K 492 -64.25 63.65 2.98
N ALA K 493 -64.84 63.23 1.85
CA ALA K 493 -64.03 62.73 0.75
C ALA K 493 -63.12 63.82 0.20
N ALA K 494 -63.62 65.04 0.08
CA ALA K 494 -62.81 66.14 -0.44
C ALA K 494 -61.63 66.45 0.48
N ASP K 495 -61.88 66.50 1.80
CA ASP K 495 -60.79 66.78 2.73
C ASP K 495 -59.80 65.62 2.78
N GLY K 496 -60.26 64.39 2.62
CA GLY K 496 -59.33 63.29 2.45
C GLY K 496 -58.50 63.45 1.18
N ILE K 497 -59.11 64.00 0.14
CA ILE K 497 -58.39 64.25 -1.11
C ILE K 497 -57.26 65.26 -0.87
N TRP K 498 -57.58 66.38 -0.22
CA TRP K 498 -56.53 67.36 0.07
C TRP K 498 -55.47 66.80 0.99
N ASN K 499 -55.88 66.11 2.05
CA ASN K 499 -54.96 65.70 3.11
C ASN K 499 -54.30 64.35 2.85
N GLN K 500 -54.64 63.67 1.76
CA GLN K 500 -54.13 62.34 1.45
C GLN K 500 -54.40 61.37 2.61
N LYS K 501 -55.54 61.54 3.27
CA LYS K 501 -55.91 60.75 4.43
C LYS K 501 -57.05 59.81 4.07
N ILE K 502 -56.92 58.55 4.49
CA ILE K 502 -57.95 57.54 4.22
C ILE K 502 -58.46 57.02 5.55
N LEU K 503 -57.61 57.06 6.58
CA LEU K 503 -57.98 56.58 7.92
C LEU K 503 -58.52 57.75 8.73
N PHE K 504 -59.73 58.17 8.37
CA PHE K 504 -60.34 59.34 8.99
C PHE K 504 -60.65 59.08 10.46
N GLU K 505 -60.68 60.16 11.25
CA GLU K 505 -61.03 60.11 12.66
C GLU K 505 -62.33 60.89 12.88
N GLU K 506 -62.71 61.02 14.15
CA GLU K 506 -63.97 61.69 14.47
C GLU K 506 -63.95 63.16 14.10
N CYS K 507 -62.79 63.80 14.14
CA CYS K 507 -62.71 65.25 13.95
C CYS K 507 -63.20 65.67 12.57
N ASP K 508 -62.87 64.87 11.55
CA ASP K 508 -63.36 65.18 10.20
C ASP K 508 -64.88 65.17 10.15
N LEU K 509 -65.51 64.14 10.72
CA LEU K 509 -66.96 64.06 10.73
C LEU K 509 -67.58 65.20 11.53
N ARG K 510 -66.91 65.60 12.61
CA ARG K 510 -67.39 66.75 13.38
C ARG K 510 -67.34 68.03 12.55
N LYS K 511 -66.24 68.23 11.83
CA LYS K 511 -66.12 69.43 11.00
C LYS K 511 -67.15 69.44 9.88
N HIS K 512 -67.40 68.29 9.25
CA HIS K 512 -68.34 68.20 8.16
C HIS K 512 -69.78 68.01 8.61
N GLY K 513 -70.01 67.91 9.92
CA GLY K 513 -71.35 67.65 10.42
C GLY K 513 -71.79 66.21 10.33
N LEU K 514 -70.90 65.30 9.93
CA LEU K 514 -71.24 63.89 9.89
C LEU K 514 -71.27 63.32 11.30
N GLN K 515 -72.31 62.53 11.58
CA GLN K 515 -72.53 61.96 12.90
C GLN K 515 -72.35 60.44 12.86
N LYS K 516 -72.60 59.81 14.01
CA LYS K 516 -72.41 58.36 14.11
C LYS K 516 -73.42 57.60 13.27
N THR K 517 -74.61 58.16 13.08
CA THR K 517 -75.65 57.51 12.30
C THR K 517 -75.48 57.69 10.79
N ASP K 518 -74.30 58.13 10.34
CA ASP K 518 -74.04 58.37 8.93
C ASP K 518 -73.15 57.29 8.31
N VAL K 519 -73.30 56.04 8.74
CA VAL K 519 -72.52 54.93 8.21
C VAL K 519 -73.32 54.26 7.10
N SER K 520 -72.68 54.06 5.95
CA SER K 520 -73.29 53.42 4.80
C SER K 520 -72.44 52.23 4.36
N ALA K 521 -72.85 51.60 3.25
CA ALA K 521 -72.12 50.45 2.74
C ALA K 521 -70.74 50.84 2.20
N PHE K 522 -70.65 52.00 1.55
CA PHE K 522 -69.36 52.43 0.99
C PHE K 522 -68.32 52.66 2.08
N LEU K 523 -68.74 53.24 3.20
CA LEU K 523 -67.84 53.45 4.33
C LEU K 523 -67.66 52.14 5.09
N ARG K 524 -66.71 52.13 6.03
CA ARG K 524 -66.42 50.93 6.80
C ARG K 524 -65.80 51.32 8.13
N MET K 525 -66.28 50.69 9.20
CA MET K 525 -65.80 50.90 10.55
C MET K 525 -64.78 49.83 10.91
N ASN K 526 -63.69 50.22 11.53
CA ASN K 526 -62.65 49.29 11.95
C ASN K 526 -62.26 49.51 13.41
N ARG K 536 -62.32 54.11 17.03
CA ARG K 536 -62.96 53.71 15.79
C ARG K 536 -62.16 54.23 14.59
N PHE K 537 -62.16 53.45 13.52
CA PHE K 537 -61.48 53.82 12.28
C PHE K 537 -62.50 53.93 11.16
N TYR K 538 -62.44 55.03 10.41
CA TYR K 538 -63.31 55.27 9.27
C TYR K 538 -62.50 55.04 8.01
N SER K 539 -63.01 54.20 7.10
CA SER K 539 -62.28 53.95 5.86
C SER K 539 -63.25 53.62 4.73
N PHE K 540 -63.00 54.19 3.56
CA PHE K 540 -63.79 53.81 2.38
C PHE K 540 -63.44 52.39 1.96
N SER K 541 -64.46 51.66 1.50
CA SER K 541 -64.24 50.28 1.08
C SER K 541 -63.31 50.21 -0.11
N HIS K 542 -63.49 51.10 -1.08
CA HIS K 542 -62.63 51.17 -2.25
C HIS K 542 -62.40 52.63 -2.58
N MET K 543 -61.18 52.97 -3.00
CA MET K 543 -60.83 54.38 -3.19
C MET K 543 -61.67 55.02 -4.29
N THR K 544 -61.93 54.29 -5.39
CA THR K 544 -62.69 54.86 -6.49
C THR K 544 -64.02 55.42 -6.00
N PHE K 545 -64.60 54.81 -4.97
CA PHE K 545 -65.82 55.35 -4.37
C PHE K 545 -65.59 56.73 -3.80
N GLN K 546 -64.46 56.93 -3.09
CA GLN K 546 -64.25 58.24 -2.47
C GLN K 546 -63.86 59.29 -3.50
N GLU K 547 -63.14 58.90 -4.57
CA GLU K 547 -62.98 59.87 -5.66
C GLU K 547 -64.32 60.21 -6.31
N PHE K 548 -65.22 59.24 -6.44
CA PHE K 548 -66.54 59.52 -6.99
C PHE K 548 -67.30 60.51 -6.11
N PHE K 549 -67.26 60.31 -4.80
CA PHE K 549 -67.95 61.21 -3.88
C PHE K 549 -67.31 62.60 -3.89
N ALA K 550 -65.98 62.68 -3.98
CA ALA K 550 -65.31 63.97 -4.06
C ALA K 550 -65.70 64.71 -5.33
N ALA K 551 -65.78 63.99 -6.46
CA ALA K 551 -66.25 64.61 -7.69
C ALA K 551 -67.69 65.08 -7.56
N MET K 552 -68.54 64.26 -6.94
CA MET K 552 -69.92 64.63 -6.70
C MET K 552 -70.06 65.84 -5.80
N TYR K 553 -69.07 66.10 -4.94
CA TYR K 553 -69.14 67.21 -4.00
C TYR K 553 -69.25 68.55 -4.72
N TYR K 554 -68.43 68.75 -5.75
CA TYR K 554 -68.30 70.08 -6.34
C TYR K 554 -69.49 70.47 -7.22
N LEU K 555 -70.55 69.66 -7.24
CA LEU K 555 -71.75 69.99 -7.99
C LEU K 555 -72.99 70.16 -7.12
N LEU K 556 -72.98 69.62 -5.91
CA LEU K 556 -74.11 69.77 -4.99
C LEU K 556 -74.37 71.24 -4.67
N ASN K 577 -63.65 73.41 0.54
CA ASN K 577 -63.59 74.38 -0.56
C ASN K 577 -64.45 73.93 -1.73
N ARG K 578 -65.22 74.86 -2.29
CA ARG K 578 -66.10 74.59 -3.42
C ARG K 578 -65.57 75.19 -4.72
N ASP K 579 -64.47 75.95 -4.66
CA ASP K 579 -63.87 76.54 -5.86
C ASP K 579 -63.29 75.41 -6.71
N VAL K 580 -63.83 75.25 -7.93
CA VAL K 580 -63.42 74.15 -8.79
C VAL K 580 -61.96 74.27 -9.23
N LYS K 581 -61.38 75.47 -9.18
CA LYS K 581 -60.02 75.68 -9.68
C LYS K 581 -59.00 74.80 -8.99
N VAL K 582 -59.25 74.36 -7.76
CA VAL K 582 -58.31 73.50 -7.06
C VAL K 582 -58.11 72.20 -7.83
N LEU K 583 -59.18 71.69 -8.44
CA LEU K 583 -59.06 70.51 -9.29
C LEU K 583 -58.29 70.84 -10.56
N LEU K 584 -58.46 72.05 -11.08
CA LEU K 584 -57.89 72.39 -12.38
C LEU K 584 -56.37 72.54 -12.31
N GLU K 585 -55.87 73.27 -11.31
CA GLU K 585 -54.47 73.65 -11.27
C GLU K 585 -53.63 72.90 -10.24
N ASN K 586 -54.20 72.52 -9.08
CA ASN K 586 -53.44 71.84 -8.05
C ASN K 586 -53.20 70.37 -8.37
N TYR K 587 -53.47 69.95 -9.60
CA TYR K 587 -53.04 68.64 -10.06
C TYR K 587 -51.52 68.56 -10.08
N GLY K 588 -50.98 67.39 -9.75
CA GLY K 588 -49.56 67.16 -9.71
C GLY K 588 -48.95 67.26 -8.34
N LYS K 589 -49.65 67.89 -7.38
CA LYS K 589 -49.17 67.90 -6.01
C LYS K 589 -49.18 66.50 -5.40
N PHE K 590 -50.05 65.63 -5.90
CA PHE K 590 -50.11 64.23 -5.48
C PHE K 590 -49.59 63.36 -6.61
N GLU K 591 -48.74 62.39 -6.26
CA GLU K 591 -48.23 61.46 -7.26
C GLU K 591 -49.36 60.65 -7.87
N LYS K 592 -49.19 60.33 -9.16
CA LYS K 592 -50.08 59.48 -9.94
C LYS K 592 -51.48 60.06 -10.10
N GLY K 593 -51.73 61.26 -9.57
CA GLY K 593 -52.91 62.02 -9.94
C GLY K 593 -54.26 61.39 -9.68
N TYR K 594 -54.67 61.34 -8.41
CA TYR K 594 -56.04 60.92 -8.10
C TYR K 594 -57.06 61.83 -8.77
N LEU K 595 -56.71 63.10 -8.99
CA LEU K 595 -57.68 64.11 -9.40
C LEU K 595 -58.32 63.83 -10.76
N ILE K 596 -57.55 63.40 -11.76
CA ILE K 596 -58.11 63.18 -13.09
C ILE K 596 -59.27 62.19 -13.03
N PHE K 597 -59.06 61.07 -12.33
CA PHE K 597 -60.15 60.12 -12.12
C PHE K 597 -61.35 60.81 -11.51
N VAL K 598 -61.12 61.60 -10.44
CA VAL K 598 -62.16 62.47 -9.90
C VAL K 598 -62.82 63.24 -11.01
N VAL K 599 -62.03 64.01 -11.77
CA VAL K 599 -62.58 64.87 -12.82
C VAL K 599 -63.38 64.05 -13.81
N ARG K 600 -63.01 62.78 -14.01
CA ARG K 600 -63.77 61.96 -14.95
C ARG K 600 -65.23 61.87 -14.52
N PHE K 601 -65.48 61.50 -13.26
CA PHE K 601 -66.85 61.50 -12.78
C PHE K 601 -67.46 62.89 -12.84
N LEU K 602 -66.64 63.92 -12.66
CA LEU K 602 -67.13 65.28 -12.86
C LEU K 602 -67.70 65.44 -14.27
N PHE K 603 -66.92 65.07 -15.28
CA PHE K 603 -67.44 65.08 -16.64
C PHE K 603 -68.59 64.10 -16.81
N GLY K 604 -68.61 63.05 -15.98
CA GLY K 604 -69.77 62.19 -15.97
C GLY K 604 -71.02 62.89 -15.49
N LEU K 605 -70.87 63.71 -14.44
CA LEU K 605 -72.05 64.25 -13.78
C LEU K 605 -72.56 65.50 -14.49
N VAL K 606 -71.68 66.25 -15.15
CA VAL K 606 -72.05 67.52 -15.77
C VAL K 606 -72.87 67.29 -17.02
N ASN K 607 -72.99 66.03 -17.44
CA ASN K 607 -73.82 65.69 -18.59
C ASN K 607 -75.25 66.13 -18.34
N GLN K 608 -75.84 66.80 -19.34
CA GLN K 608 -77.13 67.46 -19.15
C GLN K 608 -78.20 66.47 -18.71
N GLU K 609 -78.31 65.34 -19.42
CA GLU K 609 -79.26 64.31 -18.99
C GLU K 609 -78.88 63.74 -17.64
N ARG K 610 -77.58 63.47 -17.43
CA ARG K 610 -77.14 62.93 -16.16
C ARG K 610 -77.29 63.95 -15.04
N THR K 611 -77.02 65.22 -15.33
CA THR K 611 -77.23 66.28 -14.34
C THR K 611 -78.70 66.38 -13.94
N SER K 612 -79.60 66.36 -14.93
CA SER K 612 -81.02 66.42 -14.64
C SER K 612 -81.47 65.19 -13.83
N TYR K 613 -80.95 64.02 -14.19
CA TYR K 613 -81.31 62.80 -13.46
C TYR K 613 -80.82 62.87 -12.01
N LEU K 614 -79.60 63.36 -11.79
CA LEU K 614 -79.10 63.50 -10.43
C LEU K 614 -79.94 64.48 -9.63
N GLU K 615 -80.29 65.62 -10.23
CA GLU K 615 -81.11 66.61 -9.53
C GLU K 615 -82.48 66.05 -9.18
N LYS K 616 -83.11 65.33 -10.11
CA LYS K 616 -84.44 64.81 -9.88
C LYS K 616 -84.45 63.51 -9.08
N LYS K 617 -83.28 62.89 -8.85
CA LYS K 617 -83.21 61.71 -8.01
C LYS K 617 -82.74 62.01 -6.59
N LEU K 618 -82.04 63.13 -6.38
CA LEU K 618 -81.62 63.50 -5.04
C LEU K 618 -82.17 64.85 -4.58
N SER K 619 -83.04 65.48 -5.37
CA SER K 619 -83.70 66.74 -5.02
C SER K 619 -82.70 67.88 -4.80
N CYS K 620 -81.50 67.76 -5.35
CA CYS K 620 -80.46 68.77 -5.20
C CYS K 620 -80.31 69.56 -6.50
N LYS K 621 -79.35 70.47 -6.51
CA LYS K 621 -79.08 71.33 -7.65
C LYS K 621 -77.62 71.18 -8.05
N ILE K 622 -77.35 71.27 -9.36
CA ILE K 622 -76.02 71.11 -9.92
C ILE K 622 -75.60 72.42 -10.56
N SER K 623 -74.41 72.90 -10.21
CA SER K 623 -73.88 74.11 -10.81
C SER K 623 -73.59 73.89 -12.29
N GLN K 624 -73.67 74.97 -13.06
CA GLN K 624 -73.49 74.91 -14.50
C GLN K 624 -72.28 75.66 -15.03
N GLN K 625 -71.76 76.65 -14.30
CA GLN K 625 -70.52 77.29 -14.70
C GLN K 625 -69.35 76.33 -14.67
N VAL K 626 -69.48 75.22 -13.93
CA VAL K 626 -68.43 74.21 -13.89
C VAL K 626 -68.15 73.67 -15.28
N ARG K 627 -69.19 73.49 -16.09
CA ARG K 627 -69.00 72.97 -17.44
C ARG K 627 -68.16 73.92 -18.29
N LEU K 628 -68.43 75.23 -18.20
CA LEU K 628 -67.66 76.19 -18.98
C LEU K 628 -66.22 76.29 -18.48
N GLU K 629 -66.03 76.23 -17.16
CA GLU K 629 -64.67 76.23 -16.62
C GLU K 629 -63.91 74.98 -17.08
N LEU K 630 -64.61 73.85 -17.14
CA LEU K 630 -63.98 72.62 -17.61
C LEU K 630 -63.65 72.70 -19.09
N LEU K 631 -64.51 73.34 -19.87
CA LEU K 631 -64.17 73.67 -21.25
C LEU K 631 -62.86 74.44 -21.31
N LYS K 632 -62.77 75.52 -20.55
CA LYS K 632 -61.57 76.36 -20.58
C LYS K 632 -60.35 75.55 -20.19
N TRP K 633 -60.49 74.66 -19.21
CA TRP K 633 -59.39 73.76 -18.85
C TRP K 633 -59.04 72.83 -20.01
N ILE K 634 -60.04 72.41 -20.81
CA ILE K 634 -59.75 71.57 -21.96
C ILE K 634 -58.86 72.31 -22.95
N GLU K 635 -59.21 73.57 -23.26
CA GLU K 635 -58.33 74.32 -24.17
C GLU K 635 -56.98 74.59 -23.54
N VAL K 636 -56.92 74.80 -22.22
CA VAL K 636 -55.64 74.99 -21.55
C VAL K 636 -54.75 73.75 -21.73
N LYS K 637 -55.33 72.57 -21.54
CA LYS K 637 -54.56 71.34 -21.73
C LYS K 637 -54.15 71.15 -23.18
N ALA K 638 -55.06 71.45 -24.12
CA ALA K 638 -54.79 71.18 -25.53
C ALA K 638 -53.73 72.12 -26.07
N LYS K 639 -53.78 73.41 -25.72
CA LYS K 639 -52.94 74.42 -26.36
C LYS K 639 -51.69 74.77 -25.54
N ALA K 640 -51.43 74.04 -24.46
CA ALA K 640 -50.26 74.35 -23.65
C ALA K 640 -48.98 73.87 -24.32
N LYS K 641 -47.85 74.38 -23.82
CA LYS K 641 -46.54 74.03 -24.37
C LYS K 641 -45.89 72.90 -23.57
N LYS K 642 -45.69 73.12 -22.26
CA LYS K 642 -45.05 72.13 -21.39
C LYS K 642 -46.07 71.02 -21.13
N LEU K 643 -46.18 70.12 -22.10
CA LEU K 643 -47.18 69.06 -22.07
C LEU K 643 -46.69 67.81 -21.34
N GLN K 644 -45.46 67.82 -20.82
CA GLN K 644 -44.92 66.62 -20.18
C GLN K 644 -45.64 66.32 -18.86
N TRP K 645 -45.86 67.35 -18.04
CA TRP K 645 -46.47 67.13 -16.73
C TRP K 645 -47.94 66.72 -16.85
N GLN K 646 -48.62 67.19 -17.89
CA GLN K 646 -50.03 66.85 -18.06
C GLN K 646 -50.17 65.36 -18.40
N PRO K 647 -51.29 64.74 -18.00
CA PRO K 647 -51.52 63.35 -18.37
C PRO K 647 -51.81 63.18 -19.85
N SER K 648 -51.84 61.94 -20.32
CA SER K 648 -51.92 61.66 -21.75
C SER K 648 -53.26 62.10 -22.32
N GLN K 649 -53.31 62.17 -23.66
CA GLN K 649 -54.52 62.58 -24.35
C GLN K 649 -55.59 61.49 -24.31
N LEU K 650 -55.18 60.23 -24.10
CA LEU K 650 -56.14 59.15 -23.96
C LEU K 650 -57.03 59.36 -22.74
N GLU K 651 -56.49 59.99 -21.69
CA GLU K 651 -57.32 60.37 -20.55
C GLU K 651 -58.38 61.38 -20.96
N LEU K 652 -57.99 62.37 -21.78
CA LEU K 652 -58.96 63.33 -22.29
C LEU K 652 -60.07 62.64 -23.08
N PHE K 653 -59.70 61.63 -23.87
CA PHE K 653 -60.71 60.94 -24.67
C PHE K 653 -61.60 60.06 -23.81
N TYR K 654 -61.03 59.39 -22.80
CA TYR K 654 -61.86 58.74 -21.79
C TYR K 654 -62.87 59.71 -21.21
N CYS K 655 -62.42 60.93 -20.88
CA CYS K 655 -63.32 61.92 -20.29
C CYS K 655 -64.45 62.29 -21.26
N LEU K 656 -64.09 62.63 -22.50
CA LEU K 656 -65.09 63.05 -23.48
C LEU K 656 -66.05 61.93 -23.84
N TYR K 657 -65.60 60.67 -23.70
CA TYR K 657 -66.52 59.55 -23.85
C TYR K 657 -67.40 59.36 -22.63
N GLU K 658 -66.86 59.61 -21.43
CA GLU K 658 -67.63 59.49 -20.22
C GLU K 658 -68.79 60.46 -20.21
N MET K 659 -68.55 61.69 -20.66
CA MET K 659 -69.59 62.71 -20.59
C MET K 659 -70.76 62.39 -21.52
N GLN K 660 -70.48 62.05 -22.78
CA GLN K 660 -71.50 61.72 -23.78
C GLN K 660 -72.44 62.90 -24.09
N GLU K 661 -71.89 64.11 -24.21
CA GLU K 661 -72.65 65.29 -24.60
C GLU K 661 -72.19 65.75 -25.98
N GLU K 662 -73.01 65.49 -27.01
CA GLU K 662 -72.55 65.58 -28.39
C GLU K 662 -72.01 66.98 -28.72
N ASP K 663 -72.81 68.02 -28.47
CA ASP K 663 -72.43 69.35 -28.95
C ASP K 663 -71.18 69.87 -28.24
N PHE K 664 -71.10 69.70 -26.93
CA PHE K 664 -69.93 70.20 -26.21
C PHE K 664 -68.70 69.34 -26.51
N VAL K 665 -68.89 68.03 -26.76
CA VAL K 665 -67.79 67.22 -27.26
C VAL K 665 -67.25 67.81 -28.55
N GLN K 666 -68.13 68.12 -29.51
CA GLN K 666 -67.68 68.66 -30.78
C GLN K 666 -66.95 69.98 -30.58
N SER K 667 -67.53 70.88 -29.78
CA SER K 667 -66.95 72.22 -29.62
C SER K 667 -65.59 72.15 -28.90
N ALA K 668 -65.50 71.38 -27.82
CA ALA K 668 -64.26 71.32 -27.05
C ALA K 668 -63.24 70.40 -27.71
N MET K 669 -63.66 69.61 -28.70
CA MET K 669 -62.77 68.67 -29.36
C MET K 669 -62.30 69.15 -30.73
N ASP K 670 -62.94 70.19 -31.28
CA ASP K 670 -62.40 70.84 -32.46
C ASP K 670 -61.07 71.52 -32.19
N HIS K 671 -60.56 71.47 -30.96
CA HIS K 671 -59.29 72.06 -30.58
C HIS K 671 -58.14 71.06 -30.65
N PHE K 672 -58.30 69.99 -31.44
CA PHE K 672 -57.27 68.96 -31.60
C PHE K 672 -57.02 68.74 -33.08
N PRO K 673 -56.29 69.65 -33.74
CA PRO K 673 -55.93 69.41 -35.15
C PRO K 673 -55.07 68.17 -35.34
N LYS K 674 -54.22 67.84 -34.37
CA LYS K 674 -53.38 66.65 -34.42
C LYS K 674 -53.68 65.77 -33.23
N ILE K 675 -53.94 64.50 -33.47
CA ILE K 675 -54.33 63.55 -32.44
C ILE K 675 -53.33 62.41 -32.42
N GLU K 676 -52.77 62.13 -31.24
CA GLU K 676 -51.88 60.99 -31.04
C GLU K 676 -52.38 60.20 -29.85
N ILE K 677 -52.60 58.90 -30.06
CA ILE K 677 -53.15 58.03 -29.02
C ILE K 677 -52.46 56.68 -29.11
N ASN K 678 -52.35 56.00 -27.97
CA ASN K 678 -51.74 54.68 -27.87
C ASN K 678 -52.74 53.74 -27.23
N LEU K 679 -53.16 52.73 -27.98
CA LEU K 679 -54.28 51.87 -27.60
C LEU K 679 -53.78 50.51 -27.14
N SER K 680 -54.34 50.00 -26.04
CA SER K 680 -53.91 48.73 -25.49
C SER K 680 -55.05 47.85 -24.98
N THR K 681 -56.31 48.17 -25.27
CA THR K 681 -57.42 47.35 -24.79
C THR K 681 -58.66 47.67 -25.62
N ARG K 682 -59.73 46.91 -25.38
CA ARG K 682 -60.98 47.14 -26.08
C ARG K 682 -61.56 48.51 -25.75
N MET K 683 -61.47 48.92 -24.49
CA MET K 683 -62.02 50.21 -24.08
C MET K 683 -61.32 51.35 -24.80
N ASP K 684 -60.01 51.24 -24.97
CA ASP K 684 -59.28 52.24 -25.75
C ASP K 684 -59.83 52.34 -27.16
N HIS K 685 -60.06 51.19 -27.80
CA HIS K 685 -60.59 51.19 -29.15
C HIS K 685 -61.97 51.83 -29.20
N VAL K 686 -62.83 51.51 -28.23
CA VAL K 686 -64.19 52.03 -28.24
C VAL K 686 -64.19 53.54 -28.04
N VAL K 687 -63.43 54.03 -27.05
CA VAL K 687 -63.42 55.45 -26.78
C VAL K 687 -62.80 56.22 -27.95
N SER K 688 -61.78 55.64 -28.58
CA SER K 688 -61.19 56.28 -29.76
C SER K 688 -62.18 56.33 -30.90
N SER K 689 -62.90 55.22 -31.14
CA SER K 689 -63.91 55.22 -32.19
C SER K 689 -64.92 56.34 -31.96
N PHE K 690 -65.45 56.43 -30.74
CA PHE K 690 -66.41 57.49 -30.43
C PHE K 690 -65.80 58.86 -30.65
N CYS K 691 -64.59 59.08 -30.14
CA CYS K 691 -63.99 60.41 -30.16
C CYS K 691 -63.70 60.89 -31.57
N ILE K 692 -62.95 60.09 -32.35
CA ILE K 692 -62.66 60.50 -33.72
C ILE K 692 -63.93 60.53 -34.57
N LYS K 693 -64.93 59.70 -34.27
CA LYS K 693 -66.20 59.83 -34.97
C LYS K 693 -66.84 61.18 -34.69
N ASN K 694 -66.65 61.71 -33.48
CA ASN K 694 -67.17 63.04 -33.15
C ASN K 694 -66.31 64.14 -33.75
N CYS K 695 -65.04 63.86 -34.03
CA CYS K 695 -64.13 64.88 -34.54
C CYS K 695 -64.57 65.36 -35.92
N HIS K 696 -64.32 66.64 -36.19
CA HIS K 696 -64.68 67.22 -37.47
C HIS K 696 -63.60 68.10 -38.08
N ARG K 697 -62.54 68.44 -37.34
CA ARG K 697 -61.49 69.32 -37.86
C ARG K 697 -60.11 68.81 -37.44
N VAL K 698 -59.86 67.53 -37.64
CA VAL K 698 -58.55 66.94 -37.37
C VAL K 698 -57.83 66.71 -38.69
N LYS K 699 -56.53 67.04 -38.71
CA LYS K 699 -55.71 66.90 -39.91
C LYS K 699 -54.70 65.77 -39.80
N THR K 700 -53.87 65.76 -38.76
CA THR K 700 -52.87 64.72 -38.56
C THR K 700 -53.36 63.76 -37.50
N LEU K 701 -53.29 62.46 -37.78
CA LEU K 701 -53.74 61.45 -36.84
C LEU K 701 -52.70 60.34 -36.77
N SER K 702 -52.40 59.89 -35.55
CA SER K 702 -51.48 58.79 -35.33
C SER K 702 -52.14 57.79 -34.40
N LEU K 703 -51.69 56.53 -34.49
CA LEU K 703 -52.25 55.45 -33.69
C LEU K 703 -51.13 54.56 -33.20
N GLY K 704 -51.37 53.94 -32.04
CA GLY K 704 -50.45 52.95 -31.52
C GLY K 704 -51.15 51.72 -31.01
N PHE K 705 -50.91 50.57 -31.64
CA PHE K 705 -51.53 49.31 -31.23
C PHE K 705 -50.51 48.57 -30.37
N PHE K 706 -50.37 49.05 -29.14
CA PHE K 706 -49.36 48.55 -28.20
C PHE K 706 -49.95 47.38 -27.43
N HIS K 707 -49.53 46.17 -27.78
CA HIS K 707 -49.99 44.97 -27.09
C HIS K 707 -48.86 44.37 -26.26
N THR K 747 -55.56 42.21 -34.96
CA THR K 747 -56.37 43.38 -34.64
C THR K 747 -57.36 43.68 -35.76
N SER K 748 -57.89 42.62 -36.38
CA SER K 748 -58.82 42.79 -37.48
C SER K 748 -60.09 43.48 -37.02
N SER K 749 -60.68 43.00 -35.92
CA SER K 749 -61.86 43.66 -35.37
C SER K 749 -61.53 45.07 -34.89
N PHE K 750 -60.37 45.23 -34.26
CA PHE K 750 -59.94 46.55 -33.80
C PHE K 750 -59.84 47.51 -34.97
N CYS K 751 -59.15 47.07 -36.04
CA CYS K 751 -58.96 47.90 -37.21
C CYS K 751 -60.29 48.24 -37.86
N ARG K 752 -61.19 47.28 -37.97
CA ARG K 752 -62.50 47.56 -38.54
C ARG K 752 -63.24 48.61 -37.72
N GLY K 753 -63.32 48.39 -36.40
CA GLY K 753 -64.05 49.31 -35.56
C GLY K 753 -63.51 50.72 -35.60
N LEU K 754 -62.19 50.87 -35.65
CA LEU K 754 -61.62 52.21 -35.72
C LEU K 754 -61.79 52.81 -37.12
N PHE K 755 -61.31 52.13 -38.14
CA PHE K 755 -61.18 52.70 -39.48
C PHE K 755 -62.51 52.78 -40.22
N SER K 756 -63.59 52.20 -39.69
CA SER K 756 -64.89 52.42 -40.32
C SER K 756 -65.26 53.90 -40.29
N SER K 757 -65.00 54.57 -39.16
CA SER K 757 -65.33 55.98 -39.06
C SER K 757 -64.38 56.86 -39.86
N LEU K 758 -63.13 56.43 -40.03
CA LEU K 758 -62.15 57.25 -40.72
C LEU K 758 -62.53 57.49 -42.18
N SER K 759 -63.20 56.53 -42.81
CA SER K 759 -63.68 56.74 -44.16
C SER K 759 -64.74 57.84 -44.21
N THR K 760 -65.55 57.96 -43.16
CA THR K 760 -66.56 59.00 -43.10
C THR K 760 -65.99 60.35 -42.65
N ASN K 761 -64.76 60.37 -42.15
CA ASN K 761 -64.15 61.62 -41.71
C ASN K 761 -63.72 62.43 -42.93
N ARG K 762 -64.26 63.64 -43.06
CA ARG K 762 -63.99 64.49 -44.22
C ARG K 762 -62.90 65.51 -43.97
N SER K 763 -62.19 65.41 -42.83
CA SER K 763 -61.14 66.36 -42.51
C SER K 763 -59.74 65.75 -42.43
N LEU K 764 -59.63 64.44 -42.27
CA LEU K 764 -58.33 63.82 -42.08
C LEU K 764 -57.48 63.95 -43.35
N THR K 765 -56.19 64.24 -43.16
CA THR K 765 -55.26 64.37 -44.27
C THR K 765 -53.97 63.59 -44.10
N GLU K 766 -53.51 63.33 -42.88
CA GLU K 766 -52.30 62.56 -42.64
C GLU K 766 -52.59 61.47 -41.62
N LEU K 767 -52.12 60.27 -41.90
CA LEU K 767 -52.39 59.10 -41.06
C LEU K 767 -51.08 58.38 -40.79
N ASP K 768 -50.56 58.52 -39.59
CA ASP K 768 -49.32 57.86 -39.20
C ASP K 768 -49.64 56.52 -38.56
N LEU K 769 -48.98 55.47 -39.03
CA LEU K 769 -49.13 54.15 -38.42
C LEU K 769 -47.79 53.44 -38.29
N SER K 770 -46.69 54.18 -38.19
CA SER K 770 -45.37 53.58 -38.14
C SER K 770 -45.18 52.76 -36.87
N ASP K 771 -44.40 51.70 -37.00
CA ASP K 771 -43.96 50.82 -35.91
C ASP K 771 -45.08 50.00 -35.29
N ASN K 772 -46.33 50.22 -35.69
CA ASN K 772 -47.43 49.40 -35.20
C ASN K 772 -47.40 48.06 -35.92
N THR K 773 -47.42 46.97 -35.16
CA THR K 773 -47.46 45.64 -35.74
C THR K 773 -48.91 45.24 -36.01
N LEU K 774 -49.58 46.07 -36.80
CA LEU K 774 -50.98 45.82 -37.14
C LEU K 774 -51.14 44.59 -38.02
N GLY K 775 -50.06 44.05 -38.56
CA GLY K 775 -50.12 42.82 -39.32
C GLY K 775 -50.67 43.03 -40.72
N ASP K 776 -50.76 41.92 -41.43
CA ASP K 776 -51.21 41.99 -42.83
C ASP K 776 -52.73 42.05 -42.95
N PRO K 777 -53.52 41.22 -42.25
CA PRO K 777 -54.99 41.36 -42.35
C PRO K 777 -55.49 42.71 -41.86
N GLY K 778 -54.84 43.29 -40.85
CA GLY K 778 -55.20 44.64 -40.44
C GLY K 778 -54.95 45.65 -41.53
N MET K 779 -53.83 45.50 -42.25
CA MET K 779 -53.54 46.39 -43.36
C MET K 779 -54.58 46.23 -44.46
N ARG K 780 -55.02 44.99 -44.69
CA ARG K 780 -56.12 44.76 -45.63
C ARG K 780 -57.37 45.52 -45.21
N VAL K 781 -57.77 45.37 -43.94
CA VAL K 781 -58.97 46.04 -43.44
C VAL K 781 -58.84 47.55 -43.61
N LEU K 782 -57.66 48.09 -43.33
CA LEU K 782 -57.39 49.49 -43.58
C LEU K 782 -57.62 49.83 -45.06
N CYS K 783 -57.20 48.93 -45.96
CA CYS K 783 -57.40 49.20 -47.38
C CYS K 783 -58.87 49.26 -47.76
N GLU K 784 -59.69 48.33 -47.26
CA GLU K 784 -61.13 48.45 -47.54
C GLU K 784 -61.70 49.71 -46.90
N ALA K 785 -61.14 50.15 -45.77
CA ALA K 785 -61.59 51.40 -45.16
C ALA K 785 -61.29 52.59 -46.07
N LEU K 786 -60.10 52.61 -46.67
CA LEU K 786 -59.66 53.79 -47.41
C LEU K 786 -60.39 53.93 -48.74
N GLN K 787 -60.79 52.81 -49.35
CA GLN K 787 -61.33 52.84 -50.70
C GLN K 787 -62.66 53.58 -50.77
N HIS K 788 -63.27 53.85 -49.62
CA HIS K 788 -64.50 54.61 -49.61
C HIS K 788 -64.24 56.03 -50.10
N PRO K 789 -65.09 56.57 -50.98
CA PRO K 789 -64.84 57.90 -51.55
C PRO K 789 -64.84 59.02 -50.52
N GLY K 790 -65.43 58.80 -49.33
CA GLY K 790 -65.51 59.87 -48.35
C GLY K 790 -64.16 60.28 -47.78
N CYS K 791 -63.25 59.33 -47.63
CA CYS K 791 -61.97 59.61 -46.98
C CYS K 791 -61.14 60.60 -47.78
N ASN K 792 -60.53 61.55 -47.08
CA ASN K 792 -59.74 62.61 -47.70
C ASN K 792 -58.26 62.50 -47.35
N ILE K 793 -57.79 61.30 -47.02
CA ILE K 793 -56.39 61.11 -46.67
C ILE K 793 -55.51 61.34 -47.89
N GLN K 794 -54.55 62.26 -47.76
CA GLN K 794 -53.58 62.54 -48.82
C GLN K 794 -52.20 62.01 -48.47
N ARG K 795 -52.06 61.27 -47.38
CA ARG K 795 -50.74 60.96 -46.86
C ARG K 795 -50.84 59.73 -45.98
N LEU K 796 -50.00 58.73 -46.23
CA LEU K 796 -50.06 57.48 -45.48
C LEU K 796 -48.65 56.96 -45.26
N TRP K 797 -48.25 56.85 -44.00
CA TRP K 797 -46.92 56.34 -43.65
C TRP K 797 -47.06 55.01 -42.93
N LEU K 798 -46.31 54.02 -43.36
CA LEU K 798 -46.45 52.65 -42.89
C LEU K 798 -45.09 52.02 -42.59
N GLY K 799 -44.21 52.77 -41.93
CA GLY K 799 -42.89 52.25 -41.64
C GLY K 799 -42.92 51.14 -40.60
N ARG K 800 -42.18 50.06 -40.88
CA ARG K 800 -41.98 48.95 -39.95
C ARG K 800 -43.29 48.35 -39.46
N CYS K 801 -44.34 48.43 -40.29
CA CYS K 801 -45.61 47.82 -39.92
C CYS K 801 -45.58 46.30 -39.93
N GLY K 802 -44.52 45.70 -40.45
CA GLY K 802 -44.48 44.25 -40.54
C GLY K 802 -45.33 43.68 -41.64
N LEU K 803 -45.64 44.45 -42.66
CA LEU K 803 -46.47 43.99 -43.76
C LEU K 803 -45.70 42.97 -44.60
N SER K 804 -46.28 42.55 -45.71
CA SER K 804 -45.63 41.63 -46.63
C SER K 804 -46.25 41.82 -48.00
N HIS K 805 -45.95 40.89 -48.91
CA HIS K 805 -46.42 41.01 -50.29
C HIS K 805 -47.94 40.93 -50.39
N GLN K 806 -48.60 40.34 -49.39
CA GLN K 806 -50.05 40.19 -49.45
C GLN K 806 -50.74 41.56 -49.44
N CYS K 807 -50.25 42.49 -48.63
CA CYS K 807 -50.85 43.81 -48.55
C CYS K 807 -50.67 44.60 -49.83
N CYS K 808 -49.71 44.22 -50.68
CA CYS K 808 -49.44 44.99 -51.89
C CYS K 808 -50.62 44.95 -52.85
N PHE K 809 -51.31 43.82 -52.94
CA PHE K 809 -52.51 43.75 -53.78
C PHE K 809 -53.56 44.76 -53.33
N ASP K 810 -53.81 44.80 -52.02
CA ASP K 810 -54.81 45.73 -51.49
C ASP K 810 -54.37 47.17 -51.70
N ILE K 811 -53.08 47.47 -51.48
CA ILE K 811 -52.59 48.83 -51.67
C ILE K 811 -52.68 49.23 -53.14
N SER K 812 -52.42 48.29 -54.04
CA SER K 812 -52.57 48.57 -55.46
C SER K 812 -54.01 48.91 -55.81
N SER K 813 -54.96 48.17 -55.22
CA SER K 813 -56.36 48.52 -55.43
C SER K 813 -56.67 49.91 -54.90
N VAL K 814 -56.13 50.25 -53.73
CA VAL K 814 -56.36 51.57 -53.15
C VAL K 814 -55.83 52.66 -54.08
N LEU K 815 -54.61 52.47 -54.59
CA LEU K 815 -54.02 53.47 -55.48
C LEU K 815 -54.82 53.60 -56.76
N SER K 816 -55.26 52.48 -57.33
CA SER K 816 -56.03 52.54 -58.57
C SER K 816 -57.43 53.10 -58.35
N SER K 817 -57.92 53.12 -57.11
CA SER K 817 -59.27 53.60 -56.84
C SER K 817 -59.31 54.99 -56.20
N SER K 818 -58.25 55.42 -55.53
CA SER K 818 -58.22 56.68 -54.80
C SER K 818 -57.33 57.68 -55.53
N GLN K 819 -57.86 58.88 -55.75
CA GLN K 819 -57.13 59.95 -56.44
C GLN K 819 -56.71 61.08 -55.50
N LYS K 820 -56.88 60.91 -54.19
CA LYS K 820 -56.48 61.93 -53.23
C LYS K 820 -55.14 61.64 -52.58
N LEU K 821 -54.72 60.39 -52.53
CA LEU K 821 -53.45 60.04 -51.91
C LEU K 821 -52.31 60.69 -52.67
N VAL K 822 -51.35 61.26 -51.94
CA VAL K 822 -50.25 62.02 -52.53
C VAL K 822 -48.92 61.28 -52.36
N GLU K 823 -48.49 61.07 -51.13
CA GLU K 823 -47.28 60.29 -50.90
C GLU K 823 -47.64 59.00 -50.17
N LEU K 824 -46.63 58.16 -49.98
CA LEU K 824 -46.86 56.84 -49.39
C LEU K 824 -45.52 56.28 -48.95
N ASP K 825 -45.49 55.70 -47.75
CA ASP K 825 -44.28 55.12 -47.19
C ASP K 825 -44.50 53.63 -46.95
N LEU K 826 -43.48 52.83 -47.28
CA LEU K 826 -43.51 51.40 -47.01
C LEU K 826 -42.16 50.90 -46.51
N SER K 827 -41.40 51.76 -45.84
CA SER K 827 -40.04 51.42 -45.48
C SER K 827 -40.00 50.26 -44.48
N ASP K 828 -39.00 49.40 -44.65
CA ASP K 828 -38.68 48.34 -43.70
C ASP K 828 -39.80 47.29 -43.58
N ASN K 829 -40.54 47.06 -44.66
CA ASN K 829 -41.45 45.94 -44.76
C ASN K 829 -40.95 44.99 -45.84
N ALA K 830 -40.97 43.69 -45.54
CA ALA K 830 -40.41 42.71 -46.47
C ALA K 830 -41.32 42.51 -47.67
N LEU K 831 -41.58 43.57 -48.43
CA LEU K 831 -42.46 43.45 -49.58
C LEU K 831 -41.87 42.50 -50.63
N GLY K 832 -40.58 42.65 -50.92
CA GLY K 832 -39.93 41.81 -51.90
C GLY K 832 -40.23 42.23 -53.33
N ASP K 833 -39.48 41.63 -54.24
CA ASP K 833 -39.65 41.93 -55.66
C ASP K 833 -41.05 41.57 -56.15
N PHE K 834 -41.63 40.48 -55.62
CA PHE K 834 -43.01 40.16 -55.98
C PHE K 834 -43.97 41.23 -55.47
N GLY K 835 -43.74 41.75 -54.27
CA GLY K 835 -44.56 42.84 -53.77
C GLY K 835 -44.47 44.07 -54.65
N ILE K 836 -43.26 44.37 -55.13
CA ILE K 836 -43.10 45.50 -56.05
C ILE K 836 -43.84 45.22 -57.36
N ARG K 837 -43.77 43.98 -57.84
CA ARG K 837 -44.50 43.61 -59.06
C ARG K 837 -46.00 43.81 -58.87
N LEU K 838 -46.50 43.53 -57.67
CA LEU K 838 -47.91 43.77 -57.38
C LEU K 838 -48.22 45.27 -57.32
N LEU K 839 -47.36 46.04 -56.67
CA LEU K 839 -47.60 47.48 -56.56
C LEU K 839 -47.61 48.16 -57.92
N CYS K 840 -46.68 47.79 -58.80
CA CYS K 840 -46.54 48.49 -60.07
C CYS K 840 -47.82 48.46 -60.89
N VAL K 841 -48.66 47.44 -60.69
CA VAL K 841 -49.93 47.38 -61.40
C VAL K 841 -50.81 48.56 -61.01
N GLY K 842 -50.90 48.84 -59.71
CA GLY K 842 -51.63 50.00 -59.27
C GLY K 842 -50.93 51.30 -59.63
N LEU K 843 -49.61 51.34 -59.53
CA LEU K 843 -48.87 52.56 -59.82
C LEU K 843 -49.03 52.96 -61.29
N LYS K 844 -48.97 52.00 -62.20
CA LYS K 844 -49.11 52.29 -63.62
C LYS K 844 -50.50 52.75 -64.00
N HIS K 845 -51.48 52.61 -63.10
CA HIS K 845 -52.84 53.03 -63.41
C HIS K 845 -52.89 54.54 -63.65
N LEU K 846 -53.72 54.93 -64.61
CA LEU K 846 -53.77 56.34 -65.03
C LEU K 846 -54.32 57.26 -63.95
N LEU K 847 -54.99 56.72 -62.93
CA LEU K 847 -55.58 57.53 -61.88
C LEU K 847 -54.72 57.57 -60.62
N CYS K 848 -53.49 57.08 -60.69
CA CYS K 848 -52.59 57.12 -59.54
C CYS K 848 -51.92 58.48 -59.47
N ASN K 849 -52.11 59.19 -58.35
CA ASN K 849 -51.56 60.52 -58.16
C ASN K 849 -50.39 60.53 -57.19
N LEU K 850 -49.72 59.39 -57.01
CA LEU K 850 -48.61 59.32 -56.07
C LEU K 850 -47.49 60.25 -56.51
N GLN K 851 -46.84 60.89 -55.53
CA GLN K 851 -45.73 61.79 -55.78
C GLN K 851 -44.44 61.34 -55.12
N LYS K 852 -44.49 60.98 -53.84
CA LYS K 852 -43.32 60.53 -53.11
C LYS K 852 -43.56 59.08 -52.68
N LEU K 853 -42.59 58.22 -52.93
CA LEU K 853 -42.72 56.80 -52.64
C LEU K 853 -41.45 56.31 -51.96
N TRP K 854 -41.53 55.98 -50.68
CA TRP K 854 -40.41 55.39 -49.98
C TRP K 854 -40.48 53.87 -50.09
N LEU K 855 -39.33 53.25 -50.37
CA LEU K 855 -39.24 51.79 -50.37
C LEU K 855 -37.96 51.34 -49.68
N VAL K 856 -37.52 52.07 -48.67
CA VAL K 856 -36.22 51.82 -48.05
C VAL K 856 -36.25 50.49 -47.32
N SER K 857 -35.23 49.66 -47.58
CA SER K 857 -35.03 48.40 -46.87
C SER K 857 -36.23 47.46 -47.02
N CYS K 858 -36.78 47.40 -48.23
CA CYS K 858 -37.92 46.54 -48.52
C CYS K 858 -37.50 45.14 -48.96
N CYS K 859 -36.24 44.75 -48.70
CA CYS K 859 -35.74 43.43 -49.06
C CYS K 859 -35.89 43.15 -50.56
N LEU K 860 -35.67 44.18 -51.37
CA LEU K 860 -35.81 44.03 -52.82
C LEU K 860 -34.55 43.44 -53.43
N THR K 861 -34.62 43.19 -54.74
CA THR K 861 -33.48 42.77 -55.54
C THR K 861 -33.57 43.50 -56.88
N SER K 862 -32.65 43.16 -57.78
CA SER K 862 -32.62 43.82 -59.09
C SER K 862 -33.83 43.46 -59.93
N ALA K 863 -34.43 42.29 -59.69
CA ALA K 863 -35.50 41.80 -60.56
C ALA K 863 -36.69 42.74 -60.57
N CYS K 864 -37.00 43.35 -59.42
CA CYS K 864 -38.12 44.27 -59.35
C CYS K 864 -37.86 45.53 -60.17
N CYS K 865 -36.59 45.91 -60.34
CA CYS K 865 -36.25 47.20 -60.93
C CYS K 865 -36.90 47.38 -62.29
N GLN K 866 -36.88 46.33 -63.12
CA GLN K 866 -37.50 46.42 -64.43
C GLN K 866 -38.93 46.93 -64.34
N ASP K 867 -39.73 46.32 -63.45
CA ASP K 867 -41.11 46.75 -63.28
C ASP K 867 -41.16 48.22 -62.89
N LEU K 868 -40.30 48.62 -61.95
CA LEU K 868 -40.26 50.02 -61.52
C LEU K 868 -40.03 50.94 -62.71
N ALA K 869 -39.20 50.50 -63.67
CA ALA K 869 -38.94 51.32 -64.84
C ALA K 869 -40.24 51.69 -65.54
N LEU K 870 -41.13 50.71 -65.71
CA LEU K 870 -42.39 50.98 -66.41
C LEU K 870 -43.18 52.07 -65.71
N VAL K 871 -43.09 52.12 -64.37
CA VAL K 871 -43.81 53.15 -63.63
C VAL K 871 -43.38 54.53 -64.10
N LEU K 872 -42.07 54.75 -64.26
CA LEU K 872 -41.59 56.05 -64.68
C LEU K 872 -42.01 56.36 -66.12
N SER K 873 -42.34 55.34 -66.90
CA SER K 873 -42.86 55.54 -68.25
C SER K 873 -44.38 55.45 -68.32
N SER K 874 -45.05 55.24 -67.19
CA SER K 874 -46.50 55.23 -67.14
C SER K 874 -47.07 56.28 -66.22
N ASN K 875 -46.48 56.48 -65.05
CA ASN K 875 -46.93 57.49 -64.10
C ASN K 875 -45.98 58.68 -64.16
N HIS K 876 -46.54 59.86 -64.41
CA HIS K 876 -45.75 61.09 -64.44
C HIS K 876 -45.87 61.91 -63.17
N SER K 877 -46.80 61.55 -62.27
CA SER K 877 -46.91 62.28 -61.01
C SER K 877 -45.84 61.87 -60.01
N LEU K 878 -45.20 60.72 -60.21
CA LEU K 878 -44.16 60.27 -59.30
C LEU K 878 -42.94 61.16 -59.47
N THR K 879 -42.72 62.06 -58.52
CA THR K 879 -41.57 62.96 -58.59
C THR K 879 -40.33 62.33 -57.96
N ARG K 880 -40.40 62.03 -56.67
CA ARG K 880 -39.23 61.57 -55.93
C ARG K 880 -39.41 60.13 -55.49
N LEU K 881 -38.36 59.34 -55.63
CA LEU K 881 -38.33 57.92 -55.29
C LEU K 881 -37.20 57.68 -54.31
N TYR K 882 -37.40 56.75 -53.38
CA TYR K 882 -36.38 56.45 -52.38
C TYR K 882 -36.28 54.93 -52.25
N ILE K 883 -35.42 54.33 -53.07
CA ILE K 883 -35.30 52.88 -53.13
C ILE K 883 -33.97 52.44 -52.54
N GLY K 884 -33.45 53.22 -51.61
CA GLY K 884 -32.16 52.93 -51.03
C GLY K 884 -32.21 51.75 -50.08
N GLU K 885 -31.01 51.29 -49.71
CA GLU K 885 -30.82 50.19 -48.77
C GLU K 885 -31.51 48.93 -49.30
N ASN K 886 -31.16 48.55 -50.52
CA ASN K 886 -31.61 47.30 -51.12
C ASN K 886 -30.46 46.70 -51.90
N ALA K 887 -30.52 45.40 -52.11
CA ALA K 887 -29.50 44.72 -52.89
C ALA K 887 -29.80 44.85 -54.39
N LEU K 888 -30.03 46.07 -54.85
CA LEU K 888 -30.34 46.30 -56.26
C LEU K 888 -29.18 45.88 -57.15
N GLY K 889 -28.06 46.58 -57.03
CA GLY K 889 -26.89 46.29 -57.82
C GLY K 889 -26.85 47.03 -59.15
N ASP K 890 -25.73 46.84 -59.84
CA ASP K 890 -25.48 47.55 -61.09
C ASP K 890 -26.51 47.19 -62.15
N SER K 891 -26.88 45.91 -62.23
CA SER K 891 -27.87 45.49 -63.22
C SER K 891 -29.18 46.24 -63.03
N GLY K 892 -29.68 46.27 -61.79
CA GLY K 892 -30.93 46.95 -61.53
C GLY K 892 -30.84 48.45 -61.76
N VAL K 893 -29.74 49.06 -61.34
CA VAL K 893 -29.59 50.50 -61.55
C VAL K 893 -29.53 50.83 -63.04
N GLN K 894 -28.81 50.01 -63.81
CA GLN K 894 -28.75 50.24 -65.25
C GLN K 894 -30.11 50.06 -65.90
N VAL K 895 -30.87 49.05 -65.46
CA VAL K 895 -32.21 48.84 -66.01
C VAL K 895 -33.10 50.03 -65.72
N LEU K 896 -33.05 50.55 -64.49
CA LEU K 896 -33.84 51.72 -64.15
C LEU K 896 -33.40 52.94 -64.97
N CYS K 897 -32.10 53.17 -65.07
CA CYS K 897 -31.59 54.36 -65.74
C CYS K 897 -31.92 54.33 -67.23
N GLU K 898 -31.80 53.16 -67.87
CA GLU K 898 -32.03 53.09 -69.31
C GLU K 898 -33.42 53.58 -69.68
N LYS K 899 -34.42 53.23 -68.88
CA LYS K 899 -35.76 53.79 -69.07
C LYS K 899 -35.88 55.19 -68.49
N MET K 900 -34.92 55.59 -67.63
CA MET K 900 -34.97 56.90 -67.01
C MET K 900 -34.38 58.01 -67.88
N LYS K 901 -33.61 57.67 -68.92
CA LYS K 901 -32.96 58.70 -69.72
C LYS K 901 -33.92 59.56 -70.51
N ASP K 902 -35.18 59.18 -70.62
CA ASP K 902 -36.13 59.96 -71.41
C ASP K 902 -36.31 61.34 -70.77
N PRO K 903 -36.17 62.41 -71.54
CA PRO K 903 -36.40 63.76 -70.96
C PRO K 903 -37.82 63.95 -70.46
N GLN K 904 -38.78 63.17 -70.93
CA GLN K 904 -40.14 63.29 -70.44
C GLN K 904 -40.31 62.68 -69.05
N CYS K 905 -39.37 61.83 -68.63
CA CYS K 905 -39.43 61.26 -67.28
C CYS K 905 -39.38 62.37 -66.24
N ASN K 906 -40.28 62.30 -65.27
CA ASN K 906 -40.48 63.38 -64.30
C ASN K 906 -39.83 63.10 -62.96
N LEU K 907 -38.98 62.09 -62.86
CA LEU K 907 -38.34 61.78 -61.58
C LEU K 907 -37.34 62.85 -61.20
N GLN K 908 -37.32 63.19 -59.91
CA GLN K 908 -36.45 64.26 -59.42
C GLN K 908 -35.41 63.77 -58.43
N LYS K 909 -35.80 63.15 -57.33
CA LYS K 909 -34.89 63.01 -56.20
C LYS K 909 -34.59 61.56 -55.85
N LEU K 910 -34.24 60.75 -56.85
CA LEU K 910 -33.92 59.35 -56.65
C LEU K 910 -32.84 59.20 -55.57
N GLY K 911 -32.84 58.04 -54.92
CA GLY K 911 -31.84 57.75 -53.91
C GLY K 911 -31.46 56.28 -53.88
N LEU K 912 -30.17 55.99 -53.80
CA LEU K 912 -29.66 54.62 -53.81
C LEU K 912 -28.72 54.40 -52.64
N VAL K 913 -29.12 54.87 -51.46
CA VAL K 913 -28.30 54.71 -50.27
C VAL K 913 -28.03 53.23 -50.01
N ASN K 914 -26.75 52.89 -49.87
CA ASN K 914 -26.32 51.54 -49.46
C ASN K 914 -26.89 50.47 -50.38
N SER K 915 -26.83 50.70 -51.69
CA SER K 915 -27.34 49.74 -52.66
C SER K 915 -26.30 48.75 -53.14
N GLY K 916 -25.08 48.80 -52.60
CA GLY K 916 -24.04 47.88 -53.02
C GLY K 916 -23.60 48.04 -54.47
N LEU K 917 -23.55 49.28 -54.97
CA LEU K 917 -23.20 49.54 -56.35
C LEU K 917 -21.69 49.65 -56.51
N THR K 918 -21.26 49.89 -57.75
CA THR K 918 -19.87 50.26 -58.04
C THR K 918 -19.90 51.13 -59.30
N SER K 919 -18.72 51.29 -59.91
CA SER K 919 -18.57 52.24 -61.00
C SER K 919 -19.31 51.83 -62.27
N ILE K 920 -19.81 50.60 -62.34
CA ILE K 920 -20.43 50.11 -63.57
C ILE K 920 -21.70 50.91 -63.89
N CYS K 921 -22.53 51.16 -62.87
CA CYS K 921 -23.77 51.90 -63.09
C CYS K 921 -23.52 53.40 -63.27
N CYS K 922 -22.29 53.86 -63.05
CA CYS K 922 -22.01 55.28 -63.13
C CYS K 922 -22.14 55.79 -64.56
N SER K 923 -21.88 54.93 -65.55
CA SER K 923 -22.10 55.34 -66.93
C SER K 923 -23.58 55.58 -67.21
N ALA K 924 -24.44 54.71 -66.71
CA ALA K 924 -25.88 54.90 -66.86
C ALA K 924 -26.34 56.17 -66.15
N LEU K 925 -25.81 56.41 -64.95
CA LEU K 925 -26.14 57.64 -64.24
C LEU K 925 -25.65 58.86 -65.00
N THR K 926 -24.48 58.75 -65.65
CA THR K 926 -23.98 59.82 -66.50
C THR K 926 -24.93 60.10 -67.65
N SER K 927 -25.45 59.04 -68.26
CA SER K 927 -26.45 59.23 -69.32
C SER K 927 -27.69 59.93 -68.79
N VAL K 928 -28.15 59.54 -67.60
CA VAL K 928 -29.31 60.18 -67.00
C VAL K 928 -29.06 61.67 -66.81
N LEU K 929 -27.91 62.02 -66.25
CA LEU K 929 -27.58 63.43 -66.03
C LEU K 929 -27.47 64.18 -67.35
N LYS K 930 -26.88 63.55 -68.38
CA LYS K 930 -26.76 64.18 -69.67
C LYS K 930 -28.11 64.44 -70.33
N THR K 931 -29.08 63.57 -70.12
CA THR K 931 -30.36 63.66 -70.82
C THR K 931 -31.44 64.33 -70.00
N ASN K 932 -31.67 63.88 -68.77
CA ASN K 932 -32.80 64.38 -67.98
C ASN K 932 -32.59 65.83 -67.58
N GLN K 933 -33.67 66.61 -67.59
CA GLN K 933 -33.63 68.03 -67.23
C GLN K 933 -34.36 68.33 -65.93
N ASN K 934 -34.78 67.31 -65.18
CA ASN K 934 -35.47 67.51 -63.92
C ASN K 934 -34.86 66.72 -62.77
N PHE K 935 -33.84 65.91 -63.03
CA PHE K 935 -33.23 65.04 -62.03
C PHE K 935 -32.32 65.88 -61.15
N THR K 936 -32.92 66.56 -60.17
CA THR K 936 -32.16 67.50 -59.35
C THR K 936 -31.26 66.78 -58.35
N HIS K 937 -31.85 66.07 -57.40
CA HIS K 937 -31.07 65.48 -56.33
C HIS K 937 -30.68 64.05 -56.69
N LEU K 938 -29.72 63.51 -55.94
CA LEU K 938 -29.24 62.15 -56.17
C LEU K 938 -28.33 61.75 -55.02
N TYR K 939 -28.59 60.59 -54.45
CA TYR K 939 -27.87 60.12 -53.27
C TYR K 939 -27.08 58.87 -53.64
N LEU K 940 -25.84 58.75 -53.12
CA LEU K 940 -25.08 57.53 -53.39
C LEU K 940 -24.28 57.02 -52.20
N ARG K 941 -24.66 57.34 -50.96
CA ARG K 941 -23.76 57.00 -49.87
C ARG K 941 -23.65 55.48 -49.71
N SER K 942 -22.54 55.06 -49.09
CA SER K 942 -22.27 53.66 -48.79
C SER K 942 -22.23 52.79 -50.04
N ASN K 943 -21.80 53.36 -51.16
CA ASN K 943 -21.59 52.62 -52.40
C ASN K 943 -20.12 52.71 -52.79
N ALA K 944 -19.51 51.56 -53.07
CA ALA K 944 -18.09 51.53 -53.44
C ALA K 944 -17.92 51.98 -54.90
N LEU K 945 -18.23 53.25 -55.14
CA LEU K 945 -18.09 53.81 -56.48
C LEU K 945 -16.63 53.90 -56.89
N GLY K 946 -15.78 54.46 -56.03
CA GLY K 946 -14.39 54.63 -56.34
C GLY K 946 -14.12 55.86 -57.19
N ASP K 947 -12.82 56.13 -57.37
CA ASP K 947 -12.42 57.29 -58.18
C ASP K 947 -12.82 57.13 -59.64
N THR K 948 -12.77 55.90 -60.17
CA THR K 948 -13.27 55.69 -61.53
C THR K 948 -14.76 56.02 -61.63
N GLY K 949 -15.53 55.61 -60.62
CA GLY K 949 -16.95 55.95 -60.61
C GLY K 949 -17.18 57.44 -60.53
N LEU K 950 -16.39 58.14 -59.71
CA LEU K 950 -16.54 59.59 -59.63
C LEU K 950 -16.17 60.25 -60.95
N ARG K 951 -15.14 59.74 -61.63
CA ARG K 951 -14.79 60.27 -62.94
C ARG K 951 -15.91 60.05 -63.95
N LEU K 952 -16.52 58.88 -63.91
CA LEU K 952 -17.64 58.61 -64.81
C LEU K 952 -18.81 59.53 -64.52
N LEU K 953 -19.09 59.79 -63.24
CA LEU K 953 -20.13 60.75 -62.89
C LEU K 953 -19.78 62.15 -63.38
N CYS K 954 -18.50 62.54 -63.24
CA CYS K 954 -18.04 63.81 -63.76
C CYS K 954 -18.26 63.91 -65.26
N GLU K 955 -18.15 62.78 -65.97
CA GLU K 955 -18.34 62.79 -67.42
C GLU K 955 -19.67 63.41 -67.81
N GLY K 956 -20.72 63.17 -67.02
CA GLY K 956 -22.01 63.78 -67.28
C GLY K 956 -22.24 65.04 -66.48
N LEU K 957 -21.49 65.21 -65.39
CA LEU K 957 -21.64 66.41 -64.57
C LEU K 957 -21.23 67.65 -65.35
N LEU K 958 -20.18 67.55 -66.16
CA LEU K 958 -19.68 68.69 -66.92
C LEU K 958 -20.60 69.07 -68.08
N HIS K 959 -21.61 68.26 -68.37
CA HIS K 959 -22.48 68.54 -69.50
C HIS K 959 -23.22 69.86 -69.28
N PRO K 960 -23.26 70.73 -70.29
CA PRO K 960 -23.95 72.03 -70.10
C PRO K 960 -25.43 71.90 -69.81
N ASP K 961 -26.05 70.78 -70.16
CA ASP K 961 -27.47 70.58 -69.92
C ASP K 961 -27.78 70.01 -68.54
N CYS K 962 -26.76 69.87 -67.69
CA CYS K 962 -26.95 69.27 -66.38
C CYS K 962 -27.85 70.13 -65.51
N LYS K 963 -28.53 69.48 -64.57
CA LYS K 963 -29.41 70.15 -63.62
C LYS K 963 -29.25 69.63 -62.21
N LEU K 964 -28.27 68.76 -61.95
CA LEU K 964 -28.11 68.14 -60.64
C LEU K 964 -27.85 69.19 -59.57
N GLN K 965 -28.77 69.31 -58.62
CA GLN K 965 -28.67 70.30 -57.56
C GLN K 965 -28.15 69.73 -56.25
N MET K 966 -27.69 68.47 -56.24
CA MET K 966 -27.03 67.90 -55.09
C MET K 966 -26.46 66.56 -55.52
N LEU K 967 -25.40 66.12 -54.84
CA LEU K 967 -24.79 64.84 -55.18
C LEU K 967 -24.07 64.31 -53.94
N GLU K 968 -24.78 63.50 -53.15
CA GLU K 968 -24.21 62.96 -51.93
C GLU K 968 -23.23 61.83 -52.25
N LEU K 969 -22.08 61.84 -51.57
CA LEU K 969 -21.05 60.82 -51.80
C LEU K 969 -20.49 60.27 -50.49
N ASP K 970 -21.15 60.49 -49.36
CA ASP K 970 -20.57 60.10 -48.08
C ASP K 970 -20.30 58.61 -48.04
N ASN K 971 -19.16 58.24 -47.46
CA ASN K 971 -18.76 56.85 -47.26
C ASN K 971 -18.69 56.07 -48.58
N CYS K 972 -18.48 56.76 -49.70
CA CYS K 972 -18.38 56.07 -50.98
C CYS K 972 -17.04 55.36 -51.16
N SER K 973 -16.11 55.52 -50.21
CA SER K 973 -14.76 54.98 -50.32
C SER K 973 -14.04 55.56 -51.55
N LEU K 974 -13.88 56.87 -51.54
CA LEU K 974 -13.20 57.59 -52.60
C LEU K 974 -11.70 57.70 -52.28
N THR K 975 -10.98 58.37 -53.18
CA THR K 975 -9.55 58.61 -53.02
C THR K 975 -9.18 59.88 -53.76
N SER K 976 -7.91 60.24 -53.68
CA SER K 976 -7.40 61.51 -54.19
C SER K 976 -7.03 61.46 -55.66
N HIS K 977 -7.20 60.33 -56.33
CA HIS K 977 -6.76 60.23 -57.73
C HIS K 977 -7.68 61.01 -58.66
N SER K 978 -8.99 60.96 -58.42
CA SER K 978 -9.96 61.68 -59.25
C SER K 978 -10.19 63.11 -58.76
N CYS K 979 -9.19 63.68 -58.10
CA CYS K 979 -9.37 64.94 -57.38
C CYS K 979 -9.45 66.12 -58.35
N TRP K 980 -8.66 66.05 -59.43
CA TRP K 980 -8.81 66.99 -60.53
C TRP K 980 -10.23 67.00 -61.06
N ASN K 981 -10.90 65.84 -61.04
CA ASN K 981 -12.28 65.79 -61.47
C ASN K 981 -13.18 66.60 -60.54
N LEU K 982 -12.91 66.55 -59.24
CA LEU K 982 -13.64 67.39 -58.30
C LEU K 982 -13.45 68.86 -58.62
N SER K 983 -12.20 69.25 -58.89
CA SER K 983 -11.91 70.63 -59.24
C SER K 983 -12.67 71.03 -60.51
N THR K 984 -12.68 70.14 -61.50
CA THR K 984 -13.38 70.42 -62.76
C THR K 984 -14.88 70.57 -62.54
N ILE K 985 -15.46 69.70 -61.71
CA ILE K 985 -16.89 69.78 -61.43
C ILE K 985 -17.23 71.13 -60.79
N LEU K 986 -16.44 71.55 -59.81
CA LEU K 986 -16.71 72.85 -59.22
C LEU K 986 -16.49 74.00 -60.18
N THR K 987 -15.48 73.93 -61.04
CA THR K 987 -15.18 75.04 -61.95
C THR K 987 -16.19 75.16 -63.09
N HIS K 988 -16.84 74.07 -63.47
CA HIS K 988 -17.70 74.10 -64.65
C HIS K 988 -19.19 73.98 -64.34
N ASN K 989 -19.58 73.17 -63.37
CA ASN K 989 -21.00 73.01 -63.03
C ASN K 989 -21.46 74.29 -62.35
N HIS K 990 -22.31 75.06 -63.05
CA HIS K 990 -22.87 76.28 -62.49
C HIS K 990 -24.21 76.04 -61.78
N SER K 991 -24.75 74.83 -61.83
CA SER K 991 -26.06 74.52 -61.26
C SER K 991 -25.97 73.75 -59.96
N LEU K 992 -24.95 72.91 -59.79
CA LEU K 992 -24.79 72.16 -58.55
C LEU K 992 -24.61 73.11 -57.38
N ARG K 993 -25.35 72.87 -56.30
CA ARG K 993 -25.36 73.78 -55.16
C ARG K 993 -25.17 73.11 -53.81
N LYS K 994 -24.83 71.82 -53.77
CA LYS K 994 -24.55 71.13 -52.52
C LYS K 994 -23.58 70.01 -52.80
N LEU K 995 -23.18 69.30 -51.74
CA LEU K 995 -22.25 68.19 -51.87
C LEU K 995 -22.12 67.52 -50.51
N ASN K 996 -21.53 66.32 -50.51
CA ASN K 996 -21.21 65.58 -49.30
C ASN K 996 -20.01 64.68 -49.58
N LEU K 997 -19.00 64.76 -48.72
CA LEU K 997 -17.83 63.92 -48.89
C LEU K 997 -17.39 63.24 -47.61
N GLY K 998 -18.29 63.01 -46.66
CA GLY K 998 -17.90 62.41 -45.41
C GLY K 998 -17.31 61.03 -45.58
N ASN K 999 -16.40 60.68 -44.67
CA ASN K 999 -15.75 59.37 -44.67
C ASN K 999 -15.02 59.09 -45.99
N ASN K 1000 -14.37 60.12 -46.53
CA ASN K 1000 -13.62 60.00 -47.77
C ASN K 1000 -12.22 60.54 -47.55
N ASP K 1001 -11.23 59.65 -47.58
CA ASP K 1001 -9.83 60.04 -47.44
C ASP K 1001 -9.38 60.71 -48.74
N LEU K 1002 -9.43 62.04 -48.78
CA LEU K 1002 -9.03 62.78 -49.97
C LEU K 1002 -7.64 63.40 -49.86
N GLY K 1003 -7.10 63.56 -48.65
CA GLY K 1003 -5.77 64.09 -48.48
C GLY K 1003 -5.76 65.61 -48.41
N ASP K 1004 -4.68 66.12 -47.81
CA ASP K 1004 -4.57 67.57 -47.59
C ASP K 1004 -4.46 68.34 -48.90
N LEU K 1005 -3.73 67.79 -49.88
CA LEU K 1005 -3.62 68.46 -51.17
C LEU K 1005 -4.98 68.64 -51.81
N CYS K 1006 -5.83 67.62 -51.72
CA CYS K 1006 -7.17 67.75 -52.28
C CYS K 1006 -7.97 68.83 -51.57
N VAL K 1007 -7.88 68.89 -50.24
CA VAL K 1007 -8.66 69.89 -49.52
C VAL K 1007 -8.20 71.30 -49.90
N VAL K 1008 -6.89 71.51 -50.00
CA VAL K 1008 -6.40 72.84 -50.32
C VAL K 1008 -6.72 73.21 -51.78
N THR K 1009 -6.68 72.22 -52.69
CA THR K 1009 -7.09 72.49 -54.07
C THR K 1009 -8.57 72.82 -54.14
N LEU K 1010 -9.40 72.11 -53.37
CA LEU K 1010 -10.80 72.47 -53.22
C LEU K 1010 -10.95 73.90 -52.76
N CYS K 1011 -10.17 74.30 -51.75
CA CYS K 1011 -10.22 75.67 -51.25
C CYS K 1011 -9.93 76.67 -52.36
N GLU K 1012 -8.80 76.49 -53.06
CA GLU K 1012 -8.40 77.46 -54.07
C GLU K 1012 -9.37 77.49 -55.24
N VAL K 1013 -9.97 76.34 -55.58
CA VAL K 1013 -11.00 76.32 -56.60
C VAL K 1013 -12.22 77.12 -56.13
N LEU K 1014 -12.63 76.93 -54.88
CA LEU K 1014 -13.79 77.63 -54.36
C LEU K 1014 -13.55 79.13 -54.23
N LYS K 1015 -12.29 79.56 -54.16
CA LYS K 1015 -12.00 80.97 -53.91
C LYS K 1015 -12.63 81.88 -54.97
N GLN K 1016 -12.58 81.48 -56.23
CA GLN K 1016 -13.01 82.37 -57.30
C GLN K 1016 -14.53 82.59 -57.25
N GLN K 1017 -14.95 83.68 -57.90
CA GLN K 1017 -16.37 84.03 -57.96
C GLN K 1017 -17.16 83.21 -58.96
N GLY K 1018 -16.49 82.37 -59.75
CA GLY K 1018 -17.18 81.56 -60.74
C GLY K 1018 -17.87 80.33 -60.18
N CYS K 1019 -17.75 80.08 -58.88
CA CYS K 1019 -18.37 78.92 -58.25
C CYS K 1019 -19.59 79.36 -57.44
N LEU K 1020 -20.72 78.72 -57.70
CA LEU K 1020 -21.98 79.04 -57.03
C LEU K 1020 -22.38 78.00 -56.00
N LEU K 1021 -21.46 77.13 -55.59
CA LEU K 1021 -21.76 76.15 -54.56
C LEU K 1021 -22.15 76.83 -53.26
N GLN K 1022 -23.22 76.35 -52.63
CA GLN K 1022 -23.77 76.98 -51.44
C GLN K 1022 -23.72 76.10 -50.21
N SER K 1023 -23.07 74.94 -50.27
CA SER K 1023 -22.88 74.08 -49.11
C SER K 1023 -21.92 72.97 -49.48
N LEU K 1024 -21.23 72.43 -48.47
CA LEU K 1024 -20.25 71.39 -48.67
C LEU K 1024 -19.89 70.82 -47.31
N GLN K 1025 -19.69 69.51 -47.26
CA GLN K 1025 -19.39 68.82 -46.01
C GLN K 1025 -18.14 67.97 -46.15
N LEU K 1026 -17.28 68.04 -45.14
CA LEU K 1026 -16.07 67.24 -45.03
C LEU K 1026 -15.99 66.61 -43.65
N GLY K 1027 -17.09 66.01 -43.20
CA GLY K 1027 -17.11 65.51 -41.84
C GLY K 1027 -16.31 64.23 -41.69
N GLU K 1028 -15.70 64.08 -40.50
CA GLU K 1028 -15.10 62.82 -40.05
C GLU K 1028 -13.91 62.38 -40.92
N MET K 1029 -12.88 63.21 -40.94
CA MET K 1029 -11.53 62.75 -41.28
C MET K 1029 -10.52 63.66 -40.59
N TYR K 1030 -9.25 63.36 -40.77
CA TYR K 1030 -8.14 64.04 -40.07
C TYR K 1030 -7.39 64.90 -41.07
N LEU K 1031 -7.56 66.21 -40.94
CA LEU K 1031 -6.91 67.19 -41.80
C LEU K 1031 -5.66 67.75 -41.12
N ASN K 1032 -5.12 68.82 -41.70
CA ASN K 1032 -3.89 69.46 -41.22
C ASN K 1032 -4.20 70.86 -40.71
N ARG K 1033 -3.21 71.42 -39.99
CA ARG K 1033 -3.35 72.79 -39.49
C ARG K 1033 -3.46 73.79 -40.63
N GLU K 1034 -2.62 73.66 -41.65
CA GLU K 1034 -2.73 74.52 -42.82
C GLU K 1034 -4.06 74.33 -43.51
N THR K 1035 -4.55 73.09 -43.56
CA THR K 1035 -5.87 72.83 -44.10
C THR K 1035 -6.94 73.60 -43.32
N LYS K 1036 -6.85 73.57 -42.00
CA LYS K 1036 -7.82 74.29 -41.17
C LYS K 1036 -7.73 75.79 -41.42
N ARG K 1037 -6.52 76.32 -41.59
CA ARG K 1037 -6.37 77.74 -41.89
C ARG K 1037 -7.03 78.09 -43.21
N ALA K 1038 -6.83 77.24 -44.24
CA ALA K 1038 -7.45 77.50 -45.54
C ALA K 1038 -8.97 77.46 -45.44
N LEU K 1039 -9.51 76.49 -44.70
CA LEU K 1039 -10.95 76.40 -44.54
C LEU K 1039 -11.51 77.59 -43.78
N GLU K 1040 -10.83 78.01 -42.71
CA GLU K 1040 -11.27 79.21 -42.00
C GLU K 1040 -11.22 80.43 -42.90
N ALA K 1041 -10.17 80.56 -43.72
CA ALA K 1041 -10.10 81.68 -44.65
C ALA K 1041 -11.30 81.68 -45.59
N LEU K 1042 -11.53 80.57 -46.29
CA LEU K 1042 -12.63 80.53 -47.25
C LEU K 1042 -13.96 80.77 -46.58
N GLN K 1043 -14.10 80.39 -45.30
CA GLN K 1043 -15.29 80.79 -44.57
C GLN K 1043 -15.30 82.29 -44.29
N GLU K 1044 -14.12 82.90 -44.17
CA GLU K 1044 -14.06 84.34 -43.85
C GLU K 1044 -14.42 85.21 -45.04
N GLU K 1045 -13.68 85.08 -46.16
CA GLU K 1045 -13.94 85.98 -47.28
C GLU K 1045 -15.32 85.75 -47.90
N LYS K 1046 -15.76 84.50 -48.01
CA LYS K 1046 -17.12 84.20 -48.48
C LYS K 1046 -17.87 83.45 -47.39
N PRO K 1047 -18.80 84.10 -46.68
CA PRO K 1047 -19.52 83.40 -45.61
C PRO K 1047 -20.70 82.56 -46.09
N GLU K 1048 -21.16 82.74 -47.33
CA GLU K 1048 -22.29 81.97 -47.82
C GLU K 1048 -21.94 80.50 -48.01
N LEU K 1049 -20.71 80.20 -48.41
CA LEU K 1049 -20.31 78.84 -48.74
C LEU K 1049 -20.00 78.10 -47.44
N THR K 1050 -21.03 77.45 -46.91
CA THR K 1050 -20.92 76.78 -45.62
C THR K 1050 -20.03 75.54 -45.74
N ILE K 1051 -19.30 75.23 -44.68
CA ILE K 1051 -18.50 74.02 -44.57
C ILE K 1051 -18.81 73.35 -43.24
N VAL K 1052 -18.76 72.02 -43.25
CA VAL K 1052 -19.01 71.23 -42.03
C VAL K 1052 -17.74 70.41 -41.80
N PHE K 1053 -16.59 71.02 -42.09
CA PHE K 1053 -15.32 70.30 -42.05
C PHE K 1053 -15.06 69.69 -40.67
N GLU K 1054 -15.46 70.39 -39.61
CA GLU K 1054 -15.18 69.90 -38.27
C GLU K 1054 -15.88 68.57 -38.04
N ILE K 1055 -15.14 67.62 -37.48
CA ILE K 1055 -15.67 66.28 -37.24
C ILE K 1055 -16.66 66.30 -36.09
N ASP L 155 -49.23 -2.07 17.92
CA ASP L 155 -49.13 -1.45 16.60
C ASP L 155 -50.51 -1.05 16.08
N TYR L 156 -50.54 -0.01 15.26
CA TYR L 156 -51.80 0.47 14.71
C TYR L 156 -52.46 -0.59 13.83
N CYS L 157 -51.66 -1.24 12.98
CA CYS L 157 -52.19 -2.25 12.07
C CYS L 157 -52.77 -3.43 12.85
N LYS L 158 -52.10 -3.84 13.93
CA LYS L 158 -52.58 -4.97 14.73
C LYS L 158 -53.94 -4.66 15.34
N MET L 159 -54.09 -3.47 15.93
CA MET L 159 -55.36 -3.10 16.55
C MET L 159 -56.46 -2.95 15.50
N TYR L 160 -56.13 -2.35 14.36
CA TYR L 160 -57.14 -2.20 13.31
C TYR L 160 -57.57 -3.56 12.77
N ARG L 161 -56.62 -4.49 12.62
CA ARG L 161 -56.94 -5.84 12.18
C ARG L 161 -57.80 -6.57 13.21
N ARG L 162 -57.50 -6.39 14.50
CA ARG L 162 -58.35 -6.99 15.53
C ARG L 162 -59.77 -6.42 15.46
N HIS L 163 -59.89 -5.11 15.25
CA HIS L 163 -61.21 -4.49 15.17
C HIS L 163 -61.99 -5.01 13.97
N VAL L 164 -61.33 -5.13 12.81
CA VAL L 164 -62.06 -5.61 11.64
C VAL L 164 -62.34 -7.11 11.75
N ARG L 165 -61.52 -7.85 12.52
CA ARG L 165 -61.85 -9.23 12.83
C ARG L 165 -63.10 -9.31 13.69
N SER L 166 -63.21 -8.41 14.68
CA SER L 166 -64.41 -8.35 15.50
C SER L 166 -65.64 -8.01 14.65
N ARG L 167 -65.50 -7.05 13.74
CA ARG L 167 -66.60 -6.67 12.87
C ARG L 167 -67.02 -7.81 11.95
N PHE L 168 -66.04 -8.50 11.35
CA PHE L 168 -66.31 -9.48 10.31
C PHE L 168 -66.24 -10.92 10.81
N TYR L 169 -66.30 -11.11 12.12
CA TYR L 169 -66.33 -12.47 12.67
C TYR L 169 -67.59 -13.22 12.23
N SER L 170 -68.73 -12.54 12.24
CA SER L 170 -70.01 -13.13 11.88
C SER L 170 -70.66 -12.31 10.79
N ILE L 171 -71.64 -12.93 10.12
CA ILE L 171 -72.37 -12.27 9.05
C ILE L 171 -73.84 -12.14 9.43
N SER L 181 -75.61 -13.89 15.63
CA SER L 181 -75.97 -14.36 14.30
C SER L 181 -75.28 -15.69 13.99
N VAL L 182 -74.77 -15.82 12.77
CA VAL L 182 -74.13 -17.05 12.30
C VAL L 182 -72.66 -16.77 12.04
N ASP L 183 -71.81 -17.71 12.44
CA ASP L 183 -70.38 -17.55 12.24
C ASP L 183 -70.03 -17.63 10.76
N LEU L 184 -69.02 -16.86 10.35
CA LEU L 184 -68.69 -16.76 8.94
C LEU L 184 -67.83 -17.93 8.46
N ASN L 185 -66.65 -18.11 9.07
CA ASN L 185 -65.70 -19.09 8.57
C ASN L 185 -66.23 -20.52 8.69
N SER L 186 -66.89 -20.83 9.81
CA SER L 186 -67.42 -22.17 9.99
C SER L 186 -68.44 -22.52 8.92
N ARG L 187 -69.32 -21.58 8.60
CA ARG L 187 -70.29 -21.76 7.51
C ARG L 187 -69.70 -21.47 6.14
N TYR L 188 -68.50 -20.91 6.08
CA TYR L 188 -67.86 -20.60 4.80
C TYR L 188 -67.48 -21.85 4.04
N THR L 189 -67.59 -21.79 2.73
CA THR L 189 -67.14 -22.85 1.84
C THR L 189 -66.48 -22.23 0.63
N GLN L 190 -65.45 -22.90 0.11
CA GLN L 190 -64.68 -22.37 -1.00
C GLN L 190 -65.51 -22.29 -2.27
N LEU L 191 -65.14 -21.36 -3.15
CA LEU L 191 -65.82 -21.13 -4.41
C LEU L 191 -64.84 -21.33 -5.57
N GLN L 192 -65.40 -21.42 -6.77
CA GLN L 192 -64.63 -21.58 -8.00
C GLN L 192 -64.68 -20.27 -8.77
N LEU L 193 -63.51 -19.72 -9.08
CA LEU L 193 -63.39 -18.48 -9.84
C LEU L 193 -62.36 -18.64 -10.94
N VAL L 194 -62.66 -18.08 -12.11
CA VAL L 194 -61.77 -18.15 -13.26
C VAL L 194 -61.62 -16.74 -13.85
N LYS L 195 -60.39 -16.41 -14.22
CA LYS L 195 -60.13 -15.12 -14.85
C LYS L 195 -60.66 -15.11 -16.29
N GLU L 196 -61.34 -14.04 -16.64
CA GLU L 196 -61.89 -13.90 -17.99
C GLU L 196 -60.96 -13.08 -18.88
N SER L 222 -58.01 -22.45 -12.93
CA SER L 222 -58.69 -21.55 -12.00
C SER L 222 -57.69 -20.63 -11.29
N LEU L 223 -58.07 -19.39 -11.09
CA LEU L 223 -57.22 -18.43 -10.40
C LEU L 223 -57.37 -18.58 -8.89
N LYS L 224 -56.28 -18.92 -8.22
CA LYS L 224 -56.33 -19.13 -6.78
C LYS L 224 -56.40 -17.80 -6.04
N LEU L 225 -57.05 -17.83 -4.87
CA LEU L 225 -57.23 -16.61 -4.09
C LEU L 225 -55.91 -16.08 -3.56
N GLU L 226 -55.00 -16.97 -3.15
CA GLU L 226 -53.69 -16.54 -2.70
C GLU L 226 -52.84 -16.00 -3.84
N LEU L 227 -53.23 -16.26 -5.07
CA LEU L 227 -52.49 -15.83 -6.26
C LEU L 227 -53.17 -14.64 -6.92
N LEU L 228 -53.68 -13.72 -6.12
CA LEU L 228 -54.52 -12.63 -6.64
C LEU L 228 -53.71 -11.57 -7.36
N PHE L 229 -52.83 -10.88 -6.64
CA PHE L 229 -52.25 -9.63 -7.13
C PHE L 229 -50.86 -9.78 -7.73
N GLU L 230 -50.29 -10.98 -7.75
CA GLU L 230 -49.02 -11.01 -8.44
C GLU L 230 -49.26 -11.03 -9.96
N PRO L 231 -48.44 -10.33 -10.73
CA PRO L 231 -48.63 -10.31 -12.18
C PRO L 231 -48.12 -11.61 -12.81
N GLU L 232 -48.98 -12.26 -13.59
CA GLU L 232 -48.56 -13.45 -14.32
C GLU L 232 -47.48 -13.12 -15.34
N ASP L 233 -47.57 -11.94 -15.94
CA ASP L 233 -46.56 -11.44 -16.87
C ASP L 233 -45.82 -10.27 -16.23
N GLY L 234 -44.52 -10.19 -16.48
CA GLY L 234 -43.68 -9.20 -15.83
C GLY L 234 -43.91 -7.78 -16.30
N HIS L 235 -44.71 -7.62 -17.34
CA HIS L 235 -45.01 -6.32 -17.93
C HIS L 235 -46.49 -6.00 -17.84
N SER L 236 -47.06 -6.22 -16.65
CA SER L 236 -48.47 -5.94 -16.41
C SER L 236 -48.62 -4.50 -15.94
N GLU L 237 -49.55 -3.78 -16.55
CA GLU L 237 -49.90 -2.46 -16.06
C GLU L 237 -50.52 -2.58 -14.66
N PRO L 238 -50.53 -1.48 -13.86
CA PRO L 238 -50.80 -1.61 -12.41
C PRO L 238 -51.85 -2.65 -12.03
N VAL L 239 -51.42 -3.60 -11.19
CA VAL L 239 -52.23 -4.77 -10.81
C VAL L 239 -53.37 -4.33 -9.91
N HIS L 240 -53.42 -3.04 -9.60
CA HIS L 240 -54.30 -2.51 -8.58
C HIS L 240 -55.74 -2.36 -9.06
N THR L 241 -56.05 -2.76 -10.29
CA THR L 241 -57.37 -2.60 -10.88
C THR L 241 -57.89 -3.98 -11.29
N VAL L 242 -58.60 -4.63 -10.36
CA VAL L 242 -59.21 -5.93 -10.58
C VAL L 242 -60.71 -5.80 -10.32
N VAL L 243 -61.51 -6.32 -11.25
CA VAL L 243 -62.96 -6.25 -11.18
C VAL L 243 -63.49 -7.67 -11.07
N PHE L 244 -64.58 -7.83 -10.32
CA PHE L 244 -65.18 -9.14 -10.08
C PHE L 244 -66.62 -9.15 -10.57
N GLN L 245 -67.02 -10.27 -11.16
CA GLN L 245 -68.36 -10.46 -11.68
C GLN L 245 -68.95 -11.73 -11.08
N GLY L 246 -70.28 -11.76 -11.01
CA GLY L 246 -70.96 -12.92 -10.48
C GLY L 246 -72.45 -12.68 -10.44
N ALA L 247 -73.19 -13.77 -10.23
CA ALA L 247 -74.64 -13.71 -10.21
C ALA L 247 -75.14 -13.12 -8.90
N ALA L 248 -76.46 -13.09 -8.73
CA ALA L 248 -77.05 -12.64 -7.48
C ALA L 248 -76.92 -13.73 -6.45
N GLY L 249 -76.26 -13.42 -5.32
CA GLY L 249 -76.00 -14.43 -4.31
C GLY L 249 -74.82 -15.32 -4.59
N ILE L 250 -73.97 -14.96 -5.56
CA ILE L 250 -72.83 -15.79 -5.90
C ILE L 250 -71.78 -15.79 -4.80
N GLY L 251 -71.66 -14.70 -4.05
CA GLY L 251 -70.71 -14.65 -2.96
C GLY L 251 -69.70 -13.53 -3.06
N LYS L 252 -70.03 -12.46 -3.76
CA LYS L 252 -69.12 -11.31 -3.83
C LYS L 252 -68.94 -10.68 -2.46
N THR L 253 -70.05 -10.44 -1.74
CA THR L 253 -69.95 -9.87 -0.41
C THR L 253 -69.25 -10.83 0.54
N ILE L 254 -69.57 -12.11 0.44
CA ILE L 254 -68.92 -13.11 1.29
C ILE L 254 -67.44 -13.21 0.95
N LEU L 255 -67.09 -13.12 -0.33
CA LEU L 255 -65.68 -13.12 -0.71
C LEU L 255 -64.96 -11.91 -0.12
N ALA L 256 -65.59 -10.74 -0.19
CA ALA L 256 -64.98 -9.53 0.36
C ALA L 256 -64.78 -9.65 1.86
N ARG L 257 -65.80 -10.11 2.57
CA ARG L 257 -65.69 -10.27 4.03
C ARG L 257 -64.66 -11.34 4.39
N LYS L 258 -64.58 -12.41 3.59
CA LYS L 258 -63.62 -13.48 3.86
C LYS L 258 -62.19 -12.99 3.65
N ILE L 259 -61.95 -12.22 2.59
CA ILE L 259 -60.59 -11.71 2.38
C ILE L 259 -60.24 -10.69 3.46
N MET L 260 -61.21 -9.89 3.89
CA MET L 260 -60.95 -8.96 4.98
C MET L 260 -60.62 -9.69 6.27
N LEU L 261 -61.33 -10.80 6.55
CA LEU L 261 -61.06 -11.56 7.76
C LEU L 261 -59.73 -12.29 7.68
N ASP L 262 -59.37 -12.77 6.49
CA ASP L 262 -58.04 -13.37 6.31
C ASP L 262 -56.96 -12.35 6.56
N TRP L 263 -57.13 -11.14 6.03
CA TRP L 263 -56.19 -10.07 6.31
C TRP L 263 -56.21 -9.65 7.78
N ALA L 264 -57.31 -9.94 8.49
CA ALA L 264 -57.40 -9.67 9.92
C ALA L 264 -56.89 -10.82 10.77
N LEU L 265 -56.60 -11.98 10.19
CA LEU L 265 -56.18 -13.16 10.92
C LEU L 265 -54.72 -13.52 10.71
N GLY L 266 -53.99 -12.73 9.93
CA GLY L 266 -52.60 -13.03 9.66
C GLY L 266 -52.36 -14.00 8.53
N LYS L 267 -53.30 -14.13 7.59
CA LYS L 267 -53.20 -15.12 6.53
C LYS L 267 -52.65 -14.54 5.22
N LEU L 268 -53.30 -13.50 4.69
CA LEU L 268 -52.92 -12.92 3.42
C LEU L 268 -52.67 -11.43 3.55
N PHE L 269 -51.76 -10.93 2.71
CA PHE L 269 -51.39 -9.51 2.68
C PHE L 269 -50.76 -9.06 3.99
N LYS L 270 -49.79 -9.84 4.46
CA LYS L 270 -48.97 -9.47 5.61
C LYS L 270 -47.60 -8.95 5.18
N ASP L 271 -46.85 -9.76 4.43
CA ASP L 271 -45.59 -9.34 3.85
C ASP L 271 -45.77 -8.56 2.56
N LYS L 272 -46.96 -8.58 1.97
CA LYS L 272 -47.25 -7.91 0.71
C LYS L 272 -47.92 -6.56 0.92
N PHE L 273 -49.00 -6.52 1.67
CA PHE L 273 -49.73 -5.30 2.00
C PHE L 273 -49.72 -5.09 3.51
N ASP L 274 -50.23 -3.93 3.93
CA ASP L 274 -50.28 -3.62 5.36
C ASP L 274 -51.67 -3.18 5.78
N TYR L 275 -52.39 -2.49 4.90
CA TYR L 275 -53.71 -1.93 5.22
C TYR L 275 -54.73 -2.39 4.20
N LEU L 276 -55.92 -2.76 4.69
CA LEU L 276 -57.07 -3.07 3.85
C LEU L 276 -58.27 -2.30 4.37
N PHE L 277 -58.98 -1.63 3.48
CA PHE L 277 -60.14 -0.81 3.83
C PHE L 277 -61.38 -1.33 3.12
N PHE L 278 -62.53 -1.05 3.73
CA PHE L 278 -63.82 -1.51 3.23
C PHE L 278 -64.71 -0.30 2.98
N ILE L 279 -65.23 -0.20 1.76
CA ILE L 279 -66.14 0.88 1.36
C ILE L 279 -67.37 0.24 0.75
N HIS L 280 -68.55 0.68 1.19
CA HIS L 280 -69.81 0.11 0.72
C HIS L 280 -70.67 1.20 0.08
N CYS L 281 -71.27 0.87 -1.06
CA CYS L 281 -72.08 1.84 -1.80
C CYS L 281 -73.34 2.23 -1.04
N ARG L 282 -73.97 1.28 -0.36
CA ARG L 282 -75.19 1.59 0.38
C ARG L 282 -74.92 2.59 1.50
N GLU L 283 -73.82 2.41 2.22
CA GLU L 283 -73.50 3.33 3.31
C GLU L 283 -73.03 4.68 2.78
N VAL L 284 -72.29 4.68 1.66
CA VAL L 284 -71.77 5.91 1.07
C VAL L 284 -72.85 6.46 0.13
N SER L 285 -73.67 7.37 0.64
CA SER L 285 -74.73 7.97 -0.16
C SER L 285 -74.13 8.95 -1.17
N LEU L 286 -74.66 8.92 -2.39
CA LEU L 286 -74.14 9.79 -3.45
C LEU L 286 -74.58 11.24 -3.31
N ARG L 287 -75.68 11.51 -2.60
CA ARG L 287 -76.17 12.88 -2.45
C ARG L 287 -75.31 13.73 -1.54
N THR L 288 -74.66 13.12 -0.54
CA THR L 288 -73.82 13.86 0.38
C THR L 288 -72.37 13.80 -0.08
N PRO L 289 -71.77 14.93 -0.46
CA PRO L 289 -70.34 14.91 -0.82
C PRO L 289 -69.49 14.51 0.37
N ARG L 290 -68.42 13.77 0.10
CA ARG L 290 -67.54 13.25 1.13
C ARG L 290 -66.11 13.25 0.64
N SER L 291 -65.20 12.82 1.50
CA SER L 291 -63.79 12.68 1.19
C SER L 291 -63.31 11.30 1.62
N LEU L 292 -62.09 10.97 1.22
CA LEU L 292 -61.48 9.71 1.65
C LEU L 292 -61.29 9.68 3.16
N ALA L 293 -61.13 10.85 3.79
CA ALA L 293 -61.01 10.90 5.24
C ALA L 293 -62.26 10.38 5.91
N ASP L 294 -63.44 10.73 5.38
CA ASP L 294 -64.69 10.22 5.93
C ASP L 294 -64.75 8.70 5.86
N LEU L 295 -64.35 8.13 4.72
CA LEU L 295 -64.37 6.68 4.56
C LEU L 295 -63.39 6.01 5.52
N ILE L 296 -62.20 6.59 5.67
CA ILE L 296 -61.22 6.02 6.60
C ILE L 296 -61.72 6.08 8.03
N VAL L 297 -62.32 7.21 8.43
CA VAL L 297 -62.85 7.34 9.78
C VAL L 297 -63.96 6.33 10.02
N SER L 298 -64.85 6.16 9.04
CA SER L 298 -65.91 5.17 9.17
C SER L 298 -65.34 3.77 9.28
N CYS L 299 -64.31 3.46 8.49
CA CYS L 299 -63.70 2.13 8.54
C CYS L 299 -62.85 1.95 9.80
N TRP L 300 -62.15 3.00 10.22
CA TRP L 300 -61.37 2.91 11.44
C TRP L 300 -62.30 2.85 12.65
N PRO L 301 -61.97 2.05 13.68
CA PRO L 301 -62.79 2.03 14.89
C PRO L 301 -62.71 3.34 15.64
N ASP L 302 -61.51 3.89 15.76
CA ASP L 302 -61.31 5.18 16.40
C ASP L 302 -61.78 6.29 15.46
N PRO L 303 -62.67 7.19 15.90
CA PRO L 303 -63.04 8.33 15.07
C PRO L 303 -61.91 9.32 14.83
N ASN L 304 -60.73 9.10 15.42
CA ASN L 304 -59.58 9.98 15.24
C ASN L 304 -58.40 9.13 14.80
N PRO L 305 -58.38 8.71 13.53
CA PRO L 305 -57.27 7.90 13.05
C PRO L 305 -56.07 8.77 12.72
N PRO L 306 -54.85 8.21 12.74
CA PRO L 306 -53.68 8.99 12.33
C PRO L 306 -53.66 9.21 10.83
N VAL L 307 -54.49 10.15 10.35
CA VAL L 307 -54.63 10.36 8.91
C VAL L 307 -53.30 10.78 8.30
N CYS L 308 -52.52 11.58 9.03
CA CYS L 308 -51.21 11.99 8.53
C CYS L 308 -50.28 10.80 8.37
N LYS L 309 -50.31 9.85 9.30
CA LYS L 309 -49.42 8.69 9.27
C LYS L 309 -49.82 7.64 8.24
N ILE L 310 -51.11 7.53 7.92
CA ILE L 310 -51.60 6.42 7.11
C ILE L 310 -51.78 6.77 5.64
N LEU L 311 -51.47 7.99 5.23
CA LEU L 311 -51.63 8.41 3.84
C LEU L 311 -50.30 8.67 3.14
N ARG L 312 -49.28 7.87 3.45
CA ARG L 312 -47.95 8.05 2.87
C ARG L 312 -47.54 6.93 1.92
N LYS L 313 -47.97 5.70 2.15
CA LYS L 313 -47.61 4.56 1.32
C LYS L 313 -48.89 3.89 0.83
N PRO L 314 -49.47 4.37 -0.28
CA PRO L 314 -50.69 3.75 -0.80
C PRO L 314 -50.48 2.32 -1.32
N SER L 315 -49.24 1.89 -1.54
CA SER L 315 -49.00 0.55 -2.06
C SER L 315 -49.57 -0.51 -1.13
N ARG L 316 -49.41 -0.33 0.18
CA ARG L 316 -49.92 -1.28 1.16
C ARG L 316 -51.33 -0.95 1.61
N ILE L 317 -52.10 -0.24 0.78
CA ILE L 317 -53.48 0.11 1.07
C ILE L 317 -54.36 -0.35 -0.08
N LEU L 318 -55.42 -1.07 0.24
CA LEU L 318 -56.36 -1.59 -0.76
C LEU L 318 -57.77 -1.16 -0.37
N PHE L 319 -58.45 -0.49 -1.30
CA PHE L 319 -59.83 -0.05 -1.12
C PHE L 319 -60.77 -1.02 -1.82
N LEU L 320 -61.80 -1.46 -1.11
CA LEU L 320 -62.74 -2.43 -1.62
C LEU L 320 -64.07 -1.76 -1.89
N MET L 321 -64.60 -1.93 -3.10
CA MET L 321 -65.89 -1.40 -3.51
C MET L 321 -66.81 -2.58 -3.82
N ASP L 322 -67.71 -2.89 -2.89
CA ASP L 322 -68.65 -3.98 -3.03
C ASP L 322 -70.02 -3.45 -3.44
N GLY L 323 -70.71 -4.23 -4.27
CA GLY L 323 -72.02 -3.83 -4.74
C GLY L 323 -71.97 -2.59 -5.61
N PHE L 324 -71.10 -2.60 -6.62
CA PHE L 324 -70.91 -1.45 -7.50
C PHE L 324 -72.18 -1.02 -8.22
N ASP L 325 -73.25 -1.81 -8.16
CA ASP L 325 -74.48 -1.52 -8.89
C ASP L 325 -75.25 -0.32 -8.33
N GLU L 326 -74.62 0.51 -7.48
CA GLU L 326 -75.26 1.68 -6.90
C GLU L 326 -74.39 2.93 -7.04
N LEU L 327 -73.62 3.04 -8.12
CA LEU L 327 -72.63 4.10 -8.22
C LEU L 327 -72.74 4.95 -9.50
N GLN L 328 -73.10 4.32 -10.62
CA GLN L 328 -73.09 5.01 -11.91
C GLN L 328 -74.35 5.81 -12.17
N GLY L 329 -75.07 6.22 -11.13
CA GLY L 329 -76.29 6.99 -11.32
C GLY L 329 -76.06 8.30 -12.08
N ALA L 330 -74.84 8.83 -12.05
CA ALA L 330 -74.52 10.06 -12.76
C ALA L 330 -73.17 10.02 -13.45
N PHE L 331 -72.59 8.84 -13.66
CA PHE L 331 -71.31 8.75 -14.37
C PHE L 331 -71.47 9.16 -15.83
N ASP L 332 -72.67 9.00 -16.39
CA ASP L 332 -72.91 9.33 -17.78
C ASP L 332 -72.82 10.83 -18.05
N GLU L 333 -72.81 11.66 -17.01
CA GLU L 333 -72.68 13.10 -17.16
C GLU L 333 -71.49 13.69 -16.42
N HIS L 334 -70.90 12.96 -15.47
CA HIS L 334 -69.77 13.43 -14.68
C HIS L 334 -68.44 12.88 -15.17
N ILE L 335 -68.30 12.73 -16.49
CA ILE L 335 -67.07 12.18 -17.05
C ILE L 335 -65.90 13.11 -16.80
N GLY L 336 -66.09 14.41 -17.01
CA GLY L 336 -65.01 15.38 -16.93
C GLY L 336 -64.72 15.96 -15.56
N GLU L 337 -65.46 15.58 -14.52
CA GLU L 337 -65.23 16.09 -13.18
C GLU L 337 -64.26 15.19 -12.44
N VAL L 338 -63.08 15.71 -12.13
CA VAL L 338 -61.97 14.93 -11.58
C VAL L 338 -61.52 15.59 -10.28
N CYS L 339 -61.42 14.80 -9.22
CA CYS L 339 -60.93 15.26 -7.92
C CYS L 339 -59.73 14.40 -7.51
N THR L 340 -58.67 15.05 -7.06
CA THR L 340 -57.46 14.36 -6.66
C THR L 340 -57.01 14.66 -5.23
N ASP L 341 -57.73 15.50 -4.50
CA ASP L 341 -57.39 15.81 -3.11
C ASP L 341 -58.13 14.86 -2.18
N TRP L 342 -57.38 14.14 -1.35
CA TRP L 342 -57.99 13.17 -0.43
C TRP L 342 -58.85 13.87 0.61
N GLN L 343 -58.52 15.11 0.97
CA GLN L 343 -59.26 15.86 1.97
C GLN L 343 -60.41 16.66 1.37
N LYS L 344 -60.58 16.66 0.06
CA LYS L 344 -61.63 17.44 -0.58
C LYS L 344 -62.97 16.71 -0.51
N ALA L 345 -64.02 17.45 -0.15
CA ALA L 345 -65.36 16.90 -0.02
C ALA L 345 -66.10 17.08 -1.34
N VAL L 346 -66.20 16.00 -2.11
CA VAL L 346 -66.90 16.00 -3.40
C VAL L 346 -67.85 14.81 -3.38
N ARG L 347 -68.86 14.88 -4.27
CA ARG L 347 -69.84 13.81 -4.39
C ARG L 347 -69.18 12.44 -4.45
N GLY L 348 -69.83 11.45 -3.84
CA GLY L 348 -69.23 10.13 -3.76
C GLY L 348 -68.96 9.51 -5.12
N ASP L 349 -69.92 9.62 -6.03
CA ASP L 349 -69.74 9.02 -7.35
C ASP L 349 -68.55 9.64 -8.08
N ILE L 350 -68.44 10.96 -8.05
CA ILE L 350 -67.33 11.63 -8.73
C ILE L 350 -65.99 11.23 -8.10
N LEU L 351 -65.95 11.16 -6.76
CA LEU L 351 -64.72 10.79 -6.08
C LEU L 351 -64.29 9.37 -6.44
N LEU L 352 -65.23 8.43 -6.46
CA LEU L 352 -64.87 7.06 -6.80
C LEU L 352 -64.49 6.94 -8.26
N SER L 353 -65.14 7.70 -9.14
CA SER L 353 -64.73 7.71 -10.54
C SER L 353 -63.32 8.23 -10.70
N SER L 354 -62.94 9.23 -9.90
CA SER L 354 -61.56 9.69 -9.89
C SER L 354 -60.62 8.61 -9.38
N LEU L 355 -61.03 7.87 -8.35
CA LEU L 355 -60.21 6.80 -7.81
C LEU L 355 -59.97 5.70 -8.84
N ILE L 356 -60.99 5.35 -9.64
CA ILE L 356 -60.89 4.20 -10.53
C ILE L 356 -59.76 4.38 -11.54
N ARG L 357 -59.69 5.54 -12.17
CA ARG L 357 -58.73 5.77 -13.24
C ARG L 357 -57.30 6.01 -12.75
N LYS L 358 -57.04 5.78 -11.46
CA LYS L 358 -55.69 5.85 -10.89
C LYS L 358 -55.10 7.25 -11.04
N LYS L 359 -55.77 8.22 -10.43
CA LYS L 359 -55.24 9.57 -10.30
C LYS L 359 -55.31 10.14 -8.89
N LEU L 360 -56.25 9.69 -8.06
CA LEU L 360 -56.25 9.98 -6.63
C LEU L 360 -55.68 8.76 -5.92
N LEU L 361 -54.53 8.94 -5.26
CA LEU L 361 -53.71 7.84 -4.78
C LEU L 361 -53.50 6.84 -5.92
N PRO L 362 -52.84 7.24 -7.01
CA PRO L 362 -52.78 6.39 -8.21
C PRO L 362 -52.12 5.06 -7.98
N LYS L 363 -51.22 4.96 -6.99
CA LYS L 363 -50.47 3.74 -6.75
C LYS L 363 -51.10 2.89 -5.67
N ALA L 364 -52.23 3.33 -5.10
CA ALA L 364 -52.99 2.52 -4.17
C ALA L 364 -53.70 1.37 -4.90
N SER L 365 -54.31 0.48 -4.13
CA SER L 365 -54.96 -0.70 -4.68
C SER L 365 -56.48 -0.57 -4.63
N LEU L 366 -57.14 -1.17 -5.61
CA LEU L 366 -58.59 -1.18 -5.68
C LEU L 366 -59.09 -2.58 -6.01
N LEU L 367 -60.19 -2.98 -5.36
CA LEU L 367 -60.85 -4.25 -5.63
C LEU L 367 -62.35 -4.01 -5.70
N ILE L 368 -62.92 -4.16 -6.89
CA ILE L 368 -64.33 -3.83 -7.14
C ILE L 368 -65.07 -5.13 -7.46
N THR L 369 -66.18 -5.36 -6.78
CA THR L 369 -67.06 -6.50 -7.05
C THR L 369 -68.36 -5.97 -7.64
N THR L 370 -68.69 -6.45 -8.85
CA THR L 370 -69.81 -5.91 -9.61
C THR L 370 -70.67 -7.04 -10.16
N ARG L 371 -71.93 -6.73 -10.42
CA ARG L 371 -72.73 -7.56 -11.30
C ARG L 371 -72.22 -7.41 -12.73
N PRO L 372 -72.22 -8.49 -13.51
CA PRO L 372 -71.65 -8.44 -14.87
C PRO L 372 -72.52 -7.71 -15.88
N VAL L 373 -73.66 -7.16 -15.48
CA VAL L 373 -74.67 -6.73 -16.45
C VAL L 373 -74.18 -5.52 -17.24
N ALA L 374 -73.65 -4.51 -16.55
CA ALA L 374 -73.43 -3.19 -17.15
C ALA L 374 -71.99 -2.74 -16.99
N LEU L 375 -71.04 -3.62 -17.33
CA LEU L 375 -69.63 -3.25 -17.30
C LEU L 375 -69.19 -2.49 -18.55
N GLU L 376 -70.06 -2.39 -19.57
CA GLU L 376 -69.63 -1.89 -20.88
C GLU L 376 -68.99 -0.52 -20.77
N LYS L 377 -69.61 0.40 -20.03
CA LYS L 377 -69.03 1.71 -19.85
C LYS L 377 -67.88 1.70 -18.85
N LEU L 378 -67.96 0.85 -17.82
CA LEU L 378 -66.96 0.89 -16.76
C LEU L 378 -65.58 0.55 -17.27
N GLN L 379 -65.48 -0.31 -18.28
CA GLN L 379 -64.17 -0.66 -18.83
C GLN L 379 -63.48 0.55 -19.43
N HIS L 380 -64.24 1.56 -19.86
CA HIS L 380 -63.63 2.80 -20.31
C HIS L 380 -62.91 3.50 -19.16
N LEU L 381 -63.52 3.50 -17.97
CA LEU L 381 -62.90 4.09 -16.79
C LEU L 381 -61.77 3.23 -16.23
N LEU L 382 -61.59 2.01 -16.73
CA LEU L 382 -60.62 1.07 -16.19
C LEU L 382 -59.31 1.16 -16.96
N ASP L 383 -58.21 1.16 -16.22
CA ASP L 383 -56.86 1.24 -16.79
C ASP L 383 -56.21 -0.14 -16.63
N HIS L 384 -56.35 -0.97 -17.66
CA HIS L 384 -55.84 -2.33 -17.69
C HIS L 384 -56.30 -3.11 -16.46
N PRO L 385 -57.60 -3.42 -16.35
CA PRO L 385 -58.07 -4.18 -15.18
C PRO L 385 -57.91 -5.67 -15.38
N ARG L 386 -58.37 -6.46 -14.43
CA ARG L 386 -58.48 -7.90 -14.58
C ARG L 386 -59.88 -8.32 -14.20
N HIS L 387 -60.65 -8.81 -15.18
CA HIS L 387 -62.02 -9.24 -14.95
C HIS L 387 -62.01 -10.70 -14.52
N VAL L 388 -62.49 -10.97 -13.30
CA VAL L 388 -62.55 -12.31 -12.75
C VAL L 388 -63.99 -12.62 -12.39
N GLU L 389 -64.50 -13.75 -12.88
CA GLU L 389 -65.85 -14.17 -12.58
C GLU L 389 -65.87 -15.18 -11.44
N ILE L 390 -67.01 -15.26 -10.76
CA ILE L 390 -67.20 -16.18 -9.64
C ILE L 390 -68.26 -17.19 -10.05
N LEU L 391 -67.94 -18.48 -9.91
CA LEU L 391 -68.85 -19.53 -10.32
C LEU L 391 -69.53 -20.25 -9.16
N GLY L 392 -69.00 -20.14 -7.94
CA GLY L 392 -69.64 -20.75 -6.81
C GLY L 392 -69.19 -22.17 -6.50
N PHE L 393 -70.06 -22.94 -5.87
CA PHE L 393 -69.70 -24.27 -5.38
C PHE L 393 -69.56 -25.26 -6.53
N SER L 394 -68.78 -26.30 -6.27
CA SER L 394 -68.80 -27.53 -7.05
C SER L 394 -69.56 -28.59 -6.24
N GLU L 395 -69.55 -29.83 -6.74
CA GLU L 395 -70.23 -30.91 -6.02
C GLU L 395 -69.63 -31.12 -4.63
N ALA L 396 -68.31 -31.27 -4.57
CA ALA L 396 -67.66 -31.46 -3.27
C ALA L 396 -67.85 -30.24 -2.37
N LYS L 397 -67.75 -29.04 -2.95
CA LYS L 397 -67.97 -27.83 -2.17
C LYS L 397 -69.41 -27.75 -1.68
N ARG L 398 -70.37 -28.18 -2.51
CA ARG L 398 -71.76 -28.21 -2.06
C ARG L 398 -71.94 -29.14 -0.86
N LYS L 399 -71.35 -30.34 -0.95
CA LYS L 399 -71.44 -31.29 0.16
C LYS L 399 -70.80 -30.72 1.42
N GLU L 400 -69.65 -30.07 1.26
CA GLU L 400 -69.00 -29.42 2.39
C GLU L 400 -69.90 -28.35 2.99
N TYR L 401 -70.61 -27.59 2.16
CA TYR L 401 -71.49 -26.56 2.67
C TYR L 401 -72.65 -27.16 3.46
N PHE L 402 -73.27 -28.24 2.95
CA PHE L 402 -74.33 -28.86 3.74
C PHE L 402 -73.79 -29.43 5.04
N PHE L 403 -72.57 -29.97 5.04
CA PHE L 403 -71.97 -30.42 6.29
C PHE L 403 -71.77 -29.27 7.26
N LYS L 404 -71.31 -28.13 6.77
CA LYS L 404 -71.05 -26.98 7.63
C LYS L 404 -72.31 -26.24 8.06
N TYR L 405 -73.45 -26.50 7.41
CA TYR L 405 -74.69 -25.83 7.78
C TYR L 405 -75.38 -26.55 8.94
N PHE L 406 -75.76 -27.81 8.74
CA PHE L 406 -76.51 -28.55 9.74
C PHE L 406 -75.60 -29.03 10.85
N SER L 407 -76.12 -29.00 12.08
CA SER L 407 -75.38 -29.52 13.23
C SER L 407 -75.45 -31.04 13.33
N ASN L 408 -76.31 -31.68 12.56
CA ASN L 408 -76.44 -33.13 12.54
C ASN L 408 -75.83 -33.67 11.25
N GLU L 409 -74.89 -34.59 11.37
CA GLU L 409 -74.29 -35.20 10.19
C GLU L 409 -75.32 -36.00 9.41
N LEU L 410 -76.19 -36.74 10.12
CA LEU L 410 -77.19 -37.55 9.43
C LEU L 410 -78.19 -36.67 8.68
N GLN L 411 -78.61 -35.57 9.28
CA GLN L 411 -79.52 -34.65 8.59
C GLN L 411 -78.86 -34.04 7.37
N ALA L 412 -77.57 -33.69 7.48
CA ALA L 412 -76.85 -33.16 6.34
C ALA L 412 -76.74 -34.19 5.22
N ARG L 413 -76.49 -35.46 5.57
CA ARG L 413 -76.43 -36.50 4.56
C ARG L 413 -77.78 -36.73 3.89
N GLU L 414 -78.86 -36.68 4.67
CA GLU L 414 -80.20 -36.82 4.08
C GLU L 414 -80.50 -35.65 3.16
N ALA L 415 -80.12 -34.43 3.55
CA ALA L 415 -80.30 -33.27 2.68
C ALA L 415 -79.51 -33.43 1.40
N PHE L 416 -78.26 -33.91 1.49
CA PHE L 416 -77.45 -34.14 0.32
C PHE L 416 -78.10 -35.17 -0.61
N ARG L 417 -78.60 -36.26 -0.03
CA ARG L 417 -79.24 -37.30 -0.83
C ARG L 417 -80.49 -36.78 -1.53
N LEU L 418 -81.31 -36.01 -0.82
CA LEU L 418 -82.50 -35.45 -1.47
C LEU L 418 -82.14 -34.37 -2.48
N ILE L 419 -80.98 -33.73 -2.34
CA ILE L 419 -80.51 -32.81 -3.38
C ILE L 419 -80.18 -33.59 -4.65
N GLN L 420 -79.48 -34.71 -4.53
CA GLN L 420 -79.29 -35.54 -5.72
C GLN L 420 -80.56 -36.25 -6.17
N GLU L 421 -81.61 -36.27 -5.35
CA GLU L 421 -82.88 -36.81 -5.81
C GLU L 421 -83.46 -35.95 -6.93
N ASN L 422 -83.32 -34.63 -6.83
CA ASN L 422 -83.80 -33.70 -7.85
C ASN L 422 -82.59 -33.12 -8.58
N GLU L 423 -82.42 -33.50 -9.84
CA GLU L 423 -81.29 -33.01 -10.62
C GLU L 423 -81.36 -31.51 -10.79
N VAL L 424 -82.56 -30.96 -11.02
CA VAL L 424 -82.71 -29.53 -11.22
C VAL L 424 -82.26 -28.76 -9.98
N LEU L 425 -82.68 -29.20 -8.80
CA LEU L 425 -82.28 -28.52 -7.58
C LEU L 425 -80.79 -28.65 -7.34
N PHE L 426 -80.21 -29.81 -7.63
CA PHE L 426 -78.77 -30.00 -7.47
C PHE L 426 -78.00 -29.05 -8.38
N THR L 427 -78.47 -28.89 -9.63
CA THR L 427 -77.83 -27.93 -10.53
C THR L 427 -77.99 -26.50 -10.02
N MET L 428 -79.18 -26.16 -9.51
CA MET L 428 -79.41 -24.82 -8.98
C MET L 428 -78.56 -24.53 -7.76
N CYS L 429 -78.17 -25.56 -7.02
CA CYS L 429 -77.36 -25.35 -5.81
C CYS L 429 -75.94 -24.89 -6.11
N PHE L 430 -75.52 -24.57 -7.33
CA PHE L 430 -74.20 -24.00 -7.52
C PHE L 430 -74.12 -22.57 -7.00
N ILE L 431 -75.26 -21.96 -6.71
CA ILE L 431 -75.31 -20.65 -6.06
C ILE L 431 -75.37 -20.87 -4.55
N PRO L 432 -74.43 -20.32 -3.78
CA PRO L 432 -74.46 -20.55 -2.32
C PRO L 432 -75.74 -20.04 -1.66
N LEU L 433 -76.33 -18.98 -2.18
CA LEU L 433 -77.57 -18.46 -1.59
C LEU L 433 -78.69 -19.48 -1.67
N VAL L 434 -78.80 -20.18 -2.80
CA VAL L 434 -79.81 -21.23 -2.93
C VAL L 434 -79.55 -22.35 -1.93
N CYS L 435 -78.27 -22.68 -1.71
CA CYS L 435 -77.94 -23.68 -0.70
C CYS L 435 -78.38 -23.24 0.68
N TRP L 436 -78.14 -21.96 1.02
CA TRP L 436 -78.58 -21.45 2.32
C TRP L 436 -80.09 -21.53 2.46
N ILE L 437 -80.82 -21.13 1.41
CA ILE L 437 -82.28 -21.14 1.49
C ILE L 437 -82.81 -22.56 1.63
N VAL L 438 -82.27 -23.49 0.85
CA VAL L 438 -82.76 -24.86 0.92
C VAL L 438 -82.41 -25.50 2.26
N CYS L 439 -81.23 -25.18 2.81
CA CYS L 439 -80.87 -25.72 4.12
C CYS L 439 -81.79 -25.19 5.21
N THR L 440 -82.09 -23.90 5.18
CA THR L 440 -83.02 -23.34 6.16
C THR L 440 -84.42 -23.94 6.00
N GLY L 441 -84.86 -24.13 4.76
CA GLY L 441 -86.15 -24.74 4.53
C GLY L 441 -86.22 -26.16 5.06
N LEU L 442 -85.17 -26.94 4.81
CA LEU L 442 -85.14 -28.32 5.32
C LEU L 442 -85.10 -28.34 6.83
N LYS L 443 -84.38 -27.40 7.45
CA LYS L 443 -84.39 -27.28 8.90
C LYS L 443 -85.81 -27.04 9.42
N GLN L 444 -86.52 -26.09 8.80
CA GLN L 444 -87.89 -25.81 9.22
C GLN L 444 -88.79 -27.01 9.00
N GLN L 445 -88.57 -27.76 7.92
CA GLN L 445 -89.39 -28.93 7.64
C GLN L 445 -89.18 -30.01 8.69
N MET L 446 -87.93 -30.37 8.98
CA MET L 446 -87.69 -31.49 9.87
C MET L 446 -87.92 -31.15 11.33
N GLU L 447 -87.70 -29.89 11.74
CA GLU L 447 -88.00 -29.53 13.12
C GLU L 447 -89.50 -29.59 13.39
N THR L 448 -90.32 -29.10 12.44
CA THR L 448 -91.76 -29.11 12.61
C THR L 448 -92.40 -30.46 12.29
N GLY L 449 -91.60 -31.45 11.89
CA GLY L 449 -92.10 -32.76 11.55
C GLY L 449 -92.48 -32.95 10.09
N LYS L 450 -92.43 -31.90 9.28
CA LYS L 450 -92.74 -32.03 7.86
C LYS L 450 -91.65 -32.82 7.15
N SER L 451 -92.04 -33.52 6.09
CA SER L 451 -91.09 -34.30 5.31
C SER L 451 -90.17 -33.40 4.52
N LEU L 452 -89.01 -33.95 4.13
CA LEU L 452 -88.01 -33.19 3.39
C LEU L 452 -88.08 -33.40 1.88
N ALA L 453 -88.69 -34.49 1.42
CA ALA L 453 -88.79 -34.75 -0.01
C ALA L 453 -89.68 -33.74 -0.72
N GLN L 454 -90.60 -33.09 -0.01
CA GLN L 454 -91.43 -32.07 -0.62
C GLN L 454 -90.60 -30.89 -1.11
N THR L 455 -89.56 -30.53 -0.35
CA THR L 455 -88.65 -29.48 -0.80
C THR L 455 -87.96 -29.86 -2.09
N SER L 456 -87.52 -31.12 -2.20
CA SER L 456 -86.89 -31.58 -3.43
C SER L 456 -87.88 -31.56 -4.59
N LYS L 457 -89.13 -31.95 -4.34
CA LYS L 457 -90.13 -31.96 -5.40
C LYS L 457 -90.43 -30.55 -5.92
N THR L 458 -90.19 -29.52 -5.11
CA THR L 458 -90.44 -28.15 -5.51
C THR L 458 -89.27 -27.65 -6.35
N THR L 459 -89.55 -27.25 -7.59
CA THR L 459 -88.53 -26.81 -8.53
C THR L 459 -88.78 -25.37 -8.96
N THR L 460 -87.69 -24.61 -9.08
CA THR L 460 -87.69 -23.28 -9.71
C THR L 460 -88.39 -22.25 -8.83
N ALA L 461 -89.07 -22.70 -7.79
CA ALA L 461 -89.84 -21.84 -6.90
C ALA L 461 -89.35 -21.98 -5.47
N VAL L 462 -88.04 -21.92 -5.29
CA VAL L 462 -87.45 -22.09 -3.97
C VAL L 462 -87.87 -20.95 -3.05
N TYR L 463 -87.86 -19.72 -3.56
CA TYR L 463 -88.20 -18.56 -2.73
C TYR L 463 -89.65 -18.61 -2.26
N VAL L 464 -90.57 -18.91 -3.17
CA VAL L 464 -92.00 -18.89 -2.82
C VAL L 464 -92.32 -20.01 -1.84
N PHE L 465 -91.81 -21.21 -2.10
CA PHE L 465 -92.04 -22.33 -1.18
C PHE L 465 -91.41 -22.06 0.17
N PHE L 466 -90.21 -21.46 0.18
CA PHE L 466 -89.55 -21.11 1.43
C PHE L 466 -90.37 -20.11 2.23
N LEU L 467 -90.91 -19.09 1.56
CA LEU L 467 -91.77 -18.12 2.24
C LEU L 467 -93.03 -18.78 2.77
N SER L 468 -93.64 -19.67 2.00
CA SER L 468 -94.84 -20.35 2.46
C SER L 468 -94.56 -21.23 3.66
N SER L 469 -93.43 -21.94 3.65
CA SER L 469 -93.08 -22.79 4.79
C SER L 469 -92.74 -21.97 6.02
N LEU L 470 -92.15 -20.79 5.83
CA LEU L 470 -91.82 -19.94 6.97
C LEU L 470 -93.08 -19.50 7.71
N LEU L 471 -94.13 -19.14 6.98
CA LEU L 471 -95.36 -18.67 7.58
C LEU L 471 -96.41 -19.78 7.62
N PHE L 482 -102.94 -10.23 7.87
CA PHE L 482 -101.57 -10.29 7.37
C PHE L 482 -101.45 -9.58 6.03
N SER L 483 -102.59 -9.27 5.41
CA SER L 483 -102.58 -8.60 4.12
C SER L 483 -101.99 -7.20 4.22
N ASP L 484 -102.29 -6.49 5.31
CA ASP L 484 -101.71 -5.15 5.50
C ASP L 484 -100.19 -5.20 5.62
N TYR L 485 -99.68 -6.18 6.38
CA TYR L 485 -98.24 -6.34 6.53
C TYR L 485 -97.58 -6.59 5.18
N LEU L 486 -98.17 -7.50 4.39
CA LEU L 486 -97.62 -7.82 3.08
C LEU L 486 -97.66 -6.61 2.16
N GLN L 487 -98.77 -5.87 2.15
CA GLN L 487 -98.88 -4.69 1.31
C GLN L 487 -97.84 -3.63 1.70
N GLY L 488 -97.67 -3.41 3.01
CA GLY L 488 -96.70 -2.43 3.46
C GLY L 488 -95.28 -2.82 3.10
N LEU L 489 -94.92 -4.08 3.32
CA LEU L 489 -93.57 -4.54 2.99
C LEU L 489 -93.33 -4.47 1.49
N CYS L 490 -94.33 -4.86 0.69
CA CYS L 490 -94.20 -4.82 -0.76
C CYS L 490 -94.05 -3.39 -1.26
N SER L 491 -94.83 -2.45 -0.72
CA SER L 491 -94.69 -1.06 -1.13
C SER L 491 -93.37 -0.47 -0.66
N LEU L 492 -92.87 -0.89 0.50
CA LEU L 492 -91.55 -0.47 0.95
C LEU L 492 -90.48 -0.94 -0.02
N ALA L 493 -90.57 -2.20 -0.45
CA ALA L 493 -89.61 -2.71 -1.44
C ALA L 493 -89.72 -1.96 -2.75
N ALA L 494 -90.95 -1.66 -3.19
CA ALA L 494 -91.13 -0.93 -4.44
C ALA L 494 -90.54 0.47 -4.38
N ASP L 495 -90.77 1.18 -3.27
CA ASP L 495 -90.21 2.52 -3.13
C ASP L 495 -88.70 2.48 -3.00
N GLY L 496 -88.15 1.46 -2.34
CA GLY L 496 -86.71 1.27 -2.38
C GLY L 496 -86.21 1.03 -3.79
N ILE L 497 -87.02 0.35 -4.61
CA ILE L 497 -86.65 0.12 -6.00
C ILE L 497 -86.57 1.44 -6.75
N TRP L 498 -87.61 2.28 -6.63
CA TRP L 498 -87.58 3.56 -7.33
C TRP L 498 -86.46 4.46 -6.80
N ASN L 499 -86.30 4.54 -5.48
CA ASN L 499 -85.42 5.51 -4.87
C ASN L 499 -83.99 5.02 -4.72
N GLN L 500 -83.70 3.77 -5.09
CA GLN L 500 -82.38 3.17 -4.91
C GLN L 500 -81.93 3.24 -3.45
N LYS L 501 -82.88 3.14 -2.54
CA LYS L 501 -82.64 3.26 -1.11
C LYS L 501 -82.77 1.89 -0.46
N ILE L 502 -81.83 1.55 0.42
CA ILE L 502 -81.83 0.27 1.11
C ILE L 502 -81.89 0.53 2.61
N LEU L 503 -81.34 1.66 3.03
CA LEU L 503 -81.30 2.04 4.44
C LEU L 503 -82.55 2.86 4.78
N PHE L 504 -83.68 2.15 4.80
CA PHE L 504 -84.97 2.81 5.00
C PHE L 504 -85.07 3.43 6.40
N GLU L 505 -85.83 4.51 6.49
CA GLU L 505 -86.10 5.19 7.75
C GLU L 505 -87.56 5.02 8.13
N GLU L 506 -87.98 5.70 9.20
CA GLU L 506 -89.35 5.55 9.68
C GLU L 506 -90.37 6.07 8.69
N CYS L 507 -90.03 7.11 7.92
CA CYS L 507 -91.01 7.77 7.06
C CYS L 507 -91.56 6.82 6.01
N ASP L 508 -90.72 5.94 5.46
CA ASP L 508 -91.21 4.96 4.49
C ASP L 508 -92.27 4.06 5.11
N LEU L 509 -92.00 3.51 6.30
CA LEU L 509 -92.98 2.65 6.95
C LEU L 509 -94.25 3.42 7.30
N ARG L 510 -94.11 4.70 7.67
CA ARG L 510 -95.30 5.52 7.92
C ARG L 510 -96.13 5.69 6.66
N LYS L 511 -95.48 5.95 5.53
CA LYS L 511 -96.22 6.12 4.28
C LYS L 511 -96.90 4.83 3.86
N HIS L 512 -96.22 3.70 4.02
CA HIS L 512 -96.76 2.41 3.60
C HIS L 512 -97.67 1.78 4.64
N GLY L 513 -97.85 2.42 5.80
CA GLY L 513 -98.64 1.82 6.86
C GLY L 513 -97.92 0.76 7.66
N LEU L 514 -96.63 0.56 7.43
CA LEU L 514 -95.86 -0.39 8.23
C LEU L 514 -95.54 0.20 9.59
N GLN L 515 -95.67 -0.61 10.63
CA GLN L 515 -95.49 -0.17 12.01
C GLN L 515 -94.27 -0.85 12.61
N LYS L 516 -94.05 -0.58 13.90
CA LYS L 516 -92.88 -1.12 14.58
C LYS L 516 -92.94 -2.63 14.72
N THR L 517 -94.15 -3.20 14.83
CA THR L 517 -94.33 -4.64 14.96
C THR L 517 -94.26 -5.37 13.63
N ASP L 518 -93.74 -4.73 12.57
CA ASP L 518 -93.67 -5.32 11.25
C ASP L 518 -92.24 -5.67 10.85
N VAL L 519 -91.37 -5.96 11.81
CA VAL L 519 -90.00 -6.38 11.54
C VAL L 519 -89.94 -7.89 11.61
N SER L 520 -89.44 -8.52 10.56
CA SER L 520 -89.39 -9.98 10.44
C SER L 520 -87.97 -10.43 10.12
N ALA L 521 -87.83 -11.72 9.84
CA ALA L 521 -86.51 -12.28 9.54
C ALA L 521 -85.92 -11.71 8.26
N PHE L 522 -86.76 -11.50 7.23
CA PHE L 522 -86.27 -10.94 5.97
C PHE L 522 -85.71 -9.54 6.18
N LEU L 523 -86.39 -8.72 6.98
CA LEU L 523 -85.90 -7.40 7.33
C LEU L 523 -84.86 -7.51 8.44
N ARG L 524 -84.23 -6.38 8.78
CA ARG L 524 -83.24 -6.36 9.83
C ARG L 524 -83.17 -4.95 10.41
N MET L 525 -83.11 -4.87 11.74
CA MET L 525 -82.99 -3.60 12.46
C MET L 525 -81.55 -3.41 12.91
N ASN L 526 -81.03 -2.21 12.69
CA ASN L 526 -79.66 -1.88 13.02
C ASN L 526 -79.59 -0.59 13.83
N ARG L 536 -82.97 4.37 14.33
CA ARG L 536 -83.10 2.99 13.91
C ARG L 536 -82.85 2.87 12.41
N PHE L 537 -82.28 1.74 12.00
CA PHE L 537 -81.99 1.46 10.59
C PHE L 537 -82.75 0.22 10.16
N TYR L 538 -83.47 0.33 9.04
CA TYR L 538 -84.18 -0.79 8.44
C TYR L 538 -83.42 -1.22 7.19
N SER L 539 -83.12 -2.51 7.09
CA SER L 539 -82.38 -3.00 5.92
C SER L 539 -82.76 -4.45 5.63
N PHE L 540 -82.95 -4.75 4.35
CA PHE L 540 -83.13 -6.13 3.95
C PHE L 540 -81.83 -6.92 4.13
N SER L 541 -81.99 -8.18 4.54
CA SER L 541 -80.80 -9.03 4.77
C SER L 541 -80.01 -9.23 3.48
N HIS L 542 -80.70 -9.51 2.38
CA HIS L 542 -80.08 -9.68 1.08
C HIS L 542 -81.03 -9.13 0.03
N MET L 543 -80.47 -8.50 -1.01
CA MET L 543 -81.30 -7.72 -1.93
C MET L 543 -82.31 -8.59 -2.66
N THR L 544 -81.92 -9.82 -3.04
CA THR L 544 -82.81 -10.68 -3.80
C THR L 544 -84.17 -10.80 -3.14
N PHE L 545 -84.19 -10.79 -1.80
CA PHE L 545 -85.46 -10.80 -1.08
C PHE L 545 -86.28 -9.55 -1.38
N GLN L 546 -85.64 -8.38 -1.44
CA GLN L 546 -86.43 -7.17 -1.67
C GLN L 546 -86.89 -7.08 -3.12
N GLU L 547 -86.07 -7.55 -4.08
CA GLU L 547 -86.61 -7.64 -5.45
C GLU L 547 -87.77 -8.63 -5.50
N PHE L 548 -87.72 -9.72 -4.74
CA PHE L 548 -88.83 -10.67 -4.73
C PHE L 548 -90.10 -10.03 -4.19
N PHE L 549 -89.97 -9.28 -3.09
CA PHE L 549 -91.15 -8.62 -2.52
C PHE L 549 -91.69 -7.54 -3.46
N ALA L 550 -90.81 -6.80 -4.13
CA ALA L 550 -91.25 -5.81 -5.10
C ALA L 550 -91.98 -6.48 -6.26
N ALA L 551 -91.49 -7.63 -6.72
CA ALA L 551 -92.18 -8.35 -7.77
C ALA L 551 -93.54 -8.84 -7.31
N MET L 552 -93.63 -9.34 -6.08
CA MET L 552 -94.91 -9.79 -5.55
C MET L 552 -95.88 -8.63 -5.34
N TYR L 553 -95.36 -7.41 -5.17
CA TYR L 553 -96.23 -6.25 -4.95
C TYR L 553 -97.21 -6.06 -6.09
N TYR L 554 -96.73 -6.14 -7.33
CA TYR L 554 -97.55 -5.76 -8.48
C TYR L 554 -98.62 -6.78 -8.82
N LEU L 555 -98.81 -7.80 -8.00
CA LEU L 555 -99.86 -8.79 -8.21
C LEU L 555 -100.88 -8.85 -7.10
N LEU L 556 -100.55 -8.38 -5.90
CA LEU L 556 -101.50 -8.36 -4.79
C LEU L 556 -102.73 -7.53 -5.11
N ASN L 577 -96.90 3.07 -6.80
CA ASN L 577 -97.48 2.92 -8.14
C ASN L 577 -97.72 1.45 -8.46
N ARG L 578 -98.91 1.12 -8.94
CA ARG L 578 -99.28 -0.23 -9.29
C ARG L 578 -99.28 -0.46 -10.80
N ASP L 579 -99.06 0.59 -11.59
CA ASP L 579 -99.00 0.46 -13.04
C ASP L 579 -97.78 -0.34 -13.43
N VAL L 580 -98.00 -1.51 -14.06
CA VAL L 580 -96.92 -2.42 -14.37
C VAL L 580 -95.94 -1.84 -15.39
N LYS L 581 -96.37 -0.86 -16.18
CA LYS L 581 -95.53 -0.34 -17.26
C LYS L 581 -94.22 0.26 -16.75
N VAL L 582 -94.16 0.67 -15.49
CA VAL L 582 -92.91 1.20 -14.94
C VAL L 582 -91.81 0.15 -15.01
N LEU L 583 -92.18 -1.12 -14.78
CA LEU L 583 -91.21 -2.20 -14.93
C LEU L 583 -90.86 -2.42 -16.40
N LEU L 584 -91.82 -2.18 -17.30
CA LEU L 584 -91.61 -2.51 -18.71
C LEU L 584 -90.66 -1.53 -19.38
N GLU L 585 -90.83 -0.22 -19.14
CA GLU L 585 -90.12 0.79 -19.90
C GLU L 585 -89.05 1.54 -19.11
N ASN L 586 -89.24 1.74 -17.80
CA ASN L 586 -88.26 2.45 -17.00
C ASN L 586 -87.04 1.61 -16.65
N TYR L 587 -86.88 0.46 -17.31
CA TYR L 587 -85.65 -0.30 -17.21
C TYR L 587 -84.48 0.48 -17.78
N GLY L 588 -83.31 0.31 -17.18
CA GLY L 588 -82.10 0.98 -17.60
C GLY L 588 -81.80 2.25 -16.85
N LYS L 589 -82.78 2.82 -16.13
CA LYS L 589 -82.51 3.97 -15.29
C LYS L 589 -81.56 3.62 -14.16
N PHE L 590 -81.53 2.35 -13.76
CA PHE L 590 -80.62 1.84 -12.75
C PHE L 590 -79.58 0.96 -13.43
N GLU L 591 -78.32 1.15 -13.07
CA GLU L 591 -77.25 0.34 -13.65
C GLU L 591 -77.40 -1.13 -13.29
N LYS L 592 -76.99 -2.00 -14.21
CA LYS L 592 -76.93 -3.44 -14.06
C LYS L 592 -78.30 -4.09 -13.89
N GLY L 593 -79.38 -3.36 -14.19
CA GLY L 593 -80.68 -3.98 -14.35
C GLY L 593 -81.27 -4.67 -13.13
N TYR L 594 -81.65 -3.89 -12.12
CA TYR L 594 -82.34 -4.46 -10.98
C TYR L 594 -83.67 -5.07 -11.38
N LEU L 595 -84.35 -4.47 -12.35
CA LEU L 595 -85.73 -4.81 -12.68
C LEU L 595 -85.89 -6.22 -13.23
N ILE L 596 -85.00 -6.67 -14.11
CA ILE L 596 -85.18 -7.97 -14.77
C ILE L 596 -85.33 -9.07 -13.73
N PHE L 597 -84.42 -9.10 -12.76
CA PHE L 597 -84.53 -10.08 -11.68
C PHE L 597 -85.90 -9.97 -11.01
N VAL L 598 -86.30 -8.75 -10.66
CA VAL L 598 -87.68 -8.50 -10.22
C VAL L 598 -88.64 -9.16 -11.18
N VAL L 599 -88.60 -8.75 -12.45
CA VAL L 599 -89.55 -9.25 -13.44
C VAL L 599 -89.46 -10.76 -13.55
N ARG L 600 -88.28 -11.34 -13.29
CA ARG L 600 -88.16 -12.79 -13.32
C ARG L 600 -89.15 -13.44 -12.36
N PHE L 601 -89.14 -13.00 -11.09
CA PHE L 601 -90.12 -13.53 -10.15
C PHE L 601 -91.54 -13.21 -10.60
N LEU L 602 -91.73 -12.12 -11.33
CA LEU L 602 -93.04 -11.84 -11.90
C LEU L 602 -93.47 -13.00 -12.79
N PHE L 603 -92.60 -13.42 -13.73
CA PHE L 603 -92.92 -14.60 -14.52
C PHE L 603 -93.08 -15.83 -13.65
N GLY L 604 -92.41 -15.84 -12.49
CA GLY L 604 -92.63 -16.92 -11.55
C GLY L 604 -94.03 -16.90 -10.98
N LEU L 605 -94.52 -15.72 -10.62
CA LEU L 605 -95.76 -15.64 -9.86
C LEU L 605 -96.98 -15.71 -10.78
N VAL L 606 -96.85 -15.26 -12.02
CA VAL L 606 -97.99 -15.20 -12.93
C VAL L 606 -98.35 -16.59 -13.43
N ASN L 607 -97.52 -17.59 -13.10
CA ASN L 607 -97.83 -18.96 -13.46
C ASN L 607 -99.16 -19.38 -12.85
N GLN L 608 -100.01 -20.01 -13.67
CA GLN L 608 -101.38 -20.26 -13.25
C GLN L 608 -101.45 -21.11 -11.98
N GLU L 609 -100.69 -22.21 -11.94
CA GLU L 609 -100.63 -23.00 -10.72
C GLU L 609 -99.99 -22.21 -9.59
N ARG L 610 -98.90 -21.49 -9.88
CA ARG L 610 -98.24 -20.71 -8.84
C ARG L 610 -99.12 -19.53 -8.40
N THR L 611 -99.83 -18.90 -9.33
CA THR L 611 -100.76 -17.84 -8.97
C THR L 611 -101.87 -18.36 -8.07
N SER L 612 -102.44 -19.52 -8.42
CA SER L 612 -103.50 -20.11 -7.61
C SER L 612 -102.97 -20.48 -6.22
N TYR L 613 -101.77 -21.04 -6.16
CA TYR L 613 -101.18 -21.39 -4.88
C TYR L 613 -100.93 -20.16 -4.02
N LEU L 614 -100.44 -19.07 -4.63
CA LEU L 614 -100.24 -17.83 -3.88
C LEU L 614 -101.56 -17.29 -3.35
N GLU L 615 -102.60 -17.29 -4.19
CA GLU L 615 -103.90 -16.80 -3.76
C GLU L 615 -104.47 -17.64 -2.62
N LYS L 616 -104.35 -18.96 -2.72
CA LYS L 616 -104.93 -19.84 -1.71
C LYS L 616 -104.05 -20.00 -0.48
N LYS L 617 -102.80 -19.53 -0.52
CA LYS L 617 -101.93 -19.54 0.65
C LYS L 617 -101.89 -18.20 1.38
N LEU L 618 -102.18 -17.10 0.69
CA LEU L 618 -102.20 -15.79 1.32
C LEU L 618 -103.58 -15.13 1.32
N SER L 619 -104.60 -15.83 0.82
CA SER L 619 -105.98 -15.34 0.79
C SER L 619 -106.13 -14.05 -0.01
N CYS L 620 -105.20 -13.77 -0.92
CA CYS L 620 -105.20 -12.58 -1.73
C CYS L 620 -105.63 -12.91 -3.17
N LYS L 621 -105.62 -11.89 -4.02
CA LYS L 621 -105.98 -12.03 -5.42
C LYS L 621 -104.83 -11.53 -6.29
N ILE L 622 -104.64 -12.17 -7.44
CA ILE L 622 -103.57 -11.85 -8.36
C ILE L 622 -104.17 -11.33 -9.65
N SER L 623 -103.69 -10.17 -10.11
CA SER L 623 -104.14 -9.61 -11.37
C SER L 623 -103.70 -10.49 -12.54
N GLN L 624 -104.50 -10.49 -13.60
CA GLN L 624 -104.24 -11.34 -14.76
C GLN L 624 -103.90 -10.59 -16.04
N GLN L 625 -104.25 -9.30 -16.14
CA GLN L 625 -103.82 -8.51 -17.29
C GLN L 625 -102.30 -8.35 -17.33
N VAL L 626 -101.63 -8.56 -16.19
CA VAL L 626 -100.18 -8.49 -16.15
C VAL L 626 -99.55 -9.51 -17.07
N ARG L 627 -100.16 -10.70 -17.19
CA ARG L 627 -99.62 -11.72 -18.08
C ARG L 627 -99.65 -11.27 -19.53
N LEU L 628 -100.77 -10.67 -19.95
CA LEU L 628 -100.87 -10.18 -21.33
C LEU L 628 -99.92 -9.02 -21.57
N GLU L 629 -99.77 -8.12 -20.58
CA GLU L 629 -98.81 -7.03 -20.74
C GLU L 629 -97.38 -7.57 -20.84
N LEU L 630 -97.06 -8.60 -20.07
CA LEU L 630 -95.74 -9.22 -20.17
C LEU L 630 -95.56 -9.89 -21.52
N LEU L 631 -96.62 -10.53 -22.04
CA LEU L 631 -96.56 -11.04 -23.41
C LEU L 631 -96.18 -9.94 -24.39
N LYS L 632 -96.92 -8.82 -24.34
CA LYS L 632 -96.66 -7.72 -25.26
C LYS L 632 -95.24 -7.21 -25.11
N TRP L 633 -94.74 -7.15 -23.87
CA TRP L 633 -93.35 -6.79 -23.65
C TRP L 633 -92.40 -7.82 -24.26
N ILE L 634 -92.78 -9.09 -24.28
CA ILE L 634 -91.95 -10.10 -24.90
C ILE L 634 -91.81 -9.84 -26.40
N GLU L 635 -92.94 -9.55 -27.07
CA GLU L 635 -92.81 -9.23 -28.50
C GLU L 635 -92.07 -7.91 -28.71
N VAL L 636 -92.22 -6.96 -27.79
CA VAL L 636 -91.48 -5.70 -27.90
C VAL L 636 -89.98 -5.97 -27.84
N LYS L 637 -89.55 -6.81 -26.90
CA LYS L 637 -88.14 -7.14 -26.78
C LYS L 637 -87.65 -7.94 -27.99
N ALA L 638 -88.47 -8.87 -28.48
CA ALA L 638 -88.04 -9.74 -29.57
C ALA L 638 -87.92 -8.99 -30.88
N LYS L 639 -88.87 -8.10 -31.18
CA LYS L 639 -88.97 -7.48 -32.49
C LYS L 639 -88.38 -6.07 -32.55
N ALA L 640 -87.69 -5.64 -31.50
CA ALA L 640 -87.13 -4.30 -31.49
C ALA L 640 -85.90 -4.23 -32.41
N LYS L 641 -85.50 -2.99 -32.73
CA LYS L 641 -84.33 -2.75 -33.57
C LYS L 641 -83.08 -2.48 -32.73
N LYS L 642 -83.12 -1.44 -31.90
CA LYS L 642 -81.98 -1.06 -31.07
C LYS L 642 -81.86 -2.06 -29.93
N LEU L 643 -81.25 -3.20 -30.25
CA LEU L 643 -81.19 -4.33 -29.34
C LEU L 643 -79.98 -4.28 -28.41
N GLN L 644 -79.20 -3.21 -28.45
CA GLN L 644 -78.01 -3.12 -27.60
C GLN L 644 -78.38 -2.89 -26.14
N TRP L 645 -79.33 -1.98 -25.88
CA TRP L 645 -79.63 -1.59 -24.51
C TRP L 645 -80.36 -2.69 -23.74
N GLN L 646 -81.12 -3.54 -24.43
CA GLN L 646 -81.87 -4.58 -23.75
C GLN L 646 -80.91 -5.61 -23.16
N PRO L 647 -81.32 -6.32 -22.11
CA PRO L 647 -80.51 -7.44 -21.62
C PRO L 647 -80.54 -8.62 -22.59
N SER L 648 -79.64 -9.57 -22.38
CA SER L 648 -79.44 -10.64 -23.35
C SER L 648 -80.67 -11.55 -23.44
N GLN L 649 -80.69 -12.36 -24.50
CA GLN L 649 -81.80 -13.28 -24.73
C GLN L 649 -81.81 -14.42 -23.73
N LEU L 650 -80.65 -14.74 -23.16
CA LEU L 650 -80.58 -15.77 -22.14
C LEU L 650 -81.40 -15.39 -20.92
N GLU L 651 -81.51 -14.09 -20.62
CA GLU L 651 -82.41 -13.65 -19.56
C GLU L 651 -83.86 -13.95 -19.90
N LEU L 652 -84.23 -13.74 -21.17
CA LEU L 652 -85.58 -14.09 -21.60
C LEU L 652 -85.84 -15.58 -21.42
N PHE L 653 -84.84 -16.40 -21.72
CA PHE L 653 -85.02 -17.84 -21.58
C PHE L 653 -85.07 -18.25 -20.11
N TYR L 654 -84.30 -17.59 -19.25
CA TYR L 654 -84.45 -17.77 -17.82
C TYR L 654 -85.87 -17.47 -17.38
N CYS L 655 -86.44 -16.36 -17.87
CA CYS L 655 -87.81 -16.01 -17.50
C CYS L 655 -88.79 -17.08 -17.97
N LEU L 656 -88.66 -17.52 -19.22
CA LEU L 656 -89.59 -18.50 -19.77
C LEU L 656 -89.46 -19.85 -19.07
N TYR L 657 -88.28 -20.16 -18.55
CA TYR L 657 -88.12 -21.39 -17.76
C TYR L 657 -88.68 -21.23 -16.37
N GLU L 658 -88.54 -20.03 -15.78
CA GLU L 658 -89.12 -19.77 -14.46
C GLU L 658 -90.63 -19.87 -14.51
N MET L 659 -91.25 -19.37 -15.58
CA MET L 659 -92.70 -19.31 -15.66
C MET L 659 -93.33 -20.71 -15.71
N GLN L 660 -92.81 -21.59 -16.56
CA GLN L 660 -93.24 -23.00 -16.63
C GLN L 660 -94.73 -23.15 -16.96
N GLU L 661 -95.24 -22.36 -17.89
CA GLU L 661 -96.61 -22.51 -18.38
C GLU L 661 -96.56 -22.83 -19.87
N GLU L 662 -96.88 -24.09 -20.21
CA GLU L 662 -96.55 -24.64 -21.52
C GLU L 662 -97.12 -23.79 -22.66
N ASP L 663 -98.43 -23.54 -22.63
CA ASP L 663 -99.08 -22.90 -23.77
C ASP L 663 -98.57 -21.47 -23.97
N PHE L 664 -98.44 -20.70 -22.90
CA PHE L 664 -98.02 -19.32 -23.05
C PHE L 664 -96.53 -19.25 -23.38
N VAL L 665 -95.73 -20.21 -22.88
CA VAL L 665 -94.36 -20.34 -23.36
C VAL L 665 -94.33 -20.51 -24.88
N GLN L 666 -95.12 -21.46 -25.39
CA GLN L 666 -95.10 -21.71 -26.82
C GLN L 666 -95.57 -20.50 -27.61
N SER L 667 -96.64 -19.85 -27.17
CA SER L 667 -97.18 -18.71 -27.89
C SER L 667 -96.23 -17.52 -27.88
N ALA L 668 -95.68 -17.18 -26.72
CA ALA L 668 -94.77 -16.04 -26.63
C ALA L 668 -93.39 -16.37 -27.18
N MET L 669 -93.11 -17.65 -27.41
CA MET L 669 -91.82 -18.07 -27.90
C MET L 669 -91.79 -18.33 -29.40
N ASP L 670 -92.94 -18.50 -30.03
CA ASP L 670 -92.97 -18.61 -31.49
C ASP L 670 -92.50 -17.34 -32.19
N HIS L 671 -92.13 -16.30 -31.43
CA HIS L 671 -91.63 -15.04 -31.98
C HIS L 671 -90.12 -14.98 -32.01
N PHE L 672 -89.45 -16.13 -32.06
CA PHE L 672 -87.99 -16.21 -32.13
C PHE L 672 -87.59 -17.12 -33.29
N PRO L 673 -87.71 -16.65 -34.53
CA PRO L 673 -87.21 -17.45 -35.66
C PRO L 673 -85.72 -17.74 -35.58
N LYS L 674 -84.93 -16.81 -35.07
CA LYS L 674 -83.49 -16.97 -34.93
C LYS L 674 -83.13 -16.85 -33.45
N ILE L 675 -82.41 -17.85 -32.94
CA ILE L 675 -82.05 -17.93 -31.53
C ILE L 675 -80.54 -17.95 -31.39
N GLU L 676 -80.00 -17.05 -30.59
CA GLU L 676 -78.58 -17.02 -30.28
C GLU L 676 -78.41 -17.00 -28.77
N ILE L 677 -77.63 -17.94 -28.24
CA ILE L 677 -77.44 -18.09 -26.81
C ILE L 677 -75.99 -18.43 -26.53
N ASN L 678 -75.49 -17.97 -25.39
CA ASN L 678 -74.13 -18.26 -24.94
C ASN L 678 -74.21 -18.90 -23.56
N LEU L 679 -73.72 -20.14 -23.46
CA LEU L 679 -73.92 -20.97 -22.28
C LEU L 679 -72.61 -21.13 -21.51
N SER L 680 -72.69 -21.02 -20.18
CA SER L 680 -71.50 -21.15 -19.35
C SER L 680 -71.71 -21.92 -18.05
N THR L 681 -72.83 -22.63 -17.88
CA THR L 681 -73.07 -23.36 -16.64
C THR L 681 -74.14 -24.42 -16.90
N ARG L 682 -74.34 -25.28 -15.88
CA ARG L 682 -75.38 -26.30 -15.98
C ARG L 682 -76.77 -25.70 -16.10
N MET L 683 -77.02 -24.63 -15.33
CA MET L 683 -78.33 -23.99 -15.38
C MET L 683 -78.63 -23.46 -16.78
N ASP L 684 -77.62 -22.88 -17.43
CA ASP L 684 -77.81 -22.42 -18.80
C ASP L 684 -78.19 -23.57 -19.71
N HIS L 685 -77.50 -24.72 -19.58
CA HIS L 685 -77.82 -25.87 -20.41
C HIS L 685 -79.24 -26.35 -20.16
N VAL L 686 -79.66 -26.40 -18.90
CA VAL L 686 -81.00 -26.91 -18.58
C VAL L 686 -82.07 -25.97 -19.12
N VAL L 687 -81.91 -24.66 -18.89
CA VAL L 687 -82.92 -23.73 -19.35
C VAL L 687 -82.98 -23.71 -20.87
N SER L 688 -81.82 -23.83 -21.54
CA SER L 688 -81.82 -23.90 -22.99
C SER L 688 -82.50 -25.17 -23.48
N SER L 689 -82.22 -26.30 -22.85
CA SER L 689 -82.87 -27.55 -23.23
C SER L 689 -84.38 -27.38 -23.17
N PHE L 690 -84.89 -26.88 -22.03
CA PHE L 690 -86.31 -26.67 -21.89
C PHE L 690 -86.85 -25.72 -22.95
N CYS L 691 -86.18 -24.58 -23.14
CA CYS L 691 -86.70 -23.54 -24.03
C CYS L 691 -86.77 -24.01 -25.48
N ILE L 692 -85.65 -24.51 -26.01
CA ILE L 692 -85.68 -25.00 -27.40
C ILE L 692 -86.57 -26.23 -27.54
N LYS L 693 -86.70 -27.05 -26.49
CA LYS L 693 -87.67 -28.14 -26.56
C LYS L 693 -89.08 -27.60 -26.71
N ASN L 694 -89.37 -26.44 -26.11
CA ASN L 694 -90.68 -25.83 -26.28
C ASN L 694 -90.84 -25.19 -27.65
N CYS L 695 -89.73 -24.84 -28.32
CA CYS L 695 -89.80 -24.16 -29.60
C CYS L 695 -90.46 -25.03 -30.66
N HIS L 696 -91.16 -24.37 -31.58
CA HIS L 696 -91.78 -25.07 -32.70
C HIS L 696 -91.63 -24.36 -34.04
N ARG L 697 -91.12 -23.13 -34.07
CA ARG L 697 -90.97 -22.40 -35.32
C ARG L 697 -89.66 -21.63 -35.35
N VAL L 698 -88.56 -22.30 -35.04
CA VAL L 698 -87.24 -21.70 -35.10
C VAL L 698 -86.51 -22.22 -36.33
N LYS L 699 -85.81 -21.33 -37.04
CA LYS L 699 -85.10 -21.68 -38.26
C LYS L 699 -83.59 -21.66 -38.08
N THR L 700 -83.04 -20.54 -37.60
CA THR L 700 -81.60 -20.41 -37.40
C THR L 700 -81.31 -20.50 -35.91
N LEU L 701 -80.33 -21.33 -35.55
CA LEU L 701 -79.96 -21.51 -34.16
C LEU L 701 -78.45 -21.46 -34.03
N SER L 702 -77.97 -20.77 -33.00
CA SER L 702 -76.54 -20.71 -32.70
C SER L 702 -76.33 -21.03 -31.22
N LEU L 703 -75.13 -21.47 -30.90
CA LEU L 703 -74.79 -21.85 -29.54
C LEU L 703 -73.39 -21.35 -29.20
N GLY L 704 -73.17 -21.08 -27.93
CA GLY L 704 -71.84 -20.73 -27.45
C GLY L 704 -71.50 -21.47 -26.17
N PHE L 705 -70.46 -22.30 -26.23
CA PHE L 705 -70.01 -23.05 -25.06
C PHE L 705 -68.79 -22.34 -24.49
N PHE L 706 -69.07 -21.21 -23.84
CA PHE L 706 -68.04 -20.31 -23.33
C PHE L 706 -67.64 -20.76 -21.92
N HIS L 707 -66.49 -21.39 -21.81
CA HIS L 707 -65.98 -21.85 -20.52
C HIS L 707 -64.77 -21.02 -20.08
N THR L 747 -67.66 -31.39 -22.90
CA THR L 747 -69.08 -31.04 -22.83
C THR L 747 -69.94 -32.16 -23.40
N SER L 748 -69.53 -33.41 -23.15
CA SER L 748 -70.26 -34.56 -23.66
C SER L 748 -71.68 -34.62 -23.09
N SER L 749 -71.79 -34.51 -21.77
CA SER L 749 -73.11 -34.48 -21.14
C SER L 749 -73.89 -33.25 -21.57
N PHE L 750 -73.22 -32.10 -21.67
CA PHE L 750 -73.88 -30.87 -22.11
C PHE L 750 -74.43 -31.06 -23.52
N CYS L 751 -73.60 -31.58 -24.42
CA CYS L 751 -74.00 -31.77 -25.80
C CYS L 751 -75.16 -32.76 -25.90
N ARG L 752 -75.10 -33.85 -25.13
CA ARG L 752 -76.20 -34.82 -25.15
C ARG L 752 -77.49 -34.16 -24.70
N GLY L 753 -77.45 -33.48 -23.54
CA GLY L 753 -78.65 -32.88 -23.00
C GLY L 753 -79.27 -31.86 -23.92
N LEU L 754 -78.44 -31.08 -24.62
CA LEU L 754 -78.99 -30.10 -25.55
C LEU L 754 -79.48 -30.76 -26.83
N PHE L 755 -78.61 -31.50 -27.51
CA PHE L 755 -78.88 -31.98 -28.86
C PHE L 755 -79.84 -33.15 -28.90
N SER L 756 -80.20 -33.75 -27.76
CA SER L 756 -81.24 -34.77 -27.79
C SER L 756 -82.55 -34.20 -28.30
N SER L 757 -82.90 -32.98 -27.88
CA SER L 757 -84.16 -32.37 -28.31
C SER L 757 -84.09 -31.88 -29.75
N LEU L 758 -82.90 -31.52 -30.22
CA LEU L 758 -82.77 -30.96 -31.57
C LEU L 758 -83.18 -31.95 -32.64
N SER L 759 -82.93 -33.24 -32.42
CA SER L 759 -83.40 -34.25 -33.37
C SER L 759 -84.91 -34.29 -33.45
N THR L 760 -85.60 -34.02 -32.34
CA THR L 760 -87.04 -33.98 -32.31
C THR L 760 -87.60 -32.65 -32.83
N ASN L 761 -86.76 -31.64 -32.98
CA ASN L 761 -87.23 -30.35 -33.48
C ASN L 761 -87.43 -30.44 -34.99
N ARG L 762 -88.68 -30.26 -35.43
CA ARG L 762 -89.04 -30.40 -36.84
C ARG L 762 -89.01 -29.08 -37.58
N SER L 763 -88.50 -28.02 -36.96
CA SER L 763 -88.45 -26.70 -37.60
C SER L 763 -87.05 -26.19 -37.87
N LEU L 764 -86.03 -26.69 -37.15
CA LEU L 764 -84.69 -26.16 -37.29
C LEU L 764 -84.12 -26.47 -38.67
N THR L 765 -83.47 -25.48 -39.27
CA THR L 765 -82.85 -25.64 -40.58
C THR L 765 -81.38 -25.23 -40.64
N GLU L 766 -80.94 -24.27 -39.84
CA GLU L 766 -79.55 -23.85 -39.83
C GLU L 766 -79.04 -23.92 -38.40
N LEU L 767 -77.81 -24.42 -38.24
CA LEU L 767 -77.21 -24.64 -36.93
C LEU L 767 -75.79 -24.12 -36.95
N ASP L 768 -75.54 -23.01 -36.26
CA ASP L 768 -74.22 -22.41 -36.20
C ASP L 768 -73.52 -22.88 -34.93
N LEU L 769 -72.27 -23.33 -35.08
CA LEU L 769 -71.46 -23.72 -33.93
C LEU L 769 -70.02 -23.25 -34.08
N SER L 770 -69.78 -22.18 -34.84
CA SER L 770 -68.43 -21.72 -35.09
C SER L 770 -67.78 -21.25 -33.79
N ASP L 771 -66.46 -21.46 -33.72
CA ASP L 771 -65.58 -20.99 -32.65
C ASP L 771 -65.84 -21.64 -31.31
N ASN L 772 -66.85 -22.49 -31.18
CA ASN L 772 -67.05 -23.23 -29.94
C ASN L 772 -66.05 -24.37 -29.88
N THR L 773 -65.34 -24.47 -28.78
CA THR L 773 -64.39 -25.58 -28.58
C THR L 773 -65.12 -26.77 -27.98
N LEU L 774 -66.15 -27.22 -28.69
CA LEU L 774 -66.94 -28.36 -28.24
C LEU L 774 -66.16 -29.66 -28.26
N GLY L 775 -65.00 -29.67 -28.90
CA GLY L 775 -64.13 -30.83 -28.87
C GLY L 775 -64.61 -31.93 -29.80
N ASP L 776 -63.85 -33.02 -29.78
CA ASP L 776 -64.16 -34.13 -30.68
C ASP L 776 -65.27 -35.04 -30.14
N PRO L 777 -65.24 -35.49 -28.87
CA PRO L 777 -66.37 -36.30 -28.38
C PRO L 777 -67.70 -35.56 -28.42
N GLY L 778 -67.70 -34.25 -28.15
CA GLY L 778 -68.92 -33.48 -28.32
C GLY L 778 -69.40 -33.48 -29.76
N MET L 779 -68.46 -33.44 -30.71
CA MET L 779 -68.83 -33.49 -32.12
C MET L 779 -69.44 -34.84 -32.45
N ARG L 780 -68.91 -35.91 -31.85
CA ARG L 780 -69.50 -37.23 -32.02
C ARG L 780 -70.93 -37.26 -31.48
N VAL L 781 -71.12 -36.68 -30.29
CA VAL L 781 -72.47 -36.63 -29.69
C VAL L 781 -73.42 -35.90 -30.63
N LEU L 782 -72.98 -34.76 -31.16
CA LEU L 782 -73.77 -34.04 -32.16
C LEU L 782 -74.08 -34.94 -33.35
N CYS L 783 -73.12 -35.75 -33.77
CA CYS L 783 -73.33 -36.62 -34.93
C CYS L 783 -74.43 -37.64 -34.67
N GLU L 784 -74.41 -38.31 -33.51
CA GLU L 784 -75.50 -39.26 -33.29
C GLU L 784 -76.81 -38.54 -33.02
N ALA L 785 -76.76 -37.27 -32.61
CA ALA L 785 -77.98 -36.49 -32.50
C ALA L 785 -78.59 -36.22 -33.88
N LEU L 786 -77.76 -35.89 -34.86
CA LEU L 786 -78.26 -35.44 -36.16
C LEU L 786 -78.90 -36.58 -36.95
N GLN L 787 -78.26 -37.74 -37.00
CA GLN L 787 -78.68 -38.77 -37.94
C GLN L 787 -80.02 -39.40 -37.56
N HIS L 788 -80.65 -38.90 -36.51
CA HIS L 788 -82.02 -39.28 -36.23
C HIS L 788 -82.92 -38.78 -37.35
N PRO L 789 -83.88 -39.59 -37.81
CA PRO L 789 -84.69 -39.20 -38.98
C PRO L 789 -85.53 -37.95 -38.77
N GLY L 790 -85.77 -37.56 -37.51
CA GLY L 790 -86.64 -36.42 -37.27
C GLY L 790 -86.00 -35.08 -37.56
N CYS L 791 -84.68 -34.99 -37.43
CA CYS L 791 -84.01 -33.70 -37.57
C CYS L 791 -84.10 -33.19 -39.01
N ASN L 792 -84.33 -31.89 -39.14
CA ASN L 792 -84.52 -31.24 -40.43
C ASN L 792 -83.44 -30.21 -40.75
N ILE L 793 -82.26 -30.36 -40.15
CA ILE L 793 -81.18 -29.41 -40.40
C ILE L 793 -80.67 -29.58 -41.82
N GLN L 794 -80.62 -28.48 -42.57
CA GLN L 794 -80.10 -28.46 -43.93
C GLN L 794 -78.77 -27.74 -44.03
N ARG L 795 -78.21 -27.32 -42.91
CA ARG L 795 -77.07 -26.40 -42.95
C ARG L 795 -76.30 -26.52 -41.63
N LEU L 796 -75.00 -26.76 -41.72
CA LEU L 796 -74.20 -26.98 -40.52
C LEU L 796 -72.83 -26.34 -40.71
N TRP L 797 -72.52 -25.35 -39.87
CA TRP L 797 -71.25 -24.66 -39.93
C TRP L 797 -70.44 -25.00 -38.69
N LEU L 798 -69.18 -25.37 -38.88
CA LEU L 798 -68.34 -25.87 -37.80
C LEU L 798 -66.94 -25.25 -37.86
N GLY L 799 -66.87 -23.95 -38.06
CA GLY L 799 -65.57 -23.30 -38.18
C GLY L 799 -64.85 -23.22 -36.84
N ARG L 800 -63.55 -23.51 -36.88
CA ARG L 800 -62.66 -23.38 -35.71
C ARG L 800 -63.18 -24.12 -34.49
N CYS L 801 -63.93 -25.20 -34.71
CA CYS L 801 -64.41 -25.99 -33.59
C CYS L 801 -63.31 -26.79 -32.90
N GLY L 802 -62.12 -26.84 -33.48
CA GLY L 802 -61.05 -27.63 -32.88
C GLY L 802 -61.21 -29.12 -33.08
N LEU L 803 -61.95 -29.54 -34.10
CA LEU L 803 -62.16 -30.95 -34.37
C LEU L 803 -60.86 -31.59 -34.86
N SER L 804 -60.94 -32.85 -35.28
CA SER L 804 -59.79 -33.55 -35.83
C SER L 804 -60.31 -34.68 -36.71
N HIS L 805 -59.41 -35.57 -37.12
CA HIS L 805 -59.76 -36.63 -38.04
C HIS L 805 -60.77 -37.61 -37.43
N GLN L 806 -60.86 -37.67 -36.10
CA GLN L 806 -61.77 -38.60 -35.47
C GLN L 806 -63.22 -38.27 -35.80
N CYS L 807 -63.57 -36.98 -35.80
CA CYS L 807 -64.93 -36.56 -36.09
C CYS L 807 -65.33 -36.84 -37.54
N CYS L 808 -64.34 -37.03 -38.43
CA CYS L 808 -64.66 -37.22 -39.83
C CYS L 808 -65.41 -38.53 -40.07
N PHE L 809 -65.08 -39.57 -39.31
CA PHE L 809 -65.82 -40.83 -39.41
C PHE L 809 -67.30 -40.62 -39.09
N ASP L 810 -67.56 -39.92 -37.98
CA ASP L 810 -68.94 -39.68 -37.58
C ASP L 810 -69.67 -38.79 -38.59
N ILE L 811 -68.98 -37.77 -39.11
CA ILE L 811 -69.59 -36.90 -40.10
C ILE L 811 -69.89 -37.66 -41.38
N SER L 812 -69.00 -38.58 -41.76
CA SER L 812 -69.25 -39.41 -42.92
C SER L 812 -70.48 -40.28 -42.72
N SER L 813 -70.65 -40.84 -41.52
CA SER L 813 -71.86 -41.61 -41.24
C SER L 813 -73.09 -40.72 -41.35
N VAL L 814 -73.00 -39.49 -40.83
CA VAL L 814 -74.14 -38.56 -40.91
C VAL L 814 -74.50 -38.28 -42.35
N LEU L 815 -73.49 -38.01 -43.19
CA LEU L 815 -73.74 -37.72 -44.60
C LEU L 815 -74.36 -38.93 -45.30
N SER L 816 -73.85 -40.12 -45.03
CA SER L 816 -74.39 -41.32 -45.66
C SER L 816 -75.79 -41.66 -45.15
N SER L 817 -76.18 -41.14 -44.00
CA SER L 817 -77.48 -41.45 -43.43
C SER L 817 -78.52 -40.33 -43.59
N SER L 818 -78.08 -39.08 -43.74
CA SER L 818 -78.98 -37.94 -43.81
C SER L 818 -79.05 -37.42 -45.25
N GLN L 819 -80.27 -37.15 -45.71
CA GLN L 819 -80.51 -36.65 -47.05
C GLN L 819 -81.09 -35.23 -47.06
N LYS L 820 -81.07 -34.54 -45.92
CA LYS L 820 -81.56 -33.16 -45.85
C LYS L 820 -80.45 -32.13 -45.79
N LEU L 821 -79.27 -32.51 -45.28
CA LEU L 821 -78.17 -31.57 -45.17
C LEU L 821 -77.74 -31.10 -46.55
N VAL L 822 -77.54 -29.79 -46.70
CA VAL L 822 -77.26 -29.17 -47.99
C VAL L 822 -75.81 -28.70 -48.08
N GLU L 823 -75.40 -27.76 -47.24
CA GLU L 823 -74.01 -27.34 -47.22
C GLU L 823 -73.38 -27.75 -45.91
N LEU L 824 -72.08 -27.51 -45.79
CA LEU L 824 -71.32 -27.95 -44.63
C LEU L 824 -70.00 -27.20 -44.59
N ASP L 825 -69.59 -26.79 -43.39
CA ASP L 825 -68.36 -26.04 -43.21
C ASP L 825 -67.46 -26.77 -42.22
N LEU L 826 -66.17 -26.83 -42.53
CA LEU L 826 -65.18 -27.42 -41.63
C LEU L 826 -63.90 -26.60 -41.61
N SER L 827 -64.01 -25.30 -41.83
CA SER L 827 -62.82 -24.47 -41.97
C SER L 827 -62.02 -24.42 -40.68
N ASP L 828 -60.69 -24.43 -40.83
CA ASP L 828 -59.75 -24.21 -39.73
C ASP L 828 -59.82 -25.31 -38.67
N ASN L 829 -60.14 -26.54 -39.07
CA ASN L 829 -59.98 -27.71 -38.23
C ASN L 829 -58.92 -28.61 -38.82
N ALA L 830 -58.02 -29.11 -37.98
CA ALA L 830 -56.89 -29.88 -38.47
C ALA L 830 -57.34 -31.28 -38.91
N LEU L 831 -58.23 -31.34 -39.90
CA LEU L 831 -58.71 -32.63 -40.38
C LEU L 831 -57.57 -33.46 -40.97
N GLY L 832 -56.78 -32.86 -41.86
CA GLY L 832 -55.70 -33.57 -42.49
C GLY L 832 -56.15 -34.43 -43.66
N ASP L 833 -55.16 -34.91 -44.40
CA ASP L 833 -55.44 -35.76 -45.55
C ASP L 833 -56.16 -37.04 -45.15
N PHE L 834 -55.83 -37.59 -43.97
CA PHE L 834 -56.57 -38.76 -43.49
C PHE L 834 -58.02 -38.40 -43.21
N GLY L 835 -58.26 -37.22 -42.64
CA GLY L 835 -59.63 -36.79 -42.41
C GLY L 835 -60.41 -36.65 -43.71
N ILE L 836 -59.75 -36.13 -44.76
CA ILE L 836 -60.41 -36.05 -46.06
C ILE L 836 -60.67 -37.44 -46.61
N ARG L 837 -59.73 -38.36 -46.42
CA ARG L 837 -59.92 -39.74 -46.86
C ARG L 837 -61.13 -40.36 -46.18
N LEU L 838 -61.33 -40.04 -44.90
CA LEU L 838 -62.51 -40.52 -44.18
C LEU L 838 -63.79 -39.89 -44.70
N LEU L 839 -63.75 -38.57 -44.94
CA LEU L 839 -64.95 -37.88 -45.42
C LEU L 839 -65.38 -38.38 -46.79
N CYS L 840 -64.43 -38.61 -47.69
CA CYS L 840 -64.78 -38.98 -49.06
C CYS L 840 -65.62 -40.25 -49.11
N VAL L 841 -65.48 -41.13 -48.12
CA VAL L 841 -66.29 -42.35 -48.08
C VAL L 841 -67.76 -41.99 -47.95
N GLY L 842 -68.07 -41.05 -47.04
CA GLY L 842 -69.45 -40.58 -46.94
C GLY L 842 -69.88 -39.76 -48.14
N LEU L 843 -68.97 -38.92 -48.65
CA LEU L 843 -69.32 -38.06 -49.78
C LEU L 843 -69.66 -38.88 -51.02
N LYS L 844 -68.88 -39.94 -51.28
CA LYS L 844 -69.11 -40.78 -52.45
C LYS L 844 -70.41 -41.57 -52.35
N HIS L 845 -71.04 -41.62 -51.19
CA HIS L 845 -72.28 -42.35 -51.04
C HIS L 845 -73.37 -41.75 -51.91
N LEU L 846 -74.21 -42.61 -52.48
CA LEU L 846 -75.22 -42.17 -53.43
C LEU L 846 -76.32 -41.34 -52.80
N LEU L 847 -76.42 -41.32 -51.47
CA LEU L 847 -77.45 -40.57 -50.78
C LEU L 847 -76.93 -39.27 -50.18
N CYS L 848 -75.74 -38.83 -50.58
CA CYS L 848 -75.21 -37.55 -50.11
C CYS L 848 -75.73 -36.43 -50.99
N ASN L 849 -76.39 -35.45 -50.37
CA ASN L 849 -76.97 -34.31 -51.08
C ASN L 849 -76.18 -33.04 -50.86
N LEU L 850 -74.91 -33.14 -50.47
CA LEU L 850 -74.10 -31.97 -50.18
C LEU L 850 -73.93 -31.12 -51.44
N GLN L 851 -73.95 -29.79 -51.25
CA GLN L 851 -73.78 -28.86 -52.34
C GLN L 851 -72.57 -27.95 -52.17
N LYS L 852 -72.42 -27.33 -51.01
CA LYS L 852 -71.30 -26.44 -50.74
C LYS L 852 -70.47 -27.02 -49.62
N LEU L 853 -69.18 -27.19 -49.86
CA LEU L 853 -68.28 -27.81 -48.88
C LEU L 853 -67.06 -26.92 -48.68
N TRP L 854 -66.94 -26.31 -47.51
CA TRP L 854 -65.76 -25.55 -47.18
C TRP L 854 -64.73 -26.44 -46.53
N LEU L 855 -63.47 -26.29 -46.93
CA LEU L 855 -62.37 -27.02 -46.30
C LEU L 855 -61.17 -26.11 -46.10
N VAL L 856 -61.41 -24.82 -45.84
CA VAL L 856 -60.34 -23.85 -45.82
C VAL L 856 -59.43 -24.09 -44.62
N SER L 857 -58.12 -24.13 -44.87
CA SER L 857 -57.11 -24.22 -43.81
C SER L 857 -57.28 -25.48 -42.96
N CYS L 858 -57.58 -26.59 -43.61
CA CYS L 858 -57.76 -27.86 -42.92
C CYS L 858 -56.46 -28.65 -42.80
N CYS L 859 -55.31 -28.00 -42.90
CA CYS L 859 -54.00 -28.64 -42.78
C CYS L 859 -53.86 -29.80 -43.77
N LEU L 860 -54.36 -29.61 -44.98
CA LEU L 860 -54.31 -30.66 -45.99
C LEU L 860 -52.97 -30.67 -46.70
N THR L 861 -52.78 -31.70 -47.53
CA THR L 861 -51.65 -31.81 -48.44
C THR L 861 -52.19 -32.33 -49.76
N SER L 862 -51.27 -32.55 -50.71
CA SER L 862 -51.69 -33.00 -52.04
C SER L 862 -52.23 -34.42 -52.01
N ALA L 863 -51.85 -35.22 -51.01
CA ALA L 863 -52.22 -36.62 -50.98
C ALA L 863 -53.74 -36.80 -50.94
N CYS L 864 -54.44 -35.94 -50.20
CA CYS L 864 -55.89 -36.04 -50.12
C CYS L 864 -56.55 -35.74 -51.45
N CYS L 865 -55.88 -34.94 -52.30
CA CYS L 865 -56.51 -34.45 -53.52
C CYS L 865 -57.06 -35.59 -54.36
N GLN L 866 -56.28 -36.66 -54.53
CA GLN L 866 -56.73 -37.80 -55.32
C GLN L 866 -58.10 -38.27 -54.85
N ASP L 867 -58.26 -38.45 -53.54
CA ASP L 867 -59.54 -38.89 -53.00
C ASP L 867 -60.65 -37.93 -53.40
N LEU L 868 -60.39 -36.63 -53.26
CA LEU L 868 -61.37 -35.62 -53.62
C LEU L 868 -61.83 -35.80 -55.06
N ALA L 869 -60.90 -36.17 -55.95
CA ALA L 869 -61.25 -36.36 -57.35
C ALA L 869 -62.39 -37.36 -57.50
N LEU L 870 -62.31 -38.48 -56.77
CA LEU L 870 -63.37 -39.48 -56.88
C LEU L 870 -64.72 -38.90 -56.51
N VAL L 871 -64.74 -38.00 -55.52
CA VAL L 871 -65.99 -37.36 -55.11
C VAL L 871 -66.64 -36.69 -56.31
N LEU L 872 -65.85 -35.96 -57.10
CA LEU L 872 -66.40 -35.22 -58.23
C LEU L 872 -66.96 -36.17 -59.29
N SER L 873 -66.52 -37.42 -59.31
CA SER L 873 -67.06 -38.40 -60.23
C SER L 873 -68.01 -39.38 -59.54
N SER L 874 -68.30 -39.18 -58.26
CA SER L 874 -69.28 -40.00 -57.58
C SER L 874 -70.48 -39.19 -57.10
N ASN L 875 -70.25 -37.97 -56.63
CA ASN L 875 -71.31 -37.07 -56.21
C ASN L 875 -71.48 -35.97 -57.24
N HIS L 876 -72.70 -35.81 -57.74
CA HIS L 876 -73.01 -34.75 -58.69
C HIS L 876 -73.71 -33.56 -58.05
N SER L 877 -74.19 -33.69 -56.81
CA SER L 877 -74.81 -32.56 -56.14
C SER L 877 -73.81 -31.54 -55.65
N LEU L 878 -72.53 -31.91 -55.54
CA LEU L 878 -71.50 -30.98 -55.08
C LEU L 878 -71.28 -29.91 -56.14
N THR L 879 -71.76 -28.70 -55.88
CA THR L 879 -71.57 -27.61 -56.83
C THR L 879 -70.27 -26.85 -56.58
N ARG L 880 -70.12 -26.26 -55.40
CA ARG L 880 -68.99 -25.39 -55.11
C ARG L 880 -68.13 -25.99 -54.02
N LEU L 881 -66.82 -25.96 -54.24
CA LEU L 881 -65.82 -26.43 -53.29
C LEU L 881 -64.91 -25.27 -52.91
N TYR L 882 -64.40 -25.29 -51.70
CA TYR L 882 -63.50 -24.24 -51.23
C TYR L 882 -62.36 -24.90 -50.46
N ILE L 883 -61.27 -25.20 -51.17
CA ILE L 883 -60.16 -25.92 -50.57
C ILE L 883 -58.94 -25.02 -50.47
N GLY L 884 -59.17 -23.73 -50.31
CA GLY L 884 -58.08 -22.79 -50.26
C GLY L 884 -57.30 -22.84 -48.96
N GLU L 885 -56.15 -22.17 -48.98
CA GLU L 885 -55.27 -22.05 -47.81
C GLU L 885 -54.83 -23.44 -47.34
N ASN L 886 -54.33 -24.24 -48.28
CA ASN L 886 -53.75 -25.54 -47.99
C ASN L 886 -52.51 -25.71 -48.85
N ALA L 887 -51.61 -26.58 -48.38
CA ALA L 887 -50.39 -26.85 -49.14
C ALA L 887 -50.66 -27.88 -50.23
N LEU L 888 -51.69 -27.65 -51.06
CA LEU L 888 -52.01 -28.57 -52.13
C LEU L 888 -50.86 -28.69 -53.12
N GLY L 889 -50.57 -27.60 -53.81
CA GLY L 889 -49.48 -27.58 -54.78
C GLY L 889 -49.94 -27.96 -56.18
N ASP L 890 -49.00 -27.81 -57.12
CA ASP L 890 -49.29 -28.07 -58.52
C ASP L 890 -49.67 -29.53 -58.76
N SER L 891 -49.00 -30.45 -58.06
CA SER L 891 -49.33 -31.86 -58.23
C SER L 891 -50.77 -32.14 -57.83
N GLY L 892 -51.19 -31.63 -56.68
CA GLY L 892 -52.56 -31.85 -56.24
C GLY L 892 -53.58 -31.18 -57.14
N VAL L 893 -53.29 -29.96 -57.59
CA VAL L 893 -54.23 -29.29 -58.48
C VAL L 893 -54.34 -30.03 -59.81
N GLN L 894 -53.22 -30.55 -60.32
CA GLN L 894 -53.26 -31.35 -61.54
C GLN L 894 -54.07 -32.62 -61.32
N VAL L 895 -53.92 -33.26 -60.16
CA VAL L 895 -54.67 -34.49 -59.88
C VAL L 895 -56.16 -34.20 -59.86
N LEU L 896 -56.55 -33.09 -59.24
CA LEU L 896 -57.97 -32.70 -59.25
C LEU L 896 -58.45 -32.41 -60.67
N CYS L 897 -57.69 -31.60 -61.41
CA CYS L 897 -58.15 -31.14 -62.71
C CYS L 897 -58.27 -32.29 -63.70
N GLU L 898 -57.31 -33.22 -63.68
CA GLU L 898 -57.31 -34.32 -64.64
C GLU L 898 -58.63 -35.09 -64.58
N LYS L 899 -59.17 -35.31 -63.39
CA LYS L 899 -60.48 -35.90 -63.26
C LYS L 899 -61.59 -34.88 -63.48
N MET L 900 -61.30 -33.60 -63.29
CA MET L 900 -62.30 -32.55 -63.40
C MET L 900 -62.66 -32.19 -64.83
N LYS L 901 -61.82 -32.55 -65.81
CA LYS L 901 -62.07 -32.13 -67.19
C LYS L 901 -63.34 -32.73 -67.78
N ASP L 902 -63.92 -33.74 -67.16
CA ASP L 902 -65.12 -34.35 -67.70
C ASP L 902 -66.25 -33.33 -67.74
N PRO L 903 -66.90 -33.14 -68.89
CA PRO L 903 -68.03 -32.20 -68.94
C PRO L 903 -69.18 -32.58 -68.04
N GLN L 904 -69.30 -33.86 -67.65
CA GLN L 904 -70.35 -34.28 -66.73
C GLN L 904 -70.08 -33.79 -65.31
N CYS L 905 -68.85 -33.44 -64.98
CA CYS L 905 -68.54 -32.91 -63.66
C CYS L 905 -69.34 -31.64 -63.42
N ASN L 906 -69.96 -31.56 -62.24
CA ASN L 906 -70.91 -30.49 -61.92
C ASN L 906 -70.31 -29.40 -61.05
N LEU L 907 -69.01 -29.41 -60.82
CA LEU L 907 -68.39 -28.41 -59.95
C LEU L 907 -68.46 -27.03 -60.61
N GLN L 908 -68.73 -26.02 -59.80
CA GLN L 908 -68.90 -24.65 -60.30
C GLN L 908 -67.85 -23.69 -59.78
N LYS L 909 -67.72 -23.53 -58.46
CA LYS L 909 -67.03 -22.37 -57.91
C LYS L 909 -65.79 -22.74 -57.11
N LEU L 910 -64.95 -23.62 -57.65
CA LEU L 910 -63.74 -24.04 -56.96
C LEU L 910 -62.92 -22.83 -56.52
N GLY L 911 -62.12 -23.04 -55.48
CA GLY L 911 -61.24 -22.00 -54.98
C GLY L 911 -59.93 -22.54 -54.47
N LEU L 912 -58.83 -21.87 -54.74
CA LEU L 912 -57.49 -22.32 -54.34
C LEU L 912 -56.71 -21.16 -53.74
N VAL L 913 -57.35 -20.40 -52.86
CA VAL L 913 -56.70 -19.26 -52.24
C VAL L 913 -55.47 -19.69 -51.47
N ASN L 914 -54.34 -19.04 -51.75
CA ASN L 914 -53.11 -19.23 -50.99
C ASN L 914 -52.68 -20.71 -50.94
N SER L 915 -52.79 -21.39 -52.08
CA SER L 915 -52.43 -22.80 -52.16
C SER L 915 -50.96 -23.01 -52.52
N GLY L 916 -50.19 -21.94 -52.67
CA GLY L 916 -48.79 -22.09 -53.03
C GLY L 916 -48.55 -22.68 -54.39
N LEU L 917 -49.41 -22.37 -55.37
CA LEU L 917 -49.30 -22.96 -56.70
C LEU L 917 -48.24 -22.24 -57.51
N THR L 918 -48.07 -22.68 -58.76
CA THR L 918 -47.16 -22.06 -59.71
C THR L 918 -47.79 -22.26 -61.09
N SER L 919 -47.08 -21.92 -62.15
CA SER L 919 -47.64 -21.98 -63.49
C SER L 919 -47.83 -23.41 -63.99
N ILE L 920 -47.32 -24.40 -63.25
CA ILE L 920 -47.38 -25.79 -63.71
C ILE L 920 -48.82 -26.26 -63.82
N CYS L 921 -49.63 -25.97 -62.80
CA CYS L 921 -51.02 -26.40 -62.80
C CYS L 921 -51.90 -25.57 -63.74
N CYS L 922 -51.34 -24.49 -64.31
CA CYS L 922 -52.14 -23.62 -65.16
C CYS L 922 -52.56 -24.33 -66.44
N SER L 923 -51.74 -25.27 -66.94
CA SER L 923 -52.15 -26.05 -68.10
C SER L 923 -53.35 -26.91 -67.79
N ALA L 924 -53.36 -27.54 -66.61
CA ALA L 924 -54.52 -28.34 -66.21
C ALA L 924 -55.75 -27.47 -66.05
N LEU L 925 -55.58 -26.27 -65.47
CA LEU L 925 -56.70 -25.34 -65.35
C LEU L 925 -57.20 -24.92 -66.73
N THR L 926 -56.28 -24.74 -67.67
CA THR L 926 -56.64 -24.43 -69.05
C THR L 926 -57.48 -25.54 -69.66
N SER L 927 -57.09 -26.78 -69.41
CA SER L 927 -57.89 -27.91 -69.88
C SER L 927 -59.27 -27.90 -69.26
N VAL L 928 -59.36 -27.59 -67.96
CA VAL L 928 -60.65 -27.53 -67.29
C VAL L 928 -61.54 -26.48 -67.95
N LEU L 929 -60.99 -25.29 -68.18
CA LEU L 929 -61.76 -24.23 -68.83
C LEU L 929 -62.18 -24.63 -70.24
N LYS L 930 -61.29 -25.27 -70.98
CA LYS L 930 -61.59 -25.70 -72.34
C LYS L 930 -62.71 -26.73 -72.37
N THR L 931 -62.79 -27.61 -71.38
CA THR L 931 -63.72 -28.73 -71.41
C THR L 931 -65.00 -28.47 -70.63
N ASN L 932 -64.90 -28.08 -69.37
CA ASN L 932 -66.08 -27.96 -68.51
C ASN L 932 -66.97 -26.82 -68.97
N GLN L 933 -68.27 -27.03 -68.90
CA GLN L 933 -69.26 -26.02 -69.31
C GLN L 933 -70.04 -25.44 -68.14
N ASN L 934 -69.64 -25.75 -66.90
CA ASN L 934 -70.32 -25.23 -65.73
C ASN L 934 -69.37 -24.57 -64.72
N PHE L 935 -68.07 -24.59 -64.98
CA PHE L 935 -67.07 -24.06 -64.06
C PHE L 935 -67.05 -22.54 -64.17
N THR L 936 -67.97 -21.90 -63.44
CA THR L 936 -68.16 -20.47 -63.59
C THR L 936 -67.08 -19.66 -62.88
N HIS L 937 -67.03 -19.74 -61.57
CA HIS L 937 -66.10 -18.92 -60.82
C HIS L 937 -64.79 -19.68 -60.58
N LEU L 938 -63.78 -18.96 -60.12
CA LEU L 938 -62.48 -19.54 -59.85
C LEU L 938 -61.62 -18.52 -59.13
N TYR L 939 -60.93 -18.95 -58.08
CA TYR L 939 -60.11 -18.06 -57.26
C TYR L 939 -58.66 -18.52 -57.34
N LEU L 940 -57.72 -17.56 -57.43
CA LEU L 940 -56.31 -17.94 -57.41
C LEU L 940 -55.43 -17.01 -56.58
N ARG L 941 -55.99 -16.26 -55.63
CA ARG L 941 -55.16 -15.23 -55.01
C ARG L 941 -54.02 -15.86 -54.21
N SER L 942 -52.97 -15.06 -54.01
CA SER L 942 -51.79 -15.45 -53.24
C SER L 942 -51.10 -16.68 -53.81
N ASN L 943 -51.14 -16.85 -55.12
CA ASN L 943 -50.42 -17.91 -55.82
C ASN L 943 -49.43 -17.29 -56.79
N ALA L 944 -48.17 -17.72 -56.71
CA ALA L 944 -47.13 -17.18 -57.59
C ALA L 944 -47.27 -17.76 -59.00
N LEU L 945 -48.38 -17.40 -59.65
CA LEU L 945 -48.63 -17.89 -61.00
C LEU L 945 -47.64 -17.29 -62.00
N GLY L 946 -47.48 -15.98 -61.98
CA GLY L 946 -46.60 -15.30 -62.91
C GLY L 946 -47.27 -15.04 -64.25
N ASP L 947 -46.56 -14.27 -65.08
CA ASP L 947 -47.07 -13.95 -66.41
C ASP L 947 -47.18 -15.19 -67.29
N THR L 948 -46.27 -16.14 -67.15
CA THR L 948 -46.40 -17.40 -67.87
C THR L 948 -47.69 -18.12 -67.47
N GLY L 949 -48.00 -18.14 -66.17
CA GLY L 949 -49.24 -18.74 -65.73
C GLY L 949 -50.46 -18.03 -66.28
N LEU L 950 -50.42 -16.69 -66.30
CA LEU L 950 -51.55 -15.96 -66.85
C LEU L 950 -51.72 -16.24 -68.33
N ARG L 951 -50.61 -16.36 -69.06
CA ARG L 951 -50.68 -16.72 -70.47
C ARG L 951 -51.28 -18.11 -70.64
N LEU L 952 -50.89 -19.05 -69.78
CA LEU L 952 -51.45 -20.39 -69.87
C LEU L 952 -52.95 -20.38 -69.60
N LEU L 953 -53.39 -19.58 -68.62
CA LEU L 953 -54.83 -19.44 -68.40
C LEU L 953 -55.51 -18.81 -69.62
N CYS L 954 -54.88 -17.81 -70.22
CA CYS L 954 -55.41 -17.19 -71.43
C CYS L 954 -55.55 -18.22 -72.54
N GLU L 955 -54.70 -19.23 -72.56
CA GLU L 955 -54.77 -20.27 -73.59
C GLU L 955 -56.15 -20.92 -73.61
N GLY L 956 -56.74 -21.16 -72.44
CA GLY L 956 -58.06 -21.76 -72.37
C GLY L 956 -59.18 -20.75 -72.25
N LEU L 957 -58.85 -19.55 -71.79
CA LEU L 957 -59.85 -18.49 -71.69
C LEU L 957 -60.38 -18.11 -73.06
N LEU L 958 -59.49 -18.08 -74.06
CA LEU L 958 -59.87 -17.69 -75.41
C LEU L 958 -60.74 -18.73 -76.11
N HIS L 959 -60.90 -19.91 -75.51
CA HIS L 959 -61.68 -20.96 -76.15
C HIS L 959 -63.15 -20.51 -76.29
N PRO L 960 -63.76 -20.73 -77.46
CA PRO L 960 -65.16 -20.30 -77.63
C PRO L 960 -66.13 -21.00 -76.70
N ASP L 961 -65.78 -22.18 -76.18
CA ASP L 961 -66.66 -22.93 -75.30
C ASP L 961 -66.51 -22.53 -73.83
N CYS L 962 -65.72 -21.49 -73.54
CA CYS L 962 -65.47 -21.09 -72.17
C CYS L 962 -66.76 -20.59 -71.51
N LYS L 963 -66.80 -20.72 -70.17
CA LYS L 963 -67.94 -20.26 -69.40
C LYS L 963 -67.53 -19.54 -68.12
N LEU L 964 -66.23 -19.31 -67.91
CA LEU L 964 -65.75 -18.71 -66.68
C LEU L 964 -66.33 -17.32 -66.47
N GLN L 965 -67.13 -17.15 -65.41
CA GLN L 965 -67.80 -15.89 -65.14
C GLN L 965 -67.07 -15.03 -64.12
N MET L 966 -65.90 -15.44 -63.66
CA MET L 966 -65.06 -14.56 -62.85
C MET L 966 -63.71 -15.25 -62.71
N LEU L 967 -62.66 -14.46 -62.52
CA LEU L 967 -61.31 -15.03 -62.41
C LEU L 967 -60.48 -14.12 -61.53
N GLU L 968 -60.45 -14.42 -60.23
CA GLU L 968 -59.68 -13.61 -59.29
C GLU L 968 -58.19 -13.89 -59.46
N LEU L 969 -57.39 -12.82 -59.45
CA LEU L 969 -55.94 -12.93 -59.57
C LEU L 969 -55.21 -12.09 -58.53
N ASP L 970 -55.89 -11.65 -57.48
CA ASP L 970 -55.28 -10.71 -56.54
C ASP L 970 -54.01 -11.30 -55.94
N ASN L 971 -52.97 -10.46 -55.81
CA ASN L 971 -51.71 -10.84 -55.18
C ASN L 971 -51.06 -12.05 -55.84
N CYS L 972 -51.34 -12.29 -57.12
CA CYS L 972 -50.72 -13.42 -57.80
C CYS L 972 -49.27 -13.16 -58.19
N SER L 973 -48.73 -11.98 -57.86
CA SER L 973 -47.38 -11.57 -58.25
C SER L 973 -47.24 -11.60 -59.77
N LEU L 974 -48.07 -10.79 -60.42
CA LEU L 974 -48.07 -10.67 -61.87
C LEU L 974 -47.11 -9.58 -62.33
N THR L 975 -47.03 -9.41 -63.65
CA THR L 975 -46.21 -8.38 -64.26
C THR L 975 -46.82 -7.98 -65.60
N SER L 976 -46.18 -7.02 -66.25
CA SER L 976 -46.71 -6.38 -67.45
C SER L 976 -46.36 -7.13 -68.73
N HIS L 977 -45.64 -8.25 -68.65
CA HIS L 977 -45.19 -8.91 -69.87
C HIS L 977 -46.34 -9.63 -70.58
N SER L 978 -47.25 -10.24 -69.81
CA SER L 978 -48.41 -10.93 -70.38
C SER L 978 -49.59 -10.00 -70.58
N CYS L 979 -49.33 -8.71 -70.75
CA CYS L 979 -50.37 -7.69 -70.71
C CYS L 979 -51.22 -7.73 -71.98
N TRP L 980 -50.58 -8.00 -73.12
CA TRP L 980 -51.30 -8.28 -74.35
C TRP L 980 -52.30 -9.42 -74.16
N ASN L 981 -51.94 -10.39 -73.33
CA ASN L 981 -52.87 -11.49 -73.05
C ASN L 981 -54.11 -10.98 -72.32
N LEU L 982 -53.94 -10.03 -71.40
CA LEU L 982 -55.09 -9.42 -70.75
C LEU L 982 -55.98 -8.74 -71.77
N SER L 983 -55.35 -7.99 -72.68
CA SER L 983 -56.13 -7.31 -73.73
C SER L 983 -56.89 -8.32 -74.58
N THR L 984 -56.23 -9.43 -74.93
CA THR L 984 -56.86 -10.46 -75.74
C THR L 984 -58.04 -11.10 -75.02
N ILE L 985 -57.86 -11.37 -73.72
CA ILE L 985 -58.94 -11.96 -72.93
C ILE L 985 -60.15 -11.05 -72.93
N LEU L 986 -59.94 -9.74 -72.69
CA LEU L 986 -61.08 -8.84 -72.71
C LEU L 986 -61.70 -8.71 -74.09
N THR L 987 -60.90 -8.74 -75.16
CA THR L 987 -61.45 -8.57 -76.49
C THR L 987 -62.21 -9.79 -76.99
N HIS L 988 -61.88 -10.99 -76.51
CA HIS L 988 -62.47 -12.20 -77.07
C HIS L 988 -63.44 -12.91 -76.12
N ASN L 989 -63.17 -12.91 -74.83
CA ASN L 989 -64.08 -13.57 -73.87
C ASN L 989 -65.34 -12.75 -73.76
N HIS L 990 -66.45 -13.28 -74.29
CA HIS L 990 -67.75 -12.62 -74.20
C HIS L 990 -68.55 -13.06 -72.98
N SER L 991 -68.03 -14.00 -72.19
CA SER L 991 -68.77 -14.55 -71.05
C SER L 991 -68.23 -14.06 -69.71
N LEU L 992 -66.93 -13.84 -69.60
CA LEU L 992 -66.36 -13.34 -68.35
C LEU L 992 -66.98 -12.00 -67.98
N ARG L 993 -67.38 -11.85 -66.72
CA ARG L 993 -68.07 -10.65 -66.27
C ARG L 993 -67.49 -10.04 -65.00
N LYS L 994 -66.37 -10.55 -64.50
CA LYS L 994 -65.70 -9.96 -63.34
C LYS L 994 -64.22 -10.26 -63.45
N LEU L 995 -63.43 -9.63 -62.59
CA LEU L 995 -61.98 -9.80 -62.64
C LEU L 995 -61.38 -9.10 -61.44
N ASN L 996 -60.17 -9.53 -61.07
CA ASN L 996 -59.44 -8.95 -59.95
C ASN L 996 -57.96 -8.85 -60.32
N LEU L 997 -57.33 -7.71 -59.99
CA LEU L 997 -55.90 -7.57 -60.20
C LEU L 997 -55.18 -6.92 -59.03
N GLY L 998 -55.72 -7.03 -57.81
CA GLY L 998 -55.11 -6.34 -56.69
C GLY L 998 -53.68 -6.79 -56.45
N ASN L 999 -52.86 -5.84 -56.01
CA ASN L 999 -51.45 -6.10 -55.67
C ASN L 999 -50.67 -6.68 -56.83
N ASN L 1000 -50.98 -6.22 -58.04
CA ASN L 1000 -50.25 -6.63 -59.24
C ASN L 1000 -49.66 -5.40 -59.91
N ASP L 1001 -48.34 -5.33 -59.95
CA ASP L 1001 -47.64 -4.22 -60.60
C ASP L 1001 -47.74 -4.42 -62.11
N LEU L 1002 -48.72 -3.77 -62.73
CA LEU L 1002 -48.92 -3.89 -64.17
C LEU L 1002 -48.38 -2.69 -64.95
N GLY L 1003 -48.18 -1.55 -64.31
CA GLY L 1003 -47.61 -0.40 -64.97
C GLY L 1003 -48.66 0.46 -65.66
N ASP L 1004 -48.28 1.71 -65.91
CA ASP L 1004 -49.22 2.67 -66.49
C ASP L 1004 -49.64 2.29 -67.90
N LEU L 1005 -48.71 1.79 -68.71
CA LEU L 1005 -49.04 1.39 -70.06
C LEU L 1005 -50.11 0.30 -70.06
N CYS L 1006 -49.98 -0.66 -69.15
CA CYS L 1006 -51.00 -1.71 -69.07
C CYS L 1006 -52.35 -1.14 -68.68
N VAL L 1007 -52.39 -0.22 -67.72
CA VAL L 1007 -53.68 0.33 -67.31
C VAL L 1007 -54.33 1.08 -68.46
N VAL L 1008 -53.55 1.87 -69.21
CA VAL L 1008 -54.15 2.65 -70.30
C VAL L 1008 -54.57 1.73 -71.45
N THR L 1009 -53.81 0.67 -71.70
CA THR L 1009 -54.23 -0.31 -72.71
C THR L 1009 -55.51 -1.02 -72.28
N LEU L 1010 -55.61 -1.37 -70.99
CA LEU L 1010 -56.86 -1.88 -70.44
C LEU L 1010 -58.01 -0.91 -70.70
N CYS L 1011 -57.78 0.38 -70.45
CA CYS L 1011 -58.80 1.38 -70.69
C CYS L 1011 -59.26 1.37 -72.14
N GLU L 1012 -58.31 1.47 -73.07
CA GLU L 1012 -58.68 1.56 -74.48
C GLU L 1012 -59.33 0.29 -74.98
N VAL L 1013 -58.93 -0.87 -74.44
CA VAL L 1013 -59.62 -2.11 -74.78
C VAL L 1013 -61.05 -2.08 -74.28
N LEU L 1014 -61.25 -1.61 -73.04
CA LEU L 1014 -62.60 -1.56 -72.47
C LEU L 1014 -63.49 -0.55 -73.17
N LYS L 1015 -62.91 0.43 -73.88
CA LYS L 1015 -63.72 1.48 -74.47
C LYS L 1015 -64.75 0.93 -75.45
N GLN L 1016 -64.37 -0.07 -76.25
CA GLN L 1016 -65.26 -0.55 -77.30
C GLN L 1016 -66.48 -1.25 -76.72
N GLN L 1017 -67.53 -1.34 -77.54
CA GLN L 1017 -68.78 -1.97 -77.12
C GLN L 1017 -68.72 -3.49 -77.18
N GLY L 1018 -67.64 -4.07 -77.69
CA GLY L 1018 -67.52 -5.51 -77.78
C GLY L 1018 -67.16 -6.20 -76.48
N CYS L 1019 -66.94 -5.45 -75.40
CA CYS L 1019 -66.56 -6.00 -74.11
C CYS L 1019 -67.77 -5.95 -73.18
N LEU L 1020 -68.10 -7.10 -72.58
CA LEU L 1020 -69.24 -7.22 -71.68
C LEU L 1020 -68.84 -7.30 -70.22
N LEU L 1021 -67.58 -6.98 -69.89
CA LEU L 1021 -67.14 -7.00 -68.51
C LEU L 1021 -67.95 -6.00 -67.68
N GLN L 1022 -68.33 -6.42 -66.47
CA GLN L 1022 -69.19 -5.62 -65.61
C GLN L 1022 -68.56 -5.27 -64.27
N SER L 1023 -67.28 -5.55 -64.08
CA SER L 1023 -66.58 -5.18 -62.85
C SER L 1023 -65.09 -5.46 -63.03
N LEU L 1024 -64.27 -4.74 -62.27
CA LEU L 1024 -62.83 -4.88 -62.33
C LEU L 1024 -62.24 -4.12 -61.17
N GLN L 1025 -61.17 -4.67 -60.59
CA GLN L 1025 -60.55 -4.07 -59.42
C GLN L 1025 -59.05 -3.88 -59.68
N LEU L 1026 -58.57 -2.69 -59.37
CA LEU L 1026 -57.15 -2.34 -59.42
C LEU L 1026 -56.71 -1.79 -58.08
N GLY L 1027 -57.08 -2.46 -57.00
CA GLY L 1027 -56.80 -1.93 -55.67
C GLY L 1027 -55.32 -2.05 -55.33
N GLU L 1028 -54.85 -1.07 -54.56
CA GLU L 1028 -53.55 -1.12 -53.89
C GLU L 1028 -52.37 -1.19 -54.87
N MET L 1029 -52.25 -0.14 -55.68
CA MET L 1029 -51.00 0.16 -56.38
C MET L 1029 -51.00 1.63 -56.75
N TYR L 1030 -49.81 2.13 -57.09
CA TYR L 1030 -49.59 3.55 -57.36
C TYR L 1030 -49.64 3.79 -58.86
N LEU L 1031 -50.70 4.44 -59.33
CA LEU L 1031 -50.92 4.74 -60.72
C LEU L 1031 -50.47 6.16 -61.04
N ASN L 1032 -50.83 6.65 -62.22
CA ASN L 1032 -50.40 7.95 -62.71
C ASN L 1032 -51.61 8.88 -62.85
N ARG L 1033 -51.33 10.17 -63.00
CA ARG L 1033 -52.38 11.15 -63.23
C ARG L 1033 -53.10 10.89 -64.54
N GLU L 1034 -52.35 10.61 -65.61
CA GLU L 1034 -52.96 10.24 -66.87
C GLU L 1034 -53.78 8.97 -66.73
N THR L 1035 -53.27 8.00 -65.99
CA THR L 1035 -54.02 6.79 -65.71
C THR L 1035 -55.33 7.11 -65.00
N LYS L 1036 -55.28 8.00 -64.01
CA LYS L 1036 -56.49 8.38 -63.29
C LYS L 1036 -57.49 9.07 -64.20
N ARG L 1037 -57.01 9.92 -65.11
CA ARG L 1037 -57.93 10.56 -66.05
C ARG L 1037 -58.58 9.53 -66.96
N ALA L 1038 -57.80 8.56 -67.45
CA ALA L 1038 -58.37 7.53 -68.32
C ALA L 1038 -59.42 6.71 -67.58
N LEU L 1039 -59.14 6.34 -66.33
CA LEU L 1039 -60.10 5.58 -65.54
C LEU L 1039 -61.37 6.40 -65.26
N GLU L 1040 -61.22 7.68 -64.92
CA GLU L 1040 -62.39 8.52 -64.73
C GLU L 1040 -63.20 8.62 -66.02
N ALA L 1041 -62.53 8.75 -67.16
CA ALA L 1041 -63.24 8.81 -68.43
C ALA L 1041 -64.05 7.53 -68.65
N LEU L 1042 -63.40 6.38 -68.57
CA LEU L 1042 -64.11 5.13 -68.82
C LEU L 1042 -65.26 4.94 -67.84
N GLN L 1043 -65.12 5.47 -66.62
CA GLN L 1043 -66.28 5.49 -65.73
C GLN L 1043 -67.35 6.45 -66.23
N GLU L 1044 -66.95 7.51 -66.94
CA GLU L 1044 -67.92 8.51 -67.38
C GLU L 1044 -68.75 8.02 -68.56
N GLU L 1045 -68.09 7.68 -69.68
CA GLU L 1045 -68.88 7.30 -70.86
C GLU L 1045 -69.67 6.01 -70.65
N LYS L 1046 -69.10 5.03 -69.97
CA LYS L 1046 -69.83 3.80 -69.62
C LYS L 1046 -69.87 3.65 -68.11
N PRO L 1047 -71.01 3.95 -67.47
CA PRO L 1047 -71.07 3.84 -66.00
C PRO L 1047 -71.30 2.43 -65.49
N GLU L 1048 -71.71 1.49 -66.35
CA GLU L 1048 -71.97 0.13 -65.89
C GLU L 1048 -70.71 -0.58 -65.44
N LEU L 1049 -69.59 -0.32 -66.12
CA LEU L 1049 -68.33 -1.02 -65.84
C LEU L 1049 -67.68 -0.38 -64.62
N THR L 1050 -67.88 -1.04 -63.48
CA THR L 1050 -67.34 -0.53 -62.22
C THR L 1050 -65.84 -0.74 -62.14
N ILE L 1051 -65.16 0.18 -61.47
CA ILE L 1051 -63.73 0.09 -61.21
C ILE L 1051 -63.48 0.45 -59.75
N VAL L 1052 -62.52 -0.25 -59.13
CA VAL L 1052 -62.18 -0.02 -57.74
C VAL L 1052 -60.72 0.42 -57.71
N PHE L 1053 -60.32 1.20 -58.72
CA PHE L 1053 -58.92 1.58 -58.89
C PHE L 1053 -58.36 2.28 -57.65
N GLU L 1054 -59.19 3.09 -56.99
CA GLU L 1054 -58.70 3.83 -55.84
C GLU L 1054 -58.26 2.89 -54.73
N ILE L 1055 -57.07 3.14 -54.19
CA ILE L 1055 -56.51 2.28 -53.17
C ILE L 1055 -57.26 2.46 -51.85
PB ADP M . 28.68 -67.96 -11.33
O1B ADP M . 28.28 -68.82 -10.16
O2B ADP M . 30.17 -67.89 -11.57
O3B ADP M . 27.97 -66.65 -11.42
PA ADP M . 28.23 -68.14 -14.08
O1A ADP M . 27.26 -66.98 -14.14
O2A ADP M . 29.69 -67.90 -14.40
O3A ADP M . 28.13 -68.78 -12.61
O5' ADP M . 27.67 -69.31 -15.02
C5' ADP M . 27.66 -69.15 -16.44
C4' ADP M . 26.80 -70.24 -17.08
O4' ADP M . 25.55 -70.32 -16.39
C3' ADP M . 26.51 -69.92 -18.54
O3' ADP M . 27.00 -70.97 -19.38
C2' ADP M . 24.99 -69.85 -18.66
O2' ADP M . 24.53 -70.79 -19.62
C1' ADP M . 24.44 -70.20 -17.29
N9 ADP M . 23.59 -69.10 -16.79
C8 ADP M . 23.79 -68.45 -15.63
N7 ADP M . 22.84 -67.50 -15.43
C5 ADP M . 22.01 -67.52 -16.48
C6 ADP M . 20.80 -66.78 -16.91
N6 ADP M . 20.29 -65.80 -16.14
N1 ADP M . 20.23 -67.13 -18.08
C2 ADP M . 20.73 -68.11 -18.86
N3 ADP M . 21.83 -68.83 -18.53
C4 ADP M . 22.50 -68.59 -17.37
C10 7YN N . 28.21 -76.81 -9.08
C20 7YN N . 26.84 -74.74 -1.84
C22 7YN N . 26.56 -74.79 -0.44
C24 7YN N . 25.34 -75.29 0.27
C01 7YN N . 27.10 -77.43 -8.29
C02 7YN N . 26.49 -76.99 -7.12
C03 7YN N . 26.71 -78.62 -8.92
C04 7YN N . 25.47 -77.79 -6.60
C05 7YN N . 25.71 -79.41 -8.42
C06 7YN N . 25.09 -78.98 -7.26
C07 7YN N . 24.61 -77.64 -5.40
C08 7YN N . 23.66 -78.85 -5.37
C09 7YN N . 23.99 -79.71 -6.58
C11 7YN N . 28.34 -77.64 -10.37
C12 7YN N . 27.49 -78.90 -10.15
C14 7YN N . 27.71 -75.63 -5.32
C19 7YN N . 28.12 -74.20 -2.00
C23 7YN N . 27.68 -74.27 0.15
C25 7YN N . 25.70 -75.95 1.62
C27 7YN N . 24.36 -74.13 0.57
N13 7YN N . 26.91 -75.75 -6.48
N15 7YN N . 28.03 -74.28 -4.83
O16 7YN N . 28.14 -76.59 -4.70
O18 7YN N . 29.17 -72.52 -3.48
O21 7YN N . 28.62 -73.92 -0.75
O26 7YN N . 24.74 -76.21 -0.58
O28 7YN N . 30.04 -74.81 -3.42
S17 7YN N . 28.96 -73.91 -3.47
PB ADP O . -13.31 -50.72 -53.10
O1B ADP O . -14.61 -51.43 -52.74
O2B ADP O . -12.13 -51.63 -53.29
O3B ADP O . -13.02 -49.49 -52.27
PA ADP O . -12.48 -49.21 -55.30
O1A ADP O . -12.35 -47.92 -54.52
O2A ADP O . -11.26 -50.07 -55.53
O3A ADP O . -13.58 -50.12 -54.57
O5' ADP O . -13.16 -48.90 -56.72
C5' ADP O . -12.45 -48.18 -57.73
C4' ADP O . -13.39 -47.86 -58.89
O4' ADP O . -14.63 -47.34 -58.38
C3' ADP O . -12.79 -46.81 -59.80
O3' ADP O . -12.67 -47.32 -61.13
C2' ADP O . -13.76 -45.64 -59.80
O2' ADP O . -14.18 -45.35 -61.13
C1' ADP O . -14.94 -46.08 -58.95
N9 ADP O . -15.15 -45.12 -57.83
C8 ADP O . -15.18 -45.48 -56.54
N7 ADP O . -15.38 -44.41 -55.74
C5 ADP O . -15.50 -43.33 -56.52
C6 ADP O . -15.72 -41.89 -56.32
N6 ADP O . -15.88 -41.38 -55.07
N1 ADP O . -15.78 -41.09 -57.41
C2 ADP O . -15.63 -41.60 -58.65
N3 ADP O . -15.42 -42.90 -58.91
C4 ADP O . -15.35 -43.81 -57.91
C10 7YN P . -19.54 -55.98 -57.08
C20 7YN P . -22.45 -57.37 -50.12
C22 7YN P . -23.30 -57.84 -49.06
C24 7YN P . -24.73 -57.53 -48.79
C01 7YN P . -21.00 -55.93 -56.80
C02 7YN P . -21.68 -55.88 -55.57
C03 7YN P . -21.70 -55.96 -58.01
C04 7YN P . -23.08 -55.85 -55.64
C05 7YN P . -23.07 -55.93 -58.08
C06 7YN P . -23.74 -55.87 -56.87
C07 7YN P . -24.11 -55.78 -54.56
C08 7YN P . -25.48 -55.73 -55.25
C09 7YN P . -25.22 -55.83 -56.76
C11 7YN P . -19.39 -55.82 -58.60
C12 7YN P . -20.80 -56.02 -59.19
C14 7YN P . -20.85 -56.89 -53.38
C19 7YN P . -21.19 -57.95 -49.93
C23 7YN P . -22.50 -58.65 -48.30
C25 7YN P . -25.48 -58.75 -48.24
C27 7YN P . -24.88 -56.39 -47.74
N13 7YN P . -20.94 -55.85 -54.32
N15 7YN P . -20.05 -56.65 -52.17
O16 7YN P . -21.41 -57.97 -53.50
O18 7YN P . -18.85 -57.16 -50.04
O21 7YN P . -21.24 -58.75 -48.81
O26 7YN P . -25.28 -57.13 -50.01
O28 7YN P . -19.59 -59.02 -51.47
S17 7YN P . -19.79 -57.75 -50.90
PB ADP Q . -15.04 7.79 -72.68
O1B ADP Q . -16.50 8.14 -72.79
O2B ADP Q . -14.63 6.55 -73.42
O3B ADP Q . -14.48 7.88 -71.27
PA ADP Q . -12.69 9.14 -73.35
O1A ADP Q . -12.36 9.63 -71.97
O2A ADP Q . -12.06 7.86 -73.85
O3A ADP Q . -14.29 8.97 -73.46
O5' ADP Q . -12.36 10.32 -74.40
C5' ADP Q . -11.03 10.73 -74.64
C4' ADP Q . -11.01 12.09 -75.32
O4' ADP Q . -11.84 13.00 -74.58
C3' ADP Q . -9.61 12.66 -75.37
O3' ADP Q . -9.22 12.90 -76.72
C2' ADP Q . -9.67 13.98 -74.62
O2' ADP Q . -9.26 15.05 -75.47
C1' ADP Q . -11.12 14.17 -74.20
N9 ADP Q . -11.20 14.27 -72.72
C8 ADP Q . -11.94 13.46 -71.94
N7 ADP Q . -11.83 13.79 -70.64
C5 ADP Q . -11.01 14.85 -70.57
C6 ADP Q . -10.47 15.69 -69.48
N6 ADP Q . -10.81 15.46 -68.18
N1 ADP Q . -9.64 16.70 -69.81
C2 ADP Q . -9.31 16.94 -71.09
N3 ADP Q . -9.76 16.21 -72.13
C4 ADP Q . -10.60 15.17 -71.94
C10 7YN R . -20.87 11.23 -78.83
C20 7YN R . -26.68 9.32 -74.21
C22 7YN R . -27.99 9.16 -73.69
C24 7YN R . -28.96 10.19 -73.20
C01 7YN R . -21.96 12.19 -78.54
C02 7YN R . -22.92 12.18 -77.52
C03 7YN R . -21.93 13.22 -79.50
C04 7YN R . -23.84 13.25 -77.51
C05 7YN R . -22.82 14.27 -79.49
C06 7YN R . -23.77 14.26 -78.48
C07 7YN R . -24.97 13.57 -76.59
C08 7YN R . -25.54 14.92 -77.04
C09 7YN R . -24.81 15.31 -78.32
C11 7YN R . -20.03 11.85 -79.96
C12 7YN R . -20.83 13.04 -80.49
C14 7YN R . -23.83 10.03 -76.50
C19 7YN R . -26.17 8.06 -74.51
C23 7YN R . -28.20 7.80 -73.68
C25 7YN R . -30.40 9.84 -73.61
C27 7YN R . -28.94 10.32 -71.67
N13 7YN R . -22.95 11.12 -76.54
N15 7YN R . -23.68 9.04 -75.41
O16 7YN R . -24.73 9.86 -77.31
O18 7YN R . -24.01 6.90 -74.17
O21 7YN R . -27.13 7.13 -74.18
O26 7YN R . -28.57 11.39 -73.79
O28 7YN R . -24.94 7.12 -76.45
S17 7YN R . -24.64 7.66 -75.17
PB ADP S . 25.05 48.98 -50.43
O1B ADP S . 24.27 50.26 -50.24
O2B ADP S . 24.98 48.41 -51.83
O3B ADP S . 24.89 47.98 -49.33
PA ADP S . 27.77 48.36 -50.28
O1A ADP S . 27.67 47.58 -48.99
O2A ADP S . 27.73 47.62 -51.60
O3A ADP S . 26.59 49.45 -50.29
O5' ADP S . 29.10 49.26 -50.22
C5' ADP S . 30.39 48.64 -50.27
C4' ADP S . 31.46 49.66 -49.87
O4' ADP S . 31.06 50.33 -48.68
C3' ADP S . 32.79 48.98 -49.62
O3' ADP S . 33.79 49.50 -50.50
C2' ADP S . 33.15 49.31 -48.18
O2' ADP S . 34.42 49.97 -48.14
C1' ADP S . 32.07 50.24 -47.67
N9 ADP S . 31.44 49.66 -46.46
C8 ADP S . 30.13 49.40 -46.33
N7 ADP S . 29.83 48.89 -45.12
C5 ADP S . 30.99 48.82 -44.43
C6 ADP S . 31.39 48.35 -43.08
N6 ADP S . 30.48 47.87 -42.21
N1 ADP S . 32.70 48.43 -42.75
C2 ADP S . 33.62 48.92 -43.61
N3 ADP S . 33.32 49.35 -44.85
C4 ADP S . 32.04 49.33 -45.32
C10 7YN T . 25.58 57.81 -52.74
C20 7YN T . 18.43 58.75 -50.19
C22 7YN T . 17.18 59.34 -49.83
C24 7YN T . 16.88 60.38 -48.79
C01 7YN T . 25.21 58.95 -51.85
C02 7YN T . 24.10 59.12 -51.03
C03 7YN T . 26.22 59.92 -51.92
C04 7YN T . 24.04 60.31 -50.29
C05 7YN T . 26.17 61.09 -51.19
C06 7YN T . 25.07 61.27 -50.39
C07 7YN T . 23.01 60.82 -49.34
C08 7YN T . 23.51 62.19 -48.84
C09 7YN T . 24.83 62.47 -49.54
C11 7YN T . 27.01 58.09 -53.24
C12 7YN T . 27.32 59.54 -52.84
C14 7YN T . 21.80 58.14 -51.58
C19 7YN T . 18.19 57.84 -51.22
C23 7YN T . 16.26 58.75 -50.66
C25 7YN T . 15.74 61.32 -49.24
C27 7YN T . 16.44 59.72 -47.46
N13 7YN T . 23.07 58.11 -50.97
N15 7YN T . 20.89 57.01 -51.39
O16 7YN T . 21.42 59.09 -52.25
O18 7YN T . 18.90 55.54 -51.77
O21 7YN T . 16.84 57.86 -51.50
O26 7YN T . 18.05 61.10 -48.60
O28 7YN T . 19.35 57.37 -53.35
S17 7YN T . 19.33 56.86 -52.04
PB ADP U . 66.98 31.76 -8.59
O1B ADP U . 67.09 32.88 -7.59
O2B ADP U . 67.22 32.17 -10.02
O3B ADP U . 65.80 30.85 -8.39
PA ADP U . 68.47 29.44 -9.05
O1A ADP U . 67.35 28.49 -8.67
O2A ADP U . 68.70 29.77 -10.50
O3A ADP U . 68.24 30.81 -8.25
O5' ADP U . 69.83 28.87 -8.42
C5' ADP U . 70.45 27.69 -8.93
C4' ADP U . 71.61 27.28 -8.02
O4' ADP U . 71.22 27.34 -6.66
C3' ADP U . 72.05 25.86 -8.32
O3' ADP U . 73.44 25.85 -8.71
C2' ADP U . 71.89 25.10 -7.01
O2' ADP U . 73.14 24.52 -6.63
C1' ADP U . 71.43 26.11 -5.98
N9 ADP U . 70.15 25.69 -5.38
C8 ADP U . 69.04 26.45 -5.37
N7 ADP U . 68.01 25.82 -4.75
C5 ADP U . 68.47 24.61 -4.36
C6 ADP U . 67.89 23.45 -3.64
N6 ADP U . 66.60 23.45 -3.23
N1 ADP U . 68.70 22.40 -3.42
C2 ADP U . 69.98 22.39 -3.82
N3 ADP U . 70.57 23.41 -4.47
C4 ADP U . 69.88 24.54 -4.77
C10 7YN V . 73.36 36.95 -4.81
C20 7YN V . 67.76 41.37 -1.98
C22 7YN V . 67.05 42.37 -1.25
C24 7YN V . 66.98 42.60 0.23
C01 7YN V . 73.36 37.42 -3.40
C02 7YN V . 72.31 37.98 -2.65
C03 7YN V . 74.64 37.24 -2.86
C04 7YN V . 72.62 38.34 -1.33
C05 7YN V . 74.95 37.59 -1.56
C06 7YN V . 73.92 38.14 -0.82
C07 7YN V . 71.79 38.95 -0.26
C08 7YN V . 72.68 39.06 1.00
C09 7YN V . 74.07 38.58 0.60
C11 7YN V . 74.72 36.25 -5.03
C12 7YN V . 75.59 36.64 -3.83
C14 7YN V . 70.39 39.38 -3.58
C19 7YN V . 67.52 41.58 -3.33
C23 7YN V . 66.44 43.13 -2.21
C25 7YN V . 66.96 44.10 0.57
C27 7YN V . 65.69 41.97 0.82
N13 7YN V . 71.00 38.17 -3.23
N15 7YN V . 69.04 39.34 -4.16
O16 7YN V . 70.93 40.47 -3.43
O18 7YN V . 66.96 40.15 -5.29
O21 7YN V . 66.70 42.68 -3.46
O26 7YN V . 68.11 42.00 0.78
O28 7YN V . 68.98 41.56 -5.33
S17 7YN V . 68.11 40.67 -4.66
PB ADP W . 68.79 -26.78 10.89
O1B ADP W . 69.07 -26.71 12.37
O2B ADP W . 69.78 -26.03 10.04
O3B ADP W . 67.35 -26.57 10.51
PA ADP W . 68.61 -28.89 9.07
O1A ADP W . 67.11 -28.97 9.04
O2A ADP W . 69.34 -28.09 8.02
O3A ADP W . 69.05 -28.32 10.52
O5' ADP W . 69.19 -30.39 9.08
C5' ADP W . 69.06 -31.23 7.93
C4' ADP W . 69.30 -32.68 8.32
O4' ADP W . 68.50 -33.01 9.45
C3' ADP W . 68.92 -33.62 7.18
O3' ADP W . 70.05 -34.39 6.79
C2' ADP W . 67.84 -34.53 7.74
O2' ADP W . 68.26 -35.89 7.64
C1' ADP W . 67.66 -34.15 9.19
N9 ADP W . 66.26 -33.73 9.44
C8 ADP W . 65.91 -32.52 9.92
N7 ADP W . 64.56 -32.42 10.03
C5 ADP W . 64.03 -33.58 9.61
C6 ADP W . 62.66 -34.13 9.48
N6 ADP W . 61.58 -33.39 9.82
N1 ADP W . 62.54 -35.39 9.01
C2 ADP W . 63.61 -36.12 8.66
N3 ADP W . 64.88 -35.68 8.76
C4 ADP W . 65.16 -34.44 9.22
C10 7YN X . 74.65 -30.22 17.00
C20 7YN X . 71.92 -25.30 22.20
C22 7YN X . 71.71 -24.60 23.43
C24 7YN X . 71.13 -25.09 24.72
C01 7YN X . 74.30 -30.68 18.38
C02 7YN X . 73.52 -30.05 19.36
C03 7YN X . 74.89 -31.93 18.61
C04 7YN X . 73.37 -30.75 20.57
C05 7YN X . 74.74 -32.61 19.80
C06 7YN X . 73.97 -32.00 20.77
C07 7YN X . 72.62 -30.39 21.81
C08 7YN X . 72.76 -31.58 22.77
C09 7YN X . 73.71 -32.59 22.11
C11 7YN X . 75.38 -31.42 16.33
C12 7YN X . 75.68 -32.43 17.44
C14 7YN X . 73.34 -27.51 19.58
C19 7YN X . 72.48 -24.41 21.29
C23 7YN X . 72.14 -23.32 23.17
C25 7YN X . 71.87 -24.49 25.93
C27 7YN X . 69.64 -24.71 24.86
N13 7YN X . 72.92 -28.76 19.10
N15 7YN X . 72.59 -26.32 19.19
O16 7YN X . 74.32 -27.38 20.31
O18 7YN X . 72.10 -23.88 18.89
O21 7YN X . 72.61 -23.19 21.91
O26 7YN X . 71.26 -26.48 24.71
O28 7YN X . 74.34 -24.57 19.66
S17 7YN X . 72.93 -24.72 19.67
PB ADP Y . -43.75 -49.73 34.40
O1B ADP Y . -45.16 -49.21 34.51
O2B ADP Y . -42.73 -48.69 34.03
O3B ADP Y . -43.62 -51.04 33.65
PA ADP Y . -43.21 -48.98 37.03
O1A ADP Y . -44.56 -48.29 37.17
O2A ADP Y . -41.99 -48.15 36.70
O3A ADP Y . -43.35 -50.12 35.91
O5' ADP Y . -42.92 -49.81 38.37
C5' ADP Y . -42.81 -49.15 39.62
C4' ADP Y . -42.20 -50.09 40.66
O4' ADP Y . -41.05 -50.72 40.12
C3' ADP Y . -41.77 -49.33 41.91
O3' ADP Y . -42.47 -49.84 43.06
C2' ADP Y . -40.28 -49.60 42.06
O2' ADP Y . -40.02 -50.19 43.34
C1' ADP Y . -39.90 -50.55 40.95
N9 ADP Y . -38.83 -49.96 40.12
C8 ADP Y . -38.91 -49.76 38.79
N7 ADP Y . -37.78 -49.21 38.30
C5 ADP Y . -36.93 -49.04 39.33
C6 ADP Y . -35.56 -48.52 39.50
N6 ADP Y . -34.86 -48.04 38.45
N1 ADP Y . -35.03 -48.52 40.75
C2 ADP Y . -35.72 -49.00 41.80
N3 ADP Y . -36.97 -49.49 41.72
C4 ADP Y . -37.62 -49.55 40.53
C10 7YN Z . -45.54 -58.61 35.62
C20 7YN Z . -44.06 -59.78 28.21
C22 7YN Z . -43.87 -60.41 26.94
C24 7YN Z . -42.83 -61.42 26.51
C01 7YN Z . -44.67 -59.72 35.17
C02 7YN Z . -44.02 -59.91 33.94
C03 7YN Z . -44.53 -60.64 36.21
C04 7YN Z . -43.24 -61.07 33.82
C05 7YN Z . -43.78 -61.79 36.09
C06 7YN Z . -43.14 -61.99 34.89
C07 7YN Z . -42.43 -61.59 32.68
C08 7YN Z . -41.80 -62.92 33.15
C09 7YN Z . -42.29 -63.15 34.58
C11 7YN Z . -45.81 -58.84 37.12
C12 7YN Z . -45.30 -60.26 37.42
C14 7YN Z . -44.95 -59.07 31.72
C19 7YN Z . -45.15 -58.92 28.09
C23 7YN Z . -44.86 -59.90 26.13
C25 7YN Z . -43.41 -62.42 25.50
C27 7YN Z . -41.62 -60.73 25.86
N13 7YN Z . -44.15 -58.94 32.88
N15 7YN Z . -44.95 -57.96 30.75
O16 7YN Z . -45.64 -60.05 31.48
O18 7YN Z . -45.70 -56.61 28.79
O21 7YN Z . -45.64 -59.01 26.80
O26 7YN Z . -42.44 -62.07 27.68
O28 7YN Z . -47.10 -58.48 29.54
S17 7YN Z . -45.84 -57.91 29.29
PB ADP AA . 3.06 -28.93 68.73
O1B ADP AA . 1.69 -29.37 69.17
O2B ADP AA . 3.08 -28.07 67.49
O3B ADP AA . 4.10 -30.02 68.74
PA ADP AA . 2.86 -26.48 70.04
O1A ADP AA . 1.38 -26.68 70.26
O2A ADP AA . 3.31 -25.62 68.89
O3A ADP AA . 3.53 -27.93 69.89
O5' ADP AA . 3.52 -25.92 71.40
C5' ADP AA . 3.11 -24.67 71.95
C4' ADP AA . 4.12 -24.21 72.99
O4' ADP AA . 5.44 -24.27 72.43
C3' ADP AA . 3.86 -22.78 73.43
O3' ADP AA . 3.66 -22.73 74.84
C2' ADP AA . 5.10 -21.99 73.05
O2' ADP AA . 5.65 -21.37 74.23
C1' ADP AA . 6.09 -23.00 72.50
N9 ADP AA . 6.46 -22.62 71.11
C8 ADP AA . 6.33 -23.43 70.05
N7 ADP AA . 6.75 -22.82 68.91
C5 ADP AA . 7.17 -21.59 69.24
C6 ADP AA . 7.72 -20.43 68.51
N6 ADP AA . 7.92 -20.47 67.17
N1 ADP AA . 8.04 -19.32 69.23
C2 ADP AA . 7.83 -19.27 70.56
N3 ADP AA . 7.33 -20.29 71.28
C4 ADP AA . 6.98 -21.45 70.70
C10 7YN BA . 8.06 -33.69 74.64
C20 7YN BA . 10.20 -38.24 68.86
C22 7YN BA . 10.86 -39.24 68.08
C24 7YN BA . 12.31 -39.42 67.78
C01 7YN BA . 9.47 -34.11 74.44
C02 7YN BA . 10.08 -34.69 73.31
C03 7YN BA . 10.19 -33.85 75.60
C04 7YN BA . 11.45 -34.97 73.44
C05 7YN BA . 11.54 -34.13 75.73
C06 7YN BA . 12.15 -34.70 74.62
C07 7YN BA . 12.40 -35.58 72.46
C08 7YN BA . 13.79 -35.60 73.15
C09 7YN BA . 13.58 -35.07 74.57
C11 7YN BA . 8.03 -32.95 76.00
C12 7YN BA . 9.36 -33.24 76.69
C14 7YN BA . 8.92 -36.21 71.62
C19 7YN BA . 8.83 -38.52 68.83
C23 7YN BA . 9.85 -40.07 67.65
C25 7YN BA . 12.72 -40.91 67.76
C27 7YN BA . 12.68 -38.83 66.41
N13 7YN BA . 9.32 -34.95 72.12
N15 7YN BA . 8.14 -36.25 70.38
O16 7YN BA . 9.21 -37.27 72.16
O18 7YN BA . 6.75 -37.20 68.54
O21 7YN BA . 8.63 -39.67 68.09
O26 7YN BA . 13.00 -38.74 68.79
O28 7YN BA . 7.09 -38.52 70.59
S17 7YN BA . 7.58 -37.65 69.59
PB ADP CA . 19.92 30.33 65.21
O1B ADP CA . 19.26 29.59 66.34
O2B ADP CA . 19.33 30.03 63.85
O3B ADP CA . 21.43 30.33 65.26
PA ADP CA . 18.00 32.35 65.22
O1A ADP CA . 17.10 31.56 66.12
O2A ADP CA . 17.74 32.36 63.74
O3A ADP CA . 19.52 31.87 65.46
O5' ADP CA . 18.02 33.88 65.74
C5' ADP CA . 16.84 34.66 65.74
C4' ADP CA . 17.19 36.14 65.87
O4' ADP CA . 18.17 36.49 64.89
C3' ADP CA . 15.97 37.02 65.62
O3' ADP CA . 15.71 37.83 66.78
C2' ADP CA . 16.31 37.90 64.44
O2' ADP CA . 16.21 39.28 64.81
C1' ADP CA . 17.74 37.56 64.06
N9 ADP CA . 17.78 37.09 62.66
C8 ADP CA . 18.26 35.89 62.28
N7 ADP CA . 18.17 35.73 60.93
C5 ADP CA . 17.63 36.84 60.43
C6 ADP CA . 17.26 37.33 59.07
N6 ADP CA . 17.47 36.56 57.98
N1 ADP CA . 16.71 38.56 58.98
C2 ADP CA . 16.51 39.33 60.06
N3 ADP CA . 16.82 38.95 61.32
C4 ADP CA . 17.38 37.74 61.56
C10 7YN DA . 26.69 34.29 69.92
C20 7YN DA . 31.63 29.45 66.62
C22 7YN DA . 32.84 28.79 66.24
C24 7YN DA . 34.02 29.30 65.47
C01 7YN DA . 27.97 34.78 69.34
C02 7YN DA . 28.85 34.15 68.44
C03 7YN DA . 28.23 36.06 69.84
C04 7YN DA . 29.99 34.89 68.08
C05 7YN DA . 29.35 36.78 69.49
C06 7YN DA . 30.22 36.17 68.59
C07 7YN DA . 31.13 34.55 67.16
C08 7YN DA . 32.04 35.79 67.11
C09 7YN DA . 31.47 36.80 68.10
C11 7YN DA . 26.08 35.47 70.68
C12 7YN DA . 27.18 36.54 70.77
C14 7YN DA . 29.17 31.62 68.34
C19 7YN DA . 30.86 28.55 67.34
C23 7YN DA . 32.73 27.53 66.76
C25 7YN DA . 35.35 28.78 66.04
C27 7YN DA . 33.95 28.86 63.99
N13 7YN DA . 28.57 32.83 67.94
N15 7YN DA . 28.73 30.38 67.70
O16 7YN DA . 30.05 31.56 69.19
O18 7YN DA . 28.46 27.91 67.34
O21 7YN DA . 31.55 27.35 67.42
O26 7YN DA . 33.96 30.69 65.55
O28 7YN DA . 29.53 28.72 69.42
S17 7YN DA . 29.31 28.81 68.03
PB ADP EA . -9.98 68.73 27.37
O1B ADP EA . -9.98 68.69 28.87
O2B ADP EA . -10.12 67.37 26.73
O3B ADP EA . -8.93 69.60 26.75
PA ADP EA . -12.77 68.76 27.33
O1A ADP EA . -12.86 68.58 28.83
O2A ADP EA . -12.93 67.55 26.43
O3A ADP EA . -11.36 69.46 26.99
O5' ADP EA . -13.85 69.86 26.88
C5' ADP EA . -15.24 69.65 27.10
C4' ADP EA . -16.05 70.67 26.30
O4' ADP EA . -15.56 70.72 24.96
C3' ADP EA . -17.52 70.28 26.25
O3' ADP EA . -18.32 71.32 26.83
C2' ADP EA . -17.86 70.14 24.77
O2' ADP EA . -18.93 71.02 24.43
C1' ADP EA . -16.61 70.52 24.00
N9 ADP EA . -16.20 69.40 23.13
C8 ADP EA . -14.98 68.80 23.17
N7 ADP EA . -14.89 67.82 22.25
C5 ADP EA . -16.06 67.77 21.58
C6 ADP EA . -16.63 66.95 20.49
N6 ADP EA . -15.90 65.98 19.90
N1 ADP EA . -17.89 67.22 20.09
C2 ADP EA . -18.62 68.20 20.66
N3 ADP EA . -18.17 68.98 21.67
C4 ADP EA . -16.91 68.82 22.17
C10 7YN FA . -8.24 77.61 26.21
C20 7YN FA . -1.21 75.77 23.83
C22 7YN FA . 0.13 75.86 23.33
C24 7YN FA . 0.63 76.33 21.99
C01 7YN FA . -7.66 78.21 24.98
C02 7YN FA . -6.57 77.79 24.21
C03 7YN FA . -8.39 79.34 24.63
C04 7YN FA . -6.26 78.56 23.08
C05 7YN FA . -8.09 80.12 23.53
C06 7YN FA . -7.02 79.71 22.76
C07 7YN FA . -5.19 78.41 22.06
C08 7YN FA . -5.36 79.58 21.06
C09 7YN FA . -6.55 80.41 21.55
C11 7YN FA . -9.54 78.40 26.50
C12 7YN FA . -9.51 79.62 25.58
C14 7YN FA . -4.55 76.56 25.18
C19 7YN FA . -1.15 75.28 25.13
C23 7YN FA . 0.92 75.42 24.37
C25 7YN FA . 1.98 77.06 22.12
C27 7YN FA . 0.83 75.14 21.03
N13 7YN FA . -5.82 76.60 24.57
N15 7YN FA . -3.96 75.25 25.48
O16 7YN FA . -3.92 77.56 25.48
O18 7YN FA . -2.37 73.59 26.47
O21 7YN FA . 0.18 75.07 25.45
O26 7YN FA . -0.35 77.19 21.50
O28 7YN FA . -2.28 75.93 27.23
S17 7YN FA . -2.45 74.97 26.21
PB ADP GA . -56.79 47.91 -7.02
O1B ADP GA . -56.84 48.87 -5.85
O2B ADP GA . -55.87 46.73 -6.82
O3B ADP GA . -56.67 48.57 -8.38
PA ADP GA . -58.76 46.36 -5.80
O1A ADP GA . -58.85 47.26 -4.59
O2A ADP GA . -57.93 45.10 -5.74
O3A ADP GA . -58.25 47.24 -7.04
O5' ADP GA . -60.26 45.96 -6.25
C5' ADP GA . -61.12 45.24 -5.37
C4' ADP GA . -62.38 44.81 -6.11
O4' ADP GA . -62.05 44.27 -7.38
C3' ADP GA . -63.15 43.76 -5.33
O3' ADP GA . -64.46 44.22 -5.02
C2' ADP GA . -63.23 42.55 -6.23
O2' ADP GA . -64.60 42.19 -6.45
C1' ADP GA . -62.60 42.96 -7.56
N9 ADP GA . -61.48 42.06 -7.89
C8 ADP GA . -60.22 42.46 -8.13
N7 ADP GA . -59.41 41.41 -8.42
C5 ADP GA . -60.16 40.29 -8.36
C6 ADP GA . -59.91 38.85 -8.56
N6 ADP GA . -58.69 38.38 -8.88
N1 ADP GA . -60.97 38.01 -8.42
C2 ADP GA . -62.19 38.47 -8.10
N3 ADP GA . -62.48 39.77 -7.91
C4 ADP GA . -61.52 40.72 -8.02
C10 7YN HA . -61.89 52.71 -12.76
C20 7YN HA . -55.52 54.25 -16.76
C22 7YN HA . -54.63 54.71 -17.78
C24 7YN HA . -54.56 54.34 -19.23
C01 7YN HA . -61.84 52.60 -14.25
C02 7YN HA . -60.73 52.58 -15.10
C03 7YN HA . -63.14 52.55 -14.74
C04 7YN HA . -61.01 52.48 -16.47
C05 7YN HA . -63.41 52.46 -16.09
C06 7YN HA . -62.33 52.43 -16.94
C07 7YN HA . -60.09 52.42 -17.65
C08 7YN HA . -60.98 52.27 -18.90
C09 7YN HA . -62.43 52.33 -18.41
C11 7YN HA . -63.36 52.49 -12.37
C12 7YN HA . -64.17 52.60 -13.66
C14 7YN HA . -58.47 53.72 -14.66
C19 7YN HA . -55.18 54.90 -15.57
C23 7YN HA . -53.80 55.60 -17.15
C25 7YN HA . -54.19 55.56 -20.10
C27 7YN HA . -53.51 53.25 -19.49
N13 7YN HA . -59.38 52.64 -14.57
N15 7YN HA . -57.16 53.56 -14.05
O16 7YN HA . -58.74 54.77 -15.24
O18 7YN HA . -54.89 54.22 -13.20
O21 7YN HA . -54.11 55.73 -15.83
O26 7YN HA . -55.84 53.88 -19.57
O28 7YN HA . -56.50 55.99 -13.79
S17 7YN HA . -55.91 54.72 -14.03
PB ADP IA . -73.67 -11.33 -3.41
O1B ADP IA . -74.40 -10.10 -2.94
O2B ADP IA . -72.21 -11.35 -3.07
O3B ADP IA . -73.99 -11.77 -4.82
PA ADP IA . -73.92 -12.61 -0.94
O1A ADP IA . -74.37 -11.33 -0.28
O2A ADP IA . -72.48 -13.04 -0.81
O3A ADP IA . -74.28 -12.52 -2.50
O5' ADP IA . -74.85 -13.81 -0.42
C5' ADP IA . -74.87 -14.17 0.96
C4' ADP IA . -75.48 -15.55 1.13
O4' ADP IA . -74.84 -16.47 0.25
C3' ADP IA . -75.28 -16.07 2.56
O3' ADP IA . -76.55 -16.34 3.16
C2' ADP IA . -74.48 -17.35 2.43
O2' ADP IA . -75.22 -18.43 3.01
C1' ADP IA . -74.29 -17.59 0.94
N9 ADP IA . -72.84 -17.64 0.64
C8 ADP IA . -72.23 -16.84 -0.24
N7 ADP IA . -70.90 -17.10 -0.33
C5 ADP IA . -70.65 -18.12 0.52
C6 ADP IA . -69.46 -18.90 0.91
N6 ADP IA . -68.24 -18.63 0.37
N1 ADP IA . -69.62 -19.87 1.83
C2 ADP IA . -70.82 -20.15 2.36
N3 ADP IA . -71.95 -19.48 2.05
C4 ADP IA . -71.93 -18.48 1.15
C10 7YN JA . -80.48 -15.29 -8.09
C20 7YN JA . -76.88 -13.48 -14.60
C22 7YN JA . -76.56 -13.35 -15.99
C24 7YN JA . -76.19 -14.40 -16.99
C01 7YN JA . -80.31 -16.30 -9.18
C02 7YN JA . -79.44 -16.29 -10.28
C03 7YN JA . -81.20 -17.35 -8.95
C04 7YN JA . -79.52 -17.40 -11.14
C05 7YN JA . -81.27 -18.44 -9.80
C06 7YN JA . -80.43 -18.44 -10.89
C07 7YN JA . -78.77 -17.72 -12.38
C08 7YN JA . -79.24 -19.12 -12.84
C09 7YN JA . -80.38 -19.52 -11.90
C11 7YN JA . -81.44 -15.93 -7.07
C12 7YN JA . -82.03 -17.17 -7.73
C14 7YN JA . -78.67 -14.14 -11.42
C19 7YN JA . -77.16 -12.20 -14.11
C23 7YN JA . -76.67 -12.01 -16.25
C25 7YN JA . -76.83 -14.14 -18.36
C27 7YN JA . -74.66 -14.47 -17.18
N13 7YN JA . -78.54 -15.18 -10.50
N15 7YN JA . -77.63 -13.11 -11.47
O16 7YN JA . -79.62 -14.04 -12.19
O18 7YN JA . -76.55 -10.93 -12.06
O21 7YN JA . -77.02 -11.30 -15.15
O26 7YN JA . -76.66 -15.62 -16.46
O28 7YN JA . -78.91 -11.28 -12.64
S17 7YN JA . -77.60 -11.76 -12.52
#